data_6UD0
#
_entry.id   6UD0
#
loop_
_entity.id
_entity.type
_entity.pdbx_description
1 polymer Ubiquitin
2 polymer Ubiquitin
3 polymer 'Tumor susceptibility gene 101 protein'
#
loop_
_entity_poly.entity_id
_entity_poly.type
_entity_poly.pdbx_seq_one_letter_code
_entity_poly.pdbx_strand_id
1 'polypeptide(L)' MQIFVKTLTGKTITLEVEPSDTIENVKAKIQDKEGIPPDQQRLIFAGKQLEDGRTLSDYNIQRESTLHLVLRLRGG A
2 'polypeptide(L)' MQIFVKTLTGKTITLEVEPSDTIENVKAKIQDKEGIPPDQQRLIFAGKQLEDGRTLSDYNIQKESTLHLVLRLRGGD B
3 'polypeptide(L)'
;MAVSESQLKKMVSKYKYRDLTVRETVNVITLYKDLKPVLDSYVFNDGSSRELMNLTGTIPVPYRGNTYNIPICLWLLDTY
PYNPPICFVKPTSSMTIKTGKHVDANGKIYLPYLHEWKHPQSDLLGLIQVMIVVFGDEPPVFSRP
;
C
#
# COMPACT_ATOMS: atom_id res chain seq x y z
N MET A 1 -1.98 23.58 -1.63
CA MET A 1 -2.75 22.59 -2.43
C MET A 1 -3.95 22.11 -1.63
N GLN A 2 -4.85 21.37 -2.30
CA GLN A 2 -6.04 20.86 -1.62
C GLN A 2 -5.96 19.33 -1.52
N ILE A 3 -6.43 18.80 -0.39
CA ILE A 3 -6.41 17.36 -0.18
C ILE A 3 -7.77 16.86 0.31
N PHE A 4 -7.97 15.55 0.28
CA PHE A 4 -9.23 14.98 0.73
C PHE A 4 -8.98 13.95 1.83
N VAL A 5 -9.95 13.81 2.74
CA VAL A 5 -9.83 12.86 3.84
C VAL A 5 -11.13 12.09 4.02
N LYS A 6 -11.08 10.78 3.78
CA LYS A 6 -12.26 9.94 3.93
C LYS A 6 -12.31 9.33 5.32
N THR A 7 -13.51 9.08 5.82
CA THR A 7 -13.68 8.49 7.13
C THR A 7 -14.16 7.05 7.03
N LEU A 8 -14.49 6.44 8.17
CA LEU A 8 -14.96 5.07 8.19
C LEU A 8 -16.47 5.02 8.01
N THR A 9 -17.11 6.18 8.08
CA THR A 9 -18.56 6.26 7.93
C THR A 9 -18.93 6.60 6.49
N GLY A 10 -17.98 7.17 5.75
CA GLY A 10 -18.21 7.53 4.37
C GLY A 10 -18.38 9.04 4.23
N LYS A 11 -17.47 9.79 4.84
CA LYS A 11 -17.51 11.24 4.78
C LYS A 11 -16.19 11.81 4.27
N THR A 12 -16.26 12.66 3.26
CA THR A 12 -15.05 13.25 2.69
C THR A 12 -14.91 14.71 3.14
N ILE A 13 -13.71 15.08 3.58
CA ILE A 13 -13.45 16.44 4.03
C ILE A 13 -12.33 17.06 3.22
N THR A 14 -12.48 18.35 2.90
CA THR A 14 -11.45 19.04 2.12
C THR A 14 -10.65 19.98 3.02
N LEU A 15 -9.33 19.96 2.84
CA LEU A 15 -8.44 20.80 3.63
C LEU A 15 -7.38 21.44 2.75
N GLU A 16 -6.91 22.62 3.15
CA GLU A 16 -5.89 23.32 2.37
C GLU A 16 -4.59 23.40 3.16
N VAL A 17 -3.66 22.50 2.85
CA VAL A 17 -2.37 22.48 3.53
C VAL A 17 -1.24 22.79 2.56
N GLU A 18 -0.01 22.76 3.05
CA GLU A 18 1.14 23.04 2.20
C GLU A 18 2.16 21.91 2.29
N PRO A 19 2.89 21.69 1.23
CA PRO A 19 3.94 20.63 1.18
C PRO A 19 4.88 20.68 2.37
N SER A 20 4.90 21.82 3.05
CA SER A 20 5.77 21.99 4.21
C SER A 20 4.96 21.87 5.50
N ASP A 21 3.78 21.29 5.40
CA ASP A 21 2.92 21.10 6.57
C ASP A 21 3.19 19.76 7.23
N THR A 22 3.31 19.78 8.55
CA THR A 22 3.57 18.55 9.30
C THR A 22 2.27 17.78 9.53
N ILE A 23 2.35 16.48 9.77
CA ILE A 23 1.10 15.75 9.95
C ILE A 23 0.41 16.19 11.24
N GLU A 24 1.17 16.48 12.32
CA GLU A 24 0.52 16.97 13.52
C GLU A 24 -0.37 18.16 13.22
N ASN A 25 0.09 19.03 12.32
CA ASN A 25 -0.68 20.21 11.93
C ASN A 25 -1.96 19.80 11.22
N VAL A 26 -1.87 18.79 10.37
CA VAL A 26 -3.04 18.31 9.65
C VAL A 26 -4.10 17.78 10.61
N LYS A 27 -3.66 17.12 11.67
CA LYS A 27 -4.57 16.58 12.67
C LYS A 27 -5.34 17.70 13.35
N ALA A 28 -4.66 18.80 13.62
CA ALA A 28 -5.29 19.94 14.28
C ALA A 28 -6.40 20.52 13.41
N LYS A 29 -6.13 20.61 12.11
CA LYS A 29 -7.11 21.14 11.18
C LYS A 29 -8.39 20.30 11.20
N ILE A 30 -8.22 18.99 11.33
CA ILE A 30 -9.36 18.08 11.37
C ILE A 30 -10.09 18.18 12.70
N GLN A 31 -9.36 18.56 13.74
CA GLN A 31 -9.94 18.69 15.07
C GLN A 31 -10.78 19.96 15.16
N ASP A 32 -10.52 20.90 14.25
CA ASP A 32 -11.25 22.16 14.23
C ASP A 32 -12.45 22.07 13.31
N LYS A 33 -12.45 21.05 12.44
CA LYS A 33 -13.55 20.86 11.50
C LYS A 33 -14.54 19.83 12.04
N GLU A 34 -14.01 18.76 12.62
CA GLU A 34 -14.85 17.70 13.17
C GLU A 34 -14.80 17.71 14.69
N GLY A 35 -13.63 18.04 15.24
CA GLY A 35 -13.46 18.06 16.69
C GLY A 35 -12.94 16.74 17.21
N ILE A 36 -12.11 16.07 16.41
CA ILE A 36 -11.55 14.79 16.80
C ILE A 36 -10.14 14.97 17.36
N PRO A 37 -9.96 14.69 18.62
CA PRO A 37 -8.64 14.81 19.31
C PRO A 37 -7.52 14.12 18.52
N PRO A 38 -6.45 14.83 18.28
CA PRO A 38 -5.28 14.29 17.54
C PRO A 38 -4.82 12.93 18.09
N ASP A 39 -4.91 12.78 19.40
CA ASP A 39 -4.50 11.53 20.04
C ASP A 39 -5.46 10.40 19.68
N GLN A 40 -6.58 10.75 19.04
CA GLN A 40 -7.56 9.76 18.64
C GLN A 40 -7.78 9.79 17.14
N GLN A 41 -6.72 10.05 16.39
CA GLN A 41 -6.80 10.11 14.94
C GLN A 41 -5.64 9.36 14.30
N ARG A 42 -5.94 8.52 13.32
CA ARG A 42 -4.91 7.75 12.63
C ARG A 42 -4.97 7.99 11.13
N LEU A 43 -3.97 8.69 10.60
CA LEU A 43 -3.92 8.98 9.18
C LEU A 43 -3.17 7.88 8.43
N ILE A 44 -3.63 7.55 7.23
CA ILE A 44 -3.00 6.51 6.43
C ILE A 44 -2.95 6.92 4.97
N PHE A 45 -1.79 6.74 4.35
CA PHE A 45 -1.62 7.10 2.94
C PHE A 45 -0.91 5.97 2.18
N ALA A 46 -1.56 5.44 1.17
CA ALA A 46 -0.97 4.36 0.37
C ALA A 46 -0.71 3.14 1.25
N GLY A 47 -1.52 2.97 2.29
CA GLY A 47 -1.36 1.84 3.19
C GLY A 47 -0.22 2.08 4.17
N LYS A 48 0.17 3.35 4.32
CA LYS A 48 1.25 3.71 5.23
C LYS A 48 0.76 4.69 6.29
N GLN A 49 1.14 4.44 7.54
CA GLN A 49 0.73 5.32 8.64
C GLN A 49 1.67 6.52 8.73
N LEU A 50 1.09 7.71 8.54
CA LEU A 50 1.89 8.94 8.61
C LEU A 50 2.24 9.27 10.05
N GLU A 51 3.43 9.84 10.26
CA GLU A 51 3.87 10.20 11.60
C GLU A 51 3.61 11.68 11.86
N ASP A 52 3.57 12.05 13.14
CA ASP A 52 3.33 13.44 13.52
C ASP A 52 4.63 14.24 13.48
N GLY A 53 5.74 13.55 13.22
CA GLY A 53 7.03 14.21 13.15
C GLY A 53 7.49 14.37 11.70
N ARG A 54 6.63 13.97 10.77
CA ARG A 54 6.97 14.07 9.35
C ARG A 54 6.03 15.06 8.66
N THR A 55 6.41 15.47 7.46
CA THR A 55 5.60 16.43 6.70
C THR A 55 4.84 15.71 5.58
N LEU A 56 4.14 16.48 4.75
CA LEU A 56 3.39 15.91 3.65
C LEU A 56 4.31 15.56 2.48
N SER A 57 5.27 16.45 2.22
CA SER A 57 6.21 16.23 1.13
C SER A 57 7.07 15.01 1.40
N ASP A 58 7.21 14.66 2.68
CA ASP A 58 8.01 13.50 3.06
C ASP A 58 7.36 12.21 2.57
N TYR A 59 6.05 12.25 2.39
CA TYR A 59 5.31 11.08 1.93
C TYR A 59 5.01 11.20 0.44
N ASN A 60 5.44 12.30 -0.17
CA ASN A 60 5.21 12.52 -1.59
C ASN A 60 3.72 12.73 -1.87
N ILE A 61 3.06 13.43 -0.97
CA ILE A 61 1.62 13.69 -1.13
C ILE A 61 1.39 14.89 -2.03
N GLN A 62 0.82 14.64 -3.21
CA GLN A 62 0.55 15.71 -4.16
C GLN A 62 -0.84 16.30 -3.91
N ARG A 63 -1.33 17.09 -4.87
CA ARG A 63 -2.63 17.70 -4.74
C ARG A 63 -3.73 16.70 -5.12
N GLU A 64 -4.95 17.00 -4.70
CA GLU A 64 -6.07 16.12 -5.00
C GLU A 64 -5.83 14.72 -4.43
N SER A 65 -4.98 14.65 -3.41
CA SER A 65 -4.66 13.37 -2.79
C SER A 65 -5.73 12.97 -1.78
N THR A 66 -5.93 11.68 -1.60
CA THR A 66 -6.92 11.19 -0.66
C THR A 66 -6.26 10.48 0.52
N LEU A 67 -6.67 10.83 1.73
CA LEU A 67 -6.10 10.23 2.93
C LEU A 67 -7.18 9.51 3.73
N HIS A 68 -6.77 8.51 4.50
CA HIS A 68 -7.72 7.75 5.32
C HIS A 68 -7.56 8.10 6.79
N LEU A 69 -8.67 8.28 7.48
CA LEU A 69 -8.64 8.60 8.90
C LEU A 69 -9.21 7.47 9.73
N VAL A 70 -8.47 7.05 10.76
CA VAL A 70 -8.92 5.98 11.63
C VAL A 70 -8.98 6.44 13.08
N LEU A 71 -10.06 6.08 13.76
CA LEU A 71 -10.22 6.47 15.16
C LEU A 71 -9.75 5.35 16.08
N ARG A 72 -9.15 5.73 17.21
CA ARG A 72 -8.67 4.75 18.18
C ARG A 72 -9.58 4.68 19.39
N LEU A 73 -9.46 3.60 20.17
CA LEU A 73 -10.27 3.39 21.38
C LEU A 73 -11.64 2.83 21.02
N ARG A 74 -11.65 1.62 20.47
CA ARG A 74 -12.90 0.97 20.08
C ARG A 74 -12.74 -0.55 20.16
N GLY A 75 -11.56 -1.04 19.80
CA GLY A 75 -11.29 -2.47 19.84
C GLY A 75 -10.14 -2.78 20.78
N GLY A 76 -9.03 -3.25 20.22
CA GLY A 76 -7.86 -3.58 21.02
C GLY A 76 -7.19 -2.33 21.57
N MET B 1 -0.36 -4.40 26.37
CA MET B 1 -0.90 -4.65 25.00
C MET B 1 -0.10 -5.77 24.34
N GLN B 2 -0.59 -6.25 23.20
CA GLN B 2 0.09 -7.32 22.49
C GLN B 2 0.66 -6.81 21.16
N ILE B 3 1.85 -7.29 20.81
CA ILE B 3 2.50 -6.87 19.57
C ILE B 3 2.98 -8.08 18.78
N PHE B 4 3.34 -7.84 17.53
CA PHE B 4 3.82 -8.92 16.67
C PHE B 4 5.20 -8.60 16.12
N VAL B 5 6.01 -9.63 15.89
CA VAL B 5 7.35 -9.43 15.35
C VAL B 5 7.64 -10.44 14.25
N LYS B 6 7.82 -9.94 13.03
CA LYS B 6 8.10 -10.80 11.89
C LYS B 6 9.60 -10.92 11.68
N THR B 7 10.03 -12.07 11.15
CA THR B 7 11.46 -12.30 10.89
C THR B 7 11.75 -12.27 9.40
N LEU B 8 12.98 -12.62 9.04
CA LEU B 8 13.37 -12.63 7.64
C LEU B 8 13.08 -13.99 7.01
N THR B 9 12.73 -14.96 7.85
CA THR B 9 12.43 -16.30 7.38
C THR B 9 10.93 -16.47 7.18
N GLY B 10 10.15 -15.62 7.83
CA GLY B 10 8.70 -15.69 7.72
C GLY B 10 8.08 -16.27 8.99
N LYS B 11 8.52 -15.79 10.14
CA LYS B 11 8.01 -16.27 11.41
C LYS B 11 7.49 -15.11 12.25
N THR B 12 6.25 -15.24 12.73
CA THR B 12 5.65 -14.18 13.55
C THR B 12 5.65 -14.59 15.02
N ILE B 13 6.08 -13.69 15.88
CA ILE B 13 6.12 -13.95 17.31
C ILE B 13 5.25 -12.95 18.07
N THR B 14 4.53 -13.43 19.07
CA THR B 14 3.65 -12.57 19.86
C THR B 14 4.28 -12.28 21.23
N LEU B 15 4.27 -11.02 21.62
CA LEU B 15 4.84 -10.62 22.91
C LEU B 15 3.89 -9.66 23.63
N GLU B 16 3.99 -9.62 24.95
CA GLU B 16 3.14 -8.73 25.74
C GLU B 16 3.97 -7.70 26.49
N VAL B 17 4.05 -6.50 25.93
CA VAL B 17 4.81 -5.43 26.55
C VAL B 17 3.90 -4.29 26.98
N GLU B 18 4.49 -3.23 27.52
CA GLU B 18 3.72 -2.07 27.96
C GLU B 18 4.25 -0.79 27.33
N PRO B 19 3.38 0.17 27.13
CA PRO B 19 3.75 1.48 26.52
C PRO B 19 4.96 2.11 27.21
N SER B 20 5.25 1.64 28.42
CA SER B 20 6.38 2.16 29.18
C SER B 20 7.57 1.20 29.11
N ASP B 21 7.54 0.30 28.14
CA ASP B 21 8.62 -0.66 27.97
C ASP B 21 9.69 -0.12 27.04
N THR B 22 10.94 -0.27 27.43
CA THR B 22 12.05 0.21 26.61
C THR B 22 12.39 -0.80 25.51
N ILE B 23 13.05 -0.34 24.46
CA ILE B 23 13.42 -1.20 23.36
C ILE B 23 14.33 -2.32 23.83
N GLU B 24 15.31 -1.97 24.67
CA GLU B 24 16.25 -2.95 25.19
C GLU B 24 15.50 -4.10 25.87
N ASN B 25 14.43 -3.76 26.58
CA ASN B 25 13.63 -4.77 27.27
C ASN B 25 12.97 -5.71 26.27
N VAL B 26 12.49 -5.15 25.17
CA VAL B 26 11.83 -5.94 24.14
C VAL B 26 12.80 -6.94 23.54
N LYS B 27 14.06 -6.53 23.38
CA LYS B 27 15.06 -7.41 22.82
C LYS B 27 15.31 -8.61 23.73
N ALA B 28 15.29 -8.37 25.03
CA ALA B 28 15.50 -9.43 26.00
C ALA B 28 14.40 -10.48 25.90
N LYS B 29 13.16 -10.01 25.74
CA LYS B 29 12.02 -10.91 25.64
C LYS B 29 12.18 -11.83 24.43
N ILE B 30 12.71 -11.29 23.35
CA ILE B 30 12.92 -12.08 22.14
C ILE B 30 14.08 -13.05 22.32
N GLN B 31 15.03 -12.68 23.18
CA GLN B 31 16.19 -13.53 23.43
C GLN B 31 15.80 -14.72 24.30
N ASP B 32 14.68 -14.59 25.01
CA ASP B 32 14.21 -15.66 25.88
C ASP B 32 13.24 -16.57 25.13
N LYS B 33 12.73 -16.09 24.00
CA LYS B 33 11.80 -16.88 23.20
C LYS B 33 12.52 -17.57 22.05
N GLU B 34 13.46 -16.86 21.43
CA GLU B 34 14.22 -17.42 20.32
C GLU B 34 15.67 -17.67 20.73
N GLY B 35 16.20 -16.79 21.58
CA GLY B 35 17.58 -16.92 22.04
C GLY B 35 18.53 -16.13 21.16
N ILE B 36 18.05 -14.99 20.65
CA ILE B 36 18.87 -14.15 19.79
C ILE B 36 19.48 -13.00 20.60
N PRO B 37 20.78 -12.99 20.73
CA PRO B 37 21.51 -11.94 21.48
C PRO B 37 21.08 -10.53 21.07
N PRO B 38 20.75 -9.70 22.02
CA PRO B 38 20.31 -8.30 21.75
C PRO B 38 21.30 -7.55 20.84
N ASP B 39 22.58 -7.86 21.00
CA ASP B 39 23.61 -7.21 20.19
C ASP B 39 23.53 -7.68 18.74
N GLN B 40 22.71 -8.70 18.50
CA GLN B 40 22.54 -9.24 17.16
C GLN B 40 21.08 -9.15 16.72
N GLN B 41 20.40 -8.11 17.14
CA GLN B 41 19.00 -7.92 16.79
C GLN B 41 18.74 -6.47 16.37
N ARG B 42 18.03 -6.31 15.25
CA ARG B 42 17.72 -4.98 14.76
C ARG B 42 16.22 -4.81 14.56
N LEU B 43 15.60 -4.00 15.40
CA LEU B 43 14.16 -3.76 15.32
C LEU B 43 13.87 -2.58 14.39
N ILE B 44 12.79 -2.68 13.63
CA ILE B 44 12.41 -1.61 12.71
C ILE B 44 10.90 -1.40 12.72
N PHE B 45 10.48 -0.14 12.82
CA PHE B 45 9.06 0.17 12.84
C PHE B 45 8.76 1.33 11.89
N ALA B 46 7.89 1.09 10.91
CA ALA B 46 7.53 2.12 9.94
C ALA B 46 8.76 2.58 9.16
N GLY B 47 9.71 1.67 9.00
CA GLY B 47 10.93 1.99 8.27
C GLY B 47 11.90 2.80 9.14
N LYS B 48 11.69 2.73 10.45
CA LYS B 48 12.53 3.45 11.39
C LYS B 48 13.19 2.49 12.37
N GLN B 49 14.48 2.67 12.60
CA GLN B 49 15.22 1.81 13.53
C GLN B 49 15.03 2.28 14.97
N LEU B 50 14.43 1.42 15.80
CA LEU B 50 14.19 1.76 17.19
C LEU B 50 15.50 1.70 17.98
N GLU B 51 15.62 2.60 18.96
CA GLU B 51 16.82 2.63 19.79
C GLU B 51 16.60 1.88 21.10
N ASP B 52 17.69 1.48 21.74
CA ASP B 52 17.60 0.75 23.00
C ASP B 52 17.44 1.73 24.17
N GLY B 53 17.50 3.02 23.87
CA GLY B 53 17.36 4.03 24.91
C GLY B 53 15.99 4.69 24.85
N ARG B 54 15.14 4.21 23.95
CA ARG B 54 13.80 4.75 23.79
C ARG B 54 12.76 3.71 24.17
N THR B 55 11.53 4.16 24.38
CA THR B 55 10.44 3.26 24.75
C THR B 55 9.53 3.00 23.55
N LEU B 56 8.44 2.26 23.79
CA LEU B 56 7.50 1.95 22.73
C LEU B 56 6.59 3.14 22.44
N SER B 57 6.16 3.82 23.51
CA SER B 57 5.28 4.97 23.37
C SER B 57 6.00 6.10 22.63
N ASP B 58 7.32 6.10 22.70
CA ASP B 58 8.12 7.12 22.03
C ASP B 58 7.98 7.00 20.52
N TYR B 59 7.68 5.80 20.06
CA TYR B 59 7.52 5.57 18.63
C TYR B 59 6.05 5.51 18.25
N ASN B 60 5.19 5.73 19.24
CA ASN B 60 3.74 5.70 18.99
C ASN B 60 3.29 4.32 18.55
N ILE B 61 3.80 3.29 19.22
CA ILE B 61 3.46 1.91 18.89
C ILE B 61 2.22 1.46 19.68
N GLN B 62 1.15 1.19 18.96
CA GLN B 62 -0.10 0.74 19.59
C GLN B 62 -0.15 -0.78 19.65
N LYS B 63 -1.28 -1.31 20.09
CA LYS B 63 -1.46 -2.75 20.18
C LYS B 63 -1.73 -3.35 18.80
N GLU B 64 -1.40 -4.63 18.65
CA GLU B 64 -1.62 -5.31 17.37
C GLU B 64 -0.64 -4.79 16.32
N SER B 65 0.37 -4.05 16.77
CA SER B 65 1.36 -3.49 15.86
C SER B 65 2.33 -4.59 15.41
N THR B 66 2.94 -4.38 14.24
CA THR B 66 3.89 -5.35 13.71
C THR B 66 5.29 -4.73 13.61
N LEU B 67 6.28 -5.45 14.11
CA LEU B 67 7.66 -4.96 14.07
C LEU B 67 8.54 -5.90 13.26
N HIS B 68 9.60 -5.36 12.68
CA HIS B 68 10.52 -6.16 11.88
C HIS B 68 11.82 -6.40 12.62
N LEU B 69 12.32 -7.63 12.57
CA LEU B 69 13.56 -7.98 13.25
C LEU B 69 14.65 -8.32 12.24
N VAL B 70 15.80 -7.69 12.38
CA VAL B 70 16.92 -7.93 11.47
C VAL B 70 18.14 -8.42 12.24
N LEU B 71 18.76 -9.48 11.74
CA LEU B 71 19.94 -10.04 12.40
C LEU B 71 21.21 -9.46 11.78
N ARG B 72 22.17 -9.12 12.64
CA ARG B 72 23.44 -8.57 12.16
C ARG B 72 24.49 -9.65 12.02
N LEU B 73 25.56 -9.37 11.28
CA LEU B 73 26.62 -10.36 11.07
C LEU B 73 26.15 -11.51 10.18
N ARG B 74 24.89 -11.47 9.73
CA ARG B 74 24.37 -12.54 8.89
C ARG B 74 24.49 -13.89 9.60
N GLY B 75 23.67 -14.09 10.62
CA GLY B 75 23.72 -15.33 11.39
C GLY B 75 23.45 -16.53 10.48
N GLY B 76 22.50 -16.39 9.58
CA GLY B 76 22.17 -17.47 8.66
C GLY B 76 21.80 -18.74 9.42
N ASP B 77 22.41 -19.85 9.03
CA ASP B 77 22.15 -21.13 9.67
C ASP B 77 23.29 -21.51 10.61
N VAL C 3 17.63 -9.82 -3.39
CA VAL C 3 18.77 -10.58 -3.98
C VAL C 3 18.72 -12.03 -3.50
N SER C 4 19.35 -12.92 -4.25
CA SER C 4 19.37 -14.34 -3.89
C SER C 4 17.97 -14.94 -4.01
N GLU C 5 17.89 -16.17 -4.47
CA GLU C 5 16.61 -16.85 -4.62
C GLU C 5 16.15 -17.42 -3.29
N SER C 6 17.11 -17.79 -2.44
CA SER C 6 16.78 -18.36 -1.14
C SER C 6 16.10 -17.32 -0.26
N GLN C 7 16.68 -16.12 -0.18
CA GLN C 7 16.13 -15.06 0.63
C GLN C 7 14.73 -14.69 0.13
N LEU C 8 14.50 -14.87 -1.16
CA LEU C 8 13.20 -14.56 -1.75
C LEU C 8 12.14 -15.54 -1.29
N LYS C 9 12.54 -16.81 -1.18
CA LYS C 9 11.62 -17.86 -0.75
C LYS C 9 11.40 -17.78 0.77
N LYS C 10 12.09 -16.86 1.42
CA LYS C 10 11.97 -16.70 2.86
C LYS C 10 10.97 -15.58 3.19
N MET C 11 11.01 -14.52 2.40
CA MET C 11 10.10 -13.39 2.61
C MET C 11 8.68 -13.75 2.21
N VAL C 12 8.56 -14.78 1.38
CA VAL C 12 7.24 -15.22 0.92
C VAL C 12 6.95 -16.63 1.43
N SER C 13 7.28 -16.88 2.69
CA SER C 13 7.04 -18.19 3.30
C SER C 13 5.60 -18.29 3.81
N LYS C 14 4.96 -17.14 3.99
CA LYS C 14 3.59 -17.12 4.48
C LYS C 14 2.61 -16.91 3.31
N TYR C 15 3.06 -17.23 2.11
CA TYR C 15 2.22 -17.08 0.93
C TYR C 15 1.62 -18.42 0.52
N LYS C 16 0.30 -18.44 0.34
CA LYS C 16 -0.38 -19.66 -0.04
C LYS C 16 0.28 -20.28 -1.28
N TYR C 17 0.68 -19.42 -2.21
CA TYR C 17 1.33 -19.89 -3.43
C TYR C 17 2.75 -19.34 -3.54
N ARG C 18 3.65 -19.87 -2.72
CA ARG C 18 5.03 -19.43 -2.73
C ARG C 18 5.66 -19.64 -4.10
N ASP C 19 5.98 -20.89 -4.42
CA ASP C 19 6.58 -21.22 -5.71
C ASP C 19 6.14 -20.21 -6.77
N LEU C 20 4.91 -20.36 -7.26
CA LEU C 20 4.39 -19.45 -8.27
C LEU C 20 4.94 -18.05 -8.08
N THR C 21 4.54 -17.41 -6.98
CA THR C 21 5.00 -16.06 -6.68
C THR C 21 6.50 -15.93 -6.97
N VAL C 22 7.30 -16.73 -6.26
CA VAL C 22 8.74 -16.70 -6.44
C VAL C 22 9.10 -16.68 -7.92
N ARG C 23 8.85 -17.80 -8.60
CA ARG C 23 9.15 -17.90 -10.02
C ARG C 23 8.82 -16.59 -10.73
N GLU C 24 7.56 -16.18 -10.65
CA GLU C 24 7.13 -14.94 -11.29
C GLU C 24 8.07 -13.80 -10.92
N THR C 25 8.32 -13.64 -9.62
CA THR C 25 9.19 -12.58 -9.15
C THR C 25 10.56 -12.69 -9.81
N VAL C 26 11.13 -13.89 -9.78
CA VAL C 26 12.44 -14.12 -10.38
C VAL C 26 12.43 -13.74 -11.86
N ASN C 27 11.31 -14.00 -12.53
CA ASN C 27 11.19 -13.67 -13.94
C ASN C 27 11.09 -12.17 -14.14
N VAL C 28 10.71 -11.45 -13.09
CA VAL C 28 10.57 -10.00 -13.17
C VAL C 28 11.92 -9.33 -12.95
N ILE C 29 12.43 -9.41 -11.72
CA ILE C 29 13.72 -8.80 -11.40
C ILE C 29 14.78 -9.21 -12.40
N THR C 30 14.56 -10.34 -13.06
CA THR C 30 15.52 -10.84 -14.06
C THR C 30 15.65 -9.86 -15.21
N LEU C 31 14.51 -9.41 -15.74
CA LEU C 31 14.51 -8.47 -16.85
C LEU C 31 14.70 -7.04 -16.35
N TYR C 32 14.10 -6.74 -15.19
CA TYR C 32 14.21 -5.41 -14.61
C TYR C 32 15.02 -5.45 -13.32
N LYS C 33 16.33 -5.33 -13.44
CA LYS C 33 17.21 -5.35 -12.27
C LYS C 33 16.94 -4.14 -11.38
N ASP C 34 16.28 -3.13 -11.94
CA ASP C 34 15.96 -1.92 -11.19
C ASP C 34 14.85 -2.20 -10.17
N LEU C 35 14.37 -3.44 -10.16
CA LEU C 35 13.31 -3.81 -9.23
C LEU C 35 13.81 -4.86 -8.24
N LYS C 36 13.57 -4.61 -6.95
CA LYS C 36 14.01 -5.54 -5.92
C LYS C 36 12.87 -5.82 -4.93
N PRO C 37 12.72 -7.05 -4.54
CA PRO C 37 11.66 -7.47 -3.58
C PRO C 37 11.96 -7.02 -2.16
N VAL C 38 10.90 -6.70 -1.41
CA VAL C 38 11.07 -6.25 -0.03
C VAL C 38 9.86 -6.65 0.81
N LEU C 39 10.10 -6.99 2.08
CA LEU C 39 9.02 -7.39 2.97
C LEU C 39 8.69 -6.26 3.94
N ASP C 40 7.48 -5.72 3.80
CA ASP C 40 7.04 -4.63 4.68
C ASP C 40 5.57 -4.81 5.05
N SER C 41 5.15 -4.08 6.08
CA SER C 41 3.76 -4.17 6.54
C SER C 41 2.88 -3.19 5.76
N TYR C 42 1.77 -3.70 5.24
CA TYR C 42 0.85 -2.87 4.47
C TYR C 42 -0.42 -2.60 5.28
N VAL C 43 -0.53 -1.38 5.81
CA VAL C 43 -1.71 -1.02 6.60
C VAL C 43 -2.82 -0.50 5.68
N PHE C 44 -3.85 -1.32 5.51
CA PHE C 44 -4.98 -0.93 4.66
C PHE C 44 -5.65 0.33 5.19
N ASN C 45 -6.63 0.83 4.46
CA ASN C 45 -7.35 2.03 4.87
C ASN C 45 -8.16 1.77 6.13
N ASP C 46 -8.64 0.53 6.27
CA ASP C 46 -9.43 0.16 7.44
C ASP C 46 -8.58 0.19 8.70
N GLY C 47 -7.27 0.35 8.51
CA GLY C 47 -6.36 0.39 9.65
C GLY C 47 -5.59 -0.92 9.79
N SER C 48 -6.25 -2.02 9.42
CA SER C 48 -5.63 -3.33 9.50
C SER C 48 -4.26 -3.33 8.85
N SER C 49 -3.41 -4.29 9.21
CA SER C 49 -2.07 -4.37 8.65
C SER C 49 -1.73 -5.81 8.28
N ARG C 50 -0.82 -5.97 7.34
CA ARG C 50 -0.41 -7.30 6.89
C ARG C 50 0.95 -7.25 6.22
N GLU C 51 1.82 -8.20 6.56
CA GLU C 51 3.15 -8.25 5.97
C GLU C 51 3.11 -8.87 4.57
N LEU C 52 3.25 -8.01 3.56
CA LEU C 52 3.23 -8.49 2.18
C LEU C 52 4.54 -8.16 1.48
N MET C 53 4.83 -8.87 0.39
CA MET C 53 6.06 -8.63 -0.35
C MET C 53 5.77 -7.82 -1.61
N ASN C 54 6.38 -6.64 -1.70
CA ASN C 54 6.18 -5.77 -2.85
C ASN C 54 7.49 -5.60 -3.62
N LEU C 55 7.39 -5.13 -4.86
CA LEU C 55 8.57 -4.92 -5.69
C LEU C 55 8.84 -3.43 -5.87
N THR C 56 9.76 -2.90 -5.08
CA THR C 56 10.10 -1.49 -5.16
C THR C 56 11.27 -1.27 -6.11
N GLY C 57 11.27 -0.14 -6.81
CA GLY C 57 12.34 0.16 -7.76
C GLY C 57 11.86 1.14 -8.83
N THR C 58 12.44 1.04 -10.02
CA THR C 58 12.07 1.92 -11.12
C THR C 58 12.05 1.16 -12.43
N ILE C 59 11.21 1.59 -13.36
CA ILE C 59 11.10 0.94 -14.66
C ILE C 59 11.39 1.92 -15.78
N PRO C 60 12.09 1.49 -16.79
CA PRO C 60 12.46 2.34 -17.96
C PRO C 60 11.25 2.64 -18.85
N VAL C 61 10.98 3.92 -19.07
CA VAL C 61 9.86 4.31 -19.91
C VAL C 61 10.27 5.43 -20.87
N PRO C 62 10.78 5.06 -22.01
CA PRO C 62 11.22 6.04 -23.05
C PRO C 62 10.15 7.07 -23.37
N TYR C 63 10.54 8.34 -23.39
CA TYR C 63 9.59 9.41 -23.70
C TYR C 63 10.33 10.60 -24.32
N ARG C 64 9.92 10.97 -25.53
CA ARG C 64 10.54 12.10 -26.22
C ARG C 64 12.03 11.83 -26.43
N GLY C 65 12.39 10.56 -26.56
CA GLY C 65 13.79 10.19 -26.76
C GLY C 65 14.53 10.09 -25.43
N ASN C 66 13.87 10.53 -24.36
CA ASN C 66 14.47 10.49 -23.04
C ASN C 66 13.92 9.31 -22.24
N THR C 67 14.78 8.69 -21.44
CA THR C 67 14.36 7.55 -20.63
C THR C 67 14.10 7.97 -19.19
N TYR C 68 12.87 7.80 -18.74
CA TYR C 68 12.50 8.17 -17.38
C TYR C 68 12.34 6.92 -16.51
N ASN C 69 13.05 6.90 -15.38
CA ASN C 69 12.97 5.75 -14.47
C ASN C 69 11.87 5.99 -13.44
N ILE C 70 10.62 5.82 -13.87
CA ILE C 70 9.48 6.01 -12.97
C ILE C 70 9.48 4.96 -11.86
N PRO C 71 9.51 5.39 -10.63
CA PRO C 71 9.50 4.49 -9.45
C PRO C 71 8.11 3.96 -9.13
N ILE C 72 7.99 2.64 -8.97
CA ILE C 72 6.71 2.03 -8.66
C ILE C 72 6.83 1.10 -7.46
N CYS C 73 5.69 0.63 -6.96
CA CYS C 73 5.69 -0.27 -5.81
C CYS C 73 4.53 -1.26 -5.91
N LEU C 74 4.82 -2.45 -6.42
CA LEU C 74 3.81 -3.48 -6.58
C LEU C 74 3.66 -4.28 -5.29
N TRP C 75 2.43 -4.37 -4.79
CA TRP C 75 2.16 -5.12 -3.56
C TRP C 75 1.47 -6.44 -3.87
N LEU C 76 1.96 -7.51 -3.28
CA LEU C 76 1.37 -8.83 -3.50
C LEU C 76 0.70 -9.34 -2.23
N LEU C 77 -0.55 -9.78 -2.37
CA LEU C 77 -1.30 -10.29 -1.22
C LEU C 77 -1.08 -11.79 -1.06
N ASP C 78 -1.03 -12.25 0.18
CA ASP C 78 -0.83 -13.66 0.46
C ASP C 78 -1.21 -14.50 -0.75
N THR C 79 -2.08 -13.96 -1.58
CA THR C 79 -2.53 -14.67 -2.78
C THR C 79 -2.51 -13.75 -3.99
N TYR C 80 -1.32 -13.55 -4.55
CA TYR C 80 -1.18 -12.68 -5.72
C TYR C 80 -1.17 -13.51 -7.00
N PRO C 81 -1.25 -14.80 -6.86
CA PRO C 81 -1.25 -15.74 -8.02
C PRO C 81 -2.56 -15.71 -8.79
N TYR C 82 -3.60 -15.13 -8.18
CA TYR C 82 -4.90 -15.04 -8.82
C TYR C 82 -5.46 -13.63 -8.68
N ASN C 83 -4.89 -12.85 -7.77
CA ASN C 83 -5.34 -11.48 -7.55
C ASN C 83 -4.31 -10.48 -8.07
N PRO C 84 -4.77 -9.37 -8.57
CA PRO C 84 -3.88 -8.30 -9.11
C PRO C 84 -3.20 -7.51 -8.00
N PRO C 85 -1.91 -7.30 -8.13
CA PRO C 85 -1.11 -6.54 -7.13
C PRO C 85 -1.55 -5.09 -7.02
N ILE C 86 -1.18 -4.44 -5.92
CA ILE C 86 -1.55 -3.04 -5.71
C ILE C 86 -0.41 -2.12 -6.16
N CYS C 87 -0.49 -1.66 -7.41
CA CYS C 87 0.54 -0.79 -7.96
C CYS C 87 0.46 0.60 -7.31
N PHE C 88 1.53 1.37 -7.47
CA PHE C 88 1.57 2.72 -6.90
C PHE C 88 2.76 3.49 -7.47
N VAL C 89 2.52 4.74 -7.85
CA VAL C 89 3.57 5.58 -8.41
C VAL C 89 4.21 6.43 -7.32
N LYS C 90 5.34 5.95 -6.79
CA LYS C 90 6.04 6.67 -5.75
C LYS C 90 6.87 7.82 -6.33
N PRO C 91 6.27 8.97 -6.46
CA PRO C 91 6.96 10.17 -7.03
C PRO C 91 7.96 10.77 -6.05
N THR C 92 9.09 11.24 -6.57
CA THR C 92 10.11 11.85 -5.73
C THR C 92 9.85 13.33 -5.55
N SER C 93 10.69 13.98 -4.75
CA SER C 93 10.54 15.41 -4.49
C SER C 93 10.70 16.21 -5.78
N SER C 94 11.23 15.56 -6.80
CA SER C 94 11.44 16.22 -8.09
C SER C 94 10.48 15.64 -9.14
N MET C 95 9.39 15.04 -8.68
CA MET C 95 8.42 14.46 -9.60
C MET C 95 7.01 14.89 -9.21
N THR C 96 6.18 15.14 -10.23
CA THR C 96 4.80 15.57 -9.98
C THR C 96 3.83 14.65 -10.71
N ILE C 97 2.99 13.96 -9.95
CA ILE C 97 2.01 13.06 -10.53
C ILE C 97 1.08 13.80 -11.47
N LYS C 98 0.96 13.31 -12.70
CA LYS C 98 0.10 13.95 -13.69
C LYS C 98 -1.19 13.15 -13.86
N THR C 99 -1.95 13.02 -12.77
CA THR C 99 -3.20 12.28 -12.81
C THR C 99 -3.71 12.16 -14.24
N GLY C 100 -4.16 10.96 -14.59
CA GLY C 100 -4.69 10.72 -15.93
C GLY C 100 -5.74 9.61 -15.92
N LYS C 101 -5.57 8.62 -16.79
CA LYS C 101 -6.51 7.52 -16.87
C LYS C 101 -5.94 6.28 -16.20
N HIS C 102 -4.63 6.29 -15.96
CA HIS C 102 -3.97 5.16 -15.32
C HIS C 102 -3.26 5.60 -14.04
N VAL C 103 -3.58 6.81 -13.59
CA VAL C 103 -2.96 7.35 -12.38
C VAL C 103 -3.83 8.47 -11.80
N ASP C 104 -4.02 8.43 -10.48
CA ASP C 104 -4.83 9.44 -9.81
C ASP C 104 -3.94 10.42 -9.05
N ALA C 105 -4.47 10.98 -7.96
CA ALA C 105 -3.71 11.92 -7.16
C ALA C 105 -2.91 11.20 -6.08
N ASN C 106 -3.35 9.98 -5.74
CA ASN C 106 -2.67 9.20 -4.72
C ASN C 106 -1.51 8.42 -5.33
N GLY C 107 -1.56 8.21 -6.64
CA GLY C 107 -0.51 7.48 -7.34
C GLY C 107 -1.04 6.15 -7.87
N LYS C 108 -2.14 5.69 -7.31
CA LYS C 108 -2.74 4.43 -7.75
C LYS C 108 -2.70 4.30 -9.26
N ILE C 109 -2.39 3.10 -9.75
CA ILE C 109 -2.31 2.87 -11.18
C ILE C 109 -3.56 2.12 -11.66
N TYR C 110 -4.07 2.53 -12.82
CA TYR C 110 -5.25 1.89 -13.39
C TYR C 110 -4.98 1.40 -14.80
N LEU C 111 -5.01 0.08 -14.98
CA LEU C 111 -4.76 -0.51 -16.29
C LEU C 111 -5.64 -1.74 -16.49
N PRO C 112 -6.17 -1.90 -17.67
CA PRO C 112 -7.06 -3.04 -18.02
C PRO C 112 -6.47 -4.38 -17.58
N TYR C 113 -5.14 -4.43 -17.49
CA TYR C 113 -4.47 -5.66 -17.08
C TYR C 113 -4.85 -6.04 -15.67
N LEU C 114 -5.12 -5.03 -14.83
CA LEU C 114 -5.51 -5.27 -13.45
C LEU C 114 -6.98 -5.60 -13.36
N HIS C 115 -7.80 -4.87 -14.11
CA HIS C 115 -9.24 -5.09 -14.10
C HIS C 115 -9.57 -6.51 -14.56
N GLU C 116 -8.82 -7.00 -15.55
CA GLU C 116 -9.03 -8.34 -16.07
C GLU C 116 -7.86 -9.25 -15.72
N TRP C 117 -7.64 -9.46 -14.43
CA TRP C 117 -6.55 -10.31 -13.98
C TRP C 117 -7.04 -11.73 -13.72
N LYS C 118 -6.24 -12.71 -14.13
CA LYS C 118 -6.61 -14.11 -13.95
C LYS C 118 -5.53 -14.86 -13.18
N HIS C 119 -4.41 -15.14 -13.86
CA HIS C 119 -3.30 -15.84 -13.22
C HIS C 119 -2.67 -16.83 -14.20
N PRO C 120 -3.48 -17.44 -15.03
CA PRO C 120 -3.00 -18.42 -16.03
C PRO C 120 -2.27 -17.75 -17.19
N GLN C 121 -2.63 -16.50 -17.46
CA GLN C 121 -2.00 -15.75 -18.54
C GLN C 121 -1.48 -14.41 -18.04
N SER C 122 -2.04 -13.96 -16.92
CA SER C 122 -1.62 -12.68 -16.33
C SER C 122 -0.49 -12.90 -15.32
N ASP C 123 0.55 -12.08 -15.42
CA ASP C 123 1.68 -12.19 -14.51
C ASP C 123 2.34 -10.82 -14.31
N LEU C 124 3.30 -10.77 -13.39
CA LEU C 124 4.00 -9.52 -13.12
C LEU C 124 4.68 -9.00 -14.37
N LEU C 125 5.52 -9.84 -14.97
CA LEU C 125 6.23 -9.45 -16.18
C LEU C 125 5.28 -8.79 -17.18
N GLY C 126 4.17 -9.47 -17.47
CA GLY C 126 3.19 -8.93 -18.41
C GLY C 126 2.62 -7.61 -17.91
N LEU C 127 2.43 -7.51 -16.60
CA LEU C 127 1.88 -6.31 -16.00
C LEU C 127 2.86 -5.14 -16.14
N ILE C 128 4.15 -5.43 -15.92
CA ILE C 128 5.17 -4.40 -16.02
C ILE C 128 5.32 -3.93 -17.46
N GLN C 129 5.40 -4.88 -18.39
CA GLN C 129 5.55 -4.55 -19.79
C GLN C 129 4.40 -3.65 -20.25
N VAL C 130 3.20 -3.96 -19.80
CA VAL C 130 2.02 -3.18 -20.18
C VAL C 130 2.09 -1.79 -19.55
N MET C 131 2.72 -1.69 -18.39
CA MET C 131 2.84 -0.41 -17.70
C MET C 131 3.80 0.51 -18.45
N ILE C 132 4.82 -0.07 -19.07
CA ILE C 132 5.79 0.70 -19.83
C ILE C 132 5.18 1.20 -21.13
N VAL C 133 4.29 0.40 -21.71
CA VAL C 133 3.64 0.78 -22.96
C VAL C 133 2.66 1.92 -22.74
N VAL C 134 1.86 1.81 -21.69
CA VAL C 134 0.88 2.85 -21.38
C VAL C 134 1.58 4.13 -20.92
N PHE C 135 2.52 3.97 -19.99
CA PHE C 135 3.25 5.12 -19.48
C PHE C 135 4.02 5.81 -20.59
N GLY C 136 4.41 5.04 -21.60
CA GLY C 136 5.15 5.59 -22.73
C GLY C 136 4.30 6.59 -23.51
N ASP C 137 3.02 6.26 -23.67
CA ASP C 137 2.11 7.14 -24.40
C ASP C 137 1.50 8.17 -23.46
N GLU C 138 1.40 7.81 -22.18
CA GLU C 138 0.82 8.72 -21.18
C GLU C 138 1.71 8.77 -19.94
N PRO C 139 2.55 9.76 -19.84
CA PRO C 139 3.47 9.93 -18.68
C PRO C 139 2.72 10.29 -17.40
N PRO C 140 2.79 9.43 -16.41
CA PRO C 140 2.11 9.66 -15.11
C PRO C 140 2.81 10.73 -14.27
N VAL C 141 4.01 11.10 -14.69
CA VAL C 141 4.77 12.13 -13.97
C VAL C 141 5.53 13.01 -14.95
N PHE C 142 6.04 14.14 -14.44
CA PHE C 142 6.79 15.06 -15.28
C PHE C 142 7.66 15.97 -14.42
N SER C 143 8.97 15.83 -14.56
CA SER C 143 9.91 16.64 -13.80
C SER C 143 9.22 17.89 -13.25
N MET A 1 -1.98 23.58 -1.63
CA MET A 1 -2.75 22.59 -2.43
C MET A 1 -3.95 22.11 -1.63
N GLN A 2 -4.85 21.37 -2.30
CA GLN A 2 -6.04 20.86 -1.62
C GLN A 2 -5.96 19.33 -1.52
N ILE A 3 -6.43 18.80 -0.39
CA ILE A 3 -6.41 17.36 -0.18
C ILE A 3 -7.77 16.86 0.31
N PHE A 4 -7.97 15.55 0.28
CA PHE A 4 -9.23 14.98 0.73
C PHE A 4 -8.98 13.95 1.83
N VAL A 5 -9.95 13.81 2.74
CA VAL A 5 -9.83 12.86 3.84
C VAL A 5 -11.13 12.09 4.02
N LYS A 6 -11.08 10.78 3.78
CA LYS A 6 -12.26 9.94 3.93
C LYS A 6 -12.31 9.33 5.32
N THR A 7 -13.51 9.08 5.82
CA THR A 7 -13.68 8.49 7.13
C THR A 7 -14.16 7.05 7.03
N LEU A 8 -14.49 6.44 8.17
CA LEU A 8 -14.96 5.07 8.19
C LEU A 8 -16.47 5.02 8.01
N THR A 9 -17.11 6.18 8.08
CA THR A 9 -18.56 6.26 7.93
C THR A 9 -18.93 6.60 6.49
N GLY A 10 -17.98 7.17 5.75
CA GLY A 10 -18.21 7.53 4.37
C GLY A 10 -18.38 9.04 4.23
N LYS A 11 -17.47 9.79 4.84
CA LYS A 11 -17.51 11.24 4.78
C LYS A 11 -16.19 11.81 4.27
N THR A 12 -16.26 12.66 3.26
CA THR A 12 -15.05 13.25 2.69
C THR A 12 -14.91 14.71 3.14
N ILE A 13 -13.71 15.08 3.58
CA ILE A 13 -13.45 16.44 4.03
C ILE A 13 -12.33 17.06 3.22
N THR A 14 -12.47 18.34 2.90
CA THR A 14 -11.46 19.05 2.12
C THR A 14 -10.65 19.98 3.02
N LEU A 15 -9.33 19.96 2.84
CA LEU A 15 -8.44 20.80 3.63
C LEU A 15 -7.38 21.44 2.75
N GLU A 16 -6.91 22.62 3.15
CA GLU A 16 -5.89 23.32 2.37
C GLU A 16 -4.59 23.40 3.16
N VAL A 17 -3.66 22.50 2.85
CA VAL A 17 -2.37 22.48 3.53
C VAL A 17 -1.24 22.79 2.56
N GLU A 18 -0.01 22.76 3.05
CA GLU A 18 1.14 23.04 2.20
C GLU A 18 2.16 21.91 2.29
N PRO A 19 2.89 21.69 1.23
CA PRO A 19 3.94 20.63 1.18
C PRO A 19 4.88 20.68 2.37
N SER A 20 4.90 21.82 3.05
CA SER A 20 5.77 21.99 4.21
C SER A 20 4.96 21.87 5.50
N ASP A 21 3.78 21.29 5.40
CA ASP A 21 2.92 21.10 6.57
C ASP A 21 3.19 19.76 7.23
N THR A 22 3.31 19.78 8.55
CA THR A 22 3.57 18.55 9.30
C THR A 22 2.27 17.78 9.53
N ILE A 23 2.40 16.48 9.80
CA ILE A 23 1.24 15.64 10.04
C ILE A 23 0.45 16.14 11.24
N GLU A 24 1.17 16.48 12.32
CA GLU A 24 0.52 16.97 13.52
C GLU A 24 -0.37 18.16 13.22
N ASN A 25 0.09 19.03 12.32
CA ASN A 25 -0.68 20.21 11.93
C ASN A 25 -1.96 19.80 11.22
N VAL A 26 -1.87 18.79 10.37
CA VAL A 26 -3.04 18.31 9.65
C VAL A 26 -4.10 17.78 10.61
N LYS A 27 -3.66 17.12 11.67
CA LYS A 27 -4.57 16.58 12.67
C LYS A 27 -5.34 17.70 13.35
N ALA A 28 -4.66 18.80 13.62
CA ALA A 28 -5.29 19.94 14.28
C ALA A 28 -6.40 20.52 13.41
N LYS A 29 -6.13 20.61 12.11
CA LYS A 29 -7.11 21.14 11.18
C LYS A 29 -8.39 20.30 11.20
N ILE A 30 -8.22 18.99 11.33
CA ILE A 30 -9.36 18.08 11.37
C ILE A 30 -10.09 18.18 12.70
N GLN A 31 -9.36 18.56 13.74
CA GLN A 31 -9.94 18.69 15.07
C GLN A 31 -10.78 19.96 15.16
N ASP A 32 -10.52 20.90 14.25
CA ASP A 32 -11.25 22.16 14.23
C ASP A 32 -12.45 22.07 13.31
N LYS A 33 -12.45 21.05 12.44
CA LYS A 33 -13.55 20.86 11.50
C LYS A 33 -14.54 19.83 12.04
N GLU A 34 -14.01 18.76 12.62
CA GLU A 34 -14.85 17.70 13.17
C GLU A 34 -14.80 17.71 14.69
N GLY A 35 -13.63 18.04 15.24
CA GLY A 35 -13.46 18.06 16.69
C GLY A 35 -12.94 16.74 17.21
N ILE A 36 -12.11 16.07 16.41
CA ILE A 36 -11.55 14.79 16.80
C ILE A 36 -10.14 14.97 17.36
N PRO A 37 -9.96 14.69 18.62
CA PRO A 37 -8.64 14.81 19.31
C PRO A 37 -7.52 14.12 18.52
N PRO A 38 -6.45 14.83 18.28
CA PRO A 38 -5.28 14.29 17.54
C PRO A 38 -4.82 12.93 18.09
N ASP A 39 -4.91 12.78 19.40
CA ASP A 39 -4.50 11.53 20.04
C ASP A 39 -5.46 10.40 19.68
N GLN A 40 -6.58 10.75 19.04
CA GLN A 40 -7.56 9.76 18.64
C GLN A 40 -7.78 9.79 17.14
N GLN A 41 -6.72 10.05 16.39
CA GLN A 41 -6.80 10.11 14.94
C GLN A 41 -5.64 9.36 14.30
N ARG A 42 -5.94 8.52 13.32
CA ARG A 42 -4.91 7.75 12.63
C ARG A 42 -4.97 7.99 11.13
N LEU A 43 -3.97 8.69 10.60
CA LEU A 43 -3.92 8.98 9.18
C LEU A 43 -3.17 7.88 8.43
N ILE A 44 -3.63 7.55 7.23
CA ILE A 44 -3.00 6.51 6.43
C ILE A 44 -2.95 6.92 4.97
N PHE A 45 -1.79 6.74 4.35
CA PHE A 45 -1.62 7.10 2.94
C PHE A 45 -0.91 5.97 2.18
N ALA A 46 -1.56 5.44 1.17
CA ALA A 46 -0.97 4.36 0.37
C ALA A 46 -0.71 3.14 1.25
N GLY A 47 -1.52 2.97 2.29
CA GLY A 47 -1.36 1.84 3.19
C GLY A 47 -0.22 2.08 4.17
N LYS A 48 0.17 3.35 4.32
CA LYS A 48 1.25 3.71 5.23
C LYS A 48 0.76 4.69 6.29
N GLN A 49 1.14 4.44 7.54
CA GLN A 49 0.73 5.32 8.64
C GLN A 49 1.67 6.52 8.73
N LEU A 50 1.09 7.71 8.54
CA LEU A 50 1.89 8.94 8.61
C LEU A 50 2.24 9.27 10.05
N GLU A 51 3.43 9.84 10.26
CA GLU A 51 3.87 10.20 11.60
C GLU A 51 3.61 11.68 11.86
N ASP A 52 3.57 12.05 13.14
CA ASP A 52 3.33 13.44 13.52
C ASP A 52 4.63 14.24 13.48
N GLY A 53 5.74 13.55 13.22
CA GLY A 53 7.03 14.21 13.15
C GLY A 53 7.49 14.37 11.70
N ARG A 54 6.63 13.97 10.77
CA ARG A 54 6.97 14.07 9.35
C ARG A 54 6.03 15.06 8.66
N THR A 55 6.41 15.47 7.46
CA THR A 55 5.60 16.43 6.70
C THR A 55 4.84 15.71 5.58
N LEU A 56 4.14 16.48 4.75
CA LEU A 56 3.39 15.91 3.65
C LEU A 56 4.31 15.56 2.48
N SER A 57 5.27 16.45 2.22
CA SER A 57 6.21 16.23 1.13
C SER A 57 7.07 15.01 1.40
N ASP A 58 7.21 14.66 2.68
CA ASP A 58 8.01 13.50 3.06
C ASP A 58 7.36 12.21 2.57
N TYR A 59 6.05 12.25 2.39
CA TYR A 59 5.31 11.08 1.93
C TYR A 59 5.01 11.20 0.44
N ASN A 60 5.44 12.30 -0.17
CA ASN A 60 5.21 12.52 -1.59
C ASN A 60 3.72 12.73 -1.87
N ILE A 61 3.06 13.43 -0.97
CA ILE A 61 1.62 13.69 -1.13
C ILE A 61 1.39 14.89 -2.03
N GLN A 62 0.82 14.64 -3.21
CA GLN A 62 0.55 15.71 -4.16
C GLN A 62 -0.84 16.30 -3.91
N ARG A 63 -1.33 17.09 -4.87
CA ARG A 63 -2.63 17.70 -4.74
C ARG A 63 -3.73 16.70 -5.12
N GLU A 64 -4.95 17.00 -4.70
CA GLU A 64 -6.07 16.12 -5.00
C GLU A 64 -5.83 14.72 -4.43
N SER A 65 -4.98 14.65 -3.41
CA SER A 65 -4.66 13.37 -2.79
C SER A 65 -5.73 12.97 -1.78
N THR A 66 -5.93 11.68 -1.60
CA THR A 66 -6.92 11.19 -0.66
C THR A 66 -6.26 10.48 0.52
N LEU A 67 -6.67 10.83 1.73
CA LEU A 67 -6.10 10.23 2.93
C LEU A 67 -7.18 9.51 3.73
N HIS A 68 -6.77 8.51 4.50
CA HIS A 68 -7.72 7.75 5.32
C HIS A 68 -7.56 8.10 6.79
N LEU A 69 -8.67 8.28 7.48
CA LEU A 69 -8.64 8.60 8.90
C LEU A 69 -9.21 7.47 9.73
N VAL A 70 -8.47 7.05 10.76
CA VAL A 70 -8.92 5.98 11.63
C VAL A 70 -8.98 6.44 13.08
N LEU A 71 -10.06 6.08 13.76
CA LEU A 71 -10.22 6.47 15.16
C LEU A 71 -9.75 5.35 16.08
N ARG A 72 -9.15 5.73 17.21
CA ARG A 72 -8.67 4.75 18.18
C ARG A 72 -9.58 4.68 19.39
N LEU A 73 -9.48 3.57 20.13
CA LEU A 73 -10.31 3.37 21.31
C LEU A 73 -9.52 2.74 22.45
N ARG A 74 -10.15 2.59 23.61
CA ARG A 74 -9.49 1.99 24.75
C ARG A 74 -8.20 2.76 25.08
N GLY A 75 -7.40 2.24 25.99
CA GLY A 75 -6.15 2.90 26.37
C GLY A 75 -5.17 2.90 25.20
N GLY A 76 -4.31 3.91 25.17
CA GLY A 76 -3.33 4.02 24.10
C GLY A 76 -1.95 3.57 24.58
N MET B 1 6.42 0.08 27.17
CA MET B 1 5.40 -0.33 26.17
C MET B 1 5.77 -1.71 25.60
N GLN B 2 4.86 -2.29 24.85
CA GLN B 2 5.10 -3.60 24.25
C GLN B 2 5.21 -3.49 22.73
N ILE B 3 6.13 -4.25 22.15
CA ILE B 3 6.32 -4.23 20.71
C ILE B 3 6.34 -5.65 20.15
N PHE B 4 6.26 -5.76 18.82
CA PHE B 4 6.27 -7.06 18.16
C PHE B 4 7.39 -7.12 17.13
N VAL B 5 7.92 -8.32 16.92
CA VAL B 5 9.00 -8.50 15.95
C VAL B 5 8.76 -9.75 15.11
N LYS B 6 8.53 -9.55 13.81
CA LYS B 6 8.29 -10.67 12.91
C LYS B 6 9.58 -11.12 12.26
N THR B 7 9.66 -12.41 11.94
CA THR B 7 10.85 -12.96 11.31
C THR B 7 10.59 -13.30 9.84
N LEU B 8 11.56 -13.94 9.20
CA LEU B 8 11.43 -14.33 7.80
C LEU B 8 10.77 -15.70 7.69
N THR B 9 10.64 -16.38 8.81
CA THR B 9 10.03 -17.71 8.82
C THR B 9 8.55 -17.62 9.18
N GLY B 10 8.16 -16.52 9.80
CA GLY B 10 6.77 -16.31 10.19
C GLY B 10 6.59 -16.49 11.69
N LYS B 11 7.48 -15.89 12.47
CA LYS B 11 7.41 -15.99 13.93
C LYS B 11 7.36 -14.61 14.56
N THR B 12 6.38 -14.38 15.42
CA THR B 12 6.24 -13.09 16.09
C THR B 12 6.71 -13.19 17.53
N ILE B 13 7.54 -12.23 17.95
CA ILE B 13 8.05 -12.21 19.30
C ILE B 13 7.64 -10.92 20.01
N THR B 14 7.28 -11.04 21.29
CA THR B 14 6.86 -9.87 22.07
C THR B 14 7.96 -9.45 23.03
N LEU B 15 8.25 -8.15 23.06
CA LEU B 15 9.27 -7.61 23.95
C LEU B 15 8.77 -6.37 24.67
N GLU B 16 9.34 -6.08 25.82
CA GLU B 16 8.94 -4.90 26.59
C GLU B 16 10.10 -3.93 26.73
N VAL B 17 10.11 -2.90 25.89
CA VAL B 17 11.17 -1.89 25.93
C VAL B 17 10.60 -0.53 26.33
N GLU B 18 11.46 0.48 26.34
CA GLU B 18 11.04 1.82 26.70
C GLU B 18 11.44 2.82 25.63
N PRO B 19 10.68 3.87 25.47
CA PRO B 19 10.96 4.93 24.45
C PRO B 19 12.40 5.45 24.54
N SER B 20 13.05 5.18 25.66
CA SER B 20 14.42 5.61 25.85
C SER B 20 15.39 4.45 25.65
N ASP B 21 14.91 3.39 25.01
CA ASP B 21 15.74 2.21 24.77
C ASP B 21 16.45 2.33 23.41
N THR B 22 17.74 2.01 23.40
CA THR B 22 18.52 2.09 22.17
C THR B 22 18.32 0.84 21.33
N ILE B 23 18.60 0.94 20.04
CA ILE B 23 18.45 -0.19 19.14
C ILE B 23 19.35 -1.34 19.56
N GLU B 24 20.59 -1.04 19.92
CA GLU B 24 21.53 -2.05 20.35
C GLU B 24 20.95 -2.86 21.51
N ASN B 25 20.26 -2.19 22.41
CA ASN B 25 19.66 -2.85 23.55
C ASN B 25 18.57 -3.83 23.10
N VAL B 26 17.79 -3.41 22.11
CA VAL B 26 16.71 -4.25 21.60
C VAL B 26 17.28 -5.54 21.00
N LYS B 27 18.43 -5.42 20.33
CA LYS B 27 19.07 -6.58 19.72
C LYS B 27 19.48 -7.58 20.78
N ALA B 28 19.97 -7.09 21.91
CA ALA B 28 20.40 -7.95 23.00
C ALA B 28 19.21 -8.76 23.55
N LYS B 29 18.07 -8.10 23.68
CA LYS B 29 16.87 -8.76 24.19
C LYS B 29 16.48 -9.92 23.28
N ILE B 30 16.65 -9.73 21.98
CA ILE B 30 16.31 -10.76 21.00
C ILE B 30 17.34 -11.89 21.04
N GLN B 31 18.56 -11.56 21.43
CA GLN B 31 19.63 -12.54 21.50
C GLN B 31 19.45 -13.43 22.73
N ASP B 32 18.69 -12.95 23.70
CA ASP B 32 18.45 -13.70 24.92
C ASP B 32 17.18 -14.53 24.79
N LYS B 33 16.35 -14.20 23.80
CA LYS B 33 15.11 -14.93 23.58
C LYS B 33 15.29 -15.97 22.48
N GLU B 34 16.01 -15.60 21.43
CA GLU B 34 16.25 -16.51 20.31
C GLU B 34 17.71 -16.96 20.28
N GLY B 35 18.60 -16.05 20.65
CA GLY B 35 20.03 -16.35 20.67
C GLY B 35 20.68 -15.95 19.35
N ILE B 36 20.19 -14.88 18.75
CA ILE B 36 20.73 -14.40 17.49
C ILE B 36 21.71 -13.26 17.72
N PRO B 37 22.97 -13.48 17.42
CA PRO B 37 24.04 -12.46 17.59
C PRO B 37 23.65 -11.12 16.99
N PRO B 38 23.78 -10.06 17.74
CA PRO B 38 23.45 -8.68 17.28
C PRO B 38 24.11 -8.35 15.94
N ASP B 39 25.32 -8.86 15.75
CA ASP B 39 26.05 -8.61 14.52
C ASP B 39 25.40 -9.34 13.34
N GLN B 40 24.43 -10.19 13.65
CA GLN B 40 23.73 -10.95 12.62
C GLN B 40 22.23 -10.68 12.67
N GLN B 41 21.88 -9.44 13.01
CA GLN B 41 20.47 -9.06 13.09
C GLN B 41 20.24 -7.70 12.43
N ARG B 42 19.20 -7.64 11.59
CA ARG B 42 18.88 -6.40 10.89
C ARG B 42 17.44 -5.98 11.16
N LEU B 43 17.27 -4.91 11.92
CA LEU B 43 15.93 -4.42 12.24
C LEU B 43 15.47 -3.41 11.20
N ILE B 44 14.18 -3.45 10.88
CA ILE B 44 13.62 -2.53 9.89
C ILE B 44 12.25 -2.04 10.34
N PHE B 45 12.04 -0.72 10.23
CA PHE B 45 10.76 -0.14 10.63
C PHE B 45 10.27 0.84 9.56
N ALA B 46 9.09 0.58 9.01
CA ALA B 46 8.52 1.44 7.98
C ALA B 46 9.43 1.48 6.76
N GLY B 47 10.16 0.40 6.53
CA GLY B 47 11.05 0.32 5.39
C GLY B 47 12.35 1.07 5.67
N LYS B 48 12.62 1.32 6.95
CA LYS B 48 13.84 2.03 7.34
C LYS B 48 14.69 1.17 8.26
N GLN B 49 15.98 1.14 8.01
CA GLN B 49 16.90 0.36 8.83
C GLN B 49 17.30 1.13 10.09
N LEU B 50 16.95 0.60 11.25
CA LEU B 50 17.28 1.26 12.52
C LEU B 50 18.76 1.10 12.82
N GLU B 51 19.33 2.13 13.45
CA GLU B 51 20.74 2.11 13.81
C GLU B 51 20.92 1.69 15.26
N ASP B 52 22.12 1.22 15.60
CA ASP B 52 22.42 0.80 16.96
C ASP B 52 22.80 1.99 17.82
N GLY B 53 22.89 3.16 17.20
CA GLY B 53 23.26 4.38 17.93
C GLY B 53 22.04 5.26 18.14
N ARG B 54 20.88 4.78 17.71
CA ARG B 54 19.65 5.53 17.87
C ARG B 54 18.69 4.81 18.83
N THR B 55 17.68 5.54 19.30
CA THR B 55 16.70 4.96 20.23
C THR B 55 15.40 4.66 19.50
N LEU B 56 14.39 4.21 20.25
CA LEU B 56 13.10 3.88 19.67
C LEU B 56 12.30 5.15 19.40
N SER B 57 12.36 6.09 20.34
CA SER B 57 11.63 7.34 20.19
C SER B 57 12.15 8.13 18.99
N ASP B 58 13.40 7.89 18.64
CA ASP B 58 14.02 8.58 17.50
C ASP B 58 13.33 8.19 16.20
N TYR B 59 12.74 6.99 16.19
CA TYR B 59 12.05 6.51 15.00
C TYR B 59 10.55 6.67 15.15
N ASN B 60 10.13 7.26 16.26
CA ASN B 60 8.70 7.46 16.52
C ASN B 60 7.98 6.12 16.61
N ILE B 61 8.57 5.18 17.33
CA ILE B 61 7.97 3.87 17.49
C ILE B 61 7.06 3.84 18.72
N GLN B 62 5.77 3.64 18.49
CA GLN B 62 4.81 3.58 19.59
C GLN B 62 4.60 2.15 20.05
N LYS B 63 3.65 1.95 20.96
CA LYS B 63 3.36 0.62 21.48
C LYS B 63 2.55 -0.18 20.46
N GLU B 64 2.64 -1.50 20.55
CA GLU B 64 1.90 -2.37 19.63
C GLU B 64 2.48 -2.27 18.23
N SER B 65 3.66 -1.68 18.11
CA SER B 65 4.32 -1.53 16.82
C SER B 65 4.92 -2.86 16.37
N THR B 66 5.09 -3.01 15.06
CA THR B 66 5.67 -4.24 14.52
C THR B 66 6.99 -3.94 13.81
N LEU B 67 8.02 -4.72 14.14
CA LEU B 67 9.33 -4.53 13.53
C LEU B 67 9.74 -5.78 12.75
N HIS B 68 10.57 -5.59 11.73
CA HIS B 68 11.05 -6.70 10.92
C HIS B 68 12.50 -7.03 11.24
N LEU B 69 12.79 -8.32 11.35
CA LEU B 69 14.15 -8.76 11.65
C LEU B 69 14.75 -9.52 10.47
N VAL B 70 15.94 -9.10 10.06
CA VAL B 70 16.62 -9.74 8.93
C VAL B 70 17.98 -10.29 9.37
N LEU B 71 18.25 -11.53 8.99
CA LEU B 71 19.52 -12.17 9.34
C LEU B 71 20.54 -12.00 8.22
N ARG B 72 21.77 -11.67 8.59
CA ARG B 72 22.83 -11.49 7.62
C ARG B 72 23.63 -12.77 7.42
N LEU B 73 24.39 -12.84 6.34
CA LEU B 73 25.19 -14.03 6.05
C LEU B 73 26.19 -13.73 4.93
N ARG B 74 27.44 -13.52 5.32
CA ARG B 74 28.50 -13.22 4.36
C ARG B 74 28.19 -11.94 3.57
N GLY B 75 27.44 -12.07 2.48
CA GLY B 75 27.09 -10.91 1.67
C GLY B 75 26.45 -11.35 0.35
N GLY B 76 26.22 -10.38 -0.53
CA GLY B 76 25.60 -10.68 -1.82
C GLY B 76 26.49 -11.63 -2.62
N ASP B 77 27.80 -11.41 -2.55
CA ASP B 77 28.74 -12.25 -3.28
C ASP B 77 30.17 -11.93 -2.85
N VAL C 3 17.63 -9.82 -3.39
CA VAL C 3 18.77 -10.58 -3.98
C VAL C 3 18.72 -12.03 -3.50
N SER C 4 19.35 -12.92 -4.25
CA SER C 4 19.37 -14.34 -3.89
C SER C 4 17.97 -14.94 -4.01
N GLU C 5 17.89 -16.17 -4.47
CA GLU C 5 16.61 -16.85 -4.62
C GLU C 5 16.15 -17.42 -3.29
N SER C 6 17.11 -17.79 -2.44
CA SER C 6 16.78 -18.36 -1.14
C SER C 6 16.10 -17.32 -0.26
N GLN C 7 16.68 -16.12 -0.18
CA GLN C 7 16.13 -15.06 0.63
C GLN C 7 14.73 -14.69 0.13
N LEU C 8 14.50 -14.87 -1.16
CA LEU C 8 13.20 -14.56 -1.75
C LEU C 8 12.14 -15.54 -1.29
N LYS C 9 12.54 -16.81 -1.18
CA LYS C 9 11.62 -17.86 -0.75
C LYS C 9 11.40 -17.78 0.77
N LYS C 10 12.09 -16.86 1.42
CA LYS C 10 11.97 -16.70 2.86
C LYS C 10 10.97 -15.58 3.19
N MET C 11 11.01 -14.52 2.40
CA MET C 11 10.10 -13.39 2.61
C MET C 11 8.68 -13.75 2.21
N VAL C 12 8.56 -14.78 1.38
CA VAL C 12 7.24 -15.22 0.92
C VAL C 12 6.95 -16.63 1.43
N SER C 13 7.28 -16.88 2.69
CA SER C 13 7.04 -18.19 3.30
C SER C 13 5.60 -18.29 3.81
N LYS C 14 4.96 -17.14 3.99
CA LYS C 14 3.59 -17.12 4.48
C LYS C 14 2.61 -16.91 3.31
N TYR C 15 3.06 -17.23 2.11
CA TYR C 15 2.22 -17.08 0.93
C TYR C 15 1.62 -18.42 0.52
N LYS C 16 0.30 -18.44 0.34
CA LYS C 16 -0.38 -19.66 -0.04
C LYS C 16 0.28 -20.28 -1.28
N TYR C 17 0.68 -19.42 -2.21
CA TYR C 17 1.33 -19.89 -3.43
C TYR C 17 2.75 -19.34 -3.54
N ARG C 18 3.65 -19.87 -2.72
CA ARG C 18 5.03 -19.43 -2.73
C ARG C 18 5.66 -19.64 -4.10
N ASP C 19 5.98 -20.89 -4.42
CA ASP C 19 6.58 -21.22 -5.71
C ASP C 19 6.14 -20.21 -6.77
N LEU C 20 4.91 -20.36 -7.26
CA LEU C 20 4.39 -19.45 -8.27
C LEU C 20 4.94 -18.05 -8.08
N THR C 21 4.54 -17.41 -6.98
CA THR C 21 5.00 -16.06 -6.68
C THR C 21 6.50 -15.93 -6.97
N VAL C 22 7.30 -16.73 -6.26
CA VAL C 22 8.74 -16.70 -6.44
C VAL C 22 9.10 -16.68 -7.92
N ARG C 23 8.85 -17.80 -8.60
CA ARG C 23 9.15 -17.90 -10.02
C ARG C 23 8.82 -16.59 -10.73
N GLU C 24 7.56 -16.18 -10.65
CA GLU C 24 7.13 -14.94 -11.29
C GLU C 24 8.07 -13.80 -10.92
N THR C 25 8.32 -13.64 -9.62
CA THR C 25 9.19 -12.58 -9.15
C THR C 25 10.56 -12.69 -9.81
N VAL C 26 11.13 -13.89 -9.78
CA VAL C 26 12.44 -14.12 -10.38
C VAL C 26 12.43 -13.74 -11.86
N ASN C 27 11.31 -14.00 -12.53
CA ASN C 27 11.19 -13.67 -13.94
C ASN C 27 11.09 -12.17 -14.14
N VAL C 28 10.71 -11.45 -13.09
CA VAL C 28 10.57 -10.00 -13.17
C VAL C 28 11.92 -9.33 -12.95
N ILE C 29 12.43 -9.41 -11.72
CA ILE C 29 13.72 -8.80 -11.40
C ILE C 29 14.78 -9.21 -12.40
N THR C 30 14.56 -10.34 -13.06
CA THR C 30 15.52 -10.84 -14.06
C THR C 30 15.65 -9.86 -15.21
N LEU C 31 14.51 -9.41 -15.74
CA LEU C 31 14.51 -8.47 -16.85
C LEU C 31 14.70 -7.04 -16.35
N TYR C 32 14.10 -6.74 -15.19
CA TYR C 32 14.21 -5.41 -14.61
C TYR C 32 15.02 -5.45 -13.32
N LYS C 33 16.33 -5.33 -13.44
CA LYS C 33 17.21 -5.35 -12.27
C LYS C 33 16.94 -4.14 -11.38
N ASP C 34 16.28 -3.13 -11.94
CA ASP C 34 15.96 -1.92 -11.19
C ASP C 34 14.85 -2.20 -10.17
N LEU C 35 14.37 -3.44 -10.16
CA LEU C 35 13.31 -3.81 -9.23
C LEU C 35 13.81 -4.86 -8.24
N LYS C 36 13.57 -4.61 -6.95
CA LYS C 36 14.01 -5.54 -5.92
C LYS C 36 12.87 -5.82 -4.93
N PRO C 37 12.72 -7.05 -4.54
CA PRO C 37 11.66 -7.47 -3.58
C PRO C 37 11.96 -7.02 -2.16
N VAL C 38 10.90 -6.70 -1.41
CA VAL C 38 11.07 -6.25 -0.03
C VAL C 38 9.86 -6.65 0.81
N LEU C 39 10.10 -6.99 2.08
CA LEU C 39 9.02 -7.39 2.97
C LEU C 39 8.69 -6.26 3.94
N ASP C 40 7.48 -5.72 3.80
CA ASP C 40 7.04 -4.63 4.68
C ASP C 40 5.57 -4.81 5.05
N SER C 41 5.15 -4.08 6.08
CA SER C 41 3.76 -4.17 6.54
C SER C 41 2.88 -3.19 5.76
N TYR C 42 1.77 -3.70 5.24
CA TYR C 42 0.85 -2.87 4.47
C TYR C 42 -0.42 -2.60 5.28
N VAL C 43 -0.53 -1.38 5.81
CA VAL C 43 -1.71 -1.02 6.60
C VAL C 43 -2.82 -0.50 5.68
N PHE C 44 -3.85 -1.32 5.51
CA PHE C 44 -4.98 -0.93 4.66
C PHE C 44 -5.65 0.33 5.19
N ASN C 45 -6.63 0.83 4.46
CA ASN C 45 -7.35 2.03 4.87
C ASN C 45 -8.16 1.77 6.13
N ASP C 46 -8.64 0.53 6.27
CA ASP C 46 -9.43 0.16 7.44
C ASP C 46 -8.58 0.19 8.70
N GLY C 47 -7.27 0.35 8.51
CA GLY C 47 -6.36 0.39 9.65
C GLY C 47 -5.59 -0.92 9.79
N SER C 48 -6.25 -2.02 9.42
CA SER C 48 -5.63 -3.33 9.50
C SER C 48 -4.26 -3.33 8.85
N SER C 49 -3.41 -4.29 9.21
CA SER C 49 -2.07 -4.37 8.65
C SER C 49 -1.73 -5.81 8.28
N ARG C 50 -0.82 -5.97 7.34
CA ARG C 50 -0.41 -7.30 6.89
C ARG C 50 0.95 -7.25 6.22
N GLU C 51 1.82 -8.20 6.56
CA GLU C 51 3.15 -8.25 5.97
C GLU C 51 3.11 -8.87 4.57
N LEU C 52 3.25 -8.01 3.56
CA LEU C 52 3.23 -8.49 2.18
C LEU C 52 4.54 -8.16 1.48
N MET C 53 4.83 -8.87 0.39
CA MET C 53 6.06 -8.63 -0.35
C MET C 53 5.77 -7.82 -1.61
N ASN C 54 6.38 -6.64 -1.70
CA ASN C 54 6.18 -5.77 -2.85
C ASN C 54 7.49 -5.60 -3.62
N LEU C 55 7.39 -5.13 -4.86
CA LEU C 55 8.57 -4.92 -5.69
C LEU C 55 8.84 -3.43 -5.87
N THR C 56 9.76 -2.90 -5.08
CA THR C 56 10.10 -1.49 -5.16
C THR C 56 11.27 -1.27 -6.11
N GLY C 57 11.27 -0.14 -6.81
CA GLY C 57 12.34 0.16 -7.76
C GLY C 57 11.86 1.14 -8.83
N THR C 58 12.44 1.04 -10.02
CA THR C 58 12.07 1.92 -11.12
C THR C 58 12.05 1.16 -12.43
N ILE C 59 11.21 1.59 -13.36
CA ILE C 59 11.10 0.94 -14.66
C ILE C 59 11.39 1.92 -15.78
N PRO C 60 12.09 1.49 -16.79
CA PRO C 60 12.46 2.34 -17.96
C PRO C 60 11.25 2.64 -18.85
N VAL C 61 10.98 3.92 -19.07
CA VAL C 61 9.86 4.31 -19.91
C VAL C 61 10.27 5.43 -20.87
N PRO C 62 10.78 5.06 -22.01
CA PRO C 62 11.22 6.04 -23.05
C PRO C 62 10.15 7.07 -23.37
N TYR C 63 10.54 8.34 -23.39
CA TYR C 63 9.59 9.41 -23.70
C TYR C 63 10.33 10.60 -24.32
N ARG C 64 9.92 10.97 -25.53
CA ARG C 64 10.54 12.10 -26.22
C ARG C 64 12.03 11.83 -26.43
N GLY C 65 12.39 10.56 -26.56
CA GLY C 65 13.79 10.19 -26.76
C GLY C 65 14.53 10.09 -25.43
N ASN C 66 13.87 10.53 -24.36
CA ASN C 66 14.47 10.49 -23.04
C ASN C 66 13.92 9.31 -22.24
N THR C 67 14.78 8.69 -21.44
CA THR C 67 14.36 7.55 -20.63
C THR C 67 14.10 7.97 -19.19
N TYR C 68 12.87 7.80 -18.74
CA TYR C 68 12.50 8.17 -17.38
C TYR C 68 12.34 6.92 -16.51
N ASN C 69 13.05 6.90 -15.38
CA ASN C 69 12.97 5.75 -14.47
C ASN C 69 11.87 5.99 -13.44
N ILE C 70 10.62 5.82 -13.87
CA ILE C 70 9.48 6.01 -12.97
C ILE C 70 9.48 4.96 -11.86
N PRO C 71 9.51 5.39 -10.63
CA PRO C 71 9.50 4.49 -9.45
C PRO C 71 8.11 3.96 -9.13
N ILE C 72 7.99 2.64 -8.97
CA ILE C 72 6.71 2.03 -8.66
C ILE C 72 6.83 1.10 -7.46
N CYS C 73 5.69 0.63 -6.96
CA CYS C 73 5.69 -0.27 -5.81
C CYS C 73 4.53 -1.26 -5.91
N LEU C 74 4.82 -2.45 -6.42
CA LEU C 74 3.81 -3.48 -6.58
C LEU C 74 3.66 -4.28 -5.29
N TRP C 75 2.43 -4.37 -4.79
CA TRP C 75 2.16 -5.12 -3.56
C TRP C 75 1.47 -6.44 -3.87
N LEU C 76 1.96 -7.51 -3.28
CA LEU C 76 1.37 -8.83 -3.50
C LEU C 76 0.70 -9.34 -2.23
N LEU C 77 -0.55 -9.78 -2.37
CA LEU C 77 -1.30 -10.29 -1.22
C LEU C 77 -1.08 -11.79 -1.06
N ASP C 78 -1.03 -12.25 0.18
CA ASP C 78 -0.83 -13.66 0.46
C ASP C 78 -1.21 -14.50 -0.75
N THR C 79 -2.08 -13.96 -1.58
CA THR C 79 -2.53 -14.67 -2.78
C THR C 79 -2.51 -13.75 -3.99
N TYR C 80 -1.32 -13.55 -4.55
CA TYR C 80 -1.18 -12.68 -5.72
C TYR C 80 -1.17 -13.51 -7.00
N PRO C 81 -1.25 -14.80 -6.86
CA PRO C 81 -1.25 -15.74 -8.02
C PRO C 81 -2.56 -15.71 -8.79
N TYR C 82 -3.60 -15.13 -8.18
CA TYR C 82 -4.90 -15.04 -8.82
C TYR C 82 -5.46 -13.63 -8.68
N ASN C 83 -4.89 -12.85 -7.77
CA ASN C 83 -5.34 -11.48 -7.55
C ASN C 83 -4.31 -10.48 -8.07
N PRO C 84 -4.77 -9.37 -8.57
CA PRO C 84 -3.88 -8.30 -9.11
C PRO C 84 -3.20 -7.51 -8.00
N PRO C 85 -1.91 -7.30 -8.13
CA PRO C 85 -1.11 -6.54 -7.13
C PRO C 85 -1.55 -5.09 -7.02
N ILE C 86 -1.18 -4.44 -5.92
CA ILE C 86 -1.55 -3.04 -5.71
C ILE C 86 -0.41 -2.12 -6.16
N CYS C 87 -0.49 -1.66 -7.41
CA CYS C 87 0.54 -0.79 -7.96
C CYS C 87 0.46 0.60 -7.31
N PHE C 88 1.53 1.37 -7.47
CA PHE C 88 1.57 2.72 -6.90
C PHE C 88 2.76 3.49 -7.47
N VAL C 89 2.52 4.74 -7.85
CA VAL C 89 3.57 5.58 -8.41
C VAL C 89 4.21 6.43 -7.32
N LYS C 90 5.34 5.95 -6.79
CA LYS C 90 6.04 6.67 -5.75
C LYS C 90 6.87 7.82 -6.33
N PRO C 91 6.27 8.97 -6.46
CA PRO C 91 6.96 10.17 -7.03
C PRO C 91 7.96 10.77 -6.05
N THR C 92 9.09 11.24 -6.57
CA THR C 92 10.11 11.85 -5.73
C THR C 92 9.85 13.33 -5.55
N SER C 93 10.69 13.98 -4.75
CA SER C 93 10.54 15.41 -4.49
C SER C 93 10.70 16.21 -5.78
N SER C 94 11.23 15.56 -6.80
CA SER C 94 11.44 16.22 -8.09
C SER C 94 10.48 15.64 -9.14
N MET C 95 9.39 15.04 -8.68
CA MET C 95 8.42 14.46 -9.60
C MET C 95 7.01 14.89 -9.21
N THR C 96 6.18 15.14 -10.23
CA THR C 96 4.80 15.57 -9.98
C THR C 96 3.83 14.65 -10.71
N ILE C 97 2.99 13.96 -9.95
CA ILE C 97 2.01 13.06 -10.53
C ILE C 97 1.08 13.80 -11.47
N LYS C 98 0.96 13.31 -12.70
CA LYS C 98 0.10 13.95 -13.69
C LYS C 98 -1.19 13.15 -13.86
N THR C 99 -1.95 13.02 -12.77
CA THR C 99 -3.20 12.28 -12.81
C THR C 99 -3.71 12.16 -14.24
N GLY C 100 -4.16 10.96 -14.59
CA GLY C 100 -4.69 10.72 -15.93
C GLY C 100 -5.74 9.61 -15.92
N LYS C 101 -5.57 8.62 -16.79
CA LYS C 101 -6.51 7.52 -16.87
C LYS C 101 -5.94 6.28 -16.20
N HIS C 102 -4.63 6.29 -15.96
CA HIS C 102 -3.97 5.16 -15.32
C HIS C 102 -3.26 5.60 -14.04
N VAL C 103 -3.58 6.81 -13.59
CA VAL C 103 -2.96 7.35 -12.38
C VAL C 103 -3.83 8.47 -11.80
N ASP C 104 -4.02 8.43 -10.48
CA ASP C 104 -4.83 9.44 -9.81
C ASP C 104 -3.94 10.42 -9.05
N ALA C 105 -4.47 10.98 -7.96
CA ALA C 105 -3.71 11.92 -7.16
C ALA C 105 -2.91 11.20 -6.08
N ASN C 106 -3.35 9.98 -5.74
CA ASN C 106 -2.67 9.20 -4.72
C ASN C 106 -1.51 8.42 -5.33
N GLY C 107 -1.56 8.21 -6.64
CA GLY C 107 -0.51 7.48 -7.34
C GLY C 107 -1.04 6.15 -7.87
N LYS C 108 -2.14 5.69 -7.31
CA LYS C 108 -2.74 4.43 -7.75
C LYS C 108 -2.70 4.30 -9.26
N ILE C 109 -2.39 3.10 -9.75
CA ILE C 109 -2.31 2.87 -11.18
C ILE C 109 -3.56 2.12 -11.66
N TYR C 110 -4.07 2.53 -12.82
CA TYR C 110 -5.25 1.89 -13.39
C TYR C 110 -4.98 1.40 -14.80
N LEU C 111 -5.01 0.08 -14.98
CA LEU C 111 -4.76 -0.51 -16.29
C LEU C 111 -5.64 -1.74 -16.49
N PRO C 112 -6.17 -1.90 -17.67
CA PRO C 112 -7.06 -3.04 -18.02
C PRO C 112 -6.47 -4.38 -17.58
N TYR C 113 -5.14 -4.43 -17.49
CA TYR C 113 -4.47 -5.66 -17.08
C TYR C 113 -4.85 -6.04 -15.67
N LEU C 114 -5.12 -5.03 -14.83
CA LEU C 114 -5.51 -5.27 -13.45
C LEU C 114 -6.98 -5.60 -13.36
N HIS C 115 -7.80 -4.87 -14.11
CA HIS C 115 -9.24 -5.09 -14.10
C HIS C 115 -9.57 -6.51 -14.56
N GLU C 116 -8.82 -7.00 -15.55
CA GLU C 116 -9.03 -8.34 -16.07
C GLU C 116 -7.86 -9.25 -15.72
N TRP C 117 -7.64 -9.46 -14.43
CA TRP C 117 -6.55 -10.31 -13.98
C TRP C 117 -7.04 -11.73 -13.72
N LYS C 118 -6.24 -12.71 -14.13
CA LYS C 118 -6.61 -14.11 -13.95
C LYS C 118 -5.53 -14.86 -13.18
N HIS C 119 -4.41 -15.14 -13.86
CA HIS C 119 -3.30 -15.84 -13.22
C HIS C 119 -2.67 -16.83 -14.20
N PRO C 120 -3.48 -17.44 -15.03
CA PRO C 120 -3.00 -18.42 -16.03
C PRO C 120 -2.27 -17.75 -17.19
N GLN C 121 -2.63 -16.50 -17.46
CA GLN C 121 -2.00 -15.75 -18.54
C GLN C 121 -1.48 -14.41 -18.04
N SER C 122 -2.04 -13.96 -16.92
CA SER C 122 -1.62 -12.68 -16.33
C SER C 122 -0.49 -12.90 -15.32
N ASP C 123 0.55 -12.08 -15.42
CA ASP C 123 1.68 -12.19 -14.51
C ASP C 123 2.34 -10.82 -14.31
N LEU C 124 3.30 -10.77 -13.39
CA LEU C 124 4.00 -9.52 -13.12
C LEU C 124 4.68 -9.00 -14.37
N LEU C 125 5.52 -9.84 -14.97
CA LEU C 125 6.23 -9.45 -16.18
C LEU C 125 5.28 -8.79 -17.18
N GLY C 126 4.17 -9.47 -17.47
CA GLY C 126 3.19 -8.93 -18.41
C GLY C 126 2.62 -7.61 -17.91
N LEU C 127 2.43 -7.51 -16.60
CA LEU C 127 1.88 -6.31 -16.00
C LEU C 127 2.86 -5.14 -16.14
N ILE C 128 4.15 -5.43 -15.92
CA ILE C 128 5.17 -4.40 -16.02
C ILE C 128 5.32 -3.93 -17.46
N GLN C 129 5.40 -4.88 -18.39
CA GLN C 129 5.55 -4.55 -19.79
C GLN C 129 4.40 -3.65 -20.25
N VAL C 130 3.20 -3.96 -19.80
CA VAL C 130 2.02 -3.18 -20.18
C VAL C 130 2.09 -1.79 -19.55
N MET C 131 2.72 -1.69 -18.39
CA MET C 131 2.84 -0.41 -17.70
C MET C 131 3.80 0.51 -18.45
N ILE C 132 4.82 -0.07 -19.07
CA ILE C 132 5.79 0.70 -19.83
C ILE C 132 5.18 1.20 -21.13
N VAL C 133 4.29 0.40 -21.71
CA VAL C 133 3.64 0.78 -22.96
C VAL C 133 2.66 1.92 -22.74
N VAL C 134 1.86 1.81 -21.69
CA VAL C 134 0.88 2.85 -21.38
C VAL C 134 1.58 4.13 -20.92
N PHE C 135 2.52 3.97 -19.99
CA PHE C 135 3.25 5.12 -19.48
C PHE C 135 4.02 5.81 -20.59
N GLY C 136 4.41 5.04 -21.60
CA GLY C 136 5.15 5.59 -22.73
C GLY C 136 4.30 6.59 -23.51
N ASP C 137 3.02 6.26 -23.67
CA ASP C 137 2.11 7.14 -24.40
C ASP C 137 1.50 8.17 -23.46
N GLU C 138 1.40 7.81 -22.18
CA GLU C 138 0.82 8.72 -21.18
C GLU C 138 1.71 8.77 -19.94
N PRO C 139 2.55 9.76 -19.84
CA PRO C 139 3.47 9.93 -18.68
C PRO C 139 2.72 10.29 -17.40
N PRO C 140 2.79 9.43 -16.41
CA PRO C 140 2.11 9.66 -15.11
C PRO C 140 2.81 10.73 -14.27
N VAL C 141 4.01 11.10 -14.69
CA VAL C 141 4.77 12.13 -13.97
C VAL C 141 5.53 13.01 -14.95
N PHE C 142 6.04 14.14 -14.44
CA PHE C 142 6.79 15.06 -15.28
C PHE C 142 7.66 15.97 -14.42
N SER C 143 8.97 15.83 -14.56
CA SER C 143 9.91 16.64 -13.80
C SER C 143 9.22 17.89 -13.25
N MET A 1 -1.98 23.58 -1.63
CA MET A 1 -2.75 22.59 -2.43
C MET A 1 -3.95 22.10 -1.62
N GLN A 2 -4.85 21.37 -2.30
CA GLN A 2 -6.04 20.86 -1.62
C GLN A 2 -5.96 19.33 -1.52
N ILE A 3 -6.43 18.80 -0.39
CA ILE A 3 -6.41 17.36 -0.18
C ILE A 3 -7.77 16.87 0.30
N PHE A 4 -7.97 15.55 0.28
CA PHE A 4 -9.23 14.98 0.73
C PHE A 4 -8.98 13.95 1.84
N VAL A 5 -9.95 13.81 2.74
CA VAL A 5 -9.83 12.86 3.84
C VAL A 5 -11.13 12.09 4.03
N LYS A 6 -11.09 10.79 3.78
CA LYS A 6 -12.26 9.94 3.93
C LYS A 6 -12.31 9.33 5.32
N THR A 7 -13.51 9.07 5.81
CA THR A 7 -13.68 8.49 7.13
C THR A 7 -14.16 7.05 7.03
N LEU A 8 -14.49 6.44 8.17
CA LEU A 8 -14.96 5.07 8.19
C LEU A 8 -16.47 5.02 8.01
N THR A 9 -17.11 6.18 8.08
CA THR A 9 -18.56 6.26 7.93
C THR A 9 -18.93 6.60 6.49
N GLY A 10 -17.97 7.16 5.76
CA GLY A 10 -18.21 7.53 4.37
C GLY A 10 -18.38 9.04 4.23
N LYS A 11 -17.46 9.79 4.83
CA LYS A 11 -17.52 11.25 4.77
C LYS A 11 -16.19 11.81 4.27
N THR A 12 -16.26 12.66 3.26
CA THR A 12 -15.06 13.26 2.70
C THR A 12 -14.92 14.72 3.15
N ILE A 13 -13.71 15.08 3.58
CA ILE A 13 -13.47 16.44 4.04
C ILE A 13 -12.33 17.07 3.23
N THR A 14 -12.48 18.35 2.90
CA THR A 14 -11.47 19.05 2.12
C THR A 14 -10.65 19.99 3.01
N LEU A 15 -9.33 19.96 2.84
CA LEU A 15 -8.44 20.80 3.64
C LEU A 15 -7.38 21.44 2.75
N GLU A 16 -6.91 22.62 3.15
CA GLU A 16 -5.89 23.32 2.38
C GLU A 16 -4.59 23.40 3.16
N VAL A 17 -3.66 22.50 2.86
CA VAL A 17 -2.37 22.48 3.54
C VAL A 17 -1.25 22.80 2.56
N GLU A 18 -0.02 22.75 3.05
CA GLU A 18 1.14 23.04 2.20
C GLU A 18 2.17 21.92 2.29
N PRO A 19 2.89 21.69 1.23
CA PRO A 19 3.94 20.63 1.18
C PRO A 19 4.88 20.68 2.37
N SER A 20 4.90 21.82 3.05
CA SER A 20 5.77 21.99 4.21
C SER A 20 4.96 21.87 5.50
N ASP A 21 3.77 21.29 5.40
CA ASP A 21 2.92 21.11 6.56
C ASP A 21 3.19 19.76 7.23
N THR A 22 3.31 19.78 8.55
CA THR A 22 3.57 18.55 9.30
C THR A 22 2.27 17.78 9.53
N ILE A 23 2.40 16.48 9.80
CA ILE A 23 1.24 15.64 10.04
C ILE A 23 0.45 16.14 11.24
N GLU A 24 1.17 16.48 12.32
CA GLU A 24 0.53 16.97 13.52
C GLU A 24 -0.37 18.16 13.21
N ASN A 25 0.09 19.03 12.32
CA ASN A 25 -0.67 20.20 11.93
C ASN A 25 -1.96 19.81 11.23
N VAL A 26 -1.87 18.79 10.37
CA VAL A 26 -3.04 18.31 9.65
C VAL A 26 -4.10 17.78 10.61
N LYS A 27 -3.65 17.12 11.67
CA LYS A 27 -4.57 16.58 12.67
C LYS A 27 -5.34 17.70 13.35
N ALA A 28 -4.66 18.80 13.62
CA ALA A 28 -5.29 19.94 14.28
C ALA A 28 -6.40 20.52 13.41
N LYS A 29 -6.13 20.61 12.11
CA LYS A 29 -7.11 21.14 11.18
C LYS A 29 -8.39 20.30 11.20
N ILE A 30 -8.22 18.99 11.33
CA ILE A 30 -9.35 18.08 11.36
C ILE A 30 -10.09 18.18 12.70
N GLN A 31 -9.36 18.56 13.74
CA GLN A 31 -9.94 18.69 15.07
C GLN A 31 -10.78 19.96 15.16
N ASP A 32 -10.52 20.90 14.25
CA ASP A 32 -11.25 22.17 14.24
C ASP A 32 -12.45 22.07 13.31
N LYS A 33 -12.45 21.06 12.45
CA LYS A 33 -13.55 20.86 11.50
C LYS A 33 -14.54 19.83 12.04
N GLU A 34 -14.01 18.76 12.62
CA GLU A 34 -14.85 17.70 13.17
C GLU A 34 -14.80 17.71 14.69
N GLY A 35 -13.63 18.04 15.24
CA GLY A 35 -13.46 18.06 16.69
C GLY A 35 -12.94 16.74 17.21
N ILE A 36 -12.11 16.07 16.41
CA ILE A 36 -11.55 14.79 16.80
C ILE A 36 -10.14 14.97 17.36
N PRO A 37 -9.96 14.69 18.62
CA PRO A 37 -8.64 14.81 19.31
C PRO A 37 -7.52 14.13 18.53
N PRO A 38 -6.45 14.82 18.28
CA PRO A 38 -5.28 14.28 17.53
C PRO A 38 -4.82 12.93 18.09
N ASP A 39 -4.91 12.78 19.39
CA ASP A 39 -4.50 11.53 20.04
C ASP A 39 -5.46 10.40 19.69
N GLN A 40 -6.58 10.75 19.04
CA GLN A 40 -7.56 9.76 18.64
C GLN A 40 -7.79 9.80 17.14
N GLN A 41 -6.72 10.05 16.39
CA GLN A 41 -6.81 10.12 14.94
C GLN A 41 -5.64 9.37 14.30
N ARG A 42 -5.94 8.52 13.32
CA ARG A 42 -4.91 7.75 12.63
C ARG A 42 -4.97 7.99 11.13
N LEU A 43 -3.97 8.69 10.60
CA LEU A 43 -3.92 8.98 9.18
C LEU A 43 -3.17 7.87 8.44
N ILE A 44 -3.63 7.55 7.23
CA ILE A 44 -3.00 6.51 6.43
C ILE A 44 -2.95 6.92 4.97
N PHE A 45 -1.79 6.74 4.34
CA PHE A 45 -1.63 7.08 2.93
C PHE A 45 -0.91 5.97 2.18
N ALA A 46 -1.56 5.44 1.17
CA ALA A 46 -0.97 4.36 0.37
C ALA A 46 -0.71 3.14 1.25
N GLY A 47 -1.53 2.98 2.29
CA GLY A 47 -1.37 1.85 3.20
C GLY A 47 -0.23 2.09 4.18
N LYS A 48 0.17 3.35 4.32
CA LYS A 48 1.25 3.71 5.23
C LYS A 48 0.76 4.69 6.28
N GLN A 49 1.13 4.45 7.54
CA GLN A 49 0.73 5.32 8.64
C GLN A 49 1.67 6.52 8.73
N LEU A 50 1.09 7.71 8.54
CA LEU A 50 1.89 8.94 8.61
C LEU A 50 2.24 9.27 10.05
N GLU A 51 3.42 9.84 10.25
CA GLU A 51 3.88 10.21 11.59
C GLU A 51 3.61 11.69 11.86
N ASP A 52 3.57 12.05 13.14
CA ASP A 52 3.33 13.44 13.52
C ASP A 52 4.63 14.24 13.48
N GLY A 53 5.74 13.55 13.22
CA GLY A 53 7.03 14.21 13.15
C GLY A 53 7.49 14.37 11.70
N ARG A 54 6.64 13.96 10.77
CA ARG A 54 6.96 14.06 9.35
C ARG A 54 6.04 15.06 8.66
N THR A 55 6.41 15.47 7.46
CA THR A 55 5.60 16.43 6.70
C THR A 55 4.84 15.71 5.58
N LEU A 56 4.14 16.48 4.76
CA LEU A 56 3.39 15.91 3.66
C LEU A 56 4.31 15.56 2.48
N SER A 57 5.27 16.45 2.22
CA SER A 57 6.21 16.23 1.13
C SER A 57 7.07 15.01 1.40
N ASP A 58 7.21 14.66 2.68
CA ASP A 58 8.01 13.50 3.06
C ASP A 58 7.36 12.21 2.57
N TYR A 59 6.05 12.25 2.39
CA TYR A 59 5.31 11.08 1.93
C TYR A 59 5.01 11.20 0.44
N ASN A 60 5.44 12.30 -0.17
CA ASN A 60 5.21 12.52 -1.59
C ASN A 60 3.72 12.73 -1.87
N ILE A 61 3.06 13.43 -0.97
CA ILE A 61 1.62 13.69 -1.13
C ILE A 61 1.39 14.89 -2.03
N GLN A 62 0.82 14.64 -3.21
CA GLN A 62 0.55 15.71 -4.16
C GLN A 62 -0.84 16.30 -3.91
N ARG A 63 -1.32 17.08 -4.87
CA ARG A 63 -2.63 17.70 -4.74
C ARG A 63 -3.73 16.70 -5.12
N GLU A 64 -4.95 17.00 -4.70
CA GLU A 64 -6.08 16.12 -4.99
C GLU A 64 -5.83 14.72 -4.43
N SER A 65 -4.98 14.65 -3.41
CA SER A 65 -4.66 13.37 -2.80
C SER A 65 -5.73 12.98 -1.79
N THR A 66 -5.92 11.68 -1.60
CA THR A 66 -6.93 11.19 -0.66
C THR A 66 -6.26 10.48 0.51
N LEU A 67 -6.66 10.84 1.72
CA LEU A 67 -6.10 10.22 2.92
C LEU A 67 -7.18 9.50 3.71
N HIS A 68 -6.77 8.51 4.50
CA HIS A 68 -7.72 7.75 5.31
C HIS A 68 -7.56 8.09 6.79
N LEU A 69 -8.67 8.28 7.47
CA LEU A 69 -8.65 8.61 8.89
C LEU A 69 -9.22 7.47 9.72
N VAL A 70 -8.48 7.04 10.74
CA VAL A 70 -8.93 5.96 11.60
C VAL A 70 -8.97 6.41 13.06
N LEU A 71 -10.08 6.12 13.73
CA LEU A 71 -10.22 6.50 15.14
C LEU A 71 -9.75 5.38 16.05
N ARG A 72 -9.12 5.75 17.16
CA ARG A 72 -8.61 4.77 18.10
C ARG A 72 -9.54 4.67 19.31
N LEU A 73 -9.54 3.50 19.97
CA LEU A 73 -10.39 3.23 21.14
C LEU A 73 -10.46 1.72 21.41
N ARG A 74 -11.20 1.01 20.56
CA ARG A 74 -11.37 -0.43 20.73
C ARG A 74 -12.10 -1.01 19.52
N GLY A 75 -12.05 -2.32 19.35
CA GLY A 75 -12.70 -2.96 18.21
C GLY A 75 -14.23 -2.82 18.32
N GLY A 76 -14.90 -2.93 17.17
CA GLY A 76 -16.36 -2.80 17.13
C GLY A 76 -17.02 -4.16 16.97
N MET B 1 -25.17 -9.17 10.97
CA MET B 1 -24.09 -8.15 11.11
C MET B 1 -23.98 -7.35 9.80
N GLN B 2 -23.20 -6.28 9.85
CA GLN B 2 -23.02 -5.44 8.66
C GLN B 2 -21.59 -5.54 8.15
N ILE B 3 -21.44 -5.57 6.83
CA ILE B 3 -20.12 -5.66 6.22
C ILE B 3 -19.94 -4.59 5.14
N PHE B 4 -18.70 -4.41 4.70
CA PHE B 4 -18.41 -3.42 3.67
C PHE B 4 -17.70 -4.07 2.49
N VAL B 5 -17.92 -3.53 1.30
CA VAL B 5 -17.30 -4.07 0.09
C VAL B 5 -16.76 -2.94 -0.79
N LYS B 6 -15.45 -2.90 -0.93
CA LYS B 6 -14.81 -1.87 -1.75
C LYS B 6 -14.62 -2.36 -3.18
N THR B 7 -14.64 -1.44 -4.13
CA THR B 7 -14.46 -1.81 -5.53
C THR B 7 -13.11 -1.32 -6.05
N LEU B 8 -12.88 -1.46 -7.35
CA LEU B 8 -11.63 -1.04 -7.95
C LEU B 8 -11.70 0.42 -8.38
N THR B 9 -12.90 0.98 -8.32
CA THR B 9 -13.10 2.39 -8.70
C THR B 9 -13.07 3.29 -7.47
N GLY B 10 -13.29 2.69 -6.29
CA GLY B 10 -13.29 3.45 -5.05
C GLY B 10 -14.71 3.66 -4.54
N LYS B 11 -15.50 2.59 -4.53
CA LYS B 11 -16.87 2.66 -4.06
C LYS B 11 -17.13 1.63 -2.97
N THR B 12 -17.66 2.09 -1.83
CA THR B 12 -17.94 1.20 -0.72
C THR B 12 -19.43 0.89 -0.63
N ILE B 13 -19.77 -0.38 -0.49
CA ILE B 13 -21.16 -0.78 -0.39
C ILE B 13 -21.41 -1.50 0.93
N THR B 14 -22.56 -1.22 1.54
CA THR B 14 -22.91 -1.84 2.81
C THR B 14 -23.97 -2.92 2.62
N LEU B 15 -23.75 -4.08 3.23
CA LEU B 15 -24.69 -5.18 3.11
C LEU B 15 -24.92 -5.82 4.48
N GLU B 16 -26.08 -6.46 4.64
CA GLU B 16 -26.43 -7.09 5.92
C GLU B 16 -26.58 -8.60 5.73
N VAL B 17 -25.55 -9.34 6.08
CA VAL B 17 -25.58 -10.80 5.95
C VAL B 17 -25.50 -11.45 7.33
N GLU B 18 -25.44 -12.79 7.34
CA GLU B 18 -25.36 -13.52 8.59
C GLU B 18 -24.19 -14.51 8.56
N PRO B 19 -23.61 -14.77 9.70
CA PRO B 19 -22.46 -15.72 9.81
C PRO B 19 -22.74 -17.05 9.13
N SER B 20 -24.02 -17.33 8.88
CA SER B 20 -24.40 -18.57 8.23
C SER B 20 -24.72 -18.32 6.75
N ASP B 21 -24.27 -17.19 6.23
CA ASP B 21 -24.52 -16.85 4.84
C ASP B 21 -23.38 -17.37 3.95
N THR B 22 -23.75 -17.98 2.83
CA THR B 22 -22.75 -18.51 1.90
C THR B 22 -22.22 -17.42 1.00
N ILE B 23 -21.04 -17.64 0.42
CA ILE B 23 -20.43 -16.67 -0.47
C ILE B 23 -21.32 -16.40 -1.67
N GLU B 24 -21.86 -17.48 -2.25
CA GLU B 24 -22.74 -17.34 -3.41
C GLU B 24 -23.89 -16.39 -3.11
N ASN B 25 -24.42 -16.48 -1.89
CA ASN B 25 -25.53 -15.62 -1.49
C ASN B 25 -25.10 -14.16 -1.47
N VAL B 26 -23.88 -13.91 -0.98
CA VAL B 26 -23.34 -12.55 -0.91
C VAL B 26 -23.23 -11.95 -2.30
N LYS B 27 -22.84 -12.78 -3.28
CA LYS B 27 -22.69 -12.31 -4.65
C LYS B 27 -24.04 -11.87 -5.21
N ALA B 28 -25.09 -12.60 -4.86
CA ALA B 28 -26.42 -12.27 -5.34
C ALA B 28 -26.87 -10.90 -4.82
N LYS B 29 -26.57 -10.65 -3.55
CA LYS B 29 -26.93 -9.37 -2.93
C LYS B 29 -26.27 -8.21 -3.67
N ILE B 30 -25.03 -8.42 -4.10
CA ILE B 30 -24.30 -7.39 -4.83
C ILE B 30 -24.85 -7.23 -6.24
N GLN B 31 -25.41 -8.31 -6.78
CA GLN B 31 -25.97 -8.27 -8.12
C GLN B 31 -27.30 -7.53 -8.14
N ASP B 32 -27.92 -7.43 -6.97
CA ASP B 32 -29.20 -6.74 -6.85
C ASP B 32 -29.00 -5.27 -6.50
N LYS B 33 -27.79 -4.94 -6.04
CA LYS B 33 -27.47 -3.56 -5.67
C LYS B 33 -26.73 -2.86 -6.81
N GLU B 34 -25.82 -3.59 -7.45
CA GLU B 34 -25.05 -3.01 -8.55
C GLU B 34 -25.47 -3.65 -9.88
N GLY B 35 -25.80 -4.94 -9.83
CA GLY B 35 -26.21 -5.65 -11.03
C GLY B 35 -25.02 -6.34 -11.70
N ILE B 36 -24.08 -6.80 -10.88
CA ILE B 36 -22.89 -7.48 -11.40
C ILE B 36 -23.06 -8.99 -11.32
N PRO B 37 -23.12 -9.65 -12.44
CA PRO B 37 -23.27 -11.12 -12.53
C PRO B 37 -22.28 -11.85 -11.62
N PRO B 38 -22.77 -12.75 -10.82
CA PRO B 38 -21.91 -13.54 -9.87
C PRO B 38 -20.73 -14.19 -10.60
N ASP B 39 -20.95 -14.60 -11.84
CA ASP B 39 -19.89 -15.23 -12.62
C ASP B 39 -18.82 -14.22 -12.99
N GLN B 40 -19.10 -12.94 -12.72
CA GLN B 40 -18.15 -11.88 -13.04
C GLN B 40 -17.80 -11.09 -11.78
N GLN B 41 -17.72 -11.79 -10.66
CA GLN B 41 -17.38 -11.15 -9.40
C GLN B 41 -16.38 -11.98 -8.62
N ARG B 42 -15.34 -11.32 -8.12
CA ARG B 42 -14.30 -12.02 -7.36
C ARG B 42 -14.11 -11.38 -5.99
N LEU B 43 -14.53 -12.10 -4.95
CA LEU B 43 -14.40 -11.59 -3.59
C LEU B 43 -13.06 -12.00 -2.98
N ILE B 44 -12.48 -11.11 -2.19
CA ILE B 44 -11.20 -11.39 -1.55
C ILE B 44 -11.18 -10.86 -0.12
N PHE B 45 -10.70 -11.70 0.80
CA PHE B 45 -10.63 -11.32 2.20
C PHE B 45 -9.28 -11.69 2.80
N ALA B 46 -8.56 -10.70 3.29
CA ALA B 46 -7.25 -10.93 3.89
C ALA B 46 -6.29 -11.52 2.85
N GLY B 47 -6.52 -11.17 1.59
CA GLY B 47 -5.67 -11.67 0.51
C GLY B 47 -6.05 -13.10 0.14
N LYS B 48 -7.24 -13.51 0.53
CA LYS B 48 -7.72 -14.86 0.24
C LYS B 48 -9.00 -14.81 -0.58
N GLN B 49 -9.07 -15.64 -1.61
CA GLN B 49 -10.24 -15.69 -2.47
C GLN B 49 -11.31 -16.58 -1.86
N LEU B 50 -12.47 -15.98 -1.55
CA LEU B 50 -13.57 -16.74 -0.96
C LEU B 50 -14.24 -17.62 -2.00
N GLU B 51 -14.71 -18.78 -1.56
CA GLU B 51 -15.37 -19.71 -2.47
C GLU B 51 -16.89 -19.57 -2.37
N ASP B 52 -17.59 -20.02 -3.40
CA ASP B 52 -19.06 -19.94 -3.41
C ASP B 52 -19.66 -21.12 -2.66
N GLY B 53 -18.81 -22.04 -2.23
CA GLY B 53 -19.26 -23.22 -1.50
C GLY B 53 -18.98 -23.08 0.00
N ARG B 54 -18.43 -21.94 0.39
CA ARG B 54 -18.10 -21.69 1.78
C ARG B 54 -18.96 -20.56 2.34
N THR B 55 -18.99 -20.44 3.66
CA THR B 55 -19.78 -19.40 4.31
C THR B 55 -18.88 -18.28 4.81
N LEU B 56 -19.46 -17.31 5.50
CA LEU B 56 -18.70 -16.18 6.03
C LEU B 56 -17.95 -16.60 7.29
N SER B 57 -18.61 -17.37 8.14
CA SER B 57 -18.00 -17.82 9.39
C SER B 57 -16.81 -18.71 9.10
N ASP B 58 -16.81 -19.35 7.94
CA ASP B 58 -15.72 -20.23 7.55
C ASP B 58 -14.43 -19.44 7.36
N TYR B 59 -14.57 -18.15 7.03
CA TYR B 59 -13.41 -17.30 6.84
C TYR B 59 -13.16 -16.44 8.06
N ASN B 60 -13.98 -16.62 9.09
CA ASN B 60 -13.84 -15.85 10.31
C ASN B 60 -14.10 -14.37 10.05
N ILE B 61 -15.14 -14.09 9.27
CA ILE B 61 -15.48 -12.71 8.95
C ILE B 61 -16.43 -12.12 9.99
N GLN B 62 -15.96 -11.12 10.72
CA GLN B 62 -16.78 -10.48 11.75
C GLN B 62 -17.53 -9.29 11.18
N LYS B 63 -18.20 -8.54 12.04
CA LYS B 63 -18.95 -7.37 11.61
C LYS B 63 -18.01 -6.20 11.35
N GLU B 64 -18.45 -5.27 10.50
CA GLU B 64 -17.63 -4.11 10.17
C GLU B 64 -16.42 -4.52 9.35
N SER B 65 -16.45 -5.74 8.82
CA SER B 65 -15.35 -6.24 8.01
C SER B 65 -15.38 -5.63 6.61
N THR B 66 -14.23 -5.58 5.96
CA THR B 66 -14.15 -5.02 4.62
C THR B 66 -13.71 -6.08 3.61
N LEU B 67 -14.45 -6.19 2.52
CA LEU B 67 -14.12 -7.17 1.49
C LEU B 67 -13.78 -6.48 0.17
N HIS B 68 -13.00 -7.16 -0.66
CA HIS B 68 -12.60 -6.60 -1.95
C HIS B 68 -13.31 -7.32 -3.09
N LEU B 69 -13.80 -6.55 -4.05
CA LEU B 69 -14.50 -7.12 -5.19
C LEU B 69 -13.70 -6.92 -6.47
N VAL B 70 -13.51 -7.99 -7.22
CA VAL B 70 -12.75 -7.91 -8.47
C VAL B 70 -13.58 -8.44 -9.63
N LEU B 71 -13.59 -7.69 -10.73
CA LEU B 71 -14.36 -8.09 -11.91
C LEU B 71 -13.49 -8.90 -12.87
N ARG B 72 -14.09 -9.88 -13.52
CA ARG B 72 -13.36 -10.72 -14.46
C ARG B 72 -13.78 -10.41 -15.90
N LEU B 73 -13.00 -10.88 -16.86
CA LEU B 73 -13.32 -10.66 -18.26
C LEU B 73 -13.66 -11.99 -18.93
N ARG B 74 -14.10 -11.93 -20.18
CA ARG B 74 -14.46 -13.14 -20.92
C ARG B 74 -13.25 -14.05 -21.07
N GLY B 75 -12.09 -13.46 -21.33
CA GLY B 75 -10.87 -14.23 -21.49
C GLY B 75 -10.85 -14.94 -22.85
N GLY B 76 -11.68 -14.49 -23.77
CA GLY B 76 -11.75 -15.09 -25.10
C GLY B 76 -12.77 -14.36 -25.97
N ASP B 77 -12.95 -14.86 -27.19
CA ASP B 77 -13.90 -14.25 -28.11
C ASP B 77 -15.33 -14.53 -27.68
N VAL C 3 17.63 -9.82 -3.40
CA VAL C 3 18.77 -10.58 -3.98
C VAL C 3 18.72 -12.03 -3.50
N SER C 4 19.35 -12.92 -4.25
CA SER C 4 19.37 -14.34 -3.89
C SER C 4 17.97 -14.93 -4.00
N GLU C 5 17.89 -16.17 -4.47
CA GLU C 5 16.61 -16.85 -4.62
C GLU C 5 16.15 -17.42 -3.29
N SER C 6 17.10 -17.79 -2.44
CA SER C 6 16.78 -18.36 -1.14
C SER C 6 16.09 -17.32 -0.26
N GLN C 7 16.69 -16.13 -0.19
CA GLN C 7 16.13 -15.06 0.63
C GLN C 7 14.73 -14.69 0.13
N LEU C 8 14.50 -14.87 -1.16
CA LEU C 8 13.20 -14.56 -1.75
C LEU C 8 12.14 -15.55 -1.29
N LYS C 9 12.54 -16.81 -1.18
CA LYS C 9 11.62 -17.86 -0.75
C LYS C 9 11.40 -17.78 0.77
N LYS C 10 12.09 -16.86 1.42
CA LYS C 10 11.97 -16.70 2.86
C LYS C 10 10.97 -15.58 3.19
N MET C 11 11.00 -14.51 2.39
CA MET C 11 10.10 -13.39 2.61
C MET C 11 8.68 -13.75 2.21
N VAL C 12 8.56 -14.78 1.38
CA VAL C 12 7.24 -15.23 0.92
C VAL C 12 6.95 -16.64 1.42
N SER C 13 7.27 -16.88 2.70
CA SER C 13 7.04 -18.19 3.30
C SER C 13 5.60 -18.29 3.81
N LYS C 14 4.96 -17.14 3.99
CA LYS C 14 3.59 -17.12 4.48
C LYS C 14 2.61 -16.91 3.31
N TYR C 15 3.06 -17.23 2.11
CA TYR C 15 2.22 -17.07 0.93
C TYR C 15 1.62 -18.42 0.52
N LYS C 16 0.30 -18.44 0.34
CA LYS C 16 -0.38 -19.66 -0.04
C LYS C 16 0.28 -20.28 -1.28
N TYR C 17 0.69 -19.43 -2.20
CA TYR C 17 1.33 -19.89 -3.43
C TYR C 17 2.76 -19.34 -3.54
N ARG C 18 3.65 -19.87 -2.72
CA ARG C 18 5.04 -19.42 -2.74
C ARG C 18 5.66 -19.64 -4.12
N ASP C 19 5.98 -20.89 -4.42
CA ASP C 19 6.58 -21.22 -5.71
C ASP C 19 6.14 -20.21 -6.77
N LEU C 20 4.91 -20.36 -7.26
CA LEU C 20 4.39 -19.45 -8.27
C LEU C 20 4.94 -18.05 -8.08
N THR C 21 4.54 -17.41 -6.98
CA THR C 21 5.00 -16.06 -6.68
C THR C 21 6.50 -15.93 -6.96
N VAL C 22 7.30 -16.73 -6.26
CA VAL C 22 8.74 -16.70 -6.44
C VAL C 22 9.10 -16.68 -7.92
N ARG C 23 8.85 -17.80 -8.60
CA ARG C 23 9.15 -17.90 -10.02
C ARG C 23 8.82 -16.59 -10.73
N GLU C 24 7.56 -16.18 -10.65
CA GLU C 24 7.13 -14.94 -11.29
C GLU C 24 8.07 -13.81 -10.92
N THR C 25 8.31 -13.64 -9.62
CA THR C 25 9.19 -12.57 -9.14
C THR C 25 10.57 -12.69 -9.80
N VAL C 26 11.13 -13.89 -9.78
CA VAL C 26 12.44 -14.12 -10.38
C VAL C 26 12.43 -13.74 -11.86
N ASN C 27 11.32 -14.00 -12.52
CA ASN C 27 11.19 -13.68 -13.93
C ASN C 27 11.09 -12.17 -14.14
N VAL C 28 10.71 -11.46 -13.08
CA VAL C 28 10.58 -10.01 -13.16
C VAL C 28 11.92 -9.33 -12.95
N ILE C 29 12.43 -9.41 -11.72
CA ILE C 29 13.71 -8.81 -11.39
C ILE C 29 14.78 -9.21 -12.40
N THR C 30 14.56 -10.34 -13.06
CA THR C 30 15.52 -10.84 -14.06
C THR C 30 15.64 -9.85 -15.21
N LEU C 31 14.51 -9.41 -15.74
CA LEU C 31 14.51 -8.47 -16.86
C LEU C 31 14.70 -7.05 -16.34
N TYR C 32 14.10 -6.74 -15.20
CA TYR C 32 14.21 -5.41 -14.62
C TYR C 32 15.02 -5.46 -13.32
N LYS C 33 16.33 -5.33 -13.44
CA LYS C 33 17.21 -5.35 -12.27
C LYS C 33 16.94 -4.14 -11.38
N ASP C 34 16.28 -3.13 -11.94
CA ASP C 34 15.96 -1.93 -11.19
C ASP C 34 14.85 -2.20 -10.17
N LEU C 35 14.37 -3.44 -10.16
CA LEU C 35 13.31 -3.81 -9.23
C LEU C 35 13.81 -4.86 -8.24
N LYS C 36 13.57 -4.61 -6.95
CA LYS C 36 14.01 -5.54 -5.92
C LYS C 36 12.87 -5.82 -4.93
N PRO C 37 12.72 -7.05 -4.54
CA PRO C 37 11.66 -7.47 -3.58
C PRO C 37 11.96 -7.02 -2.16
N VAL C 38 10.90 -6.70 -1.41
CA VAL C 38 11.07 -6.25 -0.02
C VAL C 38 9.86 -6.65 0.81
N LEU C 39 10.10 -6.99 2.08
CA LEU C 39 9.02 -7.39 2.97
C LEU C 39 8.69 -6.26 3.94
N ASP C 40 7.48 -5.72 3.80
CA ASP C 40 7.05 -4.63 4.67
C ASP C 40 5.57 -4.81 5.05
N SER C 41 5.15 -4.08 6.08
CA SER C 41 3.76 -4.17 6.54
C SER C 41 2.88 -3.19 5.76
N TYR C 42 1.77 -3.70 5.24
CA TYR C 42 0.85 -2.87 4.47
C TYR C 42 -0.42 -2.60 5.28
N VAL C 43 -0.54 -1.38 5.81
CA VAL C 43 -1.71 -1.02 6.60
C VAL C 43 -2.82 -0.50 5.68
N PHE C 44 -3.86 -1.31 5.51
CA PHE C 44 -4.98 -0.93 4.66
C PHE C 44 -5.65 0.33 5.19
N ASN C 45 -6.64 0.83 4.46
CA ASN C 45 -7.36 2.03 4.87
C ASN C 45 -8.17 1.77 6.13
N ASP C 46 -8.63 0.53 6.28
CA ASP C 46 -9.43 0.16 7.44
C ASP C 46 -8.58 0.19 8.70
N GLY C 47 -7.26 0.35 8.53
CA GLY C 47 -6.35 0.39 9.65
C GLY C 47 -5.59 -0.92 9.79
N SER C 48 -6.25 -2.02 9.42
CA SER C 48 -5.63 -3.33 9.50
C SER C 48 -4.26 -3.33 8.85
N SER C 49 -3.41 -4.29 9.21
CA SER C 49 -2.07 -4.37 8.65
C SER C 49 -1.74 -5.81 8.29
N ARG C 50 -0.82 -5.98 7.34
CA ARG C 50 -0.41 -7.31 6.90
C ARG C 50 0.95 -7.25 6.22
N GLU C 51 1.82 -8.20 6.56
CA GLU C 51 3.16 -8.25 5.97
C GLU C 51 3.11 -8.87 4.57
N LEU C 52 3.24 -8.02 3.56
CA LEU C 52 3.22 -8.49 2.18
C LEU C 52 4.54 -8.15 1.48
N MET C 53 4.83 -8.87 0.40
CA MET C 53 6.06 -8.64 -0.35
C MET C 53 5.77 -7.82 -1.61
N ASN C 54 6.38 -6.64 -1.70
CA ASN C 54 6.19 -5.78 -2.85
C ASN C 54 7.49 -5.61 -3.63
N LEU C 55 7.39 -5.13 -4.86
CA LEU C 55 8.57 -4.92 -5.69
C LEU C 55 8.84 -3.43 -5.88
N THR C 56 9.76 -2.90 -5.08
CA THR C 56 10.11 -1.48 -5.17
C THR C 56 11.28 -1.27 -6.12
N GLY C 57 11.27 -0.14 -6.82
CA GLY C 57 12.34 0.16 -7.76
C GLY C 57 11.86 1.14 -8.83
N THR C 58 12.45 1.05 -10.02
CA THR C 58 12.07 1.92 -11.12
C THR C 58 12.05 1.16 -12.43
N ILE C 59 11.21 1.59 -13.36
CA ILE C 59 11.10 0.94 -14.66
C ILE C 59 11.39 1.92 -15.78
N PRO C 60 12.09 1.49 -16.79
CA PRO C 60 12.46 2.34 -17.96
C PRO C 60 11.25 2.64 -18.85
N VAL C 61 10.98 3.92 -19.07
CA VAL C 61 9.86 4.31 -19.91
C VAL C 61 10.27 5.43 -20.87
N PRO C 62 10.78 5.06 -22.01
CA PRO C 62 11.22 6.04 -23.05
C PRO C 62 10.15 7.07 -23.37
N TYR C 63 10.54 8.34 -23.39
CA TYR C 63 9.59 9.42 -23.70
C TYR C 63 10.33 10.60 -24.32
N ARG C 64 9.92 10.97 -25.53
CA ARG C 64 10.54 12.10 -26.22
C ARG C 64 12.03 11.83 -26.43
N GLY C 65 12.40 10.56 -26.55
CA GLY C 65 13.79 10.19 -26.76
C GLY C 65 14.52 10.09 -25.43
N ASN C 66 13.87 10.54 -24.35
CA ASN C 66 14.47 10.49 -23.02
C ASN C 66 13.92 9.32 -22.23
N THR C 67 14.78 8.69 -21.44
CA THR C 67 14.36 7.54 -20.64
C THR C 67 14.10 7.97 -19.19
N TYR C 68 12.86 7.79 -18.73
CA TYR C 68 12.50 8.17 -17.38
C TYR C 68 12.34 6.92 -16.51
N ASN C 69 13.04 6.89 -15.38
CA ASN C 69 12.96 5.76 -14.47
C ASN C 69 11.86 5.98 -13.43
N ILE C 70 10.62 5.82 -13.87
CA ILE C 70 9.48 6.01 -12.97
C ILE C 70 9.48 4.96 -11.86
N PRO C 71 9.51 5.39 -10.63
CA PRO C 71 9.50 4.49 -9.45
C PRO C 71 8.10 3.95 -9.14
N ILE C 72 7.99 2.64 -8.97
CA ILE C 72 6.71 2.02 -8.66
C ILE C 72 6.83 1.09 -7.47
N CYS C 73 5.69 0.63 -6.96
CA CYS C 73 5.69 -0.27 -5.81
C CYS C 73 4.53 -1.26 -5.91
N LEU C 74 4.83 -2.44 -6.43
CA LEU C 74 3.80 -3.47 -6.58
C LEU C 74 3.65 -4.28 -5.29
N TRP C 75 2.42 -4.37 -4.79
CA TRP C 75 2.17 -5.11 -3.56
C TRP C 75 1.47 -6.44 -3.87
N LEU C 76 1.96 -7.51 -3.28
CA LEU C 76 1.38 -8.84 -3.50
C LEU C 76 0.69 -9.33 -2.23
N LEU C 77 -0.55 -9.78 -2.37
CA LEU C 77 -1.30 -10.28 -1.23
C LEU C 77 -1.08 -11.78 -1.06
N ASP C 78 -1.04 -12.24 0.19
CA ASP C 78 -0.84 -13.65 0.47
C ASP C 78 -1.21 -14.50 -0.74
N THR C 79 -2.09 -13.96 -1.59
CA THR C 79 -2.53 -14.67 -2.78
C THR C 79 -2.50 -13.76 -3.99
N TYR C 80 -1.31 -13.56 -4.56
CA TYR C 80 -1.16 -12.70 -5.73
C TYR C 80 -1.15 -13.52 -7.00
N PRO C 81 -1.25 -14.83 -6.88
CA PRO C 81 -1.24 -15.76 -8.04
C PRO C 81 -2.57 -15.72 -8.80
N TYR C 82 -3.58 -15.12 -8.20
CA TYR C 82 -4.89 -15.04 -8.82
C TYR C 82 -5.45 -13.62 -8.69
N ASN C 83 -4.89 -12.86 -7.76
CA ASN C 83 -5.34 -11.49 -7.54
C ASN C 83 -4.31 -10.49 -8.05
N PRO C 84 -4.77 -9.38 -8.56
CA PRO C 84 -3.87 -8.31 -9.10
C PRO C 84 -3.19 -7.51 -8.00
N PRO C 85 -1.91 -7.31 -8.12
CA PRO C 85 -1.10 -6.55 -7.12
C PRO C 85 -1.55 -5.09 -7.02
N ILE C 86 -1.17 -4.43 -5.92
CA ILE C 86 -1.55 -3.04 -5.71
C ILE C 86 -0.41 -2.12 -6.16
N CYS C 87 -0.48 -1.67 -7.41
CA CYS C 87 0.54 -0.79 -7.96
C CYS C 87 0.46 0.60 -7.31
N PHE C 88 1.53 1.37 -7.47
CA PHE C 88 1.57 2.71 -6.91
C PHE C 88 2.76 3.49 -7.47
N VAL C 89 2.51 4.74 -7.85
CA VAL C 89 3.57 5.58 -8.41
C VAL C 89 4.21 6.43 -7.32
N LYS C 90 5.34 5.95 -6.79
CA LYS C 90 6.04 6.67 -5.75
C LYS C 90 6.87 7.82 -6.33
N PRO C 91 6.27 8.97 -6.46
CA PRO C 91 6.96 10.17 -7.03
C PRO C 91 7.96 10.77 -6.05
N THR C 92 9.08 11.25 -6.57
CA THR C 92 10.11 11.85 -5.73
C THR C 92 9.85 13.34 -5.55
N SER C 93 10.69 13.99 -4.74
CA SER C 93 10.54 15.41 -4.49
C SER C 93 10.71 16.21 -5.78
N SER C 94 11.23 15.56 -6.80
CA SER C 94 11.44 16.22 -8.09
C SER C 94 10.49 15.65 -9.14
N MET C 95 9.39 15.04 -8.68
CA MET C 95 8.42 14.46 -9.60
C MET C 95 7.01 14.89 -9.21
N THR C 96 6.18 15.14 -10.23
CA THR C 96 4.80 15.57 -9.98
C THR C 96 3.83 14.65 -10.71
N ILE C 97 2.99 13.96 -9.95
CA ILE C 97 2.00 13.05 -10.52
C ILE C 97 1.08 13.80 -11.47
N LYS C 98 0.96 13.31 -12.70
CA LYS C 98 0.10 13.95 -13.69
C LYS C 98 -1.19 13.15 -13.86
N THR C 99 -1.94 13.01 -12.77
CA THR C 99 -3.20 12.28 -12.81
C THR C 99 -3.71 12.15 -14.24
N GLY C 100 -4.16 10.95 -14.60
CA GLY C 100 -4.67 10.71 -15.94
C GLY C 100 -5.74 9.62 -15.93
N LYS C 101 -5.56 8.62 -16.79
CA LYS C 101 -6.51 7.52 -16.87
C LYS C 101 -5.94 6.27 -16.19
N HIS C 102 -4.64 6.28 -15.96
CA HIS C 102 -3.97 5.15 -15.32
C HIS C 102 -3.28 5.60 -14.04
N VAL C 103 -3.58 6.82 -13.60
CA VAL C 103 -2.97 7.35 -12.39
C VAL C 103 -3.83 8.47 -11.80
N ASP C 104 -4.02 8.43 -10.49
CA ASP C 104 -4.82 9.44 -9.81
C ASP C 104 -3.94 10.42 -9.05
N ALA C 105 -4.47 10.98 -7.96
CA ALA C 105 -3.71 11.92 -7.16
C ALA C 105 -2.91 11.20 -6.08
N ASN C 106 -3.35 9.98 -5.74
CA ASN C 106 -2.68 9.20 -4.73
C ASN C 106 -1.51 8.42 -5.33
N GLY C 107 -1.57 8.22 -6.65
CA GLY C 107 -0.52 7.49 -7.34
C GLY C 107 -1.05 6.16 -7.88
N LYS C 108 -2.14 5.69 -7.31
CA LYS C 108 -2.74 4.43 -7.73
C LYS C 108 -2.70 4.30 -9.25
N ILE C 109 -2.39 3.10 -9.75
CA ILE C 109 -2.31 2.87 -11.18
C ILE C 109 -3.56 2.12 -11.66
N TYR C 110 -4.07 2.53 -12.82
CA TYR C 110 -5.25 1.90 -13.38
C TYR C 110 -4.98 1.40 -14.80
N LEU C 111 -5.01 0.08 -14.98
CA LEU C 111 -4.76 -0.51 -16.29
C LEU C 111 -5.64 -1.74 -16.49
N PRO C 112 -6.17 -1.90 -17.67
CA PRO C 112 -7.05 -3.04 -18.02
C PRO C 112 -6.47 -4.38 -17.58
N TYR C 113 -5.14 -4.43 -17.49
CA TYR C 113 -4.47 -5.66 -17.08
C TYR C 113 -4.86 -6.03 -15.66
N LEU C 114 -5.13 -5.03 -14.84
CA LEU C 114 -5.51 -5.27 -13.45
C LEU C 114 -7.00 -5.60 -13.35
N HIS C 115 -7.81 -4.86 -14.11
CA HIS C 115 -9.25 -5.08 -14.10
C HIS C 115 -9.57 -6.51 -14.54
N GLU C 116 -8.85 -6.98 -15.55
CA GLU C 116 -9.07 -8.33 -16.06
C GLU C 116 -7.88 -9.23 -15.73
N TRP C 117 -7.64 -9.42 -14.43
CA TRP C 117 -6.53 -10.26 -13.98
C TRP C 117 -7.02 -11.69 -13.72
N LYS C 118 -6.21 -12.66 -14.13
CA LYS C 118 -6.58 -14.06 -13.94
C LYS C 118 -5.49 -14.79 -13.16
N HIS C 119 -4.42 -15.18 -13.86
CA HIS C 119 -3.32 -15.89 -13.24
C HIS C 119 -2.67 -16.86 -14.23
N PRO C 120 -3.48 -17.48 -15.04
CA PRO C 120 -3.00 -18.47 -16.05
C PRO C 120 -2.27 -17.78 -17.21
N GLN C 121 -2.62 -16.52 -17.46
CA GLN C 121 -2.00 -15.76 -18.53
C GLN C 121 -1.48 -14.42 -18.01
N SER C 122 -2.05 -13.95 -16.91
CA SER C 122 -1.65 -12.69 -16.32
C SER C 122 -0.50 -12.91 -15.32
N ASP C 123 0.53 -12.07 -15.41
CA ASP C 123 1.67 -12.18 -14.52
C ASP C 123 2.33 -10.82 -14.32
N LEU C 124 3.28 -10.77 -13.39
CA LEU C 124 3.99 -9.53 -13.11
C LEU C 124 4.67 -8.99 -14.37
N LEU C 125 5.51 -9.84 -14.96
CA LEU C 125 6.23 -9.44 -16.18
C LEU C 125 5.28 -8.78 -17.17
N GLY C 126 4.17 -9.47 -17.47
CA GLY C 126 3.20 -8.94 -18.41
C GLY C 126 2.61 -7.62 -17.91
N LEU C 127 2.43 -7.51 -16.60
CA LEU C 127 1.88 -6.31 -16.00
C LEU C 127 2.86 -5.14 -16.14
N ILE C 128 4.15 -5.43 -15.92
CA ILE C 128 5.17 -4.40 -16.02
C ILE C 128 5.32 -3.93 -17.46
N GLN C 129 5.40 -4.88 -18.39
CA GLN C 129 5.55 -4.55 -19.79
C GLN C 129 4.41 -3.65 -20.25
N VAL C 130 3.20 -3.97 -19.81
CA VAL C 130 2.02 -3.18 -20.18
C VAL C 130 2.09 -1.79 -19.55
N MET C 131 2.72 -1.69 -18.39
CA MET C 131 2.84 -0.41 -17.70
C MET C 131 3.80 0.51 -18.45
N ILE C 132 4.81 -0.08 -19.07
CA ILE C 132 5.79 0.70 -19.83
C ILE C 132 5.18 1.20 -21.13
N VAL C 133 4.29 0.40 -21.71
CA VAL C 133 3.64 0.78 -22.96
C VAL C 133 2.66 1.92 -22.74
N VAL C 134 1.86 1.81 -21.69
CA VAL C 134 0.88 2.85 -21.38
C VAL C 134 1.58 4.13 -20.92
N PHE C 135 2.52 3.97 -19.99
CA PHE C 135 3.25 5.12 -19.48
C PHE C 135 4.02 5.81 -20.59
N GLY C 136 4.41 5.04 -21.60
CA GLY C 136 5.15 5.59 -22.73
C GLY C 136 4.30 6.59 -23.51
N ASP C 137 3.02 6.26 -23.67
CA ASP C 137 2.11 7.14 -24.40
C ASP C 137 1.50 8.17 -23.46
N GLU C 138 1.40 7.81 -22.18
CA GLU C 138 0.84 8.72 -21.18
C GLU C 138 1.71 8.77 -19.94
N PRO C 139 2.55 9.76 -19.84
CA PRO C 139 3.47 9.93 -18.68
C PRO C 139 2.72 10.29 -17.40
N PRO C 140 2.79 9.43 -16.41
CA PRO C 140 2.11 9.65 -15.11
C PRO C 140 2.81 10.73 -14.27
N VAL C 141 4.01 11.10 -14.69
CA VAL C 141 4.76 12.12 -13.96
C VAL C 141 5.52 13.02 -14.94
N PHE C 142 6.04 14.13 -14.44
CA PHE C 142 6.79 15.06 -15.28
C PHE C 142 7.66 15.97 -14.42
N SER C 143 8.98 15.82 -14.56
CA SER C 143 9.91 16.64 -13.79
C SER C 143 9.22 17.87 -13.25
N MET A 1 -1.98 23.58 -1.63
CA MET A 1 -2.75 22.59 -2.43
C MET A 1 -3.95 22.11 -1.63
N GLN A 2 -4.85 21.37 -2.30
CA GLN A 2 -6.04 20.86 -1.62
C GLN A 2 -5.96 19.33 -1.52
N ILE A 3 -6.43 18.80 -0.39
CA ILE A 3 -6.41 17.36 -0.18
C ILE A 3 -7.77 16.86 0.31
N PHE A 4 -7.97 15.55 0.28
CA PHE A 4 -9.23 14.98 0.73
C PHE A 4 -8.98 13.95 1.83
N VAL A 5 -9.95 13.81 2.74
CA VAL A 5 -9.83 12.86 3.84
C VAL A 5 -11.13 12.09 4.02
N LYS A 6 -11.08 10.78 3.78
CA LYS A 6 -12.26 9.94 3.93
C LYS A 6 -12.31 9.33 5.32
N THR A 7 -13.51 9.08 5.82
CA THR A 7 -13.68 8.49 7.13
C THR A 7 -14.16 7.05 7.03
N LEU A 8 -14.49 6.44 8.17
CA LEU A 8 -14.96 5.07 8.19
C LEU A 8 -16.47 5.02 8.01
N THR A 9 -17.11 6.18 8.08
CA THR A 9 -18.56 6.26 7.93
C THR A 9 -18.93 6.60 6.49
N GLY A 10 -17.98 7.17 5.75
CA GLY A 10 -18.21 7.53 4.37
C GLY A 10 -18.38 9.04 4.23
N LYS A 11 -17.47 9.79 4.84
CA LYS A 11 -17.51 11.24 4.78
C LYS A 11 -16.19 11.81 4.27
N THR A 12 -16.26 12.66 3.26
CA THR A 12 -15.05 13.25 2.69
C THR A 12 -14.91 14.71 3.14
N ILE A 13 -13.71 15.08 3.58
CA ILE A 13 -13.45 16.44 4.03
C ILE A 13 -12.33 17.06 3.22
N THR A 14 -12.48 18.35 2.90
CA THR A 14 -11.46 19.05 2.12
C THR A 14 -10.65 19.98 3.02
N LEU A 15 -9.33 19.96 2.84
CA LEU A 15 -8.44 20.80 3.63
C LEU A 15 -7.38 21.44 2.75
N GLU A 16 -6.91 22.62 3.15
CA GLU A 16 -5.89 23.32 2.37
C GLU A 16 -4.59 23.40 3.16
N VAL A 17 -3.66 22.50 2.85
CA VAL A 17 -2.37 22.48 3.53
C VAL A 17 -1.24 22.79 2.56
N GLU A 18 -0.01 22.76 3.05
CA GLU A 18 1.14 23.04 2.20
C GLU A 18 2.16 21.91 2.29
N PRO A 19 2.89 21.69 1.23
CA PRO A 19 3.94 20.63 1.18
C PRO A 19 4.88 20.68 2.37
N SER A 20 4.90 21.82 3.05
CA SER A 20 5.77 21.99 4.21
C SER A 20 4.96 21.87 5.50
N ASP A 21 3.78 21.29 5.40
CA ASP A 21 2.92 21.10 6.57
C ASP A 21 3.19 19.76 7.23
N THR A 22 3.31 19.78 8.55
CA THR A 22 3.57 18.55 9.30
C THR A 22 2.27 17.78 9.53
N ILE A 23 2.40 16.48 9.80
CA ILE A 23 1.24 15.64 10.04
C ILE A 23 0.45 16.14 11.24
N GLU A 24 1.17 16.48 12.32
CA GLU A 24 0.52 16.97 13.52
C GLU A 24 -0.37 18.16 13.22
N ASN A 25 0.09 19.03 12.32
CA ASN A 25 -0.68 20.21 11.93
C ASN A 25 -1.96 19.80 11.22
N VAL A 26 -1.87 18.79 10.37
CA VAL A 26 -3.04 18.31 9.65
C VAL A 26 -4.10 17.78 10.61
N LYS A 27 -3.66 17.12 11.67
CA LYS A 27 -4.57 16.58 12.67
C LYS A 27 -5.34 17.70 13.35
N ALA A 28 -4.66 18.80 13.62
CA ALA A 28 -5.29 19.94 14.28
C ALA A 28 -6.40 20.52 13.41
N LYS A 29 -6.13 20.61 12.11
CA LYS A 29 -7.11 21.14 11.18
C LYS A 29 -8.39 20.30 11.20
N ILE A 30 -8.22 18.99 11.33
CA ILE A 30 -9.36 18.08 11.37
C ILE A 30 -10.09 18.18 12.70
N GLN A 31 -9.36 18.56 13.74
CA GLN A 31 -9.94 18.69 15.07
C GLN A 31 -10.78 19.96 15.16
N ASP A 32 -10.52 20.90 14.25
CA ASP A 32 -11.25 22.16 14.23
C ASP A 32 -12.45 22.07 13.31
N LYS A 33 -12.45 21.05 12.44
CA LYS A 33 -13.55 20.86 11.50
C LYS A 33 -14.54 19.83 12.04
N GLU A 34 -14.01 18.76 12.62
CA GLU A 34 -14.85 17.70 13.17
C GLU A 34 -14.80 17.71 14.69
N GLY A 35 -13.63 18.04 15.24
CA GLY A 35 -13.46 18.06 16.69
C GLY A 35 -12.94 16.74 17.21
N ILE A 36 -12.11 16.07 16.41
CA ILE A 36 -11.55 14.79 16.80
C ILE A 36 -10.14 14.97 17.36
N PRO A 37 -9.96 14.69 18.62
CA PRO A 37 -8.64 14.81 19.31
C PRO A 37 -7.52 14.12 18.52
N PRO A 38 -6.45 14.83 18.28
CA PRO A 38 -5.28 14.29 17.54
C PRO A 38 -4.82 12.93 18.09
N ASP A 39 -4.91 12.78 19.40
CA ASP A 39 -4.50 11.53 20.04
C ASP A 39 -5.46 10.40 19.68
N GLN A 40 -6.58 10.75 19.04
CA GLN A 40 -7.56 9.76 18.64
C GLN A 40 -7.78 9.79 17.14
N GLN A 41 -6.72 10.05 16.39
CA GLN A 41 -6.80 10.11 14.94
C GLN A 41 -5.64 9.36 14.30
N ARG A 42 -5.94 8.52 13.32
CA ARG A 42 -4.91 7.75 12.63
C ARG A 42 -4.97 7.99 11.13
N LEU A 43 -3.97 8.69 10.60
CA LEU A 43 -3.92 8.98 9.18
C LEU A 43 -3.17 7.88 8.43
N ILE A 44 -3.63 7.55 7.23
CA ILE A 44 -3.00 6.51 6.43
C ILE A 44 -2.95 6.92 4.97
N PHE A 45 -1.79 6.74 4.35
CA PHE A 45 -1.62 7.10 2.94
C PHE A 45 -0.91 5.97 2.18
N ALA A 46 -1.56 5.44 1.17
CA ALA A 46 -0.97 4.36 0.37
C ALA A 46 -0.71 3.14 1.25
N GLY A 47 -1.52 2.97 2.29
CA GLY A 47 -1.36 1.84 3.19
C GLY A 47 -0.22 2.08 4.17
N LYS A 48 0.17 3.35 4.32
CA LYS A 48 1.25 3.71 5.23
C LYS A 48 0.76 4.69 6.29
N GLN A 49 1.14 4.44 7.54
CA GLN A 49 0.73 5.32 8.64
C GLN A 49 1.67 6.52 8.73
N LEU A 50 1.09 7.71 8.54
CA LEU A 50 1.89 8.94 8.61
C LEU A 50 2.24 9.27 10.05
N GLU A 51 3.43 9.84 10.26
CA GLU A 51 3.87 10.20 11.60
C GLU A 51 3.61 11.68 11.86
N ASP A 52 3.57 12.05 13.14
CA ASP A 52 3.33 13.44 13.52
C ASP A 52 4.63 14.24 13.48
N GLY A 53 5.74 13.55 13.22
CA GLY A 53 7.03 14.21 13.15
C GLY A 53 7.49 14.37 11.70
N ARG A 54 6.63 13.97 10.77
CA ARG A 54 6.97 14.07 9.35
C ARG A 54 6.03 15.06 8.66
N THR A 55 6.41 15.47 7.46
CA THR A 55 5.60 16.43 6.70
C THR A 55 4.84 15.71 5.58
N LEU A 56 4.14 16.48 4.75
CA LEU A 56 3.39 15.91 3.65
C LEU A 56 4.31 15.56 2.48
N SER A 57 5.27 16.45 2.22
CA SER A 57 6.21 16.23 1.13
C SER A 57 7.07 15.01 1.40
N ASP A 58 7.21 14.66 2.68
CA ASP A 58 8.01 13.50 3.06
C ASP A 58 7.36 12.21 2.57
N TYR A 59 6.05 12.25 2.39
CA TYR A 59 5.31 11.08 1.93
C TYR A 59 5.01 11.20 0.44
N ASN A 60 5.44 12.30 -0.17
CA ASN A 60 5.21 12.52 -1.59
C ASN A 60 3.72 12.73 -1.87
N ILE A 61 3.06 13.43 -0.97
CA ILE A 61 1.62 13.69 -1.13
C ILE A 61 1.39 14.89 -2.03
N GLN A 62 0.82 14.64 -3.21
CA GLN A 62 0.55 15.71 -4.16
C GLN A 62 -0.84 16.30 -3.91
N ARG A 63 -1.33 17.09 -4.87
CA ARG A 63 -2.63 17.70 -4.74
C ARG A 63 -3.73 16.70 -5.12
N GLU A 64 -4.95 17.00 -4.70
CA GLU A 64 -6.07 16.12 -5.00
C GLU A 64 -5.83 14.72 -4.43
N SER A 65 -4.98 14.65 -3.41
CA SER A 65 -4.66 13.37 -2.79
C SER A 65 -5.73 12.97 -1.78
N THR A 66 -5.93 11.68 -1.60
CA THR A 66 -6.92 11.19 -0.66
C THR A 66 -6.26 10.48 0.52
N LEU A 67 -6.67 10.83 1.73
CA LEU A 67 -6.10 10.23 2.93
C LEU A 67 -7.18 9.51 3.73
N HIS A 68 -6.77 8.51 4.50
CA HIS A 68 -7.72 7.75 5.32
C HIS A 68 -7.56 8.10 6.79
N LEU A 69 -8.67 8.28 7.48
CA LEU A 69 -8.64 8.60 8.90
C LEU A 69 -9.21 7.47 9.73
N VAL A 70 -8.47 7.05 10.76
CA VAL A 70 -8.92 5.98 11.63
C VAL A 70 -8.98 6.44 13.08
N LEU A 71 -10.06 6.08 13.76
CA LEU A 71 -10.22 6.47 15.16
C LEU A 71 -9.75 5.35 16.08
N ARG A 72 -9.15 5.73 17.21
CA ARG A 72 -8.67 4.75 18.18
C ARG A 72 -9.58 4.68 19.39
N LEU A 73 -9.52 3.56 20.13
CA LEU A 73 -10.36 3.37 21.32
C LEU A 73 -10.31 1.93 21.80
N ARG A 74 -9.99 1.75 23.08
CA ARG A 74 -9.94 0.42 23.68
C ARG A 74 -9.20 -0.56 22.75
N GLY A 75 -9.55 -1.85 22.83
CA GLY A 75 -8.90 -2.84 21.99
C GLY A 75 -7.58 -3.32 22.60
N GLY A 76 -7.29 -2.88 23.82
CA GLY A 76 -6.06 -3.28 24.49
C GLY A 76 -5.40 -2.08 25.17
N MET B 1 0.31 -0.99 28.16
CA MET B 1 -0.35 -1.54 26.94
C MET B 1 0.42 -2.77 26.46
N GLN B 2 -0.17 -3.50 25.51
CA GLN B 2 0.47 -4.69 24.97
C GLN B 2 0.89 -4.48 23.52
N ILE B 3 2.05 -5.01 23.16
CA ILE B 3 2.54 -4.86 21.79
C ILE B 3 2.99 -6.21 21.23
N PHE B 4 3.21 -6.26 19.93
CA PHE B 4 3.65 -7.49 19.28
C PHE B 4 4.95 -7.27 18.52
N VAL B 5 5.77 -8.32 18.43
CA VAL B 5 7.04 -8.22 17.73
C VAL B 5 7.26 -9.46 16.85
N LYS B 6 7.27 -9.23 15.53
CA LYS B 6 7.48 -10.32 14.59
C LYS B 6 8.96 -10.47 14.24
N THR B 7 9.38 -11.69 13.93
CA THR B 7 10.77 -11.94 13.59
C THR B 7 10.91 -12.25 12.11
N LEU B 8 12.11 -12.65 11.70
CA LEU B 8 12.36 -12.97 10.30
C LEU B 8 12.06 -14.44 10.03
N THR B 9 11.83 -15.20 11.08
CA THR B 9 11.53 -16.62 10.95
C THR B 9 10.03 -16.85 10.95
N GLY B 10 9.28 -15.89 11.49
CA GLY B 10 7.84 -16.00 11.56
C GLY B 10 7.38 -16.30 12.98
N LYS B 11 7.92 -15.56 13.95
CA LYS B 11 7.56 -15.76 15.34
C LYS B 11 7.09 -14.45 15.96
N THR B 12 5.91 -14.48 16.58
CA THR B 12 5.36 -13.30 17.21
C THR B 12 5.51 -13.36 18.73
N ILE B 13 6.01 -12.28 19.31
CA ILE B 13 6.19 -12.23 20.76
C ILE B 13 5.38 -11.09 21.36
N THR B 14 4.78 -11.35 22.53
CA THR B 14 3.97 -10.33 23.20
C THR B 14 4.71 -9.75 24.40
N LEU B 15 4.70 -8.42 24.49
CA LEU B 15 5.37 -7.74 25.60
C LEU B 15 4.47 -6.66 26.18
N GLU B 16 4.70 -6.33 27.45
CA GLU B 16 3.90 -5.31 28.11
C GLU B 16 4.77 -4.12 28.51
N VAL B 17 4.73 -3.07 27.71
CA VAL B 17 5.53 -1.88 27.99
C VAL B 17 4.62 -0.68 28.25
N GLU B 18 5.21 0.48 28.47
CA GLU B 18 4.44 1.69 28.74
C GLU B 18 4.85 2.82 27.79
N PRO B 19 3.93 3.69 27.48
CA PRO B 19 4.19 4.83 26.55
C PRO B 19 5.43 5.63 26.96
N SER B 20 5.87 5.44 28.20
CA SER B 20 7.05 6.14 28.69
C SER B 20 8.26 5.21 28.71
N ASP B 21 8.16 4.12 27.97
CA ASP B 21 9.25 3.15 27.91
C ASP B 21 10.20 3.49 26.76
N THR B 22 11.50 3.44 27.04
CA THR B 22 12.50 3.74 26.02
C THR B 22 12.75 2.52 25.13
N ILE B 23 13.29 2.76 23.94
CA ILE B 23 13.58 1.67 23.01
C ILE B 23 14.57 0.70 23.63
N GLU B 24 15.62 1.25 24.25
CA GLU B 24 16.64 0.42 24.88
C GLU B 24 16.02 -0.56 25.86
N ASN B 25 15.01 -0.09 26.59
CA ASN B 25 14.34 -0.93 27.58
C ASN B 25 13.61 -2.08 26.88
N VAL B 26 12.99 -1.78 25.75
CA VAL B 26 12.26 -2.79 24.99
C VAL B 26 13.20 -3.90 24.52
N LYS B 27 14.42 -3.51 24.14
CA LYS B 27 15.40 -4.47 23.67
C LYS B 27 15.79 -5.44 24.80
N ALA B 28 15.89 -4.90 26.01
CA ALA B 28 16.25 -5.73 27.16
C ALA B 28 15.17 -6.79 27.41
N LYS B 29 13.91 -6.39 27.31
CA LYS B 29 12.81 -7.30 27.52
C LYS B 29 12.87 -8.47 26.54
N ILE B 30 13.28 -8.17 25.30
CA ILE B 30 13.38 -9.20 24.28
C ILE B 30 14.59 -10.10 24.53
N GLN B 31 15.61 -9.54 25.20
CA GLN B 31 16.82 -10.29 25.49
C GLN B 31 16.57 -11.26 26.64
N ASP B 32 15.53 -11.00 27.42
CA ASP B 32 15.19 -11.85 28.55
C ASP B 32 14.19 -12.92 28.13
N LYS B 33 13.55 -12.71 26.98
CA LYS B 33 12.57 -13.66 26.49
C LYS B 33 13.20 -14.58 25.45
N GLU B 34 14.04 -14.02 24.59
CA GLU B 34 14.70 -14.80 23.55
C GLU B 34 16.19 -14.93 23.84
N GLY B 35 16.77 -13.87 24.41
CA GLY B 35 18.19 -13.88 24.74
C GLY B 35 19.01 -13.29 23.61
N ILE B 36 18.45 -12.30 22.93
CA ILE B 36 19.14 -11.65 21.81
C ILE B 36 19.78 -10.35 22.28
N PRO B 37 21.09 -10.29 22.26
CA PRO B 37 21.84 -9.09 22.68
C PRO B 37 21.33 -7.81 22.01
N PRO B 38 21.06 -6.80 22.78
CA PRO B 38 20.54 -5.50 22.26
C PRO B 38 21.39 -4.96 21.11
N ASP B 39 22.70 -5.20 21.20
CA ASP B 39 23.61 -4.73 20.15
C ASP B 39 23.40 -5.51 18.86
N GLN B 40 22.60 -6.57 18.94
CA GLN B 40 22.32 -7.40 17.78
C GLN B 40 20.83 -7.44 17.49
N GLN B 41 20.14 -6.32 17.74
CA GLN B 41 18.71 -6.25 17.52
C GLN B 41 18.34 -4.95 16.82
N ARG B 42 17.53 -5.04 15.78
CA ARG B 42 17.11 -3.85 15.03
C ARG B 42 15.59 -3.76 14.98
N LEU B 43 15.03 -2.79 15.69
CA LEU B 43 13.58 -2.61 15.70
C LEU B 43 13.15 -1.65 14.59
N ILE B 44 12.00 -1.94 13.98
CA ILE B 44 11.49 -1.11 12.91
C ILE B 44 9.98 -0.93 13.04
N PHE B 45 9.52 0.31 12.89
CA PHE B 45 8.09 0.60 12.99
C PHE B 45 7.66 1.52 11.85
N ALA B 46 6.70 1.05 11.06
CA ALA B 46 6.21 1.83 9.94
C ALA B 46 7.32 2.13 8.94
N GLY B 47 8.30 1.22 8.88
CA GLY B 47 9.42 1.39 7.97
C GLY B 47 10.43 2.38 8.53
N LYS B 48 10.36 2.61 9.84
CA LYS B 48 11.28 3.53 10.49
C LYS B 48 12.07 2.83 11.59
N GLN B 49 13.37 3.08 11.63
CA GLN B 49 14.23 2.45 12.63
C GLN B 49 14.16 3.23 13.95
N LEU B 50 13.70 2.56 15.00
CA LEU B 50 13.59 3.20 16.31
C LEU B 50 14.96 3.34 16.94
N GLU B 51 15.16 4.43 17.69
CA GLU B 51 16.43 4.67 18.35
C GLU B 51 16.37 4.23 19.81
N ASP B 52 17.54 3.99 20.40
CA ASP B 52 17.61 3.57 21.79
C ASP B 52 17.54 4.76 22.73
N GLY B 53 17.52 5.96 22.15
CA GLY B 53 17.44 7.18 22.94
C GLY B 53 16.05 7.78 22.89
N ARG B 54 15.13 7.09 22.21
CA ARG B 54 13.77 7.57 22.09
C ARG B 54 12.80 6.63 22.81
N THR B 55 11.59 7.10 23.05
CA THR B 55 10.58 6.28 23.72
C THR B 55 9.56 5.75 22.72
N LEU B 56 8.53 5.07 23.22
CA LEU B 56 7.50 4.52 22.36
C LEU B 56 6.52 5.61 21.93
N SER B 57 6.17 6.48 22.86
CA SER B 57 5.25 7.56 22.57
C SER B 57 5.83 8.51 21.52
N ASP B 58 7.16 8.55 21.45
CA ASP B 58 7.84 9.42 20.49
C ASP B 58 7.55 8.96 19.07
N TYR B 59 7.25 7.67 18.91
CA TYR B 59 6.96 7.12 17.60
C TYR B 59 5.46 6.96 17.41
N ASN B 60 4.69 7.38 18.41
CA ASN B 60 3.24 7.28 18.33
C ASN B 60 2.81 5.82 18.25
N ILE B 61 3.41 4.98 19.09
CA ILE B 61 3.09 3.55 19.10
C ILE B 61 1.97 3.27 20.09
N GLN B 62 0.83 2.83 19.57
CA GLN B 62 -0.32 2.52 20.42
C GLN B 62 -0.31 1.04 20.82
N LYS B 63 -1.37 0.61 21.49
CA LYS B 63 -1.48 -0.78 21.91
C LYS B 63 -1.87 -1.67 20.74
N GLU B 64 -1.51 -2.95 20.83
CA GLU B 64 -1.83 -3.89 19.77
C GLU B 64 -0.99 -3.60 18.52
N SER B 65 0.04 -2.77 18.69
CA SER B 65 0.91 -2.42 17.58
C SER B 65 1.87 -3.57 17.27
N THR B 66 2.34 -3.62 16.03
CA THR B 66 3.27 -4.66 15.62
C THR B 66 4.62 -4.06 15.24
N LEU B 67 5.69 -4.64 15.77
CA LEU B 67 7.04 -4.15 15.47
C LEU B 67 7.86 -5.24 14.80
N HIS B 68 8.85 -4.82 13.99
CA HIS B 68 9.70 -5.77 13.30
C HIS B 68 11.08 -5.81 13.93
N LEU B 69 11.62 -7.02 14.09
CA LEU B 69 12.93 -7.18 14.70
C LEU B 69 13.93 -7.73 13.67
N VAL B 70 15.07 -7.06 13.55
CA VAL B 70 16.09 -7.48 12.59
C VAL B 70 17.40 -7.77 13.32
N LEU B 71 18.01 -8.91 13.00
CA LEU B 71 19.27 -9.28 13.63
C LEU B 71 20.45 -8.84 12.76
N ARG B 72 21.48 -8.29 13.40
CA ARG B 72 22.66 -7.84 12.69
C ARG B 72 23.74 -8.92 12.67
N LEU B 73 24.73 -8.75 11.80
CA LEU B 73 25.82 -9.73 11.70
C LEU B 73 26.73 -9.61 12.92
N ARG B 74 27.31 -10.74 13.33
CA ARG B 74 28.20 -10.75 14.48
C ARG B 74 29.36 -9.78 14.26
N GLY B 75 29.69 -9.04 15.32
CA GLY B 75 30.77 -8.06 15.24
C GLY B 75 30.93 -7.31 16.55
N GLY B 76 31.87 -6.37 16.59
CA GLY B 76 32.11 -5.59 17.80
C GLY B 76 33.27 -4.62 17.60
N ASP B 77 33.64 -3.92 18.66
CA ASP B 77 34.74 -2.97 18.60
C ASP B 77 35.72 -3.21 19.73
N VAL C 3 17.63 -9.82 -3.39
CA VAL C 3 18.77 -10.58 -3.98
C VAL C 3 18.72 -12.03 -3.50
N SER C 4 19.35 -12.92 -4.25
CA SER C 4 19.37 -14.34 -3.89
C SER C 4 17.97 -14.94 -4.01
N GLU C 5 17.89 -16.17 -4.47
CA GLU C 5 16.61 -16.85 -4.62
C GLU C 5 16.15 -17.42 -3.29
N SER C 6 17.11 -17.79 -2.44
CA SER C 6 16.78 -18.36 -1.14
C SER C 6 16.10 -17.32 -0.26
N GLN C 7 16.68 -16.12 -0.18
CA GLN C 7 16.13 -15.06 0.63
C GLN C 7 14.73 -14.69 0.13
N LEU C 8 14.50 -14.87 -1.16
CA LEU C 8 13.20 -14.56 -1.75
C LEU C 8 12.14 -15.54 -1.29
N LYS C 9 12.54 -16.81 -1.18
CA LYS C 9 11.62 -17.86 -0.75
C LYS C 9 11.40 -17.78 0.77
N LYS C 10 12.09 -16.86 1.42
CA LYS C 10 11.97 -16.70 2.86
C LYS C 10 10.97 -15.58 3.19
N MET C 11 11.01 -14.52 2.40
CA MET C 11 10.10 -13.39 2.61
C MET C 11 8.68 -13.75 2.21
N VAL C 12 8.56 -14.78 1.38
CA VAL C 12 7.24 -15.22 0.92
C VAL C 12 6.95 -16.63 1.43
N SER C 13 7.28 -16.88 2.69
CA SER C 13 7.04 -18.19 3.30
C SER C 13 5.60 -18.29 3.81
N LYS C 14 4.96 -17.14 3.99
CA LYS C 14 3.59 -17.12 4.48
C LYS C 14 2.61 -16.91 3.31
N TYR C 15 3.06 -17.23 2.11
CA TYR C 15 2.22 -17.08 0.93
C TYR C 15 1.62 -18.42 0.52
N LYS C 16 0.30 -18.44 0.34
CA LYS C 16 -0.38 -19.66 -0.04
C LYS C 16 0.28 -20.28 -1.28
N TYR C 17 0.68 -19.42 -2.21
CA TYR C 17 1.33 -19.89 -3.43
C TYR C 17 2.75 -19.34 -3.54
N ARG C 18 3.65 -19.87 -2.72
CA ARG C 18 5.03 -19.43 -2.73
C ARG C 18 5.66 -19.64 -4.10
N ASP C 19 5.98 -20.89 -4.42
CA ASP C 19 6.58 -21.22 -5.71
C ASP C 19 6.14 -20.21 -6.77
N LEU C 20 4.91 -20.36 -7.26
CA LEU C 20 4.39 -19.45 -8.27
C LEU C 20 4.94 -18.05 -8.08
N THR C 21 4.54 -17.41 -6.98
CA THR C 21 5.00 -16.06 -6.68
C THR C 21 6.50 -15.93 -6.97
N VAL C 22 7.30 -16.73 -6.26
CA VAL C 22 8.74 -16.70 -6.44
C VAL C 22 9.10 -16.68 -7.92
N ARG C 23 8.85 -17.80 -8.60
CA ARG C 23 9.15 -17.90 -10.02
C ARG C 23 8.82 -16.59 -10.73
N GLU C 24 7.56 -16.18 -10.65
CA GLU C 24 7.13 -14.94 -11.29
C GLU C 24 8.07 -13.80 -10.92
N THR C 25 8.32 -13.64 -9.62
CA THR C 25 9.19 -12.58 -9.15
C THR C 25 10.56 -12.69 -9.81
N VAL C 26 11.13 -13.89 -9.78
CA VAL C 26 12.44 -14.12 -10.38
C VAL C 26 12.43 -13.74 -11.86
N ASN C 27 11.31 -14.00 -12.53
CA ASN C 27 11.19 -13.67 -13.94
C ASN C 27 11.09 -12.17 -14.14
N VAL C 28 10.71 -11.45 -13.09
CA VAL C 28 10.57 -10.00 -13.17
C VAL C 28 11.92 -9.33 -12.95
N ILE C 29 12.43 -9.41 -11.72
CA ILE C 29 13.72 -8.80 -11.40
C ILE C 29 14.78 -9.21 -12.40
N THR C 30 14.56 -10.34 -13.06
CA THR C 30 15.52 -10.84 -14.06
C THR C 30 15.65 -9.86 -15.21
N LEU C 31 14.51 -9.41 -15.74
CA LEU C 31 14.51 -8.47 -16.85
C LEU C 31 14.70 -7.04 -16.35
N TYR C 32 14.10 -6.74 -15.19
CA TYR C 32 14.21 -5.41 -14.61
C TYR C 32 15.02 -5.45 -13.32
N LYS C 33 16.33 -5.33 -13.44
CA LYS C 33 17.21 -5.35 -12.27
C LYS C 33 16.94 -4.14 -11.38
N ASP C 34 16.28 -3.13 -11.94
CA ASP C 34 15.96 -1.92 -11.19
C ASP C 34 14.85 -2.20 -10.17
N LEU C 35 14.37 -3.44 -10.16
CA LEU C 35 13.31 -3.81 -9.23
C LEU C 35 13.81 -4.86 -8.24
N LYS C 36 13.57 -4.61 -6.95
CA LYS C 36 14.01 -5.54 -5.92
C LYS C 36 12.87 -5.82 -4.93
N PRO C 37 12.72 -7.05 -4.54
CA PRO C 37 11.66 -7.47 -3.58
C PRO C 37 11.96 -7.02 -2.16
N VAL C 38 10.90 -6.70 -1.41
CA VAL C 38 11.07 -6.25 -0.03
C VAL C 38 9.86 -6.65 0.81
N LEU C 39 10.10 -6.99 2.08
CA LEU C 39 9.02 -7.39 2.97
C LEU C 39 8.69 -6.26 3.94
N ASP C 40 7.48 -5.72 3.80
CA ASP C 40 7.04 -4.63 4.68
C ASP C 40 5.57 -4.81 5.05
N SER C 41 5.15 -4.08 6.08
CA SER C 41 3.76 -4.17 6.54
C SER C 41 2.88 -3.19 5.76
N TYR C 42 1.77 -3.70 5.24
CA TYR C 42 0.85 -2.87 4.47
C TYR C 42 -0.42 -2.60 5.28
N VAL C 43 -0.53 -1.38 5.81
CA VAL C 43 -1.71 -1.02 6.60
C VAL C 43 -2.82 -0.50 5.68
N PHE C 44 -3.85 -1.32 5.51
CA PHE C 44 -4.98 -0.93 4.66
C PHE C 44 -5.65 0.33 5.19
N ASN C 45 -6.63 0.83 4.46
CA ASN C 45 -7.35 2.03 4.87
C ASN C 45 -8.16 1.77 6.13
N ASP C 46 -8.64 0.53 6.27
CA ASP C 46 -9.43 0.16 7.44
C ASP C 46 -8.58 0.19 8.70
N GLY C 47 -7.27 0.35 8.51
CA GLY C 47 -6.36 0.39 9.65
C GLY C 47 -5.59 -0.92 9.79
N SER C 48 -6.25 -2.02 9.42
CA SER C 48 -5.63 -3.33 9.50
C SER C 48 -4.26 -3.33 8.85
N SER C 49 -3.41 -4.29 9.21
CA SER C 49 -2.07 -4.37 8.65
C SER C 49 -1.73 -5.81 8.28
N ARG C 50 -0.82 -5.97 7.34
CA ARG C 50 -0.41 -7.30 6.89
C ARG C 50 0.95 -7.25 6.22
N GLU C 51 1.82 -8.20 6.56
CA GLU C 51 3.15 -8.25 5.97
C GLU C 51 3.11 -8.87 4.57
N LEU C 52 3.25 -8.01 3.56
CA LEU C 52 3.23 -8.49 2.18
C LEU C 52 4.54 -8.16 1.48
N MET C 53 4.83 -8.87 0.39
CA MET C 53 6.06 -8.63 -0.35
C MET C 53 5.77 -7.82 -1.61
N ASN C 54 6.38 -6.64 -1.70
CA ASN C 54 6.18 -5.77 -2.85
C ASN C 54 7.49 -5.60 -3.62
N LEU C 55 7.39 -5.13 -4.86
CA LEU C 55 8.57 -4.92 -5.69
C LEU C 55 8.84 -3.43 -5.87
N THR C 56 9.76 -2.90 -5.08
CA THR C 56 10.10 -1.49 -5.16
C THR C 56 11.27 -1.27 -6.11
N GLY C 57 11.27 -0.14 -6.81
CA GLY C 57 12.34 0.16 -7.76
C GLY C 57 11.86 1.14 -8.83
N THR C 58 12.44 1.04 -10.02
CA THR C 58 12.07 1.92 -11.12
C THR C 58 12.05 1.16 -12.43
N ILE C 59 11.21 1.59 -13.36
CA ILE C 59 11.10 0.94 -14.66
C ILE C 59 11.39 1.92 -15.78
N PRO C 60 12.09 1.49 -16.79
CA PRO C 60 12.46 2.34 -17.96
C PRO C 60 11.25 2.64 -18.85
N VAL C 61 10.98 3.92 -19.07
CA VAL C 61 9.86 4.31 -19.91
C VAL C 61 10.27 5.43 -20.87
N PRO C 62 10.78 5.06 -22.01
CA PRO C 62 11.22 6.04 -23.05
C PRO C 62 10.15 7.07 -23.37
N TYR C 63 10.54 8.34 -23.39
CA TYR C 63 9.59 9.41 -23.70
C TYR C 63 10.33 10.60 -24.32
N ARG C 64 9.92 10.97 -25.53
CA ARG C 64 10.54 12.10 -26.22
C ARG C 64 12.03 11.83 -26.43
N GLY C 65 12.39 10.56 -26.56
CA GLY C 65 13.79 10.19 -26.76
C GLY C 65 14.53 10.09 -25.43
N ASN C 66 13.87 10.53 -24.36
CA ASN C 66 14.47 10.49 -23.04
C ASN C 66 13.92 9.31 -22.24
N THR C 67 14.78 8.69 -21.44
CA THR C 67 14.36 7.55 -20.63
C THR C 67 14.10 7.97 -19.19
N TYR C 68 12.87 7.80 -18.74
CA TYR C 68 12.50 8.17 -17.38
C TYR C 68 12.34 6.92 -16.51
N ASN C 69 13.05 6.90 -15.38
CA ASN C 69 12.97 5.75 -14.47
C ASN C 69 11.87 5.99 -13.44
N ILE C 70 10.62 5.82 -13.87
CA ILE C 70 9.48 6.01 -12.97
C ILE C 70 9.48 4.96 -11.86
N PRO C 71 9.51 5.39 -10.63
CA PRO C 71 9.50 4.49 -9.45
C PRO C 71 8.11 3.96 -9.13
N ILE C 72 7.99 2.64 -8.97
CA ILE C 72 6.71 2.03 -8.66
C ILE C 72 6.83 1.10 -7.46
N CYS C 73 5.69 0.63 -6.96
CA CYS C 73 5.69 -0.27 -5.81
C CYS C 73 4.53 -1.26 -5.91
N LEU C 74 4.82 -2.45 -6.42
CA LEU C 74 3.81 -3.48 -6.58
C LEU C 74 3.66 -4.28 -5.29
N TRP C 75 2.43 -4.37 -4.79
CA TRP C 75 2.16 -5.12 -3.56
C TRP C 75 1.47 -6.44 -3.87
N LEU C 76 1.96 -7.51 -3.28
CA LEU C 76 1.37 -8.83 -3.50
C LEU C 76 0.70 -9.34 -2.23
N LEU C 77 -0.55 -9.78 -2.37
CA LEU C 77 -1.30 -10.29 -1.22
C LEU C 77 -1.08 -11.79 -1.06
N ASP C 78 -1.03 -12.25 0.18
CA ASP C 78 -0.83 -13.66 0.46
C ASP C 78 -1.21 -14.50 -0.75
N THR C 79 -2.08 -13.96 -1.58
CA THR C 79 -2.53 -14.67 -2.78
C THR C 79 -2.51 -13.75 -3.99
N TYR C 80 -1.32 -13.55 -4.55
CA TYR C 80 -1.18 -12.68 -5.72
C TYR C 80 -1.17 -13.51 -7.00
N PRO C 81 -1.25 -14.80 -6.86
CA PRO C 81 -1.25 -15.74 -8.02
C PRO C 81 -2.56 -15.71 -8.79
N TYR C 82 -3.60 -15.13 -8.18
CA TYR C 82 -4.90 -15.04 -8.82
C TYR C 82 -5.46 -13.63 -8.68
N ASN C 83 -4.89 -12.85 -7.77
CA ASN C 83 -5.34 -11.48 -7.55
C ASN C 83 -4.31 -10.48 -8.07
N PRO C 84 -4.77 -9.37 -8.57
CA PRO C 84 -3.88 -8.30 -9.11
C PRO C 84 -3.20 -7.51 -8.00
N PRO C 85 -1.91 -7.30 -8.13
CA PRO C 85 -1.11 -6.54 -7.13
C PRO C 85 -1.55 -5.09 -7.02
N ILE C 86 -1.18 -4.44 -5.92
CA ILE C 86 -1.55 -3.04 -5.71
C ILE C 86 -0.41 -2.12 -6.16
N CYS C 87 -0.49 -1.66 -7.41
CA CYS C 87 0.54 -0.79 -7.96
C CYS C 87 0.46 0.60 -7.31
N PHE C 88 1.53 1.37 -7.47
CA PHE C 88 1.57 2.72 -6.90
C PHE C 88 2.76 3.49 -7.47
N VAL C 89 2.52 4.74 -7.85
CA VAL C 89 3.57 5.58 -8.41
C VAL C 89 4.21 6.43 -7.32
N LYS C 90 5.34 5.95 -6.79
CA LYS C 90 6.04 6.67 -5.75
C LYS C 90 6.87 7.82 -6.33
N PRO C 91 6.27 8.97 -6.46
CA PRO C 91 6.96 10.17 -7.03
C PRO C 91 7.96 10.77 -6.05
N THR C 92 9.09 11.24 -6.57
CA THR C 92 10.11 11.85 -5.73
C THR C 92 9.85 13.33 -5.55
N SER C 93 10.69 13.98 -4.75
CA SER C 93 10.54 15.41 -4.49
C SER C 93 10.70 16.21 -5.78
N SER C 94 11.23 15.56 -6.80
CA SER C 94 11.44 16.22 -8.09
C SER C 94 10.48 15.64 -9.14
N MET C 95 9.39 15.04 -8.68
CA MET C 95 8.42 14.46 -9.60
C MET C 95 7.01 14.89 -9.21
N THR C 96 6.18 15.14 -10.23
CA THR C 96 4.80 15.57 -9.98
C THR C 96 3.83 14.65 -10.71
N ILE C 97 2.99 13.96 -9.95
CA ILE C 97 2.01 13.06 -10.53
C ILE C 97 1.08 13.80 -11.47
N LYS C 98 0.96 13.31 -12.70
CA LYS C 98 0.10 13.95 -13.69
C LYS C 98 -1.19 13.15 -13.86
N THR C 99 -1.95 13.02 -12.77
CA THR C 99 -3.20 12.28 -12.81
C THR C 99 -3.71 12.16 -14.24
N GLY C 100 -4.16 10.96 -14.59
CA GLY C 100 -4.69 10.72 -15.93
C GLY C 100 -5.74 9.61 -15.92
N LYS C 101 -5.57 8.62 -16.79
CA LYS C 101 -6.51 7.52 -16.87
C LYS C 101 -5.94 6.28 -16.20
N HIS C 102 -4.63 6.29 -15.96
CA HIS C 102 -3.97 5.16 -15.32
C HIS C 102 -3.26 5.60 -14.04
N VAL C 103 -3.58 6.81 -13.59
CA VAL C 103 -2.96 7.35 -12.38
C VAL C 103 -3.83 8.47 -11.80
N ASP C 104 -4.02 8.43 -10.48
CA ASP C 104 -4.83 9.44 -9.81
C ASP C 104 -3.94 10.42 -9.05
N ALA C 105 -4.47 10.98 -7.96
CA ALA C 105 -3.71 11.92 -7.16
C ALA C 105 -2.91 11.20 -6.08
N ASN C 106 -3.35 9.98 -5.74
CA ASN C 106 -2.67 9.20 -4.72
C ASN C 106 -1.51 8.42 -5.33
N GLY C 107 -1.56 8.21 -6.64
CA GLY C 107 -0.51 7.48 -7.34
C GLY C 107 -1.04 6.15 -7.87
N LYS C 108 -2.14 5.69 -7.31
CA LYS C 108 -2.74 4.43 -7.75
C LYS C 108 -2.70 4.30 -9.26
N ILE C 109 -2.39 3.10 -9.75
CA ILE C 109 -2.31 2.87 -11.18
C ILE C 109 -3.56 2.12 -11.66
N TYR C 110 -4.07 2.53 -12.82
CA TYR C 110 -5.25 1.89 -13.39
C TYR C 110 -4.98 1.40 -14.80
N LEU C 111 -5.01 0.08 -14.98
CA LEU C 111 -4.76 -0.51 -16.29
C LEU C 111 -5.64 -1.74 -16.49
N PRO C 112 -6.17 -1.90 -17.67
CA PRO C 112 -7.06 -3.04 -18.02
C PRO C 112 -6.47 -4.38 -17.58
N TYR C 113 -5.14 -4.43 -17.49
CA TYR C 113 -4.47 -5.66 -17.08
C TYR C 113 -4.85 -6.04 -15.67
N LEU C 114 -5.12 -5.03 -14.83
CA LEU C 114 -5.51 -5.27 -13.45
C LEU C 114 -6.98 -5.60 -13.36
N HIS C 115 -7.80 -4.87 -14.11
CA HIS C 115 -9.24 -5.09 -14.10
C HIS C 115 -9.57 -6.51 -14.56
N GLU C 116 -8.82 -7.00 -15.55
CA GLU C 116 -9.03 -8.34 -16.07
C GLU C 116 -7.86 -9.25 -15.72
N TRP C 117 -7.64 -9.46 -14.43
CA TRP C 117 -6.55 -10.31 -13.98
C TRP C 117 -7.04 -11.73 -13.72
N LYS C 118 -6.24 -12.71 -14.13
CA LYS C 118 -6.61 -14.11 -13.95
C LYS C 118 -5.53 -14.86 -13.18
N HIS C 119 -4.41 -15.14 -13.86
CA HIS C 119 -3.30 -15.84 -13.22
C HIS C 119 -2.67 -16.83 -14.20
N PRO C 120 -3.48 -17.44 -15.03
CA PRO C 120 -3.00 -18.42 -16.03
C PRO C 120 -2.27 -17.75 -17.19
N GLN C 121 -2.63 -16.50 -17.46
CA GLN C 121 -2.00 -15.75 -18.54
C GLN C 121 -1.48 -14.41 -18.04
N SER C 122 -2.04 -13.96 -16.92
CA SER C 122 -1.62 -12.68 -16.33
C SER C 122 -0.49 -12.90 -15.32
N ASP C 123 0.55 -12.08 -15.42
CA ASP C 123 1.68 -12.19 -14.51
C ASP C 123 2.34 -10.82 -14.31
N LEU C 124 3.30 -10.77 -13.39
CA LEU C 124 4.00 -9.52 -13.12
C LEU C 124 4.68 -9.00 -14.37
N LEU C 125 5.52 -9.84 -14.97
CA LEU C 125 6.23 -9.45 -16.18
C LEU C 125 5.28 -8.79 -17.18
N GLY C 126 4.17 -9.47 -17.47
CA GLY C 126 3.19 -8.93 -18.41
C GLY C 126 2.62 -7.61 -17.91
N LEU C 127 2.43 -7.51 -16.60
CA LEU C 127 1.88 -6.31 -16.00
C LEU C 127 2.86 -5.14 -16.14
N ILE C 128 4.15 -5.43 -15.92
CA ILE C 128 5.17 -4.40 -16.02
C ILE C 128 5.32 -3.93 -17.46
N GLN C 129 5.40 -4.88 -18.39
CA GLN C 129 5.55 -4.55 -19.79
C GLN C 129 4.40 -3.65 -20.25
N VAL C 130 3.20 -3.96 -19.80
CA VAL C 130 2.02 -3.18 -20.18
C VAL C 130 2.09 -1.79 -19.55
N MET C 131 2.72 -1.69 -18.39
CA MET C 131 2.84 -0.41 -17.70
C MET C 131 3.80 0.51 -18.45
N ILE C 132 4.82 -0.07 -19.07
CA ILE C 132 5.79 0.70 -19.83
C ILE C 132 5.18 1.20 -21.13
N VAL C 133 4.29 0.40 -21.71
CA VAL C 133 3.64 0.78 -22.96
C VAL C 133 2.66 1.92 -22.74
N VAL C 134 1.86 1.81 -21.69
CA VAL C 134 0.88 2.85 -21.38
C VAL C 134 1.58 4.13 -20.92
N PHE C 135 2.52 3.97 -19.99
CA PHE C 135 3.25 5.12 -19.48
C PHE C 135 4.02 5.81 -20.59
N GLY C 136 4.41 5.04 -21.60
CA GLY C 136 5.15 5.59 -22.73
C GLY C 136 4.30 6.59 -23.51
N ASP C 137 3.02 6.26 -23.67
CA ASP C 137 2.11 7.14 -24.40
C ASP C 137 1.50 8.17 -23.46
N GLU C 138 1.40 7.81 -22.18
CA GLU C 138 0.82 8.72 -21.18
C GLU C 138 1.71 8.77 -19.94
N PRO C 139 2.55 9.76 -19.84
CA PRO C 139 3.47 9.93 -18.68
C PRO C 139 2.72 10.29 -17.40
N PRO C 140 2.79 9.43 -16.41
CA PRO C 140 2.11 9.66 -15.11
C PRO C 140 2.81 10.73 -14.27
N VAL C 141 4.01 11.10 -14.69
CA VAL C 141 4.77 12.13 -13.97
C VAL C 141 5.53 13.01 -14.95
N PHE C 142 6.04 14.14 -14.44
CA PHE C 142 6.79 15.06 -15.28
C PHE C 142 7.66 15.97 -14.42
N SER C 143 8.97 15.83 -14.56
CA SER C 143 9.91 16.64 -13.80
C SER C 143 9.22 17.89 -13.25
N MET A 1 -1.98 23.58 -1.63
CA MET A 1 -2.75 22.59 -2.43
C MET A 1 -3.95 22.10 -1.62
N GLN A 2 -4.85 21.37 -2.30
CA GLN A 2 -6.04 20.86 -1.62
C GLN A 2 -5.96 19.33 -1.52
N ILE A 3 -6.43 18.80 -0.39
CA ILE A 3 -6.41 17.36 -0.18
C ILE A 3 -7.77 16.87 0.30
N PHE A 4 -7.97 15.55 0.28
CA PHE A 4 -9.23 14.98 0.73
C PHE A 4 -8.98 13.95 1.84
N VAL A 5 -9.95 13.81 2.74
CA VAL A 5 -9.83 12.86 3.84
C VAL A 5 -11.13 12.09 4.03
N LYS A 6 -11.09 10.79 3.78
CA LYS A 6 -12.26 9.94 3.93
C LYS A 6 -12.31 9.33 5.32
N THR A 7 -13.51 9.07 5.81
CA THR A 7 -13.68 8.49 7.13
C THR A 7 -14.16 7.05 7.03
N LEU A 8 -14.49 6.44 8.17
CA LEU A 8 -14.96 5.07 8.19
C LEU A 8 -16.47 5.02 8.01
N THR A 9 -17.11 6.18 8.08
CA THR A 9 -18.56 6.26 7.93
C THR A 9 -18.93 6.60 6.49
N GLY A 10 -17.97 7.16 5.76
CA GLY A 10 -18.21 7.53 4.37
C GLY A 10 -18.38 9.04 4.23
N LYS A 11 -17.46 9.79 4.83
CA LYS A 11 -17.52 11.25 4.77
C LYS A 11 -16.19 11.81 4.27
N THR A 12 -16.26 12.66 3.26
CA THR A 12 -15.06 13.26 2.70
C THR A 12 -14.92 14.72 3.15
N ILE A 13 -13.71 15.08 3.58
CA ILE A 13 -13.47 16.44 4.04
C ILE A 13 -12.33 17.07 3.23
N THR A 14 -12.47 18.35 2.91
CA THR A 14 -11.45 19.05 2.13
C THR A 14 -10.65 19.98 3.02
N LEU A 15 -9.33 19.96 2.84
CA LEU A 15 -8.44 20.80 3.64
C LEU A 15 -7.38 21.44 2.75
N GLU A 16 -6.91 22.62 3.15
CA GLU A 16 -5.89 23.32 2.38
C GLU A 16 -4.59 23.40 3.16
N VAL A 17 -3.66 22.50 2.86
CA VAL A 17 -2.37 22.48 3.54
C VAL A 17 -1.25 22.80 2.56
N GLU A 18 -0.02 22.75 3.05
CA GLU A 18 1.14 23.04 2.20
C GLU A 18 2.17 21.92 2.29
N PRO A 19 2.89 21.69 1.23
CA PRO A 19 3.94 20.63 1.18
C PRO A 19 4.88 20.68 2.37
N SER A 20 4.90 21.82 3.05
CA SER A 20 5.77 21.99 4.21
C SER A 20 4.96 21.87 5.50
N ASP A 21 3.77 21.29 5.40
CA ASP A 21 2.92 21.11 6.56
C ASP A 21 3.19 19.76 7.23
N THR A 22 3.31 19.78 8.55
CA THR A 22 3.57 18.55 9.30
C THR A 22 2.27 17.78 9.53
N ILE A 23 2.40 16.48 9.80
CA ILE A 23 1.24 15.64 10.04
C ILE A 23 0.45 16.14 11.24
N GLU A 24 1.17 16.48 12.32
CA GLU A 24 0.53 16.97 13.52
C GLU A 24 -0.37 18.16 13.21
N ASN A 25 0.09 19.03 12.32
CA ASN A 25 -0.67 20.20 11.93
C ASN A 25 -1.96 19.81 11.23
N VAL A 26 -1.87 18.79 10.37
CA VAL A 26 -3.04 18.31 9.65
C VAL A 26 -4.10 17.78 10.61
N LYS A 27 -3.65 17.12 11.67
CA LYS A 27 -4.57 16.58 12.67
C LYS A 27 -5.34 17.70 13.35
N ALA A 28 -4.66 18.80 13.62
CA ALA A 28 -5.29 19.94 14.28
C ALA A 28 -6.40 20.52 13.41
N LYS A 29 -6.13 20.61 12.11
CA LYS A 29 -7.11 21.14 11.18
C LYS A 29 -8.39 20.30 11.20
N ILE A 30 -8.22 18.99 11.33
CA ILE A 30 -9.35 18.08 11.36
C ILE A 30 -10.09 18.18 12.70
N GLN A 31 -9.36 18.56 13.74
CA GLN A 31 -9.94 18.69 15.07
C GLN A 31 -10.78 19.96 15.16
N ASP A 32 -10.52 20.90 14.25
CA ASP A 32 -11.25 22.17 14.24
C ASP A 32 -12.45 22.07 13.31
N LYS A 33 -12.45 21.06 12.45
CA LYS A 33 -13.55 20.86 11.50
C LYS A 33 -14.54 19.83 12.04
N GLU A 34 -14.01 18.76 12.62
CA GLU A 34 -14.85 17.70 13.17
C GLU A 34 -14.80 17.71 14.69
N GLY A 35 -13.63 18.04 15.24
CA GLY A 35 -13.46 18.06 16.69
C GLY A 35 -12.94 16.74 17.21
N ILE A 36 -12.11 16.07 16.41
CA ILE A 36 -11.55 14.79 16.80
C ILE A 36 -10.14 14.97 17.36
N PRO A 37 -9.96 14.69 18.62
CA PRO A 37 -8.64 14.81 19.31
C PRO A 37 -7.52 14.13 18.53
N PRO A 38 -6.45 14.82 18.28
CA PRO A 38 -5.28 14.28 17.53
C PRO A 38 -4.82 12.93 18.09
N ASP A 39 -4.91 12.78 19.39
CA ASP A 39 -4.50 11.53 20.04
C ASP A 39 -5.46 10.40 19.69
N GLN A 40 -6.58 10.75 19.04
CA GLN A 40 -7.56 9.76 18.64
C GLN A 40 -7.79 9.80 17.14
N GLN A 41 -6.72 10.05 16.39
CA GLN A 41 -6.81 10.12 14.94
C GLN A 41 -5.64 9.37 14.30
N ARG A 42 -5.94 8.52 13.32
CA ARG A 42 -4.91 7.75 12.63
C ARG A 42 -4.97 7.99 11.13
N LEU A 43 -3.97 8.69 10.60
CA LEU A 43 -3.92 8.98 9.18
C LEU A 43 -3.17 7.87 8.44
N ILE A 44 -3.63 7.55 7.23
CA ILE A 44 -3.00 6.51 6.43
C ILE A 44 -2.95 6.92 4.97
N PHE A 45 -1.79 6.74 4.34
CA PHE A 45 -1.63 7.08 2.93
C PHE A 45 -0.91 5.97 2.18
N ALA A 46 -1.56 5.44 1.17
CA ALA A 46 -0.97 4.36 0.37
C ALA A 46 -0.71 3.14 1.25
N GLY A 47 -1.53 2.98 2.29
CA GLY A 47 -1.37 1.85 3.20
C GLY A 47 -0.23 2.09 4.18
N LYS A 48 0.17 3.35 4.32
CA LYS A 48 1.25 3.71 5.23
C LYS A 48 0.76 4.69 6.28
N GLN A 49 1.13 4.45 7.54
CA GLN A 49 0.73 5.32 8.64
C GLN A 49 1.67 6.52 8.73
N LEU A 50 1.09 7.71 8.54
CA LEU A 50 1.89 8.94 8.61
C LEU A 50 2.24 9.27 10.05
N GLU A 51 3.42 9.84 10.25
CA GLU A 51 3.88 10.21 11.59
C GLU A 51 3.61 11.69 11.86
N ASP A 52 3.57 12.05 13.14
CA ASP A 52 3.33 13.44 13.52
C ASP A 52 4.63 14.24 13.48
N GLY A 53 5.74 13.55 13.22
CA GLY A 53 7.03 14.21 13.15
C GLY A 53 7.49 14.37 11.70
N ARG A 54 6.64 13.96 10.77
CA ARG A 54 6.96 14.06 9.35
C ARG A 54 6.04 15.06 8.66
N THR A 55 6.41 15.47 7.46
CA THR A 55 5.60 16.43 6.70
C THR A 55 4.84 15.71 5.58
N LEU A 56 4.14 16.48 4.76
CA LEU A 56 3.39 15.91 3.66
C LEU A 56 4.31 15.56 2.48
N SER A 57 5.27 16.45 2.22
CA SER A 57 6.21 16.23 1.13
C SER A 57 7.07 15.01 1.40
N ASP A 58 7.21 14.66 2.68
CA ASP A 58 8.01 13.50 3.06
C ASP A 58 7.36 12.21 2.57
N TYR A 59 6.05 12.25 2.39
CA TYR A 59 5.31 11.08 1.93
C TYR A 59 5.01 11.20 0.44
N ASN A 60 5.44 12.30 -0.17
CA ASN A 60 5.21 12.52 -1.59
C ASN A 60 3.72 12.73 -1.87
N ILE A 61 3.06 13.43 -0.97
CA ILE A 61 1.62 13.69 -1.13
C ILE A 61 1.39 14.89 -2.03
N GLN A 62 0.82 14.64 -3.21
CA GLN A 62 0.55 15.71 -4.16
C GLN A 62 -0.84 16.30 -3.91
N ARG A 63 -1.32 17.08 -4.87
CA ARG A 63 -2.63 17.70 -4.74
C ARG A 63 -3.73 16.70 -5.12
N GLU A 64 -4.95 17.00 -4.70
CA GLU A 64 -6.08 16.12 -4.99
C GLU A 64 -5.83 14.72 -4.43
N SER A 65 -4.98 14.65 -3.41
CA SER A 65 -4.66 13.37 -2.80
C SER A 65 -5.73 12.98 -1.79
N THR A 66 -5.92 11.68 -1.60
CA THR A 66 -6.93 11.19 -0.66
C THR A 66 -6.26 10.48 0.51
N LEU A 67 -6.66 10.84 1.72
CA LEU A 67 -6.10 10.22 2.92
C LEU A 67 -7.18 9.50 3.71
N HIS A 68 -6.77 8.51 4.50
CA HIS A 68 -7.72 7.75 5.31
C HIS A 68 -7.56 8.09 6.79
N LEU A 69 -8.67 8.28 7.47
CA LEU A 69 -8.65 8.61 8.89
C LEU A 69 -9.22 7.47 9.72
N VAL A 70 -8.48 7.04 10.74
CA VAL A 70 -8.93 5.96 11.60
C VAL A 70 -8.97 6.41 13.06
N LEU A 71 -10.08 6.12 13.73
CA LEU A 71 -10.22 6.50 15.14
C LEU A 71 -9.75 5.38 16.05
N ARG A 72 -9.12 5.75 17.16
CA ARG A 72 -8.61 4.77 18.10
C ARG A 72 -9.54 4.67 19.31
N LEU A 73 -9.51 3.51 20.00
CA LEU A 73 -10.34 3.23 21.21
C LEU A 73 -11.23 2.01 20.96
N ARG A 74 -10.67 0.84 21.18
CA ARG A 74 -11.43 -0.39 20.98
C ARG A 74 -11.98 -0.45 19.56
N GLY A 75 -12.67 -1.54 19.24
CA GLY A 75 -13.25 -1.71 17.91
C GLY A 75 -13.78 -3.12 17.72
N GLY A 76 -14.16 -3.44 16.50
CA GLY A 76 -14.69 -4.76 16.20
C GLY A 76 -16.17 -4.68 15.80
N MET B 1 -25.89 -7.76 11.46
CA MET B 1 -24.73 -6.84 11.55
C MET B 1 -24.71 -5.94 10.32
N GLN B 2 -23.85 -4.92 10.36
CA GLN B 2 -23.74 -3.99 9.24
C GLN B 2 -22.39 -4.15 8.55
N ILE B 3 -22.40 -4.04 7.22
CA ILE B 3 -21.16 -4.17 6.45
C ILE B 3 -21.03 -3.02 5.45
N PHE B 4 -19.83 -2.89 4.88
CA PHE B 4 -19.59 -1.83 3.92
C PHE B 4 -19.07 -2.42 2.60
N VAL B 5 -19.40 -1.75 1.49
CA VAL B 5 -18.96 -2.22 0.18
C VAL B 5 -18.44 -1.05 -0.65
N LYS B 6 -17.15 -1.08 -0.96
CA LYS B 6 -16.53 -0.03 -1.76
C LYS B 6 -16.54 -0.41 -3.24
N THR B 7 -16.59 0.61 -4.10
CA THR B 7 -16.61 0.37 -5.54
C THR B 7 -15.29 0.80 -6.17
N LEU B 8 -15.22 0.77 -7.49
CA LEU B 8 -14.02 1.16 -8.20
C LEU B 8 -14.03 2.66 -8.49
N THR B 9 -15.16 3.30 -8.24
CA THR B 9 -15.30 4.73 -8.48
C THR B 9 -15.06 5.51 -7.19
N GLY B 10 -15.19 4.82 -6.06
CA GLY B 10 -14.99 5.46 -4.76
C GLY B 10 -16.31 5.72 -4.06
N LYS B 11 -17.17 4.70 -4.05
CA LYS B 11 -18.48 4.83 -3.41
C LYS B 11 -18.68 3.72 -2.38
N THR B 12 -19.04 4.10 -1.16
CA THR B 12 -19.27 3.13 -0.10
C THR B 12 -20.76 2.94 0.14
N ILE B 13 -21.17 1.68 0.21
CA ILE B 13 -22.58 1.35 0.44
C ILE B 13 -22.73 0.53 1.73
N THR B 14 -23.77 0.84 2.49
CA THR B 14 -24.02 0.13 3.75
C THR B 14 -25.18 -0.85 3.59
N LEU B 15 -24.97 -2.09 4.06
CA LEU B 15 -26.00 -3.11 3.98
C LEU B 15 -26.14 -3.85 5.31
N GLU B 16 -27.31 -4.41 5.55
CA GLU B 16 -27.55 -5.15 6.79
C GLU B 16 -27.85 -6.61 6.50
N VAL B 17 -26.83 -7.46 6.66
CA VAL B 17 -27.00 -8.88 6.41
C VAL B 17 -26.80 -9.67 7.70
N GLU B 18 -26.86 -11.00 7.60
CA GLU B 18 -26.69 -11.85 8.76
C GLU B 18 -25.61 -12.90 8.51
N PRO B 19 -24.93 -13.31 9.55
CA PRO B 19 -23.85 -14.34 9.45
C PRO B 19 -24.31 -15.58 8.69
N SER B 20 -25.62 -15.74 8.57
CA SER B 20 -26.17 -16.90 7.86
C SER B 20 -26.64 -16.50 6.47
N ASP B 21 -26.17 -15.35 6.00
CA ASP B 21 -26.54 -14.87 4.67
C ASP B 21 -25.56 -15.38 3.62
N THR B 22 -26.10 -15.86 2.49
CA THR B 22 -25.26 -16.38 1.42
C THR B 22 -24.75 -15.22 0.55
N ILE B 23 -23.67 -15.48 -0.17
CA ILE B 23 -23.08 -14.47 -1.05
C ILE B 23 -24.09 -14.03 -2.11
N GLU B 24 -24.77 -15.01 -2.70
CA GLU B 24 -25.76 -14.72 -3.74
C GLU B 24 -26.80 -13.72 -3.22
N ASN B 25 -27.19 -13.88 -1.96
CA ASN B 25 -28.17 -12.98 -1.36
C ASN B 25 -27.62 -11.57 -1.26
N VAL B 26 -26.34 -11.45 -0.92
CA VAL B 26 -25.71 -10.14 -0.79
C VAL B 26 -25.71 -9.43 -2.14
N LYS B 27 -25.50 -10.18 -3.20
CA LYS B 27 -25.48 -9.60 -4.55
C LYS B 27 -26.83 -9.01 -4.90
N ALA B 28 -27.89 -9.71 -4.49
CA ALA B 28 -29.25 -9.25 -4.77
C ALA B 28 -29.51 -7.91 -4.09
N LYS B 29 -29.05 -7.79 -2.84
CA LYS B 29 -29.25 -6.56 -2.09
C LYS B 29 -28.58 -5.39 -2.80
N ILE B 30 -27.43 -5.64 -3.39
CA ILE B 30 -26.70 -4.60 -4.11
C ILE B 30 -27.40 -4.26 -5.43
N GLN B 31 -28.09 -5.24 -5.98
CA GLN B 31 -28.80 -5.05 -7.25
C GLN B 31 -30.06 -4.23 -7.03
N ASP B 32 -30.54 -4.18 -5.79
CA ASP B 32 -31.74 -3.42 -5.47
C ASP B 32 -31.38 -2.01 -5.03
N LYS B 33 -30.11 -1.81 -4.69
CA LYS B 33 -29.65 -0.50 -4.25
C LYS B 33 -28.99 0.25 -5.41
N GLU B 34 -28.21 -0.47 -6.21
CA GLU B 34 -27.53 0.14 -7.34
C GLU B 34 -28.15 -0.34 -8.66
N GLY B 35 -28.56 -1.59 -8.67
CA GLY B 35 -29.17 -2.17 -9.88
C GLY B 35 -28.12 -2.87 -10.74
N ILE B 36 -27.13 -3.47 -10.08
CA ILE B 36 -26.07 -4.16 -10.79
C ILE B 36 -26.34 -5.66 -10.82
N PRO B 37 -26.58 -6.20 -11.98
CA PRO B 37 -26.87 -7.65 -12.16
C PRO B 37 -25.83 -8.53 -11.46
N PRO B 38 -26.29 -9.47 -10.67
CA PRO B 38 -25.39 -10.39 -9.92
C PRO B 38 -24.35 -11.05 -10.82
N ASP B 39 -24.74 -11.34 -12.06
CA ASP B 39 -23.83 -11.96 -13.01
C ASP B 39 -22.73 -10.99 -13.42
N GLN B 40 -22.89 -9.72 -13.02
CA GLN B 40 -21.90 -8.70 -13.36
C GLN B 40 -21.34 -8.06 -12.09
N GLN B 41 -21.20 -8.87 -11.04
CA GLN B 41 -20.67 -8.36 -9.78
C GLN B 41 -19.64 -9.34 -9.21
N ARG B 42 -18.51 -8.79 -8.78
CA ARG B 42 -17.45 -9.62 -8.22
C ARG B 42 -17.05 -9.13 -6.83
N LEU B 43 -17.40 -9.91 -5.81
CA LEU B 43 -17.08 -9.54 -4.43
C LEU B 43 -15.72 -10.09 -4.04
N ILE B 44 -14.97 -9.32 -3.25
CA ILE B 44 -13.66 -9.75 -2.80
C ILE B 44 -13.44 -9.36 -1.34
N PHE B 45 -12.92 -10.30 -0.56
CA PHE B 45 -12.66 -10.05 0.86
C PHE B 45 -11.29 -10.57 1.25
N ALA B 46 -10.44 -9.68 1.74
CA ALA B 46 -9.09 -10.06 2.15
C ALA B 46 -8.31 -10.61 0.96
N GLY B 47 -8.64 -10.13 -0.24
CA GLY B 47 -7.97 -10.58 -1.45
C GLY B 47 -8.49 -11.94 -1.88
N LYS B 48 -9.67 -12.30 -1.39
CA LYS B 48 -10.27 -13.59 -1.74
C LYS B 48 -11.64 -13.38 -2.39
N GLN B 49 -11.88 -14.11 -3.48
CA GLN B 49 -13.15 -14.00 -4.19
C GLN B 49 -14.21 -14.86 -3.52
N LEU B 50 -15.27 -14.23 -3.03
CA LEU B 50 -16.35 -14.95 -2.38
C LEU B 50 -17.21 -15.69 -3.40
N GLU B 51 -17.72 -16.85 -3.01
CA GLU B 51 -18.54 -17.65 -3.90
C GLU B 51 -20.02 -17.41 -3.60
N ASP B 52 -20.88 -17.72 -4.58
CA ASP B 52 -22.32 -17.54 -4.40
C ASP B 52 -22.92 -18.74 -3.68
N GLY B 53 -22.10 -19.76 -3.44
CA GLY B 53 -22.57 -20.96 -2.75
C GLY B 53 -22.09 -20.98 -1.31
N ARG B 54 -21.42 -19.91 -0.90
CA ARG B 54 -20.92 -19.82 0.48
C ARG B 54 -21.61 -18.69 1.22
N THR B 55 -21.48 -18.70 2.55
CA THR B 55 -22.11 -17.66 3.36
C THR B 55 -21.06 -16.66 3.84
N LEU B 56 -21.50 -15.73 4.69
CA LEU B 56 -20.60 -14.71 5.21
C LEU B 56 -19.74 -15.28 6.34
N SER B 57 -20.36 -16.08 7.19
CA SER B 57 -19.65 -16.68 8.31
C SER B 57 -18.56 -17.63 7.81
N ASP B 58 -18.75 -18.16 6.60
CA ASP B 58 -17.78 -19.07 6.01
C ASP B 58 -16.46 -18.35 5.73
N TYR B 59 -16.54 -17.03 5.54
CA TYR B 59 -15.36 -16.24 5.27
C TYR B 59 -14.90 -15.51 6.53
N ASN B 60 -15.61 -15.73 7.63
CA ASN B 60 -15.25 -15.09 8.89
C ASN B 60 -15.44 -13.58 8.78
N ILE B 61 -16.53 -13.16 8.16
CA ILE B 61 -16.81 -11.73 8.00
C ILE B 61 -17.57 -11.19 9.19
N GLN B 62 -16.95 -10.29 9.95
CA GLN B 62 -17.59 -9.71 11.11
C GLN B 62 -18.31 -8.41 10.73
N LYS B 63 -18.82 -7.71 11.74
CA LYS B 63 -19.53 -6.45 11.49
C LYS B 63 -18.53 -5.32 11.23
N GLU B 64 -18.99 -4.30 10.51
CA GLU B 64 -18.13 -3.16 10.20
C GLU B 64 -17.06 -3.57 9.19
N SER B 65 -17.24 -4.74 8.58
CA SER B 65 -16.27 -5.23 7.60
C SER B 65 -16.43 -4.49 6.28
N THR B 66 -15.35 -4.46 5.49
CA THR B 66 -15.38 -3.78 4.20
C THR B 66 -15.15 -4.78 3.07
N LEU B 67 -16.01 -4.74 2.06
CA LEU B 67 -15.89 -5.64 0.91
C LEU B 67 -15.64 -4.85 -0.36
N HIS B 68 -15.01 -5.51 -1.34
CA HIS B 68 -14.73 -4.85 -2.61
C HIS B 68 -15.62 -5.41 -3.72
N LEU B 69 -16.15 -4.53 -4.54
CA LEU B 69 -17.02 -4.94 -5.65
C LEU B 69 -16.36 -4.68 -6.98
N VAL B 70 -16.33 -5.69 -7.85
CA VAL B 70 -15.73 -5.55 -9.16
C VAL B 70 -16.72 -5.91 -10.26
N LEU B 71 -16.80 -5.06 -11.27
CA LEU B 71 -17.72 -5.29 -12.38
C LEU B 71 -17.03 -6.06 -13.50
N ARG B 72 -17.79 -6.95 -14.16
CA ARG B 72 -17.23 -7.74 -15.24
C ARG B 72 -17.78 -7.27 -16.59
N LEU B 73 -17.12 -7.67 -17.67
CA LEU B 73 -17.55 -7.28 -19.01
C LEU B 73 -17.88 -8.51 -19.84
N ARG B 74 -18.96 -8.44 -20.60
CA ARG B 74 -19.36 -9.58 -21.43
C ARG B 74 -18.86 -9.38 -22.86
N GLY B 75 -17.58 -9.06 -22.99
CA GLY B 75 -16.98 -8.86 -24.31
C GLY B 75 -17.04 -7.39 -24.70
N GLY B 76 -16.18 -6.99 -25.63
CA GLY B 76 -16.15 -5.61 -26.09
C GLY B 76 -16.93 -5.42 -27.40
N ASP B 77 -16.71 -4.29 -28.04
CA ASP B 77 -17.40 -4.01 -29.31
C ASP B 77 -18.91 -3.93 -29.09
N VAL C 3 17.63 -9.82 -3.40
CA VAL C 3 18.77 -10.58 -3.98
C VAL C 3 18.72 -12.03 -3.50
N SER C 4 19.35 -12.92 -4.25
CA SER C 4 19.37 -14.34 -3.89
C SER C 4 17.97 -14.93 -4.00
N GLU C 5 17.89 -16.17 -4.47
CA GLU C 5 16.61 -16.85 -4.62
C GLU C 5 16.15 -17.42 -3.29
N SER C 6 17.10 -17.79 -2.44
CA SER C 6 16.78 -18.36 -1.14
C SER C 6 16.09 -17.32 -0.26
N GLN C 7 16.69 -16.13 -0.19
CA GLN C 7 16.13 -15.06 0.63
C GLN C 7 14.73 -14.69 0.13
N LEU C 8 14.50 -14.87 -1.16
CA LEU C 8 13.20 -14.56 -1.75
C LEU C 8 12.14 -15.55 -1.29
N LYS C 9 12.54 -16.81 -1.18
CA LYS C 9 11.62 -17.86 -0.75
C LYS C 9 11.40 -17.78 0.77
N LYS C 10 12.09 -16.86 1.42
CA LYS C 10 11.97 -16.70 2.86
C LYS C 10 10.97 -15.58 3.19
N MET C 11 11.00 -14.51 2.39
CA MET C 11 10.10 -13.39 2.61
C MET C 11 8.68 -13.75 2.21
N VAL C 12 8.56 -14.78 1.38
CA VAL C 12 7.24 -15.23 0.92
C VAL C 12 6.95 -16.64 1.42
N SER C 13 7.27 -16.88 2.70
CA SER C 13 7.04 -18.19 3.30
C SER C 13 5.60 -18.29 3.81
N LYS C 14 4.96 -17.14 3.99
CA LYS C 14 3.59 -17.12 4.48
C LYS C 14 2.61 -16.91 3.31
N TYR C 15 3.06 -17.23 2.11
CA TYR C 15 2.22 -17.07 0.93
C TYR C 15 1.62 -18.42 0.52
N LYS C 16 0.30 -18.44 0.34
CA LYS C 16 -0.38 -19.66 -0.04
C LYS C 16 0.28 -20.28 -1.28
N TYR C 17 0.69 -19.43 -2.20
CA TYR C 17 1.33 -19.89 -3.43
C TYR C 17 2.76 -19.34 -3.54
N ARG C 18 3.65 -19.87 -2.72
CA ARG C 18 5.04 -19.42 -2.74
C ARG C 18 5.66 -19.64 -4.12
N ASP C 19 5.98 -20.89 -4.42
CA ASP C 19 6.58 -21.22 -5.71
C ASP C 19 6.14 -20.21 -6.77
N LEU C 20 4.91 -20.36 -7.26
CA LEU C 20 4.39 -19.45 -8.27
C LEU C 20 4.94 -18.05 -8.08
N THR C 21 4.54 -17.41 -6.98
CA THR C 21 5.00 -16.06 -6.68
C THR C 21 6.50 -15.93 -6.96
N VAL C 22 7.30 -16.73 -6.26
CA VAL C 22 8.74 -16.70 -6.44
C VAL C 22 9.10 -16.68 -7.92
N ARG C 23 8.85 -17.80 -8.60
CA ARG C 23 9.15 -17.90 -10.02
C ARG C 23 8.82 -16.59 -10.73
N GLU C 24 7.56 -16.18 -10.65
CA GLU C 24 7.13 -14.94 -11.29
C GLU C 24 8.07 -13.81 -10.92
N THR C 25 8.31 -13.64 -9.62
CA THR C 25 9.19 -12.57 -9.14
C THR C 25 10.57 -12.69 -9.80
N VAL C 26 11.13 -13.89 -9.78
CA VAL C 26 12.44 -14.12 -10.38
C VAL C 26 12.43 -13.74 -11.86
N ASN C 27 11.32 -14.00 -12.52
CA ASN C 27 11.19 -13.68 -13.93
C ASN C 27 11.09 -12.17 -14.14
N VAL C 28 10.71 -11.46 -13.08
CA VAL C 28 10.58 -10.01 -13.16
C VAL C 28 11.92 -9.33 -12.95
N ILE C 29 12.43 -9.41 -11.72
CA ILE C 29 13.71 -8.81 -11.39
C ILE C 29 14.78 -9.21 -12.40
N THR C 30 14.56 -10.34 -13.06
CA THR C 30 15.52 -10.84 -14.06
C THR C 30 15.64 -9.85 -15.21
N LEU C 31 14.51 -9.41 -15.74
CA LEU C 31 14.51 -8.47 -16.86
C LEU C 31 14.70 -7.05 -16.34
N TYR C 32 14.10 -6.74 -15.20
CA TYR C 32 14.21 -5.41 -14.62
C TYR C 32 15.02 -5.46 -13.32
N LYS C 33 16.33 -5.33 -13.44
CA LYS C 33 17.21 -5.35 -12.27
C LYS C 33 16.94 -4.14 -11.38
N ASP C 34 16.28 -3.13 -11.94
CA ASP C 34 15.96 -1.93 -11.19
C ASP C 34 14.85 -2.20 -10.17
N LEU C 35 14.37 -3.44 -10.16
CA LEU C 35 13.31 -3.81 -9.23
C LEU C 35 13.81 -4.86 -8.24
N LYS C 36 13.57 -4.61 -6.95
CA LYS C 36 14.01 -5.54 -5.92
C LYS C 36 12.87 -5.82 -4.93
N PRO C 37 12.72 -7.05 -4.54
CA PRO C 37 11.66 -7.47 -3.58
C PRO C 37 11.96 -7.02 -2.16
N VAL C 38 10.90 -6.70 -1.41
CA VAL C 38 11.07 -6.25 -0.02
C VAL C 38 9.86 -6.65 0.81
N LEU C 39 10.10 -6.99 2.08
CA LEU C 39 9.02 -7.39 2.97
C LEU C 39 8.69 -6.26 3.94
N ASP C 40 7.48 -5.72 3.80
CA ASP C 40 7.05 -4.63 4.67
C ASP C 40 5.57 -4.81 5.05
N SER C 41 5.15 -4.08 6.08
CA SER C 41 3.76 -4.17 6.54
C SER C 41 2.88 -3.19 5.76
N TYR C 42 1.77 -3.70 5.24
CA TYR C 42 0.85 -2.87 4.47
C TYR C 42 -0.42 -2.60 5.28
N VAL C 43 -0.54 -1.38 5.81
CA VAL C 43 -1.71 -1.02 6.60
C VAL C 43 -2.82 -0.50 5.68
N PHE C 44 -3.86 -1.31 5.51
CA PHE C 44 -4.98 -0.93 4.66
C PHE C 44 -5.65 0.33 5.19
N ASN C 45 -6.64 0.83 4.46
CA ASN C 45 -7.36 2.03 4.87
C ASN C 45 -8.17 1.77 6.13
N ASP C 46 -8.63 0.53 6.28
CA ASP C 46 -9.43 0.16 7.44
C ASP C 46 -8.58 0.19 8.70
N GLY C 47 -7.26 0.35 8.53
CA GLY C 47 -6.35 0.39 9.65
C GLY C 47 -5.59 -0.92 9.79
N SER C 48 -6.25 -2.02 9.42
CA SER C 48 -5.63 -3.33 9.50
C SER C 48 -4.26 -3.33 8.85
N SER C 49 -3.41 -4.29 9.21
CA SER C 49 -2.07 -4.37 8.65
C SER C 49 -1.74 -5.81 8.29
N ARG C 50 -0.82 -5.98 7.34
CA ARG C 50 -0.41 -7.31 6.90
C ARG C 50 0.95 -7.25 6.22
N GLU C 51 1.82 -8.20 6.56
CA GLU C 51 3.16 -8.25 5.97
C GLU C 51 3.11 -8.87 4.57
N LEU C 52 3.24 -8.02 3.56
CA LEU C 52 3.22 -8.49 2.18
C LEU C 52 4.54 -8.15 1.48
N MET C 53 4.83 -8.87 0.40
CA MET C 53 6.06 -8.64 -0.35
C MET C 53 5.77 -7.82 -1.61
N ASN C 54 6.38 -6.64 -1.70
CA ASN C 54 6.19 -5.78 -2.85
C ASN C 54 7.49 -5.61 -3.63
N LEU C 55 7.39 -5.13 -4.86
CA LEU C 55 8.57 -4.92 -5.69
C LEU C 55 8.84 -3.43 -5.88
N THR C 56 9.76 -2.90 -5.08
CA THR C 56 10.11 -1.48 -5.17
C THR C 56 11.28 -1.27 -6.12
N GLY C 57 11.27 -0.14 -6.82
CA GLY C 57 12.34 0.16 -7.76
C GLY C 57 11.86 1.14 -8.83
N THR C 58 12.45 1.05 -10.02
CA THR C 58 12.07 1.92 -11.12
C THR C 58 12.05 1.16 -12.43
N ILE C 59 11.21 1.59 -13.36
CA ILE C 59 11.10 0.94 -14.66
C ILE C 59 11.39 1.92 -15.78
N PRO C 60 12.09 1.49 -16.79
CA PRO C 60 12.46 2.34 -17.96
C PRO C 60 11.25 2.64 -18.85
N VAL C 61 10.98 3.92 -19.07
CA VAL C 61 9.86 4.31 -19.91
C VAL C 61 10.27 5.43 -20.87
N PRO C 62 10.78 5.06 -22.01
CA PRO C 62 11.22 6.04 -23.05
C PRO C 62 10.15 7.07 -23.37
N TYR C 63 10.54 8.34 -23.39
CA TYR C 63 9.59 9.42 -23.70
C TYR C 63 10.33 10.60 -24.32
N ARG C 64 9.92 10.97 -25.53
CA ARG C 64 10.54 12.10 -26.22
C ARG C 64 12.03 11.83 -26.43
N GLY C 65 12.40 10.56 -26.55
CA GLY C 65 13.79 10.19 -26.76
C GLY C 65 14.52 10.09 -25.43
N ASN C 66 13.87 10.54 -24.35
CA ASN C 66 14.47 10.49 -23.02
C ASN C 66 13.92 9.32 -22.23
N THR C 67 14.78 8.69 -21.44
CA THR C 67 14.36 7.54 -20.64
C THR C 67 14.10 7.97 -19.19
N TYR C 68 12.86 7.79 -18.73
CA TYR C 68 12.50 8.17 -17.38
C TYR C 68 12.34 6.92 -16.51
N ASN C 69 13.04 6.89 -15.38
CA ASN C 69 12.96 5.76 -14.47
C ASN C 69 11.86 5.98 -13.43
N ILE C 70 10.62 5.82 -13.87
CA ILE C 70 9.48 6.01 -12.97
C ILE C 70 9.48 4.96 -11.86
N PRO C 71 9.51 5.39 -10.63
CA PRO C 71 9.50 4.49 -9.45
C PRO C 71 8.10 3.95 -9.14
N ILE C 72 7.99 2.64 -8.97
CA ILE C 72 6.71 2.02 -8.66
C ILE C 72 6.83 1.09 -7.47
N CYS C 73 5.69 0.63 -6.96
CA CYS C 73 5.69 -0.27 -5.81
C CYS C 73 4.53 -1.26 -5.91
N LEU C 74 4.83 -2.44 -6.43
CA LEU C 74 3.80 -3.47 -6.58
C LEU C 74 3.65 -4.28 -5.29
N TRP C 75 2.42 -4.37 -4.79
CA TRP C 75 2.17 -5.11 -3.56
C TRP C 75 1.47 -6.44 -3.87
N LEU C 76 1.96 -7.51 -3.28
CA LEU C 76 1.38 -8.84 -3.50
C LEU C 76 0.69 -9.33 -2.23
N LEU C 77 -0.55 -9.78 -2.37
CA LEU C 77 -1.30 -10.28 -1.23
C LEU C 77 -1.08 -11.78 -1.06
N ASP C 78 -1.04 -12.24 0.19
CA ASP C 78 -0.84 -13.65 0.47
C ASP C 78 -1.21 -14.50 -0.74
N THR C 79 -2.09 -13.96 -1.59
CA THR C 79 -2.53 -14.67 -2.78
C THR C 79 -2.50 -13.76 -3.99
N TYR C 80 -1.31 -13.56 -4.56
CA TYR C 80 -1.16 -12.70 -5.73
C TYR C 80 -1.15 -13.52 -7.00
N PRO C 81 -1.25 -14.83 -6.88
CA PRO C 81 -1.24 -15.76 -8.04
C PRO C 81 -2.57 -15.72 -8.80
N TYR C 82 -3.58 -15.12 -8.20
CA TYR C 82 -4.89 -15.04 -8.82
C TYR C 82 -5.45 -13.62 -8.69
N ASN C 83 -4.89 -12.86 -7.76
CA ASN C 83 -5.34 -11.49 -7.54
C ASN C 83 -4.31 -10.49 -8.05
N PRO C 84 -4.77 -9.38 -8.56
CA PRO C 84 -3.87 -8.31 -9.10
C PRO C 84 -3.19 -7.51 -8.00
N PRO C 85 -1.91 -7.31 -8.12
CA PRO C 85 -1.10 -6.55 -7.12
C PRO C 85 -1.55 -5.09 -7.02
N ILE C 86 -1.17 -4.43 -5.92
CA ILE C 86 -1.55 -3.04 -5.71
C ILE C 86 -0.41 -2.12 -6.16
N CYS C 87 -0.48 -1.67 -7.41
CA CYS C 87 0.54 -0.79 -7.96
C CYS C 87 0.46 0.60 -7.31
N PHE C 88 1.53 1.37 -7.47
CA PHE C 88 1.57 2.71 -6.91
C PHE C 88 2.76 3.49 -7.47
N VAL C 89 2.51 4.74 -7.85
CA VAL C 89 3.57 5.58 -8.41
C VAL C 89 4.21 6.43 -7.32
N LYS C 90 5.34 5.95 -6.79
CA LYS C 90 6.04 6.67 -5.75
C LYS C 90 6.87 7.82 -6.33
N PRO C 91 6.27 8.97 -6.46
CA PRO C 91 6.96 10.17 -7.03
C PRO C 91 7.96 10.77 -6.05
N THR C 92 9.08 11.25 -6.57
CA THR C 92 10.11 11.85 -5.73
C THR C 92 9.85 13.34 -5.55
N SER C 93 10.69 13.99 -4.74
CA SER C 93 10.54 15.41 -4.49
C SER C 93 10.71 16.21 -5.78
N SER C 94 11.23 15.56 -6.80
CA SER C 94 11.44 16.22 -8.09
C SER C 94 10.49 15.65 -9.14
N MET C 95 9.39 15.04 -8.68
CA MET C 95 8.42 14.46 -9.60
C MET C 95 7.01 14.89 -9.21
N THR C 96 6.18 15.14 -10.23
CA THR C 96 4.80 15.57 -9.98
C THR C 96 3.83 14.65 -10.71
N ILE C 97 2.99 13.96 -9.95
CA ILE C 97 2.00 13.05 -10.52
C ILE C 97 1.08 13.80 -11.47
N LYS C 98 0.96 13.31 -12.70
CA LYS C 98 0.10 13.95 -13.69
C LYS C 98 -1.19 13.15 -13.86
N THR C 99 -1.94 13.01 -12.77
CA THR C 99 -3.20 12.28 -12.81
C THR C 99 -3.71 12.15 -14.24
N GLY C 100 -4.16 10.95 -14.60
CA GLY C 100 -4.67 10.71 -15.94
C GLY C 100 -5.74 9.62 -15.93
N LYS C 101 -5.56 8.62 -16.79
CA LYS C 101 -6.51 7.52 -16.87
C LYS C 101 -5.94 6.27 -16.19
N HIS C 102 -4.64 6.28 -15.96
CA HIS C 102 -3.97 5.15 -15.32
C HIS C 102 -3.28 5.60 -14.04
N VAL C 103 -3.58 6.82 -13.60
CA VAL C 103 -2.97 7.35 -12.39
C VAL C 103 -3.83 8.47 -11.80
N ASP C 104 -4.02 8.43 -10.49
CA ASP C 104 -4.82 9.44 -9.81
C ASP C 104 -3.94 10.42 -9.05
N ALA C 105 -4.47 10.98 -7.96
CA ALA C 105 -3.71 11.92 -7.16
C ALA C 105 -2.91 11.20 -6.08
N ASN C 106 -3.35 9.98 -5.74
CA ASN C 106 -2.68 9.20 -4.73
C ASN C 106 -1.51 8.42 -5.33
N GLY C 107 -1.57 8.22 -6.65
CA GLY C 107 -0.52 7.49 -7.34
C GLY C 107 -1.05 6.16 -7.88
N LYS C 108 -2.14 5.69 -7.31
CA LYS C 108 -2.74 4.43 -7.73
C LYS C 108 -2.70 4.30 -9.25
N ILE C 109 -2.39 3.10 -9.75
CA ILE C 109 -2.31 2.87 -11.18
C ILE C 109 -3.56 2.12 -11.66
N TYR C 110 -4.07 2.53 -12.82
CA TYR C 110 -5.25 1.90 -13.38
C TYR C 110 -4.98 1.40 -14.80
N LEU C 111 -5.01 0.08 -14.98
CA LEU C 111 -4.76 -0.51 -16.29
C LEU C 111 -5.64 -1.74 -16.49
N PRO C 112 -6.17 -1.90 -17.67
CA PRO C 112 -7.05 -3.04 -18.02
C PRO C 112 -6.47 -4.38 -17.58
N TYR C 113 -5.14 -4.43 -17.49
CA TYR C 113 -4.47 -5.66 -17.08
C TYR C 113 -4.86 -6.03 -15.66
N LEU C 114 -5.13 -5.03 -14.84
CA LEU C 114 -5.51 -5.27 -13.45
C LEU C 114 -7.00 -5.60 -13.35
N HIS C 115 -7.81 -4.86 -14.11
CA HIS C 115 -9.25 -5.08 -14.10
C HIS C 115 -9.57 -6.51 -14.54
N GLU C 116 -8.85 -6.98 -15.55
CA GLU C 116 -9.07 -8.33 -16.06
C GLU C 116 -7.88 -9.23 -15.73
N TRP C 117 -7.64 -9.42 -14.43
CA TRP C 117 -6.53 -10.26 -13.98
C TRP C 117 -7.02 -11.69 -13.72
N LYS C 118 -6.21 -12.66 -14.13
CA LYS C 118 -6.58 -14.06 -13.94
C LYS C 118 -5.49 -14.79 -13.16
N HIS C 119 -4.42 -15.18 -13.86
CA HIS C 119 -3.32 -15.89 -13.24
C HIS C 119 -2.67 -16.86 -14.23
N PRO C 120 -3.48 -17.48 -15.04
CA PRO C 120 -3.00 -18.47 -16.05
C PRO C 120 -2.27 -17.78 -17.21
N GLN C 121 -2.62 -16.52 -17.46
CA GLN C 121 -2.00 -15.76 -18.53
C GLN C 121 -1.48 -14.42 -18.01
N SER C 122 -2.05 -13.95 -16.91
CA SER C 122 -1.65 -12.69 -16.32
C SER C 122 -0.50 -12.91 -15.32
N ASP C 123 0.53 -12.07 -15.41
CA ASP C 123 1.67 -12.18 -14.52
C ASP C 123 2.33 -10.82 -14.32
N LEU C 124 3.28 -10.77 -13.39
CA LEU C 124 3.99 -9.53 -13.11
C LEU C 124 4.67 -8.99 -14.37
N LEU C 125 5.51 -9.84 -14.96
CA LEU C 125 6.23 -9.44 -16.18
C LEU C 125 5.28 -8.78 -17.17
N GLY C 126 4.17 -9.47 -17.47
CA GLY C 126 3.20 -8.94 -18.41
C GLY C 126 2.61 -7.62 -17.91
N LEU C 127 2.43 -7.51 -16.60
CA LEU C 127 1.88 -6.31 -16.00
C LEU C 127 2.86 -5.14 -16.14
N ILE C 128 4.15 -5.43 -15.92
CA ILE C 128 5.17 -4.40 -16.02
C ILE C 128 5.32 -3.93 -17.46
N GLN C 129 5.40 -4.88 -18.39
CA GLN C 129 5.55 -4.55 -19.79
C GLN C 129 4.41 -3.65 -20.25
N VAL C 130 3.20 -3.97 -19.81
CA VAL C 130 2.02 -3.18 -20.18
C VAL C 130 2.09 -1.79 -19.55
N MET C 131 2.72 -1.69 -18.39
CA MET C 131 2.84 -0.41 -17.70
C MET C 131 3.80 0.51 -18.45
N ILE C 132 4.81 -0.08 -19.07
CA ILE C 132 5.79 0.70 -19.83
C ILE C 132 5.18 1.20 -21.13
N VAL C 133 4.29 0.40 -21.71
CA VAL C 133 3.64 0.78 -22.96
C VAL C 133 2.66 1.92 -22.74
N VAL C 134 1.86 1.81 -21.69
CA VAL C 134 0.88 2.85 -21.38
C VAL C 134 1.58 4.13 -20.92
N PHE C 135 2.52 3.97 -19.99
CA PHE C 135 3.25 5.12 -19.48
C PHE C 135 4.02 5.81 -20.59
N GLY C 136 4.41 5.04 -21.60
CA GLY C 136 5.15 5.59 -22.73
C GLY C 136 4.30 6.59 -23.51
N ASP C 137 3.02 6.26 -23.67
CA ASP C 137 2.11 7.14 -24.40
C ASP C 137 1.50 8.17 -23.46
N GLU C 138 1.40 7.81 -22.18
CA GLU C 138 0.84 8.72 -21.18
C GLU C 138 1.71 8.77 -19.94
N PRO C 139 2.55 9.76 -19.84
CA PRO C 139 3.47 9.93 -18.68
C PRO C 139 2.72 10.29 -17.40
N PRO C 140 2.79 9.43 -16.41
CA PRO C 140 2.11 9.65 -15.11
C PRO C 140 2.81 10.73 -14.27
N VAL C 141 4.01 11.10 -14.69
CA VAL C 141 4.76 12.12 -13.96
C VAL C 141 5.52 13.02 -14.94
N PHE C 142 6.04 14.13 -14.44
CA PHE C 142 6.79 15.06 -15.28
C PHE C 142 7.66 15.97 -14.42
N SER C 143 8.98 15.82 -14.56
CA SER C 143 9.91 16.64 -13.79
C SER C 143 9.22 17.87 -13.25
N MET A 1 -1.98 23.58 -1.63
CA MET A 1 -2.75 22.59 -2.43
C MET A 1 -3.95 22.11 -1.63
N GLN A 2 -4.85 21.37 -2.30
CA GLN A 2 -6.04 20.86 -1.62
C GLN A 2 -5.96 19.33 -1.52
N ILE A 3 -6.43 18.80 -0.39
CA ILE A 3 -6.41 17.36 -0.18
C ILE A 3 -7.77 16.86 0.31
N PHE A 4 -7.97 15.55 0.28
CA PHE A 4 -9.23 14.98 0.73
C PHE A 4 -8.98 13.95 1.83
N VAL A 5 -9.95 13.81 2.74
CA VAL A 5 -9.83 12.86 3.84
C VAL A 5 -11.13 12.09 4.02
N LYS A 6 -11.08 10.78 3.78
CA LYS A 6 -12.26 9.94 3.93
C LYS A 6 -12.31 9.33 5.32
N THR A 7 -13.51 9.08 5.82
CA THR A 7 -13.68 8.49 7.13
C THR A 7 -14.16 7.05 7.03
N LEU A 8 -14.49 6.44 8.17
CA LEU A 8 -14.96 5.07 8.19
C LEU A 8 -16.47 5.02 8.01
N THR A 9 -17.11 6.18 8.08
CA THR A 9 -18.56 6.26 7.93
C THR A 9 -18.93 6.60 6.49
N GLY A 10 -17.98 7.17 5.75
CA GLY A 10 -18.21 7.53 4.37
C GLY A 10 -18.38 9.04 4.23
N LYS A 11 -17.47 9.79 4.84
CA LYS A 11 -17.51 11.24 4.78
C LYS A 11 -16.19 11.81 4.27
N THR A 12 -16.26 12.66 3.26
CA THR A 12 -15.05 13.25 2.69
C THR A 12 -14.91 14.71 3.14
N ILE A 13 -13.71 15.08 3.58
CA ILE A 13 -13.45 16.44 4.03
C ILE A 13 -12.33 17.06 3.22
N THR A 14 -12.48 18.35 2.90
CA THR A 14 -11.46 19.06 2.11
C THR A 14 -10.65 19.99 3.01
N LEU A 15 -9.33 19.96 2.84
CA LEU A 15 -8.44 20.80 3.63
C LEU A 15 -7.38 21.44 2.75
N GLU A 16 -6.91 22.62 3.15
CA GLU A 16 -5.89 23.32 2.37
C GLU A 16 -4.59 23.40 3.16
N VAL A 17 -3.66 22.50 2.85
CA VAL A 17 -2.37 22.48 3.53
C VAL A 17 -1.24 22.79 2.56
N GLU A 18 -0.01 22.76 3.05
CA GLU A 18 1.14 23.04 2.20
C GLU A 18 2.16 21.91 2.29
N PRO A 19 2.89 21.69 1.23
CA PRO A 19 3.94 20.63 1.18
C PRO A 19 4.88 20.68 2.37
N SER A 20 4.90 21.82 3.05
CA SER A 20 5.77 21.99 4.21
C SER A 20 4.96 21.87 5.50
N ASP A 21 3.78 21.29 5.40
CA ASP A 21 2.92 21.10 6.57
C ASP A 21 3.19 19.76 7.23
N THR A 22 3.31 19.78 8.55
CA THR A 22 3.57 18.55 9.30
C THR A 22 2.27 17.78 9.53
N ILE A 23 2.40 16.48 9.80
CA ILE A 23 1.24 15.64 10.04
C ILE A 23 0.45 16.14 11.24
N GLU A 24 1.17 16.48 12.32
CA GLU A 24 0.52 16.97 13.52
C GLU A 24 -0.37 18.16 13.22
N ASN A 25 0.09 19.03 12.32
CA ASN A 25 -0.68 20.21 11.93
C ASN A 25 -1.96 19.80 11.22
N VAL A 26 -1.87 18.79 10.37
CA VAL A 26 -3.04 18.31 9.65
C VAL A 26 -4.10 17.78 10.61
N LYS A 27 -3.66 17.12 11.67
CA LYS A 27 -4.57 16.58 12.67
C LYS A 27 -5.34 17.70 13.35
N ALA A 28 -4.66 18.80 13.62
CA ALA A 28 -5.29 19.94 14.28
C ALA A 28 -6.40 20.52 13.41
N LYS A 29 -6.13 20.61 12.11
CA LYS A 29 -7.11 21.14 11.18
C LYS A 29 -8.39 20.30 11.20
N ILE A 30 -8.22 18.99 11.33
CA ILE A 30 -9.36 18.08 11.37
C ILE A 30 -10.09 18.18 12.70
N GLN A 31 -9.36 18.56 13.74
CA GLN A 31 -9.94 18.69 15.07
C GLN A 31 -10.78 19.96 15.16
N ASP A 32 -10.52 20.90 14.25
CA ASP A 32 -11.25 22.16 14.23
C ASP A 32 -12.45 22.07 13.31
N LYS A 33 -12.45 21.05 12.44
CA LYS A 33 -13.55 20.86 11.50
C LYS A 33 -14.54 19.83 12.04
N GLU A 34 -14.01 18.76 12.62
CA GLU A 34 -14.85 17.70 13.17
C GLU A 34 -14.80 17.71 14.69
N GLY A 35 -13.63 18.04 15.24
CA GLY A 35 -13.46 18.06 16.69
C GLY A 35 -12.94 16.74 17.21
N ILE A 36 -12.11 16.07 16.41
CA ILE A 36 -11.55 14.79 16.80
C ILE A 36 -10.14 14.97 17.36
N PRO A 37 -9.96 14.69 18.62
CA PRO A 37 -8.64 14.81 19.31
C PRO A 37 -7.52 14.12 18.52
N PRO A 38 -6.45 14.83 18.28
CA PRO A 38 -5.28 14.29 17.54
C PRO A 38 -4.82 12.93 18.09
N ASP A 39 -4.91 12.78 19.40
CA ASP A 39 -4.50 11.53 20.04
C ASP A 39 -5.46 10.40 19.68
N GLN A 40 -6.58 10.75 19.04
CA GLN A 40 -7.56 9.76 18.64
C GLN A 40 -7.78 9.79 17.14
N GLN A 41 -6.72 10.05 16.39
CA GLN A 41 -6.80 10.11 14.94
C GLN A 41 -5.64 9.36 14.30
N ARG A 42 -5.94 8.52 13.32
CA ARG A 42 -4.91 7.75 12.63
C ARG A 42 -4.97 7.99 11.13
N LEU A 43 -3.97 8.69 10.60
CA LEU A 43 -3.92 8.98 9.18
C LEU A 43 -3.17 7.88 8.43
N ILE A 44 -3.63 7.55 7.23
CA ILE A 44 -3.00 6.51 6.43
C ILE A 44 -2.95 6.92 4.97
N PHE A 45 -1.79 6.74 4.35
CA PHE A 45 -1.62 7.10 2.94
C PHE A 45 -0.91 5.97 2.18
N ALA A 46 -1.56 5.44 1.17
CA ALA A 46 -0.97 4.36 0.37
C ALA A 46 -0.71 3.14 1.25
N GLY A 47 -1.52 2.97 2.29
CA GLY A 47 -1.36 1.84 3.19
C GLY A 47 -0.22 2.08 4.17
N LYS A 48 0.17 3.35 4.32
CA LYS A 48 1.25 3.71 5.23
C LYS A 48 0.76 4.69 6.29
N GLN A 49 1.14 4.44 7.54
CA GLN A 49 0.73 5.32 8.64
C GLN A 49 1.67 6.52 8.73
N LEU A 50 1.09 7.71 8.54
CA LEU A 50 1.89 8.94 8.61
C LEU A 50 2.24 9.27 10.05
N GLU A 51 3.43 9.84 10.26
CA GLU A 51 3.87 10.20 11.60
C GLU A 51 3.61 11.68 11.86
N ASP A 52 3.57 12.05 13.14
CA ASP A 52 3.33 13.44 13.52
C ASP A 52 4.63 14.24 13.48
N GLY A 53 5.74 13.55 13.22
CA GLY A 53 7.03 14.21 13.15
C GLY A 53 7.49 14.37 11.70
N ARG A 54 6.63 13.97 10.77
CA ARG A 54 6.97 14.07 9.35
C ARG A 54 6.03 15.06 8.66
N THR A 55 6.41 15.47 7.46
CA THR A 55 5.60 16.43 6.70
C THR A 55 4.84 15.71 5.58
N LEU A 56 4.14 16.48 4.75
CA LEU A 56 3.39 15.91 3.65
C LEU A 56 4.31 15.56 2.48
N SER A 57 5.27 16.45 2.22
CA SER A 57 6.21 16.23 1.13
C SER A 57 7.07 15.01 1.40
N ASP A 58 7.21 14.66 2.68
CA ASP A 58 8.01 13.50 3.06
C ASP A 58 7.36 12.21 2.57
N TYR A 59 6.05 12.25 2.39
CA TYR A 59 5.31 11.08 1.93
C TYR A 59 5.01 11.20 0.44
N ASN A 60 5.44 12.30 -0.17
CA ASN A 60 5.21 12.52 -1.59
C ASN A 60 3.72 12.73 -1.87
N ILE A 61 3.06 13.43 -0.97
CA ILE A 61 1.62 13.69 -1.13
C ILE A 61 1.39 14.89 -2.03
N GLN A 62 0.82 14.64 -3.21
CA GLN A 62 0.55 15.71 -4.16
C GLN A 62 -0.84 16.30 -3.91
N ARG A 63 -1.33 17.09 -4.87
CA ARG A 63 -2.63 17.70 -4.74
C ARG A 63 -3.73 16.70 -5.12
N GLU A 64 -4.95 17.00 -4.70
CA GLU A 64 -6.07 16.12 -5.00
C GLU A 64 -5.83 14.72 -4.43
N SER A 65 -4.98 14.65 -3.41
CA SER A 65 -4.66 13.37 -2.79
C SER A 65 -5.73 12.97 -1.78
N THR A 66 -5.93 11.68 -1.60
CA THR A 66 -6.92 11.19 -0.66
C THR A 66 -6.26 10.48 0.52
N LEU A 67 -6.67 10.83 1.73
CA LEU A 67 -6.10 10.23 2.93
C LEU A 67 -7.18 9.51 3.73
N HIS A 68 -6.77 8.51 4.50
CA HIS A 68 -7.72 7.75 5.32
C HIS A 68 -7.56 8.10 6.79
N LEU A 69 -8.67 8.28 7.48
CA LEU A 69 -8.64 8.60 8.90
C LEU A 69 -9.21 7.47 9.73
N VAL A 70 -8.47 7.05 10.76
CA VAL A 70 -8.92 5.98 11.63
C VAL A 70 -8.98 6.44 13.08
N LEU A 71 -10.06 6.08 13.76
CA LEU A 71 -10.22 6.47 15.16
C LEU A 71 -9.75 5.35 16.08
N ARG A 72 -9.15 5.73 17.21
CA ARG A 72 -8.67 4.75 18.18
C ARG A 72 -9.58 4.68 19.39
N LEU A 73 -9.47 3.59 20.15
CA LEU A 73 -10.30 3.42 21.34
C LEU A 73 -9.89 4.43 22.40
N ARG A 74 -10.86 4.87 23.21
CA ARG A 74 -10.58 5.84 24.26
C ARG A 74 -9.55 5.28 25.23
N GLY A 75 -9.44 3.96 25.28
CA GLY A 75 -8.47 3.32 26.17
C GLY A 75 -8.23 1.88 25.74
N GLY A 76 -7.11 1.32 26.20
CA GLY A 76 -6.77 -0.06 25.86
C GLY A 76 -5.82 -0.13 24.67
N MET B 1 2.01 0.41 27.70
CA MET B 1 1.24 -0.03 26.50
C MET B 1 1.80 -1.35 25.99
N GLN B 2 1.09 -1.97 25.06
CA GLN B 2 1.51 -3.25 24.49
C GLN B 2 1.92 -3.07 23.03
N ILE B 3 2.97 -3.78 22.63
CA ILE B 3 3.46 -3.69 21.26
C ILE B 3 3.67 -5.09 20.67
N PHE B 4 3.85 -5.15 19.37
CA PHE B 4 4.08 -6.44 18.70
C PHE B 4 5.37 -6.41 17.91
N VAL B 5 6.02 -7.56 17.78
CA VAL B 5 7.28 -7.66 17.05
C VAL B 5 7.28 -8.90 16.15
N LYS B 6 7.30 -8.67 14.84
CA LYS B 6 7.31 -9.77 13.89
C LYS B 6 8.73 -10.13 13.51
N THR B 7 8.95 -11.40 13.18
CA THR B 7 10.27 -11.87 12.79
C THR B 7 10.33 -12.18 11.30
N LEU B 8 11.44 -12.74 10.86
CA LEU B 8 11.61 -13.09 9.45
C LEU B 8 11.08 -14.49 9.16
N THR B 9 10.76 -15.22 10.23
CA THR B 9 10.24 -16.58 10.09
C THR B 9 8.72 -16.57 10.15
N GLY B 10 8.15 -15.51 10.70
CA GLY B 10 6.70 -15.40 10.80
C GLY B 10 6.24 -15.64 12.24
N LYS B 11 6.91 -15.01 13.19
CA LYS B 11 6.56 -15.16 14.60
C LYS B 11 6.31 -13.79 15.24
N THR B 12 5.16 -13.66 15.89
CA THR B 12 4.81 -12.40 16.54
C THR B 12 4.99 -12.51 18.05
N ILE B 13 5.66 -11.52 18.63
CA ILE B 13 5.90 -11.51 20.07
C ILE B 13 5.27 -10.27 20.71
N THR B 14 4.68 -10.45 21.89
CA THR B 14 4.04 -9.34 22.58
C THR B 14 4.89 -8.88 23.76
N LEU B 15 5.09 -7.57 23.87
CA LEU B 15 5.90 -7.01 24.96
C LEU B 15 5.19 -5.81 25.58
N GLU B 16 5.50 -5.54 26.84
CA GLU B 16 4.88 -4.40 27.54
C GLU B 16 5.93 -3.38 27.92
N VAL B 17 6.04 -2.32 27.13
CA VAL B 17 7.01 -1.26 27.39
C VAL B 17 6.30 0.05 27.69
N GLU B 18 7.09 1.10 27.90
CA GLU B 18 6.51 2.42 28.19
C GLU B 18 7.07 3.46 27.25
N PRO B 19 6.30 4.48 26.97
CA PRO B 19 6.70 5.58 26.04
C PRO B 19 8.06 6.17 26.42
N SER B 20 8.50 5.90 27.64
CA SER B 20 9.79 6.40 28.12
C SER B 20 10.83 5.30 28.10
N ASP B 21 10.55 4.24 27.35
CA ASP B 21 11.48 3.12 27.25
C ASP B 21 12.44 3.31 26.08
N THR B 22 13.71 3.07 26.32
CA THR B 22 14.72 3.22 25.28
C THR B 22 14.76 1.98 24.39
N ILE B 23 15.30 2.15 23.17
CA ILE B 23 15.39 1.04 22.23
C ILE B 23 16.25 -0.08 22.82
N GLU B 24 17.37 0.28 23.42
CA GLU B 24 18.27 -0.70 24.00
C GLU B 24 17.52 -1.57 25.01
N ASN B 25 16.63 -0.96 25.78
CA ASN B 25 15.85 -1.69 26.75
C ASN B 25 14.93 -2.71 26.08
N VAL B 26 14.34 -2.31 24.96
CA VAL B 26 13.45 -3.19 24.22
C VAL B 26 14.20 -4.42 23.72
N LYS B 27 15.44 -4.22 23.30
CA LYS B 27 16.27 -5.32 22.81
C LYS B 27 16.52 -6.34 23.91
N ALA B 28 16.73 -5.85 25.13
CA ALA B 28 16.98 -6.73 26.26
C ALA B 28 15.77 -7.61 26.54
N LYS B 29 14.58 -7.02 26.46
CA LYS B 29 13.35 -7.76 26.70
C LYS B 29 13.20 -8.91 25.70
N ILE B 30 13.63 -8.66 24.46
CA ILE B 30 13.54 -9.69 23.43
C ILE B 30 14.60 -10.76 23.65
N GLN B 31 15.71 -10.37 24.27
CA GLN B 31 16.80 -11.30 24.54
C GLN B 31 16.44 -12.23 25.69
N ASP B 32 15.47 -11.83 26.50
CA ASP B 32 15.02 -12.63 27.63
C ASP B 32 13.86 -13.53 27.23
N LYS B 33 13.23 -13.21 26.10
CA LYS B 33 12.10 -13.99 25.62
C LYS B 33 12.56 -14.98 24.56
N GLU B 34 13.46 -14.55 23.68
CA GLU B 34 13.96 -15.41 22.63
C GLU B 34 15.42 -15.77 22.88
N GLY B 35 16.17 -14.83 23.44
CA GLY B 35 17.58 -15.06 23.73
C GLY B 35 18.46 -14.59 22.57
N ILE B 36 18.03 -13.52 21.91
CA ILE B 36 18.79 -12.97 20.79
C ILE B 36 19.63 -11.79 21.24
N PRO B 37 20.93 -11.93 21.19
CA PRO B 37 21.88 -10.86 21.61
C PRO B 37 21.55 -9.52 20.96
N PRO B 38 21.46 -8.48 21.74
CA PRO B 38 21.15 -7.11 21.25
C PRO B 38 22.04 -6.70 20.08
N ASP B 39 23.30 -7.13 20.13
CA ASP B 39 24.25 -6.81 19.07
C ASP B 39 23.88 -7.53 17.77
N GLN B 40 22.93 -8.45 17.86
CA GLN B 40 22.50 -9.21 16.71
C GLN B 40 21.00 -9.02 16.46
N GLN B 41 20.51 -7.82 16.74
CA GLN B 41 19.09 -7.51 16.54
C GLN B 41 18.93 -6.16 15.88
N ARG B 42 18.07 -6.12 14.85
CA ARG B 42 17.83 -4.88 14.13
C ARG B 42 16.34 -4.55 14.10
N LEU B 43 15.96 -3.50 14.84
CA LEU B 43 14.56 -3.10 14.90
C LEU B 43 14.25 -2.08 13.79
N ILE B 44 13.05 -2.19 13.23
CA ILE B 44 12.65 -1.27 12.17
C ILE B 44 11.19 -0.86 12.34
N PHE B 45 10.93 0.44 12.21
CA PHE B 45 9.57 0.95 12.36
C PHE B 45 9.24 1.94 11.24
N ALA B 46 8.22 1.62 10.47
CA ALA B 46 7.81 2.49 9.36
C ALA B 46 8.94 2.62 8.34
N GLY B 47 9.76 1.57 8.24
CA GLY B 47 10.87 1.58 7.29
C GLY B 47 12.04 2.40 7.85
N LYS B 48 12.04 2.61 9.16
CA LYS B 48 13.10 3.38 9.80
C LYS B 48 13.80 2.54 10.87
N GLN B 49 15.13 2.59 10.88
CA GLN B 49 15.90 1.83 11.85
C GLN B 49 16.00 2.58 13.17
N LEU B 50 15.45 2.00 14.23
CA LEU B 50 15.48 2.63 15.54
C LEU B 50 16.88 2.54 16.14
N GLU B 51 17.25 3.58 16.90
CA GLU B 51 18.57 3.62 17.53
C GLU B 51 18.47 3.17 18.98
N ASP B 52 19.60 2.76 19.54
CA ASP B 52 19.64 2.30 20.93
C ASP B 52 19.79 3.49 21.87
N GLY B 53 19.93 4.68 21.31
CA GLY B 53 20.06 5.89 22.11
C GLY B 53 18.78 6.70 22.10
N ARG B 54 17.76 6.17 21.43
CA ARG B 54 16.47 6.85 21.36
C ARG B 54 15.39 6.06 22.09
N THR B 55 14.27 6.72 22.35
CA THR B 55 13.17 6.06 23.05
C THR B 55 12.05 5.70 22.07
N LEU B 56 10.96 5.18 22.60
CA LEU B 56 9.82 4.80 21.77
C LEU B 56 9.01 6.02 21.37
N SER B 57 8.83 6.94 22.32
CA SER B 57 8.07 8.16 22.05
C SER B 57 8.78 9.02 21.00
N ASP B 58 10.09 8.85 20.90
CA ASP B 58 10.87 9.61 19.92
C ASP B 58 10.48 9.22 18.50
N TYR B 59 9.98 8.00 18.35
CA TYR B 59 9.57 7.51 17.03
C TYR B 59 8.06 7.59 16.87
N ASN B 60 7.39 8.12 17.90
CA ASN B 60 5.94 8.24 17.87
C ASN B 60 5.28 6.86 17.79
N ILE B 61 5.78 5.93 18.60
CA ILE B 61 5.23 4.57 18.61
C ILE B 61 4.11 4.46 19.63
N GLN B 62 2.89 4.20 19.14
CA GLN B 62 1.74 4.07 20.02
C GLN B 62 1.53 2.60 20.40
N LYS B 63 0.42 2.33 21.09
CA LYS B 63 0.12 0.97 21.52
C LYS B 63 -0.43 0.16 20.34
N GLU B 64 -0.27 -1.16 20.41
CA GLU B 64 -0.76 -2.03 19.35
C GLU B 64 0.07 -1.87 18.09
N SER B 65 1.22 -1.20 18.24
CA SER B 65 2.12 -0.98 17.10
C SER B 65 2.88 -2.26 16.76
N THR B 66 3.30 -2.36 15.51
CA THR B 66 4.05 -3.54 15.06
C THR B 66 5.47 -3.15 14.65
N LEU B 67 6.45 -3.88 15.15
CA LEU B 67 7.84 -3.60 14.82
C LEU B 67 8.47 -4.80 14.11
N HIS B 68 9.48 -4.54 13.30
CA HIS B 68 10.17 -5.59 12.57
C HIS B 68 11.55 -5.86 13.17
N LEU B 69 11.89 -7.13 13.31
CA LEU B 69 13.18 -7.51 13.87
C LEU B 69 14.05 -8.19 12.82
N VAL B 70 15.28 -7.70 12.66
CA VAL B 70 16.20 -8.26 11.69
C VAL B 70 17.47 -8.76 12.37
N LEU B 71 17.89 -9.97 12.03
CA LEU B 71 19.09 -10.55 12.62
C LEU B 71 20.30 -10.29 11.74
N ARG B 72 21.42 -9.92 12.35
CA ARG B 72 22.64 -9.64 11.60
C ARG B 72 23.53 -10.87 11.56
N LEU B 73 24.51 -10.86 10.65
CA LEU B 73 25.42 -11.98 10.52
C LEU B 73 26.83 -11.58 10.96
N ARG B 74 27.02 -11.45 12.27
CA ARG B 74 28.32 -11.06 12.81
C ARG B 74 28.91 -9.89 12.04
N GLY B 75 28.41 -8.69 12.31
CA GLY B 75 28.88 -7.49 11.63
C GLY B 75 30.37 -7.28 11.89
N GLY B 76 30.78 -7.50 13.13
CA GLY B 76 32.18 -7.32 13.51
C GLY B 76 32.65 -5.90 13.21
N ASP B 77 33.79 -5.79 12.55
CA ASP B 77 34.34 -4.48 12.21
C ASP B 77 34.45 -3.61 13.45
N VAL C 3 17.63 -9.82 -3.39
CA VAL C 3 18.77 -10.58 -3.98
C VAL C 3 18.72 -12.03 -3.50
N SER C 4 19.35 -12.92 -4.25
CA SER C 4 19.37 -14.34 -3.89
C SER C 4 17.97 -14.94 -4.01
N GLU C 5 17.89 -16.17 -4.47
CA GLU C 5 16.61 -16.85 -4.62
C GLU C 5 16.15 -17.42 -3.29
N SER C 6 17.11 -17.79 -2.44
CA SER C 6 16.78 -18.36 -1.14
C SER C 6 16.10 -17.32 -0.26
N GLN C 7 16.68 -16.12 -0.18
CA GLN C 7 16.13 -15.06 0.63
C GLN C 7 14.73 -14.69 0.13
N LEU C 8 14.50 -14.87 -1.16
CA LEU C 8 13.20 -14.56 -1.75
C LEU C 8 12.14 -15.54 -1.29
N LYS C 9 12.54 -16.81 -1.18
CA LYS C 9 11.62 -17.86 -0.75
C LYS C 9 11.40 -17.78 0.77
N LYS C 10 12.09 -16.86 1.42
CA LYS C 10 11.97 -16.70 2.86
C LYS C 10 10.97 -15.58 3.19
N MET C 11 11.01 -14.52 2.40
CA MET C 11 10.10 -13.39 2.61
C MET C 11 8.68 -13.75 2.21
N VAL C 12 8.56 -14.78 1.38
CA VAL C 12 7.24 -15.22 0.92
C VAL C 12 6.95 -16.63 1.43
N SER C 13 7.28 -16.88 2.69
CA SER C 13 7.04 -18.19 3.30
C SER C 13 5.60 -18.29 3.81
N LYS C 14 4.96 -17.14 3.99
CA LYS C 14 3.59 -17.12 4.48
C LYS C 14 2.61 -16.91 3.31
N TYR C 15 3.06 -17.23 2.11
CA TYR C 15 2.22 -17.08 0.93
C TYR C 15 1.62 -18.42 0.52
N LYS C 16 0.30 -18.44 0.34
CA LYS C 16 -0.38 -19.66 -0.04
C LYS C 16 0.28 -20.28 -1.28
N TYR C 17 0.68 -19.42 -2.21
CA TYR C 17 1.33 -19.89 -3.43
C TYR C 17 2.75 -19.34 -3.54
N ARG C 18 3.65 -19.87 -2.72
CA ARG C 18 5.03 -19.43 -2.73
C ARG C 18 5.66 -19.64 -4.10
N ASP C 19 5.98 -20.89 -4.42
CA ASP C 19 6.58 -21.22 -5.71
C ASP C 19 6.14 -20.21 -6.77
N LEU C 20 4.91 -20.36 -7.26
CA LEU C 20 4.39 -19.45 -8.27
C LEU C 20 4.94 -18.05 -8.08
N THR C 21 4.54 -17.41 -6.98
CA THR C 21 5.00 -16.06 -6.68
C THR C 21 6.50 -15.93 -6.97
N VAL C 22 7.30 -16.73 -6.26
CA VAL C 22 8.74 -16.70 -6.44
C VAL C 22 9.10 -16.68 -7.92
N ARG C 23 8.85 -17.80 -8.60
CA ARG C 23 9.15 -17.90 -10.02
C ARG C 23 8.82 -16.59 -10.73
N GLU C 24 7.56 -16.18 -10.65
CA GLU C 24 7.13 -14.94 -11.29
C GLU C 24 8.07 -13.80 -10.92
N THR C 25 8.32 -13.64 -9.62
CA THR C 25 9.19 -12.58 -9.15
C THR C 25 10.56 -12.69 -9.81
N VAL C 26 11.13 -13.89 -9.78
CA VAL C 26 12.44 -14.12 -10.38
C VAL C 26 12.43 -13.74 -11.86
N ASN C 27 11.31 -14.00 -12.53
CA ASN C 27 11.19 -13.67 -13.94
C ASN C 27 11.09 -12.17 -14.14
N VAL C 28 10.71 -11.45 -13.09
CA VAL C 28 10.57 -10.00 -13.17
C VAL C 28 11.92 -9.33 -12.95
N ILE C 29 12.43 -9.41 -11.72
CA ILE C 29 13.72 -8.80 -11.40
C ILE C 29 14.78 -9.21 -12.40
N THR C 30 14.56 -10.34 -13.06
CA THR C 30 15.52 -10.84 -14.06
C THR C 30 15.65 -9.86 -15.21
N LEU C 31 14.51 -9.41 -15.74
CA LEU C 31 14.51 -8.47 -16.85
C LEU C 31 14.70 -7.04 -16.35
N TYR C 32 14.10 -6.74 -15.19
CA TYR C 32 14.21 -5.41 -14.61
C TYR C 32 15.02 -5.45 -13.32
N LYS C 33 16.33 -5.33 -13.44
CA LYS C 33 17.21 -5.35 -12.27
C LYS C 33 16.94 -4.14 -11.38
N ASP C 34 16.28 -3.13 -11.94
CA ASP C 34 15.96 -1.92 -11.19
C ASP C 34 14.85 -2.20 -10.17
N LEU C 35 14.37 -3.44 -10.16
CA LEU C 35 13.31 -3.81 -9.23
C LEU C 35 13.81 -4.86 -8.24
N LYS C 36 13.57 -4.61 -6.95
CA LYS C 36 14.01 -5.54 -5.92
C LYS C 36 12.87 -5.82 -4.93
N PRO C 37 12.72 -7.05 -4.54
CA PRO C 37 11.66 -7.47 -3.58
C PRO C 37 11.96 -7.02 -2.16
N VAL C 38 10.90 -6.70 -1.41
CA VAL C 38 11.07 -6.25 -0.03
C VAL C 38 9.86 -6.65 0.81
N LEU C 39 10.10 -6.99 2.08
CA LEU C 39 9.02 -7.39 2.97
C LEU C 39 8.69 -6.26 3.94
N ASP C 40 7.48 -5.72 3.80
CA ASP C 40 7.04 -4.63 4.68
C ASP C 40 5.57 -4.81 5.05
N SER C 41 5.15 -4.08 6.08
CA SER C 41 3.76 -4.17 6.54
C SER C 41 2.88 -3.19 5.76
N TYR C 42 1.77 -3.70 5.24
CA TYR C 42 0.85 -2.87 4.47
C TYR C 42 -0.42 -2.60 5.28
N VAL C 43 -0.53 -1.38 5.81
CA VAL C 43 -1.71 -1.02 6.60
C VAL C 43 -2.82 -0.50 5.68
N PHE C 44 -3.85 -1.32 5.51
CA PHE C 44 -4.98 -0.93 4.66
C PHE C 44 -5.65 0.33 5.19
N ASN C 45 -6.63 0.83 4.46
CA ASN C 45 -7.35 2.03 4.87
C ASN C 45 -8.16 1.77 6.13
N ASP C 46 -8.64 0.53 6.27
CA ASP C 46 -9.43 0.16 7.44
C ASP C 46 -8.58 0.19 8.70
N GLY C 47 -7.27 0.35 8.51
CA GLY C 47 -6.36 0.39 9.65
C GLY C 47 -5.59 -0.92 9.79
N SER C 48 -6.25 -2.02 9.42
CA SER C 48 -5.63 -3.33 9.50
C SER C 48 -4.26 -3.33 8.85
N SER C 49 -3.41 -4.29 9.21
CA SER C 49 -2.07 -4.37 8.65
C SER C 49 -1.73 -5.81 8.28
N ARG C 50 -0.82 -5.97 7.34
CA ARG C 50 -0.41 -7.30 6.89
C ARG C 50 0.95 -7.25 6.22
N GLU C 51 1.82 -8.20 6.56
CA GLU C 51 3.15 -8.25 5.97
C GLU C 51 3.11 -8.87 4.57
N LEU C 52 3.25 -8.01 3.56
CA LEU C 52 3.23 -8.49 2.18
C LEU C 52 4.54 -8.16 1.48
N MET C 53 4.83 -8.87 0.39
CA MET C 53 6.06 -8.63 -0.35
C MET C 53 5.77 -7.82 -1.61
N ASN C 54 6.38 -6.64 -1.70
CA ASN C 54 6.18 -5.77 -2.85
C ASN C 54 7.49 -5.60 -3.62
N LEU C 55 7.39 -5.13 -4.86
CA LEU C 55 8.57 -4.92 -5.69
C LEU C 55 8.84 -3.43 -5.87
N THR C 56 9.76 -2.90 -5.08
CA THR C 56 10.10 -1.49 -5.16
C THR C 56 11.27 -1.27 -6.11
N GLY C 57 11.27 -0.14 -6.81
CA GLY C 57 12.34 0.16 -7.76
C GLY C 57 11.86 1.14 -8.83
N THR C 58 12.44 1.04 -10.02
CA THR C 58 12.07 1.92 -11.12
C THR C 58 12.05 1.16 -12.43
N ILE C 59 11.21 1.59 -13.36
CA ILE C 59 11.10 0.94 -14.66
C ILE C 59 11.39 1.92 -15.78
N PRO C 60 12.09 1.49 -16.79
CA PRO C 60 12.46 2.34 -17.96
C PRO C 60 11.25 2.64 -18.85
N VAL C 61 10.98 3.92 -19.07
CA VAL C 61 9.86 4.31 -19.91
C VAL C 61 10.27 5.43 -20.87
N PRO C 62 10.78 5.06 -22.01
CA PRO C 62 11.22 6.04 -23.05
C PRO C 62 10.15 7.07 -23.37
N TYR C 63 10.54 8.34 -23.39
CA TYR C 63 9.59 9.41 -23.70
C TYR C 63 10.33 10.60 -24.32
N ARG C 64 9.92 10.97 -25.53
CA ARG C 64 10.54 12.10 -26.22
C ARG C 64 12.03 11.83 -26.43
N GLY C 65 12.39 10.56 -26.56
CA GLY C 65 13.79 10.19 -26.76
C GLY C 65 14.53 10.09 -25.43
N ASN C 66 13.87 10.53 -24.36
CA ASN C 66 14.47 10.49 -23.04
C ASN C 66 13.92 9.31 -22.24
N THR C 67 14.78 8.69 -21.44
CA THR C 67 14.36 7.55 -20.63
C THR C 67 14.10 7.97 -19.19
N TYR C 68 12.87 7.80 -18.74
CA TYR C 68 12.50 8.17 -17.38
C TYR C 68 12.34 6.92 -16.51
N ASN C 69 13.05 6.90 -15.38
CA ASN C 69 12.97 5.75 -14.47
C ASN C 69 11.87 5.99 -13.44
N ILE C 70 10.62 5.82 -13.87
CA ILE C 70 9.48 6.01 -12.97
C ILE C 70 9.48 4.96 -11.86
N PRO C 71 9.51 5.39 -10.63
CA PRO C 71 9.50 4.49 -9.45
C PRO C 71 8.11 3.96 -9.13
N ILE C 72 7.99 2.64 -8.97
CA ILE C 72 6.71 2.03 -8.66
C ILE C 72 6.83 1.10 -7.46
N CYS C 73 5.69 0.63 -6.96
CA CYS C 73 5.69 -0.27 -5.81
C CYS C 73 4.53 -1.26 -5.91
N LEU C 74 4.82 -2.45 -6.42
CA LEU C 74 3.81 -3.48 -6.58
C LEU C 74 3.66 -4.28 -5.29
N TRP C 75 2.43 -4.37 -4.79
CA TRP C 75 2.16 -5.12 -3.56
C TRP C 75 1.47 -6.44 -3.87
N LEU C 76 1.96 -7.51 -3.28
CA LEU C 76 1.37 -8.83 -3.50
C LEU C 76 0.70 -9.34 -2.23
N LEU C 77 -0.55 -9.78 -2.37
CA LEU C 77 -1.30 -10.29 -1.22
C LEU C 77 -1.08 -11.79 -1.06
N ASP C 78 -1.03 -12.25 0.18
CA ASP C 78 -0.83 -13.66 0.46
C ASP C 78 -1.21 -14.50 -0.75
N THR C 79 -2.08 -13.96 -1.58
CA THR C 79 -2.53 -14.67 -2.78
C THR C 79 -2.51 -13.75 -3.99
N TYR C 80 -1.32 -13.55 -4.55
CA TYR C 80 -1.18 -12.68 -5.72
C TYR C 80 -1.17 -13.51 -7.00
N PRO C 81 -1.25 -14.80 -6.86
CA PRO C 81 -1.25 -15.74 -8.02
C PRO C 81 -2.56 -15.71 -8.79
N TYR C 82 -3.60 -15.13 -8.18
CA TYR C 82 -4.90 -15.04 -8.82
C TYR C 82 -5.46 -13.63 -8.68
N ASN C 83 -4.89 -12.85 -7.77
CA ASN C 83 -5.34 -11.48 -7.55
C ASN C 83 -4.31 -10.48 -8.07
N PRO C 84 -4.77 -9.37 -8.57
CA PRO C 84 -3.88 -8.30 -9.11
C PRO C 84 -3.20 -7.51 -8.00
N PRO C 85 -1.91 -7.30 -8.13
CA PRO C 85 -1.11 -6.54 -7.13
C PRO C 85 -1.55 -5.09 -7.02
N ILE C 86 -1.18 -4.44 -5.92
CA ILE C 86 -1.55 -3.04 -5.71
C ILE C 86 -0.41 -2.12 -6.16
N CYS C 87 -0.49 -1.66 -7.41
CA CYS C 87 0.54 -0.79 -7.96
C CYS C 87 0.46 0.60 -7.31
N PHE C 88 1.53 1.37 -7.47
CA PHE C 88 1.57 2.72 -6.90
C PHE C 88 2.76 3.49 -7.47
N VAL C 89 2.52 4.74 -7.85
CA VAL C 89 3.57 5.58 -8.41
C VAL C 89 4.21 6.43 -7.32
N LYS C 90 5.34 5.95 -6.79
CA LYS C 90 6.04 6.67 -5.75
C LYS C 90 6.87 7.82 -6.33
N PRO C 91 6.27 8.97 -6.46
CA PRO C 91 6.96 10.17 -7.03
C PRO C 91 7.96 10.77 -6.05
N THR C 92 9.09 11.24 -6.57
CA THR C 92 10.11 11.85 -5.73
C THR C 92 9.85 13.33 -5.55
N SER C 93 10.69 13.98 -4.75
CA SER C 93 10.54 15.41 -4.49
C SER C 93 10.70 16.21 -5.78
N SER C 94 11.23 15.56 -6.80
CA SER C 94 11.44 16.22 -8.09
C SER C 94 10.48 15.64 -9.14
N MET C 95 9.39 15.04 -8.68
CA MET C 95 8.42 14.46 -9.60
C MET C 95 7.01 14.89 -9.21
N THR C 96 6.18 15.14 -10.23
CA THR C 96 4.80 15.57 -9.98
C THR C 96 3.83 14.65 -10.71
N ILE C 97 2.99 13.96 -9.95
CA ILE C 97 2.01 13.06 -10.53
C ILE C 97 1.08 13.80 -11.47
N LYS C 98 0.96 13.31 -12.70
CA LYS C 98 0.10 13.95 -13.69
C LYS C 98 -1.19 13.15 -13.86
N THR C 99 -1.95 13.02 -12.77
CA THR C 99 -3.20 12.28 -12.81
C THR C 99 -3.71 12.16 -14.24
N GLY C 100 -4.16 10.96 -14.59
CA GLY C 100 -4.69 10.72 -15.93
C GLY C 100 -5.74 9.61 -15.92
N LYS C 101 -5.57 8.62 -16.79
CA LYS C 101 -6.51 7.52 -16.87
C LYS C 101 -5.94 6.28 -16.20
N HIS C 102 -4.63 6.29 -15.96
CA HIS C 102 -3.97 5.16 -15.32
C HIS C 102 -3.26 5.60 -14.04
N VAL C 103 -3.58 6.81 -13.59
CA VAL C 103 -2.96 7.35 -12.38
C VAL C 103 -3.83 8.47 -11.80
N ASP C 104 -4.02 8.43 -10.48
CA ASP C 104 -4.83 9.44 -9.81
C ASP C 104 -3.94 10.42 -9.05
N ALA C 105 -4.47 10.98 -7.96
CA ALA C 105 -3.71 11.92 -7.16
C ALA C 105 -2.91 11.20 -6.08
N ASN C 106 -3.35 9.98 -5.74
CA ASN C 106 -2.67 9.20 -4.72
C ASN C 106 -1.51 8.42 -5.33
N GLY C 107 -1.56 8.21 -6.64
CA GLY C 107 -0.51 7.48 -7.34
C GLY C 107 -1.04 6.15 -7.87
N LYS C 108 -2.14 5.69 -7.31
CA LYS C 108 -2.74 4.43 -7.75
C LYS C 108 -2.70 4.30 -9.26
N ILE C 109 -2.39 3.10 -9.75
CA ILE C 109 -2.31 2.87 -11.18
C ILE C 109 -3.56 2.12 -11.66
N TYR C 110 -4.07 2.53 -12.82
CA TYR C 110 -5.25 1.89 -13.39
C TYR C 110 -4.98 1.40 -14.80
N LEU C 111 -5.01 0.08 -14.98
CA LEU C 111 -4.76 -0.51 -16.29
C LEU C 111 -5.64 -1.74 -16.49
N PRO C 112 -6.17 -1.90 -17.67
CA PRO C 112 -7.06 -3.04 -18.02
C PRO C 112 -6.47 -4.38 -17.58
N TYR C 113 -5.14 -4.43 -17.49
CA TYR C 113 -4.47 -5.66 -17.08
C TYR C 113 -4.85 -6.04 -15.67
N LEU C 114 -5.12 -5.03 -14.83
CA LEU C 114 -5.51 -5.27 -13.45
C LEU C 114 -6.98 -5.60 -13.36
N HIS C 115 -7.80 -4.87 -14.11
CA HIS C 115 -9.24 -5.09 -14.10
C HIS C 115 -9.57 -6.51 -14.56
N GLU C 116 -8.82 -7.00 -15.55
CA GLU C 116 -9.03 -8.34 -16.07
C GLU C 116 -7.86 -9.25 -15.72
N TRP C 117 -7.64 -9.46 -14.43
CA TRP C 117 -6.55 -10.31 -13.98
C TRP C 117 -7.04 -11.73 -13.72
N LYS C 118 -6.24 -12.71 -14.13
CA LYS C 118 -6.61 -14.11 -13.95
C LYS C 118 -5.53 -14.86 -13.18
N HIS C 119 -4.41 -15.14 -13.86
CA HIS C 119 -3.30 -15.84 -13.22
C HIS C 119 -2.67 -16.83 -14.20
N PRO C 120 -3.48 -17.44 -15.03
CA PRO C 120 -3.00 -18.42 -16.03
C PRO C 120 -2.27 -17.75 -17.19
N GLN C 121 -2.63 -16.50 -17.46
CA GLN C 121 -2.00 -15.75 -18.54
C GLN C 121 -1.48 -14.41 -18.04
N SER C 122 -2.04 -13.96 -16.92
CA SER C 122 -1.62 -12.68 -16.33
C SER C 122 -0.49 -12.90 -15.32
N ASP C 123 0.55 -12.08 -15.42
CA ASP C 123 1.68 -12.19 -14.51
C ASP C 123 2.34 -10.82 -14.31
N LEU C 124 3.30 -10.77 -13.39
CA LEU C 124 4.00 -9.52 -13.12
C LEU C 124 4.68 -9.00 -14.37
N LEU C 125 5.52 -9.84 -14.97
CA LEU C 125 6.23 -9.45 -16.18
C LEU C 125 5.28 -8.79 -17.18
N GLY C 126 4.17 -9.47 -17.47
CA GLY C 126 3.19 -8.93 -18.41
C GLY C 126 2.62 -7.61 -17.91
N LEU C 127 2.43 -7.51 -16.60
CA LEU C 127 1.88 -6.31 -16.00
C LEU C 127 2.86 -5.14 -16.14
N ILE C 128 4.15 -5.43 -15.92
CA ILE C 128 5.17 -4.40 -16.02
C ILE C 128 5.32 -3.93 -17.46
N GLN C 129 5.40 -4.88 -18.39
CA GLN C 129 5.55 -4.55 -19.79
C GLN C 129 4.40 -3.65 -20.25
N VAL C 130 3.20 -3.96 -19.80
CA VAL C 130 2.02 -3.18 -20.18
C VAL C 130 2.09 -1.79 -19.55
N MET C 131 2.72 -1.69 -18.39
CA MET C 131 2.84 -0.41 -17.70
C MET C 131 3.80 0.51 -18.45
N ILE C 132 4.82 -0.07 -19.07
CA ILE C 132 5.79 0.70 -19.83
C ILE C 132 5.18 1.20 -21.13
N VAL C 133 4.29 0.40 -21.71
CA VAL C 133 3.64 0.78 -22.96
C VAL C 133 2.66 1.92 -22.74
N VAL C 134 1.86 1.81 -21.69
CA VAL C 134 0.88 2.85 -21.38
C VAL C 134 1.58 4.13 -20.92
N PHE C 135 2.52 3.97 -19.99
CA PHE C 135 3.25 5.12 -19.48
C PHE C 135 4.02 5.81 -20.59
N GLY C 136 4.41 5.04 -21.60
CA GLY C 136 5.15 5.59 -22.73
C GLY C 136 4.30 6.59 -23.51
N ASP C 137 3.02 6.26 -23.67
CA ASP C 137 2.11 7.14 -24.40
C ASP C 137 1.50 8.17 -23.46
N GLU C 138 1.40 7.81 -22.18
CA GLU C 138 0.82 8.72 -21.18
C GLU C 138 1.71 8.77 -19.94
N PRO C 139 2.55 9.76 -19.84
CA PRO C 139 3.47 9.93 -18.68
C PRO C 139 2.72 10.29 -17.40
N PRO C 140 2.79 9.43 -16.41
CA PRO C 140 2.11 9.66 -15.11
C PRO C 140 2.81 10.73 -14.27
N VAL C 141 4.01 11.10 -14.69
CA VAL C 141 4.77 12.13 -13.97
C VAL C 141 5.53 13.01 -14.95
N PHE C 142 6.04 14.14 -14.44
CA PHE C 142 6.79 15.06 -15.28
C PHE C 142 7.66 15.97 -14.42
N SER C 143 8.97 15.83 -14.56
CA SER C 143 9.91 16.64 -13.80
C SER C 143 9.22 17.89 -13.25
N MET A 1 -1.98 23.58 -1.63
CA MET A 1 -2.75 22.59 -2.43
C MET A 1 -3.95 22.10 -1.62
N GLN A 2 -4.85 21.37 -2.30
CA GLN A 2 -6.04 20.86 -1.62
C GLN A 2 -5.96 19.33 -1.52
N ILE A 3 -6.43 18.80 -0.39
CA ILE A 3 -6.41 17.36 -0.18
C ILE A 3 -7.77 16.87 0.30
N PHE A 4 -7.97 15.55 0.28
CA PHE A 4 -9.23 14.98 0.73
C PHE A 4 -8.98 13.95 1.84
N VAL A 5 -9.95 13.81 2.74
CA VAL A 5 -9.83 12.86 3.84
C VAL A 5 -11.13 12.09 4.03
N LYS A 6 -11.09 10.79 3.78
CA LYS A 6 -12.26 9.94 3.93
C LYS A 6 -12.31 9.33 5.32
N THR A 7 -13.51 9.07 5.81
CA THR A 7 -13.68 8.49 7.13
C THR A 7 -14.16 7.05 7.03
N LEU A 8 -14.49 6.44 8.17
CA LEU A 8 -14.96 5.07 8.19
C LEU A 8 -16.47 5.02 8.01
N THR A 9 -17.11 6.18 8.08
CA THR A 9 -18.56 6.26 7.93
C THR A 9 -18.93 6.60 6.49
N GLY A 10 -17.97 7.16 5.76
CA GLY A 10 -18.21 7.53 4.37
C GLY A 10 -18.38 9.04 4.23
N LYS A 11 -17.46 9.79 4.83
CA LYS A 11 -17.52 11.25 4.77
C LYS A 11 -16.19 11.81 4.27
N THR A 12 -16.26 12.66 3.26
CA THR A 12 -15.06 13.26 2.70
C THR A 12 -14.92 14.72 3.15
N ILE A 13 -13.71 15.08 3.58
CA ILE A 13 -13.47 16.44 4.04
C ILE A 13 -12.33 17.07 3.23
N THR A 14 -12.48 18.35 2.90
CA THR A 14 -11.47 19.05 2.12
C THR A 14 -10.65 19.99 3.01
N LEU A 15 -9.33 19.96 2.84
CA LEU A 15 -8.44 20.80 3.64
C LEU A 15 -7.38 21.44 2.75
N GLU A 16 -6.91 22.62 3.15
CA GLU A 16 -5.89 23.32 2.38
C GLU A 16 -4.59 23.40 3.16
N VAL A 17 -3.66 22.50 2.86
CA VAL A 17 -2.37 22.48 3.54
C VAL A 17 -1.25 22.80 2.56
N GLU A 18 -0.02 22.75 3.05
CA GLU A 18 1.14 23.04 2.20
C GLU A 18 2.17 21.92 2.29
N PRO A 19 2.89 21.69 1.23
CA PRO A 19 3.94 20.63 1.18
C PRO A 19 4.88 20.68 2.37
N SER A 20 4.90 21.82 3.05
CA SER A 20 5.77 21.99 4.21
C SER A 20 4.96 21.87 5.50
N ASP A 21 3.77 21.29 5.40
CA ASP A 21 2.92 21.11 6.56
C ASP A 21 3.19 19.76 7.23
N THR A 22 3.31 19.78 8.55
CA THR A 22 3.57 18.55 9.30
C THR A 22 2.27 17.78 9.53
N ILE A 23 2.40 16.48 9.80
CA ILE A 23 1.24 15.64 10.04
C ILE A 23 0.45 16.14 11.24
N GLU A 24 1.17 16.48 12.32
CA GLU A 24 0.53 16.97 13.52
C GLU A 24 -0.37 18.16 13.21
N ASN A 25 0.09 19.03 12.32
CA ASN A 25 -0.67 20.20 11.93
C ASN A 25 -1.96 19.81 11.23
N VAL A 26 -1.87 18.79 10.37
CA VAL A 26 -3.04 18.31 9.65
C VAL A 26 -4.10 17.78 10.61
N LYS A 27 -3.65 17.12 11.67
CA LYS A 27 -4.57 16.58 12.67
C LYS A 27 -5.34 17.70 13.35
N ALA A 28 -4.66 18.80 13.62
CA ALA A 28 -5.29 19.94 14.28
C ALA A 28 -6.40 20.52 13.41
N LYS A 29 -6.13 20.61 12.11
CA LYS A 29 -7.11 21.14 11.18
C LYS A 29 -8.39 20.30 11.20
N ILE A 30 -8.22 18.99 11.33
CA ILE A 30 -9.35 18.08 11.36
C ILE A 30 -10.09 18.18 12.70
N GLN A 31 -9.36 18.56 13.74
CA GLN A 31 -9.94 18.69 15.07
C GLN A 31 -10.78 19.96 15.16
N ASP A 32 -10.52 20.90 14.25
CA ASP A 32 -11.25 22.17 14.24
C ASP A 32 -12.45 22.07 13.31
N LYS A 33 -12.45 21.06 12.45
CA LYS A 33 -13.55 20.86 11.50
C LYS A 33 -14.54 19.83 12.04
N GLU A 34 -14.01 18.76 12.62
CA GLU A 34 -14.85 17.70 13.17
C GLU A 34 -14.80 17.71 14.69
N GLY A 35 -13.63 18.04 15.24
CA GLY A 35 -13.46 18.06 16.69
C GLY A 35 -12.94 16.74 17.21
N ILE A 36 -12.11 16.07 16.41
CA ILE A 36 -11.55 14.79 16.80
C ILE A 36 -10.14 14.97 17.36
N PRO A 37 -9.96 14.69 18.62
CA PRO A 37 -8.64 14.81 19.31
C PRO A 37 -7.52 14.13 18.53
N PRO A 38 -6.45 14.82 18.28
CA PRO A 38 -5.28 14.28 17.53
C PRO A 38 -4.82 12.93 18.09
N ASP A 39 -4.91 12.78 19.39
CA ASP A 39 -4.50 11.53 20.04
C ASP A 39 -5.46 10.40 19.69
N GLN A 40 -6.58 10.75 19.04
CA GLN A 40 -7.56 9.76 18.64
C GLN A 40 -7.79 9.80 17.14
N GLN A 41 -6.72 10.05 16.39
CA GLN A 41 -6.81 10.12 14.94
C GLN A 41 -5.64 9.37 14.30
N ARG A 42 -5.94 8.52 13.32
CA ARG A 42 -4.91 7.75 12.63
C ARG A 42 -4.97 7.99 11.13
N LEU A 43 -3.97 8.69 10.60
CA LEU A 43 -3.92 8.98 9.18
C LEU A 43 -3.17 7.87 8.44
N ILE A 44 -3.63 7.55 7.23
CA ILE A 44 -3.00 6.51 6.43
C ILE A 44 -2.95 6.92 4.97
N PHE A 45 -1.79 6.74 4.34
CA PHE A 45 -1.63 7.08 2.93
C PHE A 45 -0.91 5.97 2.18
N ALA A 46 -1.56 5.44 1.17
CA ALA A 46 -0.97 4.36 0.37
C ALA A 46 -0.71 3.14 1.25
N GLY A 47 -1.53 2.98 2.29
CA GLY A 47 -1.37 1.85 3.20
C GLY A 47 -0.23 2.09 4.18
N LYS A 48 0.17 3.35 4.32
CA LYS A 48 1.25 3.71 5.23
C LYS A 48 0.76 4.69 6.28
N GLN A 49 1.13 4.45 7.54
CA GLN A 49 0.73 5.32 8.64
C GLN A 49 1.67 6.52 8.73
N LEU A 50 1.09 7.71 8.54
CA LEU A 50 1.89 8.94 8.61
C LEU A 50 2.24 9.27 10.05
N GLU A 51 3.42 9.84 10.25
CA GLU A 51 3.88 10.21 11.59
C GLU A 51 3.61 11.69 11.86
N ASP A 52 3.57 12.05 13.14
CA ASP A 52 3.33 13.44 13.52
C ASP A 52 4.63 14.24 13.48
N GLY A 53 5.74 13.55 13.22
CA GLY A 53 7.03 14.21 13.15
C GLY A 53 7.49 14.37 11.70
N ARG A 54 6.64 13.96 10.77
CA ARG A 54 6.96 14.06 9.35
C ARG A 54 6.04 15.06 8.66
N THR A 55 6.41 15.47 7.46
CA THR A 55 5.60 16.43 6.70
C THR A 55 4.84 15.71 5.58
N LEU A 56 4.14 16.48 4.76
CA LEU A 56 3.39 15.91 3.66
C LEU A 56 4.31 15.56 2.48
N SER A 57 5.27 16.45 2.22
CA SER A 57 6.21 16.23 1.13
C SER A 57 7.07 15.01 1.40
N ASP A 58 7.21 14.66 2.68
CA ASP A 58 8.01 13.50 3.06
C ASP A 58 7.36 12.21 2.57
N TYR A 59 6.05 12.25 2.39
CA TYR A 59 5.31 11.08 1.93
C TYR A 59 5.01 11.20 0.44
N ASN A 60 5.44 12.30 -0.17
CA ASN A 60 5.21 12.52 -1.59
C ASN A 60 3.72 12.73 -1.87
N ILE A 61 3.06 13.43 -0.97
CA ILE A 61 1.62 13.69 -1.13
C ILE A 61 1.39 14.89 -2.03
N GLN A 62 0.82 14.64 -3.21
CA GLN A 62 0.55 15.71 -4.16
C GLN A 62 -0.84 16.30 -3.91
N ARG A 63 -1.32 17.08 -4.87
CA ARG A 63 -2.63 17.70 -4.74
C ARG A 63 -3.73 16.70 -5.12
N GLU A 64 -4.95 17.00 -4.70
CA GLU A 64 -6.08 16.12 -4.99
C GLU A 64 -5.83 14.72 -4.43
N SER A 65 -4.98 14.65 -3.41
CA SER A 65 -4.66 13.37 -2.80
C SER A 65 -5.73 12.98 -1.79
N THR A 66 -5.92 11.68 -1.60
CA THR A 66 -6.93 11.19 -0.66
C THR A 66 -6.26 10.48 0.51
N LEU A 67 -6.66 10.84 1.72
CA LEU A 67 -6.10 10.22 2.92
C LEU A 67 -7.18 9.50 3.71
N HIS A 68 -6.77 8.51 4.50
CA HIS A 68 -7.72 7.75 5.31
C HIS A 68 -7.56 8.09 6.79
N LEU A 69 -8.67 8.28 7.47
CA LEU A 69 -8.65 8.61 8.89
C LEU A 69 -9.22 7.47 9.72
N VAL A 70 -8.48 7.04 10.74
CA VAL A 70 -8.93 5.96 11.60
C VAL A 70 -8.97 6.41 13.06
N LEU A 71 -10.08 6.12 13.73
CA LEU A 71 -10.22 6.50 15.14
C LEU A 71 -9.75 5.38 16.05
N ARG A 72 -9.12 5.75 17.16
CA ARG A 72 -8.61 4.77 18.10
C ARG A 72 -9.54 4.67 19.31
N LEU A 73 -9.50 3.52 19.99
CA LEU A 73 -10.32 3.27 21.18
C LEU A 73 -10.32 1.79 21.53
N ARG A 74 -11.11 1.02 20.79
CA ARG A 74 -11.20 -0.41 21.02
C ARG A 74 -11.92 -1.09 19.86
N GLY A 75 -11.56 -2.34 19.60
CA GLY A 75 -12.18 -3.10 18.51
C GLY A 75 -13.59 -3.51 18.87
N GLY A 76 -14.39 -3.86 17.86
CA GLY A 76 -15.76 -4.28 18.08
C GLY A 76 -16.74 -3.30 17.44
N MET B 1 -25.34 -6.19 11.36
CA MET B 1 -24.24 -5.20 11.26
C MET B 1 -24.14 -4.68 9.83
N GLN B 2 -23.34 -3.64 9.63
CA GLN B 2 -23.16 -3.06 8.31
C GLN B 2 -21.75 -3.31 7.80
N ILE B 3 -21.63 -3.60 6.50
CA ILE B 3 -20.33 -3.86 5.90
C ILE B 3 -20.15 -3.03 4.63
N PHE B 4 -18.92 -2.98 4.13
CA PHE B 4 -18.62 -2.23 2.91
C PHE B 4 -17.96 -3.13 1.88
N VAL B 5 -18.21 -2.82 0.61
CA VAL B 5 -17.63 -3.62 -0.47
C VAL B 5 -17.09 -2.70 -1.57
N LYS B 6 -15.76 -2.73 -1.76
CA LYS B 6 -15.12 -1.90 -2.78
C LYS B 6 -14.98 -2.68 -4.07
N THR B 7 -15.00 -1.98 -5.19
CA THR B 7 -14.86 -2.62 -6.50
C THR B 7 -13.51 -2.28 -7.12
N LEU B 8 -13.32 -2.70 -8.37
CA LEU B 8 -12.07 -2.43 -9.07
C LEU B 8 -12.12 -1.08 -9.78
N THR B 9 -13.31 -0.49 -9.82
CA THR B 9 -13.48 0.81 -10.47
C THR B 9 -13.40 1.94 -9.45
N GLY B 10 -13.61 1.60 -8.18
CA GLY B 10 -13.56 2.59 -7.11
C GLY B 10 -14.96 2.94 -6.63
N LYS B 11 -15.77 1.91 -6.38
CA LYS B 11 -17.14 2.12 -5.92
C LYS B 11 -17.38 1.34 -4.64
N THR B 12 -17.88 2.04 -3.61
CA THR B 12 -18.16 1.39 -2.33
C THR B 12 -19.65 1.16 -2.15
N ILE B 13 -20.01 -0.05 -1.75
CA ILE B 13 -21.41 -0.39 -1.54
C ILE B 13 -21.66 -0.81 -0.10
N THR B 14 -22.78 -0.38 0.46
CA THR B 14 -23.12 -0.72 1.84
C THR B 14 -24.21 -1.79 1.89
N LEU B 15 -23.99 -2.81 2.71
CA LEU B 15 -24.96 -3.89 2.84
C LEU B 15 -25.19 -4.23 4.32
N GLU B 16 -26.35 -4.78 4.63
CA GLU B 16 -26.67 -5.15 6.01
C GLU B 16 -26.87 -6.65 6.14
N VAL B 17 -25.84 -7.34 6.61
CA VAL B 17 -25.91 -8.79 6.78
C VAL B 17 -25.81 -9.15 8.25
N GLU B 18 -25.79 -10.45 8.54
CA GLU B 18 -25.69 -10.93 9.91
C GLU B 18 -24.55 -11.93 10.06
N PRO B 19 -23.95 -11.98 11.21
CA PRO B 19 -22.82 -12.91 11.50
C PRO B 19 -23.14 -14.34 11.11
N SER B 20 -24.43 -14.63 10.94
CA SER B 20 -24.86 -15.97 10.55
C SER B 20 -25.21 -16.03 9.08
N ASP B 21 -24.75 -15.03 8.33
CA ASP B 21 -25.02 -14.97 6.89
C ASP B 21 -23.92 -15.68 6.12
N THR B 22 -24.32 -16.50 5.15
CA THR B 22 -23.36 -17.24 4.33
C THR B 22 -22.83 -16.37 3.21
N ILE B 23 -21.66 -16.73 2.67
CA ILE B 23 -21.05 -15.97 1.58
C ILE B 23 -21.97 -15.93 0.38
N GLU B 24 -22.55 -17.08 0.04
CA GLU B 24 -23.45 -17.17 -1.11
C GLU B 24 -24.57 -16.15 -0.98
N ASN B 25 -25.07 -15.97 0.23
CA ASN B 25 -26.15 -15.00 0.47
C ASN B 25 -25.68 -13.58 0.19
N VAL B 26 -24.45 -13.29 0.59
CA VAL B 26 -23.89 -11.96 0.38
C VAL B 26 -23.78 -11.65 -1.12
N LYS B 27 -23.44 -12.67 -1.90
CA LYS B 27 -23.31 -12.49 -3.34
C LYS B 27 -24.67 -12.14 -3.96
N ALA B 28 -25.73 -12.75 -3.45
CA ALA B 28 -27.06 -12.48 -3.96
C ALA B 28 -27.46 -11.03 -3.72
N LYS B 29 -27.12 -10.53 -2.52
CA LYS B 29 -27.44 -9.16 -2.17
C LYS B 29 -26.77 -8.19 -3.15
N ILE B 30 -25.56 -8.52 -3.56
CA ILE B 30 -24.82 -7.67 -4.48
C ILE B 30 -25.39 -7.78 -5.89
N GLN B 31 -25.99 -8.93 -6.19
CA GLN B 31 -26.58 -9.16 -7.50
C GLN B 31 -27.89 -8.40 -7.64
N ASP B 32 -28.48 -8.03 -6.50
CA ASP B 32 -29.75 -7.31 -6.50
C ASP B 32 -29.50 -5.80 -6.47
N LYS B 33 -28.28 -5.42 -6.11
CA LYS B 33 -27.91 -4.01 -6.03
C LYS B 33 -27.19 -3.57 -7.30
N GLU B 34 -26.31 -4.43 -7.80
CA GLU B 34 -25.55 -4.12 -9.01
C GLU B 34 -26.01 -5.00 -10.17
N GLY B 35 -26.37 -6.25 -9.85
CA GLY B 35 -26.83 -7.17 -10.88
C GLY B 35 -25.67 -8.01 -11.41
N ILE B 36 -24.72 -8.32 -10.53
CA ILE B 36 -23.57 -9.12 -10.93
C ILE B 36 -23.77 -10.58 -10.54
N PRO B 37 -23.87 -11.45 -11.52
CA PRO B 37 -24.07 -12.91 -11.28
C PRO B 37 -23.07 -13.47 -10.28
N PRO B 38 -23.55 -14.17 -9.29
CA PRO B 38 -22.69 -14.78 -8.23
C PRO B 38 -21.54 -15.59 -8.82
N ASP B 39 -21.79 -16.24 -9.94
CA ASP B 39 -20.77 -17.04 -10.60
C ASP B 39 -19.69 -16.16 -11.20
N GLN B 40 -19.94 -14.84 -11.20
CA GLN B 40 -18.98 -13.89 -11.73
C GLN B 40 -18.56 -12.88 -10.67
N GLN B 41 -18.48 -13.34 -9.42
CA GLN B 41 -18.10 -12.46 -8.32
C GLN B 41 -17.09 -13.15 -7.41
N ARG B 42 -16.02 -12.43 -7.07
CA ARG B 42 -14.99 -12.99 -6.21
C ARG B 42 -14.75 -12.09 -5.00
N LEU B 43 -15.16 -12.57 -3.84
CA LEU B 43 -14.99 -11.81 -2.60
C LEU B 43 -13.65 -12.12 -1.95
N ILE B 44 -13.02 -11.10 -1.38
CA ILE B 44 -11.73 -11.29 -0.72
C ILE B 44 -11.67 -10.49 0.58
N PHE B 45 -11.19 -11.12 1.64
CA PHE B 45 -11.08 -10.46 2.93
C PHE B 45 -9.72 -10.75 3.56
N ALA B 46 -8.96 -9.69 3.84
CA ALA B 46 -7.64 -9.85 4.44
C ALA B 46 -6.73 -10.65 3.53
N GLY B 47 -6.96 -10.56 2.23
CA GLY B 47 -6.16 -11.29 1.26
C GLY B 47 -6.58 -12.76 1.19
N LYS B 48 -7.78 -13.05 1.68
CA LYS B 48 -8.29 -14.42 1.68
C LYS B 48 -9.59 -14.50 0.89
N GLN B 49 -9.70 -15.52 0.04
CA GLN B 49 -10.90 -15.70 -0.76
C GLN B 49 -11.98 -16.42 0.04
N LEU B 50 -13.11 -15.75 0.24
CA LEU B 50 -14.21 -16.33 0.99
C LEU B 50 -14.93 -17.39 0.16
N GLU B 51 -15.42 -18.42 0.83
CA GLU B 51 -16.12 -19.51 0.15
C GLU B 51 -17.63 -19.30 0.26
N ASP B 52 -18.37 -19.94 -0.65
CA ASP B 52 -19.83 -19.82 -0.66
C ASP B 52 -20.45 -20.80 0.33
N GLY B 53 -19.60 -21.64 0.93
CA GLY B 53 -20.08 -22.63 1.89
C GLY B 53 -19.74 -22.20 3.31
N ARG B 54 -19.16 -21.02 3.45
CA ARG B 54 -18.79 -20.50 4.76
C ARG B 54 -19.61 -19.26 5.10
N THR B 55 -19.61 -18.88 6.37
CA THR B 55 -20.36 -17.70 6.82
C THR B 55 -19.41 -16.53 7.05
N LEU B 56 -19.96 -15.43 7.55
CA LEU B 56 -19.16 -14.24 7.82
C LEU B 56 -18.39 -14.40 9.13
N SER B 57 -19.05 -14.96 10.13
CA SER B 57 -18.42 -15.18 11.43
C SER B 57 -17.25 -16.14 11.30
N ASP B 58 -17.30 -17.01 10.29
CA ASP B 58 -16.24 -17.98 10.08
C ASP B 58 -14.93 -17.27 9.70
N TYR B 59 -15.05 -16.08 9.14
CA TYR B 59 -13.88 -15.31 8.73
C TYR B 59 -13.58 -14.22 9.76
N ASN B 60 -14.38 -14.17 10.82
CA ASN B 60 -14.19 -13.17 11.86
C ASN B 60 -14.42 -11.77 11.30
N ILE B 61 -15.47 -11.63 10.51
CA ILE B 61 -15.79 -10.33 9.91
C ILE B 61 -16.70 -9.53 10.83
N GLN B 62 -16.20 -8.41 11.33
CA GLN B 62 -16.97 -7.56 12.23
C GLN B 62 -17.71 -6.48 11.43
N LYS B 63 -18.34 -5.56 12.15
CA LYS B 63 -19.07 -4.48 11.49
C LYS B 63 -18.11 -3.40 10.99
N GLU B 64 -18.54 -2.67 9.98
CA GLU B 64 -17.72 -1.61 9.40
C GLU B 64 -16.53 -2.21 8.66
N SER B 65 -16.60 -3.51 8.40
CA SER B 65 -15.52 -4.19 7.68
C SER B 65 -15.59 -3.87 6.20
N THR B 66 -14.44 -3.99 5.51
CA THR B 66 -14.38 -3.71 4.09
C THR B 66 -13.99 -4.98 3.31
N LEU B 67 -14.76 -5.28 2.27
CA LEU B 67 -14.48 -6.46 1.46
C LEU B 67 -14.16 -6.06 0.03
N HIS B 68 -13.42 -6.92 -0.67
CA HIS B 68 -13.03 -6.64 -2.04
C HIS B 68 -13.78 -7.55 -3.01
N LEU B 69 -14.28 -6.98 -4.10
CA LEU B 69 -15.02 -7.75 -5.08
C LEU B 69 -14.25 -7.83 -6.40
N VAL B 70 -14.09 -9.04 -6.92
CA VAL B 70 -13.37 -9.24 -8.17
C VAL B 70 -14.25 -9.96 -9.18
N LEU B 71 -14.26 -9.45 -10.42
CA LEU B 71 -15.06 -10.05 -11.47
C LEU B 71 -14.23 -11.07 -12.26
N ARG B 72 -14.88 -12.15 -12.68
CA ARG B 72 -14.19 -13.19 -13.45
C ARG B 72 -14.63 -13.15 -14.91
N LEU B 73 -13.86 -13.80 -15.77
CA LEU B 73 -14.20 -13.85 -17.19
C LEU B 73 -14.73 -15.23 -17.56
N ARG B 74 -15.81 -15.64 -16.89
CA ARG B 74 -16.40 -16.95 -17.14
C ARG B 74 -15.41 -18.06 -16.80
N GLY B 75 -15.81 -19.30 -17.07
CA GLY B 75 -14.95 -20.45 -16.78
C GLY B 75 -15.28 -21.07 -15.43
N GLY B 76 -14.47 -22.03 -15.01
CA GLY B 76 -14.69 -22.72 -13.73
C GLY B 76 -15.61 -23.92 -13.90
N ASP B 77 -15.92 -24.58 -12.80
CA ASP B 77 -16.80 -25.75 -12.83
C ASP B 77 -16.12 -26.90 -13.57
N VAL C 3 17.63 -9.82 -3.40
CA VAL C 3 18.77 -10.58 -3.98
C VAL C 3 18.72 -12.03 -3.50
N SER C 4 19.35 -12.92 -4.25
CA SER C 4 19.37 -14.34 -3.89
C SER C 4 17.97 -14.93 -4.00
N GLU C 5 17.89 -16.17 -4.47
CA GLU C 5 16.61 -16.85 -4.62
C GLU C 5 16.15 -17.42 -3.29
N SER C 6 17.10 -17.79 -2.44
CA SER C 6 16.78 -18.36 -1.14
C SER C 6 16.09 -17.32 -0.26
N GLN C 7 16.69 -16.13 -0.19
CA GLN C 7 16.13 -15.06 0.63
C GLN C 7 14.73 -14.69 0.13
N LEU C 8 14.50 -14.87 -1.16
CA LEU C 8 13.20 -14.56 -1.75
C LEU C 8 12.14 -15.55 -1.29
N LYS C 9 12.54 -16.81 -1.18
CA LYS C 9 11.62 -17.86 -0.75
C LYS C 9 11.40 -17.78 0.77
N LYS C 10 12.09 -16.86 1.42
CA LYS C 10 11.97 -16.70 2.86
C LYS C 10 10.97 -15.58 3.19
N MET C 11 11.00 -14.51 2.39
CA MET C 11 10.10 -13.39 2.61
C MET C 11 8.68 -13.75 2.21
N VAL C 12 8.56 -14.78 1.38
CA VAL C 12 7.24 -15.23 0.92
C VAL C 12 6.95 -16.64 1.42
N SER C 13 7.27 -16.88 2.70
CA SER C 13 7.04 -18.19 3.30
C SER C 13 5.60 -18.29 3.81
N LYS C 14 4.96 -17.14 3.99
CA LYS C 14 3.59 -17.12 4.48
C LYS C 14 2.61 -16.91 3.31
N TYR C 15 3.06 -17.23 2.11
CA TYR C 15 2.22 -17.07 0.93
C TYR C 15 1.62 -18.42 0.52
N LYS C 16 0.30 -18.44 0.34
CA LYS C 16 -0.38 -19.66 -0.04
C LYS C 16 0.28 -20.28 -1.28
N TYR C 17 0.69 -19.43 -2.20
CA TYR C 17 1.33 -19.89 -3.43
C TYR C 17 2.76 -19.34 -3.54
N ARG C 18 3.65 -19.87 -2.72
CA ARG C 18 5.04 -19.42 -2.74
C ARG C 18 5.66 -19.64 -4.12
N ASP C 19 5.98 -20.89 -4.42
CA ASP C 19 6.58 -21.22 -5.71
C ASP C 19 6.14 -20.21 -6.77
N LEU C 20 4.91 -20.36 -7.26
CA LEU C 20 4.39 -19.45 -8.27
C LEU C 20 4.94 -18.05 -8.08
N THR C 21 4.54 -17.41 -6.98
CA THR C 21 5.00 -16.06 -6.68
C THR C 21 6.50 -15.93 -6.96
N VAL C 22 7.30 -16.73 -6.26
CA VAL C 22 8.74 -16.70 -6.44
C VAL C 22 9.10 -16.68 -7.92
N ARG C 23 8.85 -17.80 -8.60
CA ARG C 23 9.15 -17.90 -10.02
C ARG C 23 8.82 -16.59 -10.73
N GLU C 24 7.56 -16.18 -10.65
CA GLU C 24 7.13 -14.94 -11.29
C GLU C 24 8.07 -13.81 -10.92
N THR C 25 8.31 -13.64 -9.62
CA THR C 25 9.19 -12.57 -9.14
C THR C 25 10.57 -12.69 -9.80
N VAL C 26 11.13 -13.89 -9.78
CA VAL C 26 12.44 -14.12 -10.38
C VAL C 26 12.43 -13.74 -11.86
N ASN C 27 11.32 -14.00 -12.52
CA ASN C 27 11.19 -13.68 -13.93
C ASN C 27 11.09 -12.17 -14.14
N VAL C 28 10.71 -11.46 -13.08
CA VAL C 28 10.58 -10.01 -13.16
C VAL C 28 11.92 -9.33 -12.95
N ILE C 29 12.43 -9.41 -11.72
CA ILE C 29 13.71 -8.81 -11.39
C ILE C 29 14.78 -9.21 -12.40
N THR C 30 14.56 -10.34 -13.06
CA THR C 30 15.52 -10.84 -14.06
C THR C 30 15.64 -9.85 -15.21
N LEU C 31 14.51 -9.41 -15.74
CA LEU C 31 14.51 -8.47 -16.86
C LEU C 31 14.70 -7.05 -16.34
N TYR C 32 14.10 -6.74 -15.20
CA TYR C 32 14.21 -5.41 -14.62
C TYR C 32 15.02 -5.46 -13.32
N LYS C 33 16.33 -5.33 -13.44
CA LYS C 33 17.21 -5.35 -12.27
C LYS C 33 16.94 -4.14 -11.38
N ASP C 34 16.28 -3.13 -11.94
CA ASP C 34 15.96 -1.93 -11.19
C ASP C 34 14.85 -2.20 -10.17
N LEU C 35 14.37 -3.44 -10.16
CA LEU C 35 13.31 -3.81 -9.23
C LEU C 35 13.81 -4.86 -8.24
N LYS C 36 13.57 -4.61 -6.95
CA LYS C 36 14.01 -5.54 -5.92
C LYS C 36 12.87 -5.82 -4.93
N PRO C 37 12.72 -7.05 -4.54
CA PRO C 37 11.66 -7.47 -3.58
C PRO C 37 11.96 -7.02 -2.16
N VAL C 38 10.90 -6.70 -1.41
CA VAL C 38 11.07 -6.25 -0.02
C VAL C 38 9.86 -6.65 0.81
N LEU C 39 10.10 -6.99 2.08
CA LEU C 39 9.02 -7.39 2.97
C LEU C 39 8.69 -6.26 3.94
N ASP C 40 7.48 -5.72 3.80
CA ASP C 40 7.05 -4.63 4.67
C ASP C 40 5.57 -4.81 5.05
N SER C 41 5.15 -4.08 6.08
CA SER C 41 3.76 -4.17 6.54
C SER C 41 2.88 -3.19 5.76
N TYR C 42 1.77 -3.70 5.24
CA TYR C 42 0.85 -2.87 4.47
C TYR C 42 -0.42 -2.60 5.28
N VAL C 43 -0.54 -1.38 5.81
CA VAL C 43 -1.71 -1.02 6.60
C VAL C 43 -2.82 -0.50 5.68
N PHE C 44 -3.86 -1.31 5.51
CA PHE C 44 -4.98 -0.93 4.66
C PHE C 44 -5.65 0.33 5.19
N ASN C 45 -6.64 0.83 4.46
CA ASN C 45 -7.36 2.03 4.87
C ASN C 45 -8.17 1.77 6.13
N ASP C 46 -8.63 0.53 6.28
CA ASP C 46 -9.43 0.16 7.44
C ASP C 46 -8.58 0.19 8.70
N GLY C 47 -7.26 0.35 8.53
CA GLY C 47 -6.35 0.39 9.65
C GLY C 47 -5.59 -0.92 9.79
N SER C 48 -6.25 -2.02 9.42
CA SER C 48 -5.63 -3.33 9.50
C SER C 48 -4.26 -3.33 8.85
N SER C 49 -3.41 -4.29 9.21
CA SER C 49 -2.07 -4.37 8.65
C SER C 49 -1.74 -5.81 8.29
N ARG C 50 -0.82 -5.98 7.34
CA ARG C 50 -0.41 -7.31 6.90
C ARG C 50 0.95 -7.25 6.22
N GLU C 51 1.82 -8.20 6.56
CA GLU C 51 3.16 -8.25 5.97
C GLU C 51 3.11 -8.87 4.57
N LEU C 52 3.24 -8.02 3.56
CA LEU C 52 3.22 -8.49 2.18
C LEU C 52 4.54 -8.15 1.48
N MET C 53 4.83 -8.87 0.40
CA MET C 53 6.06 -8.64 -0.35
C MET C 53 5.77 -7.82 -1.61
N ASN C 54 6.38 -6.64 -1.70
CA ASN C 54 6.19 -5.78 -2.85
C ASN C 54 7.49 -5.61 -3.63
N LEU C 55 7.39 -5.13 -4.86
CA LEU C 55 8.57 -4.92 -5.69
C LEU C 55 8.84 -3.43 -5.88
N THR C 56 9.76 -2.90 -5.08
CA THR C 56 10.11 -1.48 -5.17
C THR C 56 11.28 -1.27 -6.12
N GLY C 57 11.27 -0.14 -6.82
CA GLY C 57 12.34 0.16 -7.76
C GLY C 57 11.86 1.14 -8.83
N THR C 58 12.45 1.05 -10.02
CA THR C 58 12.07 1.92 -11.12
C THR C 58 12.05 1.16 -12.43
N ILE C 59 11.21 1.59 -13.36
CA ILE C 59 11.10 0.94 -14.66
C ILE C 59 11.39 1.92 -15.78
N PRO C 60 12.09 1.49 -16.79
CA PRO C 60 12.46 2.34 -17.96
C PRO C 60 11.25 2.64 -18.85
N VAL C 61 10.98 3.92 -19.07
CA VAL C 61 9.86 4.31 -19.91
C VAL C 61 10.27 5.43 -20.87
N PRO C 62 10.78 5.06 -22.01
CA PRO C 62 11.22 6.04 -23.05
C PRO C 62 10.15 7.07 -23.37
N TYR C 63 10.54 8.34 -23.39
CA TYR C 63 9.59 9.42 -23.70
C TYR C 63 10.33 10.60 -24.32
N ARG C 64 9.92 10.97 -25.53
CA ARG C 64 10.54 12.10 -26.22
C ARG C 64 12.03 11.83 -26.43
N GLY C 65 12.40 10.56 -26.55
CA GLY C 65 13.79 10.19 -26.76
C GLY C 65 14.52 10.09 -25.43
N ASN C 66 13.87 10.54 -24.35
CA ASN C 66 14.47 10.49 -23.02
C ASN C 66 13.92 9.32 -22.23
N THR C 67 14.78 8.69 -21.44
CA THR C 67 14.36 7.54 -20.64
C THR C 67 14.10 7.97 -19.19
N TYR C 68 12.86 7.79 -18.73
CA TYR C 68 12.50 8.17 -17.38
C TYR C 68 12.34 6.92 -16.51
N ASN C 69 13.04 6.89 -15.38
CA ASN C 69 12.96 5.76 -14.47
C ASN C 69 11.86 5.98 -13.43
N ILE C 70 10.62 5.82 -13.87
CA ILE C 70 9.48 6.01 -12.97
C ILE C 70 9.48 4.96 -11.86
N PRO C 71 9.51 5.39 -10.63
CA PRO C 71 9.50 4.49 -9.45
C PRO C 71 8.10 3.95 -9.14
N ILE C 72 7.99 2.64 -8.97
CA ILE C 72 6.71 2.02 -8.66
C ILE C 72 6.83 1.09 -7.47
N CYS C 73 5.69 0.63 -6.96
CA CYS C 73 5.69 -0.27 -5.81
C CYS C 73 4.53 -1.26 -5.91
N LEU C 74 4.83 -2.44 -6.43
CA LEU C 74 3.80 -3.47 -6.58
C LEU C 74 3.65 -4.28 -5.29
N TRP C 75 2.42 -4.37 -4.79
CA TRP C 75 2.17 -5.11 -3.56
C TRP C 75 1.47 -6.44 -3.87
N LEU C 76 1.96 -7.51 -3.28
CA LEU C 76 1.38 -8.84 -3.50
C LEU C 76 0.69 -9.33 -2.23
N LEU C 77 -0.55 -9.78 -2.37
CA LEU C 77 -1.30 -10.28 -1.23
C LEU C 77 -1.08 -11.78 -1.06
N ASP C 78 -1.04 -12.24 0.19
CA ASP C 78 -0.84 -13.65 0.47
C ASP C 78 -1.21 -14.50 -0.74
N THR C 79 -2.09 -13.96 -1.59
CA THR C 79 -2.53 -14.67 -2.78
C THR C 79 -2.50 -13.76 -3.99
N TYR C 80 -1.31 -13.56 -4.56
CA TYR C 80 -1.16 -12.70 -5.73
C TYR C 80 -1.15 -13.52 -7.00
N PRO C 81 -1.25 -14.83 -6.88
CA PRO C 81 -1.24 -15.76 -8.04
C PRO C 81 -2.57 -15.72 -8.80
N TYR C 82 -3.58 -15.12 -8.20
CA TYR C 82 -4.89 -15.04 -8.82
C TYR C 82 -5.45 -13.62 -8.69
N ASN C 83 -4.89 -12.86 -7.76
CA ASN C 83 -5.34 -11.49 -7.54
C ASN C 83 -4.31 -10.49 -8.05
N PRO C 84 -4.77 -9.38 -8.56
CA PRO C 84 -3.87 -8.31 -9.10
C PRO C 84 -3.19 -7.51 -8.00
N PRO C 85 -1.91 -7.31 -8.12
CA PRO C 85 -1.10 -6.55 -7.12
C PRO C 85 -1.55 -5.09 -7.02
N ILE C 86 -1.17 -4.43 -5.92
CA ILE C 86 -1.55 -3.04 -5.71
C ILE C 86 -0.41 -2.12 -6.16
N CYS C 87 -0.48 -1.67 -7.41
CA CYS C 87 0.54 -0.79 -7.96
C CYS C 87 0.46 0.60 -7.31
N PHE C 88 1.53 1.37 -7.47
CA PHE C 88 1.57 2.71 -6.91
C PHE C 88 2.76 3.49 -7.47
N VAL C 89 2.51 4.74 -7.85
CA VAL C 89 3.57 5.58 -8.41
C VAL C 89 4.21 6.43 -7.32
N LYS C 90 5.34 5.95 -6.79
CA LYS C 90 6.04 6.67 -5.75
C LYS C 90 6.87 7.82 -6.33
N PRO C 91 6.27 8.97 -6.46
CA PRO C 91 6.96 10.17 -7.03
C PRO C 91 7.96 10.77 -6.05
N THR C 92 9.08 11.25 -6.57
CA THR C 92 10.11 11.85 -5.73
C THR C 92 9.85 13.34 -5.55
N SER C 93 10.69 13.99 -4.74
CA SER C 93 10.54 15.41 -4.49
C SER C 93 10.71 16.21 -5.78
N SER C 94 11.23 15.56 -6.80
CA SER C 94 11.44 16.22 -8.09
C SER C 94 10.49 15.65 -9.14
N MET C 95 9.39 15.04 -8.68
CA MET C 95 8.42 14.46 -9.60
C MET C 95 7.01 14.89 -9.21
N THR C 96 6.18 15.14 -10.23
CA THR C 96 4.80 15.57 -9.98
C THR C 96 3.83 14.65 -10.71
N ILE C 97 2.99 13.96 -9.95
CA ILE C 97 2.00 13.05 -10.52
C ILE C 97 1.08 13.80 -11.47
N LYS C 98 0.96 13.31 -12.70
CA LYS C 98 0.10 13.95 -13.69
C LYS C 98 -1.19 13.15 -13.86
N THR C 99 -1.94 13.01 -12.77
CA THR C 99 -3.20 12.28 -12.81
C THR C 99 -3.71 12.15 -14.24
N GLY C 100 -4.16 10.95 -14.60
CA GLY C 100 -4.67 10.71 -15.94
C GLY C 100 -5.74 9.62 -15.93
N LYS C 101 -5.56 8.62 -16.79
CA LYS C 101 -6.51 7.52 -16.87
C LYS C 101 -5.94 6.27 -16.19
N HIS C 102 -4.64 6.28 -15.96
CA HIS C 102 -3.97 5.15 -15.32
C HIS C 102 -3.28 5.60 -14.04
N VAL C 103 -3.58 6.82 -13.60
CA VAL C 103 -2.97 7.35 -12.39
C VAL C 103 -3.83 8.47 -11.80
N ASP C 104 -4.02 8.43 -10.49
CA ASP C 104 -4.82 9.44 -9.81
C ASP C 104 -3.94 10.42 -9.05
N ALA C 105 -4.47 10.98 -7.96
CA ALA C 105 -3.71 11.92 -7.16
C ALA C 105 -2.91 11.20 -6.08
N ASN C 106 -3.35 9.98 -5.74
CA ASN C 106 -2.68 9.20 -4.73
C ASN C 106 -1.51 8.42 -5.33
N GLY C 107 -1.57 8.22 -6.65
CA GLY C 107 -0.52 7.49 -7.34
C GLY C 107 -1.05 6.16 -7.88
N LYS C 108 -2.14 5.69 -7.31
CA LYS C 108 -2.74 4.43 -7.73
C LYS C 108 -2.70 4.30 -9.25
N ILE C 109 -2.39 3.10 -9.75
CA ILE C 109 -2.31 2.87 -11.18
C ILE C 109 -3.56 2.12 -11.66
N TYR C 110 -4.07 2.53 -12.82
CA TYR C 110 -5.25 1.90 -13.38
C TYR C 110 -4.98 1.40 -14.80
N LEU C 111 -5.01 0.08 -14.98
CA LEU C 111 -4.76 -0.51 -16.29
C LEU C 111 -5.64 -1.74 -16.49
N PRO C 112 -6.17 -1.90 -17.67
CA PRO C 112 -7.05 -3.04 -18.02
C PRO C 112 -6.47 -4.38 -17.58
N TYR C 113 -5.14 -4.43 -17.49
CA TYR C 113 -4.47 -5.66 -17.08
C TYR C 113 -4.86 -6.03 -15.66
N LEU C 114 -5.13 -5.03 -14.84
CA LEU C 114 -5.51 -5.27 -13.45
C LEU C 114 -7.00 -5.60 -13.35
N HIS C 115 -7.81 -4.86 -14.11
CA HIS C 115 -9.25 -5.08 -14.10
C HIS C 115 -9.57 -6.51 -14.54
N GLU C 116 -8.85 -6.98 -15.55
CA GLU C 116 -9.07 -8.33 -16.06
C GLU C 116 -7.88 -9.23 -15.73
N TRP C 117 -7.64 -9.42 -14.43
CA TRP C 117 -6.53 -10.26 -13.98
C TRP C 117 -7.02 -11.69 -13.72
N LYS C 118 -6.21 -12.66 -14.13
CA LYS C 118 -6.58 -14.06 -13.94
C LYS C 118 -5.49 -14.79 -13.16
N HIS C 119 -4.42 -15.18 -13.86
CA HIS C 119 -3.32 -15.89 -13.24
C HIS C 119 -2.67 -16.86 -14.23
N PRO C 120 -3.48 -17.48 -15.04
CA PRO C 120 -3.00 -18.47 -16.05
C PRO C 120 -2.27 -17.78 -17.21
N GLN C 121 -2.62 -16.52 -17.46
CA GLN C 121 -2.00 -15.76 -18.53
C GLN C 121 -1.48 -14.42 -18.01
N SER C 122 -2.05 -13.95 -16.91
CA SER C 122 -1.65 -12.69 -16.32
C SER C 122 -0.50 -12.91 -15.32
N ASP C 123 0.53 -12.07 -15.41
CA ASP C 123 1.67 -12.18 -14.52
C ASP C 123 2.33 -10.82 -14.32
N LEU C 124 3.28 -10.77 -13.39
CA LEU C 124 3.99 -9.53 -13.11
C LEU C 124 4.67 -8.99 -14.37
N LEU C 125 5.51 -9.84 -14.96
CA LEU C 125 6.23 -9.44 -16.18
C LEU C 125 5.28 -8.78 -17.17
N GLY C 126 4.17 -9.47 -17.47
CA GLY C 126 3.20 -8.94 -18.41
C GLY C 126 2.61 -7.62 -17.91
N LEU C 127 2.43 -7.51 -16.60
CA LEU C 127 1.88 -6.31 -16.00
C LEU C 127 2.86 -5.14 -16.14
N ILE C 128 4.15 -5.43 -15.92
CA ILE C 128 5.17 -4.40 -16.02
C ILE C 128 5.32 -3.93 -17.46
N GLN C 129 5.40 -4.88 -18.39
CA GLN C 129 5.55 -4.55 -19.79
C GLN C 129 4.41 -3.65 -20.25
N VAL C 130 3.20 -3.97 -19.81
CA VAL C 130 2.02 -3.18 -20.18
C VAL C 130 2.09 -1.79 -19.55
N MET C 131 2.72 -1.69 -18.39
CA MET C 131 2.84 -0.41 -17.70
C MET C 131 3.80 0.51 -18.45
N ILE C 132 4.81 -0.08 -19.07
CA ILE C 132 5.79 0.70 -19.83
C ILE C 132 5.18 1.20 -21.13
N VAL C 133 4.29 0.40 -21.71
CA VAL C 133 3.64 0.78 -22.96
C VAL C 133 2.66 1.92 -22.74
N VAL C 134 1.86 1.81 -21.69
CA VAL C 134 0.88 2.85 -21.38
C VAL C 134 1.58 4.13 -20.92
N PHE C 135 2.52 3.97 -19.99
CA PHE C 135 3.25 5.12 -19.48
C PHE C 135 4.02 5.81 -20.59
N GLY C 136 4.41 5.04 -21.60
CA GLY C 136 5.15 5.59 -22.73
C GLY C 136 4.30 6.59 -23.51
N ASP C 137 3.02 6.26 -23.67
CA ASP C 137 2.11 7.14 -24.40
C ASP C 137 1.50 8.17 -23.46
N GLU C 138 1.40 7.81 -22.18
CA GLU C 138 0.84 8.72 -21.18
C GLU C 138 1.71 8.77 -19.94
N PRO C 139 2.55 9.76 -19.84
CA PRO C 139 3.47 9.93 -18.68
C PRO C 139 2.72 10.29 -17.40
N PRO C 140 2.79 9.43 -16.41
CA PRO C 140 2.11 9.65 -15.11
C PRO C 140 2.81 10.73 -14.27
N VAL C 141 4.01 11.10 -14.69
CA VAL C 141 4.76 12.12 -13.96
C VAL C 141 5.52 13.02 -14.94
N PHE C 142 6.04 14.13 -14.44
CA PHE C 142 6.79 15.06 -15.28
C PHE C 142 7.66 15.97 -14.42
N SER C 143 8.98 15.82 -14.56
CA SER C 143 9.91 16.64 -13.79
C SER C 143 9.22 17.87 -13.25
N MET A 1 -1.98 23.58 -1.63
CA MET A 1 -2.75 22.59 -2.43
C MET A 1 -3.95 22.10 -1.62
N GLN A 2 -4.85 21.37 -2.30
CA GLN A 2 -6.04 20.86 -1.62
C GLN A 2 -5.96 19.33 -1.52
N ILE A 3 -6.43 18.80 -0.39
CA ILE A 3 -6.41 17.36 -0.18
C ILE A 3 -7.77 16.87 0.30
N PHE A 4 -7.97 15.55 0.28
CA PHE A 4 -9.23 14.98 0.73
C PHE A 4 -8.98 13.95 1.84
N VAL A 5 -9.95 13.81 2.74
CA VAL A 5 -9.83 12.86 3.84
C VAL A 5 -11.13 12.09 4.03
N LYS A 6 -11.09 10.79 3.78
CA LYS A 6 -12.26 9.94 3.93
C LYS A 6 -12.31 9.33 5.32
N THR A 7 -13.51 9.07 5.81
CA THR A 7 -13.68 8.49 7.13
C THR A 7 -14.16 7.05 7.03
N LEU A 8 -14.49 6.44 8.17
CA LEU A 8 -14.96 5.07 8.19
C LEU A 8 -16.47 5.02 8.01
N THR A 9 -17.11 6.18 8.08
CA THR A 9 -18.56 6.26 7.93
C THR A 9 -18.93 6.60 6.49
N GLY A 10 -17.97 7.16 5.76
CA GLY A 10 -18.21 7.53 4.37
C GLY A 10 -18.38 9.04 4.23
N LYS A 11 -17.46 9.79 4.83
CA LYS A 11 -17.52 11.25 4.77
C LYS A 11 -16.19 11.81 4.27
N THR A 12 -16.26 12.66 3.26
CA THR A 12 -15.06 13.26 2.70
C THR A 12 -14.92 14.72 3.15
N ILE A 13 -13.71 15.08 3.58
CA ILE A 13 -13.47 16.44 4.04
C ILE A 13 -12.33 17.07 3.23
N THR A 14 -12.48 18.36 2.91
CA THR A 14 -11.47 19.07 2.13
C THR A 14 -10.65 19.99 3.03
N LEU A 15 -9.33 19.96 2.84
CA LEU A 15 -8.44 20.80 3.64
C LEU A 15 -7.38 21.44 2.75
N GLU A 16 -6.91 22.62 3.15
CA GLU A 16 -5.89 23.32 2.38
C GLU A 16 -4.59 23.40 3.16
N VAL A 17 -3.66 22.50 2.86
CA VAL A 17 -2.37 22.48 3.54
C VAL A 17 -1.25 22.80 2.56
N GLU A 18 -0.02 22.75 3.05
CA GLU A 18 1.14 23.04 2.20
C GLU A 18 2.17 21.92 2.29
N PRO A 19 2.89 21.69 1.23
CA PRO A 19 3.94 20.63 1.18
C PRO A 19 4.88 20.68 2.37
N SER A 20 4.90 21.82 3.05
CA SER A 20 5.77 21.99 4.21
C SER A 20 4.96 21.87 5.50
N ASP A 21 3.77 21.29 5.40
CA ASP A 21 2.92 21.11 6.56
C ASP A 21 3.19 19.76 7.23
N THR A 22 3.31 19.78 8.55
CA THR A 22 3.57 18.55 9.30
C THR A 22 2.27 17.78 9.53
N ILE A 23 2.40 16.48 9.80
CA ILE A 23 1.24 15.64 10.04
C ILE A 23 0.45 16.14 11.24
N GLU A 24 1.17 16.48 12.32
CA GLU A 24 0.53 16.97 13.52
C GLU A 24 -0.37 18.16 13.21
N ASN A 25 0.09 19.03 12.32
CA ASN A 25 -0.67 20.20 11.93
C ASN A 25 -1.96 19.81 11.23
N VAL A 26 -1.87 18.79 10.37
CA VAL A 26 -3.04 18.31 9.65
C VAL A 26 -4.10 17.78 10.61
N LYS A 27 -3.65 17.12 11.67
CA LYS A 27 -4.57 16.58 12.67
C LYS A 27 -5.34 17.70 13.35
N ALA A 28 -4.66 18.80 13.62
CA ALA A 28 -5.29 19.94 14.28
C ALA A 28 -6.40 20.52 13.41
N LYS A 29 -6.13 20.61 12.11
CA LYS A 29 -7.11 21.14 11.18
C LYS A 29 -8.39 20.30 11.20
N ILE A 30 -8.22 18.99 11.33
CA ILE A 30 -9.35 18.08 11.36
C ILE A 30 -10.09 18.18 12.70
N GLN A 31 -9.36 18.56 13.74
CA GLN A 31 -9.94 18.69 15.07
C GLN A 31 -10.78 19.96 15.16
N ASP A 32 -10.52 20.90 14.25
CA ASP A 32 -11.25 22.17 14.24
C ASP A 32 -12.45 22.07 13.31
N LYS A 33 -12.45 21.06 12.45
CA LYS A 33 -13.55 20.86 11.50
C LYS A 33 -14.54 19.83 12.04
N GLU A 34 -14.01 18.76 12.62
CA GLU A 34 -14.85 17.70 13.17
C GLU A 34 -14.80 17.71 14.69
N GLY A 35 -13.63 18.04 15.24
CA GLY A 35 -13.46 18.06 16.69
C GLY A 35 -12.94 16.74 17.21
N ILE A 36 -12.11 16.07 16.41
CA ILE A 36 -11.55 14.79 16.80
C ILE A 36 -10.14 14.97 17.36
N PRO A 37 -9.96 14.69 18.62
CA PRO A 37 -8.64 14.81 19.31
C PRO A 37 -7.52 14.13 18.53
N PRO A 38 -6.45 14.82 18.28
CA PRO A 38 -5.28 14.28 17.53
C PRO A 38 -4.82 12.93 18.09
N ASP A 39 -4.91 12.78 19.39
CA ASP A 39 -4.50 11.53 20.04
C ASP A 39 -5.46 10.40 19.69
N GLN A 40 -6.58 10.75 19.04
CA GLN A 40 -7.56 9.76 18.64
C GLN A 40 -7.79 9.80 17.14
N GLN A 41 -6.72 10.05 16.39
CA GLN A 41 -6.81 10.12 14.94
C GLN A 41 -5.64 9.37 14.30
N ARG A 42 -5.94 8.52 13.32
CA ARG A 42 -4.91 7.75 12.63
C ARG A 42 -4.97 7.99 11.13
N LEU A 43 -3.97 8.69 10.60
CA LEU A 43 -3.92 8.98 9.18
C LEU A 43 -3.17 7.87 8.44
N ILE A 44 -3.63 7.55 7.23
CA ILE A 44 -3.00 6.51 6.43
C ILE A 44 -2.95 6.92 4.97
N PHE A 45 -1.79 6.74 4.34
CA PHE A 45 -1.63 7.08 2.93
C PHE A 45 -0.91 5.97 2.18
N ALA A 46 -1.56 5.44 1.17
CA ALA A 46 -0.97 4.36 0.37
C ALA A 46 -0.71 3.14 1.25
N GLY A 47 -1.53 2.98 2.29
CA GLY A 47 -1.37 1.85 3.20
C GLY A 47 -0.23 2.09 4.18
N LYS A 48 0.17 3.35 4.32
CA LYS A 48 1.25 3.71 5.23
C LYS A 48 0.76 4.69 6.28
N GLN A 49 1.13 4.45 7.54
CA GLN A 49 0.73 5.32 8.64
C GLN A 49 1.67 6.52 8.73
N LEU A 50 1.09 7.71 8.54
CA LEU A 50 1.89 8.94 8.61
C LEU A 50 2.24 9.27 10.05
N GLU A 51 3.42 9.84 10.25
CA GLU A 51 3.88 10.21 11.59
C GLU A 51 3.61 11.69 11.86
N ASP A 52 3.57 12.05 13.14
CA ASP A 52 3.33 13.44 13.52
C ASP A 52 4.63 14.24 13.48
N GLY A 53 5.74 13.55 13.22
CA GLY A 53 7.03 14.21 13.15
C GLY A 53 7.49 14.37 11.70
N ARG A 54 6.64 13.96 10.77
CA ARG A 54 6.96 14.06 9.35
C ARG A 54 6.04 15.06 8.66
N THR A 55 6.41 15.47 7.46
CA THR A 55 5.60 16.43 6.70
C THR A 55 4.84 15.71 5.58
N LEU A 56 4.14 16.48 4.76
CA LEU A 56 3.39 15.91 3.66
C LEU A 56 4.31 15.56 2.48
N SER A 57 5.27 16.45 2.22
CA SER A 57 6.21 16.23 1.13
C SER A 57 7.07 15.01 1.40
N ASP A 58 7.21 14.66 2.68
CA ASP A 58 8.01 13.50 3.06
C ASP A 58 7.36 12.21 2.57
N TYR A 59 6.05 12.25 2.39
CA TYR A 59 5.31 11.08 1.93
C TYR A 59 5.01 11.20 0.44
N ASN A 60 5.44 12.30 -0.17
CA ASN A 60 5.21 12.52 -1.59
C ASN A 60 3.72 12.73 -1.87
N ILE A 61 3.06 13.43 -0.97
CA ILE A 61 1.62 13.69 -1.13
C ILE A 61 1.39 14.89 -2.03
N GLN A 62 0.82 14.64 -3.21
CA GLN A 62 0.55 15.71 -4.16
C GLN A 62 -0.84 16.30 -3.91
N ARG A 63 -1.32 17.08 -4.87
CA ARG A 63 -2.63 17.70 -4.74
C ARG A 63 -3.73 16.70 -5.12
N GLU A 64 -4.95 17.00 -4.70
CA GLU A 64 -6.08 16.12 -4.99
C GLU A 64 -5.83 14.72 -4.43
N SER A 65 -4.98 14.65 -3.41
CA SER A 65 -4.66 13.37 -2.80
C SER A 65 -5.73 12.98 -1.79
N THR A 66 -5.92 11.68 -1.60
CA THR A 66 -6.93 11.19 -0.66
C THR A 66 -6.26 10.48 0.51
N LEU A 67 -6.66 10.84 1.72
CA LEU A 67 -6.10 10.22 2.92
C LEU A 67 -7.18 9.50 3.71
N HIS A 68 -6.77 8.51 4.50
CA HIS A 68 -7.72 7.75 5.31
C HIS A 68 -7.56 8.09 6.79
N LEU A 69 -8.67 8.28 7.47
CA LEU A 69 -8.65 8.61 8.89
C LEU A 69 -9.22 7.47 9.72
N VAL A 70 -8.48 7.04 10.74
CA VAL A 70 -8.93 5.96 11.60
C VAL A 70 -8.97 6.41 13.06
N LEU A 71 -10.08 6.12 13.73
CA LEU A 71 -10.22 6.50 15.14
C LEU A 71 -9.75 5.38 16.05
N ARG A 72 -9.12 5.75 17.16
CA ARG A 72 -8.61 4.77 18.10
C ARG A 72 -9.54 4.67 19.31
N LEU A 73 -9.57 3.48 19.93
CA LEU A 73 -10.47 3.21 21.07
C LEU A 73 -10.50 1.71 21.36
N ARG A 74 -11.47 1.29 22.17
CA ARG A 74 -11.63 -0.12 22.51
C ARG A 74 -12.62 -0.78 21.54
N GLY A 75 -12.48 -2.08 21.35
CA GLY A 75 -13.37 -2.81 20.44
C GLY A 75 -14.78 -2.87 21.00
N GLY A 76 -15.76 -3.04 20.11
CA GLY A 76 -17.16 -3.12 20.52
C GLY A 76 -18.09 -2.58 19.43
N MET B 1 -23.56 -8.96 16.02
CA MET B 1 -22.65 -7.80 15.84
C MET B 1 -22.68 -7.36 14.38
N GLN B 2 -22.08 -6.20 14.11
CA GLN B 2 -22.04 -5.68 12.75
C GLN B 2 -20.61 -5.70 12.21
N ILE B 3 -20.48 -6.03 10.93
CA ILE B 3 -19.16 -6.08 10.30
C ILE B 3 -19.16 -5.31 8.98
N PHE B 4 -17.97 -5.07 8.45
CA PHE B 4 -17.85 -4.35 7.19
C PHE B 4 -17.06 -5.17 6.17
N VAL B 5 -17.38 -4.99 4.90
CA VAL B 5 -16.69 -5.71 3.84
C VAL B 5 -16.34 -4.79 2.68
N LYS B 6 -15.05 -4.60 2.46
CA LYS B 6 -14.59 -3.72 1.37
C LYS B 6 -14.33 -4.53 0.12
N THR B 7 -14.50 -3.90 -1.04
CA THR B 7 -14.29 -4.58 -2.31
C THR B 7 -13.02 -4.05 -2.99
N LEU B 8 -12.80 -4.48 -4.23
CA LEU B 8 -11.63 -4.05 -4.98
C LEU B 8 -11.93 -2.77 -5.75
N THR B 9 -13.21 -2.39 -5.78
CA THR B 9 -13.62 -1.18 -6.49
C THR B 9 -13.72 -0.01 -5.52
N GLY B 10 -13.83 -0.31 -4.24
CA GLY B 10 -13.94 0.74 -3.22
C GLY B 10 -15.38 0.86 -2.71
N LYS B 11 -15.98 -0.28 -2.39
CA LYS B 11 -17.35 -0.29 -1.89
C LYS B 11 -17.43 -1.03 -0.56
N THR B 12 -18.01 -0.38 0.44
CA THR B 12 -18.14 -0.99 1.77
C THR B 12 -19.56 -1.47 1.99
N ILE B 13 -19.70 -2.70 2.47
CA ILE B 13 -21.01 -3.27 2.73
C ILE B 13 -21.14 -3.66 4.21
N THR B 14 -22.31 -3.41 4.78
CA THR B 14 -22.55 -3.72 6.18
C THR B 14 -23.43 -4.95 6.32
N LEU B 15 -23.02 -5.88 7.18
CA LEU B 15 -23.78 -7.10 7.40
C LEU B 15 -23.90 -7.39 8.90
N GLU B 16 -24.95 -8.13 9.27
CA GLU B 16 -25.17 -8.46 10.68
C GLU B 16 -25.10 -9.97 10.88
N VAL B 17 -23.95 -10.44 11.35
CA VAL B 17 -23.76 -11.87 11.60
C VAL B 17 -23.56 -12.13 13.09
N GLU B 18 -23.31 -13.39 13.43
CA GLU B 18 -23.09 -13.76 14.82
C GLU B 18 -21.78 -14.54 14.98
N PRO B 19 -21.16 -14.42 16.13
CA PRO B 19 -19.88 -15.12 16.41
C PRO B 19 -19.95 -16.61 16.10
N SER B 20 -21.17 -17.12 15.99
CA SER B 20 -21.37 -18.54 15.69
C SER B 20 -21.74 -18.73 14.22
N ASP B 21 -21.47 -17.71 13.41
CA ASP B 21 -21.78 -17.79 11.99
C ASP B 21 -20.59 -18.34 11.20
N THR B 22 -20.86 -19.26 10.30
CA THR B 22 -19.81 -19.86 9.49
C THR B 22 -19.46 -18.96 8.31
N ILE B 23 -18.27 -19.16 7.76
CA ILE B 23 -17.83 -18.35 6.62
C ILE B 23 -18.77 -18.54 5.43
N GLU B 24 -19.14 -19.80 5.16
CA GLU B 24 -20.04 -20.10 4.06
C GLU B 24 -21.32 -19.28 4.17
N ASN B 25 -21.81 -19.13 5.39
CA ASN B 25 -23.04 -18.37 5.62
C ASN B 25 -22.83 -16.90 5.25
N VAL B 26 -21.66 -16.37 5.59
CA VAL B 26 -21.35 -14.98 5.29
C VAL B 26 -21.35 -14.74 3.79
N LYS B 27 -20.84 -15.72 3.05
CA LYS B 27 -20.78 -15.61 1.59
C LYS B 27 -22.18 -15.51 1.00
N ALA B 28 -23.11 -16.28 1.57
CA ALA B 28 -24.48 -16.29 1.10
C ALA B 28 -25.12 -14.91 1.28
N LYS B 29 -24.86 -14.30 2.43
CA LYS B 29 -25.41 -12.98 2.73
C LYS B 29 -24.94 -11.96 1.69
N ILE B 30 -23.69 -12.09 1.26
CA ILE B 30 -23.14 -11.19 0.27
C ILE B 30 -23.71 -11.47 -1.12
N GLN B 31 -24.11 -12.72 -1.34
CA GLN B 31 -24.67 -13.12 -2.62
C GLN B 31 -26.11 -12.60 -2.75
N ASP B 32 -26.73 -12.30 -1.61
CA ASP B 32 -28.10 -11.81 -1.62
C ASP B 32 -28.11 -10.27 -1.66
N LYS B 33 -26.97 -9.67 -1.36
CA LYS B 33 -26.87 -8.21 -1.36
C LYS B 33 -26.26 -7.72 -2.67
N GLU B 34 -25.25 -8.44 -3.16
CA GLU B 34 -24.59 -8.07 -4.40
C GLU B 34 -24.92 -9.08 -5.50
N GLY B 35 -25.04 -10.35 -5.12
CA GLY B 35 -25.35 -11.40 -6.08
C GLY B 35 -24.08 -12.04 -6.61
N ILE B 36 -23.07 -12.14 -5.74
CA ILE B 36 -21.79 -12.74 -6.13
C ILE B 36 -21.72 -14.19 -5.67
N PRO B 37 -21.70 -15.11 -6.60
CA PRO B 37 -21.62 -16.57 -6.29
C PRO B 37 -20.52 -16.89 -5.29
N PRO B 38 -20.85 -17.61 -4.25
CA PRO B 38 -19.87 -18.00 -3.20
C PRO B 38 -18.60 -18.63 -3.78
N ASP B 39 -18.77 -19.38 -4.87
CA ASP B 39 -17.64 -20.01 -5.52
C ASP B 39 -16.73 -18.98 -6.18
N GLN B 40 -17.21 -17.74 -6.24
CA GLN B 40 -16.44 -16.66 -6.85
C GLN B 40 -16.21 -15.54 -5.86
N GLN B 41 -16.01 -15.90 -4.59
CA GLN B 41 -15.77 -14.92 -3.54
C GLN B 41 -14.63 -15.37 -2.63
N ARG B 42 -13.70 -14.46 -2.37
CA ARG B 42 -12.56 -14.78 -1.51
C ARG B 42 -12.47 -13.79 -0.35
N LEU B 43 -12.75 -14.27 0.84
CA LEU B 43 -12.69 -13.42 2.03
C LEU B 43 -11.30 -13.46 2.65
N ILE B 44 -10.85 -12.32 3.17
CA ILE B 44 -9.53 -12.23 3.78
C ILE B 44 -9.58 -11.37 5.04
N PHE B 45 -8.98 -11.86 6.11
CA PHE B 45 -8.95 -11.12 7.37
C PHE B 45 -7.56 -11.13 7.97
N ALA B 46 -6.99 -9.94 8.17
CA ALA B 46 -5.66 -9.82 8.73
C ALA B 46 -4.63 -10.51 7.84
N GLY B 47 -4.92 -10.52 6.54
CA GLY B 47 -4.01 -11.16 5.58
C GLY B 47 -4.16 -12.68 5.61
N LYS B 48 -5.28 -13.14 6.15
CA LYS B 48 -5.54 -14.57 6.22
C LYS B 48 -6.82 -14.93 5.48
N GLN B 49 -6.77 -16.00 4.69
CA GLN B 49 -7.93 -16.44 3.93
C GLN B 49 -8.86 -17.28 4.80
N LEU B 50 -10.07 -16.81 5.00
CA LEU B 50 -11.04 -17.54 5.82
C LEU B 50 -11.58 -18.75 5.07
N GLU B 51 -11.86 -19.82 5.80
CA GLU B 51 -12.38 -21.03 5.20
C GLU B 51 -13.90 -21.10 5.33
N ASP B 52 -14.54 -21.90 4.49
CA ASP B 52 -15.99 -22.04 4.53
C ASP B 52 -16.40 -23.06 5.58
N GLY B 53 -15.41 -23.71 6.19
CA GLY B 53 -15.68 -24.71 7.21
C GLY B 53 -15.39 -24.16 8.60
N ARG B 54 -15.02 -22.88 8.66
CA ARG B 54 -14.73 -22.24 9.93
C ARG B 54 -15.74 -21.15 10.24
N THR B 55 -15.78 -20.70 11.49
CA THR B 55 -16.71 -19.65 11.89
C THR B 55 -15.99 -18.31 12.05
N LEU B 56 -16.72 -17.31 12.51
CA LEU B 56 -16.13 -15.98 12.69
C LEU B 56 -15.32 -15.93 13.98
N SER B 57 -15.84 -16.56 15.03
CA SER B 57 -15.15 -16.58 16.32
C SER B 57 -13.83 -17.33 16.21
N ASP B 58 -13.76 -18.24 15.24
CA ASP B 58 -12.53 -19.02 15.03
C ASP B 58 -11.39 -18.11 14.58
N TYR B 59 -11.74 -16.99 13.96
CA TYR B 59 -10.73 -16.05 13.49
C TYR B 59 -10.60 -14.88 14.44
N ASN B 60 -11.37 -14.92 15.52
CA ASN B 60 -11.33 -13.84 16.51
C ASN B 60 -11.83 -12.54 15.89
N ILE B 61 -12.90 -12.61 15.12
CA ILE B 61 -13.46 -11.44 14.48
C ILE B 61 -14.48 -10.76 15.39
N GLN B 62 -14.17 -9.53 15.82
CA GLN B 62 -15.06 -8.79 16.69
C GLN B 62 -15.99 -7.90 15.87
N LYS B 63 -16.77 -7.07 16.56
CA LYS B 63 -17.70 -6.17 15.88
C LYS B 63 -16.95 -4.98 15.29
N GLU B 64 -17.53 -4.38 14.25
CA GLU B 64 -16.92 -3.23 13.61
C GLU B 64 -15.66 -3.65 12.86
N SER B 65 -15.50 -4.95 12.66
CA SER B 65 -14.34 -5.47 11.94
C SER B 65 -14.49 -5.25 10.43
N THR B 66 -13.36 -5.20 9.74
CA THR B 66 -13.39 -5.00 8.29
C THR B 66 -12.79 -6.21 7.57
N LEU B 67 -13.51 -6.71 6.58
CA LEU B 67 -13.05 -7.86 5.81
C LEU B 67 -12.83 -7.48 4.35
N HIS B 68 -11.97 -8.23 3.67
CA HIS B 68 -11.67 -7.97 2.27
C HIS B 68 -12.27 -9.05 1.39
N LEU B 69 -12.89 -8.64 0.29
CA LEU B 69 -13.50 -9.58 -0.65
C LEU B 69 -12.75 -9.59 -1.97
N VAL B 70 -12.40 -10.78 -2.44
CA VAL B 70 -11.68 -10.92 -3.70
C VAL B 70 -12.43 -11.83 -4.65
N LEU B 71 -12.56 -11.40 -5.90
CA LEU B 71 -13.27 -12.19 -6.90
C LEU B 71 -12.30 -13.08 -7.66
N ARG B 72 -12.76 -14.28 -8.02
CA ARG B 72 -11.90 -15.22 -8.75
C ARG B 72 -12.37 -15.34 -10.20
N LEU B 73 -11.53 -15.91 -11.04
CA LEU B 73 -11.87 -16.10 -12.44
C LEU B 73 -12.21 -14.76 -13.10
N ARG B 74 -13.06 -14.79 -14.14
CA ARG B 74 -13.43 -13.57 -14.84
C ARG B 74 -14.89 -13.60 -15.23
N GLY B 75 -15.50 -12.42 -15.36
CA GLY B 75 -16.90 -12.32 -15.73
C GLY B 75 -17.15 -12.93 -17.11
N GLY B 76 -16.23 -12.68 -18.04
CA GLY B 76 -16.36 -13.20 -19.38
C GLY B 76 -15.00 -13.63 -19.93
N ASP B 77 -15.02 -14.50 -20.94
CA ASP B 77 -13.79 -14.98 -21.55
C ASP B 77 -12.87 -15.58 -20.48
N VAL C 3 17.63 -9.82 -3.40
CA VAL C 3 18.77 -10.58 -3.98
C VAL C 3 18.72 -12.03 -3.50
N SER C 4 19.35 -12.92 -4.25
CA SER C 4 19.37 -14.34 -3.89
C SER C 4 17.97 -14.93 -4.00
N GLU C 5 17.89 -16.17 -4.47
CA GLU C 5 16.61 -16.85 -4.62
C GLU C 5 16.15 -17.42 -3.29
N SER C 6 17.10 -17.79 -2.44
CA SER C 6 16.78 -18.36 -1.14
C SER C 6 16.09 -17.32 -0.26
N GLN C 7 16.69 -16.13 -0.19
CA GLN C 7 16.13 -15.06 0.63
C GLN C 7 14.73 -14.69 0.13
N LEU C 8 14.50 -14.87 -1.16
CA LEU C 8 13.20 -14.56 -1.75
C LEU C 8 12.14 -15.55 -1.29
N LYS C 9 12.54 -16.81 -1.18
CA LYS C 9 11.62 -17.86 -0.75
C LYS C 9 11.40 -17.78 0.77
N LYS C 10 12.09 -16.86 1.42
CA LYS C 10 11.97 -16.70 2.86
C LYS C 10 10.97 -15.58 3.19
N MET C 11 11.00 -14.51 2.39
CA MET C 11 10.10 -13.39 2.61
C MET C 11 8.68 -13.75 2.21
N VAL C 12 8.56 -14.78 1.38
CA VAL C 12 7.24 -15.23 0.92
C VAL C 12 6.95 -16.64 1.42
N SER C 13 7.27 -16.88 2.70
CA SER C 13 7.04 -18.19 3.30
C SER C 13 5.60 -18.29 3.81
N LYS C 14 4.96 -17.14 3.99
CA LYS C 14 3.59 -17.12 4.48
C LYS C 14 2.61 -16.91 3.31
N TYR C 15 3.06 -17.23 2.11
CA TYR C 15 2.22 -17.07 0.93
C TYR C 15 1.62 -18.42 0.52
N LYS C 16 0.30 -18.44 0.34
CA LYS C 16 -0.38 -19.66 -0.04
C LYS C 16 0.28 -20.28 -1.28
N TYR C 17 0.69 -19.43 -2.20
CA TYR C 17 1.33 -19.89 -3.43
C TYR C 17 2.76 -19.34 -3.54
N ARG C 18 3.65 -19.87 -2.72
CA ARG C 18 5.04 -19.42 -2.74
C ARG C 18 5.66 -19.64 -4.12
N ASP C 19 5.98 -20.89 -4.42
CA ASP C 19 6.58 -21.22 -5.71
C ASP C 19 6.14 -20.21 -6.77
N LEU C 20 4.91 -20.36 -7.26
CA LEU C 20 4.39 -19.45 -8.27
C LEU C 20 4.94 -18.05 -8.08
N THR C 21 4.54 -17.41 -6.98
CA THR C 21 5.00 -16.06 -6.68
C THR C 21 6.50 -15.93 -6.96
N VAL C 22 7.30 -16.73 -6.26
CA VAL C 22 8.74 -16.70 -6.44
C VAL C 22 9.10 -16.68 -7.92
N ARG C 23 8.85 -17.80 -8.60
CA ARG C 23 9.15 -17.90 -10.02
C ARG C 23 8.82 -16.59 -10.73
N GLU C 24 7.56 -16.18 -10.65
CA GLU C 24 7.13 -14.94 -11.29
C GLU C 24 8.07 -13.81 -10.92
N THR C 25 8.31 -13.64 -9.62
CA THR C 25 9.19 -12.57 -9.14
C THR C 25 10.57 -12.69 -9.80
N VAL C 26 11.13 -13.89 -9.78
CA VAL C 26 12.44 -14.12 -10.38
C VAL C 26 12.43 -13.74 -11.86
N ASN C 27 11.32 -14.00 -12.52
CA ASN C 27 11.19 -13.68 -13.93
C ASN C 27 11.09 -12.17 -14.14
N VAL C 28 10.71 -11.46 -13.08
CA VAL C 28 10.58 -10.01 -13.16
C VAL C 28 11.92 -9.33 -12.95
N ILE C 29 12.43 -9.41 -11.72
CA ILE C 29 13.71 -8.81 -11.39
C ILE C 29 14.78 -9.21 -12.40
N THR C 30 14.56 -10.34 -13.06
CA THR C 30 15.52 -10.84 -14.06
C THR C 30 15.64 -9.85 -15.21
N LEU C 31 14.51 -9.41 -15.74
CA LEU C 31 14.51 -8.47 -16.86
C LEU C 31 14.70 -7.05 -16.34
N TYR C 32 14.10 -6.74 -15.20
CA TYR C 32 14.21 -5.41 -14.62
C TYR C 32 15.02 -5.46 -13.32
N LYS C 33 16.33 -5.33 -13.44
CA LYS C 33 17.21 -5.35 -12.27
C LYS C 33 16.94 -4.14 -11.38
N ASP C 34 16.28 -3.13 -11.94
CA ASP C 34 15.96 -1.93 -11.19
C ASP C 34 14.85 -2.20 -10.17
N LEU C 35 14.37 -3.44 -10.16
CA LEU C 35 13.31 -3.81 -9.23
C LEU C 35 13.81 -4.86 -8.24
N LYS C 36 13.57 -4.61 -6.95
CA LYS C 36 14.01 -5.54 -5.92
C LYS C 36 12.87 -5.82 -4.93
N PRO C 37 12.72 -7.05 -4.54
CA PRO C 37 11.66 -7.47 -3.58
C PRO C 37 11.96 -7.02 -2.16
N VAL C 38 10.90 -6.70 -1.41
CA VAL C 38 11.07 -6.25 -0.02
C VAL C 38 9.86 -6.65 0.81
N LEU C 39 10.10 -6.99 2.08
CA LEU C 39 9.02 -7.39 2.97
C LEU C 39 8.69 -6.26 3.94
N ASP C 40 7.48 -5.72 3.80
CA ASP C 40 7.05 -4.63 4.67
C ASP C 40 5.57 -4.81 5.05
N SER C 41 5.15 -4.08 6.08
CA SER C 41 3.76 -4.17 6.54
C SER C 41 2.88 -3.19 5.76
N TYR C 42 1.77 -3.70 5.24
CA TYR C 42 0.85 -2.87 4.47
C TYR C 42 -0.42 -2.60 5.28
N VAL C 43 -0.54 -1.38 5.81
CA VAL C 43 -1.71 -1.02 6.60
C VAL C 43 -2.82 -0.50 5.68
N PHE C 44 -3.86 -1.31 5.51
CA PHE C 44 -4.98 -0.93 4.66
C PHE C 44 -5.65 0.33 5.19
N ASN C 45 -6.64 0.83 4.46
CA ASN C 45 -7.36 2.03 4.87
C ASN C 45 -8.17 1.77 6.13
N ASP C 46 -8.63 0.53 6.28
CA ASP C 46 -9.43 0.16 7.44
C ASP C 46 -8.58 0.19 8.70
N GLY C 47 -7.26 0.35 8.53
CA GLY C 47 -6.35 0.39 9.65
C GLY C 47 -5.59 -0.92 9.79
N SER C 48 -6.25 -2.02 9.42
CA SER C 48 -5.63 -3.33 9.50
C SER C 48 -4.26 -3.33 8.85
N SER C 49 -3.41 -4.29 9.21
CA SER C 49 -2.07 -4.37 8.65
C SER C 49 -1.74 -5.81 8.29
N ARG C 50 -0.82 -5.98 7.34
CA ARG C 50 -0.41 -7.31 6.90
C ARG C 50 0.95 -7.25 6.22
N GLU C 51 1.82 -8.20 6.56
CA GLU C 51 3.16 -8.25 5.97
C GLU C 51 3.11 -8.87 4.57
N LEU C 52 3.24 -8.02 3.56
CA LEU C 52 3.22 -8.49 2.18
C LEU C 52 4.54 -8.15 1.48
N MET C 53 4.83 -8.87 0.40
CA MET C 53 6.06 -8.64 -0.35
C MET C 53 5.77 -7.82 -1.61
N ASN C 54 6.38 -6.64 -1.70
CA ASN C 54 6.19 -5.78 -2.85
C ASN C 54 7.49 -5.61 -3.63
N LEU C 55 7.39 -5.13 -4.86
CA LEU C 55 8.57 -4.92 -5.69
C LEU C 55 8.84 -3.43 -5.88
N THR C 56 9.76 -2.90 -5.08
CA THR C 56 10.11 -1.48 -5.17
C THR C 56 11.28 -1.27 -6.12
N GLY C 57 11.27 -0.14 -6.82
CA GLY C 57 12.34 0.16 -7.76
C GLY C 57 11.86 1.14 -8.83
N THR C 58 12.45 1.05 -10.02
CA THR C 58 12.07 1.92 -11.12
C THR C 58 12.05 1.16 -12.43
N ILE C 59 11.21 1.59 -13.36
CA ILE C 59 11.10 0.94 -14.66
C ILE C 59 11.39 1.92 -15.78
N PRO C 60 12.09 1.49 -16.79
CA PRO C 60 12.46 2.34 -17.96
C PRO C 60 11.25 2.64 -18.85
N VAL C 61 10.98 3.92 -19.07
CA VAL C 61 9.86 4.31 -19.91
C VAL C 61 10.27 5.43 -20.87
N PRO C 62 10.78 5.06 -22.01
CA PRO C 62 11.22 6.04 -23.05
C PRO C 62 10.15 7.07 -23.37
N TYR C 63 10.54 8.34 -23.39
CA TYR C 63 9.59 9.42 -23.70
C TYR C 63 10.33 10.60 -24.32
N ARG C 64 9.92 10.97 -25.53
CA ARG C 64 10.54 12.10 -26.22
C ARG C 64 12.03 11.83 -26.43
N GLY C 65 12.40 10.56 -26.55
CA GLY C 65 13.79 10.19 -26.76
C GLY C 65 14.52 10.09 -25.43
N ASN C 66 13.87 10.54 -24.35
CA ASN C 66 14.47 10.49 -23.02
C ASN C 66 13.92 9.32 -22.23
N THR C 67 14.78 8.69 -21.44
CA THR C 67 14.36 7.54 -20.64
C THR C 67 14.10 7.97 -19.19
N TYR C 68 12.86 7.79 -18.73
CA TYR C 68 12.50 8.17 -17.38
C TYR C 68 12.34 6.92 -16.51
N ASN C 69 13.04 6.89 -15.38
CA ASN C 69 12.96 5.76 -14.47
C ASN C 69 11.86 5.98 -13.43
N ILE C 70 10.62 5.82 -13.87
CA ILE C 70 9.48 6.01 -12.97
C ILE C 70 9.48 4.96 -11.86
N PRO C 71 9.51 5.39 -10.63
CA PRO C 71 9.50 4.49 -9.45
C PRO C 71 8.10 3.95 -9.14
N ILE C 72 7.99 2.64 -8.97
CA ILE C 72 6.71 2.02 -8.66
C ILE C 72 6.83 1.09 -7.47
N CYS C 73 5.69 0.63 -6.96
CA CYS C 73 5.69 -0.27 -5.81
C CYS C 73 4.53 -1.26 -5.91
N LEU C 74 4.83 -2.44 -6.43
CA LEU C 74 3.80 -3.47 -6.58
C LEU C 74 3.65 -4.28 -5.29
N TRP C 75 2.42 -4.37 -4.79
CA TRP C 75 2.17 -5.11 -3.56
C TRP C 75 1.47 -6.44 -3.87
N LEU C 76 1.96 -7.51 -3.28
CA LEU C 76 1.38 -8.84 -3.50
C LEU C 76 0.69 -9.33 -2.23
N LEU C 77 -0.55 -9.78 -2.37
CA LEU C 77 -1.30 -10.28 -1.23
C LEU C 77 -1.08 -11.78 -1.06
N ASP C 78 -1.04 -12.24 0.19
CA ASP C 78 -0.84 -13.65 0.47
C ASP C 78 -1.21 -14.50 -0.74
N THR C 79 -2.09 -13.96 -1.59
CA THR C 79 -2.53 -14.67 -2.78
C THR C 79 -2.50 -13.76 -3.99
N TYR C 80 -1.31 -13.56 -4.56
CA TYR C 80 -1.16 -12.70 -5.73
C TYR C 80 -1.15 -13.52 -7.00
N PRO C 81 -1.25 -14.83 -6.88
CA PRO C 81 -1.24 -15.76 -8.04
C PRO C 81 -2.57 -15.72 -8.80
N TYR C 82 -3.58 -15.12 -8.20
CA TYR C 82 -4.89 -15.04 -8.82
C TYR C 82 -5.45 -13.62 -8.69
N ASN C 83 -4.89 -12.86 -7.76
CA ASN C 83 -5.34 -11.49 -7.54
C ASN C 83 -4.31 -10.49 -8.05
N PRO C 84 -4.77 -9.38 -8.56
CA PRO C 84 -3.87 -8.31 -9.10
C PRO C 84 -3.19 -7.51 -8.00
N PRO C 85 -1.91 -7.31 -8.12
CA PRO C 85 -1.10 -6.55 -7.12
C PRO C 85 -1.55 -5.09 -7.02
N ILE C 86 -1.17 -4.43 -5.92
CA ILE C 86 -1.55 -3.04 -5.71
C ILE C 86 -0.41 -2.12 -6.16
N CYS C 87 -0.48 -1.67 -7.41
CA CYS C 87 0.54 -0.79 -7.96
C CYS C 87 0.46 0.60 -7.31
N PHE C 88 1.53 1.37 -7.47
CA PHE C 88 1.57 2.71 -6.91
C PHE C 88 2.76 3.49 -7.47
N VAL C 89 2.51 4.74 -7.85
CA VAL C 89 3.57 5.58 -8.41
C VAL C 89 4.21 6.43 -7.32
N LYS C 90 5.34 5.95 -6.79
CA LYS C 90 6.04 6.67 -5.75
C LYS C 90 6.87 7.82 -6.33
N PRO C 91 6.27 8.97 -6.46
CA PRO C 91 6.96 10.17 -7.03
C PRO C 91 7.96 10.77 -6.05
N THR C 92 9.08 11.25 -6.57
CA THR C 92 10.11 11.85 -5.73
C THR C 92 9.85 13.34 -5.55
N SER C 93 10.69 13.99 -4.74
CA SER C 93 10.54 15.41 -4.49
C SER C 93 10.71 16.21 -5.78
N SER C 94 11.23 15.56 -6.80
CA SER C 94 11.44 16.22 -8.09
C SER C 94 10.49 15.65 -9.14
N MET C 95 9.39 15.04 -8.68
CA MET C 95 8.42 14.46 -9.60
C MET C 95 7.01 14.89 -9.21
N THR C 96 6.18 15.14 -10.23
CA THR C 96 4.80 15.57 -9.98
C THR C 96 3.83 14.65 -10.71
N ILE C 97 2.99 13.96 -9.95
CA ILE C 97 2.00 13.05 -10.52
C ILE C 97 1.08 13.80 -11.47
N LYS C 98 0.96 13.31 -12.70
CA LYS C 98 0.10 13.95 -13.69
C LYS C 98 -1.19 13.15 -13.86
N THR C 99 -1.94 13.01 -12.77
CA THR C 99 -3.20 12.28 -12.81
C THR C 99 -3.71 12.15 -14.24
N GLY C 100 -4.16 10.95 -14.60
CA GLY C 100 -4.67 10.71 -15.94
C GLY C 100 -5.74 9.62 -15.93
N LYS C 101 -5.56 8.62 -16.79
CA LYS C 101 -6.51 7.52 -16.87
C LYS C 101 -5.94 6.27 -16.19
N HIS C 102 -4.64 6.28 -15.96
CA HIS C 102 -3.97 5.15 -15.32
C HIS C 102 -3.28 5.60 -14.04
N VAL C 103 -3.58 6.82 -13.60
CA VAL C 103 -2.97 7.35 -12.39
C VAL C 103 -3.83 8.47 -11.80
N ASP C 104 -4.02 8.43 -10.49
CA ASP C 104 -4.82 9.44 -9.81
C ASP C 104 -3.94 10.42 -9.05
N ALA C 105 -4.47 10.98 -7.96
CA ALA C 105 -3.71 11.92 -7.16
C ALA C 105 -2.91 11.20 -6.08
N ASN C 106 -3.35 9.98 -5.74
CA ASN C 106 -2.68 9.20 -4.73
C ASN C 106 -1.51 8.42 -5.33
N GLY C 107 -1.57 8.22 -6.65
CA GLY C 107 -0.52 7.49 -7.34
C GLY C 107 -1.05 6.16 -7.88
N LYS C 108 -2.14 5.69 -7.31
CA LYS C 108 -2.74 4.43 -7.73
C LYS C 108 -2.70 4.30 -9.25
N ILE C 109 -2.39 3.10 -9.75
CA ILE C 109 -2.31 2.87 -11.18
C ILE C 109 -3.56 2.12 -11.66
N TYR C 110 -4.07 2.53 -12.82
CA TYR C 110 -5.25 1.90 -13.38
C TYR C 110 -4.98 1.40 -14.80
N LEU C 111 -5.01 0.08 -14.98
CA LEU C 111 -4.76 -0.51 -16.29
C LEU C 111 -5.64 -1.74 -16.49
N PRO C 112 -6.17 -1.90 -17.67
CA PRO C 112 -7.05 -3.04 -18.02
C PRO C 112 -6.47 -4.38 -17.58
N TYR C 113 -5.14 -4.43 -17.49
CA TYR C 113 -4.47 -5.66 -17.08
C TYR C 113 -4.86 -6.03 -15.66
N LEU C 114 -5.13 -5.03 -14.84
CA LEU C 114 -5.51 -5.27 -13.45
C LEU C 114 -7.00 -5.60 -13.35
N HIS C 115 -7.81 -4.86 -14.11
CA HIS C 115 -9.25 -5.08 -14.10
C HIS C 115 -9.57 -6.51 -14.54
N GLU C 116 -8.85 -6.98 -15.55
CA GLU C 116 -9.07 -8.33 -16.06
C GLU C 116 -7.88 -9.23 -15.73
N TRP C 117 -7.64 -9.42 -14.43
CA TRP C 117 -6.53 -10.26 -13.98
C TRP C 117 -7.02 -11.69 -13.72
N LYS C 118 -6.21 -12.66 -14.13
CA LYS C 118 -6.58 -14.06 -13.94
C LYS C 118 -5.49 -14.79 -13.16
N HIS C 119 -4.42 -15.18 -13.86
CA HIS C 119 -3.32 -15.89 -13.24
C HIS C 119 -2.67 -16.86 -14.23
N PRO C 120 -3.48 -17.48 -15.04
CA PRO C 120 -3.00 -18.47 -16.05
C PRO C 120 -2.27 -17.78 -17.21
N GLN C 121 -2.62 -16.52 -17.46
CA GLN C 121 -2.00 -15.76 -18.53
C GLN C 121 -1.48 -14.42 -18.01
N SER C 122 -2.05 -13.95 -16.91
CA SER C 122 -1.65 -12.69 -16.32
C SER C 122 -0.50 -12.91 -15.32
N ASP C 123 0.53 -12.07 -15.41
CA ASP C 123 1.67 -12.18 -14.52
C ASP C 123 2.33 -10.82 -14.32
N LEU C 124 3.28 -10.77 -13.39
CA LEU C 124 3.99 -9.53 -13.11
C LEU C 124 4.67 -8.99 -14.37
N LEU C 125 5.51 -9.84 -14.96
CA LEU C 125 6.23 -9.44 -16.18
C LEU C 125 5.28 -8.78 -17.17
N GLY C 126 4.17 -9.47 -17.47
CA GLY C 126 3.20 -8.94 -18.41
C GLY C 126 2.61 -7.62 -17.91
N LEU C 127 2.43 -7.51 -16.60
CA LEU C 127 1.88 -6.31 -16.00
C LEU C 127 2.86 -5.14 -16.14
N ILE C 128 4.15 -5.43 -15.92
CA ILE C 128 5.17 -4.40 -16.02
C ILE C 128 5.32 -3.93 -17.46
N GLN C 129 5.40 -4.88 -18.39
CA GLN C 129 5.55 -4.55 -19.79
C GLN C 129 4.41 -3.65 -20.25
N VAL C 130 3.20 -3.97 -19.81
CA VAL C 130 2.02 -3.18 -20.18
C VAL C 130 2.09 -1.79 -19.55
N MET C 131 2.72 -1.69 -18.39
CA MET C 131 2.84 -0.41 -17.70
C MET C 131 3.80 0.51 -18.45
N ILE C 132 4.81 -0.08 -19.07
CA ILE C 132 5.79 0.70 -19.83
C ILE C 132 5.18 1.20 -21.13
N VAL C 133 4.29 0.40 -21.71
CA VAL C 133 3.64 0.78 -22.96
C VAL C 133 2.66 1.92 -22.74
N VAL C 134 1.86 1.81 -21.69
CA VAL C 134 0.88 2.85 -21.38
C VAL C 134 1.58 4.13 -20.92
N PHE C 135 2.52 3.97 -19.99
CA PHE C 135 3.25 5.12 -19.48
C PHE C 135 4.02 5.81 -20.59
N GLY C 136 4.41 5.04 -21.60
CA GLY C 136 5.15 5.59 -22.73
C GLY C 136 4.30 6.59 -23.51
N ASP C 137 3.02 6.26 -23.67
CA ASP C 137 2.11 7.14 -24.40
C ASP C 137 1.50 8.17 -23.46
N GLU C 138 1.40 7.81 -22.18
CA GLU C 138 0.84 8.72 -21.18
C GLU C 138 1.71 8.77 -19.94
N PRO C 139 2.55 9.76 -19.84
CA PRO C 139 3.47 9.93 -18.68
C PRO C 139 2.72 10.29 -17.40
N PRO C 140 2.79 9.43 -16.41
CA PRO C 140 2.11 9.65 -15.11
C PRO C 140 2.81 10.73 -14.27
N VAL C 141 4.01 11.10 -14.69
CA VAL C 141 4.76 12.12 -13.96
C VAL C 141 5.52 13.02 -14.94
N PHE C 142 6.04 14.13 -14.44
CA PHE C 142 6.79 15.06 -15.28
C PHE C 142 7.66 15.97 -14.42
N SER C 143 8.98 15.82 -14.56
CA SER C 143 9.91 16.64 -13.79
C SER C 143 9.22 17.87 -13.25
N MET A 1 -1.98 23.58 -1.63
CA MET A 1 -2.75 22.59 -2.43
C MET A 1 -3.95 22.11 -1.63
N GLN A 2 -4.85 21.37 -2.30
CA GLN A 2 -6.04 20.86 -1.62
C GLN A 2 -5.96 19.33 -1.52
N ILE A 3 -6.43 18.80 -0.39
CA ILE A 3 -6.41 17.36 -0.18
C ILE A 3 -7.77 16.86 0.31
N PHE A 4 -7.97 15.55 0.28
CA PHE A 4 -9.23 14.98 0.73
C PHE A 4 -8.98 13.95 1.83
N VAL A 5 -9.95 13.81 2.74
CA VAL A 5 -9.83 12.86 3.84
C VAL A 5 -11.13 12.09 4.02
N LYS A 6 -11.08 10.78 3.78
CA LYS A 6 -12.26 9.94 3.93
C LYS A 6 -12.31 9.33 5.32
N THR A 7 -13.51 9.08 5.82
CA THR A 7 -13.68 8.49 7.13
C THR A 7 -14.16 7.05 7.03
N LEU A 8 -14.49 6.44 8.17
CA LEU A 8 -14.96 5.07 8.19
C LEU A 8 -16.47 5.02 8.01
N THR A 9 -17.11 6.18 8.08
CA THR A 9 -18.56 6.26 7.93
C THR A 9 -18.93 6.60 6.49
N GLY A 10 -17.98 7.17 5.75
CA GLY A 10 -18.21 7.53 4.37
C GLY A 10 -18.38 9.04 4.23
N LYS A 11 -17.47 9.79 4.84
CA LYS A 11 -17.51 11.24 4.78
C LYS A 11 -16.19 11.81 4.27
N THR A 12 -16.26 12.66 3.26
CA THR A 12 -15.05 13.25 2.69
C THR A 12 -14.91 14.71 3.14
N ILE A 13 -13.71 15.08 3.58
CA ILE A 13 -13.45 16.44 4.03
C ILE A 13 -12.33 17.06 3.22
N THR A 14 -12.47 18.35 2.91
CA THR A 14 -11.48 19.06 2.13
C THR A 14 -10.65 19.98 3.02
N LEU A 15 -9.33 19.96 2.84
CA LEU A 15 -8.44 20.80 3.63
C LEU A 15 -7.38 21.44 2.75
N GLU A 16 -6.91 22.62 3.15
CA GLU A 16 -5.89 23.32 2.37
C GLU A 16 -4.59 23.40 3.16
N VAL A 17 -3.66 22.50 2.85
CA VAL A 17 -2.37 22.48 3.53
C VAL A 17 -1.24 22.79 2.56
N GLU A 18 -0.01 22.76 3.05
CA GLU A 18 1.14 23.04 2.20
C GLU A 18 2.16 21.91 2.29
N PRO A 19 2.89 21.69 1.23
CA PRO A 19 3.94 20.63 1.18
C PRO A 19 4.88 20.68 2.37
N SER A 20 4.90 21.82 3.05
CA SER A 20 5.77 21.99 4.21
C SER A 20 4.96 21.87 5.50
N ASP A 21 3.78 21.29 5.40
CA ASP A 21 2.92 21.10 6.57
C ASP A 21 3.19 19.76 7.23
N THR A 22 3.31 19.78 8.55
CA THR A 22 3.57 18.55 9.30
C THR A 22 2.27 17.78 9.53
N ILE A 23 2.40 16.48 9.80
CA ILE A 23 1.24 15.64 10.04
C ILE A 23 0.45 16.14 11.24
N GLU A 24 1.17 16.48 12.32
CA GLU A 24 0.52 16.97 13.52
C GLU A 24 -0.37 18.16 13.22
N ASN A 25 0.09 19.03 12.32
CA ASN A 25 -0.68 20.21 11.93
C ASN A 25 -1.96 19.80 11.22
N VAL A 26 -1.87 18.79 10.37
CA VAL A 26 -3.04 18.31 9.65
C VAL A 26 -4.10 17.78 10.61
N LYS A 27 -3.66 17.12 11.67
CA LYS A 27 -4.57 16.58 12.67
C LYS A 27 -5.34 17.70 13.35
N ALA A 28 -4.66 18.80 13.62
CA ALA A 28 -5.29 19.94 14.28
C ALA A 28 -6.40 20.52 13.41
N LYS A 29 -6.13 20.61 12.11
CA LYS A 29 -7.11 21.14 11.18
C LYS A 29 -8.39 20.30 11.20
N ILE A 30 -8.22 18.99 11.33
CA ILE A 30 -9.36 18.08 11.37
C ILE A 30 -10.09 18.18 12.70
N GLN A 31 -9.36 18.56 13.74
CA GLN A 31 -9.94 18.69 15.07
C GLN A 31 -10.78 19.96 15.16
N ASP A 32 -10.52 20.90 14.25
CA ASP A 32 -11.25 22.16 14.23
C ASP A 32 -12.45 22.07 13.31
N LYS A 33 -12.45 21.05 12.44
CA LYS A 33 -13.55 20.86 11.50
C LYS A 33 -14.54 19.83 12.04
N GLU A 34 -14.01 18.76 12.62
CA GLU A 34 -14.85 17.70 13.17
C GLU A 34 -14.80 17.71 14.69
N GLY A 35 -13.63 18.04 15.24
CA GLY A 35 -13.46 18.06 16.69
C GLY A 35 -12.94 16.74 17.21
N ILE A 36 -12.11 16.07 16.41
CA ILE A 36 -11.55 14.79 16.80
C ILE A 36 -10.14 14.97 17.36
N PRO A 37 -9.96 14.69 18.62
CA PRO A 37 -8.64 14.81 19.31
C PRO A 37 -7.52 14.12 18.52
N PRO A 38 -6.45 14.83 18.28
CA PRO A 38 -5.28 14.29 17.54
C PRO A 38 -4.82 12.93 18.09
N ASP A 39 -4.91 12.78 19.40
CA ASP A 39 -4.50 11.53 20.04
C ASP A 39 -5.46 10.40 19.68
N GLN A 40 -6.58 10.75 19.04
CA GLN A 40 -7.56 9.76 18.64
C GLN A 40 -7.78 9.79 17.14
N GLN A 41 -6.72 10.05 16.39
CA GLN A 41 -6.80 10.11 14.94
C GLN A 41 -5.64 9.36 14.30
N ARG A 42 -5.94 8.52 13.32
CA ARG A 42 -4.91 7.75 12.63
C ARG A 42 -4.97 7.99 11.13
N LEU A 43 -3.97 8.69 10.60
CA LEU A 43 -3.92 8.98 9.18
C LEU A 43 -3.17 7.88 8.43
N ILE A 44 -3.63 7.55 7.23
CA ILE A 44 -3.00 6.51 6.43
C ILE A 44 -2.95 6.92 4.97
N PHE A 45 -1.79 6.74 4.35
CA PHE A 45 -1.62 7.10 2.94
C PHE A 45 -0.91 5.97 2.18
N ALA A 46 -1.56 5.44 1.17
CA ALA A 46 -0.97 4.36 0.37
C ALA A 46 -0.71 3.14 1.25
N GLY A 47 -1.52 2.97 2.29
CA GLY A 47 -1.36 1.84 3.19
C GLY A 47 -0.22 2.08 4.17
N LYS A 48 0.17 3.35 4.32
CA LYS A 48 1.25 3.71 5.23
C LYS A 48 0.76 4.69 6.29
N GLN A 49 1.14 4.44 7.54
CA GLN A 49 0.73 5.32 8.64
C GLN A 49 1.67 6.52 8.73
N LEU A 50 1.09 7.71 8.54
CA LEU A 50 1.89 8.94 8.61
C LEU A 50 2.24 9.27 10.05
N GLU A 51 3.43 9.84 10.26
CA GLU A 51 3.87 10.20 11.60
C GLU A 51 3.61 11.68 11.86
N ASP A 52 3.57 12.05 13.14
CA ASP A 52 3.33 13.44 13.52
C ASP A 52 4.63 14.24 13.48
N GLY A 53 5.74 13.55 13.22
CA GLY A 53 7.03 14.21 13.15
C GLY A 53 7.49 14.37 11.70
N ARG A 54 6.63 13.97 10.77
CA ARG A 54 6.97 14.07 9.35
C ARG A 54 6.03 15.06 8.66
N THR A 55 6.41 15.47 7.46
CA THR A 55 5.60 16.43 6.70
C THR A 55 4.84 15.71 5.58
N LEU A 56 4.14 16.48 4.75
CA LEU A 56 3.39 15.91 3.65
C LEU A 56 4.31 15.56 2.48
N SER A 57 5.27 16.45 2.22
CA SER A 57 6.21 16.23 1.13
C SER A 57 7.07 15.01 1.40
N ASP A 58 7.21 14.66 2.68
CA ASP A 58 8.01 13.50 3.06
C ASP A 58 7.36 12.21 2.57
N TYR A 59 6.05 12.25 2.39
CA TYR A 59 5.31 11.08 1.93
C TYR A 59 5.01 11.20 0.44
N ASN A 60 5.44 12.30 -0.17
CA ASN A 60 5.21 12.52 -1.59
C ASN A 60 3.72 12.73 -1.87
N ILE A 61 3.06 13.43 -0.97
CA ILE A 61 1.62 13.69 -1.13
C ILE A 61 1.39 14.89 -2.03
N GLN A 62 0.82 14.64 -3.21
CA GLN A 62 0.55 15.71 -4.16
C GLN A 62 -0.84 16.30 -3.91
N ARG A 63 -1.33 17.09 -4.87
CA ARG A 63 -2.63 17.70 -4.74
C ARG A 63 -3.73 16.70 -5.12
N GLU A 64 -4.95 17.00 -4.70
CA GLU A 64 -6.07 16.12 -5.00
C GLU A 64 -5.83 14.72 -4.43
N SER A 65 -4.98 14.65 -3.41
CA SER A 65 -4.66 13.37 -2.79
C SER A 65 -5.73 12.97 -1.78
N THR A 66 -5.93 11.68 -1.60
CA THR A 66 -6.92 11.19 -0.66
C THR A 66 -6.26 10.48 0.52
N LEU A 67 -6.67 10.83 1.73
CA LEU A 67 -6.10 10.23 2.93
C LEU A 67 -7.18 9.51 3.73
N HIS A 68 -6.77 8.51 4.50
CA HIS A 68 -7.72 7.75 5.32
C HIS A 68 -7.56 8.10 6.79
N LEU A 69 -8.67 8.28 7.48
CA LEU A 69 -8.64 8.60 8.90
C LEU A 69 -9.21 7.47 9.73
N VAL A 70 -8.47 7.05 10.76
CA VAL A 70 -8.92 5.98 11.63
C VAL A 70 -8.98 6.44 13.08
N LEU A 71 -10.06 6.08 13.76
CA LEU A 71 -10.22 6.47 15.16
C LEU A 71 -9.75 5.35 16.08
N ARG A 72 -9.15 5.73 17.21
CA ARG A 72 -8.67 4.75 18.18
C ARG A 72 -9.58 4.68 19.39
N LEU A 73 -9.50 3.58 20.14
CA LEU A 73 -10.33 3.39 21.32
C LEU A 73 -9.61 2.52 22.35
N ARG A 74 -10.24 2.33 23.50
CA ARG A 74 -9.64 1.52 24.54
C ARG A 74 -9.58 0.06 24.08
N GLY A 75 -10.61 -0.73 24.40
CA GLY A 75 -10.63 -2.12 23.99
C GLY A 75 -9.33 -2.82 24.37
N GLY A 76 -8.74 -2.37 25.48
CA GLY A 76 -7.47 -2.93 25.93
C GLY A 76 -6.37 -2.54 24.95
N MET B 1 -0.80 -1.78 26.47
CA MET B 1 -1.33 -2.36 25.20
C MET B 1 -0.42 -3.48 24.74
N GLN B 2 -0.86 -4.22 23.73
CA GLN B 2 -0.07 -5.33 23.20
C GLN B 2 0.40 -5.01 21.78
N ILE B 3 1.63 -5.41 21.47
CA ILE B 3 2.19 -5.16 20.14
C ILE B 3 2.80 -6.43 19.57
N PHE B 4 3.11 -6.41 18.28
CA PHE B 4 3.70 -7.57 17.63
C PHE B 4 5.02 -7.18 16.94
N VAL B 5 5.94 -8.13 16.87
CA VAL B 5 7.23 -7.89 16.26
C VAL B 5 7.63 -9.04 15.36
N LYS B 6 7.70 -8.78 14.05
CA LYS B 6 8.08 -9.80 13.09
C LYS B 6 9.58 -9.78 12.83
N THR B 7 10.14 -10.94 12.51
CA THR B 7 11.57 -11.04 12.25
C THR B 7 11.83 -11.27 10.76
N LEU B 8 13.08 -11.52 10.41
CA LEU B 8 13.45 -11.76 9.02
C LEU B 8 13.33 -13.25 8.68
N THR B 9 13.12 -14.06 9.70
CA THR B 9 12.98 -15.51 9.50
C THR B 9 11.50 -15.90 9.42
N GLY B 10 10.63 -15.03 9.93
CA GLY B 10 9.20 -15.29 9.90
C GLY B 10 8.70 -15.69 11.28
N LYS B 11 9.11 -14.94 12.30
CA LYS B 11 8.68 -15.23 13.67
C LYS B 11 8.04 -13.99 14.30
N THR B 12 6.85 -14.17 14.85
CA THR B 12 6.12 -13.07 15.48
C THR B 12 6.20 -13.18 17.00
N ILE B 13 6.54 -12.08 17.65
CA ILE B 13 6.65 -12.06 19.11
C ILE B 13 5.67 -11.03 19.69
N THR B 14 5.05 -11.41 20.81
CA THR B 14 4.09 -10.52 21.46
C THR B 14 4.70 -9.90 22.72
N LEU B 15 4.54 -8.58 22.86
CA LEU B 15 5.07 -7.87 24.02
C LEU B 15 4.03 -6.92 24.58
N GLU B 16 4.16 -6.62 25.87
CA GLU B 16 3.21 -5.70 26.52
C GLU B 16 3.93 -4.44 27.01
N VAL B 17 3.83 -3.38 26.24
CA VAL B 17 4.47 -2.11 26.60
C VAL B 17 3.42 -1.04 26.85
N GLU B 18 3.88 0.18 27.15
CA GLU B 18 2.98 1.28 27.40
C GLU B 18 3.32 2.48 26.51
N PRO B 19 2.34 3.27 26.17
CA PRO B 19 2.53 4.47 25.31
C PRO B 19 3.65 5.37 25.81
N SER B 20 4.04 5.18 27.07
CA SER B 20 5.11 5.97 27.66
C SER B 20 6.40 5.17 27.72
N ASP B 21 6.47 4.10 26.95
CA ASP B 21 7.66 3.27 26.92
C ASP B 21 8.62 3.73 25.84
N THR B 22 9.90 3.81 26.19
CA THR B 22 10.92 4.26 25.25
C THR B 22 11.35 3.10 24.34
N ILE B 23 11.88 3.37 23.15
CA ILE B 23 12.24 2.22 22.32
C ILE B 23 13.43 1.47 22.94
N GLU B 24 14.38 2.16 23.60
CA GLU B 24 15.46 1.42 24.26
C GLU B 24 14.88 0.35 25.18
N ASN B 25 13.78 0.69 25.86
CA ASN B 25 13.14 -0.26 26.76
C ASN B 25 12.58 -1.45 26.00
N VAL B 26 12.00 -1.17 24.83
CA VAL B 26 11.43 -2.22 24.00
C VAL B 26 12.51 -3.21 23.55
N LYS B 27 13.69 -2.68 23.26
CA LYS B 27 14.80 -3.52 22.82
C LYS B 27 15.22 -4.48 23.94
N ALA B 28 15.19 -3.99 25.18
CA ALA B 28 15.56 -4.81 26.32
C ALA B 28 14.60 -5.99 26.48
N LYS B 29 13.32 -5.71 26.29
CA LYS B 29 12.30 -6.75 26.41
C LYS B 29 12.54 -7.86 25.40
N ILE B 30 12.99 -7.48 24.21
CA ILE B 30 13.25 -8.46 23.15
C ILE B 30 14.54 -9.22 23.46
N GLN B 31 15.45 -8.59 24.19
CA GLN B 31 16.71 -9.22 24.53
C GLN B 31 16.51 -10.26 25.64
N ASP B 32 15.40 -10.13 26.36
CA ASP B 32 15.09 -11.06 27.44
C ASP B 32 14.22 -12.21 26.93
N LYS B 33 13.63 -12.03 25.75
CA LYS B 33 12.79 -13.06 25.16
C LYS B 33 13.57 -13.87 24.14
N GLU B 34 14.40 -13.19 23.35
CA GLU B 34 15.20 -13.85 22.33
C GLU B 34 16.67 -13.83 22.71
N GLY B 35 17.11 -12.75 23.34
CA GLY B 35 18.49 -12.63 23.76
C GLY B 35 19.32 -11.90 22.70
N ILE B 36 18.68 -10.96 22.02
CA ILE B 36 19.38 -10.20 20.97
C ILE B 36 19.85 -8.85 21.50
N PRO B 37 21.14 -8.67 21.57
CA PRO B 37 21.74 -7.40 22.08
C PRO B 37 21.13 -6.17 21.42
N PRO B 38 20.72 -5.21 22.20
CA PRO B 38 20.09 -3.96 21.70
C PRO B 38 20.95 -3.29 20.62
N ASP B 39 22.26 -3.39 20.78
CA ASP B 39 23.19 -2.80 19.81
C ASP B 39 23.12 -3.54 18.49
N GLN B 40 22.43 -4.69 18.48
CA GLN B 40 22.32 -5.48 17.27
C GLN B 40 20.85 -5.68 16.90
N GLN B 41 20.05 -4.65 17.14
CA GLN B 41 18.62 -4.71 16.83
C GLN B 41 18.16 -3.42 16.15
N ARG B 42 17.42 -3.56 15.06
CA ARG B 42 16.93 -2.40 14.34
C ARG B 42 15.41 -2.46 14.18
N LEU B 43 14.71 -1.58 14.88
CA LEU B 43 13.26 -1.54 14.82
C LEU B 43 12.80 -0.61 13.71
N ILE B 44 11.72 -0.98 13.03
CA ILE B 44 11.18 -0.17 11.95
C ILE B 44 9.66 -0.16 11.99
N PHE B 45 9.08 1.04 11.87
CA PHE B 45 7.64 1.18 11.89
C PHE B 45 7.17 2.09 10.75
N ALA B 46 6.31 1.56 9.88
CA ALA B 46 5.80 2.32 8.76
C ALA B 46 6.94 2.77 7.84
N GLY B 47 8.00 1.98 7.81
CA GLY B 47 9.15 2.30 6.98
C GLY B 47 10.03 3.36 7.64
N LYS B 48 9.86 3.53 8.94
CA LYS B 48 10.63 4.52 9.68
C LYS B 48 11.43 3.85 10.80
N GLN B 49 12.69 4.23 10.92
CA GLN B 49 13.54 3.66 11.97
C GLN B 49 13.33 4.38 13.29
N LEU B 50 12.87 3.63 14.29
CA LEU B 50 12.63 4.20 15.61
C LEU B 50 13.94 4.46 16.34
N GLU B 51 13.97 5.53 17.13
CA GLU B 51 15.17 5.88 17.87
C GLU B 51 15.08 5.37 19.31
N ASP B 52 16.23 5.24 19.96
CA ASP B 52 16.27 4.77 21.34
C ASP B 52 16.01 5.92 22.31
N GLY B 53 15.89 7.13 21.77
CA GLY B 53 15.65 8.30 22.61
C GLY B 53 14.20 8.76 22.48
N ARG B 54 13.41 8.01 21.73
CA ARG B 54 12.00 8.35 21.54
C ARG B 54 11.10 7.28 22.16
N THR B 55 9.83 7.61 22.33
CA THR B 55 8.88 6.68 22.92
C THR B 55 7.99 6.08 21.84
N LEU B 56 7.01 5.28 22.26
CA LEU B 56 6.08 4.65 21.33
C LEU B 56 5.03 5.65 20.87
N SER B 57 4.54 6.45 21.80
CA SER B 57 3.52 7.45 21.48
C SER B 57 4.06 8.48 20.51
N ASP B 58 5.38 8.66 20.52
CA ASP B 58 6.01 9.63 19.64
C ASP B 58 5.86 9.20 18.17
N TYR B 59 5.71 7.90 17.96
CA TYR B 59 5.55 7.37 16.61
C TYR B 59 4.08 7.06 16.33
N ASN B 60 3.22 7.37 17.29
CA ASN B 60 1.79 7.12 17.13
C ASN B 60 1.53 5.62 16.97
N ILE B 61 2.17 4.82 17.82
CA ILE B 61 2.00 3.38 17.76
C ILE B 61 0.86 2.93 18.67
N GLN B 62 -0.20 2.39 18.07
CA GLN B 62 -1.35 1.93 18.85
C GLN B 62 -1.22 0.46 19.19
N LYS B 63 -2.26 -0.11 19.78
CA LYS B 63 -2.25 -1.52 20.15
C LYS B 63 -2.46 -2.40 18.93
N GLU B 64 -1.99 -3.64 19.00
CA GLU B 64 -2.14 -4.57 17.89
C GLU B 64 -1.27 -4.15 16.71
N SER B 65 -0.34 -3.22 16.97
CA SER B 65 0.55 -2.74 15.92
C SER B 65 1.64 -3.77 15.64
N THR B 66 2.19 -3.73 14.42
CA THR B 66 3.25 -4.65 14.04
C THR B 66 4.54 -3.90 13.76
N LEU B 67 5.64 -4.37 14.34
CA LEU B 67 6.94 -3.74 14.14
C LEU B 67 7.91 -4.71 13.49
N HIS B 68 8.89 -4.17 12.76
CA HIS B 68 9.88 -4.99 12.08
C HIS B 68 11.21 -4.92 12.80
N LEU B 69 11.86 -6.07 12.96
CA LEU B 69 13.16 -6.12 13.63
C LEU B 69 14.25 -6.52 12.65
N VAL B 70 15.32 -5.73 12.61
CA VAL B 70 16.43 -6.01 11.72
C VAL B 70 17.74 -6.19 12.51
N LEU B 71 18.48 -7.24 12.19
CA LEU B 71 19.73 -7.51 12.89
C LEU B 71 20.91 -6.92 12.10
N ARG B 72 21.83 -6.30 12.83
CA ARG B 72 23.00 -5.69 12.20
C ARG B 72 24.18 -6.65 12.22
N LEU B 73 25.18 -6.37 11.39
CA LEU B 73 26.37 -7.21 11.32
C LEU B 73 26.00 -8.69 11.17
N ARG B 74 24.80 -8.95 10.64
CA ARG B 74 24.33 -10.31 10.46
C ARG B 74 24.48 -11.12 11.74
N GLY B 75 24.26 -10.45 12.88
CA GLY B 75 24.38 -11.11 14.18
C GLY B 75 25.79 -10.95 14.74
N GLY B 76 25.92 -11.09 16.05
CA GLY B 76 27.22 -10.96 16.70
C GLY B 76 27.06 -10.72 18.20
N ASP B 77 28.19 -10.57 18.89
CA ASP B 77 28.17 -10.33 20.33
C ASP B 77 27.23 -11.30 21.03
N VAL C 3 17.63 -9.82 -3.39
CA VAL C 3 18.77 -10.58 -3.98
C VAL C 3 18.72 -12.03 -3.50
N SER C 4 19.35 -12.92 -4.25
CA SER C 4 19.37 -14.34 -3.89
C SER C 4 17.97 -14.94 -4.01
N GLU C 5 17.89 -16.17 -4.47
CA GLU C 5 16.61 -16.85 -4.62
C GLU C 5 16.15 -17.42 -3.29
N SER C 6 17.11 -17.79 -2.44
CA SER C 6 16.78 -18.36 -1.14
C SER C 6 16.10 -17.32 -0.26
N GLN C 7 16.68 -16.12 -0.18
CA GLN C 7 16.13 -15.06 0.63
C GLN C 7 14.73 -14.69 0.13
N LEU C 8 14.50 -14.87 -1.16
CA LEU C 8 13.20 -14.56 -1.75
C LEU C 8 12.14 -15.54 -1.29
N LYS C 9 12.54 -16.81 -1.18
CA LYS C 9 11.62 -17.86 -0.75
C LYS C 9 11.40 -17.78 0.77
N LYS C 10 12.09 -16.86 1.42
CA LYS C 10 11.97 -16.70 2.86
C LYS C 10 10.97 -15.58 3.19
N MET C 11 11.01 -14.52 2.40
CA MET C 11 10.10 -13.39 2.61
C MET C 11 8.68 -13.75 2.21
N VAL C 12 8.56 -14.78 1.38
CA VAL C 12 7.24 -15.22 0.92
C VAL C 12 6.95 -16.63 1.43
N SER C 13 7.28 -16.88 2.69
CA SER C 13 7.04 -18.19 3.30
C SER C 13 5.60 -18.29 3.81
N LYS C 14 4.96 -17.14 3.99
CA LYS C 14 3.59 -17.12 4.48
C LYS C 14 2.61 -16.91 3.31
N TYR C 15 3.06 -17.23 2.11
CA TYR C 15 2.22 -17.08 0.93
C TYR C 15 1.62 -18.42 0.52
N LYS C 16 0.30 -18.44 0.34
CA LYS C 16 -0.38 -19.66 -0.04
C LYS C 16 0.28 -20.28 -1.28
N TYR C 17 0.68 -19.42 -2.21
CA TYR C 17 1.33 -19.89 -3.43
C TYR C 17 2.75 -19.34 -3.54
N ARG C 18 3.65 -19.87 -2.72
CA ARG C 18 5.03 -19.43 -2.73
C ARG C 18 5.66 -19.64 -4.10
N ASP C 19 5.98 -20.89 -4.42
CA ASP C 19 6.58 -21.22 -5.71
C ASP C 19 6.14 -20.21 -6.77
N LEU C 20 4.91 -20.36 -7.26
CA LEU C 20 4.39 -19.45 -8.27
C LEU C 20 4.94 -18.05 -8.08
N THR C 21 4.54 -17.41 -6.98
CA THR C 21 5.00 -16.06 -6.68
C THR C 21 6.50 -15.93 -6.97
N VAL C 22 7.30 -16.73 -6.26
CA VAL C 22 8.74 -16.70 -6.44
C VAL C 22 9.10 -16.68 -7.92
N ARG C 23 8.85 -17.80 -8.60
CA ARG C 23 9.15 -17.90 -10.02
C ARG C 23 8.82 -16.59 -10.73
N GLU C 24 7.56 -16.18 -10.65
CA GLU C 24 7.13 -14.94 -11.29
C GLU C 24 8.07 -13.80 -10.92
N THR C 25 8.32 -13.64 -9.62
CA THR C 25 9.19 -12.58 -9.15
C THR C 25 10.56 -12.69 -9.81
N VAL C 26 11.13 -13.89 -9.78
CA VAL C 26 12.44 -14.12 -10.38
C VAL C 26 12.43 -13.74 -11.86
N ASN C 27 11.31 -14.00 -12.53
CA ASN C 27 11.19 -13.67 -13.94
C ASN C 27 11.09 -12.17 -14.14
N VAL C 28 10.71 -11.45 -13.09
CA VAL C 28 10.57 -10.00 -13.17
C VAL C 28 11.92 -9.33 -12.95
N ILE C 29 12.43 -9.41 -11.72
CA ILE C 29 13.72 -8.80 -11.40
C ILE C 29 14.78 -9.21 -12.40
N THR C 30 14.56 -10.34 -13.06
CA THR C 30 15.52 -10.84 -14.06
C THR C 30 15.65 -9.86 -15.21
N LEU C 31 14.51 -9.41 -15.74
CA LEU C 31 14.51 -8.47 -16.85
C LEU C 31 14.70 -7.04 -16.35
N TYR C 32 14.10 -6.74 -15.19
CA TYR C 32 14.21 -5.41 -14.61
C TYR C 32 15.02 -5.45 -13.32
N LYS C 33 16.33 -5.33 -13.44
CA LYS C 33 17.21 -5.35 -12.27
C LYS C 33 16.94 -4.14 -11.38
N ASP C 34 16.28 -3.13 -11.94
CA ASP C 34 15.96 -1.92 -11.19
C ASP C 34 14.85 -2.20 -10.17
N LEU C 35 14.37 -3.44 -10.16
CA LEU C 35 13.31 -3.81 -9.23
C LEU C 35 13.81 -4.86 -8.24
N LYS C 36 13.57 -4.61 -6.95
CA LYS C 36 14.01 -5.54 -5.92
C LYS C 36 12.87 -5.82 -4.93
N PRO C 37 12.72 -7.05 -4.54
CA PRO C 37 11.66 -7.47 -3.58
C PRO C 37 11.96 -7.02 -2.16
N VAL C 38 10.90 -6.70 -1.41
CA VAL C 38 11.07 -6.25 -0.03
C VAL C 38 9.86 -6.65 0.81
N LEU C 39 10.10 -6.99 2.08
CA LEU C 39 9.02 -7.39 2.97
C LEU C 39 8.69 -6.26 3.94
N ASP C 40 7.48 -5.72 3.80
CA ASP C 40 7.04 -4.63 4.68
C ASP C 40 5.57 -4.81 5.05
N SER C 41 5.15 -4.08 6.08
CA SER C 41 3.76 -4.17 6.54
C SER C 41 2.88 -3.19 5.76
N TYR C 42 1.77 -3.70 5.24
CA TYR C 42 0.85 -2.87 4.47
C TYR C 42 -0.42 -2.60 5.28
N VAL C 43 -0.53 -1.38 5.81
CA VAL C 43 -1.71 -1.02 6.60
C VAL C 43 -2.82 -0.50 5.68
N PHE C 44 -3.85 -1.32 5.51
CA PHE C 44 -4.98 -0.93 4.66
C PHE C 44 -5.65 0.33 5.19
N ASN C 45 -6.63 0.83 4.46
CA ASN C 45 -7.35 2.03 4.87
C ASN C 45 -8.16 1.77 6.13
N ASP C 46 -8.64 0.53 6.27
CA ASP C 46 -9.43 0.16 7.44
C ASP C 46 -8.58 0.19 8.70
N GLY C 47 -7.27 0.35 8.51
CA GLY C 47 -6.36 0.39 9.65
C GLY C 47 -5.59 -0.92 9.79
N SER C 48 -6.25 -2.02 9.42
CA SER C 48 -5.63 -3.33 9.50
C SER C 48 -4.26 -3.33 8.85
N SER C 49 -3.41 -4.29 9.21
CA SER C 49 -2.07 -4.37 8.65
C SER C 49 -1.73 -5.81 8.28
N ARG C 50 -0.82 -5.97 7.34
CA ARG C 50 -0.41 -7.30 6.89
C ARG C 50 0.95 -7.25 6.22
N GLU C 51 1.82 -8.20 6.56
CA GLU C 51 3.15 -8.25 5.97
C GLU C 51 3.11 -8.87 4.57
N LEU C 52 3.25 -8.01 3.56
CA LEU C 52 3.23 -8.49 2.18
C LEU C 52 4.54 -8.16 1.48
N MET C 53 4.83 -8.87 0.39
CA MET C 53 6.06 -8.63 -0.35
C MET C 53 5.77 -7.82 -1.61
N ASN C 54 6.38 -6.64 -1.70
CA ASN C 54 6.18 -5.77 -2.85
C ASN C 54 7.49 -5.60 -3.62
N LEU C 55 7.39 -5.13 -4.86
CA LEU C 55 8.57 -4.92 -5.69
C LEU C 55 8.84 -3.43 -5.87
N THR C 56 9.76 -2.90 -5.08
CA THR C 56 10.10 -1.49 -5.16
C THR C 56 11.27 -1.27 -6.11
N GLY C 57 11.27 -0.14 -6.81
CA GLY C 57 12.34 0.16 -7.76
C GLY C 57 11.86 1.14 -8.83
N THR C 58 12.44 1.04 -10.02
CA THR C 58 12.07 1.92 -11.12
C THR C 58 12.05 1.16 -12.43
N ILE C 59 11.21 1.59 -13.36
CA ILE C 59 11.10 0.94 -14.66
C ILE C 59 11.39 1.92 -15.78
N PRO C 60 12.09 1.49 -16.79
CA PRO C 60 12.46 2.34 -17.96
C PRO C 60 11.25 2.64 -18.85
N VAL C 61 10.98 3.92 -19.07
CA VAL C 61 9.86 4.31 -19.91
C VAL C 61 10.27 5.43 -20.87
N PRO C 62 10.78 5.06 -22.01
CA PRO C 62 11.22 6.04 -23.05
C PRO C 62 10.15 7.07 -23.37
N TYR C 63 10.54 8.34 -23.39
CA TYR C 63 9.59 9.41 -23.70
C TYR C 63 10.33 10.60 -24.32
N ARG C 64 9.92 10.97 -25.53
CA ARG C 64 10.54 12.10 -26.22
C ARG C 64 12.03 11.83 -26.43
N GLY C 65 12.39 10.56 -26.56
CA GLY C 65 13.79 10.19 -26.76
C GLY C 65 14.53 10.09 -25.43
N ASN C 66 13.87 10.53 -24.36
CA ASN C 66 14.47 10.49 -23.04
C ASN C 66 13.92 9.31 -22.24
N THR C 67 14.78 8.69 -21.44
CA THR C 67 14.36 7.55 -20.63
C THR C 67 14.10 7.97 -19.19
N TYR C 68 12.87 7.80 -18.74
CA TYR C 68 12.50 8.17 -17.38
C TYR C 68 12.34 6.92 -16.51
N ASN C 69 13.05 6.90 -15.38
CA ASN C 69 12.97 5.75 -14.47
C ASN C 69 11.87 5.99 -13.44
N ILE C 70 10.62 5.82 -13.87
CA ILE C 70 9.48 6.01 -12.97
C ILE C 70 9.48 4.96 -11.86
N PRO C 71 9.51 5.39 -10.63
CA PRO C 71 9.50 4.49 -9.45
C PRO C 71 8.11 3.96 -9.13
N ILE C 72 7.99 2.64 -8.97
CA ILE C 72 6.71 2.03 -8.66
C ILE C 72 6.83 1.10 -7.46
N CYS C 73 5.69 0.63 -6.96
CA CYS C 73 5.69 -0.27 -5.81
C CYS C 73 4.53 -1.26 -5.91
N LEU C 74 4.82 -2.45 -6.42
CA LEU C 74 3.81 -3.48 -6.58
C LEU C 74 3.66 -4.28 -5.29
N TRP C 75 2.43 -4.37 -4.79
CA TRP C 75 2.16 -5.12 -3.56
C TRP C 75 1.47 -6.44 -3.87
N LEU C 76 1.96 -7.51 -3.28
CA LEU C 76 1.37 -8.83 -3.50
C LEU C 76 0.70 -9.34 -2.23
N LEU C 77 -0.55 -9.78 -2.37
CA LEU C 77 -1.30 -10.29 -1.22
C LEU C 77 -1.08 -11.79 -1.06
N ASP C 78 -1.03 -12.25 0.18
CA ASP C 78 -0.83 -13.66 0.46
C ASP C 78 -1.21 -14.50 -0.75
N THR C 79 -2.08 -13.96 -1.58
CA THR C 79 -2.53 -14.67 -2.78
C THR C 79 -2.51 -13.75 -3.99
N TYR C 80 -1.32 -13.55 -4.55
CA TYR C 80 -1.18 -12.68 -5.72
C TYR C 80 -1.17 -13.51 -7.00
N PRO C 81 -1.25 -14.80 -6.86
CA PRO C 81 -1.25 -15.74 -8.02
C PRO C 81 -2.56 -15.71 -8.79
N TYR C 82 -3.60 -15.13 -8.18
CA TYR C 82 -4.90 -15.04 -8.82
C TYR C 82 -5.46 -13.63 -8.68
N ASN C 83 -4.89 -12.85 -7.77
CA ASN C 83 -5.34 -11.48 -7.55
C ASN C 83 -4.31 -10.48 -8.07
N PRO C 84 -4.77 -9.37 -8.57
CA PRO C 84 -3.88 -8.30 -9.11
C PRO C 84 -3.20 -7.51 -8.00
N PRO C 85 -1.91 -7.30 -8.13
CA PRO C 85 -1.11 -6.54 -7.13
C PRO C 85 -1.55 -5.09 -7.02
N ILE C 86 -1.18 -4.44 -5.92
CA ILE C 86 -1.55 -3.04 -5.71
C ILE C 86 -0.41 -2.12 -6.16
N CYS C 87 -0.49 -1.66 -7.41
CA CYS C 87 0.54 -0.79 -7.96
C CYS C 87 0.46 0.60 -7.31
N PHE C 88 1.53 1.37 -7.47
CA PHE C 88 1.57 2.72 -6.90
C PHE C 88 2.76 3.49 -7.47
N VAL C 89 2.52 4.74 -7.85
CA VAL C 89 3.57 5.58 -8.41
C VAL C 89 4.21 6.43 -7.32
N LYS C 90 5.34 5.95 -6.79
CA LYS C 90 6.04 6.67 -5.75
C LYS C 90 6.87 7.82 -6.33
N PRO C 91 6.27 8.97 -6.46
CA PRO C 91 6.96 10.17 -7.03
C PRO C 91 7.96 10.77 -6.05
N THR C 92 9.09 11.24 -6.57
CA THR C 92 10.11 11.85 -5.73
C THR C 92 9.85 13.33 -5.55
N SER C 93 10.69 13.98 -4.75
CA SER C 93 10.54 15.41 -4.49
C SER C 93 10.70 16.21 -5.78
N SER C 94 11.23 15.56 -6.80
CA SER C 94 11.44 16.22 -8.09
C SER C 94 10.48 15.64 -9.14
N MET C 95 9.39 15.04 -8.68
CA MET C 95 8.42 14.46 -9.60
C MET C 95 7.01 14.89 -9.21
N THR C 96 6.18 15.14 -10.23
CA THR C 96 4.80 15.57 -9.98
C THR C 96 3.83 14.65 -10.71
N ILE C 97 2.99 13.96 -9.95
CA ILE C 97 2.01 13.06 -10.53
C ILE C 97 1.08 13.80 -11.47
N LYS C 98 0.96 13.31 -12.70
CA LYS C 98 0.10 13.95 -13.69
C LYS C 98 -1.19 13.15 -13.86
N THR C 99 -1.95 13.02 -12.77
CA THR C 99 -3.20 12.28 -12.81
C THR C 99 -3.71 12.16 -14.24
N GLY C 100 -4.16 10.96 -14.59
CA GLY C 100 -4.69 10.72 -15.93
C GLY C 100 -5.74 9.61 -15.92
N LYS C 101 -5.57 8.62 -16.79
CA LYS C 101 -6.51 7.52 -16.87
C LYS C 101 -5.94 6.28 -16.20
N HIS C 102 -4.63 6.29 -15.96
CA HIS C 102 -3.97 5.16 -15.32
C HIS C 102 -3.26 5.60 -14.04
N VAL C 103 -3.58 6.81 -13.59
CA VAL C 103 -2.96 7.35 -12.38
C VAL C 103 -3.83 8.47 -11.80
N ASP C 104 -4.02 8.43 -10.48
CA ASP C 104 -4.83 9.44 -9.81
C ASP C 104 -3.94 10.42 -9.05
N ALA C 105 -4.47 10.98 -7.96
CA ALA C 105 -3.71 11.92 -7.16
C ALA C 105 -2.91 11.20 -6.08
N ASN C 106 -3.35 9.98 -5.74
CA ASN C 106 -2.67 9.20 -4.72
C ASN C 106 -1.51 8.42 -5.33
N GLY C 107 -1.56 8.21 -6.64
CA GLY C 107 -0.51 7.48 -7.34
C GLY C 107 -1.04 6.15 -7.87
N LYS C 108 -2.14 5.69 -7.31
CA LYS C 108 -2.74 4.43 -7.75
C LYS C 108 -2.70 4.30 -9.26
N ILE C 109 -2.39 3.10 -9.75
CA ILE C 109 -2.31 2.87 -11.18
C ILE C 109 -3.56 2.12 -11.66
N TYR C 110 -4.07 2.53 -12.82
CA TYR C 110 -5.25 1.89 -13.39
C TYR C 110 -4.98 1.40 -14.80
N LEU C 111 -5.01 0.08 -14.98
CA LEU C 111 -4.76 -0.51 -16.29
C LEU C 111 -5.64 -1.74 -16.49
N PRO C 112 -6.17 -1.90 -17.67
CA PRO C 112 -7.06 -3.04 -18.02
C PRO C 112 -6.47 -4.38 -17.58
N TYR C 113 -5.14 -4.43 -17.49
CA TYR C 113 -4.47 -5.66 -17.08
C TYR C 113 -4.85 -6.04 -15.67
N LEU C 114 -5.12 -5.03 -14.83
CA LEU C 114 -5.51 -5.27 -13.45
C LEU C 114 -6.98 -5.60 -13.36
N HIS C 115 -7.80 -4.87 -14.11
CA HIS C 115 -9.24 -5.09 -14.10
C HIS C 115 -9.57 -6.51 -14.56
N GLU C 116 -8.82 -7.00 -15.55
CA GLU C 116 -9.03 -8.34 -16.07
C GLU C 116 -7.86 -9.25 -15.72
N TRP C 117 -7.64 -9.46 -14.43
CA TRP C 117 -6.55 -10.31 -13.98
C TRP C 117 -7.04 -11.73 -13.72
N LYS C 118 -6.24 -12.71 -14.13
CA LYS C 118 -6.61 -14.11 -13.95
C LYS C 118 -5.53 -14.86 -13.18
N HIS C 119 -4.41 -15.14 -13.86
CA HIS C 119 -3.30 -15.84 -13.22
C HIS C 119 -2.67 -16.83 -14.20
N PRO C 120 -3.48 -17.44 -15.03
CA PRO C 120 -3.00 -18.42 -16.03
C PRO C 120 -2.27 -17.75 -17.19
N GLN C 121 -2.63 -16.50 -17.46
CA GLN C 121 -2.00 -15.75 -18.54
C GLN C 121 -1.48 -14.41 -18.04
N SER C 122 -2.04 -13.96 -16.92
CA SER C 122 -1.62 -12.68 -16.33
C SER C 122 -0.49 -12.90 -15.32
N ASP C 123 0.55 -12.08 -15.42
CA ASP C 123 1.68 -12.19 -14.51
C ASP C 123 2.34 -10.82 -14.31
N LEU C 124 3.30 -10.77 -13.39
CA LEU C 124 4.00 -9.52 -13.12
C LEU C 124 4.68 -9.00 -14.37
N LEU C 125 5.52 -9.84 -14.97
CA LEU C 125 6.23 -9.45 -16.18
C LEU C 125 5.28 -8.79 -17.18
N GLY C 126 4.17 -9.47 -17.47
CA GLY C 126 3.19 -8.93 -18.41
C GLY C 126 2.62 -7.61 -17.91
N LEU C 127 2.43 -7.51 -16.60
CA LEU C 127 1.88 -6.31 -16.00
C LEU C 127 2.86 -5.14 -16.14
N ILE C 128 4.15 -5.43 -15.92
CA ILE C 128 5.17 -4.40 -16.02
C ILE C 128 5.32 -3.93 -17.46
N GLN C 129 5.40 -4.88 -18.39
CA GLN C 129 5.55 -4.55 -19.79
C GLN C 129 4.40 -3.65 -20.25
N VAL C 130 3.20 -3.96 -19.80
CA VAL C 130 2.02 -3.18 -20.18
C VAL C 130 2.09 -1.79 -19.55
N MET C 131 2.72 -1.69 -18.39
CA MET C 131 2.84 -0.41 -17.70
C MET C 131 3.80 0.51 -18.45
N ILE C 132 4.82 -0.07 -19.07
CA ILE C 132 5.79 0.70 -19.83
C ILE C 132 5.18 1.20 -21.13
N VAL C 133 4.29 0.40 -21.71
CA VAL C 133 3.64 0.78 -22.96
C VAL C 133 2.66 1.92 -22.74
N VAL C 134 1.86 1.81 -21.69
CA VAL C 134 0.88 2.85 -21.38
C VAL C 134 1.58 4.13 -20.92
N PHE C 135 2.52 3.97 -19.99
CA PHE C 135 3.25 5.12 -19.48
C PHE C 135 4.02 5.81 -20.59
N GLY C 136 4.41 5.04 -21.60
CA GLY C 136 5.15 5.59 -22.73
C GLY C 136 4.30 6.59 -23.51
N ASP C 137 3.02 6.26 -23.67
CA ASP C 137 2.11 7.14 -24.40
C ASP C 137 1.50 8.17 -23.46
N GLU C 138 1.40 7.81 -22.18
CA GLU C 138 0.82 8.72 -21.18
C GLU C 138 1.71 8.77 -19.94
N PRO C 139 2.55 9.76 -19.84
CA PRO C 139 3.47 9.93 -18.68
C PRO C 139 2.72 10.29 -17.40
N PRO C 140 2.79 9.43 -16.41
CA PRO C 140 2.11 9.66 -15.11
C PRO C 140 2.81 10.73 -14.27
N VAL C 141 4.01 11.10 -14.69
CA VAL C 141 4.77 12.13 -13.97
C VAL C 141 5.53 13.01 -14.95
N PHE C 142 6.04 14.14 -14.44
CA PHE C 142 6.79 15.06 -15.28
C PHE C 142 7.66 15.97 -14.42
N SER C 143 8.97 15.83 -14.56
CA SER C 143 9.91 16.64 -13.80
C SER C 143 9.22 17.89 -13.25
N MET A 1 -1.98 23.58 -1.63
CA MET A 1 -2.75 22.59 -2.43
C MET A 1 -3.95 22.10 -1.62
N GLN A 2 -4.85 21.37 -2.30
CA GLN A 2 -6.04 20.86 -1.62
C GLN A 2 -5.96 19.33 -1.52
N ILE A 3 -6.43 18.80 -0.39
CA ILE A 3 -6.41 17.36 -0.18
C ILE A 3 -7.77 16.87 0.30
N PHE A 4 -7.97 15.55 0.28
CA PHE A 4 -9.23 14.98 0.73
C PHE A 4 -8.98 13.95 1.84
N VAL A 5 -9.95 13.81 2.74
CA VAL A 5 -9.83 12.86 3.84
C VAL A 5 -11.13 12.09 4.03
N LYS A 6 -11.09 10.79 3.78
CA LYS A 6 -12.26 9.94 3.93
C LYS A 6 -12.31 9.33 5.32
N THR A 7 -13.51 9.07 5.81
CA THR A 7 -13.68 8.49 7.13
C THR A 7 -14.16 7.05 7.03
N LEU A 8 -14.49 6.44 8.17
CA LEU A 8 -14.96 5.07 8.19
C LEU A 8 -16.47 5.02 8.01
N THR A 9 -17.11 6.18 8.08
CA THR A 9 -18.56 6.26 7.93
C THR A 9 -18.93 6.60 6.49
N GLY A 10 -17.97 7.16 5.76
CA GLY A 10 -18.21 7.53 4.37
C GLY A 10 -18.38 9.04 4.23
N LYS A 11 -17.46 9.79 4.83
CA LYS A 11 -17.52 11.25 4.77
C LYS A 11 -16.19 11.81 4.27
N THR A 12 -16.26 12.66 3.26
CA THR A 12 -15.06 13.26 2.70
C THR A 12 -14.92 14.72 3.15
N ILE A 13 -13.71 15.08 3.58
CA ILE A 13 -13.47 16.44 4.04
C ILE A 13 -12.33 17.07 3.23
N THR A 14 -12.48 18.35 2.90
CA THR A 14 -11.47 19.05 2.12
C THR A 14 -10.65 19.99 3.01
N LEU A 15 -9.33 19.96 2.84
CA LEU A 15 -8.44 20.80 3.64
C LEU A 15 -7.38 21.44 2.75
N GLU A 16 -6.91 22.62 3.15
CA GLU A 16 -5.89 23.32 2.38
C GLU A 16 -4.59 23.40 3.16
N VAL A 17 -3.66 22.50 2.86
CA VAL A 17 -2.37 22.48 3.54
C VAL A 17 -1.25 22.80 2.56
N GLU A 18 -0.02 22.75 3.05
CA GLU A 18 1.14 23.04 2.20
C GLU A 18 2.17 21.92 2.29
N PRO A 19 2.89 21.69 1.23
CA PRO A 19 3.94 20.63 1.18
C PRO A 19 4.88 20.68 2.37
N SER A 20 4.90 21.82 3.05
CA SER A 20 5.77 21.99 4.21
C SER A 20 4.96 21.87 5.50
N ASP A 21 3.77 21.29 5.40
CA ASP A 21 2.92 21.11 6.56
C ASP A 21 3.19 19.76 7.23
N THR A 22 3.31 19.78 8.55
CA THR A 22 3.57 18.55 9.30
C THR A 22 2.27 17.78 9.53
N ILE A 23 2.40 16.48 9.80
CA ILE A 23 1.24 15.64 10.04
C ILE A 23 0.45 16.14 11.24
N GLU A 24 1.17 16.48 12.32
CA GLU A 24 0.53 16.97 13.52
C GLU A 24 -0.37 18.16 13.21
N ASN A 25 0.09 19.03 12.32
CA ASN A 25 -0.67 20.20 11.93
C ASN A 25 -1.96 19.81 11.23
N VAL A 26 -1.87 18.79 10.37
CA VAL A 26 -3.04 18.31 9.65
C VAL A 26 -4.10 17.78 10.61
N LYS A 27 -3.65 17.12 11.67
CA LYS A 27 -4.57 16.58 12.67
C LYS A 27 -5.34 17.70 13.35
N ALA A 28 -4.66 18.80 13.62
CA ALA A 28 -5.29 19.94 14.28
C ALA A 28 -6.40 20.52 13.41
N LYS A 29 -6.13 20.61 12.11
CA LYS A 29 -7.11 21.14 11.18
C LYS A 29 -8.39 20.30 11.20
N ILE A 30 -8.22 18.99 11.33
CA ILE A 30 -9.35 18.08 11.36
C ILE A 30 -10.09 18.18 12.70
N GLN A 31 -9.36 18.56 13.74
CA GLN A 31 -9.94 18.69 15.07
C GLN A 31 -10.78 19.96 15.16
N ASP A 32 -10.52 20.90 14.25
CA ASP A 32 -11.25 22.17 14.24
C ASP A 32 -12.45 22.07 13.31
N LYS A 33 -12.45 21.06 12.45
CA LYS A 33 -13.55 20.86 11.50
C LYS A 33 -14.54 19.83 12.04
N GLU A 34 -14.01 18.76 12.62
CA GLU A 34 -14.85 17.70 13.17
C GLU A 34 -14.80 17.71 14.69
N GLY A 35 -13.63 18.04 15.24
CA GLY A 35 -13.46 18.06 16.69
C GLY A 35 -12.94 16.74 17.21
N ILE A 36 -12.11 16.07 16.41
CA ILE A 36 -11.55 14.79 16.80
C ILE A 36 -10.14 14.97 17.36
N PRO A 37 -9.96 14.69 18.62
CA PRO A 37 -8.64 14.81 19.31
C PRO A 37 -7.52 14.13 18.53
N PRO A 38 -6.45 14.82 18.28
CA PRO A 38 -5.28 14.28 17.53
C PRO A 38 -4.82 12.93 18.09
N ASP A 39 -4.91 12.78 19.39
CA ASP A 39 -4.50 11.53 20.04
C ASP A 39 -5.46 10.40 19.69
N GLN A 40 -6.58 10.75 19.04
CA GLN A 40 -7.56 9.76 18.64
C GLN A 40 -7.79 9.80 17.14
N GLN A 41 -6.72 10.05 16.39
CA GLN A 41 -6.81 10.12 14.94
C GLN A 41 -5.64 9.37 14.30
N ARG A 42 -5.94 8.52 13.32
CA ARG A 42 -4.91 7.75 12.63
C ARG A 42 -4.97 7.99 11.13
N LEU A 43 -3.97 8.69 10.60
CA LEU A 43 -3.92 8.98 9.18
C LEU A 43 -3.17 7.87 8.44
N ILE A 44 -3.63 7.55 7.23
CA ILE A 44 -3.00 6.51 6.43
C ILE A 44 -2.95 6.92 4.97
N PHE A 45 -1.79 6.74 4.34
CA PHE A 45 -1.63 7.08 2.93
C PHE A 45 -0.91 5.97 2.18
N ALA A 46 -1.56 5.44 1.17
CA ALA A 46 -0.97 4.36 0.37
C ALA A 46 -0.71 3.14 1.25
N GLY A 47 -1.53 2.98 2.29
CA GLY A 47 -1.37 1.85 3.20
C GLY A 47 -0.23 2.09 4.18
N LYS A 48 0.17 3.35 4.32
CA LYS A 48 1.25 3.71 5.23
C LYS A 48 0.76 4.69 6.28
N GLN A 49 1.13 4.45 7.54
CA GLN A 49 0.73 5.32 8.64
C GLN A 49 1.67 6.52 8.73
N LEU A 50 1.09 7.71 8.54
CA LEU A 50 1.89 8.94 8.61
C LEU A 50 2.24 9.27 10.05
N GLU A 51 3.42 9.84 10.25
CA GLU A 51 3.88 10.21 11.59
C GLU A 51 3.61 11.69 11.86
N ASP A 52 3.57 12.05 13.14
CA ASP A 52 3.33 13.44 13.52
C ASP A 52 4.63 14.24 13.48
N GLY A 53 5.74 13.55 13.22
CA GLY A 53 7.03 14.21 13.15
C GLY A 53 7.49 14.37 11.70
N ARG A 54 6.64 13.96 10.77
CA ARG A 54 6.96 14.06 9.35
C ARG A 54 6.04 15.06 8.66
N THR A 55 6.41 15.47 7.46
CA THR A 55 5.60 16.43 6.70
C THR A 55 4.84 15.71 5.58
N LEU A 56 4.14 16.48 4.76
CA LEU A 56 3.39 15.91 3.66
C LEU A 56 4.31 15.56 2.48
N SER A 57 5.27 16.45 2.22
CA SER A 57 6.21 16.23 1.13
C SER A 57 7.07 15.01 1.40
N ASP A 58 7.21 14.66 2.68
CA ASP A 58 8.01 13.50 3.06
C ASP A 58 7.36 12.21 2.57
N TYR A 59 6.05 12.25 2.39
CA TYR A 59 5.31 11.08 1.93
C TYR A 59 5.01 11.20 0.44
N ASN A 60 5.44 12.30 -0.17
CA ASN A 60 5.21 12.52 -1.59
C ASN A 60 3.72 12.73 -1.87
N ILE A 61 3.06 13.43 -0.97
CA ILE A 61 1.62 13.69 -1.13
C ILE A 61 1.39 14.89 -2.03
N GLN A 62 0.82 14.64 -3.21
CA GLN A 62 0.55 15.71 -4.16
C GLN A 62 -0.84 16.30 -3.91
N ARG A 63 -1.32 17.08 -4.87
CA ARG A 63 -2.63 17.70 -4.74
C ARG A 63 -3.73 16.70 -5.12
N GLU A 64 -4.95 17.00 -4.70
CA GLU A 64 -6.08 16.12 -4.99
C GLU A 64 -5.83 14.72 -4.43
N SER A 65 -4.98 14.65 -3.41
CA SER A 65 -4.66 13.37 -2.80
C SER A 65 -5.73 12.98 -1.79
N THR A 66 -5.92 11.68 -1.60
CA THR A 66 -6.93 11.19 -0.66
C THR A 66 -6.26 10.48 0.51
N LEU A 67 -6.66 10.84 1.72
CA LEU A 67 -6.10 10.22 2.92
C LEU A 67 -7.18 9.50 3.71
N HIS A 68 -6.77 8.51 4.50
CA HIS A 68 -7.72 7.75 5.31
C HIS A 68 -7.56 8.09 6.79
N LEU A 69 -8.67 8.28 7.47
CA LEU A 69 -8.65 8.61 8.89
C LEU A 69 -9.22 7.47 9.72
N VAL A 70 -8.48 7.04 10.74
CA VAL A 70 -8.93 5.96 11.60
C VAL A 70 -8.97 6.41 13.06
N LEU A 71 -10.08 6.12 13.73
CA LEU A 71 -10.22 6.50 15.14
C LEU A 71 -9.75 5.38 16.05
N ARG A 72 -9.12 5.75 17.16
CA ARG A 72 -8.61 4.77 18.10
C ARG A 72 -9.54 4.67 19.31
N LEU A 73 -9.52 3.51 19.98
CA LEU A 73 -10.38 3.26 21.17
C LEU A 73 -10.41 1.77 21.50
N ARG A 74 -11.15 1.02 20.68
CA ARG A 74 -11.30 -0.42 20.89
C ARG A 74 -11.86 -1.08 19.63
N GLY A 75 -11.56 -2.37 19.45
CA GLY A 75 -12.06 -3.10 18.29
C GLY A 75 -13.57 -3.30 18.38
N GLY A 76 -14.20 -3.64 17.26
CA GLY A 76 -15.64 -3.85 17.24
C GLY A 76 -16.03 -4.82 16.12
N MET B 1 -24.56 -8.05 10.64
CA MET B 1 -23.52 -7.00 10.54
C MET B 1 -23.62 -6.32 9.17
N GLN B 2 -22.90 -5.22 9.01
CA GLN B 2 -22.91 -4.48 7.75
C GLN B 2 -21.56 -4.58 7.05
N ILE B 3 -21.61 -4.72 5.72
CA ILE B 3 -20.37 -4.83 4.95
C ILE B 3 -20.39 -3.86 3.77
N PHE B 4 -19.24 -3.67 3.14
CA PHE B 4 -19.13 -2.77 2.00
C PHE B 4 -18.57 -3.50 0.79
N VAL B 5 -18.98 -3.07 -0.40
CA VAL B 5 -18.52 -3.69 -1.63
C VAL B 5 -18.15 -2.63 -2.66
N LYS B 6 -16.86 -2.56 -3.00
CA LYS B 6 -16.39 -1.59 -3.98
C LYS B 6 -16.38 -2.20 -5.38
N THR B 7 -16.57 -1.37 -6.39
CA THR B 7 -16.57 -1.85 -7.76
C THR B 7 -15.32 -1.37 -8.51
N LEU B 8 -15.27 -1.62 -9.81
CA LEU B 8 -14.14 -1.21 -10.62
C LEU B 8 -14.32 0.20 -11.15
N THR B 9 -15.54 0.73 -10.97
CA THR B 9 -15.84 2.09 -11.43
C THR B 9 -15.69 3.09 -10.30
N GLY B 10 -15.72 2.59 -9.06
CA GLY B 10 -15.57 3.45 -7.91
C GLY B 10 -16.92 3.67 -7.21
N LYS B 11 -17.65 2.57 -7.00
CA LYS B 11 -18.95 2.65 -6.34
C LYS B 11 -19.00 1.71 -5.15
N THR B 12 -19.39 2.26 -4.00
CA THR B 12 -19.48 1.45 -2.78
C THR B 12 -20.92 1.12 -2.45
N ILE B 13 -21.18 -0.15 -2.16
CA ILE B 13 -22.53 -0.59 -1.84
C ILE B 13 -22.57 -1.19 -0.43
N THR B 14 -23.63 -0.89 0.31
CA THR B 14 -23.77 -1.39 1.68
C THR B 14 -24.81 -2.52 1.72
N LEU B 15 -24.44 -3.63 2.37
CA LEU B 15 -25.35 -4.77 2.50
C LEU B 15 -25.37 -5.28 3.93
N GLU B 16 -26.46 -5.94 4.30
CA GLU B 16 -26.59 -6.47 5.66
C GLU B 16 -26.71 -7.99 5.62
N VAL B 17 -25.60 -8.68 5.88
CA VAL B 17 -25.58 -10.13 5.88
C VAL B 17 -25.28 -10.67 7.28
N GLU B 18 -25.17 -11.98 7.39
CA GLU B 18 -24.88 -12.61 8.68
C GLU B 18 -23.69 -13.55 8.57
N PRO B 19 -22.94 -13.70 9.63
CA PRO B 19 -21.75 -14.59 9.66
C PRO B 19 -22.06 -15.99 9.14
N SER B 20 -23.35 -16.33 9.09
CA SER B 20 -23.76 -17.64 8.61
C SER B 20 -24.30 -17.53 7.18
N ASP B 21 -23.97 -16.43 6.50
CA ASP B 21 -24.42 -16.23 5.14
C ASP B 21 -23.40 -16.79 4.15
N THR B 22 -23.89 -17.51 3.15
CA THR B 22 -23.00 -18.09 2.14
C THR B 22 -22.66 -17.05 1.07
N ILE B 23 -21.56 -17.30 0.36
CA ILE B 23 -21.13 -16.38 -0.68
C ILE B 23 -22.19 -16.26 -1.77
N GLU B 24 -22.75 -17.39 -2.17
CA GLU B 24 -23.78 -17.39 -3.20
C GLU B 24 -24.93 -16.46 -2.82
N ASN B 25 -25.28 -16.45 -1.54
CA ASN B 25 -26.36 -15.59 -1.06
C ASN B 25 -25.98 -14.12 -1.23
N VAL B 26 -24.73 -13.80 -0.94
CA VAL B 26 -24.25 -12.42 -1.05
C VAL B 26 -24.35 -11.94 -2.50
N LYS B 27 -24.07 -12.84 -3.44
CA LYS B 27 -24.13 -12.49 -4.86
C LYS B 27 -25.56 -12.14 -5.26
N ALA B 28 -26.52 -12.87 -4.71
CA ALA B 28 -27.93 -12.63 -5.01
C ALA B 28 -28.34 -11.24 -4.54
N LYS B 29 -27.88 -10.86 -3.36
CA LYS B 29 -28.21 -9.55 -2.80
C LYS B 29 -27.72 -8.44 -3.71
N ILE B 30 -26.55 -8.65 -4.31
CA ILE B 30 -25.96 -7.66 -5.21
C ILE B 30 -26.71 -7.64 -6.54
N GLN B 31 -27.29 -8.78 -6.90
CA GLN B 31 -28.03 -8.88 -8.15
C GLN B 31 -29.38 -8.19 -8.04
N ASP B 32 -29.84 -8.00 -6.81
CA ASP B 32 -31.12 -7.34 -6.57
C ASP B 32 -30.93 -5.85 -6.38
N LYS B 33 -29.70 -5.44 -6.12
CA LYS B 33 -29.39 -4.03 -5.92
C LYS B 33 -28.85 -3.41 -7.21
N GLU B 34 -28.00 -4.16 -7.90
CA GLU B 34 -27.41 -3.67 -9.15
C GLU B 34 -27.98 -4.43 -10.33
N GLY B 35 -28.24 -5.72 -10.14
CA GLY B 35 -28.79 -6.55 -11.21
C GLY B 35 -27.67 -7.25 -11.97
N ILE B 36 -26.61 -7.60 -11.26
CA ILE B 36 -25.48 -8.29 -11.88
C ILE B 36 -25.56 -9.80 -11.65
N PRO B 37 -25.75 -10.55 -12.71
CA PRO B 37 -25.85 -12.03 -12.64
C PRO B 37 -24.71 -12.65 -11.83
N PRO B 38 -25.04 -13.48 -10.89
CA PRO B 38 -24.03 -14.16 -10.02
C PRO B 38 -22.93 -14.82 -10.84
N ASP B 39 -23.30 -15.36 -11.99
CA ASP B 39 -22.33 -16.02 -12.86
C ASP B 39 -21.37 -15.00 -13.47
N GLN B 40 -21.67 -13.72 -13.28
CA GLN B 40 -20.82 -12.67 -13.81
C GLN B 40 -20.33 -11.76 -12.69
N GLN B 41 -20.07 -12.35 -11.52
CA GLN B 41 -19.59 -11.58 -10.38
C GLN B 41 -18.44 -12.32 -9.69
N ARG B 42 -17.38 -11.59 -9.40
CA ARG B 42 -16.21 -12.18 -8.74
C ARG B 42 -15.87 -11.41 -7.47
N LEU B 43 -16.10 -12.05 -6.32
CA LEU B 43 -15.82 -11.42 -5.04
C LEU B 43 -14.39 -11.73 -4.60
N ILE B 44 -13.74 -10.75 -3.98
CA ILE B 44 -12.37 -10.94 -3.51
C ILE B 44 -12.18 -10.29 -2.14
N PHE B 45 -11.54 -11.02 -1.23
CA PHE B 45 -11.30 -10.51 0.11
C PHE B 45 -9.86 -10.79 0.53
N ALA B 46 -9.12 -9.73 0.85
CA ALA B 46 -7.73 -9.87 1.26
C ALA B 46 -6.91 -10.52 0.16
N GLY B 47 -7.31 -10.29 -1.09
CA GLY B 47 -6.60 -10.85 -2.23
C GLY B 47 -6.96 -12.32 -2.43
N LYS B 48 -8.08 -12.73 -1.84
CA LYS B 48 -8.52 -14.12 -1.94
C LYS B 48 -9.91 -14.19 -2.57
N GLN B 49 -10.08 -15.11 -3.52
CA GLN B 49 -11.36 -15.27 -4.19
C GLN B 49 -12.30 -16.13 -3.36
N LEU B 50 -13.42 -15.55 -2.95
CA LEU B 50 -14.40 -16.28 -2.14
C LEU B 50 -15.17 -17.27 -3.00
N GLU B 51 -15.53 -18.41 -2.41
CA GLU B 51 -16.27 -19.44 -3.13
C GLU B 51 -17.76 -19.33 -2.82
N ASP B 52 -18.58 -19.90 -3.70
CA ASP B 52 -20.03 -19.87 -3.51
C ASP B 52 -20.47 -21.00 -2.59
N GLY B 53 -19.53 -21.84 -2.20
CA GLY B 53 -19.83 -22.97 -1.32
C GLY B 53 -19.34 -22.68 0.10
N ARG B 54 -18.79 -21.50 0.31
CA ARG B 54 -18.29 -21.11 1.62
C ARG B 54 -19.11 -19.96 2.20
N THR B 55 -18.96 -19.74 3.50
CA THR B 55 -19.70 -18.66 4.17
C THR B 55 -18.78 -17.47 4.43
N LEU B 56 -19.32 -16.46 5.12
CA LEU B 56 -18.53 -15.27 5.43
C LEU B 56 -17.60 -15.54 6.61
N SER B 57 -18.11 -16.26 7.61
CA SER B 57 -17.31 -16.58 8.79
C SER B 57 -16.12 -17.46 8.41
N ASP B 58 -16.27 -18.20 7.32
CA ASP B 58 -15.19 -19.08 6.85
C ASP B 58 -13.98 -18.26 6.42
N TYR B 59 -14.22 -17.02 6.02
CA TYR B 59 -13.14 -16.14 5.58
C TYR B 59 -12.76 -15.17 6.68
N ASN B 60 -13.42 -15.29 7.82
CA ASN B 60 -13.15 -14.40 8.95
C ASN B 60 -13.50 -12.96 8.60
N ILE B 61 -14.65 -12.78 7.96
CA ILE B 61 -15.10 -11.45 7.57
C ILE B 61 -15.91 -10.81 8.69
N GLN B 62 -15.39 -9.73 9.26
CA GLN B 62 -16.09 -9.03 10.33
C GLN B 62 -16.96 -7.91 9.77
N LYS B 63 -17.55 -7.11 10.66
CA LYS B 63 -18.40 -6.01 10.24
C LYS B 63 -17.56 -4.84 9.76
N GLU B 64 -18.14 -4.01 8.90
CA GLU B 64 -17.44 -2.85 8.36
C GLU B 64 -16.33 -3.29 7.41
N SER B 65 -16.38 -4.56 7.00
CA SER B 65 -15.37 -5.08 6.08
C SER B 65 -15.64 -4.60 4.66
N THR B 66 -14.59 -4.58 3.84
CA THR B 66 -14.72 -4.14 2.47
C THR B 66 -14.37 -5.28 1.51
N LEU B 67 -15.25 -5.51 0.53
CA LEU B 67 -15.03 -6.56 -0.45
C LEU B 67 -14.90 -5.98 -1.85
N HIS B 68 -14.22 -6.71 -2.72
CA HIS B 68 -14.02 -6.25 -4.09
C HIS B 68 -14.85 -7.09 -5.06
N LEU B 69 -15.51 -6.42 -6.00
CA LEU B 69 -16.33 -7.12 -6.99
C LEU B 69 -15.72 -7.00 -8.38
N VAL B 70 -15.59 -8.14 -9.06
CA VAL B 70 -15.02 -8.14 -10.40
C VAL B 70 -15.98 -8.79 -11.39
N LEU B 71 -16.17 -8.14 -12.53
CA LEU B 71 -17.08 -8.67 -13.55
C LEU B 71 -16.31 -9.53 -14.55
N ARG B 72 -16.96 -10.59 -15.03
CA ARG B 72 -16.33 -11.49 -15.99
C ARG B 72 -16.95 -11.31 -17.37
N LEU B 73 -16.25 -11.79 -18.40
CA LEU B 73 -16.75 -11.65 -19.76
C LEU B 73 -16.10 -12.69 -20.68
N ARG B 74 -14.81 -12.54 -20.93
CA ARG B 74 -14.09 -13.45 -21.80
C ARG B 74 -14.80 -13.61 -23.14
N GLY B 75 -14.23 -14.46 -23.99
CA GLY B 75 -14.80 -14.71 -25.31
C GLY B 75 -14.14 -13.80 -26.35
N GLY B 76 -14.12 -14.27 -27.59
CA GLY B 76 -13.53 -13.49 -28.68
C GLY B 76 -11.99 -13.49 -28.57
N ASP B 77 -11.46 -14.43 -27.81
CA ASP B 77 -10.00 -14.52 -27.64
C ASP B 77 -9.51 -15.94 -27.90
N VAL C 3 17.63 -9.82 -3.40
CA VAL C 3 18.77 -10.58 -3.98
C VAL C 3 18.72 -12.03 -3.50
N SER C 4 19.35 -12.92 -4.25
CA SER C 4 19.37 -14.34 -3.89
C SER C 4 17.97 -14.93 -4.00
N GLU C 5 17.89 -16.17 -4.47
CA GLU C 5 16.61 -16.85 -4.62
C GLU C 5 16.15 -17.42 -3.29
N SER C 6 17.10 -17.79 -2.44
CA SER C 6 16.78 -18.36 -1.14
C SER C 6 16.09 -17.32 -0.26
N GLN C 7 16.69 -16.13 -0.19
CA GLN C 7 16.13 -15.06 0.63
C GLN C 7 14.73 -14.69 0.13
N LEU C 8 14.50 -14.87 -1.16
CA LEU C 8 13.20 -14.56 -1.75
C LEU C 8 12.14 -15.55 -1.29
N LYS C 9 12.54 -16.81 -1.18
CA LYS C 9 11.62 -17.86 -0.75
C LYS C 9 11.40 -17.78 0.77
N LYS C 10 12.09 -16.86 1.42
CA LYS C 10 11.97 -16.70 2.86
C LYS C 10 10.97 -15.58 3.19
N MET C 11 11.00 -14.51 2.39
CA MET C 11 10.10 -13.39 2.61
C MET C 11 8.68 -13.75 2.21
N VAL C 12 8.56 -14.78 1.38
CA VAL C 12 7.24 -15.23 0.92
C VAL C 12 6.95 -16.64 1.42
N SER C 13 7.27 -16.88 2.70
CA SER C 13 7.04 -18.19 3.30
C SER C 13 5.60 -18.29 3.81
N LYS C 14 4.96 -17.14 3.99
CA LYS C 14 3.59 -17.12 4.48
C LYS C 14 2.61 -16.91 3.31
N TYR C 15 3.06 -17.23 2.11
CA TYR C 15 2.22 -17.07 0.93
C TYR C 15 1.62 -18.42 0.52
N LYS C 16 0.30 -18.44 0.34
CA LYS C 16 -0.38 -19.66 -0.04
C LYS C 16 0.28 -20.28 -1.28
N TYR C 17 0.69 -19.43 -2.20
CA TYR C 17 1.33 -19.89 -3.43
C TYR C 17 2.76 -19.34 -3.54
N ARG C 18 3.65 -19.87 -2.72
CA ARG C 18 5.04 -19.42 -2.74
C ARG C 18 5.66 -19.64 -4.12
N ASP C 19 5.98 -20.89 -4.42
CA ASP C 19 6.58 -21.22 -5.71
C ASP C 19 6.14 -20.21 -6.77
N LEU C 20 4.91 -20.36 -7.26
CA LEU C 20 4.39 -19.45 -8.27
C LEU C 20 4.94 -18.05 -8.08
N THR C 21 4.54 -17.41 -6.98
CA THR C 21 5.00 -16.06 -6.68
C THR C 21 6.50 -15.93 -6.96
N VAL C 22 7.30 -16.73 -6.26
CA VAL C 22 8.74 -16.70 -6.44
C VAL C 22 9.10 -16.68 -7.92
N ARG C 23 8.85 -17.80 -8.60
CA ARG C 23 9.15 -17.90 -10.02
C ARG C 23 8.82 -16.59 -10.73
N GLU C 24 7.56 -16.18 -10.65
CA GLU C 24 7.13 -14.94 -11.29
C GLU C 24 8.07 -13.81 -10.92
N THR C 25 8.31 -13.64 -9.62
CA THR C 25 9.19 -12.57 -9.14
C THR C 25 10.57 -12.69 -9.80
N VAL C 26 11.13 -13.89 -9.78
CA VAL C 26 12.44 -14.12 -10.38
C VAL C 26 12.43 -13.74 -11.86
N ASN C 27 11.32 -14.00 -12.52
CA ASN C 27 11.19 -13.68 -13.93
C ASN C 27 11.09 -12.17 -14.14
N VAL C 28 10.71 -11.46 -13.08
CA VAL C 28 10.58 -10.01 -13.16
C VAL C 28 11.92 -9.33 -12.95
N ILE C 29 12.43 -9.41 -11.72
CA ILE C 29 13.71 -8.81 -11.39
C ILE C 29 14.78 -9.21 -12.40
N THR C 30 14.56 -10.34 -13.06
CA THR C 30 15.52 -10.84 -14.06
C THR C 30 15.64 -9.85 -15.21
N LEU C 31 14.51 -9.41 -15.74
CA LEU C 31 14.51 -8.47 -16.86
C LEU C 31 14.70 -7.05 -16.34
N TYR C 32 14.10 -6.74 -15.20
CA TYR C 32 14.21 -5.41 -14.62
C TYR C 32 15.02 -5.46 -13.32
N LYS C 33 16.33 -5.33 -13.44
CA LYS C 33 17.21 -5.35 -12.27
C LYS C 33 16.94 -4.14 -11.38
N ASP C 34 16.28 -3.13 -11.94
CA ASP C 34 15.96 -1.93 -11.19
C ASP C 34 14.85 -2.20 -10.17
N LEU C 35 14.37 -3.44 -10.16
CA LEU C 35 13.31 -3.81 -9.23
C LEU C 35 13.81 -4.86 -8.24
N LYS C 36 13.57 -4.61 -6.95
CA LYS C 36 14.01 -5.54 -5.92
C LYS C 36 12.87 -5.82 -4.93
N PRO C 37 12.72 -7.05 -4.54
CA PRO C 37 11.66 -7.47 -3.58
C PRO C 37 11.96 -7.02 -2.16
N VAL C 38 10.90 -6.70 -1.41
CA VAL C 38 11.07 -6.25 -0.02
C VAL C 38 9.86 -6.65 0.81
N LEU C 39 10.10 -6.99 2.08
CA LEU C 39 9.02 -7.39 2.97
C LEU C 39 8.69 -6.26 3.94
N ASP C 40 7.48 -5.72 3.80
CA ASP C 40 7.05 -4.63 4.67
C ASP C 40 5.57 -4.81 5.05
N SER C 41 5.15 -4.08 6.08
CA SER C 41 3.76 -4.17 6.54
C SER C 41 2.88 -3.19 5.76
N TYR C 42 1.77 -3.70 5.24
CA TYR C 42 0.85 -2.87 4.47
C TYR C 42 -0.42 -2.60 5.28
N VAL C 43 -0.54 -1.38 5.81
CA VAL C 43 -1.71 -1.02 6.60
C VAL C 43 -2.82 -0.50 5.68
N PHE C 44 -3.86 -1.31 5.51
CA PHE C 44 -4.98 -0.93 4.66
C PHE C 44 -5.65 0.33 5.19
N ASN C 45 -6.64 0.83 4.46
CA ASN C 45 -7.36 2.03 4.87
C ASN C 45 -8.17 1.77 6.13
N ASP C 46 -8.63 0.53 6.28
CA ASP C 46 -9.43 0.16 7.44
C ASP C 46 -8.58 0.19 8.70
N GLY C 47 -7.26 0.35 8.53
CA GLY C 47 -6.35 0.39 9.65
C GLY C 47 -5.59 -0.92 9.79
N SER C 48 -6.25 -2.02 9.42
CA SER C 48 -5.63 -3.33 9.50
C SER C 48 -4.26 -3.33 8.85
N SER C 49 -3.41 -4.29 9.21
CA SER C 49 -2.07 -4.37 8.65
C SER C 49 -1.74 -5.81 8.29
N ARG C 50 -0.82 -5.98 7.34
CA ARG C 50 -0.41 -7.31 6.90
C ARG C 50 0.95 -7.25 6.22
N GLU C 51 1.82 -8.20 6.56
CA GLU C 51 3.16 -8.25 5.97
C GLU C 51 3.11 -8.87 4.57
N LEU C 52 3.24 -8.02 3.56
CA LEU C 52 3.22 -8.49 2.18
C LEU C 52 4.54 -8.15 1.48
N MET C 53 4.83 -8.87 0.40
CA MET C 53 6.06 -8.64 -0.35
C MET C 53 5.77 -7.82 -1.61
N ASN C 54 6.38 -6.64 -1.70
CA ASN C 54 6.19 -5.78 -2.85
C ASN C 54 7.49 -5.61 -3.63
N LEU C 55 7.39 -5.13 -4.86
CA LEU C 55 8.57 -4.92 -5.69
C LEU C 55 8.84 -3.43 -5.88
N THR C 56 9.76 -2.90 -5.08
CA THR C 56 10.11 -1.48 -5.17
C THR C 56 11.28 -1.27 -6.12
N GLY C 57 11.27 -0.14 -6.82
CA GLY C 57 12.34 0.16 -7.76
C GLY C 57 11.86 1.14 -8.83
N THR C 58 12.45 1.05 -10.02
CA THR C 58 12.07 1.92 -11.12
C THR C 58 12.05 1.16 -12.43
N ILE C 59 11.21 1.59 -13.36
CA ILE C 59 11.10 0.94 -14.66
C ILE C 59 11.39 1.92 -15.78
N PRO C 60 12.09 1.49 -16.79
CA PRO C 60 12.46 2.34 -17.96
C PRO C 60 11.25 2.64 -18.85
N VAL C 61 10.98 3.92 -19.07
CA VAL C 61 9.86 4.31 -19.91
C VAL C 61 10.27 5.43 -20.87
N PRO C 62 10.78 5.06 -22.01
CA PRO C 62 11.22 6.04 -23.05
C PRO C 62 10.15 7.07 -23.37
N TYR C 63 10.54 8.34 -23.39
CA TYR C 63 9.59 9.42 -23.70
C TYR C 63 10.33 10.60 -24.32
N ARG C 64 9.92 10.97 -25.53
CA ARG C 64 10.54 12.10 -26.22
C ARG C 64 12.03 11.83 -26.43
N GLY C 65 12.40 10.56 -26.55
CA GLY C 65 13.79 10.19 -26.76
C GLY C 65 14.52 10.09 -25.43
N ASN C 66 13.87 10.54 -24.35
CA ASN C 66 14.47 10.49 -23.02
C ASN C 66 13.92 9.32 -22.23
N THR C 67 14.78 8.69 -21.44
CA THR C 67 14.36 7.54 -20.64
C THR C 67 14.10 7.97 -19.19
N TYR C 68 12.86 7.79 -18.73
CA TYR C 68 12.50 8.17 -17.38
C TYR C 68 12.34 6.92 -16.51
N ASN C 69 13.04 6.89 -15.38
CA ASN C 69 12.96 5.76 -14.47
C ASN C 69 11.86 5.98 -13.43
N ILE C 70 10.62 5.82 -13.87
CA ILE C 70 9.48 6.01 -12.97
C ILE C 70 9.48 4.96 -11.86
N PRO C 71 9.51 5.39 -10.63
CA PRO C 71 9.50 4.49 -9.45
C PRO C 71 8.10 3.95 -9.14
N ILE C 72 7.99 2.64 -8.97
CA ILE C 72 6.71 2.02 -8.66
C ILE C 72 6.83 1.09 -7.47
N CYS C 73 5.69 0.63 -6.96
CA CYS C 73 5.69 -0.27 -5.81
C CYS C 73 4.53 -1.26 -5.91
N LEU C 74 4.83 -2.44 -6.43
CA LEU C 74 3.80 -3.47 -6.58
C LEU C 74 3.65 -4.28 -5.29
N TRP C 75 2.42 -4.37 -4.79
CA TRP C 75 2.17 -5.11 -3.56
C TRP C 75 1.47 -6.44 -3.87
N LEU C 76 1.96 -7.51 -3.28
CA LEU C 76 1.38 -8.84 -3.50
C LEU C 76 0.69 -9.33 -2.23
N LEU C 77 -0.55 -9.78 -2.37
CA LEU C 77 -1.30 -10.28 -1.23
C LEU C 77 -1.08 -11.78 -1.06
N ASP C 78 -1.04 -12.24 0.19
CA ASP C 78 -0.84 -13.65 0.47
C ASP C 78 -1.21 -14.50 -0.74
N THR C 79 -2.09 -13.96 -1.59
CA THR C 79 -2.53 -14.67 -2.78
C THR C 79 -2.50 -13.76 -3.99
N TYR C 80 -1.31 -13.56 -4.56
CA TYR C 80 -1.16 -12.70 -5.73
C TYR C 80 -1.15 -13.52 -7.00
N PRO C 81 -1.25 -14.83 -6.88
CA PRO C 81 -1.24 -15.76 -8.04
C PRO C 81 -2.57 -15.72 -8.80
N TYR C 82 -3.58 -15.12 -8.20
CA TYR C 82 -4.89 -15.04 -8.82
C TYR C 82 -5.45 -13.62 -8.69
N ASN C 83 -4.89 -12.86 -7.76
CA ASN C 83 -5.34 -11.49 -7.54
C ASN C 83 -4.31 -10.49 -8.05
N PRO C 84 -4.77 -9.38 -8.56
CA PRO C 84 -3.87 -8.31 -9.10
C PRO C 84 -3.19 -7.51 -8.00
N PRO C 85 -1.91 -7.31 -8.12
CA PRO C 85 -1.10 -6.55 -7.12
C PRO C 85 -1.55 -5.09 -7.02
N ILE C 86 -1.17 -4.43 -5.92
CA ILE C 86 -1.55 -3.04 -5.71
C ILE C 86 -0.41 -2.12 -6.16
N CYS C 87 -0.48 -1.67 -7.41
CA CYS C 87 0.54 -0.79 -7.96
C CYS C 87 0.46 0.60 -7.31
N PHE C 88 1.53 1.37 -7.47
CA PHE C 88 1.57 2.71 -6.91
C PHE C 88 2.76 3.49 -7.47
N VAL C 89 2.51 4.74 -7.85
CA VAL C 89 3.57 5.58 -8.41
C VAL C 89 4.21 6.43 -7.32
N LYS C 90 5.34 5.95 -6.79
CA LYS C 90 6.04 6.67 -5.75
C LYS C 90 6.87 7.82 -6.33
N PRO C 91 6.27 8.97 -6.46
CA PRO C 91 6.96 10.17 -7.03
C PRO C 91 7.96 10.77 -6.05
N THR C 92 9.08 11.25 -6.57
CA THR C 92 10.11 11.85 -5.73
C THR C 92 9.85 13.34 -5.55
N SER C 93 10.69 13.99 -4.74
CA SER C 93 10.54 15.41 -4.49
C SER C 93 10.71 16.21 -5.78
N SER C 94 11.23 15.56 -6.80
CA SER C 94 11.44 16.22 -8.09
C SER C 94 10.49 15.65 -9.14
N MET C 95 9.39 15.04 -8.68
CA MET C 95 8.42 14.46 -9.60
C MET C 95 7.01 14.89 -9.21
N THR C 96 6.18 15.14 -10.23
CA THR C 96 4.80 15.57 -9.98
C THR C 96 3.83 14.65 -10.71
N ILE C 97 2.99 13.96 -9.95
CA ILE C 97 2.00 13.05 -10.52
C ILE C 97 1.08 13.80 -11.47
N LYS C 98 0.96 13.31 -12.70
CA LYS C 98 0.10 13.95 -13.69
C LYS C 98 -1.19 13.15 -13.86
N THR C 99 -1.94 13.01 -12.77
CA THR C 99 -3.20 12.28 -12.81
C THR C 99 -3.71 12.15 -14.24
N GLY C 100 -4.16 10.95 -14.60
CA GLY C 100 -4.67 10.71 -15.94
C GLY C 100 -5.74 9.62 -15.93
N LYS C 101 -5.56 8.62 -16.79
CA LYS C 101 -6.51 7.52 -16.87
C LYS C 101 -5.94 6.27 -16.19
N HIS C 102 -4.64 6.28 -15.96
CA HIS C 102 -3.97 5.15 -15.32
C HIS C 102 -3.28 5.60 -14.04
N VAL C 103 -3.58 6.82 -13.60
CA VAL C 103 -2.97 7.35 -12.39
C VAL C 103 -3.83 8.47 -11.80
N ASP C 104 -4.02 8.43 -10.49
CA ASP C 104 -4.82 9.44 -9.81
C ASP C 104 -3.94 10.42 -9.05
N ALA C 105 -4.47 10.98 -7.96
CA ALA C 105 -3.71 11.92 -7.16
C ALA C 105 -2.91 11.20 -6.08
N ASN C 106 -3.35 9.98 -5.74
CA ASN C 106 -2.68 9.20 -4.73
C ASN C 106 -1.51 8.42 -5.33
N GLY C 107 -1.57 8.22 -6.65
CA GLY C 107 -0.52 7.49 -7.34
C GLY C 107 -1.05 6.16 -7.88
N LYS C 108 -2.14 5.69 -7.31
CA LYS C 108 -2.74 4.43 -7.73
C LYS C 108 -2.70 4.30 -9.25
N ILE C 109 -2.39 3.10 -9.75
CA ILE C 109 -2.31 2.87 -11.18
C ILE C 109 -3.56 2.12 -11.66
N TYR C 110 -4.07 2.53 -12.82
CA TYR C 110 -5.25 1.90 -13.38
C TYR C 110 -4.98 1.40 -14.80
N LEU C 111 -5.01 0.08 -14.98
CA LEU C 111 -4.76 -0.51 -16.29
C LEU C 111 -5.64 -1.74 -16.49
N PRO C 112 -6.17 -1.90 -17.67
CA PRO C 112 -7.05 -3.04 -18.02
C PRO C 112 -6.47 -4.38 -17.58
N TYR C 113 -5.14 -4.43 -17.49
CA TYR C 113 -4.47 -5.66 -17.08
C TYR C 113 -4.86 -6.03 -15.66
N LEU C 114 -5.13 -5.03 -14.84
CA LEU C 114 -5.51 -5.27 -13.45
C LEU C 114 -7.00 -5.60 -13.35
N HIS C 115 -7.81 -4.86 -14.11
CA HIS C 115 -9.25 -5.08 -14.10
C HIS C 115 -9.57 -6.51 -14.54
N GLU C 116 -8.85 -6.98 -15.55
CA GLU C 116 -9.07 -8.33 -16.06
C GLU C 116 -7.88 -9.23 -15.73
N TRP C 117 -7.64 -9.42 -14.43
CA TRP C 117 -6.53 -10.26 -13.98
C TRP C 117 -7.02 -11.69 -13.72
N LYS C 118 -6.21 -12.66 -14.13
CA LYS C 118 -6.58 -14.06 -13.94
C LYS C 118 -5.49 -14.79 -13.16
N HIS C 119 -4.42 -15.18 -13.86
CA HIS C 119 -3.32 -15.89 -13.24
C HIS C 119 -2.67 -16.86 -14.23
N PRO C 120 -3.48 -17.48 -15.04
CA PRO C 120 -3.00 -18.47 -16.05
C PRO C 120 -2.27 -17.78 -17.21
N GLN C 121 -2.62 -16.52 -17.46
CA GLN C 121 -2.00 -15.76 -18.53
C GLN C 121 -1.48 -14.42 -18.01
N SER C 122 -2.05 -13.95 -16.91
CA SER C 122 -1.65 -12.69 -16.32
C SER C 122 -0.50 -12.91 -15.32
N ASP C 123 0.53 -12.07 -15.41
CA ASP C 123 1.67 -12.18 -14.52
C ASP C 123 2.33 -10.82 -14.32
N LEU C 124 3.28 -10.77 -13.39
CA LEU C 124 3.99 -9.53 -13.11
C LEU C 124 4.67 -8.99 -14.37
N LEU C 125 5.51 -9.84 -14.96
CA LEU C 125 6.23 -9.44 -16.18
C LEU C 125 5.28 -8.78 -17.17
N GLY C 126 4.17 -9.47 -17.47
CA GLY C 126 3.20 -8.94 -18.41
C GLY C 126 2.61 -7.62 -17.91
N LEU C 127 2.43 -7.51 -16.60
CA LEU C 127 1.88 -6.31 -16.00
C LEU C 127 2.86 -5.14 -16.14
N ILE C 128 4.15 -5.43 -15.92
CA ILE C 128 5.17 -4.40 -16.02
C ILE C 128 5.32 -3.93 -17.46
N GLN C 129 5.40 -4.88 -18.39
CA GLN C 129 5.55 -4.55 -19.79
C GLN C 129 4.41 -3.65 -20.25
N VAL C 130 3.20 -3.97 -19.81
CA VAL C 130 2.02 -3.18 -20.18
C VAL C 130 2.09 -1.79 -19.55
N MET C 131 2.72 -1.69 -18.39
CA MET C 131 2.84 -0.41 -17.70
C MET C 131 3.80 0.51 -18.45
N ILE C 132 4.81 -0.08 -19.07
CA ILE C 132 5.79 0.70 -19.83
C ILE C 132 5.18 1.20 -21.13
N VAL C 133 4.29 0.40 -21.71
CA VAL C 133 3.64 0.78 -22.96
C VAL C 133 2.66 1.92 -22.74
N VAL C 134 1.86 1.81 -21.69
CA VAL C 134 0.88 2.85 -21.38
C VAL C 134 1.58 4.13 -20.92
N PHE C 135 2.52 3.97 -19.99
CA PHE C 135 3.25 5.12 -19.48
C PHE C 135 4.02 5.81 -20.59
N GLY C 136 4.41 5.04 -21.60
CA GLY C 136 5.15 5.59 -22.73
C GLY C 136 4.30 6.59 -23.51
N ASP C 137 3.02 6.26 -23.67
CA ASP C 137 2.11 7.14 -24.40
C ASP C 137 1.50 8.17 -23.46
N GLU C 138 1.40 7.81 -22.18
CA GLU C 138 0.84 8.72 -21.18
C GLU C 138 1.71 8.77 -19.94
N PRO C 139 2.55 9.76 -19.84
CA PRO C 139 3.47 9.93 -18.68
C PRO C 139 2.72 10.29 -17.40
N PRO C 140 2.79 9.43 -16.41
CA PRO C 140 2.11 9.65 -15.11
C PRO C 140 2.81 10.73 -14.27
N VAL C 141 4.01 11.10 -14.69
CA VAL C 141 4.76 12.12 -13.96
C VAL C 141 5.52 13.02 -14.94
N PHE C 142 6.04 14.13 -14.44
CA PHE C 142 6.79 15.06 -15.28
C PHE C 142 7.66 15.97 -14.42
N SER C 143 8.98 15.82 -14.56
CA SER C 143 9.91 16.64 -13.79
C SER C 143 9.22 17.87 -13.25
N MET A 1 -1.98 23.58 -1.63
CA MET A 1 -2.75 22.59 -2.43
C MET A 1 -3.95 22.11 -1.63
N GLN A 2 -4.85 21.37 -2.30
CA GLN A 2 -6.04 20.86 -1.62
C GLN A 2 -5.96 19.33 -1.52
N ILE A 3 -6.43 18.80 -0.39
CA ILE A 3 -6.41 17.36 -0.18
C ILE A 3 -7.77 16.86 0.31
N PHE A 4 -7.97 15.55 0.28
CA PHE A 4 -9.23 14.98 0.73
C PHE A 4 -8.98 13.95 1.83
N VAL A 5 -9.95 13.81 2.74
CA VAL A 5 -9.83 12.86 3.84
C VAL A 5 -11.13 12.09 4.02
N LYS A 6 -11.08 10.78 3.78
CA LYS A 6 -12.26 9.94 3.93
C LYS A 6 -12.31 9.33 5.32
N THR A 7 -13.51 9.08 5.82
CA THR A 7 -13.68 8.49 7.13
C THR A 7 -14.16 7.05 7.03
N LEU A 8 -14.49 6.44 8.17
CA LEU A 8 -14.96 5.07 8.19
C LEU A 8 -16.47 5.02 8.01
N THR A 9 -17.11 6.18 8.08
CA THR A 9 -18.56 6.26 7.93
C THR A 9 -18.93 6.60 6.49
N GLY A 10 -17.98 7.17 5.75
CA GLY A 10 -18.21 7.53 4.37
C GLY A 10 -18.38 9.04 4.23
N LYS A 11 -17.47 9.79 4.84
CA LYS A 11 -17.51 11.24 4.78
C LYS A 11 -16.19 11.81 4.27
N THR A 12 -16.26 12.66 3.26
CA THR A 12 -15.05 13.25 2.69
C THR A 12 -14.91 14.71 3.14
N ILE A 13 -13.71 15.08 3.58
CA ILE A 13 -13.45 16.44 4.03
C ILE A 13 -12.33 17.06 3.22
N THR A 14 -12.48 18.35 2.90
CA THR A 14 -11.47 19.05 2.12
C THR A 14 -10.65 19.99 3.01
N LEU A 15 -9.33 19.96 2.84
CA LEU A 15 -8.44 20.80 3.63
C LEU A 15 -7.38 21.44 2.75
N GLU A 16 -6.91 22.62 3.15
CA GLU A 16 -5.89 23.32 2.37
C GLU A 16 -4.59 23.40 3.16
N VAL A 17 -3.66 22.50 2.85
CA VAL A 17 -2.37 22.48 3.53
C VAL A 17 -1.24 22.79 2.56
N GLU A 18 -0.01 22.76 3.05
CA GLU A 18 1.14 23.04 2.20
C GLU A 18 2.16 21.91 2.29
N PRO A 19 2.89 21.69 1.23
CA PRO A 19 3.94 20.63 1.18
C PRO A 19 4.88 20.68 2.37
N SER A 20 4.90 21.82 3.05
CA SER A 20 5.77 21.99 4.21
C SER A 20 4.96 21.87 5.50
N ASP A 21 3.78 21.29 5.40
CA ASP A 21 2.92 21.10 6.57
C ASP A 21 3.19 19.76 7.23
N THR A 22 3.31 19.78 8.55
CA THR A 22 3.57 18.55 9.30
C THR A 22 2.27 17.78 9.53
N ILE A 23 2.40 16.48 9.80
CA ILE A 23 1.24 15.64 10.04
C ILE A 23 0.45 16.14 11.24
N GLU A 24 1.17 16.48 12.32
CA GLU A 24 0.52 16.97 13.52
C GLU A 24 -0.37 18.16 13.22
N ASN A 25 0.09 19.03 12.32
CA ASN A 25 -0.68 20.21 11.93
C ASN A 25 -1.96 19.80 11.22
N VAL A 26 -1.87 18.79 10.37
CA VAL A 26 -3.04 18.31 9.65
C VAL A 26 -4.10 17.78 10.61
N LYS A 27 -3.66 17.12 11.67
CA LYS A 27 -4.57 16.58 12.67
C LYS A 27 -5.34 17.70 13.35
N ALA A 28 -4.66 18.80 13.62
CA ALA A 28 -5.29 19.94 14.28
C ALA A 28 -6.40 20.52 13.41
N LYS A 29 -6.13 20.61 12.11
CA LYS A 29 -7.11 21.14 11.18
C LYS A 29 -8.39 20.30 11.20
N ILE A 30 -8.22 18.99 11.33
CA ILE A 30 -9.36 18.08 11.37
C ILE A 30 -10.09 18.18 12.70
N GLN A 31 -9.36 18.56 13.74
CA GLN A 31 -9.94 18.69 15.07
C GLN A 31 -10.78 19.96 15.16
N ASP A 32 -10.52 20.90 14.25
CA ASP A 32 -11.25 22.16 14.23
C ASP A 32 -12.45 22.07 13.31
N LYS A 33 -12.45 21.05 12.44
CA LYS A 33 -13.55 20.86 11.50
C LYS A 33 -14.54 19.83 12.04
N GLU A 34 -14.01 18.76 12.62
CA GLU A 34 -14.85 17.70 13.17
C GLU A 34 -14.80 17.71 14.69
N GLY A 35 -13.63 18.04 15.24
CA GLY A 35 -13.46 18.06 16.69
C GLY A 35 -12.94 16.74 17.21
N ILE A 36 -12.11 16.07 16.41
CA ILE A 36 -11.55 14.79 16.80
C ILE A 36 -10.14 14.97 17.36
N PRO A 37 -9.96 14.69 18.62
CA PRO A 37 -8.64 14.81 19.31
C PRO A 37 -7.52 14.12 18.52
N PRO A 38 -6.45 14.83 18.28
CA PRO A 38 -5.28 14.29 17.54
C PRO A 38 -4.82 12.93 18.09
N ASP A 39 -4.91 12.78 19.40
CA ASP A 39 -4.50 11.53 20.04
C ASP A 39 -5.46 10.40 19.68
N GLN A 40 -6.58 10.75 19.04
CA GLN A 40 -7.56 9.76 18.64
C GLN A 40 -7.78 9.79 17.14
N GLN A 41 -6.72 10.05 16.39
CA GLN A 41 -6.80 10.11 14.94
C GLN A 41 -5.64 9.36 14.30
N ARG A 42 -5.94 8.52 13.32
CA ARG A 42 -4.91 7.75 12.63
C ARG A 42 -4.97 7.99 11.13
N LEU A 43 -3.97 8.69 10.60
CA LEU A 43 -3.92 8.98 9.18
C LEU A 43 -3.17 7.88 8.43
N ILE A 44 -3.63 7.55 7.23
CA ILE A 44 -3.00 6.51 6.43
C ILE A 44 -2.95 6.92 4.97
N PHE A 45 -1.79 6.74 4.35
CA PHE A 45 -1.62 7.10 2.94
C PHE A 45 -0.91 5.97 2.18
N ALA A 46 -1.56 5.44 1.17
CA ALA A 46 -0.97 4.36 0.37
C ALA A 46 -0.71 3.14 1.25
N GLY A 47 -1.52 2.97 2.29
CA GLY A 47 -1.36 1.84 3.19
C GLY A 47 -0.22 2.08 4.17
N LYS A 48 0.17 3.35 4.32
CA LYS A 48 1.25 3.71 5.23
C LYS A 48 0.76 4.69 6.29
N GLN A 49 1.14 4.44 7.54
CA GLN A 49 0.73 5.32 8.64
C GLN A 49 1.67 6.52 8.73
N LEU A 50 1.09 7.71 8.54
CA LEU A 50 1.89 8.94 8.61
C LEU A 50 2.24 9.27 10.05
N GLU A 51 3.43 9.84 10.26
CA GLU A 51 3.87 10.20 11.60
C GLU A 51 3.61 11.68 11.86
N ASP A 52 3.57 12.05 13.14
CA ASP A 52 3.33 13.44 13.52
C ASP A 52 4.63 14.24 13.48
N GLY A 53 5.74 13.55 13.22
CA GLY A 53 7.03 14.21 13.15
C GLY A 53 7.49 14.37 11.70
N ARG A 54 6.63 13.97 10.77
CA ARG A 54 6.97 14.07 9.35
C ARG A 54 6.03 15.06 8.66
N THR A 55 6.41 15.47 7.46
CA THR A 55 5.60 16.43 6.70
C THR A 55 4.84 15.71 5.58
N LEU A 56 4.14 16.48 4.75
CA LEU A 56 3.39 15.91 3.65
C LEU A 56 4.31 15.56 2.48
N SER A 57 5.27 16.45 2.22
CA SER A 57 6.21 16.23 1.13
C SER A 57 7.07 15.01 1.40
N ASP A 58 7.21 14.66 2.68
CA ASP A 58 8.01 13.50 3.06
C ASP A 58 7.36 12.21 2.57
N TYR A 59 6.05 12.25 2.39
CA TYR A 59 5.31 11.08 1.93
C TYR A 59 5.01 11.20 0.44
N ASN A 60 5.44 12.30 -0.17
CA ASN A 60 5.21 12.52 -1.59
C ASN A 60 3.72 12.73 -1.87
N ILE A 61 3.06 13.43 -0.97
CA ILE A 61 1.62 13.69 -1.13
C ILE A 61 1.39 14.89 -2.03
N GLN A 62 0.82 14.64 -3.21
CA GLN A 62 0.55 15.71 -4.16
C GLN A 62 -0.84 16.30 -3.91
N ARG A 63 -1.33 17.09 -4.87
CA ARG A 63 -2.63 17.70 -4.74
C ARG A 63 -3.73 16.70 -5.12
N GLU A 64 -4.95 17.00 -4.70
CA GLU A 64 -6.07 16.12 -5.00
C GLU A 64 -5.83 14.72 -4.43
N SER A 65 -4.98 14.65 -3.41
CA SER A 65 -4.66 13.37 -2.79
C SER A 65 -5.73 12.97 -1.78
N THR A 66 -5.93 11.68 -1.60
CA THR A 66 -6.92 11.19 -0.66
C THR A 66 -6.26 10.48 0.52
N LEU A 67 -6.67 10.83 1.73
CA LEU A 67 -6.10 10.23 2.93
C LEU A 67 -7.18 9.51 3.73
N HIS A 68 -6.77 8.51 4.50
CA HIS A 68 -7.72 7.75 5.32
C HIS A 68 -7.56 8.10 6.79
N LEU A 69 -8.67 8.28 7.48
CA LEU A 69 -8.64 8.60 8.90
C LEU A 69 -9.21 7.47 9.73
N VAL A 70 -8.47 7.05 10.76
CA VAL A 70 -8.92 5.98 11.63
C VAL A 70 -8.98 6.44 13.08
N LEU A 71 -10.06 6.08 13.76
CA LEU A 71 -10.22 6.47 15.16
C LEU A 71 -9.75 5.35 16.08
N ARG A 72 -9.15 5.73 17.21
CA ARG A 72 -8.67 4.75 18.18
C ARG A 72 -9.58 4.68 19.39
N LEU A 73 -9.50 3.58 20.14
CA LEU A 73 -10.34 3.42 21.31
C LEU A 73 -9.86 2.23 22.16
N ARG A 74 -9.05 2.54 23.17
CA ARG A 74 -8.52 1.51 24.06
C ARG A 74 -8.03 0.30 23.27
N GLY A 75 -7.11 0.55 22.35
CA GLY A 75 -6.57 -0.53 21.52
C GLY A 75 -5.47 -1.27 22.27
N GLY A 76 -4.70 -2.07 21.55
CA GLY A 76 -3.61 -2.84 22.16
C GLY A 76 -2.79 -1.97 23.10
N MET B 1 3.46 0.16 27.21
CA MET B 1 2.74 -0.26 25.98
C MET B 1 3.39 -1.52 25.41
N GLN B 2 2.73 -2.13 24.43
CA GLN B 2 3.25 -3.35 23.82
C GLN B 2 3.65 -3.07 22.37
N ILE B 3 4.76 -3.68 21.94
CA ILE B 3 5.24 -3.49 20.59
C ILE B 3 5.56 -4.84 19.94
N PHE B 4 5.76 -4.83 18.62
CA PHE B 4 6.07 -6.05 17.89
C PHE B 4 7.37 -5.89 17.12
N VAL B 5 8.09 -7.00 16.95
CA VAL B 5 9.36 -6.98 16.22
C VAL B 5 9.45 -8.15 15.27
N LYS B 6 9.47 -7.86 13.97
CA LYS B 6 9.56 -8.90 12.95
C LYS B 6 11.01 -9.15 12.57
N THR B 7 11.32 -10.39 12.19
CA THR B 7 12.68 -10.74 11.79
C THR B 7 12.75 -10.96 10.28
N LEU B 8 13.91 -11.43 9.82
CA LEU B 8 14.11 -11.69 8.40
C LEU B 8 13.68 -13.11 8.05
N THR B 9 13.41 -13.91 9.07
CA THR B 9 12.99 -15.29 8.85
C THR B 9 11.46 -15.40 8.89
N GLY B 10 10.81 -14.40 9.49
CA GLY B 10 9.36 -14.40 9.59
C GLY B 10 8.90 -14.74 11.00
N LYS B 11 9.52 -14.11 11.99
CA LYS B 11 9.17 -14.36 13.38
C LYS B 11 8.83 -13.06 14.09
N THR B 12 7.67 -13.03 14.74
CA THR B 12 7.23 -11.83 15.45
C THR B 12 7.41 -12.01 16.95
N ILE B 13 8.00 -11.01 17.59
CA ILE B 13 8.23 -11.06 19.03
C ILE B 13 7.52 -9.90 19.72
N THR B 14 6.92 -10.17 20.88
CA THR B 14 6.21 -9.14 21.63
C THR B 14 7.02 -8.70 22.83
N LEU B 15 7.13 -7.38 23.02
CA LEU B 15 7.87 -6.83 24.14
C LEU B 15 7.08 -5.71 24.81
N GLU B 16 7.37 -5.48 26.09
CA GLU B 16 6.66 -4.43 26.83
C GLU B 16 7.64 -3.36 27.28
N VAL B 17 7.68 -2.25 26.54
CA VAL B 17 8.57 -1.15 26.87
C VAL B 17 7.78 0.09 27.23
N GLU B 18 8.48 1.19 27.51
CA GLU B 18 7.82 2.44 27.86
C GLU B 18 8.31 3.58 26.97
N PRO B 19 7.46 4.55 26.73
CA PRO B 19 7.80 5.72 25.88
C PRO B 19 9.12 6.37 26.29
N SER B 20 9.56 6.08 27.51
CA SER B 20 10.80 6.65 28.02
C SER B 20 11.93 5.61 27.95
N ASP B 21 11.73 4.58 27.15
CA ASP B 21 12.73 3.53 27.00
C ASP B 21 13.68 3.86 25.86
N THR B 22 14.98 3.68 26.09
CA THR B 22 15.97 3.96 25.07
C THR B 22 16.11 2.78 24.12
N ILE B 23 16.65 3.04 22.93
CA ILE B 23 16.82 1.99 21.93
C ILE B 23 17.75 0.90 22.46
N GLU B 24 18.84 1.31 23.10
CA GLU B 24 19.80 0.36 23.65
C GLU B 24 19.11 -0.61 24.59
N ASN B 25 18.15 -0.10 25.38
CA ASN B 25 17.43 -0.94 26.32
C ASN B 25 16.59 -1.98 25.57
N VAL B 26 15.98 -1.56 24.47
CA VAL B 26 15.15 -2.46 23.67
C VAL B 26 15.99 -3.61 23.12
N LYS B 27 17.22 -3.30 22.73
CA LYS B 27 18.12 -4.32 22.19
C LYS B 27 18.43 -5.38 23.24
N ALA B 28 18.60 -4.94 24.48
CA ALA B 28 18.90 -5.86 25.57
C ALA B 28 17.75 -6.83 25.79
N LYS B 29 16.53 -6.31 25.72
CA LYS B 29 15.35 -7.15 25.92
C LYS B 29 15.30 -8.25 24.87
N ILE B 30 15.71 -7.92 23.64
CA ILE B 30 15.70 -8.89 22.56
C ILE B 30 16.84 -9.89 22.73
N GLN B 31 17.91 -9.46 23.40
CA GLN B 31 19.06 -10.33 23.63
C GLN B 31 18.75 -11.34 24.72
N ASP B 32 17.74 -11.04 25.54
CA ASP B 32 17.36 -11.93 26.62
C ASP B 32 16.26 -12.89 26.16
N LYS B 33 15.62 -12.56 25.04
CA LYS B 33 14.55 -13.39 24.51
C LYS B 33 15.07 -14.30 23.41
N GLU B 34 15.95 -13.75 22.57
CA GLU B 34 16.51 -14.52 21.47
C GLU B 34 18.00 -14.79 21.72
N GLY B 35 18.68 -13.83 22.33
CA GLY B 35 20.10 -13.98 22.63
C GLY B 35 20.95 -13.39 21.51
N ILE B 36 20.46 -12.32 20.91
CA ILE B 36 21.18 -11.66 19.81
C ILE B 36 21.94 -10.45 20.34
N PRO B 37 23.25 -10.51 20.29
CA PRO B 37 24.12 -9.39 20.77
C PRO B 37 23.70 -8.05 20.19
N PRO B 38 23.53 -7.06 21.02
CA PRO B 38 23.13 -5.69 20.60
C PRO B 38 23.99 -5.16 19.47
N ASP B 39 25.28 -5.51 19.50
CA ASP B 39 26.21 -5.07 18.47
C ASP B 39 25.91 -5.74 17.13
N GLN B 40 25.02 -6.73 17.17
CA GLN B 40 24.65 -7.45 15.96
C GLN B 40 23.14 -7.36 15.72
N GLN B 41 22.57 -6.20 16.05
CA GLN B 41 21.14 -5.99 15.86
C GLN B 41 20.88 -4.62 15.25
N ARG B 42 20.03 -4.58 14.23
CA ARG B 42 19.72 -3.32 13.56
C ARG B 42 18.20 -3.10 13.54
N LEU B 43 17.75 -2.12 14.32
CA LEU B 43 16.32 -1.82 14.38
C LEU B 43 15.96 -0.77 13.34
N ILE B 44 14.78 -0.92 12.74
CA ILE B 44 14.32 0.02 11.73
C ILE B 44 12.83 0.32 11.91
N PHE B 45 12.48 1.59 11.85
CA PHE B 45 11.08 2.00 12.00
C PHE B 45 10.70 3.03 10.92
N ALA B 46 9.70 2.69 10.12
CA ALA B 46 9.26 3.58 9.07
C ALA B 46 10.38 3.83 8.07
N GLY B 47 11.27 2.86 7.92
CA GLY B 47 12.39 2.98 6.99
C GLY B 47 13.49 3.84 7.59
N LYS B 48 13.46 4.00 8.92
CA LYS B 48 14.46 4.80 9.60
C LYS B 48 15.21 3.96 10.64
N GLN B 49 16.53 4.10 10.66
CA GLN B 49 17.35 3.34 11.61
C GLN B 49 17.38 4.03 12.96
N LEU B 50 16.87 3.35 13.98
CA LEU B 50 16.84 3.92 15.33
C LEU B 50 18.24 3.91 15.95
N GLU B 51 18.53 4.92 16.74
CA GLU B 51 19.84 5.01 17.40
C GLU B 51 19.78 4.48 18.82
N ASP B 52 20.93 4.12 19.37
CA ASP B 52 20.99 3.61 20.73
C ASP B 52 21.03 4.74 21.74
N GLY B 53 21.10 5.97 21.24
CA GLY B 53 21.15 7.14 22.11
C GLY B 53 19.81 7.87 22.12
N ARG B 54 18.83 7.30 21.42
CA ARG B 54 17.50 7.90 21.36
C ARG B 54 16.47 7.00 22.04
N THR B 55 15.31 7.56 22.33
CA THR B 55 14.24 6.79 22.98
C THR B 55 13.16 6.42 21.97
N LEU B 56 12.10 5.79 22.46
CA LEU B 56 11.00 5.37 21.59
C LEU B 56 10.11 6.57 21.26
N SER B 57 9.86 7.42 22.24
CA SER B 57 9.03 8.59 22.03
C SER B 57 9.67 9.54 21.04
N ASP B 58 10.99 9.47 20.93
CA ASP B 58 11.73 10.34 20.01
C ASP B 58 11.38 9.99 18.57
N TYR B 59 10.96 8.75 18.34
CA TYR B 59 10.60 8.30 17.00
C TYR B 59 9.08 8.28 16.84
N ASN B 60 8.37 8.71 17.88
CA ASN B 60 6.92 8.74 17.83
C ASN B 60 6.36 7.33 17.68
N ILE B 61 6.92 6.38 18.44
CA ILE B 61 6.47 5.00 18.38
C ILE B 61 5.34 4.76 19.38
N GLN B 62 4.15 4.43 18.86
CA GLN B 62 3.00 4.17 19.73
C GLN B 62 2.89 2.68 20.03
N LYS B 63 1.81 2.30 20.70
CA LYS B 63 1.59 0.90 21.04
C LYS B 63 1.11 0.13 19.83
N GLU B 64 1.35 -1.18 19.84
CA GLU B 64 0.93 -2.03 18.72
C GLU B 64 1.77 -1.75 17.48
N SER B 65 2.87 -1.02 17.67
CA SER B 65 3.74 -0.67 16.56
C SER B 65 4.60 -1.87 16.16
N THR B 66 5.05 -1.89 14.91
CA THR B 66 5.88 -2.98 14.42
C THR B 66 7.26 -2.47 14.03
N LEU B 67 8.29 -3.17 14.51
CA LEU B 67 9.67 -2.78 14.22
C LEU B 67 10.38 -3.89 13.45
N HIS B 68 11.38 -3.51 12.66
CA HIS B 68 12.14 -4.48 11.88
C HIS B 68 13.52 -4.68 12.49
N LEU B 69 13.96 -5.94 12.56
CA LEU B 69 15.26 -6.25 13.13
C LEU B 69 16.18 -6.82 12.05
N VAL B 70 17.38 -6.23 11.92
CA VAL B 70 18.34 -6.69 10.93
C VAL B 70 19.64 -7.12 11.60
N LEU B 71 20.14 -8.30 11.21
CA LEU B 71 21.38 -8.81 11.78
C LEU B 71 22.57 -8.43 10.92
N ARG B 72 23.66 -8.01 11.57
CA ARG B 72 24.86 -7.61 10.85
C ARG B 72 25.84 -8.78 10.75
N LEU B 73 26.82 -8.65 9.87
CA LEU B 73 27.81 -9.70 9.68
C LEU B 73 28.50 -10.06 11.00
N ARG B 74 28.91 -9.04 11.75
CA ARG B 74 29.57 -9.26 13.03
C ARG B 74 29.50 -8.02 13.90
N GLY B 75 29.63 -8.22 15.21
CA GLY B 75 29.58 -7.10 16.16
C GLY B 75 30.98 -6.62 16.51
N GLY B 76 31.05 -5.64 17.40
CA GLY B 76 32.34 -5.10 17.82
C GLY B 76 32.94 -5.95 18.95
N ASP B 77 34.10 -5.53 19.44
CA ASP B 77 34.76 -6.27 20.51
C ASP B 77 34.71 -5.47 21.82
N VAL C 3 17.63 -9.82 -3.39
CA VAL C 3 18.77 -10.58 -3.98
C VAL C 3 18.72 -12.03 -3.50
N SER C 4 19.35 -12.92 -4.25
CA SER C 4 19.37 -14.34 -3.89
C SER C 4 17.97 -14.94 -4.01
N GLU C 5 17.89 -16.17 -4.47
CA GLU C 5 16.61 -16.85 -4.62
C GLU C 5 16.15 -17.42 -3.29
N SER C 6 17.11 -17.79 -2.44
CA SER C 6 16.78 -18.36 -1.14
C SER C 6 16.10 -17.32 -0.26
N GLN C 7 16.68 -16.12 -0.18
CA GLN C 7 16.13 -15.06 0.63
C GLN C 7 14.73 -14.69 0.13
N LEU C 8 14.50 -14.87 -1.16
CA LEU C 8 13.20 -14.56 -1.75
C LEU C 8 12.14 -15.54 -1.29
N LYS C 9 12.54 -16.81 -1.18
CA LYS C 9 11.62 -17.86 -0.75
C LYS C 9 11.40 -17.78 0.77
N LYS C 10 12.09 -16.86 1.42
CA LYS C 10 11.97 -16.70 2.86
C LYS C 10 10.97 -15.58 3.19
N MET C 11 11.01 -14.52 2.40
CA MET C 11 10.10 -13.39 2.61
C MET C 11 8.68 -13.75 2.21
N VAL C 12 8.56 -14.78 1.38
CA VAL C 12 7.24 -15.22 0.92
C VAL C 12 6.95 -16.63 1.43
N SER C 13 7.28 -16.88 2.69
CA SER C 13 7.04 -18.19 3.30
C SER C 13 5.60 -18.29 3.81
N LYS C 14 4.96 -17.14 3.99
CA LYS C 14 3.59 -17.12 4.48
C LYS C 14 2.61 -16.91 3.31
N TYR C 15 3.06 -17.23 2.11
CA TYR C 15 2.22 -17.08 0.93
C TYR C 15 1.62 -18.42 0.52
N LYS C 16 0.30 -18.44 0.34
CA LYS C 16 -0.38 -19.66 -0.04
C LYS C 16 0.28 -20.28 -1.28
N TYR C 17 0.68 -19.42 -2.21
CA TYR C 17 1.33 -19.89 -3.43
C TYR C 17 2.75 -19.34 -3.54
N ARG C 18 3.65 -19.87 -2.72
CA ARG C 18 5.03 -19.43 -2.73
C ARG C 18 5.66 -19.64 -4.10
N ASP C 19 5.98 -20.89 -4.42
CA ASP C 19 6.58 -21.22 -5.71
C ASP C 19 6.14 -20.21 -6.77
N LEU C 20 4.91 -20.36 -7.26
CA LEU C 20 4.39 -19.45 -8.27
C LEU C 20 4.94 -18.05 -8.08
N THR C 21 4.54 -17.41 -6.98
CA THR C 21 5.00 -16.06 -6.68
C THR C 21 6.50 -15.93 -6.97
N VAL C 22 7.30 -16.73 -6.26
CA VAL C 22 8.74 -16.70 -6.44
C VAL C 22 9.10 -16.68 -7.92
N ARG C 23 8.85 -17.80 -8.60
CA ARG C 23 9.15 -17.90 -10.02
C ARG C 23 8.82 -16.59 -10.73
N GLU C 24 7.56 -16.18 -10.65
CA GLU C 24 7.13 -14.94 -11.29
C GLU C 24 8.07 -13.80 -10.92
N THR C 25 8.32 -13.64 -9.62
CA THR C 25 9.19 -12.58 -9.15
C THR C 25 10.56 -12.69 -9.81
N VAL C 26 11.13 -13.89 -9.78
CA VAL C 26 12.44 -14.12 -10.38
C VAL C 26 12.43 -13.74 -11.86
N ASN C 27 11.31 -14.00 -12.53
CA ASN C 27 11.19 -13.67 -13.94
C ASN C 27 11.09 -12.17 -14.14
N VAL C 28 10.71 -11.45 -13.09
CA VAL C 28 10.57 -10.00 -13.17
C VAL C 28 11.92 -9.33 -12.95
N ILE C 29 12.43 -9.41 -11.72
CA ILE C 29 13.72 -8.80 -11.40
C ILE C 29 14.78 -9.21 -12.40
N THR C 30 14.56 -10.34 -13.06
CA THR C 30 15.52 -10.84 -14.06
C THR C 30 15.65 -9.86 -15.21
N LEU C 31 14.51 -9.41 -15.74
CA LEU C 31 14.51 -8.47 -16.85
C LEU C 31 14.70 -7.04 -16.35
N TYR C 32 14.10 -6.74 -15.19
CA TYR C 32 14.21 -5.41 -14.61
C TYR C 32 15.02 -5.45 -13.32
N LYS C 33 16.33 -5.33 -13.44
CA LYS C 33 17.21 -5.35 -12.27
C LYS C 33 16.94 -4.14 -11.38
N ASP C 34 16.28 -3.13 -11.94
CA ASP C 34 15.96 -1.92 -11.19
C ASP C 34 14.85 -2.20 -10.17
N LEU C 35 14.37 -3.44 -10.16
CA LEU C 35 13.31 -3.81 -9.23
C LEU C 35 13.81 -4.86 -8.24
N LYS C 36 13.57 -4.61 -6.95
CA LYS C 36 14.01 -5.54 -5.92
C LYS C 36 12.87 -5.82 -4.93
N PRO C 37 12.72 -7.05 -4.54
CA PRO C 37 11.66 -7.47 -3.58
C PRO C 37 11.96 -7.02 -2.16
N VAL C 38 10.90 -6.70 -1.41
CA VAL C 38 11.07 -6.25 -0.03
C VAL C 38 9.86 -6.65 0.81
N LEU C 39 10.10 -6.99 2.08
CA LEU C 39 9.02 -7.39 2.97
C LEU C 39 8.69 -6.26 3.94
N ASP C 40 7.48 -5.72 3.80
CA ASP C 40 7.04 -4.63 4.68
C ASP C 40 5.57 -4.81 5.05
N SER C 41 5.15 -4.08 6.08
CA SER C 41 3.76 -4.17 6.54
C SER C 41 2.88 -3.19 5.76
N TYR C 42 1.77 -3.70 5.24
CA TYR C 42 0.85 -2.87 4.47
C TYR C 42 -0.42 -2.60 5.28
N VAL C 43 -0.53 -1.38 5.81
CA VAL C 43 -1.71 -1.02 6.60
C VAL C 43 -2.82 -0.50 5.68
N PHE C 44 -3.85 -1.32 5.51
CA PHE C 44 -4.98 -0.93 4.66
C PHE C 44 -5.65 0.33 5.19
N ASN C 45 -6.63 0.83 4.46
CA ASN C 45 -7.35 2.03 4.87
C ASN C 45 -8.16 1.77 6.13
N ASP C 46 -8.64 0.53 6.27
CA ASP C 46 -9.43 0.16 7.44
C ASP C 46 -8.58 0.19 8.70
N GLY C 47 -7.27 0.35 8.51
CA GLY C 47 -6.36 0.39 9.65
C GLY C 47 -5.59 -0.92 9.79
N SER C 48 -6.25 -2.02 9.42
CA SER C 48 -5.63 -3.33 9.50
C SER C 48 -4.26 -3.33 8.85
N SER C 49 -3.41 -4.29 9.21
CA SER C 49 -2.07 -4.37 8.65
C SER C 49 -1.73 -5.81 8.28
N ARG C 50 -0.82 -5.97 7.34
CA ARG C 50 -0.41 -7.30 6.89
C ARG C 50 0.95 -7.25 6.22
N GLU C 51 1.82 -8.20 6.56
CA GLU C 51 3.15 -8.25 5.97
C GLU C 51 3.11 -8.87 4.57
N LEU C 52 3.25 -8.01 3.56
CA LEU C 52 3.23 -8.49 2.18
C LEU C 52 4.54 -8.16 1.48
N MET C 53 4.83 -8.87 0.39
CA MET C 53 6.06 -8.63 -0.35
C MET C 53 5.77 -7.82 -1.61
N ASN C 54 6.38 -6.64 -1.70
CA ASN C 54 6.18 -5.77 -2.85
C ASN C 54 7.49 -5.60 -3.62
N LEU C 55 7.39 -5.13 -4.86
CA LEU C 55 8.57 -4.92 -5.69
C LEU C 55 8.84 -3.43 -5.87
N THR C 56 9.76 -2.90 -5.08
CA THR C 56 10.10 -1.49 -5.16
C THR C 56 11.27 -1.27 -6.11
N GLY C 57 11.27 -0.14 -6.81
CA GLY C 57 12.34 0.16 -7.76
C GLY C 57 11.86 1.14 -8.83
N THR C 58 12.44 1.04 -10.02
CA THR C 58 12.07 1.92 -11.12
C THR C 58 12.05 1.16 -12.43
N ILE C 59 11.21 1.59 -13.36
CA ILE C 59 11.10 0.94 -14.66
C ILE C 59 11.39 1.92 -15.78
N PRO C 60 12.09 1.49 -16.79
CA PRO C 60 12.46 2.34 -17.96
C PRO C 60 11.25 2.64 -18.85
N VAL C 61 10.98 3.92 -19.07
CA VAL C 61 9.86 4.31 -19.91
C VAL C 61 10.27 5.43 -20.87
N PRO C 62 10.78 5.06 -22.01
CA PRO C 62 11.22 6.04 -23.05
C PRO C 62 10.15 7.07 -23.37
N TYR C 63 10.54 8.34 -23.39
CA TYR C 63 9.59 9.41 -23.70
C TYR C 63 10.33 10.60 -24.32
N ARG C 64 9.92 10.97 -25.53
CA ARG C 64 10.54 12.10 -26.22
C ARG C 64 12.03 11.83 -26.43
N GLY C 65 12.39 10.56 -26.56
CA GLY C 65 13.79 10.19 -26.76
C GLY C 65 14.53 10.09 -25.43
N ASN C 66 13.87 10.53 -24.36
CA ASN C 66 14.47 10.49 -23.04
C ASN C 66 13.92 9.31 -22.24
N THR C 67 14.78 8.69 -21.44
CA THR C 67 14.36 7.55 -20.63
C THR C 67 14.10 7.97 -19.19
N TYR C 68 12.87 7.80 -18.74
CA TYR C 68 12.50 8.17 -17.38
C TYR C 68 12.34 6.92 -16.51
N ASN C 69 13.05 6.90 -15.38
CA ASN C 69 12.97 5.75 -14.47
C ASN C 69 11.87 5.99 -13.44
N ILE C 70 10.62 5.82 -13.87
CA ILE C 70 9.48 6.01 -12.97
C ILE C 70 9.48 4.96 -11.86
N PRO C 71 9.51 5.39 -10.63
CA PRO C 71 9.50 4.49 -9.45
C PRO C 71 8.11 3.96 -9.13
N ILE C 72 7.99 2.64 -8.97
CA ILE C 72 6.71 2.03 -8.66
C ILE C 72 6.83 1.10 -7.46
N CYS C 73 5.69 0.63 -6.96
CA CYS C 73 5.69 -0.27 -5.81
C CYS C 73 4.53 -1.26 -5.91
N LEU C 74 4.82 -2.45 -6.42
CA LEU C 74 3.81 -3.48 -6.58
C LEU C 74 3.66 -4.28 -5.29
N TRP C 75 2.43 -4.37 -4.79
CA TRP C 75 2.16 -5.12 -3.56
C TRP C 75 1.47 -6.44 -3.87
N LEU C 76 1.96 -7.51 -3.28
CA LEU C 76 1.37 -8.83 -3.50
C LEU C 76 0.70 -9.34 -2.23
N LEU C 77 -0.55 -9.78 -2.37
CA LEU C 77 -1.30 -10.29 -1.22
C LEU C 77 -1.08 -11.79 -1.06
N ASP C 78 -1.03 -12.25 0.18
CA ASP C 78 -0.83 -13.66 0.46
C ASP C 78 -1.21 -14.50 -0.75
N THR C 79 -2.08 -13.96 -1.58
CA THR C 79 -2.53 -14.67 -2.78
C THR C 79 -2.51 -13.75 -3.99
N TYR C 80 -1.32 -13.55 -4.55
CA TYR C 80 -1.18 -12.68 -5.72
C TYR C 80 -1.17 -13.51 -7.00
N PRO C 81 -1.25 -14.80 -6.86
CA PRO C 81 -1.25 -15.74 -8.02
C PRO C 81 -2.56 -15.71 -8.79
N TYR C 82 -3.60 -15.13 -8.18
CA TYR C 82 -4.90 -15.04 -8.82
C TYR C 82 -5.46 -13.63 -8.68
N ASN C 83 -4.89 -12.85 -7.77
CA ASN C 83 -5.34 -11.48 -7.55
C ASN C 83 -4.31 -10.48 -8.07
N PRO C 84 -4.77 -9.37 -8.57
CA PRO C 84 -3.88 -8.30 -9.11
C PRO C 84 -3.20 -7.51 -8.00
N PRO C 85 -1.91 -7.30 -8.13
CA PRO C 85 -1.11 -6.54 -7.13
C PRO C 85 -1.55 -5.09 -7.02
N ILE C 86 -1.18 -4.44 -5.92
CA ILE C 86 -1.55 -3.04 -5.71
C ILE C 86 -0.41 -2.12 -6.16
N CYS C 87 -0.49 -1.66 -7.41
CA CYS C 87 0.54 -0.79 -7.96
C CYS C 87 0.46 0.60 -7.31
N PHE C 88 1.53 1.37 -7.47
CA PHE C 88 1.57 2.72 -6.90
C PHE C 88 2.76 3.49 -7.47
N VAL C 89 2.52 4.74 -7.85
CA VAL C 89 3.57 5.58 -8.41
C VAL C 89 4.21 6.43 -7.32
N LYS C 90 5.34 5.95 -6.79
CA LYS C 90 6.04 6.67 -5.75
C LYS C 90 6.87 7.82 -6.33
N PRO C 91 6.27 8.97 -6.46
CA PRO C 91 6.96 10.17 -7.03
C PRO C 91 7.96 10.77 -6.05
N THR C 92 9.09 11.24 -6.57
CA THR C 92 10.11 11.85 -5.73
C THR C 92 9.85 13.33 -5.55
N SER C 93 10.69 13.98 -4.75
CA SER C 93 10.54 15.41 -4.49
C SER C 93 10.70 16.21 -5.78
N SER C 94 11.23 15.56 -6.80
CA SER C 94 11.44 16.22 -8.09
C SER C 94 10.48 15.64 -9.14
N MET C 95 9.39 15.04 -8.68
CA MET C 95 8.42 14.46 -9.60
C MET C 95 7.01 14.89 -9.21
N THR C 96 6.18 15.14 -10.23
CA THR C 96 4.80 15.57 -9.98
C THR C 96 3.83 14.65 -10.71
N ILE C 97 2.99 13.96 -9.95
CA ILE C 97 2.01 13.06 -10.53
C ILE C 97 1.08 13.80 -11.47
N LYS C 98 0.96 13.31 -12.70
CA LYS C 98 0.10 13.95 -13.69
C LYS C 98 -1.19 13.15 -13.86
N THR C 99 -1.95 13.02 -12.77
CA THR C 99 -3.20 12.28 -12.81
C THR C 99 -3.71 12.16 -14.24
N GLY C 100 -4.16 10.96 -14.59
CA GLY C 100 -4.69 10.72 -15.93
C GLY C 100 -5.74 9.61 -15.92
N LYS C 101 -5.57 8.62 -16.79
CA LYS C 101 -6.51 7.52 -16.87
C LYS C 101 -5.94 6.28 -16.20
N HIS C 102 -4.63 6.29 -15.96
CA HIS C 102 -3.97 5.16 -15.32
C HIS C 102 -3.26 5.60 -14.04
N VAL C 103 -3.58 6.81 -13.59
CA VAL C 103 -2.96 7.35 -12.38
C VAL C 103 -3.83 8.47 -11.80
N ASP C 104 -4.02 8.43 -10.48
CA ASP C 104 -4.83 9.44 -9.81
C ASP C 104 -3.94 10.42 -9.05
N ALA C 105 -4.47 10.98 -7.96
CA ALA C 105 -3.71 11.92 -7.16
C ALA C 105 -2.91 11.20 -6.08
N ASN C 106 -3.35 9.98 -5.74
CA ASN C 106 -2.67 9.20 -4.72
C ASN C 106 -1.51 8.42 -5.33
N GLY C 107 -1.56 8.21 -6.64
CA GLY C 107 -0.51 7.48 -7.34
C GLY C 107 -1.04 6.15 -7.87
N LYS C 108 -2.14 5.69 -7.31
CA LYS C 108 -2.74 4.43 -7.75
C LYS C 108 -2.70 4.30 -9.26
N ILE C 109 -2.39 3.10 -9.75
CA ILE C 109 -2.31 2.87 -11.18
C ILE C 109 -3.56 2.12 -11.66
N TYR C 110 -4.07 2.53 -12.82
CA TYR C 110 -5.25 1.89 -13.39
C TYR C 110 -4.98 1.40 -14.80
N LEU C 111 -5.01 0.08 -14.98
CA LEU C 111 -4.76 -0.51 -16.29
C LEU C 111 -5.64 -1.74 -16.49
N PRO C 112 -6.17 -1.90 -17.67
CA PRO C 112 -7.06 -3.04 -18.02
C PRO C 112 -6.47 -4.38 -17.58
N TYR C 113 -5.14 -4.43 -17.49
CA TYR C 113 -4.47 -5.66 -17.08
C TYR C 113 -4.85 -6.04 -15.67
N LEU C 114 -5.12 -5.03 -14.83
CA LEU C 114 -5.51 -5.27 -13.45
C LEU C 114 -6.98 -5.60 -13.36
N HIS C 115 -7.80 -4.87 -14.11
CA HIS C 115 -9.24 -5.09 -14.10
C HIS C 115 -9.57 -6.51 -14.56
N GLU C 116 -8.82 -7.00 -15.55
CA GLU C 116 -9.03 -8.34 -16.07
C GLU C 116 -7.86 -9.25 -15.72
N TRP C 117 -7.64 -9.46 -14.43
CA TRP C 117 -6.55 -10.31 -13.98
C TRP C 117 -7.04 -11.73 -13.72
N LYS C 118 -6.24 -12.71 -14.13
CA LYS C 118 -6.61 -14.11 -13.95
C LYS C 118 -5.53 -14.86 -13.18
N HIS C 119 -4.41 -15.14 -13.86
CA HIS C 119 -3.30 -15.84 -13.22
C HIS C 119 -2.67 -16.83 -14.20
N PRO C 120 -3.48 -17.44 -15.03
CA PRO C 120 -3.00 -18.42 -16.03
C PRO C 120 -2.27 -17.75 -17.19
N GLN C 121 -2.63 -16.50 -17.46
CA GLN C 121 -2.00 -15.75 -18.54
C GLN C 121 -1.48 -14.41 -18.04
N SER C 122 -2.04 -13.96 -16.92
CA SER C 122 -1.62 -12.68 -16.33
C SER C 122 -0.49 -12.90 -15.32
N ASP C 123 0.55 -12.08 -15.42
CA ASP C 123 1.68 -12.19 -14.51
C ASP C 123 2.34 -10.82 -14.31
N LEU C 124 3.30 -10.77 -13.39
CA LEU C 124 4.00 -9.52 -13.12
C LEU C 124 4.68 -9.00 -14.37
N LEU C 125 5.52 -9.84 -14.97
CA LEU C 125 6.23 -9.45 -16.18
C LEU C 125 5.28 -8.79 -17.18
N GLY C 126 4.17 -9.47 -17.47
CA GLY C 126 3.19 -8.93 -18.41
C GLY C 126 2.62 -7.61 -17.91
N LEU C 127 2.43 -7.51 -16.60
CA LEU C 127 1.88 -6.31 -16.00
C LEU C 127 2.86 -5.14 -16.14
N ILE C 128 4.15 -5.43 -15.92
CA ILE C 128 5.17 -4.40 -16.02
C ILE C 128 5.32 -3.93 -17.46
N GLN C 129 5.40 -4.88 -18.39
CA GLN C 129 5.55 -4.55 -19.79
C GLN C 129 4.40 -3.65 -20.25
N VAL C 130 3.20 -3.96 -19.80
CA VAL C 130 2.02 -3.18 -20.18
C VAL C 130 2.09 -1.79 -19.55
N MET C 131 2.72 -1.69 -18.39
CA MET C 131 2.84 -0.41 -17.70
C MET C 131 3.80 0.51 -18.45
N ILE C 132 4.82 -0.07 -19.07
CA ILE C 132 5.79 0.70 -19.83
C ILE C 132 5.18 1.20 -21.13
N VAL C 133 4.29 0.40 -21.71
CA VAL C 133 3.64 0.78 -22.96
C VAL C 133 2.66 1.92 -22.74
N VAL C 134 1.86 1.81 -21.69
CA VAL C 134 0.88 2.85 -21.38
C VAL C 134 1.58 4.13 -20.92
N PHE C 135 2.52 3.97 -19.99
CA PHE C 135 3.25 5.12 -19.48
C PHE C 135 4.02 5.81 -20.59
N GLY C 136 4.41 5.04 -21.60
CA GLY C 136 5.15 5.59 -22.73
C GLY C 136 4.30 6.59 -23.51
N ASP C 137 3.02 6.26 -23.67
CA ASP C 137 2.11 7.14 -24.40
C ASP C 137 1.50 8.17 -23.46
N GLU C 138 1.40 7.81 -22.18
CA GLU C 138 0.82 8.72 -21.18
C GLU C 138 1.71 8.77 -19.94
N PRO C 139 2.55 9.76 -19.84
CA PRO C 139 3.47 9.93 -18.68
C PRO C 139 2.72 10.29 -17.40
N PRO C 140 2.79 9.43 -16.41
CA PRO C 140 2.11 9.66 -15.11
C PRO C 140 2.81 10.73 -14.27
N VAL C 141 4.01 11.10 -14.69
CA VAL C 141 4.77 12.13 -13.97
C VAL C 141 5.53 13.01 -14.95
N PHE C 142 6.04 14.14 -14.44
CA PHE C 142 6.79 15.06 -15.28
C PHE C 142 7.66 15.97 -14.42
N SER C 143 8.97 15.83 -14.56
CA SER C 143 9.91 16.64 -13.80
C SER C 143 9.22 17.89 -13.25
N MET A 1 -1.98 23.58 -1.63
CA MET A 1 -2.75 22.59 -2.43
C MET A 1 -3.95 22.10 -1.62
N GLN A 2 -4.85 21.37 -2.30
CA GLN A 2 -6.04 20.86 -1.62
C GLN A 2 -5.96 19.33 -1.52
N ILE A 3 -6.43 18.80 -0.39
CA ILE A 3 -6.41 17.36 -0.18
C ILE A 3 -7.77 16.87 0.30
N PHE A 4 -7.97 15.55 0.28
CA PHE A 4 -9.23 14.98 0.73
C PHE A 4 -8.98 13.95 1.84
N VAL A 5 -9.95 13.81 2.74
CA VAL A 5 -9.83 12.86 3.84
C VAL A 5 -11.13 12.09 4.03
N LYS A 6 -11.09 10.79 3.78
CA LYS A 6 -12.26 9.94 3.93
C LYS A 6 -12.31 9.33 5.32
N THR A 7 -13.51 9.07 5.81
CA THR A 7 -13.68 8.49 7.13
C THR A 7 -14.16 7.05 7.03
N LEU A 8 -14.49 6.44 8.17
CA LEU A 8 -14.96 5.07 8.19
C LEU A 8 -16.47 5.02 8.01
N THR A 9 -17.11 6.18 8.08
CA THR A 9 -18.56 6.26 7.93
C THR A 9 -18.93 6.60 6.49
N GLY A 10 -17.97 7.16 5.76
CA GLY A 10 -18.21 7.53 4.37
C GLY A 10 -18.38 9.04 4.23
N LYS A 11 -17.46 9.79 4.83
CA LYS A 11 -17.52 11.25 4.77
C LYS A 11 -16.19 11.81 4.27
N THR A 12 -16.26 12.66 3.26
CA THR A 12 -15.06 13.26 2.70
C THR A 12 -14.92 14.72 3.15
N ILE A 13 -13.71 15.08 3.58
CA ILE A 13 -13.47 16.44 4.04
C ILE A 13 -12.33 17.07 3.23
N THR A 14 -12.48 18.35 2.90
CA THR A 14 -11.46 19.05 2.12
C THR A 14 -10.65 19.98 3.02
N LEU A 15 -9.33 19.96 2.84
CA LEU A 15 -8.44 20.80 3.64
C LEU A 15 -7.38 21.44 2.75
N GLU A 16 -6.91 22.62 3.15
CA GLU A 16 -5.89 23.32 2.38
C GLU A 16 -4.59 23.40 3.16
N VAL A 17 -3.66 22.50 2.86
CA VAL A 17 -2.37 22.48 3.54
C VAL A 17 -1.25 22.80 2.56
N GLU A 18 -0.02 22.75 3.05
CA GLU A 18 1.14 23.04 2.20
C GLU A 18 2.17 21.92 2.29
N PRO A 19 2.89 21.69 1.23
CA PRO A 19 3.94 20.63 1.18
C PRO A 19 4.88 20.68 2.37
N SER A 20 4.90 21.82 3.05
CA SER A 20 5.77 21.99 4.21
C SER A 20 4.96 21.87 5.50
N ASP A 21 3.77 21.29 5.40
CA ASP A 21 2.92 21.11 6.56
C ASP A 21 3.19 19.76 7.23
N THR A 22 3.31 19.78 8.55
CA THR A 22 3.57 18.55 9.30
C THR A 22 2.27 17.78 9.53
N ILE A 23 2.40 16.48 9.80
CA ILE A 23 1.24 15.64 10.04
C ILE A 23 0.45 16.14 11.24
N GLU A 24 1.17 16.48 12.32
CA GLU A 24 0.53 16.97 13.52
C GLU A 24 -0.37 18.16 13.21
N ASN A 25 0.09 19.03 12.32
CA ASN A 25 -0.67 20.20 11.93
C ASN A 25 -1.96 19.81 11.23
N VAL A 26 -1.87 18.79 10.37
CA VAL A 26 -3.04 18.31 9.65
C VAL A 26 -4.10 17.78 10.61
N LYS A 27 -3.65 17.12 11.67
CA LYS A 27 -4.57 16.58 12.67
C LYS A 27 -5.34 17.70 13.35
N ALA A 28 -4.66 18.80 13.62
CA ALA A 28 -5.29 19.94 14.28
C ALA A 28 -6.40 20.52 13.41
N LYS A 29 -6.13 20.61 12.11
CA LYS A 29 -7.11 21.14 11.18
C LYS A 29 -8.39 20.30 11.20
N ILE A 30 -8.22 18.99 11.33
CA ILE A 30 -9.35 18.08 11.36
C ILE A 30 -10.09 18.18 12.70
N GLN A 31 -9.36 18.56 13.74
CA GLN A 31 -9.94 18.69 15.07
C GLN A 31 -10.78 19.96 15.16
N ASP A 32 -10.52 20.90 14.25
CA ASP A 32 -11.25 22.17 14.24
C ASP A 32 -12.45 22.07 13.31
N LYS A 33 -12.45 21.06 12.45
CA LYS A 33 -13.55 20.86 11.50
C LYS A 33 -14.54 19.83 12.04
N GLU A 34 -14.01 18.76 12.62
CA GLU A 34 -14.85 17.70 13.17
C GLU A 34 -14.80 17.71 14.69
N GLY A 35 -13.63 18.04 15.24
CA GLY A 35 -13.46 18.06 16.69
C GLY A 35 -12.94 16.74 17.21
N ILE A 36 -12.11 16.07 16.41
CA ILE A 36 -11.55 14.79 16.80
C ILE A 36 -10.14 14.97 17.36
N PRO A 37 -9.96 14.69 18.62
CA PRO A 37 -8.64 14.81 19.31
C PRO A 37 -7.52 14.13 18.53
N PRO A 38 -6.45 14.82 18.28
CA PRO A 38 -5.28 14.28 17.53
C PRO A 38 -4.82 12.93 18.09
N ASP A 39 -4.91 12.78 19.39
CA ASP A 39 -4.50 11.53 20.04
C ASP A 39 -5.46 10.40 19.69
N GLN A 40 -6.58 10.75 19.04
CA GLN A 40 -7.56 9.76 18.64
C GLN A 40 -7.79 9.80 17.14
N GLN A 41 -6.72 10.05 16.39
CA GLN A 41 -6.81 10.12 14.94
C GLN A 41 -5.64 9.37 14.30
N ARG A 42 -5.94 8.52 13.32
CA ARG A 42 -4.91 7.75 12.63
C ARG A 42 -4.97 7.99 11.13
N LEU A 43 -3.97 8.69 10.60
CA LEU A 43 -3.92 8.98 9.18
C LEU A 43 -3.17 7.87 8.44
N ILE A 44 -3.63 7.55 7.23
CA ILE A 44 -3.00 6.51 6.43
C ILE A 44 -2.95 6.92 4.97
N PHE A 45 -1.79 6.74 4.34
CA PHE A 45 -1.63 7.08 2.93
C PHE A 45 -0.91 5.97 2.18
N ALA A 46 -1.56 5.44 1.17
CA ALA A 46 -0.97 4.36 0.37
C ALA A 46 -0.71 3.14 1.25
N GLY A 47 -1.53 2.98 2.29
CA GLY A 47 -1.37 1.85 3.20
C GLY A 47 -0.23 2.09 4.18
N LYS A 48 0.17 3.35 4.32
CA LYS A 48 1.25 3.71 5.23
C LYS A 48 0.76 4.69 6.28
N GLN A 49 1.13 4.45 7.54
CA GLN A 49 0.73 5.32 8.64
C GLN A 49 1.67 6.52 8.73
N LEU A 50 1.09 7.71 8.54
CA LEU A 50 1.89 8.94 8.61
C LEU A 50 2.24 9.27 10.05
N GLU A 51 3.42 9.84 10.25
CA GLU A 51 3.88 10.21 11.59
C GLU A 51 3.61 11.69 11.86
N ASP A 52 3.57 12.05 13.14
CA ASP A 52 3.33 13.44 13.52
C ASP A 52 4.63 14.24 13.48
N GLY A 53 5.74 13.55 13.22
CA GLY A 53 7.03 14.21 13.15
C GLY A 53 7.49 14.37 11.70
N ARG A 54 6.64 13.96 10.77
CA ARG A 54 6.96 14.06 9.35
C ARG A 54 6.04 15.06 8.66
N THR A 55 6.41 15.47 7.46
CA THR A 55 5.60 16.43 6.70
C THR A 55 4.84 15.71 5.58
N LEU A 56 4.14 16.48 4.76
CA LEU A 56 3.39 15.91 3.66
C LEU A 56 4.31 15.56 2.48
N SER A 57 5.27 16.45 2.22
CA SER A 57 6.21 16.23 1.13
C SER A 57 7.07 15.01 1.40
N ASP A 58 7.21 14.66 2.68
CA ASP A 58 8.01 13.50 3.06
C ASP A 58 7.36 12.21 2.57
N TYR A 59 6.05 12.25 2.39
CA TYR A 59 5.31 11.08 1.93
C TYR A 59 5.01 11.20 0.44
N ASN A 60 5.44 12.30 -0.17
CA ASN A 60 5.21 12.52 -1.59
C ASN A 60 3.72 12.73 -1.87
N ILE A 61 3.06 13.43 -0.97
CA ILE A 61 1.62 13.69 -1.13
C ILE A 61 1.39 14.89 -2.03
N GLN A 62 0.82 14.64 -3.21
CA GLN A 62 0.55 15.71 -4.16
C GLN A 62 -0.84 16.30 -3.91
N ARG A 63 -1.32 17.08 -4.87
CA ARG A 63 -2.63 17.70 -4.74
C ARG A 63 -3.73 16.70 -5.12
N GLU A 64 -4.95 17.00 -4.70
CA GLU A 64 -6.08 16.12 -4.99
C GLU A 64 -5.83 14.72 -4.43
N SER A 65 -4.98 14.65 -3.41
CA SER A 65 -4.66 13.37 -2.80
C SER A 65 -5.73 12.98 -1.79
N THR A 66 -5.92 11.68 -1.60
CA THR A 66 -6.93 11.19 -0.66
C THR A 66 -6.26 10.48 0.51
N LEU A 67 -6.66 10.84 1.72
CA LEU A 67 -6.10 10.22 2.92
C LEU A 67 -7.18 9.50 3.71
N HIS A 68 -6.77 8.51 4.50
CA HIS A 68 -7.72 7.75 5.31
C HIS A 68 -7.56 8.09 6.79
N LEU A 69 -8.67 8.28 7.47
CA LEU A 69 -8.65 8.61 8.89
C LEU A 69 -9.22 7.47 9.72
N VAL A 70 -8.48 7.04 10.74
CA VAL A 70 -8.93 5.96 11.60
C VAL A 70 -8.97 6.41 13.06
N LEU A 71 -10.08 6.12 13.73
CA LEU A 71 -10.22 6.50 15.14
C LEU A 71 -9.75 5.38 16.05
N ARG A 72 -9.12 5.75 17.16
CA ARG A 72 -8.61 4.77 18.10
C ARG A 72 -9.54 4.67 19.31
N LEU A 73 -9.49 3.53 20.00
CA LEU A 73 -10.32 3.32 21.18
C LEU A 73 -11.81 3.24 20.81
N ARG A 74 -12.17 2.20 20.06
CA ARG A 74 -13.56 2.02 19.66
C ARG A 74 -13.83 0.56 19.32
N GLY A 75 -14.98 0.07 19.77
CA GLY A 75 -15.36 -1.33 19.51
C GLY A 75 -16.73 -1.65 20.11
N GLY A 76 -17.15 -2.89 19.96
CA GLY A 76 -18.44 -3.31 20.49
C GLY A 76 -18.44 -4.79 20.87
N MET B 1 -23.05 -11.61 15.58
CA MET B 1 -22.10 -10.47 15.55
C MET B 1 -22.14 -9.82 14.17
N GLN B 2 -21.51 -8.65 14.04
CA GLN B 2 -21.48 -7.95 12.77
C GLN B 2 -20.06 -7.94 12.20
N ILE B 3 -19.95 -8.10 10.88
CA ILE B 3 -18.65 -8.10 10.22
C ILE B 3 -18.65 -7.16 9.03
N PHE B 4 -17.45 -6.88 8.51
CA PHE B 4 -17.32 -5.99 7.36
C PHE B 4 -16.58 -6.68 6.23
N VAL B 5 -16.91 -6.32 5.00
CA VAL B 5 -16.26 -6.92 3.83
C VAL B 5 -15.90 -5.85 2.80
N LYS B 6 -14.60 -5.66 2.59
CA LYS B 6 -14.14 -4.66 1.63
C LYS B 6 -13.92 -5.30 0.26
N THR B 7 -14.09 -4.51 -0.79
CA THR B 7 -13.91 -5.01 -2.15
C THR B 7 -12.65 -4.43 -2.77
N LEU B 8 -12.45 -4.70 -4.05
CA LEU B 8 -11.27 -4.20 -4.76
C LEU B 8 -11.55 -2.82 -5.34
N THR B 9 -12.81 -2.40 -5.30
CA THR B 9 -13.20 -1.10 -5.83
C THR B 9 -13.25 -0.06 -4.71
N GLY B 10 -13.36 -0.54 -3.48
CA GLY B 10 -13.42 0.36 -2.32
C GLY B 10 -14.84 0.45 -1.78
N LYS B 11 -15.47 -0.70 -1.61
CA LYS B 11 -16.83 -0.74 -1.09
C LYS B 11 -16.91 -1.65 0.13
N THR B 12 -17.46 -1.13 1.23
CA THR B 12 -17.58 -1.91 2.45
C THR B 12 -19.03 -2.37 2.64
N ILE B 13 -19.19 -3.66 2.94
CA ILE B 13 -20.52 -4.23 3.15
C ILE B 13 -20.64 -4.80 4.56
N THR B 14 -21.79 -4.60 5.18
CA THR B 14 -22.02 -5.10 6.54
C THR B 14 -22.94 -6.31 6.51
N LEU B 15 -22.54 -7.35 7.24
CA LEU B 15 -23.34 -8.58 7.31
C LEU B 15 -23.45 -9.06 8.75
N GLU B 16 -24.51 -9.81 9.03
CA GLU B 16 -24.72 -10.33 10.39
C GLU B 16 -24.69 -11.86 10.38
N VAL B 17 -23.55 -12.41 10.77
CA VAL B 17 -23.41 -13.87 10.81
C VAL B 17 -23.20 -14.34 12.24
N GLU B 18 -22.96 -15.65 12.40
CA GLU B 18 -22.75 -16.21 13.73
C GLU B 18 -21.47 -17.04 13.76
N PRO B 19 -20.82 -17.09 14.89
CA PRO B 19 -19.56 -17.86 15.06
C PRO B 19 -19.68 -19.30 14.55
N SER B 20 -20.92 -19.75 14.39
CA SER B 20 -21.16 -21.11 13.91
C SER B 20 -21.55 -21.09 12.43
N ASP B 21 -21.27 -19.98 11.76
CA ASP B 21 -21.61 -19.84 10.35
C ASP B 21 -20.44 -20.31 9.48
N THR B 22 -20.76 -21.10 8.45
CA THR B 22 -19.73 -21.61 7.55
C THR B 22 -19.37 -20.57 6.50
N ILE B 23 -18.19 -20.63 5.89
CA ILE B 23 -17.91 -19.57 4.92
C ILE B 23 -18.80 -19.73 3.70
N GLU B 24 -19.12 -20.97 3.28
CA GLU B 24 -20.04 -21.09 2.14
C GLU B 24 -21.29 -20.26 2.39
N ASN B 25 -21.77 -20.26 3.63
CA ASN B 25 -22.97 -19.51 3.98
C ASN B 25 -22.72 -18.01 3.82
N VAL B 26 -21.53 -17.56 4.20
CA VAL B 26 -21.19 -16.15 4.10
C VAL B 26 -21.19 -15.71 2.64
N LYS B 27 -20.72 -16.59 1.76
CA LYS B 27 -20.68 -16.28 0.34
C LYS B 27 -22.10 -16.07 -0.21
N ALA B 28 -23.03 -16.89 0.26
CA ALA B 28 -24.41 -16.78 -0.18
C ALA B 28 -25.00 -15.43 0.21
N LYS B 29 -24.70 -14.99 1.42
CA LYS B 29 -25.21 -13.71 1.89
C LYS B 29 -24.73 -12.57 1.01
N ILE B 30 -23.49 -12.68 0.53
CA ILE B 30 -22.92 -11.65 -0.34
C ILE B 30 -23.53 -11.74 -1.73
N GLN B 31 -23.96 -12.93 -2.11
CA GLN B 31 -24.56 -13.13 -3.43
C GLN B 31 -25.98 -12.57 -3.46
N ASP B 32 -26.57 -12.39 -2.28
CA ASP B 32 -27.93 -11.86 -2.19
C ASP B 32 -27.90 -10.35 -2.03
N LYS B 33 -26.73 -9.82 -1.66
CA LYS B 33 -26.58 -8.39 -1.47
C LYS B 33 -25.98 -7.74 -2.72
N GLU B 34 -24.99 -8.41 -3.31
CA GLU B 34 -24.35 -7.90 -4.50
C GLU B 34 -24.72 -8.73 -5.72
N GLY B 35 -24.88 -10.04 -5.52
CA GLY B 35 -25.23 -10.93 -6.61
C GLY B 35 -23.98 -11.54 -7.24
N ILE B 36 -22.97 -11.78 -6.42
CA ILE B 36 -21.72 -12.35 -6.91
C ILE B 36 -21.69 -13.86 -6.65
N PRO B 37 -21.70 -14.64 -7.69
CA PRO B 37 -21.67 -16.13 -7.58
C PRO B 37 -20.56 -16.62 -6.67
N PRO B 38 -20.90 -17.46 -5.73
CA PRO B 38 -19.92 -18.02 -4.75
C PRO B 38 -18.68 -18.60 -5.44
N ASP B 39 -18.89 -19.19 -6.62
CA ASP B 39 -17.78 -19.77 -7.36
C ASP B 39 -16.86 -18.67 -7.90
N GLN B 40 -17.29 -17.43 -7.78
CA GLN B 40 -16.51 -16.30 -8.26
C GLN B 40 -16.22 -15.33 -7.12
N GLN B 41 -16.02 -15.87 -5.92
CA GLN B 41 -15.73 -15.04 -4.76
C GLN B 41 -14.59 -15.65 -3.94
N ARG B 42 -13.63 -14.81 -3.57
CA ARG B 42 -12.49 -15.27 -2.78
C ARG B 42 -12.34 -14.45 -1.51
N LEU B 43 -12.62 -15.09 -0.37
CA LEU B 43 -12.52 -14.41 0.92
C LEU B 43 -11.13 -14.57 1.50
N ILE B 44 -10.64 -13.52 2.16
CA ILE B 44 -9.31 -13.57 2.76
C ILE B 44 -9.32 -12.88 4.11
N PHE B 45 -8.70 -13.53 5.10
CA PHE B 45 -8.64 -12.97 6.45
C PHE B 45 -7.23 -13.10 7.02
N ALA B 46 -6.63 -11.96 7.37
CA ALA B 46 -5.28 -11.97 7.92
C ALA B 46 -4.30 -12.55 6.91
N GLY B 47 -4.60 -12.39 5.63
CA GLY B 47 -3.73 -12.91 4.59
C GLY B 47 -3.93 -14.40 4.40
N LYS B 48 -5.05 -14.91 4.89
CA LYS B 48 -5.35 -16.33 4.77
C LYS B 48 -6.66 -16.55 4.02
N GLN B 49 -6.65 -17.50 3.09
CA GLN B 49 -7.83 -17.79 2.30
C GLN B 49 -8.77 -18.73 3.06
N LEU B 50 -9.97 -18.25 3.35
CA LEU B 50 -10.95 -19.05 4.08
C LEU B 50 -11.54 -20.14 3.18
N GLU B 51 -11.84 -21.29 3.76
CA GLU B 51 -12.41 -22.39 3.01
C GLU B 51 -13.92 -22.44 3.16
N ASP B 52 -14.60 -23.08 2.23
CA ASP B 52 -16.05 -23.20 2.27
C ASP B 52 -16.48 -24.34 3.18
N GLY B 53 -15.49 -25.09 3.68
CA GLY B 53 -15.78 -26.21 4.56
C GLY B 53 -15.46 -25.86 6.01
N ARG B 54 -15.05 -24.62 6.23
CA ARG B 54 -14.72 -24.17 7.58
C ARG B 54 -15.70 -23.10 8.04
N THR B 55 -15.70 -22.83 9.35
CA THR B 55 -16.59 -21.82 9.91
C THR B 55 -15.83 -20.53 10.22
N LEU B 56 -16.52 -19.58 10.83
CA LEU B 56 -15.89 -18.31 11.19
C LEU B 56 -15.05 -18.47 12.45
N SER B 57 -15.59 -19.21 13.42
CA SER B 57 -14.88 -19.43 14.68
C SER B 57 -13.58 -20.20 14.44
N ASP B 58 -13.55 -20.96 13.35
CA ASP B 58 -12.36 -21.74 13.03
C ASP B 58 -11.19 -20.82 12.68
N TYR B 59 -11.51 -19.62 12.22
CA TYR B 59 -10.47 -18.65 11.87
C TYR B 59 -10.30 -17.62 12.97
N ASN B 60 -11.06 -17.78 14.06
CA ASN B 60 -10.98 -16.85 15.18
C ASN B 60 -11.44 -15.47 14.75
N ILE B 61 -12.53 -15.41 13.99
CA ILE B 61 -13.06 -14.13 13.53
C ILE B 61 -14.04 -13.55 14.55
N GLN B 62 -13.68 -12.41 15.14
CA GLN B 62 -14.55 -11.77 16.11
C GLN B 62 -15.46 -10.76 15.45
N LYS B 63 -16.19 -10.00 16.25
CA LYS B 63 -17.10 -8.99 15.71
C LYS B 63 -16.34 -7.75 15.28
N GLU B 64 -16.91 -7.00 14.35
CA GLU B 64 -16.26 -5.79 13.86
C GLU B 64 -15.04 -6.14 13.03
N SER B 65 -14.92 -7.40 12.65
CA SER B 65 -13.79 -7.86 11.85
C SER B 65 -13.95 -7.43 10.40
N THR B 66 -12.83 -7.32 9.68
CA THR B 66 -12.87 -6.91 8.28
C THR B 66 -12.33 -8.03 7.40
N LEU B 67 -13.08 -8.36 6.35
CA LEU B 67 -12.66 -9.41 5.43
C LEU B 67 -12.45 -8.84 4.03
N HIS B 68 -11.61 -9.52 3.24
CA HIS B 68 -11.34 -9.07 1.88
C HIS B 68 -11.98 -10.01 0.87
N LEU B 69 -12.60 -9.42 -0.15
CA LEU B 69 -13.25 -10.22 -1.19
C LEU B 69 -12.52 -10.06 -2.53
N VAL B 70 -12.22 -11.19 -3.16
CA VAL B 70 -11.52 -11.18 -4.43
C VAL B 70 -12.31 -11.93 -5.49
N LEU B 71 -12.46 -11.33 -6.66
CA LEU B 71 -13.20 -11.95 -7.75
C LEU B 71 -12.26 -12.76 -8.65
N ARG B 72 -12.76 -13.89 -9.15
CA ARG B 72 -11.95 -14.73 -10.02
C ARG B 72 -12.45 -14.65 -11.47
N LEU B 73 -11.64 -15.11 -12.41
CA LEU B 73 -12.04 -15.10 -13.80
C LEU B 73 -11.75 -16.45 -14.44
N ARG B 74 -12.79 -17.22 -14.69
CA ARG B 74 -12.61 -18.54 -15.30
C ARG B 74 -12.91 -18.46 -16.79
N GLY B 75 -11.86 -18.54 -17.60
CA GLY B 75 -12.00 -18.48 -19.05
C GLY B 75 -11.92 -19.88 -19.67
N GLY B 76 -11.83 -20.91 -18.83
CA GLY B 76 -11.73 -22.28 -19.33
C GLY B 76 -10.49 -22.44 -20.20
N ASP B 77 -10.68 -23.02 -21.38
CA ASP B 77 -9.57 -23.22 -22.30
C ASP B 77 -9.56 -22.15 -23.38
N VAL C 3 17.63 -9.82 -3.40
CA VAL C 3 18.77 -10.58 -3.98
C VAL C 3 18.72 -12.03 -3.50
N SER C 4 19.35 -12.92 -4.25
CA SER C 4 19.37 -14.34 -3.89
C SER C 4 17.97 -14.93 -4.00
N GLU C 5 17.89 -16.17 -4.47
CA GLU C 5 16.61 -16.85 -4.62
C GLU C 5 16.15 -17.42 -3.29
N SER C 6 17.10 -17.79 -2.44
CA SER C 6 16.78 -18.36 -1.14
C SER C 6 16.09 -17.32 -0.26
N GLN C 7 16.69 -16.13 -0.19
CA GLN C 7 16.13 -15.06 0.63
C GLN C 7 14.73 -14.69 0.13
N LEU C 8 14.50 -14.87 -1.16
CA LEU C 8 13.20 -14.56 -1.75
C LEU C 8 12.14 -15.55 -1.29
N LYS C 9 12.54 -16.81 -1.18
CA LYS C 9 11.62 -17.86 -0.75
C LYS C 9 11.40 -17.78 0.77
N LYS C 10 12.09 -16.86 1.42
CA LYS C 10 11.97 -16.70 2.86
C LYS C 10 10.97 -15.58 3.19
N MET C 11 11.00 -14.51 2.39
CA MET C 11 10.10 -13.39 2.61
C MET C 11 8.68 -13.75 2.21
N VAL C 12 8.56 -14.78 1.38
CA VAL C 12 7.24 -15.23 0.92
C VAL C 12 6.95 -16.64 1.42
N SER C 13 7.27 -16.88 2.70
CA SER C 13 7.04 -18.19 3.30
C SER C 13 5.60 -18.29 3.81
N LYS C 14 4.96 -17.14 3.99
CA LYS C 14 3.59 -17.12 4.48
C LYS C 14 2.61 -16.91 3.31
N TYR C 15 3.06 -17.23 2.11
CA TYR C 15 2.22 -17.07 0.93
C TYR C 15 1.62 -18.42 0.52
N LYS C 16 0.30 -18.44 0.34
CA LYS C 16 -0.38 -19.66 -0.04
C LYS C 16 0.28 -20.28 -1.28
N TYR C 17 0.69 -19.43 -2.20
CA TYR C 17 1.33 -19.89 -3.43
C TYR C 17 2.76 -19.34 -3.54
N ARG C 18 3.65 -19.87 -2.72
CA ARG C 18 5.04 -19.42 -2.74
C ARG C 18 5.66 -19.64 -4.12
N ASP C 19 5.98 -20.89 -4.42
CA ASP C 19 6.58 -21.22 -5.71
C ASP C 19 6.14 -20.21 -6.77
N LEU C 20 4.91 -20.36 -7.26
CA LEU C 20 4.39 -19.45 -8.27
C LEU C 20 4.94 -18.05 -8.08
N THR C 21 4.54 -17.41 -6.98
CA THR C 21 5.00 -16.06 -6.68
C THR C 21 6.50 -15.93 -6.96
N VAL C 22 7.30 -16.73 -6.26
CA VAL C 22 8.74 -16.70 -6.44
C VAL C 22 9.10 -16.68 -7.92
N ARG C 23 8.85 -17.80 -8.60
CA ARG C 23 9.15 -17.90 -10.02
C ARG C 23 8.82 -16.59 -10.73
N GLU C 24 7.56 -16.18 -10.65
CA GLU C 24 7.13 -14.94 -11.29
C GLU C 24 8.07 -13.81 -10.92
N THR C 25 8.31 -13.64 -9.62
CA THR C 25 9.19 -12.57 -9.14
C THR C 25 10.57 -12.69 -9.80
N VAL C 26 11.13 -13.89 -9.78
CA VAL C 26 12.44 -14.12 -10.38
C VAL C 26 12.43 -13.74 -11.86
N ASN C 27 11.32 -14.00 -12.52
CA ASN C 27 11.19 -13.68 -13.93
C ASN C 27 11.09 -12.17 -14.14
N VAL C 28 10.71 -11.46 -13.08
CA VAL C 28 10.58 -10.01 -13.16
C VAL C 28 11.92 -9.33 -12.95
N ILE C 29 12.43 -9.41 -11.72
CA ILE C 29 13.71 -8.81 -11.39
C ILE C 29 14.78 -9.21 -12.40
N THR C 30 14.56 -10.34 -13.06
CA THR C 30 15.52 -10.84 -14.06
C THR C 30 15.64 -9.85 -15.21
N LEU C 31 14.51 -9.41 -15.74
CA LEU C 31 14.51 -8.47 -16.86
C LEU C 31 14.70 -7.05 -16.34
N TYR C 32 14.10 -6.74 -15.20
CA TYR C 32 14.21 -5.41 -14.62
C TYR C 32 15.02 -5.46 -13.32
N LYS C 33 16.33 -5.33 -13.44
CA LYS C 33 17.21 -5.35 -12.27
C LYS C 33 16.94 -4.14 -11.38
N ASP C 34 16.28 -3.13 -11.94
CA ASP C 34 15.96 -1.93 -11.19
C ASP C 34 14.85 -2.20 -10.17
N LEU C 35 14.37 -3.44 -10.16
CA LEU C 35 13.31 -3.81 -9.23
C LEU C 35 13.81 -4.86 -8.24
N LYS C 36 13.57 -4.61 -6.95
CA LYS C 36 14.01 -5.54 -5.92
C LYS C 36 12.87 -5.82 -4.93
N PRO C 37 12.72 -7.05 -4.54
CA PRO C 37 11.66 -7.47 -3.58
C PRO C 37 11.96 -7.02 -2.16
N VAL C 38 10.90 -6.70 -1.41
CA VAL C 38 11.07 -6.25 -0.02
C VAL C 38 9.86 -6.65 0.81
N LEU C 39 10.10 -6.99 2.08
CA LEU C 39 9.02 -7.39 2.97
C LEU C 39 8.69 -6.26 3.94
N ASP C 40 7.48 -5.72 3.80
CA ASP C 40 7.05 -4.63 4.67
C ASP C 40 5.57 -4.81 5.05
N SER C 41 5.15 -4.08 6.08
CA SER C 41 3.76 -4.17 6.54
C SER C 41 2.88 -3.19 5.76
N TYR C 42 1.77 -3.70 5.24
CA TYR C 42 0.85 -2.87 4.47
C TYR C 42 -0.42 -2.60 5.28
N VAL C 43 -0.54 -1.38 5.81
CA VAL C 43 -1.71 -1.02 6.60
C VAL C 43 -2.82 -0.50 5.68
N PHE C 44 -3.86 -1.31 5.51
CA PHE C 44 -4.98 -0.93 4.66
C PHE C 44 -5.65 0.33 5.19
N ASN C 45 -6.64 0.83 4.46
CA ASN C 45 -7.36 2.03 4.87
C ASN C 45 -8.17 1.77 6.13
N ASP C 46 -8.63 0.53 6.28
CA ASP C 46 -9.43 0.16 7.44
C ASP C 46 -8.58 0.19 8.70
N GLY C 47 -7.26 0.35 8.53
CA GLY C 47 -6.35 0.39 9.65
C GLY C 47 -5.59 -0.92 9.79
N SER C 48 -6.25 -2.02 9.42
CA SER C 48 -5.63 -3.33 9.50
C SER C 48 -4.26 -3.33 8.85
N SER C 49 -3.41 -4.29 9.21
CA SER C 49 -2.07 -4.37 8.65
C SER C 49 -1.74 -5.81 8.29
N ARG C 50 -0.82 -5.98 7.34
CA ARG C 50 -0.41 -7.31 6.90
C ARG C 50 0.95 -7.25 6.22
N GLU C 51 1.82 -8.20 6.56
CA GLU C 51 3.16 -8.25 5.97
C GLU C 51 3.11 -8.87 4.57
N LEU C 52 3.24 -8.02 3.56
CA LEU C 52 3.22 -8.49 2.18
C LEU C 52 4.54 -8.15 1.48
N MET C 53 4.83 -8.87 0.40
CA MET C 53 6.06 -8.64 -0.35
C MET C 53 5.77 -7.82 -1.61
N ASN C 54 6.38 -6.64 -1.70
CA ASN C 54 6.19 -5.78 -2.85
C ASN C 54 7.49 -5.61 -3.63
N LEU C 55 7.39 -5.13 -4.86
CA LEU C 55 8.57 -4.92 -5.69
C LEU C 55 8.84 -3.43 -5.88
N THR C 56 9.76 -2.90 -5.08
CA THR C 56 10.11 -1.48 -5.17
C THR C 56 11.28 -1.27 -6.12
N GLY C 57 11.27 -0.14 -6.82
CA GLY C 57 12.34 0.16 -7.76
C GLY C 57 11.86 1.14 -8.83
N THR C 58 12.45 1.05 -10.02
CA THR C 58 12.07 1.92 -11.12
C THR C 58 12.05 1.16 -12.43
N ILE C 59 11.21 1.59 -13.36
CA ILE C 59 11.10 0.94 -14.66
C ILE C 59 11.39 1.92 -15.78
N PRO C 60 12.09 1.49 -16.79
CA PRO C 60 12.46 2.34 -17.96
C PRO C 60 11.25 2.64 -18.85
N VAL C 61 10.98 3.92 -19.07
CA VAL C 61 9.86 4.31 -19.91
C VAL C 61 10.27 5.43 -20.87
N PRO C 62 10.78 5.06 -22.01
CA PRO C 62 11.22 6.04 -23.05
C PRO C 62 10.15 7.07 -23.37
N TYR C 63 10.54 8.34 -23.39
CA TYR C 63 9.59 9.42 -23.70
C TYR C 63 10.33 10.60 -24.32
N ARG C 64 9.92 10.97 -25.53
CA ARG C 64 10.54 12.10 -26.22
C ARG C 64 12.03 11.83 -26.43
N GLY C 65 12.40 10.56 -26.55
CA GLY C 65 13.79 10.19 -26.76
C GLY C 65 14.52 10.09 -25.43
N ASN C 66 13.87 10.54 -24.35
CA ASN C 66 14.47 10.49 -23.02
C ASN C 66 13.92 9.32 -22.23
N THR C 67 14.78 8.69 -21.44
CA THR C 67 14.36 7.54 -20.64
C THR C 67 14.10 7.97 -19.19
N TYR C 68 12.86 7.79 -18.73
CA TYR C 68 12.50 8.17 -17.38
C TYR C 68 12.34 6.92 -16.51
N ASN C 69 13.04 6.89 -15.38
CA ASN C 69 12.96 5.76 -14.47
C ASN C 69 11.86 5.98 -13.43
N ILE C 70 10.62 5.82 -13.87
CA ILE C 70 9.48 6.01 -12.97
C ILE C 70 9.48 4.96 -11.86
N PRO C 71 9.51 5.39 -10.63
CA PRO C 71 9.50 4.49 -9.45
C PRO C 71 8.10 3.95 -9.14
N ILE C 72 7.99 2.64 -8.97
CA ILE C 72 6.71 2.02 -8.66
C ILE C 72 6.83 1.09 -7.47
N CYS C 73 5.69 0.63 -6.96
CA CYS C 73 5.69 -0.27 -5.81
C CYS C 73 4.53 -1.26 -5.91
N LEU C 74 4.83 -2.44 -6.43
CA LEU C 74 3.80 -3.47 -6.58
C LEU C 74 3.65 -4.28 -5.29
N TRP C 75 2.42 -4.37 -4.79
CA TRP C 75 2.17 -5.11 -3.56
C TRP C 75 1.47 -6.44 -3.87
N LEU C 76 1.96 -7.51 -3.28
CA LEU C 76 1.38 -8.84 -3.50
C LEU C 76 0.69 -9.33 -2.23
N LEU C 77 -0.55 -9.78 -2.37
CA LEU C 77 -1.30 -10.28 -1.23
C LEU C 77 -1.08 -11.78 -1.06
N ASP C 78 -1.04 -12.24 0.19
CA ASP C 78 -0.84 -13.65 0.47
C ASP C 78 -1.21 -14.50 -0.74
N THR C 79 -2.09 -13.96 -1.59
CA THR C 79 -2.53 -14.67 -2.78
C THR C 79 -2.50 -13.76 -3.99
N TYR C 80 -1.31 -13.56 -4.56
CA TYR C 80 -1.16 -12.70 -5.73
C TYR C 80 -1.15 -13.52 -7.00
N PRO C 81 -1.25 -14.83 -6.88
CA PRO C 81 -1.24 -15.76 -8.04
C PRO C 81 -2.57 -15.72 -8.80
N TYR C 82 -3.58 -15.12 -8.20
CA TYR C 82 -4.89 -15.04 -8.82
C TYR C 82 -5.45 -13.62 -8.69
N ASN C 83 -4.89 -12.86 -7.76
CA ASN C 83 -5.34 -11.49 -7.54
C ASN C 83 -4.31 -10.49 -8.05
N PRO C 84 -4.77 -9.38 -8.56
CA PRO C 84 -3.87 -8.31 -9.10
C PRO C 84 -3.19 -7.51 -8.00
N PRO C 85 -1.91 -7.31 -8.12
CA PRO C 85 -1.10 -6.55 -7.12
C PRO C 85 -1.55 -5.09 -7.02
N ILE C 86 -1.17 -4.43 -5.92
CA ILE C 86 -1.55 -3.04 -5.71
C ILE C 86 -0.41 -2.12 -6.16
N CYS C 87 -0.48 -1.67 -7.41
CA CYS C 87 0.54 -0.79 -7.96
C CYS C 87 0.46 0.60 -7.31
N PHE C 88 1.53 1.37 -7.47
CA PHE C 88 1.57 2.71 -6.91
C PHE C 88 2.76 3.49 -7.47
N VAL C 89 2.51 4.74 -7.85
CA VAL C 89 3.57 5.58 -8.41
C VAL C 89 4.21 6.43 -7.32
N LYS C 90 5.34 5.95 -6.79
CA LYS C 90 6.04 6.67 -5.75
C LYS C 90 6.87 7.82 -6.33
N PRO C 91 6.27 8.97 -6.46
CA PRO C 91 6.96 10.17 -7.03
C PRO C 91 7.96 10.77 -6.05
N THR C 92 9.08 11.25 -6.57
CA THR C 92 10.11 11.85 -5.73
C THR C 92 9.85 13.34 -5.55
N SER C 93 10.69 13.99 -4.74
CA SER C 93 10.54 15.41 -4.49
C SER C 93 10.71 16.21 -5.78
N SER C 94 11.23 15.56 -6.80
CA SER C 94 11.44 16.22 -8.09
C SER C 94 10.49 15.65 -9.14
N MET C 95 9.39 15.04 -8.68
CA MET C 95 8.42 14.46 -9.60
C MET C 95 7.01 14.89 -9.21
N THR C 96 6.18 15.14 -10.23
CA THR C 96 4.80 15.57 -9.98
C THR C 96 3.83 14.65 -10.71
N ILE C 97 2.99 13.96 -9.95
CA ILE C 97 2.00 13.05 -10.52
C ILE C 97 1.08 13.80 -11.47
N LYS C 98 0.96 13.31 -12.70
CA LYS C 98 0.10 13.95 -13.69
C LYS C 98 -1.19 13.15 -13.86
N THR C 99 -1.94 13.01 -12.77
CA THR C 99 -3.20 12.28 -12.81
C THR C 99 -3.71 12.15 -14.24
N GLY C 100 -4.16 10.95 -14.60
CA GLY C 100 -4.67 10.71 -15.94
C GLY C 100 -5.74 9.62 -15.93
N LYS C 101 -5.56 8.62 -16.79
CA LYS C 101 -6.51 7.52 -16.87
C LYS C 101 -5.94 6.27 -16.19
N HIS C 102 -4.64 6.28 -15.96
CA HIS C 102 -3.97 5.15 -15.32
C HIS C 102 -3.28 5.60 -14.04
N VAL C 103 -3.58 6.82 -13.60
CA VAL C 103 -2.97 7.35 -12.39
C VAL C 103 -3.83 8.47 -11.80
N ASP C 104 -4.02 8.43 -10.49
CA ASP C 104 -4.82 9.44 -9.81
C ASP C 104 -3.94 10.42 -9.05
N ALA C 105 -4.47 10.98 -7.96
CA ALA C 105 -3.71 11.92 -7.16
C ALA C 105 -2.91 11.20 -6.08
N ASN C 106 -3.35 9.98 -5.74
CA ASN C 106 -2.68 9.20 -4.73
C ASN C 106 -1.51 8.42 -5.33
N GLY C 107 -1.57 8.22 -6.65
CA GLY C 107 -0.52 7.49 -7.34
C GLY C 107 -1.05 6.16 -7.88
N LYS C 108 -2.14 5.69 -7.31
CA LYS C 108 -2.74 4.43 -7.73
C LYS C 108 -2.70 4.30 -9.25
N ILE C 109 -2.39 3.10 -9.75
CA ILE C 109 -2.31 2.87 -11.18
C ILE C 109 -3.56 2.12 -11.66
N TYR C 110 -4.07 2.53 -12.82
CA TYR C 110 -5.25 1.90 -13.38
C TYR C 110 -4.98 1.40 -14.80
N LEU C 111 -5.01 0.08 -14.98
CA LEU C 111 -4.76 -0.51 -16.29
C LEU C 111 -5.64 -1.74 -16.49
N PRO C 112 -6.17 -1.90 -17.67
CA PRO C 112 -7.05 -3.04 -18.02
C PRO C 112 -6.47 -4.38 -17.58
N TYR C 113 -5.14 -4.43 -17.49
CA TYR C 113 -4.47 -5.66 -17.08
C TYR C 113 -4.86 -6.03 -15.66
N LEU C 114 -5.13 -5.03 -14.84
CA LEU C 114 -5.51 -5.27 -13.45
C LEU C 114 -7.00 -5.60 -13.35
N HIS C 115 -7.81 -4.86 -14.11
CA HIS C 115 -9.25 -5.08 -14.10
C HIS C 115 -9.57 -6.51 -14.54
N GLU C 116 -8.85 -6.98 -15.55
CA GLU C 116 -9.07 -8.33 -16.06
C GLU C 116 -7.88 -9.23 -15.73
N TRP C 117 -7.64 -9.42 -14.43
CA TRP C 117 -6.53 -10.26 -13.98
C TRP C 117 -7.02 -11.69 -13.72
N LYS C 118 -6.21 -12.66 -14.13
CA LYS C 118 -6.58 -14.06 -13.94
C LYS C 118 -5.49 -14.79 -13.16
N HIS C 119 -4.42 -15.18 -13.86
CA HIS C 119 -3.32 -15.89 -13.24
C HIS C 119 -2.67 -16.86 -14.23
N PRO C 120 -3.48 -17.48 -15.04
CA PRO C 120 -3.00 -18.47 -16.05
C PRO C 120 -2.27 -17.78 -17.21
N GLN C 121 -2.62 -16.52 -17.46
CA GLN C 121 -2.00 -15.76 -18.53
C GLN C 121 -1.48 -14.42 -18.01
N SER C 122 -2.05 -13.95 -16.91
CA SER C 122 -1.65 -12.69 -16.32
C SER C 122 -0.50 -12.91 -15.32
N ASP C 123 0.53 -12.07 -15.41
CA ASP C 123 1.67 -12.18 -14.52
C ASP C 123 2.33 -10.82 -14.32
N LEU C 124 3.28 -10.77 -13.39
CA LEU C 124 3.99 -9.53 -13.11
C LEU C 124 4.67 -8.99 -14.37
N LEU C 125 5.51 -9.84 -14.96
CA LEU C 125 6.23 -9.44 -16.18
C LEU C 125 5.28 -8.78 -17.17
N GLY C 126 4.17 -9.47 -17.47
CA GLY C 126 3.20 -8.94 -18.41
C GLY C 126 2.61 -7.62 -17.91
N LEU C 127 2.43 -7.51 -16.60
CA LEU C 127 1.88 -6.31 -16.00
C LEU C 127 2.86 -5.14 -16.14
N ILE C 128 4.15 -5.43 -15.92
CA ILE C 128 5.17 -4.40 -16.02
C ILE C 128 5.32 -3.93 -17.46
N GLN C 129 5.40 -4.88 -18.39
CA GLN C 129 5.55 -4.55 -19.79
C GLN C 129 4.41 -3.65 -20.25
N VAL C 130 3.20 -3.97 -19.81
CA VAL C 130 2.02 -3.18 -20.18
C VAL C 130 2.09 -1.79 -19.55
N MET C 131 2.72 -1.69 -18.39
CA MET C 131 2.84 -0.41 -17.70
C MET C 131 3.80 0.51 -18.45
N ILE C 132 4.81 -0.08 -19.07
CA ILE C 132 5.79 0.70 -19.83
C ILE C 132 5.18 1.20 -21.13
N VAL C 133 4.29 0.40 -21.71
CA VAL C 133 3.64 0.78 -22.96
C VAL C 133 2.66 1.92 -22.74
N VAL C 134 1.86 1.81 -21.69
CA VAL C 134 0.88 2.85 -21.38
C VAL C 134 1.58 4.13 -20.92
N PHE C 135 2.52 3.97 -19.99
CA PHE C 135 3.25 5.12 -19.48
C PHE C 135 4.02 5.81 -20.59
N GLY C 136 4.41 5.04 -21.60
CA GLY C 136 5.15 5.59 -22.73
C GLY C 136 4.30 6.59 -23.51
N ASP C 137 3.02 6.26 -23.67
CA ASP C 137 2.11 7.14 -24.40
C ASP C 137 1.50 8.17 -23.46
N GLU C 138 1.40 7.81 -22.18
CA GLU C 138 0.84 8.72 -21.18
C GLU C 138 1.71 8.77 -19.94
N PRO C 139 2.55 9.76 -19.84
CA PRO C 139 3.47 9.93 -18.68
C PRO C 139 2.72 10.29 -17.40
N PRO C 140 2.79 9.43 -16.41
CA PRO C 140 2.11 9.65 -15.11
C PRO C 140 2.81 10.73 -14.27
N VAL C 141 4.01 11.10 -14.69
CA VAL C 141 4.76 12.12 -13.96
C VAL C 141 5.52 13.02 -14.94
N PHE C 142 6.04 14.13 -14.44
CA PHE C 142 6.79 15.06 -15.28
C PHE C 142 7.66 15.97 -14.42
N SER C 143 8.98 15.82 -14.56
CA SER C 143 9.91 16.64 -13.79
C SER C 143 9.22 17.87 -13.25
N MET A 1 -1.98 23.58 -1.63
CA MET A 1 -2.75 22.59 -2.43
C MET A 1 -3.95 22.11 -1.63
N GLN A 2 -4.85 21.37 -2.30
CA GLN A 2 -6.04 20.86 -1.62
C GLN A 2 -5.96 19.33 -1.52
N ILE A 3 -6.43 18.80 -0.39
CA ILE A 3 -6.41 17.36 -0.18
C ILE A 3 -7.77 16.86 0.31
N PHE A 4 -7.97 15.55 0.28
CA PHE A 4 -9.23 14.98 0.73
C PHE A 4 -8.98 13.95 1.83
N VAL A 5 -9.95 13.81 2.74
CA VAL A 5 -9.83 12.86 3.84
C VAL A 5 -11.13 12.09 4.02
N LYS A 6 -11.08 10.78 3.78
CA LYS A 6 -12.26 9.94 3.93
C LYS A 6 -12.31 9.33 5.32
N THR A 7 -13.51 9.08 5.82
CA THR A 7 -13.68 8.49 7.13
C THR A 7 -14.16 7.05 7.03
N LEU A 8 -14.49 6.44 8.17
CA LEU A 8 -14.96 5.07 8.19
C LEU A 8 -16.47 5.02 8.01
N THR A 9 -17.11 6.18 8.08
CA THR A 9 -18.56 6.26 7.93
C THR A 9 -18.93 6.60 6.49
N GLY A 10 -17.98 7.17 5.75
CA GLY A 10 -18.21 7.53 4.37
C GLY A 10 -18.38 9.04 4.23
N LYS A 11 -17.47 9.79 4.84
CA LYS A 11 -17.51 11.24 4.78
C LYS A 11 -16.19 11.81 4.27
N THR A 12 -16.26 12.66 3.26
CA THR A 12 -15.05 13.25 2.69
C THR A 12 -14.91 14.71 3.14
N ILE A 13 -13.71 15.08 3.58
CA ILE A 13 -13.45 16.44 4.03
C ILE A 13 -12.33 17.06 3.22
N THR A 14 -12.47 18.35 2.91
CA THR A 14 -11.46 19.05 2.12
C THR A 14 -10.65 19.98 3.02
N LEU A 15 -9.33 19.96 2.84
CA LEU A 15 -8.44 20.80 3.63
C LEU A 15 -7.38 21.44 2.75
N GLU A 16 -6.91 22.62 3.15
CA GLU A 16 -5.89 23.32 2.37
C GLU A 16 -4.59 23.40 3.16
N VAL A 17 -3.66 22.50 2.85
CA VAL A 17 -2.37 22.48 3.53
C VAL A 17 -1.24 22.79 2.56
N GLU A 18 -0.01 22.76 3.05
CA GLU A 18 1.14 23.04 2.20
C GLU A 18 2.16 21.91 2.29
N PRO A 19 2.89 21.69 1.23
CA PRO A 19 3.94 20.63 1.18
C PRO A 19 4.88 20.68 2.37
N SER A 20 4.90 21.82 3.05
CA SER A 20 5.77 21.99 4.21
C SER A 20 4.96 21.87 5.50
N ASP A 21 3.78 21.29 5.40
CA ASP A 21 2.92 21.10 6.57
C ASP A 21 3.19 19.76 7.23
N THR A 22 3.31 19.78 8.55
CA THR A 22 3.57 18.55 9.30
C THR A 22 2.27 17.78 9.53
N ILE A 23 2.40 16.48 9.80
CA ILE A 23 1.24 15.64 10.04
C ILE A 23 0.45 16.14 11.24
N GLU A 24 1.17 16.48 12.32
CA GLU A 24 0.52 16.97 13.52
C GLU A 24 -0.37 18.16 13.22
N ASN A 25 0.09 19.03 12.32
CA ASN A 25 -0.68 20.21 11.93
C ASN A 25 -1.96 19.80 11.22
N VAL A 26 -1.87 18.79 10.37
CA VAL A 26 -3.04 18.31 9.65
C VAL A 26 -4.10 17.78 10.61
N LYS A 27 -3.66 17.12 11.67
CA LYS A 27 -4.57 16.58 12.67
C LYS A 27 -5.34 17.70 13.35
N ALA A 28 -4.66 18.80 13.62
CA ALA A 28 -5.29 19.94 14.28
C ALA A 28 -6.40 20.52 13.41
N LYS A 29 -6.13 20.61 12.11
CA LYS A 29 -7.11 21.14 11.18
C LYS A 29 -8.39 20.30 11.20
N ILE A 30 -8.22 18.99 11.33
CA ILE A 30 -9.36 18.08 11.37
C ILE A 30 -10.09 18.18 12.70
N GLN A 31 -9.36 18.56 13.74
CA GLN A 31 -9.94 18.69 15.07
C GLN A 31 -10.78 19.96 15.16
N ASP A 32 -10.52 20.90 14.25
CA ASP A 32 -11.25 22.16 14.23
C ASP A 32 -12.45 22.07 13.31
N LYS A 33 -12.45 21.05 12.44
CA LYS A 33 -13.55 20.86 11.50
C LYS A 33 -14.54 19.83 12.04
N GLU A 34 -14.01 18.76 12.62
CA GLU A 34 -14.85 17.70 13.17
C GLU A 34 -14.80 17.71 14.69
N GLY A 35 -13.63 18.04 15.24
CA GLY A 35 -13.46 18.06 16.69
C GLY A 35 -12.94 16.74 17.21
N ILE A 36 -12.11 16.07 16.41
CA ILE A 36 -11.55 14.79 16.80
C ILE A 36 -10.14 14.97 17.36
N PRO A 37 -9.96 14.69 18.62
CA PRO A 37 -8.64 14.81 19.31
C PRO A 37 -7.52 14.12 18.52
N PRO A 38 -6.45 14.83 18.28
CA PRO A 38 -5.28 14.29 17.54
C PRO A 38 -4.82 12.93 18.09
N ASP A 39 -4.91 12.78 19.40
CA ASP A 39 -4.50 11.53 20.04
C ASP A 39 -5.46 10.40 19.68
N GLN A 40 -6.58 10.75 19.04
CA GLN A 40 -7.56 9.76 18.64
C GLN A 40 -7.78 9.79 17.14
N GLN A 41 -6.72 10.05 16.39
CA GLN A 41 -6.80 10.11 14.94
C GLN A 41 -5.64 9.36 14.30
N ARG A 42 -5.94 8.52 13.32
CA ARG A 42 -4.91 7.75 12.63
C ARG A 42 -4.97 7.99 11.13
N LEU A 43 -3.97 8.69 10.60
CA LEU A 43 -3.92 8.98 9.18
C LEU A 43 -3.17 7.88 8.43
N ILE A 44 -3.63 7.55 7.23
CA ILE A 44 -3.00 6.51 6.43
C ILE A 44 -2.95 6.92 4.97
N PHE A 45 -1.79 6.74 4.35
CA PHE A 45 -1.62 7.10 2.94
C PHE A 45 -0.91 5.97 2.18
N ALA A 46 -1.56 5.44 1.17
CA ALA A 46 -0.97 4.36 0.37
C ALA A 46 -0.71 3.14 1.25
N GLY A 47 -1.52 2.97 2.29
CA GLY A 47 -1.36 1.84 3.19
C GLY A 47 -0.22 2.08 4.17
N LYS A 48 0.17 3.35 4.32
CA LYS A 48 1.25 3.71 5.23
C LYS A 48 0.76 4.69 6.29
N GLN A 49 1.14 4.44 7.54
CA GLN A 49 0.73 5.32 8.64
C GLN A 49 1.67 6.52 8.73
N LEU A 50 1.09 7.71 8.54
CA LEU A 50 1.89 8.94 8.61
C LEU A 50 2.24 9.27 10.05
N GLU A 51 3.43 9.84 10.26
CA GLU A 51 3.87 10.20 11.60
C GLU A 51 3.61 11.68 11.86
N ASP A 52 3.57 12.05 13.14
CA ASP A 52 3.33 13.44 13.52
C ASP A 52 4.63 14.24 13.48
N GLY A 53 5.74 13.55 13.22
CA GLY A 53 7.03 14.21 13.15
C GLY A 53 7.49 14.37 11.70
N ARG A 54 6.63 13.97 10.77
CA ARG A 54 6.97 14.07 9.35
C ARG A 54 6.03 15.06 8.66
N THR A 55 6.41 15.47 7.46
CA THR A 55 5.60 16.43 6.70
C THR A 55 4.84 15.71 5.58
N LEU A 56 4.14 16.48 4.75
CA LEU A 56 3.39 15.91 3.65
C LEU A 56 4.31 15.56 2.48
N SER A 57 5.27 16.45 2.22
CA SER A 57 6.21 16.23 1.13
C SER A 57 7.07 15.01 1.40
N ASP A 58 7.21 14.66 2.68
CA ASP A 58 8.01 13.50 3.06
C ASP A 58 7.36 12.21 2.57
N TYR A 59 6.05 12.25 2.39
CA TYR A 59 5.31 11.08 1.93
C TYR A 59 5.01 11.20 0.44
N ASN A 60 5.44 12.30 -0.17
CA ASN A 60 5.21 12.52 -1.59
C ASN A 60 3.72 12.73 -1.87
N ILE A 61 3.06 13.43 -0.97
CA ILE A 61 1.62 13.69 -1.13
C ILE A 61 1.39 14.89 -2.03
N GLN A 62 0.82 14.64 -3.21
CA GLN A 62 0.55 15.71 -4.16
C GLN A 62 -0.84 16.30 -3.91
N ARG A 63 -1.33 17.09 -4.87
CA ARG A 63 -2.63 17.70 -4.74
C ARG A 63 -3.73 16.70 -5.12
N GLU A 64 -4.95 17.00 -4.70
CA GLU A 64 -6.07 16.12 -5.00
C GLU A 64 -5.83 14.72 -4.43
N SER A 65 -4.98 14.65 -3.41
CA SER A 65 -4.66 13.37 -2.79
C SER A 65 -5.73 12.97 -1.78
N THR A 66 -5.93 11.68 -1.60
CA THR A 66 -6.92 11.19 -0.66
C THR A 66 -6.26 10.48 0.52
N LEU A 67 -6.67 10.83 1.73
CA LEU A 67 -6.10 10.23 2.93
C LEU A 67 -7.18 9.51 3.73
N HIS A 68 -6.77 8.51 4.50
CA HIS A 68 -7.72 7.75 5.32
C HIS A 68 -7.56 8.10 6.79
N LEU A 69 -8.67 8.28 7.48
CA LEU A 69 -8.64 8.60 8.90
C LEU A 69 -9.21 7.47 9.73
N VAL A 70 -8.47 7.05 10.76
CA VAL A 70 -8.92 5.98 11.63
C VAL A 70 -8.98 6.44 13.08
N LEU A 71 -10.06 6.08 13.76
CA LEU A 71 -10.22 6.47 15.16
C LEU A 71 -9.75 5.35 16.08
N ARG A 72 -9.15 5.73 17.21
CA ARG A 72 -8.67 4.75 18.18
C ARG A 72 -9.58 4.68 19.39
N LEU A 73 -9.46 3.60 20.16
CA LEU A 73 -10.27 3.43 21.36
C LEU A 73 -9.41 3.66 22.60
N ARG A 74 -9.93 4.41 23.56
CA ARG A 74 -9.18 4.71 24.77
C ARG A 74 -8.84 3.43 25.54
N GLY A 75 -9.81 2.53 25.66
CA GLY A 75 -9.58 1.28 26.38
C GLY A 75 -9.84 0.09 25.47
N GLY A 76 -9.03 -0.96 25.63
CA GLY A 76 -9.18 -2.16 24.82
C GLY A 76 -7.84 -2.68 24.32
N MET B 1 0.63 -0.64 27.52
CA MET B 1 -0.02 -1.26 26.34
C MET B 1 0.86 -2.40 25.81
N GLN B 2 0.33 -3.18 24.89
CA GLN B 2 1.06 -4.30 24.31
C GLN B 2 1.37 -4.03 22.85
N ILE B 3 2.57 -4.41 22.42
CA ILE B 3 2.97 -4.22 21.02
C ILE B 3 3.54 -5.50 20.44
N PHE B 4 3.71 -5.52 19.12
CA PHE B 4 4.25 -6.69 18.44
C PHE B 4 5.47 -6.32 17.61
N VAL B 5 6.40 -7.26 17.47
CA VAL B 5 7.61 -7.01 16.71
C VAL B 5 7.93 -8.20 15.80
N LYS B 6 7.86 -7.98 14.50
CA LYS B 6 8.14 -9.04 13.54
C LYS B 6 9.61 -9.01 13.12
N THR B 7 10.14 -10.17 12.78
CA THR B 7 11.54 -10.26 12.36
C THR B 7 11.63 -10.55 10.86
N LEU B 8 12.84 -10.79 10.38
CA LEU B 8 13.06 -11.08 8.97
C LEU B 8 12.93 -12.57 8.70
N THR B 9 12.85 -13.36 9.78
CA THR B 9 12.72 -14.81 9.64
C THR B 9 11.26 -15.22 9.73
N GLY B 10 10.43 -14.35 10.31
CA GLY B 10 9.01 -14.64 10.46
C GLY B 10 8.66 -14.99 11.90
N LYS B 11 9.17 -14.19 12.84
CA LYS B 11 8.90 -14.42 14.25
C LYS B 11 8.31 -13.18 14.89
N THR B 12 7.19 -13.36 15.59
CA THR B 12 6.52 -12.24 16.25
C THR B 12 6.77 -12.29 17.75
N ILE B 13 7.16 -11.15 18.32
CA ILE B 13 7.42 -11.08 19.75
C ILE B 13 6.50 -10.06 20.41
N THR B 14 6.01 -10.37 21.60
CA THR B 14 5.11 -9.48 22.32
C THR B 14 5.84 -8.81 23.47
N LEU B 15 5.68 -7.49 23.59
CA LEU B 15 6.32 -6.73 24.65
C LEU B 15 5.33 -5.77 25.29
N GLU B 16 5.58 -5.40 26.55
CA GLU B 16 4.70 -4.49 27.26
C GLU B 16 5.45 -3.21 27.62
N VAL B 17 5.24 -2.16 26.83
CA VAL B 17 5.90 -0.88 27.08
C VAL B 17 4.86 0.19 27.39
N GLU B 18 5.33 1.42 27.59
CA GLU B 18 4.44 2.52 27.90
C GLU B 18 4.66 3.68 26.94
N PRO B 19 3.63 4.45 26.68
CA PRO B 19 3.69 5.62 25.76
C PRO B 19 4.85 6.55 26.10
N SER B 20 5.37 6.41 27.31
CA SER B 20 6.49 7.25 27.76
C SER B 20 7.79 6.48 27.70
N ASP B 21 7.79 5.38 26.95
CA ASP B 21 8.99 4.55 26.83
C ASP B 21 9.82 5.00 25.63
N THR B 22 11.13 5.11 25.84
CA THR B 22 12.03 5.53 24.77
C THR B 22 12.39 4.35 23.87
N ILE B 23 12.82 4.64 22.65
CA ILE B 23 13.19 3.60 21.71
C ILE B 23 14.34 2.76 22.25
N GLU B 24 15.33 3.42 22.83
CA GLU B 24 16.48 2.72 23.39
C GLU B 24 16.03 1.68 24.40
N ASN B 25 15.02 2.03 25.20
CA ASN B 25 14.49 1.11 26.20
C ASN B 25 13.87 -0.12 25.54
N VAL B 26 13.16 0.10 24.44
CA VAL B 26 12.53 -1.00 23.72
C VAL B 26 13.57 -1.97 23.20
N LYS B 27 14.70 -1.44 22.76
CA LYS B 27 15.77 -2.29 22.23
C LYS B 27 16.33 -3.19 23.32
N ALA B 28 16.43 -2.65 24.53
CA ALA B 28 16.94 -3.43 25.66
C ALA B 28 16.02 -4.61 25.96
N LYS B 29 14.72 -4.36 25.92
CA LYS B 29 13.74 -5.40 26.19
C LYS B 29 13.89 -6.55 25.19
N ILE B 30 14.20 -6.21 23.94
CA ILE B 30 14.37 -7.22 22.91
C ILE B 30 15.69 -7.96 23.10
N GLN B 31 16.66 -7.28 23.70
CA GLN B 31 17.96 -7.88 23.93
C GLN B 31 17.90 -8.88 25.08
N ASP B 32 16.88 -8.74 25.92
CA ASP B 32 16.71 -9.63 27.06
C ASP B 32 15.82 -10.81 26.69
N LYS B 33 15.10 -10.68 25.58
CA LYS B 33 14.21 -11.75 25.12
C LYS B 33 14.89 -12.58 24.05
N GLU B 34 15.62 -11.92 23.15
CA GLU B 34 16.30 -12.61 22.08
C GLU B 34 17.82 -12.57 22.29
N GLY B 35 18.29 -11.46 22.83
CA GLY B 35 19.72 -11.29 23.08
C GLY B 35 20.41 -10.59 21.92
N ILE B 36 19.69 -9.68 21.27
CA ILE B 36 20.23 -8.96 20.12
C ILE B 36 20.74 -7.59 20.56
N PRO B 37 22.03 -7.38 20.48
CA PRO B 37 22.66 -6.08 20.87
C PRO B 37 21.96 -4.89 20.23
N PRO B 38 21.61 -3.92 21.02
CA PRO B 38 20.92 -2.68 20.54
C PRO B 38 21.64 -2.05 19.35
N ASP B 39 22.97 -2.12 19.36
CA ASP B 39 23.76 -1.55 18.28
C ASP B 39 23.56 -2.36 16.99
N GLN B 40 22.91 -3.50 17.10
CA GLN B 40 22.66 -4.36 15.95
C GLN B 40 21.17 -4.58 15.75
N GLN B 41 20.38 -3.55 16.05
CA GLN B 41 18.93 -3.65 15.89
C GLN B 41 18.38 -2.39 15.23
N ARG B 42 17.52 -2.58 14.23
CA ARG B 42 16.93 -1.46 13.52
C ARG B 42 15.41 -1.56 13.54
N LEU B 43 14.78 -0.65 14.28
CA LEU B 43 13.32 -0.65 14.38
C LEU B 43 12.72 0.25 13.29
N ILE B 44 11.58 -0.18 12.75
CA ILE B 44 10.91 0.59 11.70
C ILE B 44 9.40 0.58 11.92
N PHE B 45 8.79 1.76 11.81
CA PHE B 45 7.35 1.88 11.98
C PHE B 45 6.74 2.73 10.88
N ALA B 46 5.82 2.15 10.13
CA ALA B 46 5.16 2.87 9.03
C ALA B 46 6.19 3.29 7.99
N GLY B 47 7.26 2.51 7.87
CA GLY B 47 8.30 2.82 6.89
C GLY B 47 9.22 3.92 7.41
N LYS B 48 9.19 4.14 8.73
CA LYS B 48 10.02 5.17 9.34
C LYS B 48 10.94 4.56 10.38
N GLN B 49 12.21 4.97 10.36
CA GLN B 49 13.19 4.45 11.31
C GLN B 49 13.11 5.22 12.63
N LEU B 50 12.77 4.50 13.70
CA LEU B 50 12.66 5.12 15.02
C LEU B 50 14.05 5.42 15.57
N GLU B 51 14.14 6.52 16.32
CA GLU B 51 15.42 6.92 16.91
C GLU B 51 15.49 6.47 18.38
N ASP B 52 16.71 6.39 18.89
CA ASP B 52 16.90 5.96 20.28
C ASP B 52 16.73 7.15 21.23
N GLY B 53 16.54 8.33 20.66
CA GLY B 53 16.36 9.54 21.47
C GLY B 53 14.90 9.97 21.50
N ARG B 54 14.04 9.17 20.86
CA ARG B 54 12.63 9.49 20.81
C ARG B 54 11.81 8.43 21.57
N THR B 55 10.56 8.75 21.87
CA THR B 55 9.70 7.82 22.60
C THR B 55 8.70 7.17 21.65
N LEU B 56 7.80 6.37 22.20
CA LEU B 56 6.79 5.69 21.39
C LEU B 56 5.67 6.66 21.03
N SER B 57 5.26 7.49 21.98
CA SER B 57 4.20 8.45 21.74
C SER B 57 4.62 9.46 20.67
N ASP B 58 5.91 9.66 20.53
CA ASP B 58 6.44 10.60 19.54
C ASP B 58 6.13 10.11 18.13
N TYR B 59 5.98 8.80 17.98
CA TYR B 59 5.68 8.21 16.67
C TYR B 59 4.20 7.87 16.57
N ASN B 60 3.45 8.20 17.60
CA ASN B 60 2.01 7.93 17.61
C ASN B 60 1.76 6.42 17.54
N ILE B 61 2.51 5.66 18.33
CA ILE B 61 2.36 4.21 18.36
C ILE B 61 1.33 3.80 19.41
N GLN B 62 0.22 3.21 18.95
CA GLN B 62 -0.83 2.77 19.86
C GLN B 62 -0.62 1.31 20.25
N LYS B 63 -1.59 0.75 20.97
CA LYS B 63 -1.50 -0.64 21.39
C LYS B 63 -1.83 -1.57 20.23
N GLU B 64 -1.33 -2.80 20.30
CA GLU B 64 -1.59 -3.78 19.24
C GLU B 64 -0.86 -3.39 17.96
N SER B 65 0.07 -2.44 18.07
CA SER B 65 0.83 -1.99 16.92
C SER B 65 1.91 -3.00 16.55
N THR B 66 2.32 -3.00 15.29
CA THR B 66 3.34 -3.94 14.82
C THR B 66 4.58 -3.17 14.37
N LEU B 67 5.74 -3.61 14.84
CA LEU B 67 7.00 -2.96 14.48
C LEU B 67 7.92 -3.94 13.75
N HIS B 68 8.79 -3.41 12.91
CA HIS B 68 9.72 -4.25 12.16
C HIS B 68 11.14 -4.12 12.73
N LEU B 69 11.82 -5.26 12.84
CA LEU B 69 13.18 -5.27 13.38
C LEU B 69 14.17 -5.69 12.30
N VAL B 70 15.21 -4.88 12.11
CA VAL B 70 16.22 -5.18 11.11
C VAL B 70 17.60 -5.31 11.76
N LEU B 71 18.32 -6.36 11.40
CA LEU B 71 19.65 -6.59 11.96
C LEU B 71 20.72 -6.01 11.04
N ARG B 72 21.70 -5.35 11.62
CA ARG B 72 22.79 -4.75 10.85
C ARG B 72 23.98 -5.69 10.77
N LEU B 73 24.89 -5.41 9.84
CA LEU B 73 26.07 -6.24 9.66
C LEU B 73 27.34 -5.42 9.83
N ARG B 74 27.76 -5.22 11.07
CA ARG B 74 28.98 -4.45 11.35
C ARG B 74 29.87 -5.20 12.34
N GLY B 75 31.17 -4.94 12.27
CA GLY B 75 32.12 -5.59 13.16
C GLY B 75 33.47 -4.89 13.12
N GLY B 76 34.42 -5.39 13.91
CA GLY B 76 35.74 -4.81 13.96
C GLY B 76 35.84 -3.74 15.05
N ASP B 77 37.04 -3.23 15.28
CA ASP B 77 37.24 -2.20 16.30
C ASP B 77 36.89 -2.74 17.68
N VAL C 3 17.63 -9.82 -3.39
CA VAL C 3 18.77 -10.58 -3.98
C VAL C 3 18.72 -12.03 -3.50
N SER C 4 19.35 -12.92 -4.25
CA SER C 4 19.37 -14.34 -3.89
C SER C 4 17.97 -14.94 -4.01
N GLU C 5 17.89 -16.17 -4.47
CA GLU C 5 16.61 -16.85 -4.62
C GLU C 5 16.15 -17.42 -3.29
N SER C 6 17.11 -17.79 -2.44
CA SER C 6 16.78 -18.36 -1.14
C SER C 6 16.10 -17.32 -0.26
N GLN C 7 16.68 -16.12 -0.18
CA GLN C 7 16.13 -15.06 0.63
C GLN C 7 14.73 -14.69 0.13
N LEU C 8 14.50 -14.87 -1.16
CA LEU C 8 13.20 -14.56 -1.75
C LEU C 8 12.14 -15.54 -1.29
N LYS C 9 12.54 -16.81 -1.18
CA LYS C 9 11.62 -17.86 -0.75
C LYS C 9 11.40 -17.78 0.77
N LYS C 10 12.09 -16.86 1.42
CA LYS C 10 11.97 -16.70 2.86
C LYS C 10 10.97 -15.58 3.19
N MET C 11 11.01 -14.52 2.40
CA MET C 11 10.10 -13.39 2.61
C MET C 11 8.68 -13.75 2.21
N VAL C 12 8.56 -14.78 1.38
CA VAL C 12 7.24 -15.22 0.92
C VAL C 12 6.95 -16.63 1.43
N SER C 13 7.28 -16.88 2.69
CA SER C 13 7.04 -18.19 3.30
C SER C 13 5.60 -18.29 3.81
N LYS C 14 4.96 -17.14 3.99
CA LYS C 14 3.59 -17.12 4.48
C LYS C 14 2.61 -16.91 3.31
N TYR C 15 3.06 -17.23 2.11
CA TYR C 15 2.22 -17.08 0.93
C TYR C 15 1.62 -18.42 0.52
N LYS C 16 0.30 -18.44 0.34
CA LYS C 16 -0.38 -19.66 -0.04
C LYS C 16 0.28 -20.28 -1.28
N TYR C 17 0.68 -19.42 -2.21
CA TYR C 17 1.33 -19.89 -3.43
C TYR C 17 2.75 -19.34 -3.54
N ARG C 18 3.65 -19.87 -2.72
CA ARG C 18 5.03 -19.43 -2.73
C ARG C 18 5.66 -19.64 -4.10
N ASP C 19 5.98 -20.89 -4.42
CA ASP C 19 6.58 -21.22 -5.71
C ASP C 19 6.14 -20.21 -6.77
N LEU C 20 4.91 -20.36 -7.26
CA LEU C 20 4.39 -19.45 -8.27
C LEU C 20 4.94 -18.05 -8.08
N THR C 21 4.54 -17.41 -6.98
CA THR C 21 5.00 -16.06 -6.68
C THR C 21 6.50 -15.93 -6.97
N VAL C 22 7.30 -16.73 -6.26
CA VAL C 22 8.74 -16.70 -6.44
C VAL C 22 9.10 -16.68 -7.92
N ARG C 23 8.85 -17.80 -8.60
CA ARG C 23 9.15 -17.90 -10.02
C ARG C 23 8.82 -16.59 -10.73
N GLU C 24 7.56 -16.18 -10.65
CA GLU C 24 7.13 -14.94 -11.29
C GLU C 24 8.07 -13.80 -10.92
N THR C 25 8.32 -13.64 -9.62
CA THR C 25 9.19 -12.58 -9.15
C THR C 25 10.56 -12.69 -9.81
N VAL C 26 11.13 -13.89 -9.78
CA VAL C 26 12.44 -14.12 -10.38
C VAL C 26 12.43 -13.74 -11.86
N ASN C 27 11.31 -14.00 -12.53
CA ASN C 27 11.19 -13.67 -13.94
C ASN C 27 11.09 -12.17 -14.14
N VAL C 28 10.71 -11.45 -13.09
CA VAL C 28 10.57 -10.00 -13.17
C VAL C 28 11.92 -9.33 -12.95
N ILE C 29 12.43 -9.41 -11.72
CA ILE C 29 13.72 -8.80 -11.40
C ILE C 29 14.78 -9.21 -12.40
N THR C 30 14.56 -10.34 -13.06
CA THR C 30 15.52 -10.84 -14.06
C THR C 30 15.65 -9.86 -15.21
N LEU C 31 14.51 -9.41 -15.74
CA LEU C 31 14.51 -8.47 -16.85
C LEU C 31 14.70 -7.04 -16.35
N TYR C 32 14.10 -6.74 -15.19
CA TYR C 32 14.21 -5.41 -14.61
C TYR C 32 15.02 -5.45 -13.32
N LYS C 33 16.33 -5.33 -13.44
CA LYS C 33 17.21 -5.35 -12.27
C LYS C 33 16.94 -4.14 -11.38
N ASP C 34 16.28 -3.13 -11.94
CA ASP C 34 15.96 -1.92 -11.19
C ASP C 34 14.85 -2.20 -10.17
N LEU C 35 14.37 -3.44 -10.16
CA LEU C 35 13.31 -3.81 -9.23
C LEU C 35 13.81 -4.86 -8.24
N LYS C 36 13.57 -4.61 -6.95
CA LYS C 36 14.01 -5.54 -5.92
C LYS C 36 12.87 -5.82 -4.93
N PRO C 37 12.72 -7.05 -4.54
CA PRO C 37 11.66 -7.47 -3.58
C PRO C 37 11.96 -7.02 -2.16
N VAL C 38 10.90 -6.70 -1.41
CA VAL C 38 11.07 -6.25 -0.03
C VAL C 38 9.86 -6.65 0.81
N LEU C 39 10.10 -6.99 2.08
CA LEU C 39 9.02 -7.39 2.97
C LEU C 39 8.69 -6.26 3.94
N ASP C 40 7.48 -5.72 3.80
CA ASP C 40 7.04 -4.63 4.68
C ASP C 40 5.57 -4.81 5.05
N SER C 41 5.15 -4.08 6.08
CA SER C 41 3.76 -4.17 6.54
C SER C 41 2.88 -3.19 5.76
N TYR C 42 1.77 -3.70 5.24
CA TYR C 42 0.85 -2.87 4.47
C TYR C 42 -0.42 -2.60 5.28
N VAL C 43 -0.53 -1.38 5.81
CA VAL C 43 -1.71 -1.02 6.60
C VAL C 43 -2.82 -0.50 5.68
N PHE C 44 -3.85 -1.32 5.51
CA PHE C 44 -4.98 -0.93 4.66
C PHE C 44 -5.65 0.33 5.19
N ASN C 45 -6.63 0.83 4.46
CA ASN C 45 -7.35 2.03 4.87
C ASN C 45 -8.16 1.77 6.13
N ASP C 46 -8.64 0.53 6.27
CA ASP C 46 -9.43 0.16 7.44
C ASP C 46 -8.58 0.19 8.70
N GLY C 47 -7.27 0.35 8.51
CA GLY C 47 -6.36 0.39 9.65
C GLY C 47 -5.59 -0.92 9.79
N SER C 48 -6.25 -2.02 9.42
CA SER C 48 -5.63 -3.33 9.50
C SER C 48 -4.26 -3.33 8.85
N SER C 49 -3.41 -4.29 9.21
CA SER C 49 -2.07 -4.37 8.65
C SER C 49 -1.73 -5.81 8.28
N ARG C 50 -0.82 -5.97 7.34
CA ARG C 50 -0.41 -7.30 6.89
C ARG C 50 0.95 -7.25 6.22
N GLU C 51 1.82 -8.20 6.56
CA GLU C 51 3.15 -8.25 5.97
C GLU C 51 3.11 -8.87 4.57
N LEU C 52 3.25 -8.01 3.56
CA LEU C 52 3.23 -8.49 2.18
C LEU C 52 4.54 -8.16 1.48
N MET C 53 4.83 -8.87 0.39
CA MET C 53 6.06 -8.63 -0.35
C MET C 53 5.77 -7.82 -1.61
N ASN C 54 6.38 -6.64 -1.70
CA ASN C 54 6.18 -5.77 -2.85
C ASN C 54 7.49 -5.60 -3.62
N LEU C 55 7.39 -5.13 -4.86
CA LEU C 55 8.57 -4.92 -5.69
C LEU C 55 8.84 -3.43 -5.87
N THR C 56 9.76 -2.90 -5.08
CA THR C 56 10.10 -1.49 -5.16
C THR C 56 11.27 -1.27 -6.11
N GLY C 57 11.27 -0.14 -6.81
CA GLY C 57 12.34 0.16 -7.76
C GLY C 57 11.86 1.14 -8.83
N THR C 58 12.44 1.04 -10.02
CA THR C 58 12.07 1.92 -11.12
C THR C 58 12.05 1.16 -12.43
N ILE C 59 11.21 1.59 -13.36
CA ILE C 59 11.10 0.94 -14.66
C ILE C 59 11.39 1.92 -15.78
N PRO C 60 12.09 1.49 -16.79
CA PRO C 60 12.46 2.34 -17.96
C PRO C 60 11.25 2.64 -18.85
N VAL C 61 10.98 3.92 -19.07
CA VAL C 61 9.86 4.31 -19.91
C VAL C 61 10.27 5.43 -20.87
N PRO C 62 10.78 5.06 -22.01
CA PRO C 62 11.22 6.04 -23.05
C PRO C 62 10.15 7.07 -23.37
N TYR C 63 10.54 8.34 -23.39
CA TYR C 63 9.59 9.41 -23.70
C TYR C 63 10.33 10.60 -24.32
N ARG C 64 9.92 10.97 -25.53
CA ARG C 64 10.54 12.10 -26.22
C ARG C 64 12.03 11.83 -26.43
N GLY C 65 12.39 10.56 -26.56
CA GLY C 65 13.79 10.19 -26.76
C GLY C 65 14.53 10.09 -25.43
N ASN C 66 13.87 10.53 -24.36
CA ASN C 66 14.47 10.49 -23.04
C ASN C 66 13.92 9.31 -22.24
N THR C 67 14.78 8.69 -21.44
CA THR C 67 14.36 7.55 -20.63
C THR C 67 14.10 7.97 -19.19
N TYR C 68 12.87 7.80 -18.74
CA TYR C 68 12.50 8.17 -17.38
C TYR C 68 12.34 6.92 -16.51
N ASN C 69 13.05 6.90 -15.38
CA ASN C 69 12.97 5.75 -14.47
C ASN C 69 11.87 5.99 -13.44
N ILE C 70 10.62 5.82 -13.87
CA ILE C 70 9.48 6.01 -12.97
C ILE C 70 9.48 4.96 -11.86
N PRO C 71 9.51 5.39 -10.63
CA PRO C 71 9.50 4.49 -9.45
C PRO C 71 8.11 3.96 -9.13
N ILE C 72 7.99 2.64 -8.97
CA ILE C 72 6.71 2.03 -8.66
C ILE C 72 6.83 1.10 -7.46
N CYS C 73 5.69 0.63 -6.96
CA CYS C 73 5.69 -0.27 -5.81
C CYS C 73 4.53 -1.26 -5.91
N LEU C 74 4.82 -2.45 -6.42
CA LEU C 74 3.81 -3.48 -6.58
C LEU C 74 3.66 -4.28 -5.29
N TRP C 75 2.43 -4.37 -4.79
CA TRP C 75 2.16 -5.12 -3.56
C TRP C 75 1.47 -6.44 -3.87
N LEU C 76 1.96 -7.51 -3.28
CA LEU C 76 1.37 -8.83 -3.50
C LEU C 76 0.70 -9.34 -2.23
N LEU C 77 -0.55 -9.78 -2.37
CA LEU C 77 -1.30 -10.29 -1.22
C LEU C 77 -1.08 -11.79 -1.06
N ASP C 78 -1.03 -12.25 0.18
CA ASP C 78 -0.83 -13.66 0.46
C ASP C 78 -1.21 -14.50 -0.75
N THR C 79 -2.08 -13.96 -1.58
CA THR C 79 -2.53 -14.67 -2.78
C THR C 79 -2.51 -13.75 -3.99
N TYR C 80 -1.32 -13.55 -4.55
CA TYR C 80 -1.18 -12.68 -5.72
C TYR C 80 -1.17 -13.51 -7.00
N PRO C 81 -1.25 -14.80 -6.86
CA PRO C 81 -1.25 -15.74 -8.02
C PRO C 81 -2.56 -15.71 -8.79
N TYR C 82 -3.60 -15.13 -8.18
CA TYR C 82 -4.90 -15.04 -8.82
C TYR C 82 -5.46 -13.63 -8.68
N ASN C 83 -4.89 -12.85 -7.77
CA ASN C 83 -5.34 -11.48 -7.55
C ASN C 83 -4.31 -10.48 -8.07
N PRO C 84 -4.77 -9.37 -8.57
CA PRO C 84 -3.88 -8.30 -9.11
C PRO C 84 -3.20 -7.51 -8.00
N PRO C 85 -1.91 -7.30 -8.13
CA PRO C 85 -1.11 -6.54 -7.13
C PRO C 85 -1.55 -5.09 -7.02
N ILE C 86 -1.18 -4.44 -5.92
CA ILE C 86 -1.55 -3.04 -5.71
C ILE C 86 -0.41 -2.12 -6.16
N CYS C 87 -0.49 -1.66 -7.41
CA CYS C 87 0.54 -0.79 -7.96
C CYS C 87 0.46 0.60 -7.31
N PHE C 88 1.53 1.37 -7.47
CA PHE C 88 1.57 2.72 -6.90
C PHE C 88 2.76 3.49 -7.47
N VAL C 89 2.52 4.74 -7.85
CA VAL C 89 3.57 5.58 -8.41
C VAL C 89 4.21 6.43 -7.32
N LYS C 90 5.34 5.95 -6.79
CA LYS C 90 6.04 6.67 -5.75
C LYS C 90 6.87 7.82 -6.33
N PRO C 91 6.27 8.97 -6.46
CA PRO C 91 6.96 10.17 -7.03
C PRO C 91 7.96 10.77 -6.05
N THR C 92 9.09 11.24 -6.57
CA THR C 92 10.11 11.85 -5.73
C THR C 92 9.85 13.33 -5.55
N SER C 93 10.69 13.98 -4.75
CA SER C 93 10.54 15.41 -4.49
C SER C 93 10.70 16.21 -5.78
N SER C 94 11.23 15.56 -6.80
CA SER C 94 11.44 16.22 -8.09
C SER C 94 10.48 15.64 -9.14
N MET C 95 9.39 15.04 -8.68
CA MET C 95 8.42 14.46 -9.60
C MET C 95 7.01 14.89 -9.21
N THR C 96 6.18 15.14 -10.23
CA THR C 96 4.80 15.57 -9.98
C THR C 96 3.83 14.65 -10.71
N ILE C 97 2.99 13.96 -9.95
CA ILE C 97 2.01 13.06 -10.53
C ILE C 97 1.08 13.80 -11.47
N LYS C 98 0.96 13.31 -12.70
CA LYS C 98 0.10 13.95 -13.69
C LYS C 98 -1.19 13.15 -13.86
N THR C 99 -1.95 13.02 -12.77
CA THR C 99 -3.20 12.28 -12.81
C THR C 99 -3.71 12.16 -14.24
N GLY C 100 -4.16 10.96 -14.59
CA GLY C 100 -4.69 10.72 -15.93
C GLY C 100 -5.74 9.61 -15.92
N LYS C 101 -5.57 8.62 -16.79
CA LYS C 101 -6.51 7.52 -16.87
C LYS C 101 -5.94 6.28 -16.20
N HIS C 102 -4.63 6.29 -15.96
CA HIS C 102 -3.97 5.16 -15.32
C HIS C 102 -3.26 5.60 -14.04
N VAL C 103 -3.58 6.81 -13.59
CA VAL C 103 -2.96 7.35 -12.38
C VAL C 103 -3.83 8.47 -11.80
N ASP C 104 -4.02 8.43 -10.48
CA ASP C 104 -4.83 9.44 -9.81
C ASP C 104 -3.94 10.42 -9.05
N ALA C 105 -4.47 10.98 -7.96
CA ALA C 105 -3.71 11.92 -7.16
C ALA C 105 -2.91 11.20 -6.08
N ASN C 106 -3.35 9.98 -5.74
CA ASN C 106 -2.67 9.20 -4.72
C ASN C 106 -1.51 8.42 -5.33
N GLY C 107 -1.56 8.21 -6.64
CA GLY C 107 -0.51 7.48 -7.34
C GLY C 107 -1.04 6.15 -7.87
N LYS C 108 -2.14 5.69 -7.31
CA LYS C 108 -2.74 4.43 -7.75
C LYS C 108 -2.70 4.30 -9.26
N ILE C 109 -2.39 3.10 -9.75
CA ILE C 109 -2.31 2.87 -11.18
C ILE C 109 -3.56 2.12 -11.66
N TYR C 110 -4.07 2.53 -12.82
CA TYR C 110 -5.25 1.89 -13.39
C TYR C 110 -4.98 1.40 -14.80
N LEU C 111 -5.01 0.08 -14.98
CA LEU C 111 -4.76 -0.51 -16.29
C LEU C 111 -5.64 -1.74 -16.49
N PRO C 112 -6.17 -1.90 -17.67
CA PRO C 112 -7.06 -3.04 -18.02
C PRO C 112 -6.47 -4.38 -17.58
N TYR C 113 -5.14 -4.43 -17.49
CA TYR C 113 -4.47 -5.66 -17.08
C TYR C 113 -4.85 -6.04 -15.67
N LEU C 114 -5.12 -5.03 -14.83
CA LEU C 114 -5.51 -5.27 -13.45
C LEU C 114 -6.98 -5.60 -13.36
N HIS C 115 -7.80 -4.87 -14.11
CA HIS C 115 -9.24 -5.09 -14.10
C HIS C 115 -9.57 -6.51 -14.56
N GLU C 116 -8.82 -7.00 -15.55
CA GLU C 116 -9.03 -8.34 -16.07
C GLU C 116 -7.86 -9.25 -15.72
N TRP C 117 -7.64 -9.46 -14.43
CA TRP C 117 -6.55 -10.31 -13.98
C TRP C 117 -7.04 -11.73 -13.72
N LYS C 118 -6.24 -12.71 -14.13
CA LYS C 118 -6.61 -14.11 -13.95
C LYS C 118 -5.53 -14.86 -13.18
N HIS C 119 -4.41 -15.14 -13.86
CA HIS C 119 -3.30 -15.84 -13.22
C HIS C 119 -2.67 -16.83 -14.20
N PRO C 120 -3.48 -17.44 -15.03
CA PRO C 120 -3.00 -18.42 -16.03
C PRO C 120 -2.27 -17.75 -17.19
N GLN C 121 -2.63 -16.50 -17.46
CA GLN C 121 -2.00 -15.75 -18.54
C GLN C 121 -1.48 -14.41 -18.04
N SER C 122 -2.04 -13.96 -16.92
CA SER C 122 -1.62 -12.68 -16.33
C SER C 122 -0.49 -12.90 -15.32
N ASP C 123 0.55 -12.08 -15.42
CA ASP C 123 1.68 -12.19 -14.51
C ASP C 123 2.34 -10.82 -14.31
N LEU C 124 3.30 -10.77 -13.39
CA LEU C 124 4.00 -9.52 -13.12
C LEU C 124 4.68 -9.00 -14.37
N LEU C 125 5.52 -9.84 -14.97
CA LEU C 125 6.23 -9.45 -16.18
C LEU C 125 5.28 -8.79 -17.18
N GLY C 126 4.17 -9.47 -17.47
CA GLY C 126 3.19 -8.93 -18.41
C GLY C 126 2.62 -7.61 -17.91
N LEU C 127 2.43 -7.51 -16.60
CA LEU C 127 1.88 -6.31 -16.00
C LEU C 127 2.86 -5.14 -16.14
N ILE C 128 4.15 -5.43 -15.92
CA ILE C 128 5.17 -4.40 -16.02
C ILE C 128 5.32 -3.93 -17.46
N GLN C 129 5.40 -4.88 -18.39
CA GLN C 129 5.55 -4.55 -19.79
C GLN C 129 4.40 -3.65 -20.25
N VAL C 130 3.20 -3.96 -19.80
CA VAL C 130 2.02 -3.18 -20.18
C VAL C 130 2.09 -1.79 -19.55
N MET C 131 2.72 -1.69 -18.39
CA MET C 131 2.84 -0.41 -17.70
C MET C 131 3.80 0.51 -18.45
N ILE C 132 4.82 -0.07 -19.07
CA ILE C 132 5.79 0.70 -19.83
C ILE C 132 5.18 1.20 -21.13
N VAL C 133 4.29 0.40 -21.71
CA VAL C 133 3.64 0.78 -22.96
C VAL C 133 2.66 1.92 -22.74
N VAL C 134 1.86 1.81 -21.69
CA VAL C 134 0.88 2.85 -21.38
C VAL C 134 1.58 4.13 -20.92
N PHE C 135 2.52 3.97 -19.99
CA PHE C 135 3.25 5.12 -19.48
C PHE C 135 4.02 5.81 -20.59
N GLY C 136 4.41 5.04 -21.60
CA GLY C 136 5.15 5.59 -22.73
C GLY C 136 4.30 6.59 -23.51
N ASP C 137 3.02 6.26 -23.67
CA ASP C 137 2.11 7.14 -24.40
C ASP C 137 1.50 8.17 -23.46
N GLU C 138 1.40 7.81 -22.18
CA GLU C 138 0.82 8.72 -21.18
C GLU C 138 1.71 8.77 -19.94
N PRO C 139 2.55 9.76 -19.84
CA PRO C 139 3.47 9.93 -18.68
C PRO C 139 2.72 10.29 -17.40
N PRO C 140 2.79 9.43 -16.41
CA PRO C 140 2.11 9.66 -15.11
C PRO C 140 2.81 10.73 -14.27
N VAL C 141 4.01 11.10 -14.69
CA VAL C 141 4.77 12.13 -13.97
C VAL C 141 5.53 13.01 -14.95
N PHE C 142 6.04 14.14 -14.44
CA PHE C 142 6.79 15.06 -15.28
C PHE C 142 7.66 15.97 -14.42
N SER C 143 8.97 15.83 -14.56
CA SER C 143 9.91 16.64 -13.80
C SER C 143 9.22 17.89 -13.25
N MET A 1 -1.98 23.58 -1.63
CA MET A 1 -2.75 22.59 -2.43
C MET A 1 -3.95 22.10 -1.62
N GLN A 2 -4.85 21.37 -2.30
CA GLN A 2 -6.04 20.86 -1.62
C GLN A 2 -5.96 19.33 -1.52
N ILE A 3 -6.43 18.80 -0.39
CA ILE A 3 -6.41 17.36 -0.18
C ILE A 3 -7.77 16.87 0.30
N PHE A 4 -7.97 15.55 0.28
CA PHE A 4 -9.23 14.98 0.73
C PHE A 4 -8.98 13.95 1.84
N VAL A 5 -9.95 13.81 2.74
CA VAL A 5 -9.83 12.86 3.84
C VAL A 5 -11.13 12.09 4.03
N LYS A 6 -11.09 10.79 3.78
CA LYS A 6 -12.26 9.94 3.93
C LYS A 6 -12.31 9.33 5.32
N THR A 7 -13.51 9.07 5.81
CA THR A 7 -13.68 8.49 7.13
C THR A 7 -14.16 7.05 7.03
N LEU A 8 -14.49 6.44 8.17
CA LEU A 8 -14.96 5.07 8.19
C LEU A 8 -16.47 5.02 8.01
N THR A 9 -17.11 6.18 8.08
CA THR A 9 -18.56 6.26 7.93
C THR A 9 -18.93 6.60 6.49
N GLY A 10 -17.97 7.16 5.76
CA GLY A 10 -18.21 7.53 4.37
C GLY A 10 -18.38 9.04 4.23
N LYS A 11 -17.46 9.79 4.83
CA LYS A 11 -17.52 11.25 4.77
C LYS A 11 -16.19 11.81 4.27
N THR A 12 -16.26 12.66 3.26
CA THR A 12 -15.06 13.26 2.70
C THR A 12 -14.92 14.72 3.15
N ILE A 13 -13.71 15.08 3.58
CA ILE A 13 -13.47 16.44 4.04
C ILE A 13 -12.33 17.07 3.23
N THR A 14 -12.48 18.35 2.90
CA THR A 14 -11.47 19.05 2.12
C THR A 14 -10.65 19.99 3.01
N LEU A 15 -9.33 19.96 2.84
CA LEU A 15 -8.44 20.80 3.64
C LEU A 15 -7.38 21.44 2.75
N GLU A 16 -6.91 22.62 3.15
CA GLU A 16 -5.89 23.32 2.38
C GLU A 16 -4.59 23.40 3.16
N VAL A 17 -3.66 22.50 2.86
CA VAL A 17 -2.37 22.48 3.54
C VAL A 17 -1.25 22.80 2.56
N GLU A 18 -0.02 22.75 3.05
CA GLU A 18 1.14 23.04 2.20
C GLU A 18 2.17 21.92 2.29
N PRO A 19 2.89 21.69 1.23
CA PRO A 19 3.94 20.63 1.18
C PRO A 19 4.88 20.68 2.37
N SER A 20 4.90 21.82 3.05
CA SER A 20 5.77 21.99 4.21
C SER A 20 4.96 21.87 5.50
N ASP A 21 3.77 21.29 5.40
CA ASP A 21 2.92 21.11 6.56
C ASP A 21 3.19 19.76 7.23
N THR A 22 3.31 19.78 8.55
CA THR A 22 3.57 18.55 9.30
C THR A 22 2.27 17.78 9.53
N ILE A 23 2.40 16.48 9.80
CA ILE A 23 1.24 15.64 10.04
C ILE A 23 0.45 16.14 11.24
N GLU A 24 1.17 16.48 12.32
CA GLU A 24 0.53 16.97 13.52
C GLU A 24 -0.37 18.16 13.21
N ASN A 25 0.09 19.03 12.32
CA ASN A 25 -0.67 20.20 11.93
C ASN A 25 -1.96 19.81 11.23
N VAL A 26 -1.87 18.79 10.37
CA VAL A 26 -3.04 18.31 9.65
C VAL A 26 -4.10 17.78 10.61
N LYS A 27 -3.65 17.12 11.67
CA LYS A 27 -4.57 16.58 12.67
C LYS A 27 -5.34 17.70 13.35
N ALA A 28 -4.66 18.80 13.62
CA ALA A 28 -5.29 19.94 14.28
C ALA A 28 -6.40 20.52 13.41
N LYS A 29 -6.13 20.61 12.11
CA LYS A 29 -7.11 21.14 11.18
C LYS A 29 -8.39 20.30 11.20
N ILE A 30 -8.22 18.99 11.33
CA ILE A 30 -9.35 18.08 11.36
C ILE A 30 -10.09 18.18 12.70
N GLN A 31 -9.36 18.56 13.74
CA GLN A 31 -9.94 18.69 15.07
C GLN A 31 -10.78 19.96 15.16
N ASP A 32 -10.52 20.90 14.25
CA ASP A 32 -11.25 22.17 14.24
C ASP A 32 -12.45 22.07 13.31
N LYS A 33 -12.45 21.06 12.45
CA LYS A 33 -13.55 20.86 11.50
C LYS A 33 -14.54 19.83 12.04
N GLU A 34 -14.01 18.76 12.62
CA GLU A 34 -14.85 17.70 13.17
C GLU A 34 -14.80 17.71 14.69
N GLY A 35 -13.63 18.04 15.24
CA GLY A 35 -13.46 18.06 16.69
C GLY A 35 -12.94 16.74 17.21
N ILE A 36 -12.11 16.07 16.41
CA ILE A 36 -11.55 14.79 16.80
C ILE A 36 -10.14 14.97 17.36
N PRO A 37 -9.96 14.69 18.62
CA PRO A 37 -8.64 14.81 19.31
C PRO A 37 -7.52 14.13 18.53
N PRO A 38 -6.45 14.82 18.28
CA PRO A 38 -5.28 14.28 17.53
C PRO A 38 -4.82 12.93 18.09
N ASP A 39 -4.91 12.78 19.39
CA ASP A 39 -4.50 11.53 20.04
C ASP A 39 -5.46 10.40 19.69
N GLN A 40 -6.58 10.75 19.04
CA GLN A 40 -7.56 9.76 18.64
C GLN A 40 -7.79 9.80 17.14
N GLN A 41 -6.72 10.05 16.39
CA GLN A 41 -6.81 10.12 14.94
C GLN A 41 -5.64 9.37 14.30
N ARG A 42 -5.94 8.52 13.32
CA ARG A 42 -4.91 7.75 12.63
C ARG A 42 -4.97 7.99 11.13
N LEU A 43 -3.97 8.69 10.60
CA LEU A 43 -3.92 8.98 9.18
C LEU A 43 -3.17 7.87 8.44
N ILE A 44 -3.63 7.55 7.23
CA ILE A 44 -3.00 6.51 6.43
C ILE A 44 -2.95 6.92 4.97
N PHE A 45 -1.79 6.74 4.34
CA PHE A 45 -1.63 7.08 2.93
C PHE A 45 -0.91 5.97 2.18
N ALA A 46 -1.56 5.44 1.17
CA ALA A 46 -0.97 4.36 0.37
C ALA A 46 -0.71 3.14 1.25
N GLY A 47 -1.53 2.98 2.29
CA GLY A 47 -1.37 1.85 3.20
C GLY A 47 -0.23 2.09 4.18
N LYS A 48 0.17 3.35 4.32
CA LYS A 48 1.25 3.71 5.23
C LYS A 48 0.76 4.69 6.28
N GLN A 49 1.13 4.45 7.54
CA GLN A 49 0.73 5.32 8.64
C GLN A 49 1.67 6.52 8.73
N LEU A 50 1.09 7.71 8.54
CA LEU A 50 1.89 8.94 8.61
C LEU A 50 2.24 9.27 10.05
N GLU A 51 3.42 9.84 10.25
CA GLU A 51 3.88 10.21 11.59
C GLU A 51 3.61 11.69 11.86
N ASP A 52 3.57 12.05 13.14
CA ASP A 52 3.33 13.44 13.52
C ASP A 52 4.63 14.24 13.48
N GLY A 53 5.74 13.55 13.22
CA GLY A 53 7.03 14.21 13.15
C GLY A 53 7.49 14.37 11.70
N ARG A 54 6.64 13.96 10.77
CA ARG A 54 6.96 14.06 9.35
C ARG A 54 6.04 15.06 8.66
N THR A 55 6.41 15.47 7.46
CA THR A 55 5.60 16.43 6.70
C THR A 55 4.84 15.71 5.58
N LEU A 56 4.14 16.48 4.76
CA LEU A 56 3.39 15.91 3.66
C LEU A 56 4.31 15.56 2.48
N SER A 57 5.27 16.45 2.22
CA SER A 57 6.21 16.23 1.13
C SER A 57 7.07 15.01 1.40
N ASP A 58 7.21 14.66 2.68
CA ASP A 58 8.01 13.50 3.06
C ASP A 58 7.36 12.21 2.57
N TYR A 59 6.05 12.25 2.39
CA TYR A 59 5.31 11.08 1.93
C TYR A 59 5.01 11.20 0.44
N ASN A 60 5.44 12.30 -0.17
CA ASN A 60 5.21 12.52 -1.59
C ASN A 60 3.72 12.73 -1.87
N ILE A 61 3.06 13.43 -0.97
CA ILE A 61 1.62 13.69 -1.13
C ILE A 61 1.39 14.89 -2.03
N GLN A 62 0.82 14.64 -3.21
CA GLN A 62 0.55 15.71 -4.16
C GLN A 62 -0.84 16.30 -3.91
N ARG A 63 -1.32 17.08 -4.87
CA ARG A 63 -2.63 17.70 -4.74
C ARG A 63 -3.73 16.70 -5.12
N GLU A 64 -4.95 17.00 -4.70
CA GLU A 64 -6.08 16.12 -4.99
C GLU A 64 -5.83 14.72 -4.43
N SER A 65 -4.98 14.65 -3.41
CA SER A 65 -4.66 13.37 -2.80
C SER A 65 -5.73 12.98 -1.79
N THR A 66 -5.92 11.68 -1.60
CA THR A 66 -6.93 11.19 -0.66
C THR A 66 -6.26 10.48 0.51
N LEU A 67 -6.66 10.84 1.72
CA LEU A 67 -6.10 10.22 2.92
C LEU A 67 -7.18 9.50 3.71
N HIS A 68 -6.77 8.51 4.50
CA HIS A 68 -7.72 7.75 5.31
C HIS A 68 -7.56 8.09 6.79
N LEU A 69 -8.67 8.28 7.47
CA LEU A 69 -8.65 8.61 8.89
C LEU A 69 -9.22 7.47 9.72
N VAL A 70 -8.48 7.04 10.74
CA VAL A 70 -8.93 5.96 11.60
C VAL A 70 -8.97 6.41 13.06
N LEU A 71 -10.08 6.12 13.73
CA LEU A 71 -10.22 6.50 15.14
C LEU A 71 -9.75 5.38 16.05
N ARG A 72 -9.12 5.75 17.16
CA ARG A 72 -8.61 4.77 18.10
C ARG A 72 -9.54 4.67 19.31
N LEU A 73 -9.49 3.53 19.99
CA LEU A 73 -10.32 3.30 21.18
C LEU A 73 -11.79 3.25 20.79
N ARG A 74 -12.40 2.07 20.94
CA ARG A 74 -13.82 1.89 20.62
C ARG A 74 -14.09 2.14 19.14
N GLY A 75 -14.05 1.08 18.34
CA GLY A 75 -14.30 1.19 16.91
C GLY A 75 -15.71 1.74 16.65
N GLY A 76 -16.68 1.25 17.42
CA GLY A 76 -18.06 1.70 17.26
C GLY A 76 -18.94 0.60 16.66
N MET B 1 -25.03 -3.62 12.49
CA MET B 1 -23.70 -2.95 12.44
C MET B 1 -23.45 -2.45 11.02
N GLN B 2 -22.41 -1.64 10.86
CA GLN B 2 -22.06 -1.11 9.55
C GLN B 2 -20.74 -1.70 9.06
N ILE B 3 -20.67 -1.98 7.76
CA ILE B 3 -19.47 -2.55 7.17
C ILE B 3 -19.06 -1.79 5.92
N PHE B 4 -17.84 -2.04 5.45
CA PHE B 4 -17.34 -1.36 4.25
C PHE B 4 -16.91 -2.38 3.21
N VAL B 5 -17.04 -2.01 1.93
CA VAL B 5 -16.66 -2.90 0.85
C VAL B 5 -15.88 -2.14 -0.22
N LYS B 6 -14.61 -2.50 -0.38
CA LYS B 6 -13.76 -1.85 -1.37
C LYS B 6 -13.78 -2.62 -2.68
N THR B 7 -13.60 -1.91 -3.79
CA THR B 7 -13.61 -2.54 -5.10
C THR B 7 -12.20 -2.55 -5.70
N LEU B 8 -12.10 -2.97 -6.95
CA LEU B 8 -10.80 -3.04 -7.63
C LEU B 8 -10.49 -1.70 -8.31
N THR B 9 -11.49 -0.82 -8.35
CA THR B 9 -11.31 0.49 -8.98
C THR B 9 -10.97 1.54 -7.93
N GLY B 10 -11.28 1.24 -6.67
CA GLY B 10 -11.00 2.17 -5.58
C GLY B 10 -12.28 2.85 -5.11
N LYS B 11 -13.33 2.06 -4.91
CA LYS B 11 -14.60 2.62 -4.45
C LYS B 11 -15.07 1.90 -3.19
N THR B 12 -15.39 2.68 -2.16
CA THR B 12 -15.85 2.11 -0.90
C THR B 12 -17.36 2.27 -0.75
N ILE B 13 -18.03 1.18 -0.38
CA ILE B 13 -19.47 1.21 -0.21
C ILE B 13 -19.84 0.83 1.22
N THR B 14 -20.84 1.53 1.78
CA THR B 14 -21.28 1.29 3.14
C THR B 14 -22.60 0.51 3.15
N LEU B 15 -22.66 -0.55 3.95
CA LEU B 15 -23.89 -1.35 4.05
C LEU B 15 -24.22 -1.64 5.51
N GLU B 16 -25.50 -1.88 5.79
CA GLU B 16 -25.93 -2.17 7.14
C GLU B 16 -26.51 -3.58 7.24
N VAL B 17 -25.70 -4.52 7.71
CA VAL B 17 -26.15 -5.90 7.85
C VAL B 17 -26.17 -6.31 9.32
N GLU B 18 -26.49 -7.58 9.57
CA GLU B 18 -26.54 -8.08 10.94
C GLU B 18 -25.71 -9.35 11.08
N PRO B 19 -25.16 -9.57 12.24
CA PRO B 19 -24.31 -10.76 12.52
C PRO B 19 -24.99 -12.06 12.09
N SER B 20 -26.30 -12.00 11.90
CA SER B 20 -27.06 -13.19 11.48
C SER B 20 -27.38 -13.12 9.99
N ASP B 21 -26.65 -12.26 9.27
CA ASP B 21 -26.87 -12.11 7.84
C ASP B 21 -25.98 -13.07 7.06
N THR B 22 -26.55 -13.74 6.07
CA THR B 22 -25.80 -14.68 5.25
C THR B 22 -25.03 -13.95 4.16
N ILE B 23 -24.00 -14.60 3.63
CA ILE B 23 -23.19 -14.00 2.57
C ILE B 23 -24.04 -13.70 1.35
N GLU B 24 -24.89 -14.66 0.98
CA GLU B 24 -25.75 -14.50 -0.18
C GLU B 24 -26.58 -13.22 -0.06
N ASN B 25 -27.04 -12.93 1.16
CA ASN B 25 -27.84 -11.74 1.40
C ASN B 25 -27.01 -10.48 1.16
N VAL B 26 -25.76 -10.52 1.59
CA VAL B 26 -24.87 -9.38 1.41
C VAL B 26 -24.66 -9.08 -0.07
N LYS B 27 -24.57 -10.13 -0.87
CA LYS B 27 -24.38 -9.98 -2.31
C LYS B 27 -25.57 -9.27 -2.94
N ALA B 28 -26.76 -9.59 -2.46
CA ALA B 28 -27.99 -8.99 -2.99
C ALA B 28 -27.99 -7.49 -2.72
N LYS B 29 -27.57 -7.12 -1.51
CA LYS B 29 -27.53 -5.71 -1.14
C LYS B 29 -26.62 -4.92 -2.07
N ILE B 30 -25.52 -5.55 -2.47
CA ILE B 30 -24.56 -4.90 -3.36
C ILE B 30 -25.12 -4.84 -4.78
N GLN B 31 -25.98 -5.79 -5.11
CA GLN B 31 -26.58 -5.83 -6.45
C GLN B 31 -27.66 -4.76 -6.58
N ASP B 32 -28.16 -4.28 -5.45
CA ASP B 32 -29.19 -3.25 -5.46
C ASP B 32 -28.56 -1.85 -5.38
N LYS B 33 -27.29 -1.82 -4.98
CA LYS B 33 -26.58 -0.55 -4.88
C LYS B 33 -25.74 -0.29 -6.13
N GLU B 34 -25.10 -1.33 -6.63
CA GLU B 34 -24.27 -1.21 -7.82
C GLU B 34 -24.91 -1.91 -9.00
N GLY B 35 -25.58 -3.03 -8.73
CA GLY B 35 -26.24 -3.79 -9.78
C GLY B 35 -25.33 -4.89 -10.31
N ILE B 36 -24.52 -5.46 -9.43
CA ILE B 36 -23.59 -6.52 -9.82
C ILE B 36 -24.17 -7.89 -9.47
N PRO B 37 -24.47 -8.67 -10.46
CA PRO B 37 -25.04 -10.04 -10.27
C PRO B 37 -24.24 -10.85 -9.25
N PRO B 38 -24.91 -11.42 -8.29
CA PRO B 38 -24.26 -12.25 -7.24
C PRO B 38 -23.33 -13.32 -7.83
N ASP B 39 -23.72 -13.86 -8.97
CA ASP B 39 -22.93 -14.90 -9.63
C ASP B 39 -21.64 -14.30 -10.18
N GLN B 40 -21.55 -12.97 -10.15
CA GLN B 40 -20.35 -12.29 -10.66
C GLN B 40 -19.72 -11.44 -9.57
N GLN B 41 -19.79 -11.92 -8.33
CA GLN B 41 -19.22 -11.19 -7.20
C GLN B 41 -18.43 -12.13 -6.30
N ARG B 42 -17.23 -11.72 -5.92
CA ARG B 42 -16.39 -12.54 -5.07
C ARG B 42 -15.97 -11.75 -3.82
N LEU B 43 -16.50 -12.13 -2.67
CA LEU B 43 -16.17 -11.46 -1.42
C LEU B 43 -14.96 -12.12 -0.76
N ILE B 44 -14.11 -11.30 -0.14
CA ILE B 44 -12.92 -11.83 0.52
C ILE B 44 -12.69 -11.09 1.84
N PHE B 45 -12.41 -11.86 2.89
CA PHE B 45 -12.16 -11.26 4.21
C PHE B 45 -10.94 -11.90 4.85
N ALA B 46 -9.94 -11.08 5.16
CA ALA B 46 -8.71 -11.58 5.78
C ALA B 46 -8.02 -12.58 4.87
N GLY B 47 -8.20 -12.40 3.56
CA GLY B 47 -7.59 -13.30 2.58
C GLY B 47 -8.36 -14.61 2.49
N LYS B 48 -9.61 -14.58 2.95
CA LYS B 48 -10.45 -15.78 2.91
C LYS B 48 -11.71 -15.51 2.09
N GLN B 49 -12.06 -16.45 1.22
CA GLN B 49 -13.25 -16.31 0.39
C GLN B 49 -14.50 -16.74 1.16
N LEU B 50 -15.42 -15.80 1.36
CA LEU B 50 -16.65 -16.09 2.08
C LEU B 50 -17.60 -16.91 1.22
N GLU B 51 -18.36 -17.81 1.86
CA GLU B 51 -19.30 -18.65 1.14
C GLU B 51 -20.71 -18.07 1.22
N ASP B 52 -21.56 -18.48 0.28
CA ASP B 52 -22.93 -17.99 0.27
C ASP B 52 -23.81 -18.80 1.22
N GLY B 53 -23.22 -19.84 1.82
CA GLY B 53 -23.94 -20.69 2.74
C GLY B 53 -23.55 -20.39 4.18
N ARG B 54 -22.69 -19.40 4.35
CA ARG B 54 -22.23 -19.01 5.69
C ARG B 54 -22.70 -17.61 6.03
N THR B 55 -22.63 -17.26 7.31
CA THR B 55 -23.06 -15.94 7.76
C THR B 55 -21.86 -15.06 8.05
N LEU B 56 -22.12 -13.86 8.57
CA LEU B 56 -21.05 -12.92 8.88
C LEU B 56 -20.37 -13.30 10.19
N SER B 57 -21.18 -13.69 11.17
CA SER B 57 -20.65 -14.08 12.47
C SER B 57 -19.75 -15.32 12.35
N ASP B 58 -20.00 -16.12 11.31
CA ASP B 58 -19.22 -17.32 11.09
C ASP B 58 -17.78 -16.97 10.76
N TYR B 59 -17.58 -15.78 10.20
CA TYR B 59 -16.24 -15.33 9.85
C TYR B 59 -15.68 -14.38 10.90
N ASN B 60 -16.47 -14.14 11.95
CA ASN B 60 -16.05 -13.25 13.02
C ASN B 60 -15.91 -11.82 12.49
N ILE B 61 -16.87 -11.39 11.68
CA ILE B 61 -16.83 -10.05 11.11
C ILE B 61 -17.53 -9.05 12.04
N GLN B 62 -16.76 -8.11 12.57
CA GLN B 62 -17.31 -7.11 13.48
C GLN B 62 -17.73 -5.86 12.69
N LYS B 63 -18.11 -4.82 13.41
CA LYS B 63 -18.53 -3.58 12.78
C LYS B 63 -17.32 -2.78 12.30
N GLU B 64 -17.53 -1.93 11.30
CA GLU B 64 -16.44 -1.12 10.77
C GLU B 64 -15.44 -1.99 10.02
N SER B 65 -15.83 -3.22 9.73
CA SER B 65 -14.95 -4.14 9.03
C SER B 65 -14.90 -3.80 7.54
N THR B 66 -13.81 -4.19 6.88
CA THR B 66 -13.65 -3.91 5.46
C THR B 66 -13.58 -5.21 4.66
N LEU B 67 -14.38 -5.30 3.61
CA LEU B 67 -14.39 -6.49 2.77
C LEU B 67 -13.94 -6.16 1.35
N HIS B 68 -13.44 -7.17 0.65
CA HIS B 68 -12.96 -6.97 -0.72
C HIS B 68 -13.91 -7.64 -1.71
N LEU B 69 -14.21 -6.95 -2.80
CA LEU B 69 -15.10 -7.49 -3.81
C LEU B 69 -14.35 -7.74 -5.11
N VAL B 70 -14.50 -8.94 -5.66
CA VAL B 70 -13.83 -9.29 -6.89
C VAL B 70 -14.84 -9.75 -7.95
N LEU B 71 -14.70 -9.23 -9.17
CA LEU B 71 -15.60 -9.59 -10.25
C LEU B 71 -15.05 -10.77 -11.04
N ARG B 72 -15.93 -11.64 -11.50
CA ARG B 72 -15.52 -12.80 -12.28
C ARG B 72 -15.90 -12.63 -13.75
N LEU B 73 -15.30 -13.43 -14.61
CA LEU B 73 -15.58 -13.36 -16.04
C LEU B 73 -16.29 -14.63 -16.51
N ARG B 74 -17.62 -14.60 -16.52
CA ARG B 74 -18.40 -15.76 -16.95
C ARG B 74 -19.75 -15.32 -17.50
N GLY B 75 -20.51 -14.59 -16.69
CA GLY B 75 -21.83 -14.11 -17.11
C GLY B 75 -22.92 -15.10 -16.74
N GLY B 76 -24.17 -14.71 -16.96
CA GLY B 76 -25.31 -15.56 -16.64
C GLY B 76 -26.51 -14.74 -16.22
N ASP B 77 -27.56 -14.75 -17.04
CA ASP B 77 -28.78 -14.00 -16.74
C ASP B 77 -28.44 -12.57 -16.35
N VAL C 3 17.63 -9.82 -3.40
CA VAL C 3 18.77 -10.58 -3.98
C VAL C 3 18.72 -12.03 -3.50
N SER C 4 19.35 -12.92 -4.25
CA SER C 4 19.37 -14.34 -3.89
C SER C 4 17.97 -14.93 -4.00
N GLU C 5 17.89 -16.17 -4.47
CA GLU C 5 16.61 -16.85 -4.62
C GLU C 5 16.15 -17.42 -3.29
N SER C 6 17.10 -17.79 -2.44
CA SER C 6 16.78 -18.36 -1.14
C SER C 6 16.09 -17.32 -0.26
N GLN C 7 16.69 -16.13 -0.19
CA GLN C 7 16.13 -15.06 0.63
C GLN C 7 14.73 -14.69 0.13
N LEU C 8 14.50 -14.87 -1.16
CA LEU C 8 13.20 -14.56 -1.75
C LEU C 8 12.14 -15.55 -1.29
N LYS C 9 12.54 -16.81 -1.18
CA LYS C 9 11.62 -17.86 -0.75
C LYS C 9 11.40 -17.78 0.77
N LYS C 10 12.09 -16.86 1.42
CA LYS C 10 11.97 -16.70 2.86
C LYS C 10 10.97 -15.58 3.19
N MET C 11 11.00 -14.51 2.39
CA MET C 11 10.10 -13.39 2.61
C MET C 11 8.68 -13.75 2.21
N VAL C 12 8.56 -14.78 1.38
CA VAL C 12 7.24 -15.23 0.92
C VAL C 12 6.95 -16.64 1.42
N SER C 13 7.27 -16.88 2.70
CA SER C 13 7.04 -18.19 3.30
C SER C 13 5.60 -18.29 3.81
N LYS C 14 4.96 -17.14 3.99
CA LYS C 14 3.59 -17.12 4.48
C LYS C 14 2.61 -16.91 3.31
N TYR C 15 3.06 -17.23 2.11
CA TYR C 15 2.22 -17.07 0.93
C TYR C 15 1.62 -18.42 0.52
N LYS C 16 0.30 -18.44 0.34
CA LYS C 16 -0.38 -19.66 -0.04
C LYS C 16 0.28 -20.28 -1.28
N TYR C 17 0.69 -19.43 -2.20
CA TYR C 17 1.33 -19.89 -3.43
C TYR C 17 2.76 -19.34 -3.54
N ARG C 18 3.65 -19.87 -2.72
CA ARG C 18 5.04 -19.42 -2.74
C ARG C 18 5.66 -19.64 -4.12
N ASP C 19 5.98 -20.89 -4.42
CA ASP C 19 6.58 -21.22 -5.71
C ASP C 19 6.14 -20.21 -6.77
N LEU C 20 4.91 -20.36 -7.26
CA LEU C 20 4.39 -19.45 -8.27
C LEU C 20 4.94 -18.05 -8.08
N THR C 21 4.54 -17.41 -6.98
CA THR C 21 5.00 -16.06 -6.68
C THR C 21 6.50 -15.93 -6.96
N VAL C 22 7.30 -16.73 -6.26
CA VAL C 22 8.74 -16.70 -6.44
C VAL C 22 9.10 -16.68 -7.92
N ARG C 23 8.85 -17.80 -8.60
CA ARG C 23 9.15 -17.90 -10.02
C ARG C 23 8.82 -16.59 -10.73
N GLU C 24 7.56 -16.18 -10.65
CA GLU C 24 7.13 -14.94 -11.29
C GLU C 24 8.07 -13.81 -10.92
N THR C 25 8.31 -13.64 -9.62
CA THR C 25 9.19 -12.57 -9.14
C THR C 25 10.57 -12.69 -9.80
N VAL C 26 11.13 -13.89 -9.78
CA VAL C 26 12.44 -14.12 -10.38
C VAL C 26 12.43 -13.74 -11.86
N ASN C 27 11.32 -14.00 -12.52
CA ASN C 27 11.19 -13.68 -13.93
C ASN C 27 11.09 -12.17 -14.14
N VAL C 28 10.71 -11.46 -13.08
CA VAL C 28 10.58 -10.01 -13.16
C VAL C 28 11.92 -9.33 -12.95
N ILE C 29 12.43 -9.41 -11.72
CA ILE C 29 13.71 -8.81 -11.39
C ILE C 29 14.78 -9.21 -12.40
N THR C 30 14.56 -10.34 -13.06
CA THR C 30 15.52 -10.84 -14.06
C THR C 30 15.64 -9.85 -15.21
N LEU C 31 14.51 -9.41 -15.74
CA LEU C 31 14.51 -8.47 -16.86
C LEU C 31 14.70 -7.05 -16.34
N TYR C 32 14.10 -6.74 -15.20
CA TYR C 32 14.21 -5.41 -14.62
C TYR C 32 15.02 -5.46 -13.32
N LYS C 33 16.33 -5.33 -13.44
CA LYS C 33 17.21 -5.35 -12.27
C LYS C 33 16.94 -4.14 -11.38
N ASP C 34 16.28 -3.13 -11.94
CA ASP C 34 15.96 -1.93 -11.19
C ASP C 34 14.85 -2.20 -10.17
N LEU C 35 14.37 -3.44 -10.16
CA LEU C 35 13.31 -3.81 -9.23
C LEU C 35 13.81 -4.86 -8.24
N LYS C 36 13.57 -4.61 -6.95
CA LYS C 36 14.01 -5.54 -5.92
C LYS C 36 12.87 -5.82 -4.93
N PRO C 37 12.72 -7.05 -4.54
CA PRO C 37 11.66 -7.47 -3.58
C PRO C 37 11.96 -7.02 -2.16
N VAL C 38 10.90 -6.70 -1.41
CA VAL C 38 11.07 -6.25 -0.02
C VAL C 38 9.86 -6.65 0.81
N LEU C 39 10.10 -6.99 2.08
CA LEU C 39 9.02 -7.39 2.97
C LEU C 39 8.69 -6.26 3.94
N ASP C 40 7.48 -5.72 3.80
CA ASP C 40 7.05 -4.63 4.67
C ASP C 40 5.57 -4.81 5.05
N SER C 41 5.15 -4.08 6.08
CA SER C 41 3.76 -4.17 6.54
C SER C 41 2.88 -3.19 5.76
N TYR C 42 1.77 -3.70 5.24
CA TYR C 42 0.85 -2.87 4.47
C TYR C 42 -0.42 -2.60 5.28
N VAL C 43 -0.54 -1.38 5.81
CA VAL C 43 -1.71 -1.02 6.60
C VAL C 43 -2.82 -0.50 5.68
N PHE C 44 -3.86 -1.31 5.51
CA PHE C 44 -4.98 -0.93 4.66
C PHE C 44 -5.65 0.33 5.19
N ASN C 45 -6.64 0.83 4.46
CA ASN C 45 -7.36 2.03 4.87
C ASN C 45 -8.17 1.77 6.13
N ASP C 46 -8.63 0.53 6.28
CA ASP C 46 -9.43 0.16 7.44
C ASP C 46 -8.58 0.19 8.70
N GLY C 47 -7.26 0.35 8.53
CA GLY C 47 -6.35 0.39 9.65
C GLY C 47 -5.59 -0.92 9.79
N SER C 48 -6.25 -2.02 9.42
CA SER C 48 -5.63 -3.33 9.50
C SER C 48 -4.26 -3.33 8.85
N SER C 49 -3.41 -4.29 9.21
CA SER C 49 -2.07 -4.37 8.65
C SER C 49 -1.74 -5.81 8.29
N ARG C 50 -0.82 -5.98 7.34
CA ARG C 50 -0.41 -7.31 6.90
C ARG C 50 0.95 -7.25 6.22
N GLU C 51 1.82 -8.20 6.56
CA GLU C 51 3.16 -8.25 5.97
C GLU C 51 3.11 -8.87 4.57
N LEU C 52 3.24 -8.02 3.56
CA LEU C 52 3.22 -8.49 2.18
C LEU C 52 4.54 -8.15 1.48
N MET C 53 4.83 -8.87 0.40
CA MET C 53 6.06 -8.64 -0.35
C MET C 53 5.77 -7.82 -1.61
N ASN C 54 6.38 -6.64 -1.70
CA ASN C 54 6.19 -5.78 -2.85
C ASN C 54 7.49 -5.61 -3.63
N LEU C 55 7.39 -5.13 -4.86
CA LEU C 55 8.57 -4.92 -5.69
C LEU C 55 8.84 -3.43 -5.88
N THR C 56 9.76 -2.90 -5.08
CA THR C 56 10.11 -1.48 -5.17
C THR C 56 11.28 -1.27 -6.12
N GLY C 57 11.27 -0.14 -6.82
CA GLY C 57 12.34 0.16 -7.76
C GLY C 57 11.86 1.14 -8.83
N THR C 58 12.45 1.05 -10.02
CA THR C 58 12.07 1.92 -11.12
C THR C 58 12.05 1.16 -12.43
N ILE C 59 11.21 1.59 -13.36
CA ILE C 59 11.10 0.94 -14.66
C ILE C 59 11.39 1.92 -15.78
N PRO C 60 12.09 1.49 -16.79
CA PRO C 60 12.46 2.34 -17.96
C PRO C 60 11.25 2.64 -18.85
N VAL C 61 10.98 3.92 -19.07
CA VAL C 61 9.86 4.31 -19.91
C VAL C 61 10.27 5.43 -20.87
N PRO C 62 10.78 5.06 -22.01
CA PRO C 62 11.22 6.04 -23.05
C PRO C 62 10.15 7.07 -23.37
N TYR C 63 10.54 8.34 -23.39
CA TYR C 63 9.59 9.42 -23.70
C TYR C 63 10.33 10.60 -24.32
N ARG C 64 9.92 10.97 -25.53
CA ARG C 64 10.54 12.10 -26.22
C ARG C 64 12.03 11.83 -26.43
N GLY C 65 12.40 10.56 -26.55
CA GLY C 65 13.79 10.19 -26.76
C GLY C 65 14.52 10.09 -25.43
N ASN C 66 13.87 10.54 -24.35
CA ASN C 66 14.47 10.49 -23.02
C ASN C 66 13.92 9.32 -22.23
N THR C 67 14.78 8.69 -21.44
CA THR C 67 14.36 7.54 -20.64
C THR C 67 14.10 7.97 -19.19
N TYR C 68 12.86 7.79 -18.73
CA TYR C 68 12.50 8.17 -17.38
C TYR C 68 12.34 6.92 -16.51
N ASN C 69 13.04 6.89 -15.38
CA ASN C 69 12.96 5.76 -14.47
C ASN C 69 11.86 5.98 -13.43
N ILE C 70 10.62 5.82 -13.87
CA ILE C 70 9.48 6.01 -12.97
C ILE C 70 9.48 4.96 -11.86
N PRO C 71 9.51 5.39 -10.63
CA PRO C 71 9.50 4.49 -9.45
C PRO C 71 8.10 3.95 -9.14
N ILE C 72 7.99 2.64 -8.97
CA ILE C 72 6.71 2.02 -8.66
C ILE C 72 6.83 1.09 -7.47
N CYS C 73 5.69 0.63 -6.96
CA CYS C 73 5.69 -0.27 -5.81
C CYS C 73 4.53 -1.26 -5.91
N LEU C 74 4.83 -2.44 -6.43
CA LEU C 74 3.80 -3.47 -6.58
C LEU C 74 3.65 -4.28 -5.29
N TRP C 75 2.42 -4.37 -4.79
CA TRP C 75 2.17 -5.11 -3.56
C TRP C 75 1.47 -6.44 -3.87
N LEU C 76 1.96 -7.51 -3.28
CA LEU C 76 1.38 -8.84 -3.50
C LEU C 76 0.69 -9.33 -2.23
N LEU C 77 -0.55 -9.78 -2.37
CA LEU C 77 -1.30 -10.28 -1.23
C LEU C 77 -1.08 -11.78 -1.06
N ASP C 78 -1.04 -12.24 0.19
CA ASP C 78 -0.84 -13.65 0.47
C ASP C 78 -1.21 -14.50 -0.74
N THR C 79 -2.09 -13.96 -1.59
CA THR C 79 -2.53 -14.67 -2.78
C THR C 79 -2.50 -13.76 -3.99
N TYR C 80 -1.31 -13.56 -4.56
CA TYR C 80 -1.16 -12.70 -5.73
C TYR C 80 -1.15 -13.52 -7.00
N PRO C 81 -1.25 -14.83 -6.88
CA PRO C 81 -1.24 -15.76 -8.04
C PRO C 81 -2.57 -15.72 -8.80
N TYR C 82 -3.58 -15.12 -8.20
CA TYR C 82 -4.89 -15.04 -8.82
C TYR C 82 -5.45 -13.62 -8.69
N ASN C 83 -4.89 -12.86 -7.76
CA ASN C 83 -5.34 -11.49 -7.54
C ASN C 83 -4.31 -10.49 -8.05
N PRO C 84 -4.77 -9.38 -8.56
CA PRO C 84 -3.87 -8.31 -9.10
C PRO C 84 -3.19 -7.51 -8.00
N PRO C 85 -1.91 -7.31 -8.12
CA PRO C 85 -1.10 -6.55 -7.12
C PRO C 85 -1.55 -5.09 -7.02
N ILE C 86 -1.17 -4.43 -5.92
CA ILE C 86 -1.55 -3.04 -5.71
C ILE C 86 -0.41 -2.12 -6.16
N CYS C 87 -0.48 -1.67 -7.41
CA CYS C 87 0.54 -0.79 -7.96
C CYS C 87 0.46 0.60 -7.31
N PHE C 88 1.53 1.37 -7.47
CA PHE C 88 1.57 2.71 -6.91
C PHE C 88 2.76 3.49 -7.47
N VAL C 89 2.51 4.74 -7.85
CA VAL C 89 3.57 5.58 -8.41
C VAL C 89 4.21 6.43 -7.32
N LYS C 90 5.34 5.95 -6.79
CA LYS C 90 6.04 6.67 -5.75
C LYS C 90 6.87 7.82 -6.33
N PRO C 91 6.27 8.97 -6.46
CA PRO C 91 6.96 10.17 -7.03
C PRO C 91 7.96 10.77 -6.05
N THR C 92 9.08 11.25 -6.57
CA THR C 92 10.11 11.85 -5.73
C THR C 92 9.85 13.34 -5.55
N SER C 93 10.69 13.99 -4.74
CA SER C 93 10.54 15.41 -4.49
C SER C 93 10.71 16.21 -5.78
N SER C 94 11.23 15.56 -6.80
CA SER C 94 11.44 16.22 -8.09
C SER C 94 10.49 15.65 -9.14
N MET C 95 9.39 15.04 -8.68
CA MET C 95 8.42 14.46 -9.60
C MET C 95 7.01 14.89 -9.21
N THR C 96 6.18 15.14 -10.23
CA THR C 96 4.80 15.57 -9.98
C THR C 96 3.83 14.65 -10.71
N ILE C 97 2.99 13.96 -9.95
CA ILE C 97 2.00 13.05 -10.52
C ILE C 97 1.08 13.80 -11.47
N LYS C 98 0.96 13.31 -12.70
CA LYS C 98 0.10 13.95 -13.69
C LYS C 98 -1.19 13.15 -13.86
N THR C 99 -1.94 13.01 -12.77
CA THR C 99 -3.20 12.28 -12.81
C THR C 99 -3.71 12.15 -14.24
N GLY C 100 -4.16 10.95 -14.60
CA GLY C 100 -4.67 10.71 -15.94
C GLY C 100 -5.74 9.62 -15.93
N LYS C 101 -5.56 8.62 -16.79
CA LYS C 101 -6.51 7.52 -16.87
C LYS C 101 -5.94 6.27 -16.19
N HIS C 102 -4.64 6.28 -15.96
CA HIS C 102 -3.97 5.15 -15.32
C HIS C 102 -3.28 5.60 -14.04
N VAL C 103 -3.58 6.82 -13.60
CA VAL C 103 -2.97 7.35 -12.39
C VAL C 103 -3.83 8.47 -11.80
N ASP C 104 -4.02 8.43 -10.49
CA ASP C 104 -4.82 9.44 -9.81
C ASP C 104 -3.94 10.42 -9.05
N ALA C 105 -4.47 10.98 -7.96
CA ALA C 105 -3.71 11.92 -7.16
C ALA C 105 -2.91 11.20 -6.08
N ASN C 106 -3.35 9.98 -5.74
CA ASN C 106 -2.68 9.20 -4.73
C ASN C 106 -1.51 8.42 -5.33
N GLY C 107 -1.57 8.22 -6.65
CA GLY C 107 -0.52 7.49 -7.34
C GLY C 107 -1.05 6.16 -7.88
N LYS C 108 -2.14 5.69 -7.31
CA LYS C 108 -2.74 4.43 -7.73
C LYS C 108 -2.70 4.30 -9.25
N ILE C 109 -2.39 3.10 -9.75
CA ILE C 109 -2.31 2.87 -11.18
C ILE C 109 -3.56 2.12 -11.66
N TYR C 110 -4.07 2.53 -12.82
CA TYR C 110 -5.25 1.90 -13.38
C TYR C 110 -4.98 1.40 -14.80
N LEU C 111 -5.01 0.08 -14.98
CA LEU C 111 -4.76 -0.51 -16.29
C LEU C 111 -5.64 -1.74 -16.49
N PRO C 112 -6.17 -1.90 -17.67
CA PRO C 112 -7.05 -3.04 -18.02
C PRO C 112 -6.47 -4.38 -17.58
N TYR C 113 -5.14 -4.43 -17.49
CA TYR C 113 -4.47 -5.66 -17.08
C TYR C 113 -4.86 -6.03 -15.66
N LEU C 114 -5.13 -5.03 -14.84
CA LEU C 114 -5.51 -5.27 -13.45
C LEU C 114 -7.00 -5.60 -13.35
N HIS C 115 -7.81 -4.86 -14.11
CA HIS C 115 -9.25 -5.08 -14.10
C HIS C 115 -9.57 -6.51 -14.54
N GLU C 116 -8.85 -6.98 -15.55
CA GLU C 116 -9.07 -8.33 -16.06
C GLU C 116 -7.88 -9.23 -15.73
N TRP C 117 -7.64 -9.42 -14.43
CA TRP C 117 -6.53 -10.26 -13.98
C TRP C 117 -7.02 -11.69 -13.72
N LYS C 118 -6.21 -12.66 -14.13
CA LYS C 118 -6.58 -14.06 -13.94
C LYS C 118 -5.49 -14.79 -13.16
N HIS C 119 -4.42 -15.18 -13.86
CA HIS C 119 -3.32 -15.89 -13.24
C HIS C 119 -2.67 -16.86 -14.23
N PRO C 120 -3.48 -17.48 -15.04
CA PRO C 120 -3.00 -18.47 -16.05
C PRO C 120 -2.27 -17.78 -17.21
N GLN C 121 -2.62 -16.52 -17.46
CA GLN C 121 -2.00 -15.76 -18.53
C GLN C 121 -1.48 -14.42 -18.01
N SER C 122 -2.05 -13.95 -16.91
CA SER C 122 -1.65 -12.69 -16.32
C SER C 122 -0.50 -12.91 -15.32
N ASP C 123 0.53 -12.07 -15.41
CA ASP C 123 1.67 -12.18 -14.52
C ASP C 123 2.33 -10.82 -14.32
N LEU C 124 3.28 -10.77 -13.39
CA LEU C 124 3.99 -9.53 -13.11
C LEU C 124 4.67 -8.99 -14.37
N LEU C 125 5.51 -9.84 -14.96
CA LEU C 125 6.23 -9.44 -16.18
C LEU C 125 5.28 -8.78 -17.17
N GLY C 126 4.17 -9.47 -17.47
CA GLY C 126 3.20 -8.94 -18.41
C GLY C 126 2.61 -7.62 -17.91
N LEU C 127 2.43 -7.51 -16.60
CA LEU C 127 1.88 -6.31 -16.00
C LEU C 127 2.86 -5.14 -16.14
N ILE C 128 4.15 -5.43 -15.92
CA ILE C 128 5.17 -4.40 -16.02
C ILE C 128 5.32 -3.93 -17.46
N GLN C 129 5.40 -4.88 -18.39
CA GLN C 129 5.55 -4.55 -19.79
C GLN C 129 4.41 -3.65 -20.25
N VAL C 130 3.20 -3.97 -19.81
CA VAL C 130 2.02 -3.18 -20.18
C VAL C 130 2.09 -1.79 -19.55
N MET C 131 2.72 -1.69 -18.39
CA MET C 131 2.84 -0.41 -17.70
C MET C 131 3.80 0.51 -18.45
N ILE C 132 4.81 -0.08 -19.07
CA ILE C 132 5.79 0.70 -19.83
C ILE C 132 5.18 1.20 -21.13
N VAL C 133 4.29 0.40 -21.71
CA VAL C 133 3.64 0.78 -22.96
C VAL C 133 2.66 1.92 -22.74
N VAL C 134 1.86 1.81 -21.69
CA VAL C 134 0.88 2.85 -21.38
C VAL C 134 1.58 4.13 -20.92
N PHE C 135 2.52 3.97 -19.99
CA PHE C 135 3.25 5.12 -19.48
C PHE C 135 4.02 5.81 -20.59
N GLY C 136 4.41 5.04 -21.60
CA GLY C 136 5.15 5.59 -22.73
C GLY C 136 4.30 6.59 -23.51
N ASP C 137 3.02 6.26 -23.67
CA ASP C 137 2.11 7.14 -24.40
C ASP C 137 1.50 8.17 -23.46
N GLU C 138 1.40 7.81 -22.18
CA GLU C 138 0.84 8.72 -21.18
C GLU C 138 1.71 8.77 -19.94
N PRO C 139 2.55 9.76 -19.84
CA PRO C 139 3.47 9.93 -18.68
C PRO C 139 2.72 10.29 -17.40
N PRO C 140 2.79 9.43 -16.41
CA PRO C 140 2.11 9.65 -15.11
C PRO C 140 2.81 10.73 -14.27
N VAL C 141 4.01 11.10 -14.69
CA VAL C 141 4.76 12.12 -13.96
C VAL C 141 5.52 13.02 -14.94
N PHE C 142 6.04 14.13 -14.44
CA PHE C 142 6.79 15.06 -15.28
C PHE C 142 7.66 15.97 -14.42
N SER C 143 8.98 15.82 -14.56
CA SER C 143 9.91 16.64 -13.79
C SER C 143 9.22 17.87 -13.25
N MET A 1 -1.98 23.58 -1.63
CA MET A 1 -2.75 22.59 -2.43
C MET A 1 -3.95 22.11 -1.63
N GLN A 2 -4.85 21.37 -2.30
CA GLN A 2 -6.04 20.86 -1.62
C GLN A 2 -5.96 19.33 -1.52
N ILE A 3 -6.43 18.80 -0.39
CA ILE A 3 -6.41 17.36 -0.18
C ILE A 3 -7.77 16.86 0.31
N PHE A 4 -7.97 15.55 0.28
CA PHE A 4 -9.23 14.98 0.73
C PHE A 4 -8.98 13.95 1.83
N VAL A 5 -9.95 13.81 2.74
CA VAL A 5 -9.83 12.86 3.84
C VAL A 5 -11.13 12.09 4.02
N LYS A 6 -11.08 10.78 3.78
CA LYS A 6 -12.26 9.94 3.93
C LYS A 6 -12.31 9.33 5.32
N THR A 7 -13.51 9.08 5.82
CA THR A 7 -13.68 8.49 7.13
C THR A 7 -14.16 7.05 7.03
N LEU A 8 -14.49 6.44 8.17
CA LEU A 8 -14.96 5.07 8.19
C LEU A 8 -16.47 5.02 8.01
N THR A 9 -17.11 6.18 8.08
CA THR A 9 -18.56 6.26 7.93
C THR A 9 -18.93 6.60 6.49
N GLY A 10 -17.98 7.17 5.75
CA GLY A 10 -18.21 7.53 4.37
C GLY A 10 -18.38 9.04 4.23
N LYS A 11 -17.47 9.79 4.84
CA LYS A 11 -17.51 11.24 4.78
C LYS A 11 -16.19 11.81 4.27
N THR A 12 -16.26 12.66 3.26
CA THR A 12 -15.05 13.25 2.69
C THR A 12 -14.91 14.71 3.14
N ILE A 13 -13.71 15.08 3.58
CA ILE A 13 -13.45 16.44 4.03
C ILE A 13 -12.33 17.06 3.22
N THR A 14 -12.47 18.35 2.91
CA THR A 14 -11.46 19.05 2.12
C THR A 14 -10.65 19.98 3.02
N LEU A 15 -9.33 19.96 2.84
CA LEU A 15 -8.44 20.80 3.63
C LEU A 15 -7.38 21.44 2.75
N GLU A 16 -6.91 22.62 3.15
CA GLU A 16 -5.89 23.32 2.37
C GLU A 16 -4.59 23.40 3.16
N VAL A 17 -3.66 22.50 2.85
CA VAL A 17 -2.37 22.48 3.53
C VAL A 17 -1.24 22.79 2.56
N GLU A 18 -0.01 22.76 3.05
CA GLU A 18 1.14 23.04 2.20
C GLU A 18 2.16 21.91 2.29
N PRO A 19 2.89 21.69 1.23
CA PRO A 19 3.94 20.63 1.18
C PRO A 19 4.88 20.68 2.37
N SER A 20 4.90 21.82 3.05
CA SER A 20 5.77 21.99 4.21
C SER A 20 4.96 21.87 5.50
N ASP A 21 3.78 21.29 5.40
CA ASP A 21 2.92 21.10 6.57
C ASP A 21 3.19 19.76 7.23
N THR A 22 3.31 19.78 8.55
CA THR A 22 3.57 18.55 9.30
C THR A 22 2.27 17.78 9.53
N ILE A 23 2.40 16.48 9.80
CA ILE A 23 1.24 15.64 10.04
C ILE A 23 0.45 16.14 11.24
N GLU A 24 1.17 16.48 12.32
CA GLU A 24 0.52 16.97 13.52
C GLU A 24 -0.37 18.16 13.22
N ASN A 25 0.09 19.03 12.32
CA ASN A 25 -0.68 20.21 11.93
C ASN A 25 -1.96 19.80 11.22
N VAL A 26 -1.87 18.79 10.37
CA VAL A 26 -3.04 18.31 9.65
C VAL A 26 -4.10 17.78 10.61
N LYS A 27 -3.66 17.12 11.67
CA LYS A 27 -4.57 16.58 12.67
C LYS A 27 -5.34 17.70 13.35
N ALA A 28 -4.66 18.80 13.62
CA ALA A 28 -5.29 19.94 14.28
C ALA A 28 -6.40 20.52 13.41
N LYS A 29 -6.13 20.61 12.11
CA LYS A 29 -7.11 21.14 11.18
C LYS A 29 -8.39 20.30 11.20
N ILE A 30 -8.22 18.99 11.33
CA ILE A 30 -9.36 18.08 11.37
C ILE A 30 -10.09 18.18 12.70
N GLN A 31 -9.36 18.56 13.74
CA GLN A 31 -9.94 18.69 15.07
C GLN A 31 -10.78 19.96 15.16
N ASP A 32 -10.52 20.90 14.25
CA ASP A 32 -11.25 22.16 14.23
C ASP A 32 -12.45 22.07 13.31
N LYS A 33 -12.45 21.05 12.44
CA LYS A 33 -13.55 20.86 11.50
C LYS A 33 -14.54 19.83 12.04
N GLU A 34 -14.01 18.76 12.62
CA GLU A 34 -14.85 17.70 13.17
C GLU A 34 -14.80 17.71 14.69
N GLY A 35 -13.63 18.04 15.24
CA GLY A 35 -13.46 18.06 16.69
C GLY A 35 -12.94 16.74 17.21
N ILE A 36 -12.11 16.07 16.41
CA ILE A 36 -11.55 14.79 16.80
C ILE A 36 -10.14 14.97 17.36
N PRO A 37 -9.96 14.69 18.62
CA PRO A 37 -8.64 14.81 19.31
C PRO A 37 -7.52 14.12 18.52
N PRO A 38 -6.45 14.83 18.28
CA PRO A 38 -5.28 14.29 17.54
C PRO A 38 -4.82 12.93 18.09
N ASP A 39 -4.91 12.78 19.40
CA ASP A 39 -4.50 11.53 20.04
C ASP A 39 -5.46 10.40 19.68
N GLN A 40 -6.58 10.75 19.04
CA GLN A 40 -7.56 9.76 18.64
C GLN A 40 -7.78 9.79 17.14
N GLN A 41 -6.72 10.05 16.39
CA GLN A 41 -6.80 10.11 14.94
C GLN A 41 -5.64 9.36 14.30
N ARG A 42 -5.94 8.52 13.32
CA ARG A 42 -4.91 7.75 12.63
C ARG A 42 -4.97 7.99 11.13
N LEU A 43 -3.97 8.69 10.60
CA LEU A 43 -3.92 8.98 9.18
C LEU A 43 -3.17 7.88 8.43
N ILE A 44 -3.63 7.55 7.23
CA ILE A 44 -3.00 6.51 6.43
C ILE A 44 -2.95 6.92 4.97
N PHE A 45 -1.79 6.74 4.35
CA PHE A 45 -1.62 7.10 2.94
C PHE A 45 -0.91 5.97 2.18
N ALA A 46 -1.56 5.44 1.17
CA ALA A 46 -0.97 4.36 0.37
C ALA A 46 -0.71 3.14 1.25
N GLY A 47 -1.52 2.97 2.29
CA GLY A 47 -1.36 1.84 3.19
C GLY A 47 -0.22 2.08 4.17
N LYS A 48 0.17 3.35 4.32
CA LYS A 48 1.25 3.71 5.23
C LYS A 48 0.76 4.69 6.29
N GLN A 49 1.14 4.44 7.54
CA GLN A 49 0.73 5.32 8.64
C GLN A 49 1.67 6.52 8.73
N LEU A 50 1.09 7.71 8.54
CA LEU A 50 1.89 8.94 8.61
C LEU A 50 2.24 9.27 10.05
N GLU A 51 3.43 9.84 10.26
CA GLU A 51 3.87 10.20 11.60
C GLU A 51 3.61 11.68 11.86
N ASP A 52 3.57 12.05 13.14
CA ASP A 52 3.33 13.44 13.52
C ASP A 52 4.63 14.24 13.48
N GLY A 53 5.74 13.55 13.22
CA GLY A 53 7.03 14.21 13.15
C GLY A 53 7.49 14.37 11.70
N ARG A 54 6.63 13.97 10.77
CA ARG A 54 6.97 14.07 9.35
C ARG A 54 6.03 15.06 8.66
N THR A 55 6.41 15.47 7.46
CA THR A 55 5.60 16.43 6.70
C THR A 55 4.84 15.71 5.58
N LEU A 56 4.14 16.48 4.75
CA LEU A 56 3.39 15.91 3.65
C LEU A 56 4.31 15.56 2.48
N SER A 57 5.27 16.45 2.22
CA SER A 57 6.21 16.23 1.13
C SER A 57 7.07 15.01 1.40
N ASP A 58 7.21 14.66 2.68
CA ASP A 58 8.01 13.50 3.06
C ASP A 58 7.36 12.21 2.57
N TYR A 59 6.05 12.25 2.39
CA TYR A 59 5.31 11.08 1.93
C TYR A 59 5.01 11.20 0.44
N ASN A 60 5.44 12.30 -0.17
CA ASN A 60 5.21 12.52 -1.59
C ASN A 60 3.72 12.73 -1.87
N ILE A 61 3.06 13.43 -0.97
CA ILE A 61 1.62 13.69 -1.13
C ILE A 61 1.39 14.89 -2.03
N GLN A 62 0.82 14.64 -3.21
CA GLN A 62 0.55 15.71 -4.16
C GLN A 62 -0.84 16.30 -3.91
N ARG A 63 -1.33 17.09 -4.87
CA ARG A 63 -2.63 17.70 -4.74
C ARG A 63 -3.73 16.70 -5.12
N GLU A 64 -4.95 17.00 -4.70
CA GLU A 64 -6.07 16.12 -5.00
C GLU A 64 -5.83 14.72 -4.43
N SER A 65 -4.98 14.65 -3.41
CA SER A 65 -4.66 13.37 -2.79
C SER A 65 -5.73 12.97 -1.78
N THR A 66 -5.93 11.68 -1.60
CA THR A 66 -6.92 11.19 -0.66
C THR A 66 -6.26 10.48 0.52
N LEU A 67 -6.67 10.83 1.73
CA LEU A 67 -6.10 10.23 2.93
C LEU A 67 -7.18 9.51 3.73
N HIS A 68 -6.77 8.51 4.50
CA HIS A 68 -7.72 7.75 5.32
C HIS A 68 -7.56 8.10 6.79
N LEU A 69 -8.67 8.28 7.48
CA LEU A 69 -8.64 8.60 8.90
C LEU A 69 -9.21 7.47 9.73
N VAL A 70 -8.47 7.05 10.76
CA VAL A 70 -8.92 5.98 11.63
C VAL A 70 -8.98 6.44 13.08
N LEU A 71 -10.06 6.08 13.76
CA LEU A 71 -10.22 6.47 15.16
C LEU A 71 -9.75 5.35 16.08
N ARG A 72 -9.15 5.73 17.21
CA ARG A 72 -8.67 4.75 18.18
C ARG A 72 -9.58 4.68 19.39
N LEU A 73 -9.48 3.58 20.14
CA LEU A 73 -10.31 3.40 21.33
C LEU A 73 -9.51 2.68 22.42
N ARG A 74 -10.19 2.22 23.46
CA ARG A 74 -9.53 1.53 24.56
C ARG A 74 -8.48 2.45 25.20
N GLY A 75 -8.92 3.65 25.59
CA GLY A 75 -8.02 4.61 26.22
C GLY A 75 -6.88 5.00 25.30
N GLY A 76 -5.66 4.96 25.81
CA GLY A 76 -4.48 5.32 25.03
C GLY A 76 -4.49 4.63 23.67
N MET B 1 0.46 -1.23 27.44
CA MET B 1 -0.23 -1.45 26.15
C MET B 1 0.30 -2.72 25.49
N GLN B 2 -0.37 -3.15 24.43
CA GLN B 2 0.05 -4.36 23.72
C GLN B 2 0.57 -4.01 22.33
N ILE B 3 1.62 -4.71 21.91
CA ILE B 3 2.20 -4.46 20.59
C ILE B 3 2.39 -5.77 19.84
N PHE B 4 2.67 -5.66 18.54
CA PHE B 4 2.88 -6.84 17.71
C PHE B 4 4.24 -6.78 17.02
N VAL B 5 4.83 -7.94 16.78
CA VAL B 5 6.13 -8.02 16.13
C VAL B 5 6.15 -9.10 15.06
N LYS B 6 6.28 -8.70 13.81
CA LYS B 6 6.31 -9.65 12.70
C LYS B 6 7.75 -10.04 12.38
N THR B 7 7.93 -11.26 11.88
CA THR B 7 9.25 -11.74 11.52
C THR B 7 9.40 -11.84 10.01
N LEU B 8 10.53 -12.40 9.56
CA LEU B 8 10.78 -12.55 8.13
C LEU B 8 10.21 -13.87 7.62
N THR B 9 9.78 -14.72 8.55
CA THR B 9 9.20 -16.01 8.17
C THR B 9 7.68 -15.93 8.12
N GLY B 10 7.12 -14.92 8.78
CA GLY B 10 5.68 -14.75 8.80
C GLY B 10 5.10 -15.16 10.15
N LYS B 11 5.73 -14.70 11.24
CA LYS B 11 5.26 -15.03 12.58
C LYS B 11 5.03 -13.76 13.38
N THR B 12 3.84 -13.65 13.97
CA THR B 12 3.50 -12.47 14.77
C THR B 12 3.56 -12.81 16.26
N ILE B 13 4.23 -11.95 17.02
CA ILE B 13 4.36 -12.16 18.46
C ILE B 13 3.74 -10.99 19.22
N THR B 14 3.06 -11.30 20.32
CA THR B 14 2.43 -10.26 21.13
C THR B 14 3.21 -10.03 22.41
N LEU B 15 3.46 -8.76 22.73
CA LEU B 15 4.19 -8.40 23.93
C LEU B 15 3.50 -7.26 24.67
N GLU B 16 3.72 -7.18 25.98
CA GLU B 16 3.11 -6.13 26.79
C GLU B 16 4.18 -5.22 27.39
N VAL B 17 4.40 -4.08 26.76
CA VAL B 17 5.39 -3.13 27.24
C VAL B 17 4.72 -1.83 27.68
N GLU B 18 5.54 -0.87 28.09
CA GLU B 18 5.01 0.42 28.53
C GLU B 18 5.69 1.57 27.79
N PRO B 19 4.97 2.65 27.60
CA PRO B 19 5.51 3.84 26.88
C PRO B 19 6.86 4.30 27.43
N SER B 20 7.18 3.84 28.63
CA SER B 20 8.45 4.19 29.26
C SER B 20 9.45 3.04 29.15
N ASP B 21 9.18 2.11 28.24
CA ASP B 21 10.06 0.96 28.05
C ASP B 21 11.11 1.27 26.98
N THR B 22 12.35 0.92 27.27
CA THR B 22 13.44 1.16 26.33
C THR B 22 13.49 0.07 25.27
N ILE B 23 14.13 0.36 24.14
CA ILE B 23 14.24 -0.60 23.06
C ILE B 23 15.00 -1.84 23.53
N GLU B 24 16.09 -1.63 24.26
CA GLU B 24 16.89 -2.73 24.76
C GLU B 24 16.04 -3.70 25.56
N ASN B 25 15.11 -3.15 26.34
CA ASN B 25 14.23 -3.97 27.16
C ASN B 25 13.31 -4.82 26.28
N VAL B 26 12.84 -4.23 25.19
CA VAL B 26 11.96 -4.95 24.27
C VAL B 26 12.68 -6.14 23.65
N LYS B 27 13.97 -5.95 23.35
CA LYS B 27 14.76 -7.02 22.76
C LYS B 27 14.88 -8.20 23.71
N ALA B 28 15.03 -7.90 25.01
CA ALA B 28 15.15 -8.94 26.02
C ALA B 28 13.88 -9.78 26.08
N LYS B 29 12.73 -9.11 26.00
CA LYS B 29 11.45 -9.81 26.05
C LYS B 29 11.34 -10.80 24.89
N ILE B 30 11.85 -10.40 23.74
CA ILE B 30 11.80 -11.26 22.56
C ILE B 30 12.80 -12.42 22.69
N GLN B 31 13.87 -12.18 23.45
CA GLN B 31 14.88 -13.21 23.65
C GLN B 31 14.39 -14.27 24.62
N ASP B 32 13.39 -13.92 25.41
CA ASP B 32 12.83 -14.85 26.39
C ASP B 32 11.66 -15.62 25.79
N LYS B 33 11.13 -15.10 24.67
CA LYS B 33 10.01 -15.75 24.01
C LYS B 33 10.49 -16.62 22.84
N GLU B 34 11.47 -16.10 22.10
CA GLU B 34 12.02 -16.84 20.96
C GLU B 34 13.43 -17.31 21.26
N GLY B 35 14.18 -16.50 22.00
CA GLY B 35 15.56 -16.85 22.35
C GLY B 35 16.54 -16.27 21.35
N ILE B 36 16.21 -15.09 20.82
CA ILE B 36 17.07 -14.44 19.84
C ILE B 36 17.94 -13.38 20.52
N PRO B 37 19.23 -13.59 20.53
CA PRO B 37 20.19 -12.65 21.16
C PRO B 37 19.97 -11.21 20.69
N PRO B 38 19.88 -10.29 21.61
CA PRO B 38 19.66 -8.85 21.30
C PRO B 38 20.66 -8.33 20.27
N ASP B 39 21.89 -8.83 20.34
CA ASP B 39 22.93 -8.42 19.41
C ASP B 39 22.63 -8.93 18.00
N GLN B 40 21.63 -9.80 17.89
CA GLN B 40 21.25 -10.36 16.60
C GLN B 40 19.79 -10.06 16.29
N GLN B 41 19.34 -8.87 16.70
CA GLN B 41 17.96 -8.47 16.46
C GLN B 41 17.90 -7.02 15.97
N ARG B 42 17.13 -6.79 14.92
CA ARG B 42 17.01 -5.45 14.37
C ARG B 42 15.54 -5.04 14.30
N LEU B 43 15.14 -4.09 15.14
CA LEU B 43 13.77 -3.61 15.16
C LEU B 43 13.60 -2.44 14.20
N ILE B 44 12.44 -2.38 13.55
CA ILE B 44 12.16 -1.31 12.59
C ILE B 44 10.72 -0.84 12.72
N PHE B 45 10.52 0.46 12.77
CA PHE B 45 9.18 1.03 12.89
C PHE B 45 8.99 2.18 11.91
N ALA B 46 8.00 2.04 11.03
CA ALA B 46 7.73 3.08 10.04
C ALA B 46 8.94 3.28 9.13
N GLY B 47 9.72 2.21 8.93
CA GLY B 47 10.89 2.29 8.08
C GLY B 47 12.05 2.95 8.82
N LYS B 48 11.96 2.98 10.15
CA LYS B 48 13.01 3.59 10.96
C LYS B 48 13.58 2.57 11.94
N GLN B 49 14.91 2.54 12.05
CA GLN B 49 15.57 1.61 12.95
C GLN B 49 15.60 2.17 14.37
N LEU B 50 14.94 1.46 15.29
CA LEU B 50 14.91 1.91 16.69
C LEU B 50 16.25 1.66 17.37
N GLU B 51 16.61 2.55 18.28
CA GLU B 51 17.88 2.43 19.00
C GLU B 51 17.66 1.78 20.36
N ASP B 52 18.72 1.23 20.93
CA ASP B 52 18.63 0.59 22.23
C ASP B 52 18.75 1.62 23.35
N GLY B 53 19.00 2.87 22.98
CA GLY B 53 19.13 3.94 23.96
C GLY B 53 17.89 4.82 23.97
N ARG B 54 16.89 4.44 23.18
CA ARG B 54 15.65 5.20 23.10
C ARG B 54 14.49 4.38 23.64
N THR B 55 13.37 5.04 23.93
CA THR B 55 12.19 4.37 24.44
C THR B 55 11.14 4.21 23.34
N LEU B 56 9.98 3.69 23.72
CA LEU B 56 8.89 3.50 22.76
C LEU B 56 8.17 4.82 22.49
N SER B 57 7.97 5.60 23.54
CA SER B 57 7.29 6.88 23.41
C SER B 57 8.11 7.83 22.54
N ASP B 58 9.42 7.61 22.50
CA ASP B 58 10.31 8.45 21.70
C ASP B 58 10.00 8.29 20.22
N TYR B 59 9.46 7.13 19.86
CA TYR B 59 9.14 6.86 18.46
C TYR B 59 7.64 7.04 18.21
N ASN B 60 6.92 7.45 19.25
CA ASN B 60 5.48 7.67 19.14
C ASN B 60 4.77 6.36 18.82
N ILE B 61 5.16 5.29 19.52
CA ILE B 61 4.56 3.99 19.30
C ILE B 61 3.35 3.78 20.21
N GLN B 62 2.17 3.67 19.60
CA GLN B 62 0.94 3.48 20.38
C GLN B 62 0.64 1.99 20.52
N LYS B 63 -0.52 1.69 21.10
CA LYS B 63 -0.93 0.30 21.29
C LYS B 63 -1.42 -0.30 19.98
N GLU B 64 -1.33 -1.63 19.88
CA GLU B 64 -1.78 -2.31 18.66
C GLU B 64 -0.84 -2.01 17.50
N SER B 65 0.32 -1.45 17.82
CA SER B 65 1.30 -1.12 16.80
C SER B 65 2.03 -2.38 16.32
N THR B 66 2.55 -2.33 15.09
CA THR B 66 3.27 -3.47 14.54
C THR B 66 4.73 -3.11 14.28
N LEU B 67 5.64 -3.96 14.75
CA LEU B 67 7.06 -3.72 14.55
C LEU B 67 7.69 -4.84 13.73
N HIS B 68 8.77 -4.51 13.03
CA HIS B 68 9.46 -5.50 12.20
C HIS B 68 10.77 -5.92 12.85
N LEU B 69 11.05 -7.23 12.83
CA LEU B 69 12.27 -7.75 13.42
C LEU B 69 13.18 -8.33 12.34
N VAL B 70 14.44 -7.89 12.34
CA VAL B 70 15.41 -8.37 11.36
C VAL B 70 16.59 -9.02 12.05
N LEU B 71 16.98 -10.20 11.56
CA LEU B 71 18.11 -10.92 12.15
C LEU B 71 19.39 -10.60 11.39
N ARG B 72 20.47 -10.39 12.13
CA ARG B 72 21.76 -10.08 11.52
C ARG B 72 22.60 -11.34 11.35
N LEU B 73 23.63 -11.25 10.52
CA LEU B 73 24.50 -12.40 10.28
C LEU B 73 25.96 -12.04 10.58
N ARG B 74 26.17 -10.98 11.36
CA ARG B 74 27.52 -10.55 11.70
C ARG B 74 27.55 -9.91 13.08
N GLY B 75 28.75 -9.74 13.61
CA GLY B 75 28.92 -9.13 14.93
C GLY B 75 29.50 -10.14 15.93
N GLY B 76 30.44 -9.67 16.74
CA GLY B 76 31.07 -10.53 17.74
C GLY B 76 30.32 -10.49 19.06
N ASP B 77 30.87 -11.15 20.08
CA ASP B 77 30.25 -11.18 21.39
C ASP B 77 28.80 -11.64 21.28
N VAL C 3 17.63 -9.82 -3.39
CA VAL C 3 18.77 -10.58 -3.98
C VAL C 3 18.72 -12.03 -3.50
N SER C 4 19.35 -12.92 -4.25
CA SER C 4 19.37 -14.34 -3.89
C SER C 4 17.97 -14.94 -4.01
N GLU C 5 17.89 -16.17 -4.47
CA GLU C 5 16.61 -16.85 -4.62
C GLU C 5 16.15 -17.42 -3.29
N SER C 6 17.11 -17.79 -2.44
CA SER C 6 16.78 -18.36 -1.14
C SER C 6 16.10 -17.32 -0.26
N GLN C 7 16.68 -16.12 -0.18
CA GLN C 7 16.13 -15.06 0.63
C GLN C 7 14.73 -14.69 0.13
N LEU C 8 14.50 -14.87 -1.16
CA LEU C 8 13.20 -14.56 -1.75
C LEU C 8 12.14 -15.54 -1.29
N LYS C 9 12.54 -16.81 -1.18
CA LYS C 9 11.62 -17.86 -0.75
C LYS C 9 11.40 -17.78 0.77
N LYS C 10 12.09 -16.86 1.42
CA LYS C 10 11.97 -16.70 2.86
C LYS C 10 10.97 -15.58 3.19
N MET C 11 11.01 -14.52 2.40
CA MET C 11 10.10 -13.39 2.61
C MET C 11 8.68 -13.75 2.21
N VAL C 12 8.56 -14.78 1.38
CA VAL C 12 7.24 -15.22 0.92
C VAL C 12 6.95 -16.63 1.43
N SER C 13 7.28 -16.88 2.69
CA SER C 13 7.04 -18.19 3.30
C SER C 13 5.60 -18.29 3.81
N LYS C 14 4.96 -17.14 3.99
CA LYS C 14 3.59 -17.12 4.48
C LYS C 14 2.61 -16.91 3.31
N TYR C 15 3.06 -17.23 2.11
CA TYR C 15 2.22 -17.08 0.93
C TYR C 15 1.62 -18.42 0.52
N LYS C 16 0.30 -18.44 0.34
CA LYS C 16 -0.38 -19.66 -0.04
C LYS C 16 0.28 -20.28 -1.28
N TYR C 17 0.68 -19.42 -2.21
CA TYR C 17 1.33 -19.89 -3.43
C TYR C 17 2.75 -19.34 -3.54
N ARG C 18 3.65 -19.87 -2.72
CA ARG C 18 5.03 -19.43 -2.73
C ARG C 18 5.66 -19.64 -4.10
N ASP C 19 5.98 -20.89 -4.42
CA ASP C 19 6.58 -21.22 -5.71
C ASP C 19 6.14 -20.21 -6.77
N LEU C 20 4.91 -20.36 -7.26
CA LEU C 20 4.39 -19.45 -8.27
C LEU C 20 4.94 -18.05 -8.08
N THR C 21 4.54 -17.41 -6.98
CA THR C 21 5.00 -16.06 -6.68
C THR C 21 6.50 -15.93 -6.97
N VAL C 22 7.30 -16.73 -6.26
CA VAL C 22 8.74 -16.70 -6.44
C VAL C 22 9.10 -16.68 -7.92
N ARG C 23 8.85 -17.80 -8.60
CA ARG C 23 9.15 -17.90 -10.02
C ARG C 23 8.82 -16.59 -10.73
N GLU C 24 7.56 -16.18 -10.65
CA GLU C 24 7.13 -14.94 -11.29
C GLU C 24 8.07 -13.80 -10.92
N THR C 25 8.32 -13.64 -9.62
CA THR C 25 9.19 -12.58 -9.15
C THR C 25 10.56 -12.69 -9.81
N VAL C 26 11.13 -13.89 -9.78
CA VAL C 26 12.44 -14.12 -10.38
C VAL C 26 12.43 -13.74 -11.86
N ASN C 27 11.31 -14.00 -12.53
CA ASN C 27 11.19 -13.67 -13.94
C ASN C 27 11.09 -12.17 -14.14
N VAL C 28 10.71 -11.45 -13.09
CA VAL C 28 10.57 -10.00 -13.17
C VAL C 28 11.92 -9.33 -12.95
N ILE C 29 12.43 -9.41 -11.72
CA ILE C 29 13.72 -8.80 -11.40
C ILE C 29 14.78 -9.21 -12.40
N THR C 30 14.56 -10.34 -13.06
CA THR C 30 15.52 -10.84 -14.06
C THR C 30 15.65 -9.86 -15.21
N LEU C 31 14.51 -9.41 -15.74
CA LEU C 31 14.51 -8.47 -16.85
C LEU C 31 14.70 -7.04 -16.35
N TYR C 32 14.10 -6.74 -15.19
CA TYR C 32 14.21 -5.41 -14.61
C TYR C 32 15.02 -5.45 -13.32
N LYS C 33 16.33 -5.33 -13.44
CA LYS C 33 17.21 -5.35 -12.27
C LYS C 33 16.94 -4.14 -11.38
N ASP C 34 16.28 -3.13 -11.94
CA ASP C 34 15.96 -1.92 -11.19
C ASP C 34 14.85 -2.20 -10.17
N LEU C 35 14.37 -3.44 -10.16
CA LEU C 35 13.31 -3.81 -9.23
C LEU C 35 13.81 -4.86 -8.24
N LYS C 36 13.57 -4.61 -6.95
CA LYS C 36 14.01 -5.54 -5.92
C LYS C 36 12.87 -5.82 -4.93
N PRO C 37 12.72 -7.05 -4.54
CA PRO C 37 11.66 -7.47 -3.58
C PRO C 37 11.96 -7.02 -2.16
N VAL C 38 10.90 -6.70 -1.41
CA VAL C 38 11.07 -6.25 -0.03
C VAL C 38 9.86 -6.65 0.81
N LEU C 39 10.10 -6.99 2.08
CA LEU C 39 9.02 -7.39 2.97
C LEU C 39 8.69 -6.26 3.94
N ASP C 40 7.48 -5.72 3.80
CA ASP C 40 7.04 -4.63 4.68
C ASP C 40 5.57 -4.81 5.05
N SER C 41 5.15 -4.08 6.08
CA SER C 41 3.76 -4.17 6.54
C SER C 41 2.88 -3.19 5.76
N TYR C 42 1.77 -3.70 5.24
CA TYR C 42 0.85 -2.87 4.47
C TYR C 42 -0.42 -2.60 5.28
N VAL C 43 -0.53 -1.38 5.81
CA VAL C 43 -1.71 -1.02 6.60
C VAL C 43 -2.82 -0.50 5.68
N PHE C 44 -3.85 -1.32 5.51
CA PHE C 44 -4.98 -0.93 4.66
C PHE C 44 -5.65 0.33 5.19
N ASN C 45 -6.63 0.83 4.46
CA ASN C 45 -7.35 2.03 4.87
C ASN C 45 -8.16 1.77 6.13
N ASP C 46 -8.64 0.53 6.27
CA ASP C 46 -9.43 0.16 7.44
C ASP C 46 -8.58 0.19 8.70
N GLY C 47 -7.27 0.35 8.51
CA GLY C 47 -6.36 0.39 9.65
C GLY C 47 -5.59 -0.92 9.79
N SER C 48 -6.25 -2.02 9.42
CA SER C 48 -5.63 -3.33 9.50
C SER C 48 -4.26 -3.33 8.85
N SER C 49 -3.41 -4.29 9.21
CA SER C 49 -2.07 -4.37 8.65
C SER C 49 -1.73 -5.81 8.28
N ARG C 50 -0.82 -5.97 7.34
CA ARG C 50 -0.41 -7.30 6.89
C ARG C 50 0.95 -7.25 6.22
N GLU C 51 1.82 -8.20 6.56
CA GLU C 51 3.15 -8.25 5.97
C GLU C 51 3.11 -8.87 4.57
N LEU C 52 3.25 -8.01 3.56
CA LEU C 52 3.23 -8.49 2.18
C LEU C 52 4.54 -8.16 1.48
N MET C 53 4.83 -8.87 0.39
CA MET C 53 6.06 -8.63 -0.35
C MET C 53 5.77 -7.82 -1.61
N ASN C 54 6.38 -6.64 -1.70
CA ASN C 54 6.18 -5.77 -2.85
C ASN C 54 7.49 -5.60 -3.62
N LEU C 55 7.39 -5.13 -4.86
CA LEU C 55 8.57 -4.92 -5.69
C LEU C 55 8.84 -3.43 -5.87
N THR C 56 9.76 -2.90 -5.08
CA THR C 56 10.10 -1.49 -5.16
C THR C 56 11.27 -1.27 -6.11
N GLY C 57 11.27 -0.14 -6.81
CA GLY C 57 12.34 0.16 -7.76
C GLY C 57 11.86 1.14 -8.83
N THR C 58 12.44 1.04 -10.02
CA THR C 58 12.07 1.92 -11.12
C THR C 58 12.05 1.16 -12.43
N ILE C 59 11.21 1.59 -13.36
CA ILE C 59 11.10 0.94 -14.66
C ILE C 59 11.39 1.92 -15.78
N PRO C 60 12.09 1.49 -16.79
CA PRO C 60 12.46 2.34 -17.96
C PRO C 60 11.25 2.64 -18.85
N VAL C 61 10.98 3.92 -19.07
CA VAL C 61 9.86 4.31 -19.91
C VAL C 61 10.27 5.43 -20.87
N PRO C 62 10.78 5.06 -22.01
CA PRO C 62 11.22 6.04 -23.05
C PRO C 62 10.15 7.07 -23.37
N TYR C 63 10.54 8.34 -23.39
CA TYR C 63 9.59 9.41 -23.70
C TYR C 63 10.33 10.60 -24.32
N ARG C 64 9.92 10.97 -25.53
CA ARG C 64 10.54 12.10 -26.22
C ARG C 64 12.03 11.83 -26.43
N GLY C 65 12.39 10.56 -26.56
CA GLY C 65 13.79 10.19 -26.76
C GLY C 65 14.53 10.09 -25.43
N ASN C 66 13.87 10.53 -24.36
CA ASN C 66 14.47 10.49 -23.04
C ASN C 66 13.92 9.31 -22.24
N THR C 67 14.78 8.69 -21.44
CA THR C 67 14.36 7.55 -20.63
C THR C 67 14.10 7.97 -19.19
N TYR C 68 12.87 7.80 -18.74
CA TYR C 68 12.50 8.17 -17.38
C TYR C 68 12.34 6.92 -16.51
N ASN C 69 13.05 6.90 -15.38
CA ASN C 69 12.97 5.75 -14.47
C ASN C 69 11.87 5.99 -13.44
N ILE C 70 10.62 5.82 -13.87
CA ILE C 70 9.48 6.01 -12.97
C ILE C 70 9.48 4.96 -11.86
N PRO C 71 9.51 5.39 -10.63
CA PRO C 71 9.50 4.49 -9.45
C PRO C 71 8.11 3.96 -9.13
N ILE C 72 7.99 2.64 -8.97
CA ILE C 72 6.71 2.03 -8.66
C ILE C 72 6.83 1.10 -7.46
N CYS C 73 5.69 0.63 -6.96
CA CYS C 73 5.69 -0.27 -5.81
C CYS C 73 4.53 -1.26 -5.91
N LEU C 74 4.82 -2.45 -6.42
CA LEU C 74 3.81 -3.48 -6.58
C LEU C 74 3.66 -4.28 -5.29
N TRP C 75 2.43 -4.37 -4.79
CA TRP C 75 2.16 -5.12 -3.56
C TRP C 75 1.47 -6.44 -3.87
N LEU C 76 1.96 -7.51 -3.28
CA LEU C 76 1.37 -8.83 -3.50
C LEU C 76 0.70 -9.34 -2.23
N LEU C 77 -0.55 -9.78 -2.37
CA LEU C 77 -1.30 -10.29 -1.22
C LEU C 77 -1.08 -11.79 -1.06
N ASP C 78 -1.03 -12.25 0.18
CA ASP C 78 -0.83 -13.66 0.46
C ASP C 78 -1.21 -14.50 -0.75
N THR C 79 -2.08 -13.96 -1.58
CA THR C 79 -2.53 -14.67 -2.78
C THR C 79 -2.51 -13.75 -3.99
N TYR C 80 -1.32 -13.55 -4.55
CA TYR C 80 -1.18 -12.68 -5.72
C TYR C 80 -1.17 -13.51 -7.00
N PRO C 81 -1.25 -14.80 -6.86
CA PRO C 81 -1.25 -15.74 -8.02
C PRO C 81 -2.56 -15.71 -8.79
N TYR C 82 -3.60 -15.13 -8.18
CA TYR C 82 -4.90 -15.04 -8.82
C TYR C 82 -5.46 -13.63 -8.68
N ASN C 83 -4.89 -12.85 -7.77
CA ASN C 83 -5.34 -11.48 -7.55
C ASN C 83 -4.31 -10.48 -8.07
N PRO C 84 -4.77 -9.37 -8.57
CA PRO C 84 -3.88 -8.30 -9.11
C PRO C 84 -3.20 -7.51 -8.00
N PRO C 85 -1.91 -7.30 -8.13
CA PRO C 85 -1.11 -6.54 -7.13
C PRO C 85 -1.55 -5.09 -7.02
N ILE C 86 -1.18 -4.44 -5.92
CA ILE C 86 -1.55 -3.04 -5.71
C ILE C 86 -0.41 -2.12 -6.16
N CYS C 87 -0.49 -1.66 -7.41
CA CYS C 87 0.54 -0.79 -7.96
C CYS C 87 0.46 0.60 -7.31
N PHE C 88 1.53 1.37 -7.47
CA PHE C 88 1.57 2.72 -6.90
C PHE C 88 2.76 3.49 -7.47
N VAL C 89 2.52 4.74 -7.85
CA VAL C 89 3.57 5.58 -8.41
C VAL C 89 4.21 6.43 -7.32
N LYS C 90 5.34 5.95 -6.79
CA LYS C 90 6.04 6.67 -5.75
C LYS C 90 6.87 7.82 -6.33
N PRO C 91 6.27 8.97 -6.46
CA PRO C 91 6.96 10.17 -7.03
C PRO C 91 7.96 10.77 -6.05
N THR C 92 9.09 11.24 -6.57
CA THR C 92 10.11 11.85 -5.73
C THR C 92 9.85 13.33 -5.55
N SER C 93 10.69 13.98 -4.75
CA SER C 93 10.54 15.41 -4.49
C SER C 93 10.70 16.21 -5.78
N SER C 94 11.23 15.56 -6.80
CA SER C 94 11.44 16.22 -8.09
C SER C 94 10.48 15.64 -9.14
N MET C 95 9.39 15.04 -8.68
CA MET C 95 8.42 14.46 -9.60
C MET C 95 7.01 14.89 -9.21
N THR C 96 6.18 15.14 -10.23
CA THR C 96 4.80 15.57 -9.98
C THR C 96 3.83 14.65 -10.71
N ILE C 97 2.99 13.96 -9.95
CA ILE C 97 2.01 13.06 -10.53
C ILE C 97 1.08 13.80 -11.47
N LYS C 98 0.96 13.31 -12.70
CA LYS C 98 0.10 13.95 -13.69
C LYS C 98 -1.19 13.15 -13.86
N THR C 99 -1.95 13.02 -12.77
CA THR C 99 -3.20 12.28 -12.81
C THR C 99 -3.71 12.16 -14.24
N GLY C 100 -4.16 10.96 -14.59
CA GLY C 100 -4.69 10.72 -15.93
C GLY C 100 -5.74 9.61 -15.92
N LYS C 101 -5.57 8.62 -16.79
CA LYS C 101 -6.51 7.52 -16.87
C LYS C 101 -5.94 6.28 -16.20
N HIS C 102 -4.63 6.29 -15.96
CA HIS C 102 -3.97 5.16 -15.32
C HIS C 102 -3.26 5.60 -14.04
N VAL C 103 -3.58 6.81 -13.59
CA VAL C 103 -2.96 7.35 -12.38
C VAL C 103 -3.83 8.47 -11.80
N ASP C 104 -4.02 8.43 -10.48
CA ASP C 104 -4.83 9.44 -9.81
C ASP C 104 -3.94 10.42 -9.05
N ALA C 105 -4.47 10.98 -7.96
CA ALA C 105 -3.71 11.92 -7.16
C ALA C 105 -2.91 11.20 -6.08
N ASN C 106 -3.35 9.98 -5.74
CA ASN C 106 -2.67 9.20 -4.72
C ASN C 106 -1.51 8.42 -5.33
N GLY C 107 -1.56 8.21 -6.64
CA GLY C 107 -0.51 7.48 -7.34
C GLY C 107 -1.04 6.15 -7.87
N LYS C 108 -2.14 5.69 -7.31
CA LYS C 108 -2.74 4.43 -7.75
C LYS C 108 -2.70 4.30 -9.26
N ILE C 109 -2.39 3.10 -9.75
CA ILE C 109 -2.31 2.87 -11.18
C ILE C 109 -3.56 2.12 -11.66
N TYR C 110 -4.07 2.53 -12.82
CA TYR C 110 -5.25 1.89 -13.39
C TYR C 110 -4.98 1.40 -14.80
N LEU C 111 -5.01 0.08 -14.98
CA LEU C 111 -4.76 -0.51 -16.29
C LEU C 111 -5.64 -1.74 -16.49
N PRO C 112 -6.17 -1.90 -17.67
CA PRO C 112 -7.06 -3.04 -18.02
C PRO C 112 -6.47 -4.38 -17.58
N TYR C 113 -5.14 -4.43 -17.49
CA TYR C 113 -4.47 -5.66 -17.08
C TYR C 113 -4.85 -6.04 -15.67
N LEU C 114 -5.12 -5.03 -14.83
CA LEU C 114 -5.51 -5.27 -13.45
C LEU C 114 -6.98 -5.60 -13.36
N HIS C 115 -7.80 -4.87 -14.11
CA HIS C 115 -9.24 -5.09 -14.10
C HIS C 115 -9.57 -6.51 -14.56
N GLU C 116 -8.82 -7.00 -15.55
CA GLU C 116 -9.03 -8.34 -16.07
C GLU C 116 -7.86 -9.25 -15.72
N TRP C 117 -7.64 -9.46 -14.43
CA TRP C 117 -6.55 -10.31 -13.98
C TRP C 117 -7.04 -11.73 -13.72
N LYS C 118 -6.24 -12.71 -14.13
CA LYS C 118 -6.61 -14.11 -13.95
C LYS C 118 -5.53 -14.86 -13.18
N HIS C 119 -4.41 -15.14 -13.86
CA HIS C 119 -3.30 -15.84 -13.22
C HIS C 119 -2.67 -16.83 -14.20
N PRO C 120 -3.48 -17.44 -15.03
CA PRO C 120 -3.00 -18.42 -16.03
C PRO C 120 -2.27 -17.75 -17.19
N GLN C 121 -2.63 -16.50 -17.46
CA GLN C 121 -2.00 -15.75 -18.54
C GLN C 121 -1.48 -14.41 -18.04
N SER C 122 -2.04 -13.96 -16.92
CA SER C 122 -1.62 -12.68 -16.33
C SER C 122 -0.49 -12.90 -15.32
N ASP C 123 0.55 -12.08 -15.42
CA ASP C 123 1.68 -12.19 -14.51
C ASP C 123 2.34 -10.82 -14.31
N LEU C 124 3.30 -10.77 -13.39
CA LEU C 124 4.00 -9.52 -13.12
C LEU C 124 4.68 -9.00 -14.37
N LEU C 125 5.52 -9.84 -14.97
CA LEU C 125 6.23 -9.45 -16.18
C LEU C 125 5.28 -8.79 -17.18
N GLY C 126 4.17 -9.47 -17.47
CA GLY C 126 3.19 -8.93 -18.41
C GLY C 126 2.62 -7.61 -17.91
N LEU C 127 2.43 -7.51 -16.60
CA LEU C 127 1.88 -6.31 -16.00
C LEU C 127 2.86 -5.14 -16.14
N ILE C 128 4.15 -5.43 -15.92
CA ILE C 128 5.17 -4.40 -16.02
C ILE C 128 5.32 -3.93 -17.46
N GLN C 129 5.40 -4.88 -18.39
CA GLN C 129 5.55 -4.55 -19.79
C GLN C 129 4.40 -3.65 -20.25
N VAL C 130 3.20 -3.96 -19.80
CA VAL C 130 2.02 -3.18 -20.18
C VAL C 130 2.09 -1.79 -19.55
N MET C 131 2.72 -1.69 -18.39
CA MET C 131 2.84 -0.41 -17.70
C MET C 131 3.80 0.51 -18.45
N ILE C 132 4.82 -0.07 -19.07
CA ILE C 132 5.79 0.70 -19.83
C ILE C 132 5.18 1.20 -21.13
N VAL C 133 4.29 0.40 -21.71
CA VAL C 133 3.64 0.78 -22.96
C VAL C 133 2.66 1.92 -22.74
N VAL C 134 1.86 1.81 -21.69
CA VAL C 134 0.88 2.85 -21.38
C VAL C 134 1.58 4.13 -20.92
N PHE C 135 2.52 3.97 -19.99
CA PHE C 135 3.25 5.12 -19.48
C PHE C 135 4.02 5.81 -20.59
N GLY C 136 4.41 5.04 -21.60
CA GLY C 136 5.15 5.59 -22.73
C GLY C 136 4.30 6.59 -23.51
N ASP C 137 3.02 6.26 -23.67
CA ASP C 137 2.11 7.14 -24.40
C ASP C 137 1.50 8.17 -23.46
N GLU C 138 1.40 7.81 -22.18
CA GLU C 138 0.82 8.72 -21.18
C GLU C 138 1.71 8.77 -19.94
N PRO C 139 2.55 9.76 -19.84
CA PRO C 139 3.47 9.93 -18.68
C PRO C 139 2.72 10.29 -17.40
N PRO C 140 2.79 9.43 -16.41
CA PRO C 140 2.11 9.66 -15.11
C PRO C 140 2.81 10.73 -14.27
N VAL C 141 4.01 11.10 -14.69
CA VAL C 141 4.77 12.13 -13.97
C VAL C 141 5.53 13.01 -14.95
N PHE C 142 6.04 14.14 -14.44
CA PHE C 142 6.79 15.06 -15.28
C PHE C 142 7.66 15.97 -14.42
N SER C 143 8.97 15.83 -14.56
CA SER C 143 9.91 16.64 -13.80
C SER C 143 9.22 17.89 -13.25
N MET A 1 -1.98 23.58 -1.63
CA MET A 1 -2.75 22.59 -2.43
C MET A 1 -3.95 22.10 -1.62
N GLN A 2 -4.85 21.37 -2.30
CA GLN A 2 -6.04 20.86 -1.62
C GLN A 2 -5.96 19.33 -1.52
N ILE A 3 -6.43 18.80 -0.39
CA ILE A 3 -6.41 17.36 -0.18
C ILE A 3 -7.77 16.87 0.30
N PHE A 4 -7.97 15.55 0.28
CA PHE A 4 -9.23 14.98 0.73
C PHE A 4 -8.98 13.95 1.84
N VAL A 5 -9.95 13.81 2.74
CA VAL A 5 -9.83 12.86 3.84
C VAL A 5 -11.13 12.09 4.03
N LYS A 6 -11.09 10.79 3.78
CA LYS A 6 -12.26 9.94 3.93
C LYS A 6 -12.31 9.33 5.32
N THR A 7 -13.51 9.07 5.81
CA THR A 7 -13.68 8.49 7.13
C THR A 7 -14.16 7.05 7.03
N LEU A 8 -14.49 6.44 8.17
CA LEU A 8 -14.96 5.07 8.19
C LEU A 8 -16.47 5.02 8.01
N THR A 9 -17.11 6.18 8.08
CA THR A 9 -18.56 6.26 7.93
C THR A 9 -18.93 6.60 6.49
N GLY A 10 -17.97 7.16 5.76
CA GLY A 10 -18.21 7.53 4.37
C GLY A 10 -18.38 9.04 4.23
N LYS A 11 -17.46 9.79 4.83
CA LYS A 11 -17.52 11.25 4.77
C LYS A 11 -16.19 11.81 4.27
N THR A 12 -16.26 12.66 3.26
CA THR A 12 -15.06 13.26 2.70
C THR A 12 -14.92 14.72 3.15
N ILE A 13 -13.71 15.08 3.58
CA ILE A 13 -13.47 16.44 4.04
C ILE A 13 -12.33 17.07 3.23
N THR A 14 -12.48 18.35 2.90
CA THR A 14 -11.47 19.06 2.13
C THR A 14 -10.65 19.99 3.01
N LEU A 15 -9.33 19.96 2.84
CA LEU A 15 -8.44 20.80 3.64
C LEU A 15 -7.38 21.44 2.75
N GLU A 16 -6.91 22.62 3.15
CA GLU A 16 -5.89 23.32 2.38
C GLU A 16 -4.59 23.40 3.16
N VAL A 17 -3.66 22.50 2.86
CA VAL A 17 -2.37 22.48 3.54
C VAL A 17 -1.25 22.80 2.56
N GLU A 18 -0.02 22.75 3.05
CA GLU A 18 1.14 23.04 2.20
C GLU A 18 2.17 21.92 2.29
N PRO A 19 2.89 21.69 1.23
CA PRO A 19 3.94 20.63 1.18
C PRO A 19 4.88 20.68 2.37
N SER A 20 4.90 21.82 3.05
CA SER A 20 5.77 21.99 4.21
C SER A 20 4.96 21.87 5.50
N ASP A 21 3.77 21.29 5.40
CA ASP A 21 2.92 21.11 6.56
C ASP A 21 3.19 19.76 7.23
N THR A 22 3.31 19.78 8.55
CA THR A 22 3.57 18.55 9.30
C THR A 22 2.27 17.78 9.53
N ILE A 23 2.40 16.48 9.80
CA ILE A 23 1.24 15.64 10.04
C ILE A 23 0.45 16.14 11.24
N GLU A 24 1.17 16.48 12.32
CA GLU A 24 0.53 16.97 13.52
C GLU A 24 -0.37 18.16 13.21
N ASN A 25 0.09 19.03 12.32
CA ASN A 25 -0.67 20.20 11.93
C ASN A 25 -1.96 19.81 11.23
N VAL A 26 -1.87 18.79 10.37
CA VAL A 26 -3.04 18.31 9.65
C VAL A 26 -4.10 17.78 10.61
N LYS A 27 -3.65 17.12 11.67
CA LYS A 27 -4.57 16.58 12.67
C LYS A 27 -5.34 17.70 13.35
N ALA A 28 -4.66 18.80 13.62
CA ALA A 28 -5.29 19.94 14.28
C ALA A 28 -6.40 20.52 13.41
N LYS A 29 -6.13 20.61 12.11
CA LYS A 29 -7.11 21.14 11.18
C LYS A 29 -8.39 20.30 11.20
N ILE A 30 -8.22 18.99 11.33
CA ILE A 30 -9.35 18.08 11.36
C ILE A 30 -10.09 18.18 12.70
N GLN A 31 -9.36 18.56 13.74
CA GLN A 31 -9.94 18.69 15.07
C GLN A 31 -10.78 19.96 15.16
N ASP A 32 -10.52 20.90 14.25
CA ASP A 32 -11.25 22.17 14.24
C ASP A 32 -12.45 22.07 13.31
N LYS A 33 -12.45 21.06 12.45
CA LYS A 33 -13.55 20.86 11.50
C LYS A 33 -14.54 19.83 12.04
N GLU A 34 -14.01 18.76 12.62
CA GLU A 34 -14.85 17.70 13.17
C GLU A 34 -14.80 17.71 14.69
N GLY A 35 -13.63 18.04 15.24
CA GLY A 35 -13.46 18.06 16.69
C GLY A 35 -12.94 16.74 17.21
N ILE A 36 -12.11 16.07 16.41
CA ILE A 36 -11.55 14.79 16.80
C ILE A 36 -10.14 14.97 17.36
N PRO A 37 -9.96 14.69 18.62
CA PRO A 37 -8.64 14.81 19.31
C PRO A 37 -7.52 14.13 18.53
N PRO A 38 -6.45 14.82 18.28
CA PRO A 38 -5.28 14.28 17.53
C PRO A 38 -4.82 12.93 18.09
N ASP A 39 -4.91 12.78 19.39
CA ASP A 39 -4.50 11.53 20.04
C ASP A 39 -5.46 10.40 19.69
N GLN A 40 -6.58 10.75 19.04
CA GLN A 40 -7.56 9.76 18.64
C GLN A 40 -7.79 9.80 17.14
N GLN A 41 -6.72 10.05 16.39
CA GLN A 41 -6.81 10.12 14.94
C GLN A 41 -5.64 9.37 14.30
N ARG A 42 -5.94 8.52 13.32
CA ARG A 42 -4.91 7.75 12.63
C ARG A 42 -4.97 7.99 11.13
N LEU A 43 -3.97 8.69 10.60
CA LEU A 43 -3.92 8.98 9.18
C LEU A 43 -3.17 7.87 8.44
N ILE A 44 -3.63 7.55 7.23
CA ILE A 44 -3.00 6.51 6.43
C ILE A 44 -2.95 6.92 4.97
N PHE A 45 -1.79 6.74 4.34
CA PHE A 45 -1.63 7.08 2.93
C PHE A 45 -0.91 5.97 2.18
N ALA A 46 -1.56 5.44 1.17
CA ALA A 46 -0.97 4.36 0.37
C ALA A 46 -0.71 3.14 1.25
N GLY A 47 -1.53 2.98 2.29
CA GLY A 47 -1.37 1.85 3.20
C GLY A 47 -0.23 2.09 4.18
N LYS A 48 0.17 3.35 4.32
CA LYS A 48 1.25 3.71 5.23
C LYS A 48 0.76 4.69 6.28
N GLN A 49 1.13 4.45 7.54
CA GLN A 49 0.73 5.32 8.64
C GLN A 49 1.67 6.52 8.73
N LEU A 50 1.09 7.71 8.54
CA LEU A 50 1.89 8.94 8.61
C LEU A 50 2.24 9.27 10.05
N GLU A 51 3.42 9.84 10.25
CA GLU A 51 3.88 10.21 11.59
C GLU A 51 3.61 11.69 11.86
N ASP A 52 3.57 12.05 13.14
CA ASP A 52 3.33 13.44 13.52
C ASP A 52 4.63 14.24 13.48
N GLY A 53 5.74 13.55 13.22
CA GLY A 53 7.03 14.21 13.15
C GLY A 53 7.49 14.37 11.70
N ARG A 54 6.64 13.96 10.77
CA ARG A 54 6.96 14.06 9.35
C ARG A 54 6.04 15.06 8.66
N THR A 55 6.41 15.47 7.46
CA THR A 55 5.60 16.43 6.70
C THR A 55 4.84 15.71 5.58
N LEU A 56 4.14 16.48 4.76
CA LEU A 56 3.39 15.91 3.66
C LEU A 56 4.31 15.56 2.48
N SER A 57 5.27 16.45 2.22
CA SER A 57 6.21 16.23 1.13
C SER A 57 7.07 15.01 1.40
N ASP A 58 7.21 14.66 2.68
CA ASP A 58 8.01 13.50 3.06
C ASP A 58 7.36 12.21 2.57
N TYR A 59 6.05 12.25 2.39
CA TYR A 59 5.31 11.08 1.93
C TYR A 59 5.01 11.20 0.44
N ASN A 60 5.44 12.30 -0.17
CA ASN A 60 5.21 12.52 -1.59
C ASN A 60 3.72 12.73 -1.87
N ILE A 61 3.06 13.43 -0.97
CA ILE A 61 1.62 13.69 -1.13
C ILE A 61 1.39 14.89 -2.03
N GLN A 62 0.82 14.64 -3.21
CA GLN A 62 0.55 15.71 -4.16
C GLN A 62 -0.84 16.30 -3.91
N ARG A 63 -1.32 17.08 -4.87
CA ARG A 63 -2.63 17.70 -4.74
C ARG A 63 -3.73 16.70 -5.12
N GLU A 64 -4.95 17.00 -4.70
CA GLU A 64 -6.08 16.12 -4.99
C GLU A 64 -5.83 14.72 -4.43
N SER A 65 -4.98 14.65 -3.41
CA SER A 65 -4.66 13.37 -2.80
C SER A 65 -5.73 12.98 -1.79
N THR A 66 -5.92 11.68 -1.60
CA THR A 66 -6.93 11.19 -0.66
C THR A 66 -6.26 10.48 0.51
N LEU A 67 -6.66 10.84 1.72
CA LEU A 67 -6.10 10.22 2.92
C LEU A 67 -7.18 9.50 3.71
N HIS A 68 -6.77 8.51 4.50
CA HIS A 68 -7.72 7.75 5.31
C HIS A 68 -7.56 8.09 6.79
N LEU A 69 -8.67 8.28 7.47
CA LEU A 69 -8.65 8.61 8.89
C LEU A 69 -9.22 7.47 9.72
N VAL A 70 -8.48 7.04 10.74
CA VAL A 70 -8.93 5.96 11.60
C VAL A 70 -8.97 6.41 13.06
N LEU A 71 -10.08 6.12 13.73
CA LEU A 71 -10.22 6.50 15.14
C LEU A 71 -9.75 5.38 16.05
N ARG A 72 -9.12 5.75 17.16
CA ARG A 72 -8.61 4.77 18.10
C ARG A 72 -9.54 4.67 19.31
N LEU A 73 -9.50 3.52 19.99
CA LEU A 73 -10.34 3.28 21.17
C LEU A 73 -11.79 3.06 20.78
N ARG A 74 -12.43 4.10 20.27
CA ARG A 74 -13.84 4.00 19.87
C ARG A 74 -13.98 3.26 18.54
N GLY A 75 -15.09 2.53 18.38
CA GLY A 75 -15.32 1.77 17.15
C GLY A 75 -16.76 1.24 17.10
N GLY A 76 -17.10 0.58 16.00
CA GLY A 76 -18.44 0.03 15.84
C GLY A 76 -18.47 -1.05 14.76
N MET B 1 -27.49 -5.97 9.77
CA MET B 1 -26.44 -4.92 9.67
C MET B 1 -26.33 -4.44 8.23
N GLN B 2 -25.60 -3.35 8.02
CA GLN B 2 -25.42 -2.81 6.68
C GLN B 2 -23.97 -2.98 6.21
N ILE B 3 -23.80 -3.30 4.94
CA ILE B 3 -22.47 -3.49 4.38
C ILE B 3 -22.30 -2.71 3.08
N PHE B 4 -21.06 -2.59 2.63
CA PHE B 4 -20.78 -1.86 1.39
C PHE B 4 -20.03 -2.74 0.40
N VAL B 5 -20.24 -2.51 -0.88
CA VAL B 5 -19.59 -3.28 -1.92
C VAL B 5 -19.06 -2.39 -3.03
N LYS B 6 -17.74 -2.33 -3.16
CA LYS B 6 -17.13 -1.49 -4.20
C LYS B 6 -16.88 -2.31 -5.46
N THR B 7 -16.92 -1.63 -6.61
CA THR B 7 -16.70 -2.31 -7.88
C THR B 7 -15.35 -1.91 -8.48
N LEU B 8 -15.10 -2.35 -9.71
CA LEU B 8 -13.85 -2.03 -10.39
C LEU B 8 -13.96 -0.72 -11.14
N THR B 9 -15.18 -0.20 -11.23
CA THR B 9 -15.42 1.05 -11.93
C THR B 9 -15.45 2.23 -10.95
N GLY B 10 -15.66 1.91 -9.67
CA GLY B 10 -15.71 2.95 -8.64
C GLY B 10 -17.15 3.22 -8.22
N LYS B 11 -17.90 2.15 -7.96
CA LYS B 11 -19.29 2.28 -7.54
C LYS B 11 -19.53 1.53 -6.24
N THR B 12 -20.09 2.22 -5.25
CA THR B 12 -20.38 1.61 -3.95
C THR B 12 -21.85 1.29 -3.82
N ILE B 13 -22.15 0.07 -3.38
CA ILE B 13 -23.53 -0.36 -3.21
C ILE B 13 -23.79 -0.74 -1.76
N THR B 14 -24.96 -0.37 -1.24
CA THR B 14 -25.31 -0.68 0.14
C THR B 14 -26.34 -1.82 0.19
N LEU B 15 -26.08 -2.80 1.06
CA LEU B 15 -26.98 -3.93 1.20
C LEU B 15 -27.23 -4.23 2.68
N GLU B 16 -28.37 -4.85 2.97
CA GLU B 16 -28.71 -5.19 4.35
C GLU B 16 -28.82 -6.70 4.53
N VAL B 17 -27.75 -7.31 5.05
CA VAL B 17 -27.74 -8.75 5.27
C VAL B 17 -27.66 -9.06 6.76
N GLU B 18 -27.57 -10.35 7.09
CA GLU B 18 -27.48 -10.76 8.49
C GLU B 18 -26.28 -11.69 8.70
N PRO B 19 -25.72 -11.66 9.87
CA PRO B 19 -24.54 -12.51 10.22
C PRO B 19 -24.76 -13.97 9.87
N SER B 20 -26.02 -14.34 9.67
CA SER B 20 -26.35 -15.72 9.33
C SER B 20 -26.65 -15.84 7.83
N ASP B 21 -26.23 -14.85 7.07
CA ASP B 21 -26.46 -14.85 5.63
C ASP B 21 -25.29 -15.52 4.91
N THR B 22 -25.60 -16.39 3.96
CA THR B 22 -24.58 -17.10 3.20
C THR B 22 -24.06 -16.21 2.06
N ILE B 23 -22.87 -16.54 1.57
CA ILE B 23 -22.28 -15.77 0.49
C ILE B 23 -23.16 -15.83 -0.76
N GLU B 24 -23.65 -17.02 -1.07
CA GLU B 24 -24.50 -17.21 -2.24
C GLU B 24 -25.69 -16.26 -2.18
N ASN B 25 -26.24 -16.08 -0.99
CA ASN B 25 -27.39 -15.18 -0.82
C ASN B 25 -27.00 -13.74 -1.13
N VAL B 26 -25.80 -13.35 -0.71
CA VAL B 26 -25.31 -11.99 -0.95
C VAL B 26 -25.20 -11.73 -2.45
N LYS B 27 -24.75 -12.75 -3.20
CA LYS B 27 -24.59 -12.62 -4.64
C LYS B 27 -25.95 -12.36 -5.30
N ALA B 28 -26.98 -13.03 -4.81
CA ALA B 28 -28.31 -12.87 -5.36
C ALA B 28 -28.81 -11.44 -5.17
N LYS B 29 -28.55 -10.87 -4.00
CA LYS B 29 -28.97 -9.51 -3.71
C LYS B 29 -28.33 -8.53 -4.69
N ILE B 30 -27.08 -8.79 -5.05
CA ILE B 30 -26.37 -7.93 -5.99
C ILE B 30 -26.89 -8.13 -7.41
N GLN B 31 -27.40 -9.33 -7.67
CA GLN B 31 -27.93 -9.63 -9.01
C GLN B 31 -29.29 -8.96 -9.21
N ASP B 32 -29.94 -8.60 -8.10
CA ASP B 32 -31.24 -7.96 -8.17
C ASP B 32 -31.09 -6.44 -8.17
N LYS B 33 -29.91 -5.97 -7.80
CA LYS B 33 -29.64 -4.54 -7.75
C LYS B 33 -28.91 -4.10 -9.01
N GLU B 34 -27.96 -4.91 -9.46
CA GLU B 34 -27.18 -4.60 -10.65
C GLU B 34 -27.56 -5.54 -11.79
N GLY B 35 -27.83 -6.80 -11.45
CA GLY B 35 -28.20 -7.79 -12.45
C GLY B 35 -26.98 -8.56 -12.92
N ILE B 36 -26.04 -8.78 -12.00
CA ILE B 36 -24.83 -9.52 -12.33
C ILE B 36 -24.94 -10.98 -11.90
N PRO B 37 -24.95 -11.87 -12.85
CA PRO B 37 -25.06 -13.34 -12.57
C PRO B 37 -24.07 -13.80 -11.52
N PRO B 38 -24.54 -14.50 -10.52
CA PRO B 38 -23.67 -15.02 -9.42
C PRO B 38 -22.45 -15.76 -9.95
N ASP B 39 -22.63 -16.47 -11.05
CA ASP B 39 -21.54 -17.22 -11.65
C ASP B 39 -20.49 -16.28 -12.24
N GLN B 40 -20.83 -15.00 -12.29
CA GLN B 40 -19.91 -14.00 -12.84
C GLN B 40 -19.60 -12.93 -11.80
N GLN B 41 -19.53 -13.34 -10.53
CA GLN B 41 -19.24 -12.41 -9.45
C GLN B 41 -18.21 -12.99 -8.50
N ARG B 42 -17.21 -12.20 -8.15
CA ARG B 42 -16.16 -12.65 -7.24
C ARG B 42 -16.03 -11.71 -6.06
N LEU B 43 -16.44 -12.17 -4.88
CA LEU B 43 -16.36 -11.36 -3.68
C LEU B 43 -15.02 -11.56 -2.98
N ILE B 44 -14.48 -10.48 -2.42
CA ILE B 44 -13.19 -10.56 -1.72
C ILE B 44 -13.22 -9.72 -0.45
N PHE B 45 -12.74 -10.29 0.65
CA PHE B 45 -12.71 -9.58 1.92
C PHE B 45 -11.36 -9.76 2.61
N ALA B 46 -10.69 -8.64 2.87
CA ALA B 46 -9.38 -8.69 3.51
C ALA B 46 -8.39 -9.47 2.65
N GLY B 47 -8.59 -9.43 1.35
CA GLY B 47 -7.71 -10.14 0.42
C GLY B 47 -8.02 -11.63 0.40
N LYS B 48 -9.22 -11.98 0.86
CA LYS B 48 -9.65 -13.38 0.89
C LYS B 48 -10.91 -13.58 0.06
N GLN B 49 -10.93 -14.63 -0.74
CA GLN B 49 -12.09 -14.91 -1.58
C GLN B 49 -13.14 -15.68 -0.78
N LEU B 50 -14.32 -15.07 -0.64
CA LEU B 50 -15.41 -15.70 0.10
C LEU B 50 -16.02 -16.83 -0.71
N GLU B 51 -16.46 -17.87 -0.02
CA GLU B 51 -17.08 -19.02 -0.69
C GLU B 51 -18.61 -18.91 -0.63
N ASP B 52 -19.27 -19.61 -1.54
CA ASP B 52 -20.73 -19.59 -1.58
C ASP B 52 -21.31 -20.58 -0.59
N GLY B 53 -20.44 -21.34 0.06
CA GLY B 53 -20.88 -22.33 1.04
C GLY B 53 -20.62 -21.84 2.47
N ARG B 54 -20.11 -20.61 2.57
CA ARG B 54 -19.83 -20.03 3.88
C ARG B 54 -20.74 -18.84 4.15
N THR B 55 -20.79 -18.41 5.41
CA THR B 55 -21.63 -17.27 5.78
C THR B 55 -20.77 -16.04 6.01
N LEU B 56 -21.40 -14.95 6.45
CA LEU B 56 -20.69 -13.71 6.71
C LEU B 56 -19.96 -13.78 8.04
N SER B 57 -20.62 -14.35 9.04
CA SER B 57 -20.01 -14.47 10.36
C SER B 57 -18.77 -15.36 10.31
N ASP B 58 -18.73 -16.26 9.32
CA ASP B 58 -17.61 -17.17 9.17
C ASP B 58 -16.35 -16.39 8.81
N TYR B 59 -16.52 -15.23 8.19
CA TYR B 59 -15.38 -14.40 7.80
C TYR B 59 -15.19 -13.26 8.80
N ASN B 60 -16.03 -13.23 9.83
CA ASN B 60 -15.93 -12.19 10.84
C ASN B 60 -16.23 -10.82 10.24
N ILE B 61 -17.27 -10.77 9.40
CA ILE B 61 -17.65 -9.52 8.75
C ILE B 61 -18.64 -8.75 9.63
N GLN B 62 -18.22 -7.57 10.10
CA GLN B 62 -19.08 -6.76 10.93
C GLN B 62 -19.85 -5.75 10.08
N LYS B 63 -20.57 -4.85 10.74
CA LYS B 63 -21.36 -3.85 10.03
C LYS B 63 -20.44 -2.73 9.52
N GLU B 64 -20.89 -2.05 8.47
CA GLU B 64 -20.11 -0.96 7.89
C GLU B 64 -18.87 -1.51 7.19
N SER B 65 -18.85 -2.82 6.97
CA SER B 65 -17.71 -3.45 6.32
C SER B 65 -17.74 -3.19 4.82
N THR B 66 -16.58 -3.26 4.18
CA THR B 66 -16.49 -3.03 2.75
C THR B 66 -16.00 -4.28 2.02
N LEU B 67 -16.70 -4.67 0.98
CA LEU B 67 -16.33 -5.86 0.21
C LEU B 67 -15.97 -5.48 -1.22
N HIS B 68 -15.16 -6.31 -1.87
CA HIS B 68 -14.75 -6.05 -3.24
C HIS B 68 -15.42 -7.05 -4.19
N LEU B 69 -15.92 -6.54 -5.32
CA LEU B 69 -16.57 -7.40 -6.30
C LEU B 69 -15.75 -7.47 -7.58
N VAL B 70 -15.50 -8.69 -8.06
CA VAL B 70 -14.73 -8.88 -9.27
C VAL B 70 -15.52 -9.69 -10.29
N LEU B 71 -15.54 -9.22 -11.53
CA LEU B 71 -16.26 -9.92 -12.59
C LEU B 71 -15.34 -10.89 -13.32
N ARG B 72 -15.91 -12.03 -13.73
CA ARG B 72 -15.13 -13.03 -14.43
C ARG B 72 -15.52 -13.08 -15.91
N LEU B 73 -14.68 -13.71 -16.73
CA LEU B 73 -14.95 -13.82 -18.15
C LEU B 73 -15.55 -15.18 -18.49
N ARG B 74 -16.82 -15.19 -18.85
CA ARG B 74 -17.50 -16.44 -19.18
C ARG B 74 -16.91 -17.04 -20.46
N GLY B 75 -16.30 -16.19 -21.28
CA GLY B 75 -15.70 -16.65 -22.53
C GLY B 75 -14.27 -16.15 -22.65
N GLY B 76 -13.59 -16.57 -23.72
CA GLY B 76 -12.22 -16.16 -23.96
C GLY B 76 -12.13 -14.69 -24.33
N ASP B 77 -10.97 -14.09 -24.13
CA ASP B 77 -10.77 -12.69 -24.46
C ASP B 77 -9.96 -12.53 -25.74
N VAL C 3 17.63 -9.82 -3.40
CA VAL C 3 18.77 -10.58 -3.98
C VAL C 3 18.72 -12.03 -3.50
N SER C 4 19.35 -12.92 -4.25
CA SER C 4 19.37 -14.34 -3.89
C SER C 4 17.97 -14.93 -4.00
N GLU C 5 17.89 -16.17 -4.47
CA GLU C 5 16.61 -16.85 -4.62
C GLU C 5 16.15 -17.42 -3.29
N SER C 6 17.10 -17.79 -2.44
CA SER C 6 16.78 -18.36 -1.14
C SER C 6 16.09 -17.32 -0.26
N GLN C 7 16.69 -16.13 -0.19
CA GLN C 7 16.13 -15.06 0.63
C GLN C 7 14.73 -14.69 0.13
N LEU C 8 14.50 -14.87 -1.16
CA LEU C 8 13.20 -14.56 -1.75
C LEU C 8 12.14 -15.55 -1.29
N LYS C 9 12.54 -16.81 -1.18
CA LYS C 9 11.62 -17.86 -0.75
C LYS C 9 11.40 -17.78 0.77
N LYS C 10 12.09 -16.86 1.42
CA LYS C 10 11.97 -16.70 2.86
C LYS C 10 10.97 -15.58 3.19
N MET C 11 11.00 -14.51 2.39
CA MET C 11 10.10 -13.39 2.61
C MET C 11 8.68 -13.75 2.21
N VAL C 12 8.56 -14.78 1.38
CA VAL C 12 7.24 -15.23 0.92
C VAL C 12 6.95 -16.64 1.42
N SER C 13 7.27 -16.88 2.70
CA SER C 13 7.04 -18.19 3.30
C SER C 13 5.60 -18.29 3.81
N LYS C 14 4.96 -17.14 3.99
CA LYS C 14 3.59 -17.12 4.48
C LYS C 14 2.61 -16.91 3.31
N TYR C 15 3.06 -17.23 2.11
CA TYR C 15 2.22 -17.07 0.93
C TYR C 15 1.62 -18.42 0.52
N LYS C 16 0.30 -18.44 0.34
CA LYS C 16 -0.38 -19.66 -0.04
C LYS C 16 0.28 -20.28 -1.28
N TYR C 17 0.69 -19.43 -2.20
CA TYR C 17 1.33 -19.89 -3.43
C TYR C 17 2.76 -19.34 -3.54
N ARG C 18 3.65 -19.87 -2.72
CA ARG C 18 5.04 -19.42 -2.74
C ARG C 18 5.66 -19.64 -4.12
N ASP C 19 5.98 -20.89 -4.42
CA ASP C 19 6.58 -21.22 -5.71
C ASP C 19 6.14 -20.21 -6.77
N LEU C 20 4.91 -20.36 -7.26
CA LEU C 20 4.39 -19.45 -8.27
C LEU C 20 4.94 -18.05 -8.08
N THR C 21 4.54 -17.41 -6.98
CA THR C 21 5.00 -16.06 -6.68
C THR C 21 6.50 -15.93 -6.96
N VAL C 22 7.30 -16.73 -6.26
CA VAL C 22 8.74 -16.70 -6.44
C VAL C 22 9.10 -16.68 -7.92
N ARG C 23 8.85 -17.80 -8.60
CA ARG C 23 9.15 -17.90 -10.02
C ARG C 23 8.82 -16.59 -10.73
N GLU C 24 7.56 -16.18 -10.65
CA GLU C 24 7.13 -14.94 -11.29
C GLU C 24 8.07 -13.81 -10.92
N THR C 25 8.31 -13.64 -9.62
CA THR C 25 9.19 -12.57 -9.14
C THR C 25 10.57 -12.69 -9.80
N VAL C 26 11.13 -13.89 -9.78
CA VAL C 26 12.44 -14.12 -10.38
C VAL C 26 12.43 -13.74 -11.86
N ASN C 27 11.32 -14.00 -12.52
CA ASN C 27 11.19 -13.68 -13.93
C ASN C 27 11.09 -12.17 -14.14
N VAL C 28 10.71 -11.46 -13.08
CA VAL C 28 10.58 -10.01 -13.16
C VAL C 28 11.92 -9.33 -12.95
N ILE C 29 12.43 -9.41 -11.72
CA ILE C 29 13.71 -8.81 -11.39
C ILE C 29 14.78 -9.21 -12.40
N THR C 30 14.56 -10.34 -13.06
CA THR C 30 15.52 -10.84 -14.06
C THR C 30 15.64 -9.85 -15.21
N LEU C 31 14.51 -9.41 -15.74
CA LEU C 31 14.51 -8.47 -16.86
C LEU C 31 14.70 -7.05 -16.34
N TYR C 32 14.10 -6.74 -15.20
CA TYR C 32 14.21 -5.41 -14.62
C TYR C 32 15.02 -5.46 -13.32
N LYS C 33 16.33 -5.33 -13.44
CA LYS C 33 17.21 -5.35 -12.27
C LYS C 33 16.94 -4.14 -11.38
N ASP C 34 16.28 -3.13 -11.94
CA ASP C 34 15.96 -1.93 -11.19
C ASP C 34 14.85 -2.20 -10.17
N LEU C 35 14.37 -3.44 -10.16
CA LEU C 35 13.31 -3.81 -9.23
C LEU C 35 13.81 -4.86 -8.24
N LYS C 36 13.57 -4.61 -6.95
CA LYS C 36 14.01 -5.54 -5.92
C LYS C 36 12.87 -5.82 -4.93
N PRO C 37 12.72 -7.05 -4.54
CA PRO C 37 11.66 -7.47 -3.58
C PRO C 37 11.96 -7.02 -2.16
N VAL C 38 10.90 -6.70 -1.41
CA VAL C 38 11.07 -6.25 -0.02
C VAL C 38 9.86 -6.65 0.81
N LEU C 39 10.10 -6.99 2.08
CA LEU C 39 9.02 -7.39 2.97
C LEU C 39 8.69 -6.26 3.94
N ASP C 40 7.48 -5.72 3.80
CA ASP C 40 7.05 -4.63 4.67
C ASP C 40 5.57 -4.81 5.05
N SER C 41 5.15 -4.08 6.08
CA SER C 41 3.76 -4.17 6.54
C SER C 41 2.88 -3.19 5.76
N TYR C 42 1.77 -3.70 5.24
CA TYR C 42 0.85 -2.87 4.47
C TYR C 42 -0.42 -2.60 5.28
N VAL C 43 -0.54 -1.38 5.81
CA VAL C 43 -1.71 -1.02 6.60
C VAL C 43 -2.82 -0.50 5.68
N PHE C 44 -3.86 -1.31 5.51
CA PHE C 44 -4.98 -0.93 4.66
C PHE C 44 -5.65 0.33 5.19
N ASN C 45 -6.64 0.83 4.46
CA ASN C 45 -7.36 2.03 4.87
C ASN C 45 -8.17 1.77 6.13
N ASP C 46 -8.63 0.53 6.28
CA ASP C 46 -9.43 0.16 7.44
C ASP C 46 -8.58 0.19 8.70
N GLY C 47 -7.26 0.35 8.53
CA GLY C 47 -6.35 0.39 9.65
C GLY C 47 -5.59 -0.92 9.79
N SER C 48 -6.25 -2.02 9.42
CA SER C 48 -5.63 -3.33 9.50
C SER C 48 -4.26 -3.33 8.85
N SER C 49 -3.41 -4.29 9.21
CA SER C 49 -2.07 -4.37 8.65
C SER C 49 -1.74 -5.81 8.29
N ARG C 50 -0.82 -5.98 7.34
CA ARG C 50 -0.41 -7.31 6.90
C ARG C 50 0.95 -7.25 6.22
N GLU C 51 1.82 -8.20 6.56
CA GLU C 51 3.16 -8.25 5.97
C GLU C 51 3.11 -8.87 4.57
N LEU C 52 3.24 -8.02 3.56
CA LEU C 52 3.22 -8.49 2.18
C LEU C 52 4.54 -8.15 1.48
N MET C 53 4.83 -8.87 0.40
CA MET C 53 6.06 -8.64 -0.35
C MET C 53 5.77 -7.82 -1.61
N ASN C 54 6.38 -6.64 -1.70
CA ASN C 54 6.19 -5.78 -2.85
C ASN C 54 7.49 -5.61 -3.63
N LEU C 55 7.39 -5.13 -4.86
CA LEU C 55 8.57 -4.92 -5.69
C LEU C 55 8.84 -3.43 -5.88
N THR C 56 9.76 -2.90 -5.08
CA THR C 56 10.11 -1.48 -5.17
C THR C 56 11.28 -1.27 -6.12
N GLY C 57 11.27 -0.14 -6.82
CA GLY C 57 12.34 0.16 -7.76
C GLY C 57 11.86 1.14 -8.83
N THR C 58 12.45 1.05 -10.02
CA THR C 58 12.07 1.92 -11.12
C THR C 58 12.05 1.16 -12.43
N ILE C 59 11.21 1.59 -13.36
CA ILE C 59 11.10 0.94 -14.66
C ILE C 59 11.39 1.92 -15.78
N PRO C 60 12.09 1.49 -16.79
CA PRO C 60 12.46 2.34 -17.96
C PRO C 60 11.25 2.64 -18.85
N VAL C 61 10.98 3.92 -19.07
CA VAL C 61 9.86 4.31 -19.91
C VAL C 61 10.27 5.43 -20.87
N PRO C 62 10.78 5.06 -22.01
CA PRO C 62 11.22 6.04 -23.05
C PRO C 62 10.15 7.07 -23.37
N TYR C 63 10.54 8.34 -23.39
CA TYR C 63 9.59 9.42 -23.70
C TYR C 63 10.33 10.60 -24.32
N ARG C 64 9.92 10.97 -25.53
CA ARG C 64 10.54 12.10 -26.22
C ARG C 64 12.03 11.83 -26.43
N GLY C 65 12.40 10.56 -26.55
CA GLY C 65 13.79 10.19 -26.76
C GLY C 65 14.52 10.09 -25.43
N ASN C 66 13.87 10.54 -24.35
CA ASN C 66 14.47 10.49 -23.02
C ASN C 66 13.92 9.32 -22.23
N THR C 67 14.78 8.69 -21.44
CA THR C 67 14.36 7.54 -20.64
C THR C 67 14.10 7.97 -19.19
N TYR C 68 12.86 7.79 -18.73
CA TYR C 68 12.50 8.17 -17.38
C TYR C 68 12.34 6.92 -16.51
N ASN C 69 13.04 6.89 -15.38
CA ASN C 69 12.96 5.76 -14.47
C ASN C 69 11.86 5.98 -13.43
N ILE C 70 10.62 5.82 -13.87
CA ILE C 70 9.48 6.01 -12.97
C ILE C 70 9.48 4.96 -11.86
N PRO C 71 9.51 5.39 -10.63
CA PRO C 71 9.50 4.49 -9.45
C PRO C 71 8.10 3.95 -9.14
N ILE C 72 7.99 2.64 -8.97
CA ILE C 72 6.71 2.02 -8.66
C ILE C 72 6.83 1.09 -7.47
N CYS C 73 5.69 0.63 -6.96
CA CYS C 73 5.69 -0.27 -5.81
C CYS C 73 4.53 -1.26 -5.91
N LEU C 74 4.83 -2.44 -6.43
CA LEU C 74 3.80 -3.47 -6.58
C LEU C 74 3.65 -4.28 -5.29
N TRP C 75 2.42 -4.37 -4.79
CA TRP C 75 2.17 -5.11 -3.56
C TRP C 75 1.47 -6.44 -3.87
N LEU C 76 1.96 -7.51 -3.28
CA LEU C 76 1.38 -8.84 -3.50
C LEU C 76 0.69 -9.33 -2.23
N LEU C 77 -0.55 -9.78 -2.37
CA LEU C 77 -1.30 -10.28 -1.23
C LEU C 77 -1.08 -11.78 -1.06
N ASP C 78 -1.04 -12.24 0.19
CA ASP C 78 -0.84 -13.65 0.47
C ASP C 78 -1.21 -14.50 -0.74
N THR C 79 -2.09 -13.96 -1.59
CA THR C 79 -2.53 -14.67 -2.78
C THR C 79 -2.50 -13.76 -3.99
N TYR C 80 -1.31 -13.56 -4.56
CA TYR C 80 -1.16 -12.70 -5.73
C TYR C 80 -1.15 -13.52 -7.00
N PRO C 81 -1.25 -14.83 -6.88
CA PRO C 81 -1.24 -15.76 -8.04
C PRO C 81 -2.57 -15.72 -8.80
N TYR C 82 -3.58 -15.12 -8.20
CA TYR C 82 -4.89 -15.04 -8.82
C TYR C 82 -5.45 -13.62 -8.69
N ASN C 83 -4.89 -12.86 -7.76
CA ASN C 83 -5.34 -11.49 -7.54
C ASN C 83 -4.31 -10.49 -8.05
N PRO C 84 -4.77 -9.38 -8.56
CA PRO C 84 -3.87 -8.31 -9.10
C PRO C 84 -3.19 -7.51 -8.00
N PRO C 85 -1.91 -7.31 -8.12
CA PRO C 85 -1.10 -6.55 -7.12
C PRO C 85 -1.55 -5.09 -7.02
N ILE C 86 -1.17 -4.43 -5.92
CA ILE C 86 -1.55 -3.04 -5.71
C ILE C 86 -0.41 -2.12 -6.16
N CYS C 87 -0.48 -1.67 -7.41
CA CYS C 87 0.54 -0.79 -7.96
C CYS C 87 0.46 0.60 -7.31
N PHE C 88 1.53 1.37 -7.47
CA PHE C 88 1.57 2.71 -6.91
C PHE C 88 2.76 3.49 -7.47
N VAL C 89 2.51 4.74 -7.85
CA VAL C 89 3.57 5.58 -8.41
C VAL C 89 4.21 6.43 -7.32
N LYS C 90 5.34 5.95 -6.79
CA LYS C 90 6.04 6.67 -5.75
C LYS C 90 6.87 7.82 -6.33
N PRO C 91 6.27 8.97 -6.46
CA PRO C 91 6.96 10.17 -7.03
C PRO C 91 7.96 10.77 -6.05
N THR C 92 9.08 11.25 -6.57
CA THR C 92 10.11 11.85 -5.73
C THR C 92 9.85 13.34 -5.55
N SER C 93 10.69 13.99 -4.74
CA SER C 93 10.54 15.41 -4.49
C SER C 93 10.71 16.21 -5.78
N SER C 94 11.23 15.56 -6.80
CA SER C 94 11.44 16.22 -8.09
C SER C 94 10.49 15.65 -9.14
N MET C 95 9.39 15.04 -8.68
CA MET C 95 8.42 14.46 -9.60
C MET C 95 7.01 14.89 -9.21
N THR C 96 6.18 15.14 -10.23
CA THR C 96 4.80 15.57 -9.98
C THR C 96 3.83 14.65 -10.71
N ILE C 97 2.99 13.96 -9.95
CA ILE C 97 2.00 13.05 -10.52
C ILE C 97 1.08 13.80 -11.47
N LYS C 98 0.96 13.31 -12.70
CA LYS C 98 0.10 13.95 -13.69
C LYS C 98 -1.19 13.15 -13.86
N THR C 99 -1.94 13.01 -12.77
CA THR C 99 -3.20 12.28 -12.81
C THR C 99 -3.71 12.15 -14.24
N GLY C 100 -4.16 10.95 -14.60
CA GLY C 100 -4.67 10.71 -15.94
C GLY C 100 -5.74 9.62 -15.93
N LYS C 101 -5.56 8.62 -16.79
CA LYS C 101 -6.51 7.52 -16.87
C LYS C 101 -5.94 6.27 -16.19
N HIS C 102 -4.64 6.28 -15.96
CA HIS C 102 -3.97 5.15 -15.32
C HIS C 102 -3.28 5.60 -14.04
N VAL C 103 -3.58 6.82 -13.60
CA VAL C 103 -2.97 7.35 -12.39
C VAL C 103 -3.83 8.47 -11.80
N ASP C 104 -4.02 8.43 -10.49
CA ASP C 104 -4.82 9.44 -9.81
C ASP C 104 -3.94 10.42 -9.05
N ALA C 105 -4.47 10.98 -7.96
CA ALA C 105 -3.71 11.92 -7.16
C ALA C 105 -2.91 11.20 -6.08
N ASN C 106 -3.35 9.98 -5.74
CA ASN C 106 -2.68 9.20 -4.73
C ASN C 106 -1.51 8.42 -5.33
N GLY C 107 -1.57 8.22 -6.65
CA GLY C 107 -0.52 7.49 -7.34
C GLY C 107 -1.05 6.16 -7.88
N LYS C 108 -2.14 5.69 -7.31
CA LYS C 108 -2.74 4.43 -7.73
C LYS C 108 -2.70 4.30 -9.25
N ILE C 109 -2.39 3.10 -9.75
CA ILE C 109 -2.31 2.87 -11.18
C ILE C 109 -3.56 2.12 -11.66
N TYR C 110 -4.07 2.53 -12.82
CA TYR C 110 -5.25 1.90 -13.38
C TYR C 110 -4.98 1.40 -14.80
N LEU C 111 -5.01 0.08 -14.98
CA LEU C 111 -4.76 -0.51 -16.29
C LEU C 111 -5.64 -1.74 -16.49
N PRO C 112 -6.17 -1.90 -17.67
CA PRO C 112 -7.05 -3.04 -18.02
C PRO C 112 -6.47 -4.38 -17.58
N TYR C 113 -5.14 -4.43 -17.49
CA TYR C 113 -4.47 -5.66 -17.08
C TYR C 113 -4.86 -6.03 -15.66
N LEU C 114 -5.13 -5.03 -14.84
CA LEU C 114 -5.51 -5.27 -13.45
C LEU C 114 -7.00 -5.60 -13.35
N HIS C 115 -7.81 -4.86 -14.11
CA HIS C 115 -9.25 -5.08 -14.10
C HIS C 115 -9.57 -6.51 -14.54
N GLU C 116 -8.85 -6.98 -15.55
CA GLU C 116 -9.07 -8.33 -16.06
C GLU C 116 -7.88 -9.23 -15.73
N TRP C 117 -7.64 -9.42 -14.43
CA TRP C 117 -6.53 -10.26 -13.98
C TRP C 117 -7.02 -11.69 -13.72
N LYS C 118 -6.21 -12.66 -14.13
CA LYS C 118 -6.58 -14.06 -13.94
C LYS C 118 -5.49 -14.79 -13.16
N HIS C 119 -4.42 -15.18 -13.86
CA HIS C 119 -3.32 -15.89 -13.24
C HIS C 119 -2.67 -16.86 -14.23
N PRO C 120 -3.48 -17.48 -15.04
CA PRO C 120 -3.00 -18.47 -16.05
C PRO C 120 -2.27 -17.78 -17.21
N GLN C 121 -2.62 -16.52 -17.46
CA GLN C 121 -2.00 -15.76 -18.53
C GLN C 121 -1.48 -14.42 -18.01
N SER C 122 -2.05 -13.95 -16.91
CA SER C 122 -1.65 -12.69 -16.32
C SER C 122 -0.50 -12.91 -15.32
N ASP C 123 0.53 -12.07 -15.41
CA ASP C 123 1.67 -12.18 -14.52
C ASP C 123 2.33 -10.82 -14.32
N LEU C 124 3.28 -10.77 -13.39
CA LEU C 124 3.99 -9.53 -13.11
C LEU C 124 4.67 -8.99 -14.37
N LEU C 125 5.51 -9.84 -14.96
CA LEU C 125 6.23 -9.44 -16.18
C LEU C 125 5.28 -8.78 -17.17
N GLY C 126 4.17 -9.47 -17.47
CA GLY C 126 3.20 -8.94 -18.41
C GLY C 126 2.61 -7.62 -17.91
N LEU C 127 2.43 -7.51 -16.60
CA LEU C 127 1.88 -6.31 -16.00
C LEU C 127 2.86 -5.14 -16.14
N ILE C 128 4.15 -5.43 -15.92
CA ILE C 128 5.17 -4.40 -16.02
C ILE C 128 5.32 -3.93 -17.46
N GLN C 129 5.40 -4.88 -18.39
CA GLN C 129 5.55 -4.55 -19.79
C GLN C 129 4.41 -3.65 -20.25
N VAL C 130 3.20 -3.97 -19.81
CA VAL C 130 2.02 -3.18 -20.18
C VAL C 130 2.09 -1.79 -19.55
N MET C 131 2.72 -1.69 -18.39
CA MET C 131 2.84 -0.41 -17.70
C MET C 131 3.80 0.51 -18.45
N ILE C 132 4.81 -0.08 -19.07
CA ILE C 132 5.79 0.70 -19.83
C ILE C 132 5.18 1.20 -21.13
N VAL C 133 4.29 0.40 -21.71
CA VAL C 133 3.64 0.78 -22.96
C VAL C 133 2.66 1.92 -22.74
N VAL C 134 1.86 1.81 -21.69
CA VAL C 134 0.88 2.85 -21.38
C VAL C 134 1.58 4.13 -20.92
N PHE C 135 2.52 3.97 -19.99
CA PHE C 135 3.25 5.12 -19.48
C PHE C 135 4.02 5.81 -20.59
N GLY C 136 4.41 5.04 -21.60
CA GLY C 136 5.15 5.59 -22.73
C GLY C 136 4.30 6.59 -23.51
N ASP C 137 3.02 6.26 -23.67
CA ASP C 137 2.11 7.14 -24.40
C ASP C 137 1.50 8.17 -23.46
N GLU C 138 1.40 7.81 -22.18
CA GLU C 138 0.84 8.72 -21.18
C GLU C 138 1.71 8.77 -19.94
N PRO C 139 2.55 9.76 -19.84
CA PRO C 139 3.47 9.93 -18.68
C PRO C 139 2.72 10.29 -17.40
N PRO C 140 2.79 9.43 -16.41
CA PRO C 140 2.11 9.65 -15.11
C PRO C 140 2.81 10.73 -14.27
N VAL C 141 4.01 11.10 -14.69
CA VAL C 141 4.76 12.12 -13.96
C VAL C 141 5.52 13.02 -14.94
N PHE C 142 6.04 14.13 -14.44
CA PHE C 142 6.79 15.06 -15.28
C PHE C 142 7.66 15.97 -14.42
N SER C 143 8.98 15.82 -14.56
CA SER C 143 9.91 16.64 -13.79
C SER C 143 9.22 17.87 -13.25
N MET A 1 -1.98 23.58 -1.63
CA MET A 1 -2.75 22.59 -2.43
C MET A 1 -3.95 22.11 -1.63
N GLN A 2 -4.85 21.37 -2.30
CA GLN A 2 -6.04 20.86 -1.62
C GLN A 2 -5.96 19.33 -1.52
N ILE A 3 -6.43 18.80 -0.39
CA ILE A 3 -6.41 17.36 -0.18
C ILE A 3 -7.77 16.86 0.31
N PHE A 4 -7.97 15.55 0.28
CA PHE A 4 -9.23 14.98 0.73
C PHE A 4 -8.98 13.95 1.83
N VAL A 5 -9.95 13.81 2.74
CA VAL A 5 -9.83 12.86 3.84
C VAL A 5 -11.13 12.09 4.02
N LYS A 6 -11.08 10.78 3.78
CA LYS A 6 -12.26 9.94 3.93
C LYS A 6 -12.31 9.33 5.32
N THR A 7 -13.51 9.08 5.82
CA THR A 7 -13.68 8.49 7.13
C THR A 7 -14.16 7.05 7.03
N LEU A 8 -14.49 6.44 8.17
CA LEU A 8 -14.96 5.07 8.19
C LEU A 8 -16.47 5.02 8.01
N THR A 9 -17.11 6.18 8.08
CA THR A 9 -18.56 6.26 7.93
C THR A 9 -18.93 6.60 6.49
N GLY A 10 -17.98 7.17 5.75
CA GLY A 10 -18.21 7.53 4.37
C GLY A 10 -18.38 9.04 4.23
N LYS A 11 -17.47 9.79 4.84
CA LYS A 11 -17.51 11.24 4.78
C LYS A 11 -16.19 11.81 4.27
N THR A 12 -16.26 12.66 3.26
CA THR A 12 -15.05 13.25 2.69
C THR A 12 -14.91 14.71 3.14
N ILE A 13 -13.71 15.08 3.58
CA ILE A 13 -13.45 16.44 4.03
C ILE A 13 -12.33 17.06 3.22
N THR A 14 -12.47 18.34 2.90
CA THR A 14 -11.46 19.05 2.12
C THR A 14 -10.65 19.98 3.02
N LEU A 15 -9.33 19.96 2.84
CA LEU A 15 -8.44 20.80 3.63
C LEU A 15 -7.38 21.44 2.75
N GLU A 16 -6.91 22.62 3.15
CA GLU A 16 -5.89 23.32 2.37
C GLU A 16 -4.59 23.40 3.16
N VAL A 17 -3.66 22.50 2.85
CA VAL A 17 -2.37 22.48 3.53
C VAL A 17 -1.24 22.79 2.56
N GLU A 18 -0.01 22.76 3.05
CA GLU A 18 1.14 23.04 2.20
C GLU A 18 2.16 21.91 2.29
N PRO A 19 2.89 21.69 1.23
CA PRO A 19 3.94 20.63 1.18
C PRO A 19 4.88 20.68 2.37
N SER A 20 4.90 21.82 3.05
CA SER A 20 5.77 21.99 4.21
C SER A 20 4.96 21.87 5.50
N ASP A 21 3.78 21.29 5.40
CA ASP A 21 2.92 21.10 6.57
C ASP A 21 3.19 19.76 7.23
N THR A 22 3.31 19.78 8.55
CA THR A 22 3.57 18.55 9.30
C THR A 22 2.27 17.78 9.53
N ILE A 23 2.40 16.48 9.80
CA ILE A 23 1.24 15.64 10.04
C ILE A 23 0.45 16.14 11.24
N GLU A 24 1.17 16.48 12.32
CA GLU A 24 0.52 16.97 13.52
C GLU A 24 -0.37 18.16 13.22
N ASN A 25 0.09 19.03 12.32
CA ASN A 25 -0.68 20.21 11.93
C ASN A 25 -1.96 19.80 11.22
N VAL A 26 -1.87 18.79 10.37
CA VAL A 26 -3.04 18.31 9.65
C VAL A 26 -4.10 17.78 10.61
N LYS A 27 -3.66 17.12 11.67
CA LYS A 27 -4.57 16.58 12.67
C LYS A 27 -5.34 17.70 13.35
N ALA A 28 -4.66 18.80 13.62
CA ALA A 28 -5.29 19.94 14.28
C ALA A 28 -6.40 20.52 13.41
N LYS A 29 -6.13 20.61 12.11
CA LYS A 29 -7.11 21.14 11.18
C LYS A 29 -8.39 20.30 11.20
N ILE A 30 -8.22 18.99 11.33
CA ILE A 30 -9.36 18.08 11.37
C ILE A 30 -10.09 18.18 12.70
N GLN A 31 -9.36 18.56 13.74
CA GLN A 31 -9.94 18.69 15.07
C GLN A 31 -10.78 19.96 15.16
N ASP A 32 -10.52 20.90 14.25
CA ASP A 32 -11.25 22.16 14.23
C ASP A 32 -12.45 22.07 13.31
N LYS A 33 -12.45 21.05 12.44
CA LYS A 33 -13.55 20.86 11.50
C LYS A 33 -14.54 19.83 12.04
N GLU A 34 -14.01 18.76 12.62
CA GLU A 34 -14.85 17.70 13.17
C GLU A 34 -14.80 17.71 14.69
N GLY A 35 -13.63 18.04 15.24
CA GLY A 35 -13.46 18.06 16.69
C GLY A 35 -12.94 16.74 17.21
N ILE A 36 -12.11 16.07 16.41
CA ILE A 36 -11.55 14.79 16.80
C ILE A 36 -10.14 14.97 17.36
N PRO A 37 -9.96 14.69 18.62
CA PRO A 37 -8.64 14.81 19.31
C PRO A 37 -7.52 14.12 18.52
N PRO A 38 -6.45 14.83 18.28
CA PRO A 38 -5.28 14.29 17.54
C PRO A 38 -4.82 12.93 18.09
N ASP A 39 -4.91 12.78 19.40
CA ASP A 39 -4.50 11.53 20.04
C ASP A 39 -5.46 10.40 19.68
N GLN A 40 -6.58 10.75 19.04
CA GLN A 40 -7.56 9.76 18.64
C GLN A 40 -7.78 9.79 17.14
N GLN A 41 -6.72 10.05 16.39
CA GLN A 41 -6.80 10.11 14.94
C GLN A 41 -5.64 9.36 14.30
N ARG A 42 -5.94 8.52 13.32
CA ARG A 42 -4.91 7.75 12.63
C ARG A 42 -4.97 7.99 11.13
N LEU A 43 -3.97 8.69 10.60
CA LEU A 43 -3.92 8.98 9.18
C LEU A 43 -3.17 7.88 8.43
N ILE A 44 -3.63 7.55 7.23
CA ILE A 44 -3.00 6.51 6.43
C ILE A 44 -2.95 6.92 4.97
N PHE A 45 -1.79 6.74 4.35
CA PHE A 45 -1.62 7.10 2.94
C PHE A 45 -0.91 5.97 2.18
N ALA A 46 -1.56 5.44 1.17
CA ALA A 46 -0.97 4.36 0.37
C ALA A 46 -0.71 3.14 1.25
N GLY A 47 -1.52 2.97 2.29
CA GLY A 47 -1.36 1.84 3.19
C GLY A 47 -0.22 2.08 4.17
N LYS A 48 0.17 3.35 4.32
CA LYS A 48 1.25 3.71 5.23
C LYS A 48 0.76 4.69 6.29
N GLN A 49 1.14 4.44 7.54
CA GLN A 49 0.73 5.32 8.64
C GLN A 49 1.67 6.52 8.73
N LEU A 50 1.09 7.71 8.54
CA LEU A 50 1.89 8.94 8.61
C LEU A 50 2.24 9.27 10.05
N GLU A 51 3.43 9.84 10.26
CA GLU A 51 3.87 10.20 11.60
C GLU A 51 3.61 11.68 11.86
N ASP A 52 3.57 12.05 13.14
CA ASP A 52 3.33 13.44 13.52
C ASP A 52 4.63 14.24 13.48
N GLY A 53 5.74 13.55 13.22
CA GLY A 53 7.03 14.21 13.15
C GLY A 53 7.49 14.37 11.70
N ARG A 54 6.63 13.97 10.77
CA ARG A 54 6.97 14.07 9.35
C ARG A 54 6.03 15.06 8.66
N THR A 55 6.41 15.47 7.46
CA THR A 55 5.60 16.43 6.70
C THR A 55 4.84 15.71 5.58
N LEU A 56 4.14 16.48 4.75
CA LEU A 56 3.39 15.91 3.65
C LEU A 56 4.31 15.56 2.48
N SER A 57 5.27 16.45 2.22
CA SER A 57 6.21 16.23 1.13
C SER A 57 7.07 15.01 1.40
N ASP A 58 7.21 14.66 2.68
CA ASP A 58 8.01 13.50 3.06
C ASP A 58 7.36 12.21 2.57
N TYR A 59 6.05 12.25 2.39
CA TYR A 59 5.31 11.08 1.93
C TYR A 59 5.01 11.20 0.44
N ASN A 60 5.44 12.30 -0.17
CA ASN A 60 5.21 12.52 -1.59
C ASN A 60 3.72 12.73 -1.87
N ILE A 61 3.06 13.43 -0.97
CA ILE A 61 1.62 13.69 -1.13
C ILE A 61 1.39 14.89 -2.03
N GLN A 62 0.82 14.64 -3.21
CA GLN A 62 0.55 15.71 -4.16
C GLN A 62 -0.84 16.30 -3.91
N ARG A 63 -1.33 17.09 -4.87
CA ARG A 63 -2.63 17.70 -4.74
C ARG A 63 -3.73 16.70 -5.12
N GLU A 64 -4.95 17.00 -4.70
CA GLU A 64 -6.07 16.12 -5.00
C GLU A 64 -5.83 14.72 -4.43
N SER A 65 -4.98 14.65 -3.41
CA SER A 65 -4.66 13.37 -2.79
C SER A 65 -5.73 12.97 -1.78
N THR A 66 -5.93 11.68 -1.60
CA THR A 66 -6.92 11.19 -0.66
C THR A 66 -6.26 10.48 0.52
N LEU A 67 -6.67 10.83 1.73
CA LEU A 67 -6.10 10.23 2.93
C LEU A 67 -7.18 9.51 3.73
N HIS A 68 -6.77 8.51 4.50
CA HIS A 68 -7.72 7.75 5.32
C HIS A 68 -7.56 8.10 6.79
N LEU A 69 -8.67 8.28 7.48
CA LEU A 69 -8.64 8.60 8.90
C LEU A 69 -9.21 7.47 9.73
N VAL A 70 -8.47 7.05 10.76
CA VAL A 70 -8.92 5.98 11.63
C VAL A 70 -8.98 6.44 13.08
N LEU A 71 -10.06 6.08 13.76
CA LEU A 71 -10.22 6.47 15.16
C LEU A 71 -9.75 5.35 16.08
N ARG A 72 -9.15 5.73 17.21
CA ARG A 72 -8.67 4.75 18.18
C ARG A 72 -9.58 4.68 19.39
N LEU A 73 -9.47 3.59 20.15
CA LEU A 73 -10.29 3.38 21.36
C LEU A 73 -11.70 2.93 20.97
N ARG A 74 -11.76 1.88 20.14
CA ARG A 74 -13.04 1.35 19.70
C ARG A 74 -13.09 -0.16 19.93
N GLY A 75 -12.33 -0.63 20.91
CA GLY A 75 -12.29 -2.05 21.21
C GLY A 75 -10.96 -2.69 20.77
N GLY A 76 -9.98 -1.85 20.44
CA GLY A 76 -8.68 -2.35 20.00
C GLY A 76 -8.00 -3.16 21.11
N MET B 1 0.50 -3.53 27.34
CA MET B 1 -0.12 -3.88 26.02
C MET B 1 0.73 -4.93 25.33
N GLN B 2 0.19 -5.50 24.25
CA GLN B 2 0.91 -6.52 23.50
C GLN B 2 1.31 -5.99 22.12
N ILE B 3 2.51 -6.36 21.67
CA ILE B 3 3.00 -5.92 20.37
C ILE B 3 3.54 -7.10 19.58
N PHE B 4 3.78 -6.87 18.29
CA PHE B 4 4.28 -7.93 17.41
C PHE B 4 5.58 -7.47 16.73
N VAL B 5 6.45 -8.43 16.46
CA VAL B 5 7.72 -8.11 15.80
C VAL B 5 8.02 -9.12 14.70
N LYS B 6 8.03 -8.65 13.46
CA LYS B 6 8.31 -9.52 12.32
C LYS B 6 9.80 -9.50 11.98
N THR B 7 10.30 -10.61 11.45
CA THR B 7 11.70 -10.70 11.07
C THR B 7 11.86 -10.70 9.55
N LEU B 8 13.09 -10.92 9.10
CA LEU B 8 13.37 -10.95 7.66
C LEU B 8 13.17 -12.34 7.10
N THR B 9 12.99 -13.31 8.00
CA THR B 9 12.79 -14.70 7.57
C THR B 9 11.30 -15.03 7.52
N GLY B 10 10.49 -14.23 8.21
CA GLY B 10 9.05 -14.45 8.23
C GLY B 10 8.60 -15.05 9.56
N LYS B 11 9.10 -14.48 10.66
CA LYS B 11 8.75 -14.98 11.98
C LYS B 11 8.18 -13.85 12.84
N THR B 12 7.02 -14.08 13.43
CA THR B 12 6.37 -13.08 14.27
C THR B 12 6.54 -13.43 15.74
N ILE B 13 6.95 -12.46 16.54
CA ILE B 13 7.13 -12.68 17.97
C ILE B 13 6.24 -11.74 18.77
N THR B 14 5.65 -12.26 19.85
CA THR B 14 4.77 -11.46 20.69
C THR B 14 5.47 -11.08 21.99
N LEU B 15 5.38 -9.79 22.35
CA LEU B 15 6.00 -9.31 23.58
C LEU B 15 5.02 -8.42 24.35
N GLU B 16 5.23 -8.33 25.66
CA GLU B 16 4.36 -7.52 26.51
C GLU B 16 5.15 -6.37 27.14
N VAL B 17 5.05 -5.19 26.57
CA VAL B 17 5.75 -4.03 27.08
C VAL B 17 4.76 -2.97 27.57
N GLU B 18 5.29 -1.84 28.03
CA GLU B 18 4.45 -0.76 28.51
C GLU B 18 4.78 0.55 27.80
N PRO B 19 3.80 1.41 27.66
CA PRO B 19 3.99 2.73 26.98
C PRO B 19 5.18 3.51 27.56
N SER B 20 5.62 3.10 28.74
CA SER B 20 6.75 3.77 29.38
C SER B 20 8.02 2.93 29.24
N ASP B 21 8.00 1.99 28.29
CA ASP B 21 9.15 1.13 28.06
C ASP B 21 10.07 1.75 27.01
N THR B 22 11.37 1.74 27.30
CA THR B 22 12.35 2.30 26.38
C THR B 22 12.69 1.30 25.28
N ILE B 23 13.22 1.80 24.16
CA ILE B 23 13.58 0.94 23.04
C ILE B 23 14.64 -0.08 23.47
N GLU B 24 15.64 0.41 24.21
CA GLU B 24 16.71 -0.47 24.67
C GLU B 24 16.15 -1.66 25.43
N ASN B 25 15.11 -1.40 26.23
CA ASN B 25 14.48 -2.46 27.01
C ASN B 25 13.84 -3.50 26.10
N VAL B 26 13.21 -3.02 25.02
CA VAL B 26 12.55 -3.91 24.08
C VAL B 26 13.57 -4.84 23.42
N LYS B 27 14.75 -4.30 23.13
CA LYS B 27 15.80 -5.08 22.50
C LYS B 27 16.24 -6.23 23.42
N ALA B 28 16.30 -5.94 24.72
CA ALA B 28 16.71 -6.96 25.69
C ALA B 28 15.71 -8.11 25.72
N LYS B 29 14.42 -7.77 25.66
CA LYS B 29 13.38 -8.79 25.67
C LYS B 29 13.53 -9.72 24.48
N ILE B 30 13.92 -9.17 23.34
CA ILE B 30 14.09 -9.96 22.14
C ILE B 30 15.36 -10.81 22.23
N GLN B 31 16.33 -10.33 23.00
CA GLN B 31 17.58 -11.04 23.17
C GLN B 31 17.40 -12.24 24.10
N ASP B 32 16.34 -12.20 24.90
CA ASP B 32 16.06 -13.28 25.82
C ASP B 32 15.13 -14.30 25.19
N LYS B 33 14.49 -13.93 24.10
CA LYS B 33 13.57 -14.81 23.40
C LYS B 33 14.27 -15.47 22.21
N GLU B 34 15.07 -14.69 21.49
CA GLU B 34 15.78 -15.21 20.34
C GLU B 34 17.28 -15.30 20.63
N GLY B 35 17.78 -14.34 21.40
CA GLY B 35 19.19 -14.32 21.75
C GLY B 35 19.99 -13.46 20.76
N ILE B 36 19.35 -12.40 20.27
CA ILE B 36 20.00 -11.50 19.33
C ILE B 36 20.56 -10.28 20.05
N PRO B 37 21.86 -10.14 20.06
CA PRO B 37 22.54 -8.98 20.72
C PRO B 37 21.94 -7.65 20.31
N PRO B 38 21.61 -6.83 21.26
CA PRO B 38 21.00 -5.48 21.00
C PRO B 38 21.82 -4.68 20.00
N ASP B 39 23.14 -4.83 20.05
CA ASP B 39 24.03 -4.12 19.14
C ASP B 39 23.86 -4.64 17.72
N GLN B 40 23.14 -5.74 17.57
CA GLN B 40 22.91 -6.34 16.25
C GLN B 40 21.43 -6.42 15.95
N GLN B 41 20.67 -5.42 16.40
CA GLN B 41 19.24 -5.40 16.17
C GLN B 41 18.78 -4.00 15.75
N ARG B 42 17.98 -3.95 14.69
CA ARG B 42 17.49 -2.66 14.19
C ARG B 42 15.97 -2.66 14.12
N LEU B 43 15.35 -1.89 15.00
CA LEU B 43 13.88 -1.80 15.04
C LEU B 43 13.40 -0.68 14.12
N ILE B 44 12.27 -0.91 13.45
CA ILE B 44 11.71 0.09 12.55
C ILE B 44 10.19 0.14 12.69
N PHE B 45 9.65 1.35 12.79
CA PHE B 45 8.21 1.53 12.92
C PHE B 45 7.72 2.61 11.98
N ALA B 46 6.79 2.25 11.09
CA ALA B 46 6.25 3.21 10.14
C ALA B 46 7.35 3.76 9.24
N GLY B 47 8.38 2.96 9.01
CA GLY B 47 9.50 3.38 8.16
C GLY B 47 10.44 4.29 8.94
N LYS B 48 10.35 4.25 10.26
CA LYS B 48 11.20 5.09 11.09
C LYS B 48 12.03 4.23 12.05
N GLN B 49 13.31 4.54 12.15
CA GLN B 49 14.22 3.79 13.03
C GLN B 49 14.09 4.28 14.47
N LEU B 50 13.66 3.40 15.37
CA LEU B 50 13.51 3.76 16.77
C LEU B 50 14.87 3.86 17.45
N GLU B 51 14.99 4.79 18.39
CA GLU B 51 16.25 4.97 19.11
C GLU B 51 16.21 4.25 20.45
N ASP B 52 17.39 3.98 21.00
CA ASP B 52 17.48 3.29 22.28
C ASP B 52 17.33 4.28 23.44
N GLY B 53 17.22 5.55 23.11
CA GLY B 53 17.08 6.59 24.13
C GLY B 53 15.64 7.10 24.17
N ARG B 54 14.78 6.50 23.35
CA ARG B 54 13.38 6.90 23.31
C ARG B 54 12.48 5.77 23.80
N THR B 55 11.23 6.11 24.11
CA THR B 55 10.28 5.12 24.59
C THR B 55 9.31 4.73 23.49
N LEU B 56 8.32 3.90 23.83
CA LEU B 56 7.33 3.46 22.87
C LEU B 56 6.28 4.54 22.64
N SER B 57 5.88 5.20 23.72
CA SER B 57 4.88 6.26 23.64
C SER B 57 5.40 7.42 22.80
N ASP B 58 6.73 7.57 22.77
CA ASP B 58 7.35 8.64 22.01
C ASP B 58 7.10 8.46 20.51
N TYR B 59 6.88 7.21 20.11
CA TYR B 59 6.63 6.91 18.70
C TYR B 59 5.15 6.70 18.46
N ASN B 60 4.34 6.86 19.51
CA ASN B 60 2.90 6.69 19.40
C ASN B 60 2.57 5.25 19.01
N ILE B 61 3.23 4.31 19.67
CA ILE B 61 3.00 2.89 19.40
C ILE B 61 1.89 2.35 20.30
N GLN B 62 0.79 1.93 19.69
CA GLN B 62 -0.33 1.39 20.45
C GLN B 62 -0.24 -0.13 20.54
N LYS B 63 -1.27 -0.76 21.10
CA LYS B 63 -1.28 -2.20 21.24
C LYS B 63 -1.61 -2.87 19.90
N GLU B 64 -1.17 -4.11 19.74
CA GLU B 64 -1.42 -4.86 18.51
C GLU B 64 -0.60 -4.27 17.37
N SER B 65 0.37 -3.43 17.71
CA SER B 65 1.22 -2.81 16.69
C SER B 65 2.26 -3.80 16.19
N THR B 66 2.74 -3.57 14.97
CA THR B 66 3.74 -4.46 14.38
C THR B 66 5.05 -3.70 14.14
N LEU B 67 6.15 -4.30 14.56
CA LEU B 67 7.45 -3.68 14.39
C LEU B 67 8.36 -4.56 13.53
N HIS B 68 9.31 -3.93 12.85
CA HIS B 68 10.23 -4.66 11.99
C HIS B 68 11.61 -4.74 12.63
N LEU B 69 12.22 -5.92 12.55
CA LEU B 69 13.54 -6.12 13.14
C LEU B 69 14.58 -6.39 12.03
N VAL B 70 15.67 -5.63 12.06
CA VAL B 70 16.72 -5.79 11.07
C VAL B 70 18.05 -6.13 11.73
N LEU B 71 18.73 -7.14 11.21
CA LEU B 71 20.01 -7.56 11.77
C LEU B 71 21.17 -6.88 11.03
N ARG B 72 22.15 -6.40 11.78
CA ARG B 72 23.30 -5.73 11.19
C ARG B 72 24.45 -6.72 10.98
N LEU B 73 25.43 -6.33 10.17
CA LEU B 73 26.57 -7.18 9.90
C LEU B 73 26.12 -8.51 9.30
N ARG B 74 27.07 -9.29 8.81
CA ARG B 74 26.76 -10.58 8.21
C ARG B 74 26.11 -11.51 9.24
N GLY B 75 26.62 -11.47 10.46
CA GLY B 75 26.09 -12.32 11.53
C GLY B 75 26.80 -13.66 11.61
N GLY B 76 27.66 -13.94 10.63
CA GLY B 76 28.40 -15.20 10.62
C GLY B 76 27.44 -16.39 10.60
N ASP B 77 27.69 -17.35 11.49
CA ASP B 77 26.85 -18.53 11.57
C ASP B 77 27.12 -19.30 12.87
N VAL C 3 17.63 -9.82 -3.39
CA VAL C 3 18.77 -10.58 -3.98
C VAL C 3 18.72 -12.03 -3.50
N SER C 4 19.35 -12.92 -4.25
CA SER C 4 19.37 -14.34 -3.89
C SER C 4 17.97 -14.94 -4.01
N GLU C 5 17.89 -16.17 -4.47
CA GLU C 5 16.61 -16.85 -4.62
C GLU C 5 16.15 -17.42 -3.29
N SER C 6 17.11 -17.79 -2.44
CA SER C 6 16.78 -18.36 -1.14
C SER C 6 16.10 -17.32 -0.26
N GLN C 7 16.68 -16.12 -0.18
CA GLN C 7 16.13 -15.06 0.63
C GLN C 7 14.73 -14.69 0.13
N LEU C 8 14.50 -14.87 -1.16
CA LEU C 8 13.20 -14.56 -1.75
C LEU C 8 12.14 -15.54 -1.29
N LYS C 9 12.54 -16.81 -1.18
CA LYS C 9 11.62 -17.86 -0.75
C LYS C 9 11.40 -17.78 0.77
N LYS C 10 12.09 -16.86 1.42
CA LYS C 10 11.97 -16.70 2.86
C LYS C 10 10.97 -15.58 3.19
N MET C 11 11.01 -14.52 2.40
CA MET C 11 10.10 -13.39 2.61
C MET C 11 8.68 -13.75 2.21
N VAL C 12 8.56 -14.78 1.38
CA VAL C 12 7.24 -15.22 0.92
C VAL C 12 6.95 -16.63 1.43
N SER C 13 7.28 -16.88 2.69
CA SER C 13 7.04 -18.19 3.30
C SER C 13 5.60 -18.29 3.81
N LYS C 14 4.96 -17.14 3.99
CA LYS C 14 3.59 -17.12 4.48
C LYS C 14 2.61 -16.91 3.31
N TYR C 15 3.06 -17.23 2.11
CA TYR C 15 2.22 -17.08 0.93
C TYR C 15 1.62 -18.42 0.52
N LYS C 16 0.30 -18.44 0.34
CA LYS C 16 -0.38 -19.66 -0.04
C LYS C 16 0.28 -20.28 -1.28
N TYR C 17 0.68 -19.42 -2.21
CA TYR C 17 1.33 -19.89 -3.43
C TYR C 17 2.75 -19.34 -3.54
N ARG C 18 3.65 -19.87 -2.72
CA ARG C 18 5.03 -19.43 -2.73
C ARG C 18 5.66 -19.64 -4.10
N ASP C 19 5.98 -20.89 -4.42
CA ASP C 19 6.58 -21.22 -5.71
C ASP C 19 6.14 -20.21 -6.77
N LEU C 20 4.91 -20.36 -7.26
CA LEU C 20 4.39 -19.45 -8.27
C LEU C 20 4.94 -18.05 -8.08
N THR C 21 4.54 -17.41 -6.98
CA THR C 21 5.00 -16.06 -6.68
C THR C 21 6.50 -15.93 -6.97
N VAL C 22 7.30 -16.73 -6.26
CA VAL C 22 8.74 -16.70 -6.44
C VAL C 22 9.10 -16.68 -7.92
N ARG C 23 8.85 -17.80 -8.60
CA ARG C 23 9.15 -17.90 -10.02
C ARG C 23 8.82 -16.59 -10.73
N GLU C 24 7.56 -16.18 -10.65
CA GLU C 24 7.13 -14.94 -11.29
C GLU C 24 8.07 -13.80 -10.92
N THR C 25 8.32 -13.64 -9.62
CA THR C 25 9.19 -12.58 -9.15
C THR C 25 10.56 -12.69 -9.81
N VAL C 26 11.13 -13.89 -9.78
CA VAL C 26 12.44 -14.12 -10.38
C VAL C 26 12.43 -13.74 -11.86
N ASN C 27 11.31 -14.00 -12.53
CA ASN C 27 11.19 -13.67 -13.94
C ASN C 27 11.09 -12.17 -14.14
N VAL C 28 10.71 -11.45 -13.09
CA VAL C 28 10.57 -10.00 -13.17
C VAL C 28 11.92 -9.33 -12.95
N ILE C 29 12.43 -9.41 -11.72
CA ILE C 29 13.72 -8.80 -11.40
C ILE C 29 14.78 -9.21 -12.40
N THR C 30 14.56 -10.34 -13.06
CA THR C 30 15.52 -10.84 -14.06
C THR C 30 15.65 -9.86 -15.21
N LEU C 31 14.51 -9.41 -15.74
CA LEU C 31 14.51 -8.47 -16.85
C LEU C 31 14.70 -7.04 -16.35
N TYR C 32 14.10 -6.74 -15.19
CA TYR C 32 14.21 -5.41 -14.61
C TYR C 32 15.02 -5.45 -13.32
N LYS C 33 16.33 -5.33 -13.44
CA LYS C 33 17.21 -5.35 -12.27
C LYS C 33 16.94 -4.14 -11.38
N ASP C 34 16.28 -3.13 -11.94
CA ASP C 34 15.96 -1.92 -11.19
C ASP C 34 14.85 -2.20 -10.17
N LEU C 35 14.37 -3.44 -10.16
CA LEU C 35 13.31 -3.81 -9.23
C LEU C 35 13.81 -4.86 -8.24
N LYS C 36 13.57 -4.61 -6.95
CA LYS C 36 14.01 -5.54 -5.92
C LYS C 36 12.87 -5.82 -4.93
N PRO C 37 12.72 -7.05 -4.54
CA PRO C 37 11.66 -7.47 -3.58
C PRO C 37 11.96 -7.02 -2.16
N VAL C 38 10.90 -6.70 -1.41
CA VAL C 38 11.07 -6.25 -0.03
C VAL C 38 9.86 -6.65 0.81
N LEU C 39 10.10 -6.99 2.08
CA LEU C 39 9.02 -7.39 2.97
C LEU C 39 8.69 -6.26 3.94
N ASP C 40 7.48 -5.72 3.80
CA ASP C 40 7.04 -4.63 4.68
C ASP C 40 5.57 -4.81 5.05
N SER C 41 5.15 -4.08 6.08
CA SER C 41 3.76 -4.17 6.54
C SER C 41 2.88 -3.19 5.76
N TYR C 42 1.77 -3.70 5.24
CA TYR C 42 0.85 -2.87 4.47
C TYR C 42 -0.42 -2.60 5.28
N VAL C 43 -0.53 -1.38 5.81
CA VAL C 43 -1.71 -1.02 6.60
C VAL C 43 -2.82 -0.50 5.68
N PHE C 44 -3.85 -1.32 5.51
CA PHE C 44 -4.98 -0.93 4.66
C PHE C 44 -5.65 0.33 5.19
N ASN C 45 -6.63 0.83 4.46
CA ASN C 45 -7.35 2.03 4.87
C ASN C 45 -8.16 1.77 6.13
N ASP C 46 -8.64 0.53 6.27
CA ASP C 46 -9.43 0.16 7.44
C ASP C 46 -8.58 0.19 8.70
N GLY C 47 -7.27 0.35 8.51
CA GLY C 47 -6.36 0.39 9.65
C GLY C 47 -5.59 -0.92 9.79
N SER C 48 -6.25 -2.02 9.42
CA SER C 48 -5.63 -3.33 9.50
C SER C 48 -4.26 -3.33 8.85
N SER C 49 -3.41 -4.29 9.21
CA SER C 49 -2.07 -4.37 8.65
C SER C 49 -1.73 -5.81 8.28
N ARG C 50 -0.82 -5.97 7.34
CA ARG C 50 -0.41 -7.30 6.89
C ARG C 50 0.95 -7.25 6.22
N GLU C 51 1.82 -8.20 6.56
CA GLU C 51 3.15 -8.25 5.97
C GLU C 51 3.11 -8.87 4.57
N LEU C 52 3.25 -8.01 3.56
CA LEU C 52 3.23 -8.49 2.18
C LEU C 52 4.54 -8.16 1.48
N MET C 53 4.83 -8.87 0.39
CA MET C 53 6.06 -8.63 -0.35
C MET C 53 5.77 -7.82 -1.61
N ASN C 54 6.38 -6.64 -1.70
CA ASN C 54 6.18 -5.77 -2.85
C ASN C 54 7.49 -5.60 -3.62
N LEU C 55 7.39 -5.13 -4.86
CA LEU C 55 8.57 -4.92 -5.69
C LEU C 55 8.84 -3.43 -5.87
N THR C 56 9.76 -2.90 -5.08
CA THR C 56 10.10 -1.49 -5.16
C THR C 56 11.27 -1.27 -6.11
N GLY C 57 11.27 -0.14 -6.81
CA GLY C 57 12.34 0.16 -7.76
C GLY C 57 11.86 1.14 -8.83
N THR C 58 12.44 1.04 -10.02
CA THR C 58 12.07 1.92 -11.12
C THR C 58 12.05 1.16 -12.43
N ILE C 59 11.21 1.59 -13.36
CA ILE C 59 11.10 0.94 -14.66
C ILE C 59 11.39 1.92 -15.78
N PRO C 60 12.09 1.49 -16.79
CA PRO C 60 12.46 2.34 -17.96
C PRO C 60 11.25 2.64 -18.85
N VAL C 61 10.98 3.92 -19.07
CA VAL C 61 9.86 4.31 -19.91
C VAL C 61 10.27 5.43 -20.87
N PRO C 62 10.78 5.06 -22.01
CA PRO C 62 11.22 6.04 -23.05
C PRO C 62 10.15 7.07 -23.37
N TYR C 63 10.54 8.34 -23.39
CA TYR C 63 9.59 9.41 -23.70
C TYR C 63 10.33 10.60 -24.32
N ARG C 64 9.92 10.97 -25.53
CA ARG C 64 10.54 12.10 -26.22
C ARG C 64 12.03 11.83 -26.43
N GLY C 65 12.39 10.56 -26.56
CA GLY C 65 13.79 10.19 -26.76
C GLY C 65 14.53 10.09 -25.43
N ASN C 66 13.87 10.53 -24.36
CA ASN C 66 14.47 10.49 -23.04
C ASN C 66 13.92 9.31 -22.24
N THR C 67 14.78 8.69 -21.44
CA THR C 67 14.36 7.55 -20.63
C THR C 67 14.10 7.97 -19.19
N TYR C 68 12.87 7.80 -18.74
CA TYR C 68 12.50 8.17 -17.38
C TYR C 68 12.34 6.92 -16.51
N ASN C 69 13.05 6.90 -15.38
CA ASN C 69 12.97 5.75 -14.47
C ASN C 69 11.87 5.99 -13.44
N ILE C 70 10.62 5.82 -13.87
CA ILE C 70 9.48 6.01 -12.97
C ILE C 70 9.48 4.96 -11.86
N PRO C 71 9.51 5.39 -10.63
CA PRO C 71 9.50 4.49 -9.45
C PRO C 71 8.11 3.96 -9.13
N ILE C 72 7.99 2.64 -8.97
CA ILE C 72 6.71 2.03 -8.66
C ILE C 72 6.83 1.10 -7.46
N CYS C 73 5.69 0.63 -6.96
CA CYS C 73 5.69 -0.27 -5.81
C CYS C 73 4.53 -1.26 -5.91
N LEU C 74 4.82 -2.45 -6.42
CA LEU C 74 3.81 -3.48 -6.58
C LEU C 74 3.66 -4.28 -5.29
N TRP C 75 2.43 -4.37 -4.79
CA TRP C 75 2.16 -5.12 -3.56
C TRP C 75 1.47 -6.44 -3.87
N LEU C 76 1.96 -7.51 -3.28
CA LEU C 76 1.37 -8.83 -3.50
C LEU C 76 0.70 -9.34 -2.23
N LEU C 77 -0.55 -9.78 -2.37
CA LEU C 77 -1.30 -10.29 -1.22
C LEU C 77 -1.08 -11.79 -1.06
N ASP C 78 -1.03 -12.25 0.18
CA ASP C 78 -0.83 -13.66 0.46
C ASP C 78 -1.21 -14.50 -0.75
N THR C 79 -2.08 -13.96 -1.58
CA THR C 79 -2.53 -14.67 -2.78
C THR C 79 -2.51 -13.75 -3.99
N TYR C 80 -1.32 -13.55 -4.55
CA TYR C 80 -1.18 -12.68 -5.72
C TYR C 80 -1.17 -13.51 -7.00
N PRO C 81 -1.25 -14.80 -6.86
CA PRO C 81 -1.25 -15.74 -8.02
C PRO C 81 -2.56 -15.71 -8.79
N TYR C 82 -3.60 -15.13 -8.18
CA TYR C 82 -4.90 -15.04 -8.82
C TYR C 82 -5.46 -13.63 -8.68
N ASN C 83 -4.89 -12.85 -7.77
CA ASN C 83 -5.34 -11.48 -7.55
C ASN C 83 -4.31 -10.48 -8.07
N PRO C 84 -4.77 -9.37 -8.57
CA PRO C 84 -3.88 -8.30 -9.11
C PRO C 84 -3.20 -7.51 -8.00
N PRO C 85 -1.91 -7.30 -8.13
CA PRO C 85 -1.11 -6.54 -7.13
C PRO C 85 -1.55 -5.09 -7.02
N ILE C 86 -1.18 -4.44 -5.92
CA ILE C 86 -1.55 -3.04 -5.71
C ILE C 86 -0.41 -2.12 -6.16
N CYS C 87 -0.49 -1.66 -7.41
CA CYS C 87 0.54 -0.79 -7.96
C CYS C 87 0.46 0.60 -7.31
N PHE C 88 1.53 1.37 -7.47
CA PHE C 88 1.57 2.72 -6.90
C PHE C 88 2.76 3.49 -7.47
N VAL C 89 2.52 4.74 -7.85
CA VAL C 89 3.57 5.58 -8.41
C VAL C 89 4.21 6.43 -7.32
N LYS C 90 5.34 5.95 -6.79
CA LYS C 90 6.04 6.67 -5.75
C LYS C 90 6.87 7.82 -6.33
N PRO C 91 6.27 8.97 -6.46
CA PRO C 91 6.96 10.17 -7.03
C PRO C 91 7.96 10.77 -6.05
N THR C 92 9.09 11.24 -6.57
CA THR C 92 10.11 11.85 -5.73
C THR C 92 9.85 13.33 -5.55
N SER C 93 10.69 13.98 -4.75
CA SER C 93 10.54 15.41 -4.49
C SER C 93 10.70 16.21 -5.78
N SER C 94 11.23 15.56 -6.80
CA SER C 94 11.44 16.22 -8.09
C SER C 94 10.48 15.64 -9.14
N MET C 95 9.39 15.04 -8.68
CA MET C 95 8.42 14.46 -9.60
C MET C 95 7.01 14.89 -9.21
N THR C 96 6.18 15.14 -10.23
CA THR C 96 4.80 15.57 -9.98
C THR C 96 3.83 14.65 -10.71
N ILE C 97 2.99 13.96 -9.95
CA ILE C 97 2.01 13.06 -10.53
C ILE C 97 1.08 13.80 -11.47
N LYS C 98 0.96 13.31 -12.70
CA LYS C 98 0.10 13.95 -13.69
C LYS C 98 -1.19 13.15 -13.86
N THR C 99 -1.95 13.02 -12.77
CA THR C 99 -3.20 12.28 -12.81
C THR C 99 -3.71 12.16 -14.24
N GLY C 100 -4.16 10.96 -14.59
CA GLY C 100 -4.69 10.72 -15.93
C GLY C 100 -5.74 9.61 -15.92
N LYS C 101 -5.57 8.62 -16.79
CA LYS C 101 -6.51 7.52 -16.87
C LYS C 101 -5.94 6.28 -16.20
N HIS C 102 -4.63 6.29 -15.96
CA HIS C 102 -3.97 5.16 -15.32
C HIS C 102 -3.26 5.60 -14.04
N VAL C 103 -3.58 6.81 -13.59
CA VAL C 103 -2.96 7.35 -12.38
C VAL C 103 -3.83 8.47 -11.80
N ASP C 104 -4.02 8.43 -10.48
CA ASP C 104 -4.83 9.44 -9.81
C ASP C 104 -3.94 10.42 -9.05
N ALA C 105 -4.47 10.98 -7.96
CA ALA C 105 -3.71 11.92 -7.16
C ALA C 105 -2.91 11.20 -6.08
N ASN C 106 -3.35 9.98 -5.74
CA ASN C 106 -2.67 9.20 -4.72
C ASN C 106 -1.51 8.42 -5.33
N GLY C 107 -1.56 8.21 -6.64
CA GLY C 107 -0.51 7.48 -7.34
C GLY C 107 -1.04 6.15 -7.87
N LYS C 108 -2.14 5.69 -7.31
CA LYS C 108 -2.74 4.43 -7.75
C LYS C 108 -2.70 4.30 -9.26
N ILE C 109 -2.39 3.10 -9.75
CA ILE C 109 -2.31 2.87 -11.18
C ILE C 109 -3.56 2.12 -11.66
N TYR C 110 -4.07 2.53 -12.82
CA TYR C 110 -5.25 1.89 -13.39
C TYR C 110 -4.98 1.40 -14.80
N LEU C 111 -5.01 0.08 -14.98
CA LEU C 111 -4.76 -0.51 -16.29
C LEU C 111 -5.64 -1.74 -16.49
N PRO C 112 -6.17 -1.90 -17.67
CA PRO C 112 -7.06 -3.04 -18.02
C PRO C 112 -6.47 -4.38 -17.58
N TYR C 113 -5.14 -4.43 -17.49
CA TYR C 113 -4.47 -5.66 -17.08
C TYR C 113 -4.85 -6.04 -15.67
N LEU C 114 -5.12 -5.03 -14.83
CA LEU C 114 -5.51 -5.27 -13.45
C LEU C 114 -6.98 -5.60 -13.36
N HIS C 115 -7.80 -4.87 -14.11
CA HIS C 115 -9.24 -5.09 -14.10
C HIS C 115 -9.57 -6.51 -14.56
N GLU C 116 -8.82 -7.00 -15.55
CA GLU C 116 -9.03 -8.34 -16.07
C GLU C 116 -7.86 -9.25 -15.72
N TRP C 117 -7.64 -9.46 -14.43
CA TRP C 117 -6.55 -10.31 -13.98
C TRP C 117 -7.04 -11.73 -13.72
N LYS C 118 -6.24 -12.71 -14.13
CA LYS C 118 -6.61 -14.11 -13.95
C LYS C 118 -5.53 -14.86 -13.18
N HIS C 119 -4.41 -15.14 -13.86
CA HIS C 119 -3.30 -15.84 -13.22
C HIS C 119 -2.67 -16.83 -14.20
N PRO C 120 -3.48 -17.44 -15.03
CA PRO C 120 -3.00 -18.42 -16.03
C PRO C 120 -2.27 -17.75 -17.19
N GLN C 121 -2.63 -16.50 -17.46
CA GLN C 121 -2.00 -15.75 -18.54
C GLN C 121 -1.48 -14.41 -18.04
N SER C 122 -2.04 -13.96 -16.92
CA SER C 122 -1.62 -12.68 -16.33
C SER C 122 -0.49 -12.90 -15.32
N ASP C 123 0.55 -12.08 -15.42
CA ASP C 123 1.68 -12.19 -14.51
C ASP C 123 2.34 -10.82 -14.31
N LEU C 124 3.30 -10.77 -13.39
CA LEU C 124 4.00 -9.52 -13.12
C LEU C 124 4.68 -9.00 -14.37
N LEU C 125 5.52 -9.84 -14.97
CA LEU C 125 6.23 -9.45 -16.18
C LEU C 125 5.28 -8.79 -17.18
N GLY C 126 4.17 -9.47 -17.47
CA GLY C 126 3.19 -8.93 -18.41
C GLY C 126 2.62 -7.61 -17.91
N LEU C 127 2.43 -7.51 -16.60
CA LEU C 127 1.88 -6.31 -16.00
C LEU C 127 2.86 -5.14 -16.14
N ILE C 128 4.15 -5.43 -15.92
CA ILE C 128 5.17 -4.40 -16.02
C ILE C 128 5.32 -3.93 -17.46
N GLN C 129 5.40 -4.88 -18.39
CA GLN C 129 5.55 -4.55 -19.79
C GLN C 129 4.40 -3.65 -20.25
N VAL C 130 3.20 -3.96 -19.80
CA VAL C 130 2.02 -3.18 -20.18
C VAL C 130 2.09 -1.79 -19.55
N MET C 131 2.72 -1.69 -18.39
CA MET C 131 2.84 -0.41 -17.70
C MET C 131 3.80 0.51 -18.45
N ILE C 132 4.82 -0.07 -19.07
CA ILE C 132 5.79 0.70 -19.83
C ILE C 132 5.18 1.20 -21.13
N VAL C 133 4.29 0.40 -21.71
CA VAL C 133 3.64 0.78 -22.96
C VAL C 133 2.66 1.92 -22.74
N VAL C 134 1.86 1.81 -21.69
CA VAL C 134 0.88 2.85 -21.38
C VAL C 134 1.58 4.13 -20.92
N PHE C 135 2.52 3.97 -19.99
CA PHE C 135 3.25 5.12 -19.48
C PHE C 135 4.02 5.81 -20.59
N GLY C 136 4.41 5.04 -21.60
CA GLY C 136 5.15 5.59 -22.73
C GLY C 136 4.30 6.59 -23.51
N ASP C 137 3.02 6.26 -23.67
CA ASP C 137 2.11 7.14 -24.40
C ASP C 137 1.50 8.17 -23.46
N GLU C 138 1.40 7.81 -22.18
CA GLU C 138 0.82 8.72 -21.18
C GLU C 138 1.71 8.77 -19.94
N PRO C 139 2.55 9.76 -19.84
CA PRO C 139 3.47 9.93 -18.68
C PRO C 139 2.72 10.29 -17.40
N PRO C 140 2.79 9.43 -16.41
CA PRO C 140 2.11 9.66 -15.11
C PRO C 140 2.81 10.73 -14.27
N VAL C 141 4.01 11.10 -14.69
CA VAL C 141 4.77 12.13 -13.97
C VAL C 141 5.53 13.01 -14.95
N PHE C 142 6.04 14.14 -14.44
CA PHE C 142 6.79 15.06 -15.28
C PHE C 142 7.66 15.97 -14.42
N SER C 143 8.97 15.83 -14.56
CA SER C 143 9.91 16.64 -13.80
C SER C 143 9.22 17.89 -13.25
N MET A 1 -1.98 23.58 -1.63
CA MET A 1 -2.75 22.59 -2.43
C MET A 1 -3.95 22.10 -1.62
N GLN A 2 -4.85 21.37 -2.30
CA GLN A 2 -6.04 20.86 -1.62
C GLN A 2 -5.96 19.33 -1.52
N ILE A 3 -6.43 18.80 -0.39
CA ILE A 3 -6.41 17.36 -0.18
C ILE A 3 -7.77 16.87 0.30
N PHE A 4 -7.97 15.55 0.28
CA PHE A 4 -9.23 14.98 0.73
C PHE A 4 -8.98 13.95 1.84
N VAL A 5 -9.95 13.81 2.74
CA VAL A 5 -9.83 12.86 3.84
C VAL A 5 -11.13 12.09 4.03
N LYS A 6 -11.09 10.79 3.78
CA LYS A 6 -12.26 9.94 3.93
C LYS A 6 -12.31 9.33 5.32
N THR A 7 -13.51 9.07 5.81
CA THR A 7 -13.68 8.49 7.13
C THR A 7 -14.16 7.05 7.03
N LEU A 8 -14.49 6.44 8.17
CA LEU A 8 -14.96 5.07 8.19
C LEU A 8 -16.47 5.02 8.01
N THR A 9 -17.11 6.18 8.08
CA THR A 9 -18.56 6.26 7.93
C THR A 9 -18.93 6.60 6.49
N GLY A 10 -17.97 7.16 5.76
CA GLY A 10 -18.21 7.53 4.37
C GLY A 10 -18.38 9.04 4.23
N LYS A 11 -17.46 9.79 4.83
CA LYS A 11 -17.52 11.25 4.77
C LYS A 11 -16.19 11.81 4.27
N THR A 12 -16.26 12.66 3.26
CA THR A 12 -15.06 13.26 2.70
C THR A 12 -14.92 14.72 3.15
N ILE A 13 -13.71 15.08 3.58
CA ILE A 13 -13.47 16.44 4.04
C ILE A 13 -12.33 17.07 3.23
N THR A 14 -12.48 18.35 2.90
CA THR A 14 -11.46 19.06 2.13
C THR A 14 -10.65 19.98 3.02
N LEU A 15 -9.33 19.96 2.84
CA LEU A 15 -8.44 20.80 3.64
C LEU A 15 -7.38 21.44 2.75
N GLU A 16 -6.91 22.62 3.15
CA GLU A 16 -5.89 23.32 2.38
C GLU A 16 -4.59 23.40 3.16
N VAL A 17 -3.66 22.50 2.86
CA VAL A 17 -2.37 22.48 3.54
C VAL A 17 -1.25 22.80 2.56
N GLU A 18 -0.02 22.75 3.05
CA GLU A 18 1.14 23.04 2.20
C GLU A 18 2.17 21.92 2.29
N PRO A 19 2.89 21.69 1.23
CA PRO A 19 3.94 20.63 1.18
C PRO A 19 4.88 20.68 2.37
N SER A 20 4.90 21.82 3.05
CA SER A 20 5.77 21.99 4.21
C SER A 20 4.96 21.87 5.50
N ASP A 21 3.77 21.29 5.40
CA ASP A 21 2.92 21.11 6.56
C ASP A 21 3.19 19.76 7.23
N THR A 22 3.31 19.78 8.55
CA THR A 22 3.57 18.55 9.30
C THR A 22 2.27 17.78 9.53
N ILE A 23 2.40 16.48 9.80
CA ILE A 23 1.24 15.64 10.04
C ILE A 23 0.45 16.14 11.24
N GLU A 24 1.17 16.48 12.32
CA GLU A 24 0.53 16.97 13.52
C GLU A 24 -0.37 18.16 13.21
N ASN A 25 0.09 19.03 12.32
CA ASN A 25 -0.67 20.20 11.93
C ASN A 25 -1.96 19.81 11.23
N VAL A 26 -1.87 18.79 10.37
CA VAL A 26 -3.04 18.31 9.65
C VAL A 26 -4.10 17.78 10.61
N LYS A 27 -3.65 17.12 11.67
CA LYS A 27 -4.57 16.58 12.67
C LYS A 27 -5.34 17.70 13.35
N ALA A 28 -4.66 18.80 13.62
CA ALA A 28 -5.29 19.94 14.28
C ALA A 28 -6.40 20.52 13.41
N LYS A 29 -6.13 20.61 12.11
CA LYS A 29 -7.11 21.14 11.18
C LYS A 29 -8.39 20.30 11.20
N ILE A 30 -8.22 18.99 11.33
CA ILE A 30 -9.35 18.08 11.36
C ILE A 30 -10.09 18.18 12.70
N GLN A 31 -9.36 18.56 13.74
CA GLN A 31 -9.94 18.69 15.07
C GLN A 31 -10.78 19.96 15.16
N ASP A 32 -10.52 20.90 14.25
CA ASP A 32 -11.25 22.17 14.24
C ASP A 32 -12.45 22.07 13.31
N LYS A 33 -12.45 21.06 12.45
CA LYS A 33 -13.55 20.86 11.50
C LYS A 33 -14.54 19.83 12.04
N GLU A 34 -14.01 18.76 12.62
CA GLU A 34 -14.85 17.70 13.17
C GLU A 34 -14.80 17.71 14.69
N GLY A 35 -13.63 18.04 15.24
CA GLY A 35 -13.46 18.06 16.69
C GLY A 35 -12.94 16.74 17.21
N ILE A 36 -12.11 16.07 16.41
CA ILE A 36 -11.55 14.79 16.80
C ILE A 36 -10.14 14.97 17.36
N PRO A 37 -9.96 14.69 18.62
CA PRO A 37 -8.64 14.81 19.31
C PRO A 37 -7.52 14.13 18.53
N PRO A 38 -6.45 14.82 18.28
CA PRO A 38 -5.28 14.28 17.53
C PRO A 38 -4.82 12.93 18.09
N ASP A 39 -4.91 12.78 19.39
CA ASP A 39 -4.50 11.53 20.04
C ASP A 39 -5.46 10.40 19.69
N GLN A 40 -6.58 10.75 19.04
CA GLN A 40 -7.56 9.76 18.64
C GLN A 40 -7.79 9.80 17.14
N GLN A 41 -6.72 10.05 16.39
CA GLN A 41 -6.81 10.12 14.94
C GLN A 41 -5.64 9.37 14.30
N ARG A 42 -5.94 8.52 13.32
CA ARG A 42 -4.91 7.75 12.63
C ARG A 42 -4.97 7.99 11.13
N LEU A 43 -3.97 8.69 10.60
CA LEU A 43 -3.92 8.98 9.18
C LEU A 43 -3.17 7.87 8.44
N ILE A 44 -3.63 7.55 7.23
CA ILE A 44 -3.00 6.51 6.43
C ILE A 44 -2.95 6.92 4.97
N PHE A 45 -1.79 6.74 4.34
CA PHE A 45 -1.63 7.08 2.93
C PHE A 45 -0.91 5.97 2.18
N ALA A 46 -1.56 5.44 1.17
CA ALA A 46 -0.97 4.36 0.37
C ALA A 46 -0.71 3.14 1.25
N GLY A 47 -1.53 2.98 2.29
CA GLY A 47 -1.37 1.85 3.20
C GLY A 47 -0.23 2.09 4.18
N LYS A 48 0.17 3.35 4.32
CA LYS A 48 1.25 3.71 5.23
C LYS A 48 0.76 4.69 6.28
N GLN A 49 1.13 4.45 7.54
CA GLN A 49 0.73 5.32 8.64
C GLN A 49 1.67 6.52 8.73
N LEU A 50 1.09 7.71 8.54
CA LEU A 50 1.89 8.94 8.61
C LEU A 50 2.24 9.27 10.05
N GLU A 51 3.42 9.84 10.25
CA GLU A 51 3.88 10.21 11.59
C GLU A 51 3.61 11.69 11.86
N ASP A 52 3.57 12.05 13.14
CA ASP A 52 3.33 13.44 13.52
C ASP A 52 4.63 14.24 13.48
N GLY A 53 5.74 13.55 13.22
CA GLY A 53 7.03 14.21 13.15
C GLY A 53 7.49 14.37 11.70
N ARG A 54 6.64 13.96 10.77
CA ARG A 54 6.96 14.06 9.35
C ARG A 54 6.04 15.06 8.66
N THR A 55 6.41 15.47 7.46
CA THR A 55 5.60 16.43 6.70
C THR A 55 4.84 15.71 5.58
N LEU A 56 4.14 16.48 4.76
CA LEU A 56 3.39 15.91 3.66
C LEU A 56 4.31 15.56 2.48
N SER A 57 5.27 16.45 2.22
CA SER A 57 6.21 16.23 1.13
C SER A 57 7.07 15.01 1.40
N ASP A 58 7.21 14.66 2.68
CA ASP A 58 8.01 13.50 3.06
C ASP A 58 7.36 12.21 2.57
N TYR A 59 6.05 12.25 2.39
CA TYR A 59 5.31 11.08 1.93
C TYR A 59 5.01 11.20 0.44
N ASN A 60 5.44 12.30 -0.17
CA ASN A 60 5.21 12.52 -1.59
C ASN A 60 3.72 12.73 -1.87
N ILE A 61 3.06 13.43 -0.97
CA ILE A 61 1.62 13.69 -1.13
C ILE A 61 1.39 14.89 -2.03
N GLN A 62 0.82 14.64 -3.21
CA GLN A 62 0.55 15.71 -4.16
C GLN A 62 -0.84 16.30 -3.91
N ARG A 63 -1.32 17.08 -4.87
CA ARG A 63 -2.63 17.70 -4.74
C ARG A 63 -3.73 16.70 -5.12
N GLU A 64 -4.95 17.00 -4.70
CA GLU A 64 -6.08 16.12 -4.99
C GLU A 64 -5.83 14.72 -4.43
N SER A 65 -4.98 14.65 -3.41
CA SER A 65 -4.66 13.37 -2.80
C SER A 65 -5.73 12.98 -1.79
N THR A 66 -5.92 11.68 -1.60
CA THR A 66 -6.93 11.19 -0.66
C THR A 66 -6.26 10.48 0.51
N LEU A 67 -6.66 10.84 1.72
CA LEU A 67 -6.10 10.22 2.92
C LEU A 67 -7.18 9.50 3.71
N HIS A 68 -6.77 8.51 4.50
CA HIS A 68 -7.72 7.75 5.31
C HIS A 68 -7.56 8.09 6.79
N LEU A 69 -8.67 8.28 7.47
CA LEU A 69 -8.65 8.61 8.89
C LEU A 69 -9.22 7.47 9.72
N VAL A 70 -8.48 7.04 10.74
CA VAL A 70 -8.93 5.96 11.60
C VAL A 70 -8.97 6.41 13.06
N LEU A 71 -10.08 6.12 13.73
CA LEU A 71 -10.22 6.50 15.14
C LEU A 71 -9.75 5.38 16.05
N ARG A 72 -9.12 5.75 17.16
CA ARG A 72 -8.61 4.77 18.10
C ARG A 72 -9.54 4.67 19.31
N LEU A 73 -9.49 3.52 20.00
CA LEU A 73 -10.33 3.27 21.19
C LEU A 73 -11.77 2.93 20.76
N ARG A 74 -12.76 3.75 21.14
CA ARG A 74 -14.14 3.47 20.77
C ARG A 74 -14.34 3.63 19.26
N GLY A 75 -15.19 2.80 18.69
CA GLY A 75 -15.47 2.87 17.25
C GLY A 75 -14.84 1.68 16.52
N GLY A 76 -15.48 0.53 16.60
CA GLY A 76 -14.99 -0.67 15.95
C GLY A 76 -16.08 -1.36 15.13
N MET B 1 -24.19 -4.59 10.98
CA MET B 1 -23.17 -3.51 10.79
C MET B 1 -23.34 -2.89 9.41
N GLN B 2 -22.65 -1.79 9.18
CA GLN B 2 -22.72 -1.10 7.89
C GLN B 2 -21.40 -1.21 7.15
N ILE B 3 -21.47 -1.39 5.83
CA ILE B 3 -20.26 -1.50 5.02
C ILE B 3 -20.35 -0.58 3.80
N PHE B 4 -19.22 -0.41 3.13
CA PHE B 4 -19.17 0.45 1.96
C PHE B 4 -18.63 -0.32 0.75
N VAL B 5 -19.09 0.06 -0.44
CA VAL B 5 -18.66 -0.61 -1.66
C VAL B 5 -18.34 0.41 -2.75
N LYS B 6 -17.08 0.50 -3.14
CA LYS B 6 -16.66 1.44 -4.17
C LYS B 6 -16.68 0.77 -5.53
N THR B 7 -16.93 1.55 -6.58
CA THR B 7 -16.96 1.02 -7.93
C THR B 7 -15.74 1.49 -8.73
N LEU B 8 -15.74 1.19 -10.02
CA LEU B 8 -14.64 1.59 -10.88
C LEU B 8 -14.88 2.98 -11.46
N THR B 9 -16.10 3.48 -11.27
CA THR B 9 -16.45 4.81 -11.78
C THR B 9 -16.28 5.86 -10.69
N GLY B 10 -16.26 5.41 -9.44
CA GLY B 10 -16.09 6.34 -8.32
C GLY B 10 -17.42 6.54 -7.59
N LYS B 11 -18.12 5.45 -7.31
CA LYS B 11 -19.40 5.52 -6.61
C LYS B 11 -19.39 4.63 -5.37
N THR B 12 -19.75 5.22 -4.24
CA THR B 12 -19.78 4.46 -2.98
C THR B 12 -21.21 4.12 -2.60
N ILE B 13 -21.42 2.85 -2.25
CA ILE B 13 -22.75 2.39 -1.85
C ILE B 13 -22.72 1.85 -0.43
N THR B 14 -23.77 2.15 0.34
CA THR B 14 -23.85 1.69 1.72
C THR B 14 -24.85 0.55 1.84
N LEU B 15 -24.45 -0.51 2.54
CA LEU B 15 -25.31 -1.66 2.74
C LEU B 15 -25.28 -2.12 4.19
N GLU B 16 -26.34 -2.78 4.63
CA GLU B 16 -26.42 -3.26 6.00
C GLU B 16 -26.50 -4.78 6.05
N VAL B 17 -25.37 -5.43 6.30
CA VAL B 17 -25.33 -6.88 6.35
C VAL B 17 -24.96 -7.35 7.76
N GLU B 18 -24.82 -8.66 7.92
CA GLU B 18 -24.47 -9.22 9.22
C GLU B 18 -23.25 -10.14 9.11
N PRO B 19 -22.47 -10.23 10.15
CA PRO B 19 -21.27 -11.09 10.18
C PRO B 19 -21.56 -12.52 9.71
N SER B 20 -22.84 -12.89 9.73
CA SER B 20 -23.24 -14.23 9.31
C SER B 20 -23.82 -14.19 7.91
N ASP B 21 -23.54 -13.12 7.18
CA ASP B 21 -24.04 -12.98 5.82
C ASP B 21 -23.04 -13.55 4.81
N THR B 22 -23.54 -14.33 3.86
CA THR B 22 -22.69 -14.94 2.84
C THR B 22 -22.40 -13.93 1.73
N ILE B 23 -21.32 -14.18 0.99
CA ILE B 23 -20.94 -13.30 -0.11
C ILE B 23 -22.05 -13.24 -1.15
N GLU B 24 -22.59 -14.40 -1.49
CA GLU B 24 -23.65 -14.48 -2.49
C GLU B 24 -24.81 -13.55 -2.10
N ASN B 25 -25.11 -13.49 -0.81
CA ASN B 25 -26.19 -12.64 -0.34
C ASN B 25 -25.86 -11.17 -0.57
N VAL B 26 -24.60 -10.81 -0.34
CA VAL B 26 -24.16 -9.43 -0.53
C VAL B 26 -24.33 -9.02 -1.99
N LYS B 27 -24.05 -9.95 -2.90
CA LYS B 27 -24.17 -9.66 -4.32
C LYS B 27 -25.62 -9.35 -4.69
N ALA B 28 -26.55 -10.08 -4.07
CA ALA B 28 -27.97 -9.88 -4.35
C ALA B 28 -28.40 -8.48 -3.92
N LYS B 29 -27.91 -8.05 -2.77
CA LYS B 29 -28.26 -6.73 -2.26
C LYS B 29 -27.81 -5.64 -3.24
N ILE B 30 -26.65 -5.85 -3.86
CA ILE B 30 -26.13 -4.89 -4.81
C ILE B 30 -26.91 -4.94 -6.12
N GLN B 31 -27.49 -6.10 -6.41
CA GLN B 31 -28.26 -6.27 -7.64
C GLN B 31 -29.63 -5.61 -7.50
N ASP B 32 -30.04 -5.37 -6.26
CA ASP B 32 -31.34 -4.74 -6.01
C ASP B 32 -31.17 -3.23 -5.89
N LYS B 33 -29.94 -2.78 -5.69
CA LYS B 33 -29.65 -1.36 -5.55
C LYS B 33 -29.17 -0.78 -6.88
N GLU B 34 -28.33 -1.54 -7.58
CA GLU B 34 -27.80 -1.09 -8.86
C GLU B 34 -28.39 -1.92 -10.00
N GLY B 35 -28.61 -3.19 -9.74
CA GLY B 35 -29.17 -4.08 -10.76
C GLY B 35 -28.07 -4.80 -11.53
N ILE B 36 -26.97 -5.10 -10.84
CA ILE B 36 -25.85 -5.78 -11.47
C ILE B 36 -25.89 -7.27 -11.18
N PRO B 37 -26.09 -8.07 -12.19
CA PRO B 37 -26.16 -9.56 -12.06
C PRO B 37 -24.98 -10.11 -11.27
N PRO B 38 -25.26 -10.92 -10.28
CA PRO B 38 -24.21 -11.53 -9.42
C PRO B 38 -23.11 -12.21 -10.25
N ASP B 39 -23.51 -12.79 -11.37
CA ASP B 39 -22.56 -13.48 -12.24
C ASP B 39 -21.64 -12.46 -12.92
N GLN B 40 -21.96 -11.19 -12.77
CA GLN B 40 -21.16 -10.13 -13.38
C GLN B 40 -20.65 -9.17 -12.31
N GLN B 41 -20.34 -9.71 -11.13
CA GLN B 41 -19.84 -8.89 -10.04
C GLN B 41 -18.65 -9.56 -9.36
N ARG B 42 -17.59 -8.79 -9.13
CA ARG B 42 -16.39 -9.33 -8.49
C ARG B 42 -16.03 -8.50 -7.26
N LEU B 43 -16.21 -9.10 -6.09
CA LEU B 43 -15.89 -8.41 -4.83
C LEU B 43 -14.45 -8.67 -4.43
N ILE B 44 -13.80 -7.66 -3.88
CA ILE B 44 -12.41 -7.79 -3.44
C ILE B 44 -12.18 -7.08 -2.12
N PHE B 45 -11.51 -7.76 -1.20
CA PHE B 45 -11.22 -7.19 0.11
C PHE B 45 -9.77 -7.42 0.50
N ALA B 46 -9.05 -6.33 0.74
CA ALA B 46 -7.65 -6.43 1.12
C ALA B 46 -6.84 -7.10 0.01
N GLY B 47 -7.29 -6.93 -1.23
CA GLY B 47 -6.60 -7.53 -2.37
C GLY B 47 -6.94 -9.01 -2.48
N LYS B 48 -8.03 -9.42 -1.84
CA LYS B 48 -8.44 -10.82 -1.88
C LYS B 48 -9.84 -10.95 -2.46
N GLN B 49 -10.02 -11.90 -3.36
CA GLN B 49 -11.33 -12.12 -3.99
C GLN B 49 -12.22 -12.97 -3.09
N LEU B 50 -13.34 -12.40 -2.65
CA LEU B 50 -14.26 -13.11 -1.79
C LEU B 50 -15.04 -14.16 -2.58
N GLU B 51 -15.35 -15.28 -1.93
CA GLU B 51 -16.10 -16.35 -2.59
C GLU B 51 -17.57 -16.27 -2.23
N ASP B 52 -18.41 -16.88 -3.05
CA ASP B 52 -19.85 -16.88 -2.82
C ASP B 52 -20.24 -17.97 -1.84
N GLY B 53 -19.27 -18.79 -1.45
CA GLY B 53 -19.52 -19.87 -0.51
C GLY B 53 -18.98 -19.53 0.87
N ARG B 54 -18.46 -18.31 1.01
CA ARG B 54 -17.92 -17.87 2.29
C ARG B 54 -18.75 -16.72 2.85
N THR B 55 -18.57 -16.43 4.14
CA THR B 55 -19.29 -15.34 4.78
C THR B 55 -18.40 -14.12 4.97
N LEU B 56 -18.93 -13.10 5.63
CA LEU B 56 -18.17 -11.88 5.88
C LEU B 56 -17.19 -12.08 7.03
N SER B 57 -17.65 -12.77 8.07
CA SER B 57 -16.81 -13.01 9.23
C SER B 57 -15.61 -13.88 8.85
N ASP B 58 -15.77 -14.68 7.79
CA ASP B 58 -14.70 -15.55 7.33
C ASP B 58 -13.52 -14.73 6.82
N TYR B 59 -13.80 -13.51 6.37
CA TYR B 59 -12.76 -12.63 5.86
C TYR B 59 -12.37 -11.60 6.91
N ASN B 60 -12.99 -11.69 8.09
CA ASN B 60 -12.69 -10.75 9.16
C ASN B 60 -13.09 -9.33 8.77
N ILE B 61 -14.26 -9.20 8.16
CA ILE B 61 -14.75 -7.90 7.73
C ILE B 61 -15.55 -7.23 8.85
N GLN B 62 -15.05 -6.12 9.35
CA GLN B 62 -15.72 -5.40 10.42
C GLN B 62 -16.63 -4.32 9.85
N LYS B 63 -17.19 -3.50 10.72
CA LYS B 63 -18.09 -2.43 10.28
C LYS B 63 -17.30 -1.26 9.72
N GLU B 64 -17.93 -0.48 8.86
CA GLU B 64 -17.27 0.67 8.25
C GLU B 64 -16.19 0.22 7.28
N SER B 65 -16.21 -1.06 6.93
CA SER B 65 -15.23 -1.61 6.00
C SER B 65 -15.55 -1.20 4.56
N THR B 66 -14.52 -1.18 3.72
CA THR B 66 -14.72 -0.80 2.32
C THR B 66 -14.38 -1.97 1.40
N LEU B 67 -15.28 -2.25 0.47
CA LEU B 67 -15.07 -3.35 -0.48
C LEU B 67 -15.00 -2.82 -1.90
N HIS B 68 -14.33 -3.57 -2.77
CA HIS B 68 -14.19 -3.17 -4.17
C HIS B 68 -15.03 -4.06 -5.07
N LEU B 69 -15.73 -3.45 -6.02
CA LEU B 69 -16.57 -4.21 -6.94
C LEU B 69 -16.01 -4.13 -8.36
N VAL B 70 -15.88 -5.29 -8.99
CA VAL B 70 -15.35 -5.35 -10.35
C VAL B 70 -16.33 -6.05 -11.28
N LEU B 71 -16.58 -5.45 -12.44
CA LEU B 71 -17.50 -6.04 -13.41
C LEU B 71 -16.74 -6.93 -14.39
N ARG B 72 -17.39 -8.02 -14.80
CA ARG B 72 -16.77 -8.95 -15.75
C ARG B 72 -17.44 -8.84 -17.12
N LEU B 73 -16.77 -9.36 -18.14
CA LEU B 73 -17.31 -9.31 -19.50
C LEU B 73 -17.97 -10.64 -19.86
N ARG B 74 -19.29 -10.69 -19.75
CA ARG B 74 -20.03 -11.91 -20.08
C ARG B 74 -21.37 -11.58 -20.70
N GLY B 75 -21.70 -12.25 -21.79
CA GLY B 75 -22.96 -12.01 -22.48
C GLY B 75 -24.13 -12.66 -21.74
N GLY B 76 -25.34 -12.27 -22.08
CA GLY B 76 -26.53 -12.82 -21.43
C GLY B 76 -26.93 -14.14 -22.09
N ASP B 77 -28.01 -14.73 -21.58
CA ASP B 77 -28.50 -15.99 -22.12
C ASP B 77 -30.01 -15.92 -22.36
N VAL C 3 17.63 -9.82 -3.40
CA VAL C 3 18.77 -10.58 -3.98
C VAL C 3 18.72 -12.03 -3.50
N SER C 4 19.35 -12.92 -4.25
CA SER C 4 19.37 -14.34 -3.89
C SER C 4 17.97 -14.93 -4.00
N GLU C 5 17.89 -16.17 -4.47
CA GLU C 5 16.61 -16.85 -4.62
C GLU C 5 16.15 -17.42 -3.29
N SER C 6 17.10 -17.79 -2.44
CA SER C 6 16.78 -18.36 -1.14
C SER C 6 16.09 -17.32 -0.26
N GLN C 7 16.69 -16.13 -0.19
CA GLN C 7 16.13 -15.06 0.63
C GLN C 7 14.73 -14.69 0.13
N LEU C 8 14.50 -14.87 -1.16
CA LEU C 8 13.20 -14.56 -1.75
C LEU C 8 12.14 -15.55 -1.29
N LYS C 9 12.54 -16.81 -1.18
CA LYS C 9 11.62 -17.86 -0.75
C LYS C 9 11.40 -17.78 0.77
N LYS C 10 12.09 -16.86 1.42
CA LYS C 10 11.97 -16.70 2.86
C LYS C 10 10.97 -15.58 3.19
N MET C 11 11.00 -14.51 2.39
CA MET C 11 10.10 -13.39 2.61
C MET C 11 8.68 -13.75 2.21
N VAL C 12 8.56 -14.78 1.38
CA VAL C 12 7.24 -15.23 0.92
C VAL C 12 6.95 -16.64 1.42
N SER C 13 7.27 -16.88 2.70
CA SER C 13 7.04 -18.19 3.30
C SER C 13 5.60 -18.29 3.81
N LYS C 14 4.96 -17.14 3.99
CA LYS C 14 3.59 -17.12 4.48
C LYS C 14 2.61 -16.91 3.31
N TYR C 15 3.06 -17.23 2.11
CA TYR C 15 2.22 -17.07 0.93
C TYR C 15 1.62 -18.42 0.52
N LYS C 16 0.30 -18.44 0.34
CA LYS C 16 -0.38 -19.66 -0.04
C LYS C 16 0.28 -20.28 -1.28
N TYR C 17 0.69 -19.43 -2.20
CA TYR C 17 1.33 -19.89 -3.43
C TYR C 17 2.76 -19.34 -3.54
N ARG C 18 3.65 -19.87 -2.72
CA ARG C 18 5.04 -19.42 -2.74
C ARG C 18 5.66 -19.64 -4.12
N ASP C 19 5.98 -20.89 -4.42
CA ASP C 19 6.58 -21.22 -5.71
C ASP C 19 6.14 -20.21 -6.77
N LEU C 20 4.91 -20.36 -7.26
CA LEU C 20 4.39 -19.45 -8.27
C LEU C 20 4.94 -18.05 -8.08
N THR C 21 4.54 -17.41 -6.98
CA THR C 21 5.00 -16.06 -6.68
C THR C 21 6.50 -15.93 -6.96
N VAL C 22 7.30 -16.73 -6.26
CA VAL C 22 8.74 -16.70 -6.44
C VAL C 22 9.10 -16.68 -7.92
N ARG C 23 8.85 -17.80 -8.60
CA ARG C 23 9.15 -17.90 -10.02
C ARG C 23 8.82 -16.59 -10.73
N GLU C 24 7.56 -16.18 -10.65
CA GLU C 24 7.13 -14.94 -11.29
C GLU C 24 8.07 -13.81 -10.92
N THR C 25 8.31 -13.64 -9.62
CA THR C 25 9.19 -12.57 -9.14
C THR C 25 10.57 -12.69 -9.80
N VAL C 26 11.13 -13.89 -9.78
CA VAL C 26 12.44 -14.12 -10.38
C VAL C 26 12.43 -13.74 -11.86
N ASN C 27 11.32 -14.00 -12.52
CA ASN C 27 11.19 -13.68 -13.93
C ASN C 27 11.09 -12.17 -14.14
N VAL C 28 10.71 -11.46 -13.08
CA VAL C 28 10.58 -10.01 -13.16
C VAL C 28 11.92 -9.33 -12.95
N ILE C 29 12.43 -9.41 -11.72
CA ILE C 29 13.71 -8.81 -11.39
C ILE C 29 14.78 -9.21 -12.40
N THR C 30 14.56 -10.34 -13.06
CA THR C 30 15.52 -10.84 -14.06
C THR C 30 15.64 -9.85 -15.21
N LEU C 31 14.51 -9.41 -15.74
CA LEU C 31 14.51 -8.47 -16.86
C LEU C 31 14.70 -7.05 -16.34
N TYR C 32 14.10 -6.74 -15.20
CA TYR C 32 14.21 -5.41 -14.62
C TYR C 32 15.02 -5.46 -13.32
N LYS C 33 16.33 -5.33 -13.44
CA LYS C 33 17.21 -5.35 -12.27
C LYS C 33 16.94 -4.14 -11.38
N ASP C 34 16.28 -3.13 -11.94
CA ASP C 34 15.96 -1.93 -11.19
C ASP C 34 14.85 -2.20 -10.17
N LEU C 35 14.37 -3.44 -10.16
CA LEU C 35 13.31 -3.81 -9.23
C LEU C 35 13.81 -4.86 -8.24
N LYS C 36 13.57 -4.61 -6.95
CA LYS C 36 14.01 -5.54 -5.92
C LYS C 36 12.87 -5.82 -4.93
N PRO C 37 12.72 -7.05 -4.54
CA PRO C 37 11.66 -7.47 -3.58
C PRO C 37 11.96 -7.02 -2.16
N VAL C 38 10.90 -6.70 -1.41
CA VAL C 38 11.07 -6.25 -0.02
C VAL C 38 9.86 -6.65 0.81
N LEU C 39 10.10 -6.99 2.08
CA LEU C 39 9.02 -7.39 2.97
C LEU C 39 8.69 -6.26 3.94
N ASP C 40 7.48 -5.72 3.80
CA ASP C 40 7.05 -4.63 4.67
C ASP C 40 5.57 -4.81 5.05
N SER C 41 5.15 -4.08 6.08
CA SER C 41 3.76 -4.17 6.54
C SER C 41 2.88 -3.19 5.76
N TYR C 42 1.77 -3.70 5.24
CA TYR C 42 0.85 -2.87 4.47
C TYR C 42 -0.42 -2.60 5.28
N VAL C 43 -0.54 -1.38 5.81
CA VAL C 43 -1.71 -1.02 6.60
C VAL C 43 -2.82 -0.50 5.68
N PHE C 44 -3.86 -1.31 5.51
CA PHE C 44 -4.98 -0.93 4.66
C PHE C 44 -5.65 0.33 5.19
N ASN C 45 -6.64 0.83 4.46
CA ASN C 45 -7.36 2.03 4.87
C ASN C 45 -8.17 1.77 6.13
N ASP C 46 -8.63 0.53 6.28
CA ASP C 46 -9.43 0.16 7.44
C ASP C 46 -8.58 0.19 8.70
N GLY C 47 -7.26 0.35 8.53
CA GLY C 47 -6.35 0.39 9.65
C GLY C 47 -5.59 -0.92 9.79
N SER C 48 -6.25 -2.02 9.42
CA SER C 48 -5.63 -3.33 9.50
C SER C 48 -4.26 -3.33 8.85
N SER C 49 -3.41 -4.29 9.21
CA SER C 49 -2.07 -4.37 8.65
C SER C 49 -1.74 -5.81 8.29
N ARG C 50 -0.82 -5.98 7.34
CA ARG C 50 -0.41 -7.31 6.90
C ARG C 50 0.95 -7.25 6.22
N GLU C 51 1.82 -8.20 6.56
CA GLU C 51 3.16 -8.25 5.97
C GLU C 51 3.11 -8.87 4.57
N LEU C 52 3.24 -8.02 3.56
CA LEU C 52 3.22 -8.49 2.18
C LEU C 52 4.54 -8.15 1.48
N MET C 53 4.83 -8.87 0.40
CA MET C 53 6.06 -8.64 -0.35
C MET C 53 5.77 -7.82 -1.61
N ASN C 54 6.38 -6.64 -1.70
CA ASN C 54 6.19 -5.78 -2.85
C ASN C 54 7.49 -5.61 -3.63
N LEU C 55 7.39 -5.13 -4.86
CA LEU C 55 8.57 -4.92 -5.69
C LEU C 55 8.84 -3.43 -5.88
N THR C 56 9.76 -2.90 -5.08
CA THR C 56 10.11 -1.48 -5.17
C THR C 56 11.28 -1.27 -6.12
N GLY C 57 11.27 -0.14 -6.82
CA GLY C 57 12.34 0.16 -7.76
C GLY C 57 11.86 1.14 -8.83
N THR C 58 12.45 1.05 -10.02
CA THR C 58 12.07 1.92 -11.12
C THR C 58 12.05 1.16 -12.43
N ILE C 59 11.21 1.59 -13.36
CA ILE C 59 11.10 0.94 -14.66
C ILE C 59 11.39 1.92 -15.78
N PRO C 60 12.09 1.49 -16.79
CA PRO C 60 12.46 2.34 -17.96
C PRO C 60 11.25 2.64 -18.85
N VAL C 61 10.98 3.92 -19.07
CA VAL C 61 9.86 4.31 -19.91
C VAL C 61 10.27 5.43 -20.87
N PRO C 62 10.78 5.06 -22.01
CA PRO C 62 11.22 6.04 -23.05
C PRO C 62 10.15 7.07 -23.37
N TYR C 63 10.54 8.34 -23.39
CA TYR C 63 9.59 9.42 -23.70
C TYR C 63 10.33 10.60 -24.32
N ARG C 64 9.92 10.97 -25.53
CA ARG C 64 10.54 12.10 -26.22
C ARG C 64 12.03 11.83 -26.43
N GLY C 65 12.40 10.56 -26.55
CA GLY C 65 13.79 10.19 -26.76
C GLY C 65 14.52 10.09 -25.43
N ASN C 66 13.87 10.54 -24.35
CA ASN C 66 14.47 10.49 -23.02
C ASN C 66 13.92 9.32 -22.23
N THR C 67 14.78 8.69 -21.44
CA THR C 67 14.36 7.54 -20.64
C THR C 67 14.10 7.97 -19.19
N TYR C 68 12.86 7.79 -18.73
CA TYR C 68 12.50 8.17 -17.38
C TYR C 68 12.34 6.92 -16.51
N ASN C 69 13.04 6.89 -15.38
CA ASN C 69 12.96 5.76 -14.47
C ASN C 69 11.86 5.98 -13.43
N ILE C 70 10.62 5.82 -13.87
CA ILE C 70 9.48 6.01 -12.97
C ILE C 70 9.48 4.96 -11.86
N PRO C 71 9.51 5.39 -10.63
CA PRO C 71 9.50 4.49 -9.45
C PRO C 71 8.10 3.95 -9.14
N ILE C 72 7.99 2.64 -8.97
CA ILE C 72 6.71 2.02 -8.66
C ILE C 72 6.83 1.09 -7.47
N CYS C 73 5.69 0.63 -6.96
CA CYS C 73 5.69 -0.27 -5.81
C CYS C 73 4.53 -1.26 -5.91
N LEU C 74 4.83 -2.44 -6.43
CA LEU C 74 3.80 -3.47 -6.58
C LEU C 74 3.65 -4.28 -5.29
N TRP C 75 2.42 -4.37 -4.79
CA TRP C 75 2.17 -5.11 -3.56
C TRP C 75 1.47 -6.44 -3.87
N LEU C 76 1.96 -7.51 -3.28
CA LEU C 76 1.38 -8.84 -3.50
C LEU C 76 0.69 -9.33 -2.23
N LEU C 77 -0.55 -9.78 -2.37
CA LEU C 77 -1.30 -10.28 -1.23
C LEU C 77 -1.08 -11.78 -1.06
N ASP C 78 -1.04 -12.24 0.19
CA ASP C 78 -0.84 -13.65 0.47
C ASP C 78 -1.21 -14.50 -0.74
N THR C 79 -2.09 -13.96 -1.59
CA THR C 79 -2.53 -14.67 -2.78
C THR C 79 -2.50 -13.76 -3.99
N TYR C 80 -1.31 -13.56 -4.56
CA TYR C 80 -1.16 -12.70 -5.73
C TYR C 80 -1.15 -13.52 -7.00
N PRO C 81 -1.25 -14.83 -6.88
CA PRO C 81 -1.24 -15.76 -8.04
C PRO C 81 -2.57 -15.72 -8.80
N TYR C 82 -3.58 -15.12 -8.20
CA TYR C 82 -4.89 -15.04 -8.82
C TYR C 82 -5.45 -13.62 -8.69
N ASN C 83 -4.89 -12.86 -7.76
CA ASN C 83 -5.34 -11.49 -7.54
C ASN C 83 -4.31 -10.49 -8.05
N PRO C 84 -4.77 -9.38 -8.56
CA PRO C 84 -3.87 -8.31 -9.10
C PRO C 84 -3.19 -7.51 -8.00
N PRO C 85 -1.91 -7.31 -8.12
CA PRO C 85 -1.10 -6.55 -7.12
C PRO C 85 -1.55 -5.09 -7.02
N ILE C 86 -1.17 -4.43 -5.92
CA ILE C 86 -1.55 -3.04 -5.71
C ILE C 86 -0.41 -2.12 -6.16
N CYS C 87 -0.48 -1.67 -7.41
CA CYS C 87 0.54 -0.79 -7.96
C CYS C 87 0.46 0.60 -7.31
N PHE C 88 1.53 1.37 -7.47
CA PHE C 88 1.57 2.71 -6.91
C PHE C 88 2.76 3.49 -7.47
N VAL C 89 2.51 4.74 -7.85
CA VAL C 89 3.57 5.58 -8.41
C VAL C 89 4.21 6.43 -7.32
N LYS C 90 5.34 5.95 -6.79
CA LYS C 90 6.04 6.67 -5.75
C LYS C 90 6.87 7.82 -6.33
N PRO C 91 6.27 8.97 -6.46
CA PRO C 91 6.96 10.17 -7.03
C PRO C 91 7.96 10.77 -6.05
N THR C 92 9.08 11.25 -6.57
CA THR C 92 10.11 11.85 -5.73
C THR C 92 9.85 13.34 -5.55
N SER C 93 10.69 13.99 -4.74
CA SER C 93 10.54 15.41 -4.49
C SER C 93 10.71 16.21 -5.78
N SER C 94 11.23 15.56 -6.80
CA SER C 94 11.44 16.22 -8.09
C SER C 94 10.49 15.65 -9.14
N MET C 95 9.39 15.04 -8.68
CA MET C 95 8.42 14.46 -9.60
C MET C 95 7.01 14.89 -9.21
N THR C 96 6.18 15.14 -10.23
CA THR C 96 4.80 15.57 -9.98
C THR C 96 3.83 14.65 -10.71
N ILE C 97 2.99 13.96 -9.95
CA ILE C 97 2.00 13.05 -10.52
C ILE C 97 1.08 13.80 -11.47
N LYS C 98 0.96 13.31 -12.70
CA LYS C 98 0.10 13.95 -13.69
C LYS C 98 -1.19 13.15 -13.86
N THR C 99 -1.94 13.01 -12.77
CA THR C 99 -3.20 12.28 -12.81
C THR C 99 -3.71 12.15 -14.24
N GLY C 100 -4.16 10.95 -14.60
CA GLY C 100 -4.67 10.71 -15.94
C GLY C 100 -5.74 9.62 -15.93
N LYS C 101 -5.56 8.62 -16.79
CA LYS C 101 -6.51 7.52 -16.87
C LYS C 101 -5.94 6.27 -16.19
N HIS C 102 -4.64 6.28 -15.96
CA HIS C 102 -3.97 5.15 -15.32
C HIS C 102 -3.28 5.60 -14.04
N VAL C 103 -3.58 6.82 -13.60
CA VAL C 103 -2.97 7.35 -12.39
C VAL C 103 -3.83 8.47 -11.80
N ASP C 104 -4.02 8.43 -10.49
CA ASP C 104 -4.82 9.44 -9.81
C ASP C 104 -3.94 10.42 -9.05
N ALA C 105 -4.47 10.98 -7.96
CA ALA C 105 -3.71 11.92 -7.16
C ALA C 105 -2.91 11.20 -6.08
N ASN C 106 -3.35 9.98 -5.74
CA ASN C 106 -2.68 9.20 -4.73
C ASN C 106 -1.51 8.42 -5.33
N GLY C 107 -1.57 8.22 -6.65
CA GLY C 107 -0.52 7.49 -7.34
C GLY C 107 -1.05 6.16 -7.88
N LYS C 108 -2.14 5.69 -7.31
CA LYS C 108 -2.74 4.43 -7.73
C LYS C 108 -2.70 4.30 -9.25
N ILE C 109 -2.39 3.10 -9.75
CA ILE C 109 -2.31 2.87 -11.18
C ILE C 109 -3.56 2.12 -11.66
N TYR C 110 -4.07 2.53 -12.82
CA TYR C 110 -5.25 1.90 -13.38
C TYR C 110 -4.98 1.40 -14.80
N LEU C 111 -5.01 0.08 -14.98
CA LEU C 111 -4.76 -0.51 -16.29
C LEU C 111 -5.64 -1.74 -16.49
N PRO C 112 -6.17 -1.90 -17.67
CA PRO C 112 -7.05 -3.04 -18.02
C PRO C 112 -6.47 -4.38 -17.58
N TYR C 113 -5.14 -4.43 -17.49
CA TYR C 113 -4.47 -5.66 -17.08
C TYR C 113 -4.86 -6.03 -15.66
N LEU C 114 -5.13 -5.03 -14.84
CA LEU C 114 -5.51 -5.27 -13.45
C LEU C 114 -7.00 -5.60 -13.35
N HIS C 115 -7.81 -4.86 -14.11
CA HIS C 115 -9.25 -5.08 -14.10
C HIS C 115 -9.57 -6.51 -14.54
N GLU C 116 -8.85 -6.98 -15.55
CA GLU C 116 -9.07 -8.33 -16.06
C GLU C 116 -7.88 -9.23 -15.73
N TRP C 117 -7.64 -9.42 -14.43
CA TRP C 117 -6.53 -10.26 -13.98
C TRP C 117 -7.02 -11.69 -13.72
N LYS C 118 -6.21 -12.66 -14.13
CA LYS C 118 -6.58 -14.06 -13.94
C LYS C 118 -5.49 -14.79 -13.16
N HIS C 119 -4.42 -15.18 -13.86
CA HIS C 119 -3.32 -15.89 -13.24
C HIS C 119 -2.67 -16.86 -14.23
N PRO C 120 -3.48 -17.48 -15.04
CA PRO C 120 -3.00 -18.47 -16.05
C PRO C 120 -2.27 -17.78 -17.21
N GLN C 121 -2.62 -16.52 -17.46
CA GLN C 121 -2.00 -15.76 -18.53
C GLN C 121 -1.48 -14.42 -18.01
N SER C 122 -2.05 -13.95 -16.91
CA SER C 122 -1.65 -12.69 -16.32
C SER C 122 -0.50 -12.91 -15.32
N ASP C 123 0.53 -12.07 -15.41
CA ASP C 123 1.67 -12.18 -14.52
C ASP C 123 2.33 -10.82 -14.32
N LEU C 124 3.28 -10.77 -13.39
CA LEU C 124 3.99 -9.53 -13.11
C LEU C 124 4.67 -8.99 -14.37
N LEU C 125 5.51 -9.84 -14.96
CA LEU C 125 6.23 -9.44 -16.18
C LEU C 125 5.28 -8.78 -17.17
N GLY C 126 4.17 -9.47 -17.47
CA GLY C 126 3.20 -8.94 -18.41
C GLY C 126 2.61 -7.62 -17.91
N LEU C 127 2.43 -7.51 -16.60
CA LEU C 127 1.88 -6.31 -16.00
C LEU C 127 2.86 -5.14 -16.14
N ILE C 128 4.15 -5.43 -15.92
CA ILE C 128 5.17 -4.40 -16.02
C ILE C 128 5.32 -3.93 -17.46
N GLN C 129 5.40 -4.88 -18.39
CA GLN C 129 5.55 -4.55 -19.79
C GLN C 129 4.41 -3.65 -20.25
N VAL C 130 3.20 -3.97 -19.81
CA VAL C 130 2.02 -3.18 -20.18
C VAL C 130 2.09 -1.79 -19.55
N MET C 131 2.72 -1.69 -18.39
CA MET C 131 2.84 -0.41 -17.70
C MET C 131 3.80 0.51 -18.45
N ILE C 132 4.81 -0.08 -19.07
CA ILE C 132 5.79 0.70 -19.83
C ILE C 132 5.18 1.20 -21.13
N VAL C 133 4.29 0.40 -21.71
CA VAL C 133 3.64 0.78 -22.96
C VAL C 133 2.66 1.92 -22.74
N VAL C 134 1.86 1.81 -21.69
CA VAL C 134 0.88 2.85 -21.38
C VAL C 134 1.58 4.13 -20.92
N PHE C 135 2.52 3.97 -19.99
CA PHE C 135 3.25 5.12 -19.48
C PHE C 135 4.02 5.81 -20.59
N GLY C 136 4.41 5.04 -21.60
CA GLY C 136 5.15 5.59 -22.73
C GLY C 136 4.30 6.59 -23.51
N ASP C 137 3.02 6.26 -23.67
CA ASP C 137 2.11 7.14 -24.40
C ASP C 137 1.50 8.17 -23.46
N GLU C 138 1.40 7.81 -22.18
CA GLU C 138 0.84 8.72 -21.18
C GLU C 138 1.71 8.77 -19.94
N PRO C 139 2.55 9.76 -19.84
CA PRO C 139 3.47 9.93 -18.68
C PRO C 139 2.72 10.29 -17.40
N PRO C 140 2.79 9.43 -16.41
CA PRO C 140 2.11 9.65 -15.11
C PRO C 140 2.81 10.73 -14.27
N VAL C 141 4.01 11.10 -14.69
CA VAL C 141 4.76 12.12 -13.96
C VAL C 141 5.52 13.02 -14.94
N PHE C 142 6.04 14.13 -14.44
CA PHE C 142 6.79 15.06 -15.28
C PHE C 142 7.66 15.97 -14.42
N SER C 143 8.98 15.82 -14.56
CA SER C 143 9.91 16.64 -13.79
C SER C 143 9.22 17.87 -13.25
N MET A 1 -1.98 23.58 -1.63
CA MET A 1 -2.75 22.59 -2.43
C MET A 1 -3.95 22.11 -1.63
N GLN A 2 -4.85 21.37 -2.30
CA GLN A 2 -6.04 20.86 -1.62
C GLN A 2 -5.96 19.33 -1.52
N ILE A 3 -6.43 18.80 -0.39
CA ILE A 3 -6.41 17.36 -0.18
C ILE A 3 -7.77 16.86 0.31
N PHE A 4 -7.97 15.55 0.28
CA PHE A 4 -9.23 14.98 0.73
C PHE A 4 -8.98 13.95 1.83
N VAL A 5 -9.95 13.81 2.74
CA VAL A 5 -9.83 12.86 3.84
C VAL A 5 -11.13 12.09 4.02
N LYS A 6 -11.08 10.78 3.78
CA LYS A 6 -12.26 9.94 3.93
C LYS A 6 -12.31 9.33 5.32
N THR A 7 -13.51 9.08 5.82
CA THR A 7 -13.68 8.49 7.13
C THR A 7 -14.16 7.05 7.03
N LEU A 8 -14.49 6.44 8.17
CA LEU A 8 -14.96 5.07 8.19
C LEU A 8 -16.47 5.02 8.01
N THR A 9 -17.11 6.18 8.08
CA THR A 9 -18.56 6.26 7.93
C THR A 9 -18.93 6.60 6.49
N GLY A 10 -17.98 7.17 5.75
CA GLY A 10 -18.21 7.53 4.37
C GLY A 10 -18.38 9.04 4.23
N LYS A 11 -17.47 9.79 4.84
CA LYS A 11 -17.51 11.24 4.78
C LYS A 11 -16.19 11.81 4.27
N THR A 12 -16.26 12.66 3.26
CA THR A 12 -15.05 13.25 2.69
C THR A 12 -14.91 14.71 3.14
N ILE A 13 -13.71 15.08 3.58
CA ILE A 13 -13.45 16.44 4.03
C ILE A 13 -12.33 17.06 3.22
N THR A 14 -12.48 18.35 2.90
CA THR A 14 -11.47 19.05 2.12
C THR A 14 -10.65 19.99 3.01
N LEU A 15 -9.33 19.96 2.84
CA LEU A 15 -8.44 20.80 3.63
C LEU A 15 -7.38 21.44 2.75
N GLU A 16 -6.91 22.62 3.15
CA GLU A 16 -5.89 23.32 2.37
C GLU A 16 -4.59 23.40 3.16
N VAL A 17 -3.66 22.50 2.85
CA VAL A 17 -2.37 22.48 3.53
C VAL A 17 -1.24 22.79 2.56
N GLU A 18 -0.01 22.76 3.05
CA GLU A 18 1.14 23.04 2.20
C GLU A 18 2.16 21.91 2.29
N PRO A 19 2.89 21.69 1.23
CA PRO A 19 3.94 20.63 1.18
C PRO A 19 4.88 20.68 2.37
N SER A 20 4.90 21.82 3.05
CA SER A 20 5.77 21.99 4.21
C SER A 20 4.96 21.87 5.50
N ASP A 21 3.78 21.29 5.40
CA ASP A 21 2.92 21.10 6.57
C ASP A 21 3.19 19.76 7.23
N THR A 22 3.31 19.78 8.55
CA THR A 22 3.57 18.55 9.30
C THR A 22 2.27 17.78 9.53
N ILE A 23 2.40 16.48 9.80
CA ILE A 23 1.24 15.64 10.04
C ILE A 23 0.45 16.14 11.24
N GLU A 24 1.17 16.48 12.32
CA GLU A 24 0.52 16.97 13.52
C GLU A 24 -0.37 18.16 13.22
N ASN A 25 0.09 19.03 12.32
CA ASN A 25 -0.68 20.21 11.93
C ASN A 25 -1.96 19.80 11.22
N VAL A 26 -1.87 18.79 10.37
CA VAL A 26 -3.04 18.31 9.65
C VAL A 26 -4.10 17.78 10.61
N LYS A 27 -3.66 17.12 11.67
CA LYS A 27 -4.57 16.58 12.67
C LYS A 27 -5.34 17.70 13.35
N ALA A 28 -4.66 18.80 13.62
CA ALA A 28 -5.29 19.94 14.28
C ALA A 28 -6.40 20.52 13.41
N LYS A 29 -6.13 20.61 12.11
CA LYS A 29 -7.11 21.14 11.18
C LYS A 29 -8.39 20.30 11.20
N ILE A 30 -8.22 18.99 11.33
CA ILE A 30 -9.36 18.08 11.37
C ILE A 30 -10.09 18.18 12.70
N GLN A 31 -9.36 18.56 13.74
CA GLN A 31 -9.94 18.69 15.07
C GLN A 31 -10.78 19.96 15.16
N ASP A 32 -10.52 20.90 14.25
CA ASP A 32 -11.25 22.16 14.23
C ASP A 32 -12.45 22.07 13.31
N LYS A 33 -12.45 21.05 12.44
CA LYS A 33 -13.55 20.86 11.50
C LYS A 33 -14.54 19.83 12.04
N GLU A 34 -14.01 18.76 12.62
CA GLU A 34 -14.85 17.70 13.17
C GLU A 34 -14.80 17.71 14.69
N GLY A 35 -13.63 18.04 15.24
CA GLY A 35 -13.46 18.06 16.69
C GLY A 35 -12.94 16.74 17.21
N ILE A 36 -12.11 16.07 16.41
CA ILE A 36 -11.55 14.79 16.80
C ILE A 36 -10.14 14.97 17.36
N PRO A 37 -9.96 14.69 18.62
CA PRO A 37 -8.64 14.81 19.31
C PRO A 37 -7.52 14.12 18.52
N PRO A 38 -6.45 14.83 18.28
CA PRO A 38 -5.28 14.29 17.54
C PRO A 38 -4.82 12.93 18.09
N ASP A 39 -4.91 12.78 19.40
CA ASP A 39 -4.50 11.53 20.04
C ASP A 39 -5.46 10.40 19.68
N GLN A 40 -6.58 10.75 19.04
CA GLN A 40 -7.56 9.76 18.64
C GLN A 40 -7.78 9.79 17.14
N GLN A 41 -6.72 10.05 16.39
CA GLN A 41 -6.80 10.11 14.94
C GLN A 41 -5.64 9.36 14.30
N ARG A 42 -5.94 8.52 13.32
CA ARG A 42 -4.91 7.75 12.63
C ARG A 42 -4.97 7.99 11.13
N LEU A 43 -3.97 8.69 10.60
CA LEU A 43 -3.92 8.98 9.18
C LEU A 43 -3.17 7.88 8.43
N ILE A 44 -3.63 7.55 7.23
CA ILE A 44 -3.00 6.51 6.43
C ILE A 44 -2.95 6.92 4.97
N PHE A 45 -1.79 6.74 4.35
CA PHE A 45 -1.62 7.10 2.94
C PHE A 45 -0.91 5.97 2.18
N ALA A 46 -1.56 5.44 1.17
CA ALA A 46 -0.97 4.36 0.37
C ALA A 46 -0.71 3.14 1.25
N GLY A 47 -1.52 2.97 2.29
CA GLY A 47 -1.36 1.84 3.19
C GLY A 47 -0.22 2.08 4.17
N LYS A 48 0.17 3.35 4.32
CA LYS A 48 1.25 3.71 5.23
C LYS A 48 0.76 4.69 6.29
N GLN A 49 1.14 4.44 7.54
CA GLN A 49 0.73 5.32 8.64
C GLN A 49 1.67 6.52 8.73
N LEU A 50 1.09 7.71 8.54
CA LEU A 50 1.89 8.94 8.61
C LEU A 50 2.24 9.27 10.05
N GLU A 51 3.43 9.84 10.26
CA GLU A 51 3.87 10.20 11.60
C GLU A 51 3.61 11.68 11.86
N ASP A 52 3.57 12.05 13.14
CA ASP A 52 3.33 13.44 13.52
C ASP A 52 4.63 14.24 13.48
N GLY A 53 5.74 13.55 13.22
CA GLY A 53 7.03 14.21 13.15
C GLY A 53 7.49 14.37 11.70
N ARG A 54 6.63 13.97 10.77
CA ARG A 54 6.97 14.07 9.35
C ARG A 54 6.03 15.06 8.66
N THR A 55 6.41 15.47 7.46
CA THR A 55 5.60 16.43 6.70
C THR A 55 4.84 15.71 5.58
N LEU A 56 4.14 16.48 4.75
CA LEU A 56 3.39 15.91 3.65
C LEU A 56 4.31 15.56 2.48
N SER A 57 5.27 16.45 2.22
CA SER A 57 6.21 16.23 1.13
C SER A 57 7.07 15.01 1.40
N ASP A 58 7.21 14.66 2.68
CA ASP A 58 8.01 13.50 3.06
C ASP A 58 7.36 12.21 2.57
N TYR A 59 6.05 12.25 2.39
CA TYR A 59 5.31 11.08 1.93
C TYR A 59 5.01 11.20 0.44
N ASN A 60 5.44 12.30 -0.17
CA ASN A 60 5.21 12.52 -1.59
C ASN A 60 3.72 12.73 -1.87
N ILE A 61 3.06 13.43 -0.97
CA ILE A 61 1.62 13.69 -1.13
C ILE A 61 1.39 14.89 -2.03
N GLN A 62 0.82 14.64 -3.21
CA GLN A 62 0.55 15.71 -4.16
C GLN A 62 -0.84 16.30 -3.91
N ARG A 63 -1.33 17.09 -4.87
CA ARG A 63 -2.63 17.70 -4.74
C ARG A 63 -3.73 16.70 -5.12
N GLU A 64 -4.95 17.00 -4.70
CA GLU A 64 -6.07 16.12 -5.00
C GLU A 64 -5.83 14.72 -4.43
N SER A 65 -4.98 14.65 -3.41
CA SER A 65 -4.66 13.37 -2.79
C SER A 65 -5.73 12.97 -1.78
N THR A 66 -5.93 11.68 -1.60
CA THR A 66 -6.92 11.19 -0.66
C THR A 66 -6.26 10.48 0.52
N LEU A 67 -6.67 10.83 1.73
CA LEU A 67 -6.10 10.23 2.93
C LEU A 67 -7.18 9.51 3.73
N HIS A 68 -6.77 8.51 4.50
CA HIS A 68 -7.72 7.75 5.32
C HIS A 68 -7.56 8.10 6.79
N LEU A 69 -8.67 8.28 7.48
CA LEU A 69 -8.64 8.60 8.90
C LEU A 69 -9.21 7.47 9.73
N VAL A 70 -8.47 7.05 10.76
CA VAL A 70 -8.92 5.98 11.63
C VAL A 70 -8.98 6.44 13.08
N LEU A 71 -10.06 6.08 13.76
CA LEU A 71 -10.22 6.47 15.16
C LEU A 71 -9.75 5.35 16.08
N ARG A 72 -9.15 5.73 17.21
CA ARG A 72 -8.67 4.75 18.18
C ARG A 72 -9.58 4.68 19.39
N LEU A 73 -9.49 3.59 20.14
CA LEU A 73 -10.32 3.41 21.33
C LEU A 73 -9.61 4.00 22.55
N ARG A 74 -9.32 5.31 22.48
CA ARG A 74 -8.63 5.99 23.57
C ARG A 74 -7.25 5.36 23.82
N GLY A 75 -7.20 4.37 24.70
CA GLY A 75 -5.93 3.70 24.99
C GLY A 75 -6.02 2.19 24.73
N GLY A 76 -7.23 1.71 24.46
CA GLY A 76 -7.43 0.29 24.21
C GLY A 76 -6.47 -0.21 23.14
N MET B 1 2.82 -0.48 27.18
CA MET B 1 2.06 -1.15 26.09
C MET B 1 2.84 -2.37 25.60
N GLN B 2 2.21 -3.19 24.78
CA GLN B 2 2.85 -4.38 24.25
C GLN B 2 3.08 -4.24 22.75
N ILE B 3 4.22 -4.74 22.29
CA ILE B 3 4.55 -4.66 20.86
C ILE B 3 5.02 -6.02 20.35
N PHE B 4 5.09 -6.15 19.02
CA PHE B 4 5.52 -7.40 18.41
C PHE B 4 6.72 -7.16 17.49
N VAL B 5 7.58 -8.15 17.37
CA VAL B 5 8.75 -8.04 16.52
C VAL B 5 8.96 -9.32 15.70
N LYS B 6 8.81 -9.19 14.39
CA LYS B 6 8.97 -10.34 13.49
C LYS B 6 10.41 -10.41 12.99
N THR B 7 10.86 -11.64 12.71
CA THR B 7 12.22 -11.84 12.22
C THR B 7 12.21 -12.25 10.75
N LEU B 8 13.37 -12.59 10.23
CA LEU B 8 13.48 -13.00 8.83
C LEU B 8 13.25 -14.50 8.69
N THR B 9 13.20 -15.19 9.82
CA THR B 9 12.97 -16.64 9.80
C THR B 9 11.49 -16.95 10.01
N GLY B 10 10.76 -15.99 10.56
CA GLY B 10 9.33 -16.18 10.80
C GLY B 10 9.06 -16.40 12.29
N LYS B 11 9.66 -15.57 13.13
CA LYS B 11 9.48 -15.69 14.58
C LYS B 11 8.99 -14.36 15.16
N THR B 12 7.90 -14.42 15.92
CA THR B 12 7.34 -13.22 16.52
C THR B 12 7.67 -13.17 18.02
N ILE B 13 8.17 -12.03 18.47
CA ILE B 13 8.52 -11.86 19.88
C ILE B 13 7.70 -10.73 20.50
N THR B 14 7.26 -10.94 21.73
CA THR B 14 6.46 -9.95 22.43
C THR B 14 7.30 -9.23 23.50
N LEU B 15 7.21 -7.89 23.51
CA LEU B 15 7.97 -7.10 24.48
C LEU B 15 7.07 -6.04 25.10
N GLU B 16 7.42 -5.60 26.30
CA GLU B 16 6.64 -4.58 27.00
C GLU B 16 7.47 -3.33 27.22
N VAL B 17 7.28 -2.33 26.35
CA VAL B 17 8.02 -1.08 26.46
C VAL B 17 7.08 0.08 26.75
N GLU B 18 7.62 1.28 26.83
CA GLU B 18 6.81 2.47 27.11
C GLU B 18 7.04 3.54 26.05
N PRO B 19 6.03 4.34 25.79
CA PRO B 19 6.11 5.43 24.78
C PRO B 19 7.34 6.32 24.98
N SER B 20 7.93 6.23 26.17
CA SER B 20 9.11 7.03 26.48
C SER B 20 10.37 6.18 26.41
N ASP B 21 10.26 5.03 25.76
CA ASP B 21 11.40 4.12 25.62
C ASP B 21 12.18 4.43 24.35
N THR B 22 13.51 4.48 24.48
CA THR B 22 14.36 4.76 23.33
C THR B 22 14.59 3.50 22.51
N ILE B 23 14.97 3.68 21.25
CA ILE B 23 15.22 2.54 20.36
C ILE B 23 16.35 1.67 20.92
N GLU B 24 17.41 2.31 21.38
CA GLU B 24 18.55 1.59 21.93
C GLU B 24 18.10 0.65 23.05
N ASN B 25 17.16 1.12 23.86
CA ASN B 25 16.64 0.31 24.96
C ASN B 25 15.92 -0.92 24.43
N VAL B 26 15.16 -0.74 23.36
CA VAL B 26 14.42 -1.84 22.76
C VAL B 26 15.37 -2.92 22.26
N LYS B 27 16.50 -2.49 21.71
CA LYS B 27 17.50 -3.43 21.19
C LYS B 27 18.06 -4.29 22.33
N ALA B 28 18.26 -3.67 23.48
CA ALA B 28 18.79 -4.39 24.63
C ALA B 28 17.83 -5.48 25.07
N LYS B 29 16.54 -5.17 25.08
CA LYS B 29 15.53 -6.12 25.49
C LYS B 29 15.56 -7.36 24.58
N ILE B 30 15.80 -7.12 23.30
CA ILE B 30 15.85 -8.21 22.33
C ILE B 30 17.14 -9.02 22.50
N GLN B 31 18.18 -8.35 22.99
CA GLN B 31 19.47 -9.01 23.20
C GLN B 31 19.42 -9.92 24.43
N ASP B 32 18.45 -9.65 25.30
CA ASP B 32 18.30 -10.45 26.52
C ASP B 32 17.33 -11.60 26.29
N LYS B 33 16.55 -11.50 25.21
CA LYS B 33 15.58 -12.54 24.90
C LYS B 33 16.14 -13.50 23.85
N GLU B 34 16.84 -12.95 22.87
CA GLU B 34 17.43 -13.77 21.81
C GLU B 34 18.94 -13.79 21.94
N GLY B 35 19.52 -12.67 22.36
CA GLY B 35 20.97 -12.58 22.52
C GLY B 35 21.62 -12.02 21.26
N ILE B 36 20.91 -11.11 20.58
CA ILE B 36 21.43 -10.50 19.37
C ILE B 36 22.04 -9.14 19.66
N PRO B 37 23.33 -9.01 19.50
CA PRO B 37 24.05 -7.73 19.74
C PRO B 37 23.38 -6.55 19.05
N PRO B 38 23.14 -5.50 19.79
CA PRO B 38 22.49 -4.27 19.26
C PRO B 38 23.17 -3.77 17.98
N ASP B 39 24.49 -3.92 17.92
CA ASP B 39 25.26 -3.49 16.75
C ASP B 39 24.94 -4.37 15.55
N GLN B 40 24.22 -5.46 15.80
CA GLN B 40 23.86 -6.38 14.72
C GLN B 40 22.34 -6.52 14.62
N GLN B 41 21.63 -5.43 14.88
CA GLN B 41 20.18 -5.46 14.81
C GLN B 41 19.65 -4.22 14.09
N ARG B 42 18.73 -4.44 13.16
CA ARG B 42 18.16 -3.33 12.39
C ARG B 42 16.64 -3.32 12.50
N LEU B 43 16.10 -2.33 13.21
CA LEU B 43 14.66 -2.23 13.39
C LEU B 43 14.05 -1.39 12.27
N ILE B 44 12.86 -1.78 11.83
CA ILE B 44 12.17 -1.05 10.77
C ILE B 44 10.69 -0.95 11.06
N PHE B 45 10.13 0.25 10.89
CA PHE B 45 8.72 0.47 11.14
C PHE B 45 8.08 1.28 10.01
N ALA B 46 7.09 0.70 9.36
CA ALA B 46 6.41 1.37 8.26
C ALA B 46 7.39 1.66 7.13
N GLY B 47 8.40 0.81 7.00
CA GLY B 47 9.41 0.98 5.95
C GLY B 47 10.42 2.05 6.33
N LYS B 48 10.48 2.37 7.63
CA LYS B 48 11.40 3.39 8.11
C LYS B 48 12.35 2.80 9.14
N GLN B 49 13.64 3.12 9.02
CA GLN B 49 14.64 2.62 9.95
C GLN B 49 14.68 3.49 11.21
N LEU B 50 14.37 2.87 12.35
CA LEU B 50 14.38 3.59 13.62
C LEU B 50 15.81 3.86 14.08
N GLU B 51 16.01 5.00 14.72
CA GLU B 51 17.33 5.36 15.22
C GLU B 51 17.48 5.01 16.69
N ASP B 52 18.72 4.89 17.16
CA ASP B 52 18.96 4.56 18.56
C ASP B 52 18.93 5.82 19.42
N GLY B 53 18.75 6.97 18.78
CA GLY B 53 18.70 8.25 19.49
C GLY B 53 17.28 8.76 19.56
N ARG B 54 16.33 7.98 19.04
CA ARG B 54 14.93 8.37 19.05
C ARG B 54 14.12 7.42 19.94
N THR B 55 12.91 7.84 20.28
CA THR B 55 12.04 7.01 21.12
C THR B 55 10.94 6.37 20.28
N LEU B 56 10.04 5.66 20.95
CA LEU B 56 8.94 5.00 20.25
C LEU B 56 7.85 6.00 19.87
N SER B 57 7.56 6.92 20.78
CA SER B 57 6.53 7.92 20.53
C SER B 57 6.95 8.83 19.37
N ASP B 58 8.25 8.93 19.13
CA ASP B 58 8.76 9.76 18.05
C ASP B 58 8.34 9.19 16.70
N TYR B 59 8.10 7.88 16.66
CA TYR B 59 7.70 7.22 15.42
C TYR B 59 6.20 6.97 15.42
N ASN B 60 5.53 7.41 16.48
CA ASN B 60 4.08 7.23 16.59
C ASN B 60 3.74 5.75 16.65
N ILE B 61 4.49 5.00 17.45
CA ILE B 61 4.26 3.57 17.59
C ILE B 61 3.27 3.30 18.72
N GLN B 62 2.11 2.75 18.38
CA GLN B 62 1.10 2.44 19.38
C GLN B 62 1.24 1.00 19.86
N LYS B 63 0.29 0.56 20.68
CA LYS B 63 0.32 -0.80 21.20
C LYS B 63 -0.14 -1.79 20.14
N GLU B 64 0.30 -3.04 20.27
CA GLU B 64 -0.08 -4.07 19.31
C GLU B 64 0.60 -3.83 17.96
N SER B 65 1.58 -2.93 17.95
CA SER B 65 2.30 -2.62 16.73
C SER B 65 3.28 -3.72 16.38
N THR B 66 3.62 -3.84 15.09
CA THR B 66 4.56 -4.86 14.65
C THR B 66 5.81 -4.21 14.07
N LEU B 67 6.98 -4.69 14.51
CA LEU B 67 8.24 -4.14 14.03
C LEU B 67 9.05 -5.23 13.32
N HIS B 68 9.90 -4.82 12.39
CA HIS B 68 10.74 -5.76 11.66
C HIS B 68 12.19 -5.69 12.14
N LEU B 69 12.81 -6.84 12.31
CA LEU B 69 14.19 -6.90 12.76
C LEU B 69 15.10 -7.46 11.67
N VAL B 70 16.17 -6.73 11.36
CA VAL B 70 17.10 -7.16 10.33
C VAL B 70 18.50 -7.32 10.90
N LEU B 71 19.14 -8.46 10.59
CA LEU B 71 20.49 -8.72 11.08
C LEU B 71 21.53 -8.27 10.06
N ARG B 72 22.59 -7.63 10.55
CA ARG B 72 23.65 -7.15 9.66
C ARG B 72 24.78 -8.17 9.59
N LEU B 73 25.64 -8.03 8.59
CA LEU B 73 26.77 -8.95 8.41
C LEU B 73 27.97 -8.21 7.83
N ARG B 74 28.90 -7.83 8.70
CA ARG B 74 30.09 -7.11 8.26
C ARG B 74 30.91 -7.98 7.31
N GLY B 75 31.00 -9.27 7.62
CA GLY B 75 31.75 -10.20 6.79
C GLY B 75 33.19 -10.37 7.30
N GLY B 76 33.49 -9.77 8.46
CA GLY B 76 34.82 -9.88 9.03
C GLY B 76 34.78 -10.62 10.36
N ASP B 77 35.81 -11.42 10.62
CA ASP B 77 35.88 -12.19 11.87
C ASP B 77 35.65 -11.27 13.07
N VAL C 3 17.63 -9.82 -3.39
CA VAL C 3 18.77 -10.58 -3.98
C VAL C 3 18.72 -12.03 -3.50
N SER C 4 19.35 -12.92 -4.25
CA SER C 4 19.37 -14.34 -3.89
C SER C 4 17.97 -14.94 -4.01
N GLU C 5 17.89 -16.17 -4.47
CA GLU C 5 16.61 -16.85 -4.62
C GLU C 5 16.15 -17.42 -3.29
N SER C 6 17.11 -17.79 -2.44
CA SER C 6 16.78 -18.36 -1.14
C SER C 6 16.10 -17.32 -0.26
N GLN C 7 16.68 -16.12 -0.18
CA GLN C 7 16.13 -15.06 0.63
C GLN C 7 14.73 -14.69 0.13
N LEU C 8 14.50 -14.87 -1.16
CA LEU C 8 13.20 -14.56 -1.75
C LEU C 8 12.14 -15.54 -1.29
N LYS C 9 12.54 -16.81 -1.18
CA LYS C 9 11.62 -17.86 -0.75
C LYS C 9 11.40 -17.78 0.77
N LYS C 10 12.09 -16.86 1.42
CA LYS C 10 11.97 -16.70 2.86
C LYS C 10 10.97 -15.58 3.19
N MET C 11 11.01 -14.52 2.40
CA MET C 11 10.10 -13.39 2.61
C MET C 11 8.68 -13.75 2.21
N VAL C 12 8.56 -14.78 1.38
CA VAL C 12 7.24 -15.22 0.92
C VAL C 12 6.95 -16.63 1.43
N SER C 13 7.28 -16.88 2.69
CA SER C 13 7.04 -18.19 3.30
C SER C 13 5.60 -18.29 3.81
N LYS C 14 4.96 -17.14 3.99
CA LYS C 14 3.59 -17.12 4.48
C LYS C 14 2.61 -16.91 3.31
N TYR C 15 3.06 -17.23 2.11
CA TYR C 15 2.22 -17.08 0.93
C TYR C 15 1.62 -18.42 0.52
N LYS C 16 0.30 -18.44 0.34
CA LYS C 16 -0.38 -19.66 -0.04
C LYS C 16 0.28 -20.28 -1.28
N TYR C 17 0.68 -19.42 -2.21
CA TYR C 17 1.33 -19.89 -3.43
C TYR C 17 2.75 -19.34 -3.54
N ARG C 18 3.65 -19.87 -2.72
CA ARG C 18 5.03 -19.43 -2.73
C ARG C 18 5.66 -19.64 -4.10
N ASP C 19 5.98 -20.89 -4.42
CA ASP C 19 6.58 -21.22 -5.71
C ASP C 19 6.14 -20.21 -6.77
N LEU C 20 4.91 -20.36 -7.26
CA LEU C 20 4.39 -19.45 -8.27
C LEU C 20 4.94 -18.05 -8.08
N THR C 21 4.54 -17.41 -6.98
CA THR C 21 5.00 -16.06 -6.68
C THR C 21 6.50 -15.93 -6.97
N VAL C 22 7.30 -16.73 -6.26
CA VAL C 22 8.74 -16.70 -6.44
C VAL C 22 9.10 -16.68 -7.92
N ARG C 23 8.85 -17.80 -8.60
CA ARG C 23 9.15 -17.90 -10.02
C ARG C 23 8.82 -16.59 -10.73
N GLU C 24 7.56 -16.18 -10.65
CA GLU C 24 7.13 -14.94 -11.29
C GLU C 24 8.07 -13.80 -10.92
N THR C 25 8.32 -13.64 -9.62
CA THR C 25 9.19 -12.58 -9.15
C THR C 25 10.56 -12.69 -9.81
N VAL C 26 11.13 -13.89 -9.78
CA VAL C 26 12.44 -14.12 -10.38
C VAL C 26 12.43 -13.74 -11.86
N ASN C 27 11.31 -14.00 -12.53
CA ASN C 27 11.19 -13.67 -13.94
C ASN C 27 11.09 -12.17 -14.14
N VAL C 28 10.71 -11.45 -13.09
CA VAL C 28 10.57 -10.00 -13.17
C VAL C 28 11.92 -9.33 -12.95
N ILE C 29 12.43 -9.41 -11.72
CA ILE C 29 13.72 -8.80 -11.40
C ILE C 29 14.78 -9.21 -12.40
N THR C 30 14.56 -10.34 -13.06
CA THR C 30 15.52 -10.84 -14.06
C THR C 30 15.65 -9.86 -15.21
N LEU C 31 14.51 -9.41 -15.74
CA LEU C 31 14.51 -8.47 -16.85
C LEU C 31 14.70 -7.04 -16.35
N TYR C 32 14.10 -6.74 -15.19
CA TYR C 32 14.21 -5.41 -14.61
C TYR C 32 15.02 -5.45 -13.32
N LYS C 33 16.33 -5.33 -13.44
CA LYS C 33 17.21 -5.35 -12.27
C LYS C 33 16.94 -4.14 -11.38
N ASP C 34 16.28 -3.13 -11.94
CA ASP C 34 15.96 -1.92 -11.19
C ASP C 34 14.85 -2.20 -10.17
N LEU C 35 14.37 -3.44 -10.16
CA LEU C 35 13.31 -3.81 -9.23
C LEU C 35 13.81 -4.86 -8.24
N LYS C 36 13.57 -4.61 -6.95
CA LYS C 36 14.01 -5.54 -5.92
C LYS C 36 12.87 -5.82 -4.93
N PRO C 37 12.72 -7.05 -4.54
CA PRO C 37 11.66 -7.47 -3.58
C PRO C 37 11.96 -7.02 -2.16
N VAL C 38 10.90 -6.70 -1.41
CA VAL C 38 11.07 -6.25 -0.03
C VAL C 38 9.86 -6.65 0.81
N LEU C 39 10.10 -6.99 2.08
CA LEU C 39 9.02 -7.39 2.97
C LEU C 39 8.69 -6.26 3.94
N ASP C 40 7.48 -5.72 3.80
CA ASP C 40 7.04 -4.63 4.68
C ASP C 40 5.57 -4.81 5.05
N SER C 41 5.15 -4.08 6.08
CA SER C 41 3.76 -4.17 6.54
C SER C 41 2.88 -3.19 5.76
N TYR C 42 1.77 -3.70 5.24
CA TYR C 42 0.85 -2.87 4.47
C TYR C 42 -0.42 -2.60 5.28
N VAL C 43 -0.53 -1.38 5.81
CA VAL C 43 -1.71 -1.02 6.60
C VAL C 43 -2.82 -0.50 5.68
N PHE C 44 -3.85 -1.32 5.51
CA PHE C 44 -4.98 -0.93 4.66
C PHE C 44 -5.65 0.33 5.19
N ASN C 45 -6.63 0.83 4.46
CA ASN C 45 -7.35 2.03 4.87
C ASN C 45 -8.16 1.77 6.13
N ASP C 46 -8.64 0.53 6.27
CA ASP C 46 -9.43 0.16 7.44
C ASP C 46 -8.58 0.19 8.70
N GLY C 47 -7.27 0.35 8.51
CA GLY C 47 -6.36 0.39 9.65
C GLY C 47 -5.59 -0.92 9.79
N SER C 48 -6.25 -2.02 9.42
CA SER C 48 -5.63 -3.33 9.50
C SER C 48 -4.26 -3.33 8.85
N SER C 49 -3.41 -4.29 9.21
CA SER C 49 -2.07 -4.37 8.65
C SER C 49 -1.73 -5.81 8.28
N ARG C 50 -0.82 -5.97 7.34
CA ARG C 50 -0.41 -7.30 6.89
C ARG C 50 0.95 -7.25 6.22
N GLU C 51 1.82 -8.20 6.56
CA GLU C 51 3.15 -8.25 5.97
C GLU C 51 3.11 -8.87 4.57
N LEU C 52 3.25 -8.01 3.56
CA LEU C 52 3.23 -8.49 2.18
C LEU C 52 4.54 -8.16 1.48
N MET C 53 4.83 -8.87 0.39
CA MET C 53 6.06 -8.63 -0.35
C MET C 53 5.77 -7.82 -1.61
N ASN C 54 6.38 -6.64 -1.70
CA ASN C 54 6.18 -5.77 -2.85
C ASN C 54 7.49 -5.60 -3.62
N LEU C 55 7.39 -5.13 -4.86
CA LEU C 55 8.57 -4.92 -5.69
C LEU C 55 8.84 -3.43 -5.87
N THR C 56 9.76 -2.90 -5.08
CA THR C 56 10.10 -1.49 -5.16
C THR C 56 11.27 -1.27 -6.11
N GLY C 57 11.27 -0.14 -6.81
CA GLY C 57 12.34 0.16 -7.76
C GLY C 57 11.86 1.14 -8.83
N THR C 58 12.44 1.04 -10.02
CA THR C 58 12.07 1.92 -11.12
C THR C 58 12.05 1.16 -12.43
N ILE C 59 11.21 1.59 -13.36
CA ILE C 59 11.10 0.94 -14.66
C ILE C 59 11.39 1.92 -15.78
N PRO C 60 12.09 1.49 -16.79
CA PRO C 60 12.46 2.34 -17.96
C PRO C 60 11.25 2.64 -18.85
N VAL C 61 10.98 3.92 -19.07
CA VAL C 61 9.86 4.31 -19.91
C VAL C 61 10.27 5.43 -20.87
N PRO C 62 10.78 5.06 -22.01
CA PRO C 62 11.22 6.04 -23.05
C PRO C 62 10.15 7.07 -23.37
N TYR C 63 10.54 8.34 -23.39
CA TYR C 63 9.59 9.41 -23.70
C TYR C 63 10.33 10.60 -24.32
N ARG C 64 9.92 10.97 -25.53
CA ARG C 64 10.54 12.10 -26.22
C ARG C 64 12.03 11.83 -26.43
N GLY C 65 12.39 10.56 -26.56
CA GLY C 65 13.79 10.19 -26.76
C GLY C 65 14.53 10.09 -25.43
N ASN C 66 13.87 10.53 -24.36
CA ASN C 66 14.47 10.49 -23.04
C ASN C 66 13.92 9.31 -22.24
N THR C 67 14.78 8.69 -21.44
CA THR C 67 14.36 7.55 -20.63
C THR C 67 14.10 7.97 -19.19
N TYR C 68 12.87 7.80 -18.74
CA TYR C 68 12.50 8.17 -17.38
C TYR C 68 12.34 6.92 -16.51
N ASN C 69 13.05 6.90 -15.38
CA ASN C 69 12.97 5.75 -14.47
C ASN C 69 11.87 5.99 -13.44
N ILE C 70 10.62 5.82 -13.87
CA ILE C 70 9.48 6.01 -12.97
C ILE C 70 9.48 4.96 -11.86
N PRO C 71 9.51 5.39 -10.63
CA PRO C 71 9.50 4.49 -9.45
C PRO C 71 8.11 3.96 -9.13
N ILE C 72 7.99 2.64 -8.97
CA ILE C 72 6.71 2.03 -8.66
C ILE C 72 6.83 1.10 -7.46
N CYS C 73 5.69 0.63 -6.96
CA CYS C 73 5.69 -0.27 -5.81
C CYS C 73 4.53 -1.26 -5.91
N LEU C 74 4.82 -2.45 -6.42
CA LEU C 74 3.81 -3.48 -6.58
C LEU C 74 3.66 -4.28 -5.29
N TRP C 75 2.43 -4.37 -4.79
CA TRP C 75 2.16 -5.12 -3.56
C TRP C 75 1.47 -6.44 -3.87
N LEU C 76 1.96 -7.51 -3.28
CA LEU C 76 1.37 -8.83 -3.50
C LEU C 76 0.70 -9.34 -2.23
N LEU C 77 -0.55 -9.78 -2.37
CA LEU C 77 -1.30 -10.29 -1.22
C LEU C 77 -1.08 -11.79 -1.06
N ASP C 78 -1.03 -12.25 0.18
CA ASP C 78 -0.83 -13.66 0.46
C ASP C 78 -1.21 -14.50 -0.75
N THR C 79 -2.08 -13.96 -1.58
CA THR C 79 -2.53 -14.67 -2.78
C THR C 79 -2.51 -13.75 -3.99
N TYR C 80 -1.32 -13.55 -4.55
CA TYR C 80 -1.18 -12.68 -5.72
C TYR C 80 -1.17 -13.51 -7.00
N PRO C 81 -1.25 -14.80 -6.86
CA PRO C 81 -1.25 -15.74 -8.02
C PRO C 81 -2.56 -15.71 -8.79
N TYR C 82 -3.60 -15.13 -8.18
CA TYR C 82 -4.90 -15.04 -8.82
C TYR C 82 -5.46 -13.63 -8.68
N ASN C 83 -4.89 -12.85 -7.77
CA ASN C 83 -5.34 -11.48 -7.55
C ASN C 83 -4.31 -10.48 -8.07
N PRO C 84 -4.77 -9.37 -8.57
CA PRO C 84 -3.88 -8.30 -9.11
C PRO C 84 -3.20 -7.51 -8.00
N PRO C 85 -1.91 -7.30 -8.13
CA PRO C 85 -1.11 -6.54 -7.13
C PRO C 85 -1.55 -5.09 -7.02
N ILE C 86 -1.18 -4.44 -5.92
CA ILE C 86 -1.55 -3.04 -5.71
C ILE C 86 -0.41 -2.12 -6.16
N CYS C 87 -0.49 -1.66 -7.41
CA CYS C 87 0.54 -0.79 -7.96
C CYS C 87 0.46 0.60 -7.31
N PHE C 88 1.53 1.37 -7.47
CA PHE C 88 1.57 2.72 -6.90
C PHE C 88 2.76 3.49 -7.47
N VAL C 89 2.52 4.74 -7.85
CA VAL C 89 3.57 5.58 -8.41
C VAL C 89 4.21 6.43 -7.32
N LYS C 90 5.34 5.95 -6.79
CA LYS C 90 6.04 6.67 -5.75
C LYS C 90 6.87 7.82 -6.33
N PRO C 91 6.27 8.97 -6.46
CA PRO C 91 6.96 10.17 -7.03
C PRO C 91 7.96 10.77 -6.05
N THR C 92 9.09 11.24 -6.57
CA THR C 92 10.11 11.85 -5.73
C THR C 92 9.85 13.33 -5.55
N SER C 93 10.69 13.98 -4.75
CA SER C 93 10.54 15.41 -4.49
C SER C 93 10.70 16.21 -5.78
N SER C 94 11.23 15.56 -6.80
CA SER C 94 11.44 16.22 -8.09
C SER C 94 10.48 15.64 -9.14
N MET C 95 9.39 15.04 -8.68
CA MET C 95 8.42 14.46 -9.60
C MET C 95 7.01 14.89 -9.21
N THR C 96 6.18 15.14 -10.23
CA THR C 96 4.80 15.57 -9.98
C THR C 96 3.83 14.65 -10.71
N ILE C 97 2.99 13.96 -9.95
CA ILE C 97 2.01 13.06 -10.53
C ILE C 97 1.08 13.80 -11.47
N LYS C 98 0.96 13.31 -12.70
CA LYS C 98 0.10 13.95 -13.69
C LYS C 98 -1.19 13.15 -13.86
N THR C 99 -1.95 13.02 -12.77
CA THR C 99 -3.20 12.28 -12.81
C THR C 99 -3.71 12.16 -14.24
N GLY C 100 -4.16 10.96 -14.59
CA GLY C 100 -4.69 10.72 -15.93
C GLY C 100 -5.74 9.61 -15.92
N LYS C 101 -5.57 8.62 -16.79
CA LYS C 101 -6.51 7.52 -16.87
C LYS C 101 -5.94 6.28 -16.20
N HIS C 102 -4.63 6.29 -15.96
CA HIS C 102 -3.97 5.16 -15.32
C HIS C 102 -3.26 5.60 -14.04
N VAL C 103 -3.58 6.81 -13.59
CA VAL C 103 -2.96 7.35 -12.38
C VAL C 103 -3.83 8.47 -11.80
N ASP C 104 -4.02 8.43 -10.48
CA ASP C 104 -4.83 9.44 -9.81
C ASP C 104 -3.94 10.42 -9.05
N ALA C 105 -4.47 10.98 -7.96
CA ALA C 105 -3.71 11.92 -7.16
C ALA C 105 -2.91 11.20 -6.08
N ASN C 106 -3.35 9.98 -5.74
CA ASN C 106 -2.67 9.20 -4.72
C ASN C 106 -1.51 8.42 -5.33
N GLY C 107 -1.56 8.21 -6.64
CA GLY C 107 -0.51 7.48 -7.34
C GLY C 107 -1.04 6.15 -7.87
N LYS C 108 -2.14 5.69 -7.31
CA LYS C 108 -2.74 4.43 -7.75
C LYS C 108 -2.70 4.30 -9.26
N ILE C 109 -2.39 3.10 -9.75
CA ILE C 109 -2.31 2.87 -11.18
C ILE C 109 -3.56 2.12 -11.66
N TYR C 110 -4.07 2.53 -12.82
CA TYR C 110 -5.25 1.89 -13.39
C TYR C 110 -4.98 1.40 -14.80
N LEU C 111 -5.01 0.08 -14.98
CA LEU C 111 -4.76 -0.51 -16.29
C LEU C 111 -5.64 -1.74 -16.49
N PRO C 112 -6.17 -1.90 -17.67
CA PRO C 112 -7.06 -3.04 -18.02
C PRO C 112 -6.47 -4.38 -17.58
N TYR C 113 -5.14 -4.43 -17.49
CA TYR C 113 -4.47 -5.66 -17.08
C TYR C 113 -4.85 -6.04 -15.67
N LEU C 114 -5.12 -5.03 -14.83
CA LEU C 114 -5.51 -5.27 -13.45
C LEU C 114 -6.98 -5.60 -13.36
N HIS C 115 -7.80 -4.87 -14.11
CA HIS C 115 -9.24 -5.09 -14.10
C HIS C 115 -9.57 -6.51 -14.56
N GLU C 116 -8.82 -7.00 -15.55
CA GLU C 116 -9.03 -8.34 -16.07
C GLU C 116 -7.86 -9.25 -15.72
N TRP C 117 -7.64 -9.46 -14.43
CA TRP C 117 -6.55 -10.31 -13.98
C TRP C 117 -7.04 -11.73 -13.72
N LYS C 118 -6.24 -12.71 -14.13
CA LYS C 118 -6.61 -14.11 -13.95
C LYS C 118 -5.53 -14.86 -13.18
N HIS C 119 -4.41 -15.14 -13.86
CA HIS C 119 -3.30 -15.84 -13.22
C HIS C 119 -2.67 -16.83 -14.20
N PRO C 120 -3.48 -17.44 -15.03
CA PRO C 120 -3.00 -18.42 -16.03
C PRO C 120 -2.27 -17.75 -17.19
N GLN C 121 -2.63 -16.50 -17.46
CA GLN C 121 -2.00 -15.75 -18.54
C GLN C 121 -1.48 -14.41 -18.04
N SER C 122 -2.04 -13.96 -16.92
CA SER C 122 -1.62 -12.68 -16.33
C SER C 122 -0.49 -12.90 -15.32
N ASP C 123 0.55 -12.08 -15.42
CA ASP C 123 1.68 -12.19 -14.51
C ASP C 123 2.34 -10.82 -14.31
N LEU C 124 3.30 -10.77 -13.39
CA LEU C 124 4.00 -9.52 -13.12
C LEU C 124 4.68 -9.00 -14.37
N LEU C 125 5.52 -9.84 -14.97
CA LEU C 125 6.23 -9.45 -16.18
C LEU C 125 5.28 -8.79 -17.18
N GLY C 126 4.17 -9.47 -17.47
CA GLY C 126 3.19 -8.93 -18.41
C GLY C 126 2.62 -7.61 -17.91
N LEU C 127 2.43 -7.51 -16.60
CA LEU C 127 1.88 -6.31 -16.00
C LEU C 127 2.86 -5.14 -16.14
N ILE C 128 4.15 -5.43 -15.92
CA ILE C 128 5.17 -4.40 -16.02
C ILE C 128 5.32 -3.93 -17.46
N GLN C 129 5.40 -4.88 -18.39
CA GLN C 129 5.55 -4.55 -19.79
C GLN C 129 4.40 -3.65 -20.25
N VAL C 130 3.20 -3.96 -19.80
CA VAL C 130 2.02 -3.18 -20.18
C VAL C 130 2.09 -1.79 -19.55
N MET C 131 2.72 -1.69 -18.39
CA MET C 131 2.84 -0.41 -17.70
C MET C 131 3.80 0.51 -18.45
N ILE C 132 4.82 -0.07 -19.07
CA ILE C 132 5.79 0.70 -19.83
C ILE C 132 5.18 1.20 -21.13
N VAL C 133 4.29 0.40 -21.71
CA VAL C 133 3.64 0.78 -22.96
C VAL C 133 2.66 1.92 -22.74
N VAL C 134 1.86 1.81 -21.69
CA VAL C 134 0.88 2.85 -21.38
C VAL C 134 1.58 4.13 -20.92
N PHE C 135 2.52 3.97 -19.99
CA PHE C 135 3.25 5.12 -19.48
C PHE C 135 4.02 5.81 -20.59
N GLY C 136 4.41 5.04 -21.60
CA GLY C 136 5.15 5.59 -22.73
C GLY C 136 4.30 6.59 -23.51
N ASP C 137 3.02 6.26 -23.67
CA ASP C 137 2.11 7.14 -24.40
C ASP C 137 1.50 8.17 -23.46
N GLU C 138 1.40 7.81 -22.18
CA GLU C 138 0.82 8.72 -21.18
C GLU C 138 1.71 8.77 -19.94
N PRO C 139 2.55 9.76 -19.84
CA PRO C 139 3.47 9.93 -18.68
C PRO C 139 2.72 10.29 -17.40
N PRO C 140 2.79 9.43 -16.41
CA PRO C 140 2.11 9.66 -15.11
C PRO C 140 2.81 10.73 -14.27
N VAL C 141 4.01 11.10 -14.69
CA VAL C 141 4.77 12.13 -13.97
C VAL C 141 5.53 13.01 -14.95
N PHE C 142 6.04 14.14 -14.44
CA PHE C 142 6.79 15.06 -15.28
C PHE C 142 7.66 15.97 -14.42
N SER C 143 8.97 15.83 -14.56
CA SER C 143 9.91 16.64 -13.80
C SER C 143 9.22 17.89 -13.25
N MET A 1 -1.98 23.58 -1.63
CA MET A 1 -2.75 22.59 -2.43
C MET A 1 -3.95 22.10 -1.62
N GLN A 2 -4.85 21.37 -2.30
CA GLN A 2 -6.04 20.86 -1.62
C GLN A 2 -5.96 19.33 -1.52
N ILE A 3 -6.43 18.80 -0.39
CA ILE A 3 -6.41 17.36 -0.18
C ILE A 3 -7.77 16.87 0.30
N PHE A 4 -7.97 15.55 0.28
CA PHE A 4 -9.23 14.98 0.73
C PHE A 4 -8.98 13.95 1.84
N VAL A 5 -9.95 13.81 2.74
CA VAL A 5 -9.83 12.86 3.84
C VAL A 5 -11.13 12.09 4.03
N LYS A 6 -11.09 10.79 3.78
CA LYS A 6 -12.26 9.94 3.93
C LYS A 6 -12.31 9.33 5.32
N THR A 7 -13.51 9.07 5.81
CA THR A 7 -13.68 8.49 7.13
C THR A 7 -14.16 7.05 7.03
N LEU A 8 -14.49 6.44 8.17
CA LEU A 8 -14.96 5.07 8.19
C LEU A 8 -16.47 5.02 8.01
N THR A 9 -17.11 6.18 8.08
CA THR A 9 -18.56 6.26 7.93
C THR A 9 -18.93 6.60 6.49
N GLY A 10 -17.97 7.16 5.76
CA GLY A 10 -18.21 7.53 4.37
C GLY A 10 -18.38 9.04 4.23
N LYS A 11 -17.46 9.79 4.83
CA LYS A 11 -17.52 11.25 4.77
C LYS A 11 -16.19 11.81 4.27
N THR A 12 -16.26 12.66 3.26
CA THR A 12 -15.06 13.26 2.70
C THR A 12 -14.92 14.72 3.15
N ILE A 13 -13.71 15.08 3.58
CA ILE A 13 -13.47 16.44 4.04
C ILE A 13 -12.33 17.07 3.23
N THR A 14 -12.48 18.35 2.90
CA THR A 14 -11.47 19.05 2.12
C THR A 14 -10.65 19.99 3.01
N LEU A 15 -9.33 19.96 2.84
CA LEU A 15 -8.44 20.80 3.64
C LEU A 15 -7.38 21.44 2.75
N GLU A 16 -6.91 22.62 3.15
CA GLU A 16 -5.89 23.32 2.38
C GLU A 16 -4.59 23.40 3.16
N VAL A 17 -3.66 22.50 2.86
CA VAL A 17 -2.37 22.48 3.54
C VAL A 17 -1.25 22.80 2.56
N GLU A 18 -0.02 22.75 3.05
CA GLU A 18 1.14 23.04 2.20
C GLU A 18 2.17 21.92 2.29
N PRO A 19 2.89 21.69 1.23
CA PRO A 19 3.94 20.63 1.18
C PRO A 19 4.88 20.68 2.37
N SER A 20 4.90 21.82 3.05
CA SER A 20 5.77 21.99 4.21
C SER A 20 4.96 21.87 5.50
N ASP A 21 3.77 21.29 5.40
CA ASP A 21 2.92 21.11 6.56
C ASP A 21 3.19 19.76 7.23
N THR A 22 3.31 19.78 8.55
CA THR A 22 3.57 18.55 9.30
C THR A 22 2.27 17.78 9.53
N ILE A 23 2.40 16.48 9.80
CA ILE A 23 1.24 15.64 10.04
C ILE A 23 0.45 16.14 11.24
N GLU A 24 1.17 16.48 12.32
CA GLU A 24 0.53 16.97 13.52
C GLU A 24 -0.37 18.16 13.21
N ASN A 25 0.09 19.03 12.32
CA ASN A 25 -0.67 20.20 11.93
C ASN A 25 -1.96 19.81 11.23
N VAL A 26 -1.87 18.79 10.37
CA VAL A 26 -3.04 18.31 9.65
C VAL A 26 -4.10 17.78 10.61
N LYS A 27 -3.65 17.12 11.67
CA LYS A 27 -4.57 16.58 12.67
C LYS A 27 -5.34 17.70 13.35
N ALA A 28 -4.66 18.80 13.62
CA ALA A 28 -5.29 19.94 14.28
C ALA A 28 -6.40 20.52 13.41
N LYS A 29 -6.13 20.61 12.11
CA LYS A 29 -7.11 21.14 11.18
C LYS A 29 -8.39 20.30 11.20
N ILE A 30 -8.22 18.99 11.33
CA ILE A 30 -9.35 18.08 11.36
C ILE A 30 -10.09 18.18 12.70
N GLN A 31 -9.36 18.56 13.74
CA GLN A 31 -9.94 18.69 15.07
C GLN A 31 -10.78 19.96 15.16
N ASP A 32 -10.52 20.90 14.25
CA ASP A 32 -11.25 22.17 14.24
C ASP A 32 -12.45 22.07 13.31
N LYS A 33 -12.45 21.06 12.45
CA LYS A 33 -13.55 20.86 11.50
C LYS A 33 -14.54 19.83 12.04
N GLU A 34 -14.01 18.76 12.62
CA GLU A 34 -14.85 17.70 13.17
C GLU A 34 -14.80 17.71 14.69
N GLY A 35 -13.63 18.04 15.24
CA GLY A 35 -13.46 18.06 16.69
C GLY A 35 -12.94 16.74 17.21
N ILE A 36 -12.11 16.07 16.41
CA ILE A 36 -11.55 14.79 16.80
C ILE A 36 -10.14 14.97 17.36
N PRO A 37 -9.96 14.69 18.62
CA PRO A 37 -8.64 14.81 19.31
C PRO A 37 -7.52 14.13 18.53
N PRO A 38 -6.45 14.82 18.28
CA PRO A 38 -5.28 14.28 17.53
C PRO A 38 -4.82 12.93 18.09
N ASP A 39 -4.91 12.78 19.39
CA ASP A 39 -4.50 11.53 20.04
C ASP A 39 -5.46 10.40 19.69
N GLN A 40 -6.58 10.75 19.04
CA GLN A 40 -7.56 9.76 18.64
C GLN A 40 -7.79 9.80 17.14
N GLN A 41 -6.72 10.05 16.39
CA GLN A 41 -6.81 10.12 14.94
C GLN A 41 -5.64 9.37 14.30
N ARG A 42 -5.94 8.52 13.32
CA ARG A 42 -4.91 7.75 12.63
C ARG A 42 -4.97 7.99 11.13
N LEU A 43 -3.97 8.69 10.60
CA LEU A 43 -3.92 8.98 9.18
C LEU A 43 -3.17 7.87 8.44
N ILE A 44 -3.63 7.55 7.23
CA ILE A 44 -3.00 6.51 6.43
C ILE A 44 -2.95 6.92 4.97
N PHE A 45 -1.79 6.74 4.34
CA PHE A 45 -1.63 7.08 2.93
C PHE A 45 -0.91 5.97 2.18
N ALA A 46 -1.56 5.44 1.17
CA ALA A 46 -0.97 4.36 0.37
C ALA A 46 -0.71 3.14 1.25
N GLY A 47 -1.53 2.98 2.29
CA GLY A 47 -1.37 1.85 3.20
C GLY A 47 -0.23 2.09 4.18
N LYS A 48 0.17 3.35 4.32
CA LYS A 48 1.25 3.71 5.23
C LYS A 48 0.76 4.69 6.28
N GLN A 49 1.13 4.45 7.54
CA GLN A 49 0.73 5.32 8.64
C GLN A 49 1.67 6.52 8.73
N LEU A 50 1.09 7.71 8.54
CA LEU A 50 1.89 8.94 8.61
C LEU A 50 2.24 9.27 10.05
N GLU A 51 3.42 9.84 10.25
CA GLU A 51 3.88 10.21 11.59
C GLU A 51 3.61 11.69 11.86
N ASP A 52 3.57 12.05 13.14
CA ASP A 52 3.33 13.44 13.52
C ASP A 52 4.63 14.24 13.48
N GLY A 53 5.74 13.55 13.22
CA GLY A 53 7.03 14.21 13.15
C GLY A 53 7.49 14.37 11.70
N ARG A 54 6.64 13.96 10.77
CA ARG A 54 6.96 14.06 9.35
C ARG A 54 6.04 15.06 8.66
N THR A 55 6.41 15.47 7.46
CA THR A 55 5.60 16.43 6.70
C THR A 55 4.84 15.71 5.58
N LEU A 56 4.14 16.48 4.76
CA LEU A 56 3.39 15.91 3.66
C LEU A 56 4.31 15.56 2.48
N SER A 57 5.27 16.45 2.22
CA SER A 57 6.21 16.23 1.13
C SER A 57 7.07 15.01 1.40
N ASP A 58 7.21 14.66 2.68
CA ASP A 58 8.01 13.50 3.06
C ASP A 58 7.36 12.21 2.57
N TYR A 59 6.05 12.25 2.39
CA TYR A 59 5.31 11.08 1.93
C TYR A 59 5.01 11.20 0.44
N ASN A 60 5.44 12.30 -0.17
CA ASN A 60 5.21 12.52 -1.59
C ASN A 60 3.72 12.73 -1.87
N ILE A 61 3.06 13.43 -0.97
CA ILE A 61 1.62 13.69 -1.13
C ILE A 61 1.39 14.89 -2.03
N GLN A 62 0.82 14.64 -3.21
CA GLN A 62 0.55 15.71 -4.16
C GLN A 62 -0.84 16.30 -3.91
N ARG A 63 -1.32 17.08 -4.87
CA ARG A 63 -2.63 17.70 -4.74
C ARG A 63 -3.73 16.70 -5.12
N GLU A 64 -4.95 17.00 -4.70
CA GLU A 64 -6.08 16.12 -4.99
C GLU A 64 -5.83 14.72 -4.43
N SER A 65 -4.98 14.65 -3.41
CA SER A 65 -4.66 13.37 -2.80
C SER A 65 -5.73 12.98 -1.79
N THR A 66 -5.92 11.68 -1.60
CA THR A 66 -6.93 11.19 -0.66
C THR A 66 -6.26 10.48 0.51
N LEU A 67 -6.66 10.84 1.72
CA LEU A 67 -6.10 10.22 2.92
C LEU A 67 -7.18 9.50 3.71
N HIS A 68 -6.77 8.51 4.50
CA HIS A 68 -7.72 7.75 5.31
C HIS A 68 -7.56 8.09 6.79
N LEU A 69 -8.67 8.28 7.47
CA LEU A 69 -8.65 8.61 8.89
C LEU A 69 -9.22 7.47 9.72
N VAL A 70 -8.48 7.04 10.74
CA VAL A 70 -8.93 5.96 11.60
C VAL A 70 -8.97 6.41 13.06
N LEU A 71 -10.08 6.12 13.73
CA LEU A 71 -10.22 6.50 15.14
C LEU A 71 -9.75 5.38 16.05
N ARG A 72 -9.12 5.75 17.16
CA ARG A 72 -8.61 4.77 18.10
C ARG A 72 -9.54 4.67 19.31
N LEU A 73 -9.53 3.50 19.96
CA LEU A 73 -10.39 3.24 21.12
C LEU A 73 -11.81 2.89 20.67
N ARG A 74 -12.56 3.90 20.22
CA ARG A 74 -13.94 3.68 19.76
C ARG A 74 -14.69 2.74 20.71
N GLY A 75 -15.79 2.15 20.24
CA GLY A 75 -16.57 1.23 21.05
C GLY A 75 -17.03 0.05 20.22
N GLY A 76 -17.25 -1.09 20.87
CA GLY A 76 -17.70 -2.28 20.17
C GLY A 76 -19.04 -2.05 19.49
N MET B 1 -25.64 -8.18 13.74
CA MET B 1 -24.62 -7.09 13.69
C MET B 1 -24.54 -6.54 12.27
N GLN B 2 -23.83 -5.43 12.10
CA GLN B 2 -23.68 -4.82 10.79
C GLN B 2 -22.24 -4.93 10.32
N ILE B 3 -22.05 -5.18 9.03
CA ILE B 3 -20.72 -5.31 8.45
C ILE B 3 -20.59 -4.45 7.20
N PHE B 4 -19.35 -4.29 6.73
CA PHE B 4 -19.09 -3.49 5.54
C PHE B 4 -18.33 -4.30 4.50
N VAL B 5 -18.57 -4.01 3.23
CA VAL B 5 -17.89 -4.72 2.15
C VAL B 5 -17.40 -3.75 1.09
N LYS B 6 -16.09 -3.65 0.95
CA LYS B 6 -15.50 -2.75 -0.05
C LYS B 6 -15.24 -3.50 -1.36
N THR B 7 -15.30 -2.77 -2.46
CA THR B 7 -15.07 -3.38 -3.77
C THR B 7 -13.74 -2.91 -4.36
N LEU B 8 -13.48 -3.29 -5.60
CA LEU B 8 -12.25 -2.90 -6.26
C LEU B 8 -12.40 -1.55 -6.96
N THR B 9 -13.64 -1.06 -7.02
CA THR B 9 -13.91 0.22 -7.66
C THR B 9 -13.96 1.34 -6.62
N GLY B 10 -14.16 0.95 -5.36
CA GLY B 10 -14.24 1.93 -4.28
C GLY B 10 -15.68 2.14 -3.84
N LYS B 11 -16.40 1.04 -3.63
CA LYS B 11 -17.79 1.12 -3.19
C LYS B 11 -17.99 0.30 -1.92
N THR B 12 -18.57 0.93 -0.91
CA THR B 12 -18.81 0.24 0.36
C THR B 12 -20.30 -0.12 0.50
N ILE B 13 -20.56 -1.37 0.86
CA ILE B 13 -21.93 -1.84 1.03
C ILE B 13 -22.16 -2.31 2.46
N THR B 14 -23.34 -1.99 3.00
CA THR B 14 -23.67 -2.38 4.37
C THR B 14 -24.66 -3.54 4.37
N LEU B 15 -24.38 -4.56 5.18
CA LEU B 15 -25.24 -5.72 5.28
C LEU B 15 -25.47 -6.10 6.74
N GLU B 16 -26.59 -6.77 7.01
CA GLU B 16 -26.91 -7.18 8.37
C GLU B 16 -26.98 -8.70 8.47
N VAL B 17 -25.90 -9.29 8.96
CA VAL B 17 -25.85 -10.75 9.12
C VAL B 17 -25.74 -11.13 10.59
N GLU B 18 -25.62 -12.42 10.85
CA GLU B 18 -25.51 -12.91 12.22
C GLU B 18 -24.29 -13.80 12.39
N PRO B 19 -23.72 -13.81 13.56
CA PRO B 19 -22.51 -14.64 13.86
C PRO B 19 -22.69 -16.10 13.44
N SER B 20 -23.94 -16.50 13.23
CA SER B 20 -24.24 -17.86 12.82
C SER B 20 -24.55 -17.93 11.33
N ASP B 21 -24.15 -16.88 10.61
CA ASP B 21 -24.40 -16.82 9.17
C ASP B 21 -23.21 -17.42 8.40
N THR B 22 -23.51 -18.26 7.42
CA THR B 22 -22.47 -18.89 6.62
C THR B 22 -21.98 -17.95 5.53
N ILE B 23 -20.78 -18.21 5.02
CA ILE B 23 -20.22 -17.37 3.96
C ILE B 23 -21.11 -17.40 2.72
N GLU B 24 -21.57 -18.59 2.35
CA GLU B 24 -22.43 -18.74 1.18
C GLU B 24 -23.64 -17.83 1.29
N ASN B 25 -24.18 -17.71 2.50
CA ASN B 25 -25.35 -16.86 2.71
C ASN B 25 -25.01 -15.40 2.47
N VAL B 26 -23.82 -14.99 2.90
CA VAL B 26 -23.37 -13.61 2.72
C VAL B 26 -23.26 -13.28 1.24
N LYS B 27 -22.81 -14.24 0.45
CA LYS B 27 -22.66 -14.03 -0.98
C LYS B 27 -24.02 -13.79 -1.63
N ALA B 28 -25.03 -14.51 -1.16
CA ALA B 28 -26.38 -14.37 -1.71
C ALA B 28 -26.91 -12.95 -1.44
N LYS B 29 -26.65 -12.44 -0.25
CA LYS B 29 -27.10 -11.11 0.12
C LYS B 29 -26.50 -10.06 -0.82
N ILE B 30 -25.25 -10.27 -1.20
CA ILE B 30 -24.57 -9.35 -2.09
C ILE B 30 -25.10 -9.49 -3.52
N GLN B 31 -25.58 -10.68 -3.85
CA GLN B 31 -26.11 -10.94 -5.19
C GLN B 31 -27.48 -10.30 -5.34
N ASP B 32 -28.14 -10.02 -4.22
CA ASP B 32 -29.46 -9.41 -4.26
C ASP B 32 -29.35 -7.89 -4.19
N LYS B 33 -28.17 -7.40 -3.79
CA LYS B 33 -27.95 -5.96 -3.68
C LYS B 33 -27.23 -5.45 -4.92
N GLU B 34 -26.26 -6.22 -5.41
CA GLU B 34 -25.51 -5.82 -6.59
C GLU B 34 -25.86 -6.72 -7.78
N GLY B 35 -26.11 -7.99 -7.49
CA GLY B 35 -26.45 -8.94 -8.54
C GLY B 35 -25.21 -9.67 -9.05
N ILE B 36 -24.26 -9.90 -8.16
CA ILE B 36 -23.02 -10.58 -8.53
C ILE B 36 -23.10 -12.06 -8.16
N PRO B 37 -23.09 -12.91 -9.15
CA PRO B 37 -23.16 -14.39 -8.95
C PRO B 37 -22.14 -14.88 -7.92
N PRO B 38 -22.59 -15.63 -6.95
CA PRO B 38 -21.70 -16.18 -5.88
C PRO B 38 -20.46 -16.86 -6.45
N ASP B 39 -20.64 -17.52 -7.59
CA ASP B 39 -19.53 -18.22 -8.24
C ASP B 39 -18.51 -17.23 -8.78
N GLN B 40 -18.88 -15.95 -8.78
CA GLN B 40 -17.99 -14.90 -9.27
C GLN B 40 -17.70 -13.87 -8.18
N GLN B 41 -17.61 -14.34 -6.94
CA GLN B 41 -17.34 -13.45 -5.82
C GLN B 41 -16.30 -14.06 -4.89
N ARG B 42 -15.31 -13.25 -4.52
CA ARG B 42 -14.25 -13.73 -3.64
C ARG B 42 -14.13 -12.83 -2.41
N LEU B 43 -14.52 -13.36 -1.25
CA LEU B 43 -14.45 -12.60 -0.01
C LEU B 43 -13.10 -12.81 0.67
N ILE B 44 -12.59 -11.74 1.29
CA ILE B 44 -11.31 -11.81 1.97
C ILE B 44 -11.34 -11.03 3.28
N PHE B 45 -10.85 -11.65 4.35
CA PHE B 45 -10.83 -11.00 5.65
C PHE B 45 -9.46 -11.18 6.31
N ALA B 46 -8.82 -10.05 6.63
CA ALA B 46 -7.50 -10.09 7.27
C ALA B 46 -6.49 -10.80 6.36
N GLY B 47 -6.71 -10.71 5.06
CA GLY B 47 -5.82 -11.35 4.10
C GLY B 47 -6.09 -12.84 4.00
N LYS B 48 -7.28 -13.25 4.46
CA LYS B 48 -7.65 -14.65 4.42
C LYS B 48 -8.92 -14.85 3.59
N GLN B 49 -8.91 -15.86 2.73
CA GLN B 49 -10.07 -16.14 1.89
C GLN B 49 -11.10 -16.97 2.66
N LEU B 50 -12.29 -16.40 2.84
CA LEU B 50 -13.35 -17.09 3.55
C LEU B 50 -13.95 -18.20 2.68
N GLU B 51 -14.36 -19.29 3.33
CA GLU B 51 -14.95 -20.41 2.61
C GLU B 51 -16.47 -20.35 2.68
N ASP B 52 -17.13 -21.04 1.74
CA ASP B 52 -18.58 -21.05 1.70
C ASP B 52 -19.13 -22.11 2.66
N GLY B 53 -18.23 -22.87 3.27
CA GLY B 53 -18.64 -23.92 4.20
C GLY B 53 -18.38 -23.48 5.64
N ARG B 54 -17.91 -22.25 5.80
CA ARG B 54 -17.63 -21.73 7.14
C ARG B 54 -18.57 -20.57 7.47
N THR B 55 -18.63 -20.21 8.75
CA THR B 55 -19.50 -19.12 9.17
C THR B 55 -18.67 -17.86 9.46
N LEU B 56 -19.34 -16.82 9.95
CA LEU B 56 -18.66 -15.57 10.26
C LEU B 56 -17.90 -15.68 11.59
N SER B 57 -18.54 -16.33 12.57
CA SER B 57 -17.93 -16.49 13.88
C SER B 57 -16.67 -17.35 13.78
N ASP B 58 -16.61 -18.19 12.75
CA ASP B 58 -15.46 -19.06 12.55
C ASP B 58 -14.21 -18.24 12.22
N TYR B 59 -14.44 -17.05 11.66
CA TYR B 59 -13.32 -16.17 11.30
C TYR B 59 -13.15 -15.08 12.35
N ASN B 60 -13.98 -15.12 13.39
CA ASN B 60 -13.91 -14.12 14.45
C ASN B 60 -14.25 -12.74 13.91
N ILE B 61 -15.29 -12.68 13.08
CA ILE B 61 -15.71 -11.41 12.50
C ILE B 61 -16.71 -10.70 13.41
N GLN B 62 -16.32 -9.55 13.94
CA GLN B 62 -17.21 -8.78 14.82
C GLN B 62 -18.01 -7.76 14.02
N LYS B 63 -18.75 -6.92 14.73
CA LYS B 63 -19.56 -5.90 14.08
C LYS B 63 -18.69 -4.74 13.61
N GLU B 64 -19.17 -4.03 12.59
CA GLU B 64 -18.41 -2.89 12.06
C GLU B 64 -17.17 -3.36 11.34
N SER B 65 -17.10 -4.66 11.05
CA SER B 65 -15.95 -5.23 10.36
C SER B 65 -16.01 -4.90 8.88
N THR B 66 -14.84 -4.91 8.23
CA THR B 66 -14.77 -4.60 6.81
C THR B 66 -14.25 -5.80 6.03
N LEU B 67 -14.95 -6.16 4.97
CA LEU B 67 -14.55 -7.30 4.14
C LEU B 67 -14.22 -6.84 2.72
N HIS B 68 -13.38 -7.62 2.04
CA HIS B 68 -13.00 -7.28 0.67
C HIS B 68 -13.63 -8.26 -0.32
N LEU B 69 -14.15 -7.71 -1.42
CA LEU B 69 -14.80 -8.53 -2.43
C LEU B 69 -13.98 -8.51 -3.72
N VAL B 70 -13.70 -9.70 -4.26
CA VAL B 70 -12.93 -9.81 -5.48
C VAL B 70 -13.71 -10.59 -6.54
N LEU B 71 -13.74 -10.07 -7.76
CA LEU B 71 -14.46 -10.73 -8.85
C LEU B 71 -13.52 -11.65 -9.63
N ARG B 72 -14.05 -12.77 -10.09
CA ARG B 72 -13.25 -13.72 -10.85
C ARG B 72 -13.65 -13.71 -12.32
N LEU B 73 -12.81 -14.30 -13.16
CA LEU B 73 -13.12 -14.37 -14.59
C LEU B 73 -13.25 -15.82 -15.03
N ARG B 74 -14.28 -16.11 -15.83
CA ARG B 74 -14.50 -17.45 -16.31
C ARG B 74 -14.92 -17.43 -17.77
N GLY B 75 -13.97 -17.66 -18.66
CA GLY B 75 -14.26 -17.66 -20.10
C GLY B 75 -14.85 -16.34 -20.53
N GLY B 76 -15.94 -16.40 -21.30
CA GLY B 76 -16.60 -15.19 -21.78
C GLY B 76 -17.71 -15.54 -22.77
N ASP B 77 -18.31 -14.52 -23.37
CA ASP B 77 -19.38 -14.73 -24.34
C ASP B 77 -18.89 -14.47 -25.75
N VAL C 3 17.63 -9.82 -3.40
CA VAL C 3 18.77 -10.58 -3.98
C VAL C 3 18.72 -12.03 -3.50
N SER C 4 19.35 -12.92 -4.25
CA SER C 4 19.37 -14.34 -3.89
C SER C 4 17.97 -14.93 -4.00
N GLU C 5 17.89 -16.17 -4.47
CA GLU C 5 16.61 -16.85 -4.62
C GLU C 5 16.15 -17.42 -3.29
N SER C 6 17.10 -17.79 -2.44
CA SER C 6 16.78 -18.36 -1.14
C SER C 6 16.09 -17.32 -0.26
N GLN C 7 16.69 -16.13 -0.19
CA GLN C 7 16.13 -15.06 0.63
C GLN C 7 14.73 -14.69 0.13
N LEU C 8 14.50 -14.87 -1.16
CA LEU C 8 13.20 -14.56 -1.75
C LEU C 8 12.14 -15.55 -1.29
N LYS C 9 12.54 -16.81 -1.18
CA LYS C 9 11.62 -17.86 -0.75
C LYS C 9 11.40 -17.78 0.77
N LYS C 10 12.09 -16.86 1.42
CA LYS C 10 11.97 -16.70 2.86
C LYS C 10 10.97 -15.58 3.19
N MET C 11 11.00 -14.51 2.39
CA MET C 11 10.10 -13.39 2.61
C MET C 11 8.68 -13.75 2.21
N VAL C 12 8.56 -14.78 1.38
CA VAL C 12 7.24 -15.23 0.92
C VAL C 12 6.95 -16.64 1.42
N SER C 13 7.27 -16.88 2.70
CA SER C 13 7.04 -18.19 3.30
C SER C 13 5.60 -18.29 3.81
N LYS C 14 4.96 -17.14 3.99
CA LYS C 14 3.59 -17.12 4.48
C LYS C 14 2.61 -16.91 3.31
N TYR C 15 3.06 -17.23 2.11
CA TYR C 15 2.22 -17.07 0.93
C TYR C 15 1.62 -18.42 0.52
N LYS C 16 0.30 -18.44 0.34
CA LYS C 16 -0.38 -19.66 -0.04
C LYS C 16 0.28 -20.28 -1.28
N TYR C 17 0.69 -19.43 -2.20
CA TYR C 17 1.33 -19.89 -3.43
C TYR C 17 2.76 -19.34 -3.54
N ARG C 18 3.65 -19.87 -2.72
CA ARG C 18 5.04 -19.42 -2.74
C ARG C 18 5.66 -19.64 -4.12
N ASP C 19 5.98 -20.89 -4.42
CA ASP C 19 6.58 -21.22 -5.71
C ASP C 19 6.14 -20.21 -6.77
N LEU C 20 4.91 -20.36 -7.26
CA LEU C 20 4.39 -19.45 -8.27
C LEU C 20 4.94 -18.05 -8.08
N THR C 21 4.54 -17.41 -6.98
CA THR C 21 5.00 -16.06 -6.68
C THR C 21 6.50 -15.93 -6.96
N VAL C 22 7.30 -16.73 -6.26
CA VAL C 22 8.74 -16.70 -6.44
C VAL C 22 9.10 -16.68 -7.92
N ARG C 23 8.85 -17.80 -8.60
CA ARG C 23 9.15 -17.90 -10.02
C ARG C 23 8.82 -16.59 -10.73
N GLU C 24 7.56 -16.18 -10.65
CA GLU C 24 7.13 -14.94 -11.29
C GLU C 24 8.07 -13.81 -10.92
N THR C 25 8.31 -13.64 -9.62
CA THR C 25 9.19 -12.57 -9.14
C THR C 25 10.57 -12.69 -9.80
N VAL C 26 11.13 -13.89 -9.78
CA VAL C 26 12.44 -14.12 -10.38
C VAL C 26 12.43 -13.74 -11.86
N ASN C 27 11.32 -14.00 -12.52
CA ASN C 27 11.19 -13.68 -13.93
C ASN C 27 11.09 -12.17 -14.14
N VAL C 28 10.71 -11.46 -13.08
CA VAL C 28 10.58 -10.01 -13.16
C VAL C 28 11.92 -9.33 -12.95
N ILE C 29 12.43 -9.41 -11.72
CA ILE C 29 13.71 -8.81 -11.39
C ILE C 29 14.78 -9.21 -12.40
N THR C 30 14.56 -10.34 -13.06
CA THR C 30 15.52 -10.84 -14.06
C THR C 30 15.64 -9.85 -15.21
N LEU C 31 14.51 -9.41 -15.74
CA LEU C 31 14.51 -8.47 -16.86
C LEU C 31 14.70 -7.05 -16.34
N TYR C 32 14.10 -6.74 -15.20
CA TYR C 32 14.21 -5.41 -14.62
C TYR C 32 15.02 -5.46 -13.32
N LYS C 33 16.33 -5.33 -13.44
CA LYS C 33 17.21 -5.35 -12.27
C LYS C 33 16.94 -4.14 -11.38
N ASP C 34 16.28 -3.13 -11.94
CA ASP C 34 15.96 -1.93 -11.19
C ASP C 34 14.85 -2.20 -10.17
N LEU C 35 14.37 -3.44 -10.16
CA LEU C 35 13.31 -3.81 -9.23
C LEU C 35 13.81 -4.86 -8.24
N LYS C 36 13.57 -4.61 -6.95
CA LYS C 36 14.01 -5.54 -5.92
C LYS C 36 12.87 -5.82 -4.93
N PRO C 37 12.72 -7.05 -4.54
CA PRO C 37 11.66 -7.47 -3.58
C PRO C 37 11.96 -7.02 -2.16
N VAL C 38 10.90 -6.70 -1.41
CA VAL C 38 11.07 -6.25 -0.02
C VAL C 38 9.86 -6.65 0.81
N LEU C 39 10.10 -6.99 2.08
CA LEU C 39 9.02 -7.39 2.97
C LEU C 39 8.69 -6.26 3.94
N ASP C 40 7.48 -5.72 3.80
CA ASP C 40 7.05 -4.63 4.67
C ASP C 40 5.57 -4.81 5.05
N SER C 41 5.15 -4.08 6.08
CA SER C 41 3.76 -4.17 6.54
C SER C 41 2.88 -3.19 5.76
N TYR C 42 1.77 -3.70 5.24
CA TYR C 42 0.85 -2.87 4.47
C TYR C 42 -0.42 -2.60 5.28
N VAL C 43 -0.54 -1.38 5.81
CA VAL C 43 -1.71 -1.02 6.60
C VAL C 43 -2.82 -0.50 5.68
N PHE C 44 -3.86 -1.31 5.51
CA PHE C 44 -4.98 -0.93 4.66
C PHE C 44 -5.65 0.33 5.19
N ASN C 45 -6.64 0.83 4.46
CA ASN C 45 -7.36 2.03 4.87
C ASN C 45 -8.17 1.77 6.13
N ASP C 46 -8.63 0.53 6.28
CA ASP C 46 -9.43 0.16 7.44
C ASP C 46 -8.58 0.19 8.70
N GLY C 47 -7.26 0.35 8.53
CA GLY C 47 -6.35 0.39 9.65
C GLY C 47 -5.59 -0.92 9.79
N SER C 48 -6.25 -2.02 9.42
CA SER C 48 -5.63 -3.33 9.50
C SER C 48 -4.26 -3.33 8.85
N SER C 49 -3.41 -4.29 9.21
CA SER C 49 -2.07 -4.37 8.65
C SER C 49 -1.74 -5.81 8.29
N ARG C 50 -0.82 -5.98 7.34
CA ARG C 50 -0.41 -7.31 6.90
C ARG C 50 0.95 -7.25 6.22
N GLU C 51 1.82 -8.20 6.56
CA GLU C 51 3.16 -8.25 5.97
C GLU C 51 3.11 -8.87 4.57
N LEU C 52 3.24 -8.02 3.56
CA LEU C 52 3.22 -8.49 2.18
C LEU C 52 4.54 -8.15 1.48
N MET C 53 4.83 -8.87 0.40
CA MET C 53 6.06 -8.64 -0.35
C MET C 53 5.77 -7.82 -1.61
N ASN C 54 6.38 -6.64 -1.70
CA ASN C 54 6.19 -5.78 -2.85
C ASN C 54 7.49 -5.61 -3.63
N LEU C 55 7.39 -5.13 -4.86
CA LEU C 55 8.57 -4.92 -5.69
C LEU C 55 8.84 -3.43 -5.88
N THR C 56 9.76 -2.90 -5.08
CA THR C 56 10.11 -1.48 -5.17
C THR C 56 11.28 -1.27 -6.12
N GLY C 57 11.27 -0.14 -6.82
CA GLY C 57 12.34 0.16 -7.76
C GLY C 57 11.86 1.14 -8.83
N THR C 58 12.45 1.05 -10.02
CA THR C 58 12.07 1.92 -11.12
C THR C 58 12.05 1.16 -12.43
N ILE C 59 11.21 1.59 -13.36
CA ILE C 59 11.10 0.94 -14.66
C ILE C 59 11.39 1.92 -15.78
N PRO C 60 12.09 1.49 -16.79
CA PRO C 60 12.46 2.34 -17.96
C PRO C 60 11.25 2.64 -18.85
N VAL C 61 10.98 3.92 -19.07
CA VAL C 61 9.86 4.31 -19.91
C VAL C 61 10.27 5.43 -20.87
N PRO C 62 10.78 5.06 -22.01
CA PRO C 62 11.22 6.04 -23.05
C PRO C 62 10.15 7.07 -23.37
N TYR C 63 10.54 8.34 -23.39
CA TYR C 63 9.59 9.42 -23.70
C TYR C 63 10.33 10.60 -24.32
N ARG C 64 9.92 10.97 -25.53
CA ARG C 64 10.54 12.10 -26.22
C ARG C 64 12.03 11.83 -26.43
N GLY C 65 12.40 10.56 -26.55
CA GLY C 65 13.79 10.19 -26.76
C GLY C 65 14.52 10.09 -25.43
N ASN C 66 13.87 10.54 -24.35
CA ASN C 66 14.47 10.49 -23.02
C ASN C 66 13.92 9.32 -22.23
N THR C 67 14.78 8.69 -21.44
CA THR C 67 14.36 7.54 -20.64
C THR C 67 14.10 7.97 -19.19
N TYR C 68 12.86 7.79 -18.73
CA TYR C 68 12.50 8.17 -17.38
C TYR C 68 12.34 6.92 -16.51
N ASN C 69 13.04 6.89 -15.38
CA ASN C 69 12.96 5.76 -14.47
C ASN C 69 11.86 5.98 -13.43
N ILE C 70 10.62 5.82 -13.87
CA ILE C 70 9.48 6.01 -12.97
C ILE C 70 9.48 4.96 -11.86
N PRO C 71 9.51 5.39 -10.63
CA PRO C 71 9.50 4.49 -9.45
C PRO C 71 8.10 3.95 -9.14
N ILE C 72 7.99 2.64 -8.97
CA ILE C 72 6.71 2.02 -8.66
C ILE C 72 6.83 1.09 -7.47
N CYS C 73 5.69 0.63 -6.96
CA CYS C 73 5.69 -0.27 -5.81
C CYS C 73 4.53 -1.26 -5.91
N LEU C 74 4.83 -2.44 -6.43
CA LEU C 74 3.80 -3.47 -6.58
C LEU C 74 3.65 -4.28 -5.29
N TRP C 75 2.42 -4.37 -4.79
CA TRP C 75 2.17 -5.11 -3.56
C TRP C 75 1.47 -6.44 -3.87
N LEU C 76 1.96 -7.51 -3.28
CA LEU C 76 1.38 -8.84 -3.50
C LEU C 76 0.69 -9.33 -2.23
N LEU C 77 -0.55 -9.78 -2.37
CA LEU C 77 -1.30 -10.28 -1.23
C LEU C 77 -1.08 -11.78 -1.06
N ASP C 78 -1.04 -12.24 0.19
CA ASP C 78 -0.84 -13.65 0.47
C ASP C 78 -1.21 -14.50 -0.74
N THR C 79 -2.09 -13.96 -1.59
CA THR C 79 -2.53 -14.67 -2.78
C THR C 79 -2.50 -13.76 -3.99
N TYR C 80 -1.31 -13.56 -4.56
CA TYR C 80 -1.16 -12.70 -5.73
C TYR C 80 -1.15 -13.52 -7.00
N PRO C 81 -1.25 -14.83 -6.88
CA PRO C 81 -1.24 -15.76 -8.04
C PRO C 81 -2.57 -15.72 -8.80
N TYR C 82 -3.58 -15.12 -8.20
CA TYR C 82 -4.89 -15.04 -8.82
C TYR C 82 -5.45 -13.62 -8.69
N ASN C 83 -4.89 -12.86 -7.76
CA ASN C 83 -5.34 -11.49 -7.54
C ASN C 83 -4.31 -10.49 -8.05
N PRO C 84 -4.77 -9.38 -8.56
CA PRO C 84 -3.87 -8.31 -9.10
C PRO C 84 -3.19 -7.51 -8.00
N PRO C 85 -1.91 -7.31 -8.12
CA PRO C 85 -1.10 -6.55 -7.12
C PRO C 85 -1.55 -5.09 -7.02
N ILE C 86 -1.17 -4.43 -5.92
CA ILE C 86 -1.55 -3.04 -5.71
C ILE C 86 -0.41 -2.12 -6.16
N CYS C 87 -0.48 -1.67 -7.41
CA CYS C 87 0.54 -0.79 -7.96
C CYS C 87 0.46 0.60 -7.31
N PHE C 88 1.53 1.37 -7.47
CA PHE C 88 1.57 2.71 -6.91
C PHE C 88 2.76 3.49 -7.47
N VAL C 89 2.51 4.74 -7.85
CA VAL C 89 3.57 5.58 -8.41
C VAL C 89 4.21 6.43 -7.32
N LYS C 90 5.34 5.95 -6.79
CA LYS C 90 6.04 6.67 -5.75
C LYS C 90 6.87 7.82 -6.33
N PRO C 91 6.27 8.97 -6.46
CA PRO C 91 6.96 10.17 -7.03
C PRO C 91 7.96 10.77 -6.05
N THR C 92 9.08 11.25 -6.57
CA THR C 92 10.11 11.85 -5.73
C THR C 92 9.85 13.34 -5.55
N SER C 93 10.69 13.99 -4.74
CA SER C 93 10.54 15.41 -4.49
C SER C 93 10.71 16.21 -5.78
N SER C 94 11.23 15.56 -6.80
CA SER C 94 11.44 16.22 -8.09
C SER C 94 10.49 15.65 -9.14
N MET C 95 9.39 15.04 -8.68
CA MET C 95 8.42 14.46 -9.60
C MET C 95 7.01 14.89 -9.21
N THR C 96 6.18 15.14 -10.23
CA THR C 96 4.80 15.57 -9.98
C THR C 96 3.83 14.65 -10.71
N ILE C 97 2.99 13.96 -9.95
CA ILE C 97 2.00 13.05 -10.52
C ILE C 97 1.08 13.80 -11.47
N LYS C 98 0.96 13.31 -12.70
CA LYS C 98 0.10 13.95 -13.69
C LYS C 98 -1.19 13.15 -13.86
N THR C 99 -1.94 13.01 -12.77
CA THR C 99 -3.20 12.28 -12.81
C THR C 99 -3.71 12.15 -14.24
N GLY C 100 -4.16 10.95 -14.60
CA GLY C 100 -4.67 10.71 -15.94
C GLY C 100 -5.74 9.62 -15.93
N LYS C 101 -5.56 8.62 -16.79
CA LYS C 101 -6.51 7.52 -16.87
C LYS C 101 -5.94 6.27 -16.19
N HIS C 102 -4.64 6.28 -15.96
CA HIS C 102 -3.97 5.15 -15.32
C HIS C 102 -3.28 5.60 -14.04
N VAL C 103 -3.58 6.82 -13.60
CA VAL C 103 -2.97 7.35 -12.39
C VAL C 103 -3.83 8.47 -11.80
N ASP C 104 -4.02 8.43 -10.49
CA ASP C 104 -4.82 9.44 -9.81
C ASP C 104 -3.94 10.42 -9.05
N ALA C 105 -4.47 10.98 -7.96
CA ALA C 105 -3.71 11.92 -7.16
C ALA C 105 -2.91 11.20 -6.08
N ASN C 106 -3.35 9.98 -5.74
CA ASN C 106 -2.68 9.20 -4.73
C ASN C 106 -1.51 8.42 -5.33
N GLY C 107 -1.57 8.22 -6.65
CA GLY C 107 -0.52 7.49 -7.34
C GLY C 107 -1.05 6.16 -7.88
N LYS C 108 -2.14 5.69 -7.31
CA LYS C 108 -2.74 4.43 -7.73
C LYS C 108 -2.70 4.30 -9.25
N ILE C 109 -2.39 3.10 -9.75
CA ILE C 109 -2.31 2.87 -11.18
C ILE C 109 -3.56 2.12 -11.66
N TYR C 110 -4.07 2.53 -12.82
CA TYR C 110 -5.25 1.90 -13.38
C TYR C 110 -4.98 1.40 -14.80
N LEU C 111 -5.01 0.08 -14.98
CA LEU C 111 -4.76 -0.51 -16.29
C LEU C 111 -5.64 -1.74 -16.49
N PRO C 112 -6.17 -1.90 -17.67
CA PRO C 112 -7.05 -3.04 -18.02
C PRO C 112 -6.47 -4.38 -17.58
N TYR C 113 -5.14 -4.43 -17.49
CA TYR C 113 -4.47 -5.66 -17.08
C TYR C 113 -4.86 -6.03 -15.66
N LEU C 114 -5.13 -5.03 -14.84
CA LEU C 114 -5.51 -5.27 -13.45
C LEU C 114 -7.00 -5.60 -13.35
N HIS C 115 -7.81 -4.86 -14.11
CA HIS C 115 -9.25 -5.08 -14.10
C HIS C 115 -9.57 -6.51 -14.54
N GLU C 116 -8.85 -6.98 -15.55
CA GLU C 116 -9.07 -8.33 -16.06
C GLU C 116 -7.88 -9.23 -15.73
N TRP C 117 -7.64 -9.42 -14.43
CA TRP C 117 -6.53 -10.26 -13.98
C TRP C 117 -7.02 -11.69 -13.72
N LYS C 118 -6.21 -12.66 -14.13
CA LYS C 118 -6.58 -14.06 -13.94
C LYS C 118 -5.49 -14.79 -13.16
N HIS C 119 -4.42 -15.18 -13.86
CA HIS C 119 -3.32 -15.89 -13.24
C HIS C 119 -2.67 -16.86 -14.23
N PRO C 120 -3.48 -17.48 -15.04
CA PRO C 120 -3.00 -18.47 -16.05
C PRO C 120 -2.27 -17.78 -17.21
N GLN C 121 -2.62 -16.52 -17.46
CA GLN C 121 -2.00 -15.76 -18.53
C GLN C 121 -1.48 -14.42 -18.01
N SER C 122 -2.05 -13.95 -16.91
CA SER C 122 -1.65 -12.69 -16.32
C SER C 122 -0.50 -12.91 -15.32
N ASP C 123 0.53 -12.07 -15.41
CA ASP C 123 1.67 -12.18 -14.52
C ASP C 123 2.33 -10.82 -14.32
N LEU C 124 3.28 -10.77 -13.39
CA LEU C 124 3.99 -9.53 -13.11
C LEU C 124 4.67 -8.99 -14.37
N LEU C 125 5.51 -9.84 -14.96
CA LEU C 125 6.23 -9.44 -16.18
C LEU C 125 5.28 -8.78 -17.17
N GLY C 126 4.17 -9.47 -17.47
CA GLY C 126 3.20 -8.94 -18.41
C GLY C 126 2.61 -7.62 -17.91
N LEU C 127 2.43 -7.51 -16.60
CA LEU C 127 1.88 -6.31 -16.00
C LEU C 127 2.86 -5.14 -16.14
N ILE C 128 4.15 -5.43 -15.92
CA ILE C 128 5.17 -4.40 -16.02
C ILE C 128 5.32 -3.93 -17.46
N GLN C 129 5.40 -4.88 -18.39
CA GLN C 129 5.55 -4.55 -19.79
C GLN C 129 4.41 -3.65 -20.25
N VAL C 130 3.20 -3.97 -19.81
CA VAL C 130 2.02 -3.18 -20.18
C VAL C 130 2.09 -1.79 -19.55
N MET C 131 2.72 -1.69 -18.39
CA MET C 131 2.84 -0.41 -17.70
C MET C 131 3.80 0.51 -18.45
N ILE C 132 4.81 -0.08 -19.07
CA ILE C 132 5.79 0.70 -19.83
C ILE C 132 5.18 1.20 -21.13
N VAL C 133 4.29 0.40 -21.71
CA VAL C 133 3.64 0.78 -22.96
C VAL C 133 2.66 1.92 -22.74
N VAL C 134 1.86 1.81 -21.69
CA VAL C 134 0.88 2.85 -21.38
C VAL C 134 1.58 4.13 -20.92
N PHE C 135 2.52 3.97 -19.99
CA PHE C 135 3.25 5.12 -19.48
C PHE C 135 4.02 5.81 -20.59
N GLY C 136 4.41 5.04 -21.60
CA GLY C 136 5.15 5.59 -22.73
C GLY C 136 4.30 6.59 -23.51
N ASP C 137 3.02 6.26 -23.67
CA ASP C 137 2.11 7.14 -24.40
C ASP C 137 1.50 8.17 -23.46
N GLU C 138 1.40 7.81 -22.18
CA GLU C 138 0.84 8.72 -21.18
C GLU C 138 1.71 8.77 -19.94
N PRO C 139 2.55 9.76 -19.84
CA PRO C 139 3.47 9.93 -18.68
C PRO C 139 2.72 10.29 -17.40
N PRO C 140 2.79 9.43 -16.41
CA PRO C 140 2.11 9.65 -15.11
C PRO C 140 2.81 10.73 -14.27
N VAL C 141 4.01 11.10 -14.69
CA VAL C 141 4.76 12.12 -13.96
C VAL C 141 5.52 13.02 -14.94
N PHE C 142 6.04 14.13 -14.44
CA PHE C 142 6.79 15.06 -15.28
C PHE C 142 7.66 15.97 -14.42
N SER C 143 8.98 15.82 -14.56
CA SER C 143 9.91 16.64 -13.79
C SER C 143 9.22 17.87 -13.25
#